data_9NRX
#
_entry.id   9NRX
#
_cell.length_a   1.00
_cell.length_b   1.00
_cell.length_c   1.00
_cell.angle_alpha   90.00
_cell.angle_beta   90.00
_cell.angle_gamma   90.00
#
_symmetry.space_group_name_H-M   'P 1'
#
loop_
_entity.id
_entity.type
_entity.pdbx_description
1 polymer 'E1 envelope glycoprotein'
2 polymer 'E2 envelope glycoprotein'
3 polymer 'Single domain antibody (nanobody) V2B3'
#
loop_
_entity_poly.entity_id
_entity_poly.type
_entity_poly.pdbx_seq_one_letter_code
_entity_poly.pdbx_strand_id
1 'polypeptide(L)'
;YEHATTMPSQAGISYNTIVNRAGYAPLPISITPTKIKLIPTVNLEYVTCHYKTGMDSPAIKCCGSQECTPTYRPDEQCKV
FTGVYPFMWGGAYCFCDTENTQVSKAYVMKSDDCLADHAEAYKAHTASVQAFLNITVGEHSIVTTVYVNGETPVNFNGVK
ITAGPLSTAWTPFDRKIVQYAGEIYNYDFPEYGAGQPGAFGDIQSRTVSSSDLYANTNLVLQRPKAGAIHVPYTQAPSGF
EQWKKDKAPSLKFTAPFGCEIYTNPIRAENCAVGSIPLAFDIPDALFTRVSETPTLSAAECTLNECVYSSDFGGIATVKY
SASKSGKCAVHVPSGTATLKEAAVELTEQGSATIHFSTANIHPEFRLQICTSYVTCKGDCHPPKDHIVTHPQYHAQTFTA
AVSKTAWTWLTSLLGGSAVIIIIGLVLATIVAMYVLTNQKHN
;
B,G,O,b,g,o,R,S,V,r,s,v
2 'polypeptide(L)'
;STEELFNEYKLTRPYMARCIRCAVGSCHSPIAIEAVKSDGHDGYVRLQTSSQYGLDSSGNLKGRTMRYDMHGTIKEIPLH
QVSLYTSRPCHIVDGHGYFLLARCPAGDSITMEFKKDSVRHSCSVPYEVKFNPVGRELYTHPPEHGVEQACQVYAHDAQN
RGAYVEMHLPGSEVDSSLVSLSGSSVTVTPPDGTSALVECECGGTKISETINKTKQFSQCTKKEQCRAYRLQNDKWVYNS
DKLPKAAGATLKGKLHVPFLLADGKCTVPLAPEPMITFGFRSVSLKLHPKNPTYLITRQLADEPHYTHELISEPAVRNFT
VTEKGWEFVWGNHPPKRFWAQETAPGNPHGLPHEVITHYYHRYPMSTILGLSICAAIATVSVAASTWLFCRSRVACLTPY
RLTPNARIPFCLAVLCCARTARA
;
J,N,Q,j,n,q,T,U,W,t,u,w
3 'polypeptide(L)'
;EVQLQASGGGLVQAGGSLRLSCAASGSIVSINVMAWYRQSPGKERELVAKSSGPFTLYADSVKGRFTISNDAAKNTVDLQ
MNSLKPEDTAVYYCNAEGLRYPSGTYGPSAVWGQGTQVTVSS
;
X,Y,Z
#
# COMPACT_ATOMS: atom_id res chain seq x y z
N TYR A 1 -58.20 -42.13 -13.02
CA TYR A 1 -58.34 -41.10 -14.09
C TYR A 1 -57.04 -40.31 -14.26
N GLU A 2 -56.65 -40.08 -15.51
CA GLU A 2 -55.40 -39.42 -15.84
C GLU A 2 -55.60 -37.91 -15.83
N HIS A 3 -54.75 -37.20 -15.10
CA HIS A 3 -54.81 -35.74 -15.05
C HIS A 3 -53.42 -35.17 -14.83
N ALA A 4 -52.94 -34.38 -15.79
CA ALA A 4 -51.58 -33.85 -15.77
C ALA A 4 -51.58 -32.37 -15.41
N THR A 5 -50.51 -31.95 -14.75
CA THR A 5 -50.32 -30.54 -14.36
C THR A 5 -48.83 -30.32 -14.15
N THR A 6 -48.47 -29.08 -13.78
CA THR A 6 -47.08 -28.66 -13.65
C THR A 6 -46.88 -27.91 -12.34
N MET A 7 -45.76 -28.19 -11.65
CA MET A 7 -45.40 -27.58 -10.39
C MET A 7 -44.20 -26.66 -10.59
N PRO A 8 -44.19 -25.43 -10.07
CA PRO A 8 -42.95 -24.64 -10.09
C PRO A 8 -41.91 -25.25 -9.16
N SER A 9 -40.63 -24.98 -9.46
CA SER A 9 -39.52 -25.50 -8.67
C SER A 9 -39.20 -24.50 -7.56
N GLN A 10 -39.69 -24.78 -6.37
CA GLN A 10 -39.37 -24.00 -5.18
C GLN A 10 -40.04 -24.65 -3.97
N ALA A 11 -39.52 -24.33 -2.80
CA ALA A 11 -40.02 -24.87 -1.54
C ALA A 11 -40.57 -23.74 -0.66
N GLY A 12 -41.45 -24.12 0.26
CA GLY A 12 -42.04 -23.18 1.19
C GLY A 12 -43.34 -22.55 0.75
N ILE A 13 -43.81 -22.85 -0.46
CA ILE A 13 -45.06 -22.30 -0.99
C ILE A 13 -46.01 -23.46 -1.25
N SER A 14 -47.20 -23.39 -0.66
CA SER A 14 -48.23 -24.38 -0.95
C SER A 14 -48.82 -24.14 -2.34
N TYR A 15 -49.38 -25.20 -2.92
CA TYR A 15 -49.99 -25.13 -4.23
C TYR A 15 -51.34 -25.81 -4.21
N ASN A 16 -52.30 -25.21 -4.92
CA ASN A 16 -53.66 -25.70 -5.03
C ASN A 16 -53.99 -26.00 -6.48
N THR A 17 -54.80 -27.03 -6.69
CA THR A 17 -55.39 -27.27 -8.01
C THR A 17 -56.68 -28.05 -7.83
N ILE A 18 -57.45 -28.13 -8.92
CA ILE A 18 -58.77 -28.75 -8.91
C ILE A 18 -58.84 -29.75 -10.05
N VAL A 19 -59.48 -30.89 -9.80
CA VAL A 19 -59.77 -31.89 -10.82
C VAL A 19 -61.27 -31.80 -11.11
N ASN A 20 -61.61 -31.44 -12.33
CA ASN A 20 -62.99 -31.18 -12.73
C ASN A 20 -63.51 -32.34 -13.57
N ARG A 21 -64.67 -32.87 -13.19
CA ARG A 21 -65.38 -33.88 -13.96
C ARG A 21 -66.74 -33.32 -14.34
N ALA A 22 -67.13 -33.50 -15.61
CA ALA A 22 -68.35 -32.90 -16.13
C ALA A 22 -69.61 -33.42 -15.43
N GLY A 23 -69.56 -34.60 -14.82
CA GLY A 23 -70.73 -35.18 -14.18
C GLY A 23 -70.62 -35.32 -12.68
N TYR A 24 -69.45 -35.00 -12.11
CA TYR A 24 -69.18 -35.17 -10.69
C TYR A 24 -68.54 -33.90 -10.15
N ALA A 25 -68.60 -33.76 -8.83
CA ALA A 25 -68.14 -32.54 -8.19
C ALA A 25 -66.63 -32.41 -8.32
N PRO A 26 -66.08 -31.19 -8.35
CA PRO A 26 -64.63 -31.04 -8.41
C PRO A 26 -63.95 -31.60 -7.17
N LEU A 27 -62.72 -32.09 -7.38
CA LEU A 27 -61.89 -32.65 -6.31
C LEU A 27 -60.71 -31.73 -6.05
N PRO A 28 -60.48 -31.25 -4.82
CA PRO A 28 -59.29 -30.43 -4.58
C PRO A 28 -58.03 -31.26 -4.39
N ILE A 29 -56.89 -30.66 -4.74
CA ILE A 29 -55.58 -31.25 -4.55
C ILE A 29 -54.67 -30.17 -3.99
N SER A 30 -53.94 -30.50 -2.92
CA SER A 30 -52.98 -29.58 -2.32
C SER A 30 -51.62 -30.25 -2.24
N ILE A 31 -50.58 -29.51 -2.66
CA ILE A 31 -49.23 -30.04 -2.75
C ILE A 31 -48.27 -29.05 -2.09
N THR A 32 -47.37 -29.55 -1.25
CA THR A 32 -46.30 -28.73 -0.68
C THR A 32 -44.99 -29.50 -0.76
N PRO A 33 -44.05 -29.11 -1.64
CA PRO A 33 -42.73 -29.74 -1.61
C PRO A 33 -41.90 -29.18 -0.47
N THR A 34 -41.46 -30.06 0.43
CA THR A 34 -40.68 -29.62 1.58
C THR A 34 -39.24 -29.31 1.19
N LYS A 35 -38.58 -30.23 0.50
CA LYS A 35 -37.23 -29.99 0.01
C LYS A 35 -36.97 -30.87 -1.19
N ILE A 36 -36.25 -30.30 -2.18
CA ILE A 36 -35.92 -30.97 -3.43
C ILE A 36 -34.41 -31.05 -3.51
N LYS A 37 -33.86 -32.25 -3.37
CA LYS A 37 -32.42 -32.47 -3.45
C LYS A 37 -32.00 -32.78 -4.88
N LEU A 38 -30.92 -32.14 -5.31
CA LEU A 38 -30.27 -32.36 -6.60
C LEU A 38 -28.95 -33.05 -6.32
N ILE A 39 -28.97 -34.37 -6.24
CA ILE A 39 -27.79 -35.14 -5.86
C ILE A 39 -26.93 -35.35 -7.09
N PRO A 40 -25.72 -34.81 -7.16
CA PRO A 40 -24.79 -35.24 -8.22
C PRO A 40 -24.25 -36.61 -7.91
N THR A 41 -23.84 -37.31 -8.96
CA THR A 41 -23.23 -38.61 -8.82
C THR A 41 -21.72 -38.41 -8.67
N VAL A 42 -21.11 -39.20 -7.80
CA VAL A 42 -19.76 -38.94 -7.30
C VAL A 42 -18.86 -40.12 -7.60
N ASN A 43 -17.64 -39.82 -8.07
CA ASN A 43 -16.59 -40.80 -8.26
C ASN A 43 -15.30 -40.25 -7.68
N LEU A 44 -14.60 -41.07 -6.89
CA LEU A 44 -13.36 -40.65 -6.24
C LEU A 44 -12.18 -40.85 -7.19
N GLU A 45 -11.24 -39.90 -7.15
CA GLU A 45 -10.04 -39.95 -7.97
C GLU A 45 -8.78 -40.21 -7.16
N TYR A 46 -8.51 -39.39 -6.14
CA TYR A 46 -7.33 -39.57 -5.29
C TYR A 46 -7.47 -38.63 -4.10
N VAL A 47 -6.51 -38.74 -3.17
CA VAL A 47 -6.47 -37.92 -1.97
C VAL A 47 -5.07 -37.36 -1.80
N THR A 48 -4.97 -36.21 -1.15
CA THR A 48 -3.70 -35.54 -0.92
C THR A 48 -3.75 -34.80 0.41
N CYS A 49 -2.57 -34.50 0.94
CA CYS A 49 -2.46 -33.74 2.19
C CYS A 49 -1.01 -33.27 2.31
N HIS A 50 -0.66 -32.76 3.48
CA HIS A 50 0.70 -32.28 3.72
C HIS A 50 1.71 -33.41 3.53
N TYR A 51 2.94 -33.03 3.22
CA TYR A 51 4.05 -33.94 3.06
C TYR A 51 5.14 -33.60 4.08
N LYS A 52 6.01 -34.58 4.34
CA LYS A 52 7.09 -34.45 5.30
C LYS A 52 8.36 -34.89 4.59
N THR A 53 9.41 -34.09 4.69
CA THR A 53 10.67 -34.39 4.03
C THR A 53 11.35 -35.56 4.73
N GLY A 54 11.06 -36.77 4.26
CA GLY A 54 11.63 -37.96 4.88
C GLY A 54 13.09 -38.11 4.49
N MET A 55 13.87 -38.70 5.38
CA MET A 55 15.31 -38.78 5.16
C MET A 55 15.89 -39.83 6.09
N ASP A 56 17.10 -40.26 5.77
CA ASP A 56 17.88 -41.19 6.58
C ASP A 56 19.06 -40.47 7.20
N SER A 57 19.61 -41.06 8.25
CA SER A 57 20.82 -40.51 8.83
C SER A 57 21.95 -40.59 7.81
N PRO A 58 22.89 -39.63 7.81
CA PRO A 58 23.96 -39.67 6.80
C PRO A 58 24.77 -40.95 6.92
N ALA A 59 25.09 -41.55 5.77
CA ALA A 59 25.91 -42.76 5.72
C ALA A 59 27.34 -42.29 5.48
N ILE A 60 28.10 -42.15 6.55
CA ILE A 60 29.44 -41.57 6.50
C ILE A 60 30.46 -42.71 6.53
N LYS A 61 31.35 -42.73 5.52
CA LYS A 61 32.52 -43.59 5.51
C LYS A 61 33.69 -42.70 5.10
N CYS A 62 34.53 -42.36 6.08
CA CYS A 62 35.63 -41.45 5.85
C CYS A 62 36.90 -42.23 5.52
N CYS A 63 37.81 -41.56 4.80
CA CYS A 63 39.08 -42.12 4.40
C CYS A 63 38.89 -43.29 3.44
N GLY A 64 37.83 -43.25 2.64
CA GLY A 64 37.50 -44.36 1.74
C GLY A 64 36.61 -43.95 0.58
N SER A 65 35.62 -44.79 0.27
CA SER A 65 34.71 -44.52 -0.84
C SER A 65 33.34 -45.10 -0.51
N GLN A 66 32.33 -44.65 -1.26
CA GLN A 66 30.95 -45.09 -1.04
C GLN A 66 30.20 -45.00 -2.35
N GLU A 67 29.01 -45.60 -2.36
CA GLU A 67 28.14 -45.60 -3.54
C GLU A 67 26.70 -45.43 -3.08
N CYS A 68 25.78 -45.44 -4.04
CA CYS A 68 24.36 -45.21 -3.80
C CYS A 68 23.56 -46.47 -4.06
N THR A 69 22.61 -46.74 -3.17
CA THR A 69 21.72 -47.91 -3.27
C THR A 69 20.28 -47.43 -3.37
N PRO A 70 19.65 -47.43 -4.55
CA PRO A 70 18.28 -46.91 -4.63
C PRO A 70 17.29 -47.78 -3.87
N THR A 71 16.27 -47.12 -3.33
CA THR A 71 15.17 -47.79 -2.63
C THR A 71 13.84 -47.66 -3.36
N TYR A 72 13.76 -46.84 -4.41
CA TYR A 72 12.53 -46.62 -5.18
C TYR A 72 11.42 -46.02 -4.33
N ARG A 73 11.77 -45.26 -3.29
CA ARG A 73 10.76 -44.51 -2.57
C ARG A 73 10.29 -43.33 -3.42
N PRO A 74 9.10 -42.79 -3.17
CA PRO A 74 8.57 -41.74 -4.05
C PRO A 74 9.47 -40.51 -4.08
N ASP A 75 9.86 -40.11 -5.29
CA ASP A 75 10.69 -38.91 -5.50
C ASP A 75 11.97 -38.99 -4.68
N GLU A 76 12.57 -40.19 -4.65
CA GLU A 76 13.79 -40.39 -3.89
C GLU A 76 14.98 -39.73 -4.60
N GLN A 77 15.87 -39.16 -3.80
CA GLN A 77 17.10 -38.56 -4.29
C GLN A 77 18.25 -39.04 -3.41
N CYS A 78 19.41 -39.28 -4.04
CA CYS A 78 20.59 -39.73 -3.33
C CYS A 78 21.82 -39.10 -3.94
N LYS A 79 22.82 -38.82 -3.11
CA LYS A 79 24.05 -38.18 -3.59
C LYS A 79 25.18 -38.55 -2.65
N VAL A 80 26.41 -38.47 -3.18
CA VAL A 80 27.63 -38.69 -2.43
C VAL A 80 28.46 -37.43 -2.47
N PHE A 81 29.21 -37.18 -1.39
CA PHE A 81 30.03 -35.99 -1.27
C PHE A 81 31.36 -36.34 -0.62
N THR A 82 32.39 -35.57 -0.98
CA THR A 82 33.73 -35.74 -0.44
C THR A 82 34.25 -34.40 0.08
N GLY A 83 35.52 -34.35 0.50
CA GLY A 83 36.11 -33.12 0.97
C GLY A 83 35.46 -32.58 2.23
N VAL A 84 35.23 -33.45 3.22
CA VAL A 84 34.53 -33.10 4.44
C VAL A 84 35.39 -33.48 5.63
N TYR A 85 35.24 -32.72 6.72
CA TYR A 85 35.92 -32.98 7.98
C TYR A 85 34.94 -32.73 9.13
N PRO A 86 34.08 -33.69 9.47
CA PRO A 86 33.00 -33.40 10.43
C PRO A 86 33.49 -33.20 11.86
N PHE A 87 32.56 -32.93 12.76
CA PHE A 87 32.89 -32.71 14.17
C PHE A 87 31.74 -33.21 15.02
N MET A 88 32.04 -34.11 15.96
CA MET A 88 31.07 -34.54 16.96
C MET A 88 31.22 -33.69 18.21
N TRP A 89 30.32 -33.92 19.18
CA TRP A 89 30.38 -33.17 20.42
C TRP A 89 31.67 -33.41 21.19
N GLY A 90 32.29 -34.58 21.01
CA GLY A 90 33.57 -34.87 21.63
C GLY A 90 34.74 -34.30 20.84
N GLY A 91 34.61 -34.28 19.52
CA GLY A 91 35.67 -33.77 18.67
C GLY A 91 35.56 -34.25 17.23
N ALA A 92 36.70 -34.57 16.63
CA ALA A 92 36.72 -35.03 15.24
C ALA A 92 36.33 -36.50 15.17
N TYR A 93 35.54 -36.84 14.14
CA TYR A 93 35.03 -38.20 14.02
C TYR A 93 36.14 -39.19 13.72
N CYS A 94 37.01 -38.87 12.76
CA CYS A 94 38.09 -39.78 12.37
C CYS A 94 39.31 -38.95 11.99
N PHE A 95 40.29 -39.59 11.35
CA PHE A 95 41.63 -39.04 11.22
C PHE A 95 41.93 -38.46 9.84
N CYS A 96 41.66 -39.22 8.77
CA CYS A 96 42.08 -38.80 7.44
C CYS A 96 41.47 -37.45 7.06
N ASP A 97 42.33 -36.51 6.67
CA ASP A 97 41.88 -35.13 6.47
C ASP A 97 40.92 -35.02 5.28
N THR A 98 41.20 -35.72 4.20
CA THR A 98 40.38 -35.65 2.99
C THR A 98 40.04 -37.04 2.48
N GLU A 99 39.50 -37.11 1.25
CA GLU A 99 38.92 -38.33 0.67
C GLU A 99 37.96 -39.01 1.63
N ASN A 100 37.19 -38.21 2.38
CA ASN A 100 36.18 -38.73 3.31
C ASN A 100 34.81 -38.61 2.66
N THR A 101 34.10 -39.72 2.57
CA THR A 101 32.88 -39.81 1.78
C THR A 101 31.65 -39.85 2.68
N GLN A 102 30.57 -39.20 2.23
CA GLN A 102 29.29 -39.29 2.90
C GLN A 102 28.19 -39.40 1.87
N VAL A 103 27.26 -40.32 2.09
CA VAL A 103 26.09 -40.49 1.24
C VAL A 103 24.90 -39.92 1.99
N SER A 104 24.15 -39.05 1.30
CA SER A 104 22.93 -38.45 1.83
C SER A 104 21.80 -38.68 0.85
N LYS A 105 20.66 -39.15 1.35
CA LYS A 105 19.49 -39.38 0.52
C LYS A 105 18.24 -38.89 1.24
N ALA A 106 17.26 -38.48 0.45
CA ALA A 106 16.01 -37.92 0.97
C ALA A 106 14.86 -38.36 0.07
N TYR A 107 13.65 -38.06 0.53
CA TYR A 107 12.41 -38.49 -0.09
C TYR A 107 11.28 -37.71 0.59
N VAL A 108 10.04 -38.04 0.24
CA VAL A 108 8.86 -37.39 0.79
C VAL A 108 7.88 -38.45 1.25
N MET A 109 7.26 -38.21 2.41
CA MET A 109 6.33 -39.16 3.01
C MET A 109 5.12 -38.40 3.52
N LYS A 110 3.92 -38.91 3.22
CA LYS A 110 2.70 -38.15 3.51
C LYS A 110 2.54 -37.92 5.00
N SER A 111 2.21 -36.69 5.38
CA SER A 111 2.20 -36.29 6.78
C SER A 111 1.25 -37.17 7.59
N ASP A 112 1.70 -37.55 8.78
CA ASP A 112 0.96 -38.50 9.62
C ASP A 112 -0.26 -37.89 10.29
N ASP A 113 -0.45 -36.57 10.19
CA ASP A 113 -1.50 -35.88 10.93
C ASP A 113 -2.74 -35.60 10.09
N CYS A 114 -2.80 -36.08 8.85
CA CYS A 114 -3.75 -35.58 7.86
C CYS A 114 -4.94 -36.51 7.64
N LEU A 115 -5.47 -37.15 8.68
CA LEU A 115 -6.75 -37.83 8.54
C LEU A 115 -7.87 -36.83 8.35
N ALA A 116 -8.10 -35.99 9.35
CA ALA A 116 -9.20 -35.03 9.32
C ALA A 116 -8.88 -33.78 8.50
N ASP A 117 -7.60 -33.53 8.20
CA ASP A 117 -7.17 -32.39 7.42
C ASP A 117 -6.62 -32.92 6.09
N HIS A 118 -7.52 -33.15 5.13
CA HIS A 118 -7.14 -33.66 3.83
C HIS A 118 -8.11 -33.13 2.78
N ALA A 119 -7.64 -33.11 1.54
CA ALA A 119 -8.43 -32.64 0.40
C ALA A 119 -8.70 -33.79 -0.55
N GLU A 120 -9.94 -33.90 -0.99
CA GLU A 120 -10.38 -34.94 -1.91
C GLU A 120 -10.78 -34.32 -3.23
N ALA A 121 -10.52 -35.03 -4.33
CA ALA A 121 -10.78 -34.55 -5.67
C ALA A 121 -11.77 -35.50 -6.35
N TYR A 122 -12.93 -34.97 -6.75
CA TYR A 122 -14.05 -35.76 -7.18
C TYR A 122 -14.49 -35.37 -8.59
N LYS A 123 -15.01 -36.36 -9.33
CA LYS A 123 -15.59 -36.17 -10.65
C LYS A 123 -17.10 -36.31 -10.56
N ALA A 124 -17.82 -35.50 -11.34
CA ALA A 124 -19.27 -35.43 -11.27
C ALA A 124 -19.91 -35.47 -12.66
N HIS A 125 -21.02 -36.18 -12.76
CA HIS A 125 -21.83 -36.25 -13.97
C HIS A 125 -23.14 -36.95 -13.61
N THR A 126 -24.15 -36.77 -14.46
CA THR A 126 -25.43 -37.48 -14.31
C THR A 126 -26.07 -37.20 -12.95
N ALA A 127 -26.45 -35.95 -12.74
CA ALA A 127 -27.15 -35.58 -11.52
C ALA A 127 -28.58 -36.12 -11.54
N SER A 128 -29.06 -36.50 -10.35
CA SER A 128 -30.41 -37.05 -10.18
C SER A 128 -31.18 -36.22 -9.16
N VAL A 129 -32.46 -36.00 -9.45
CA VAL A 129 -33.31 -35.16 -8.63
C VAL A 129 -34.23 -36.05 -7.80
N GLN A 130 -34.56 -35.60 -6.59
CA GLN A 130 -35.48 -36.33 -5.74
C GLN A 130 -36.02 -35.37 -4.68
N ALA A 131 -37.33 -35.44 -4.43
CA ALA A 131 -38.00 -34.46 -3.58
C ALA A 131 -38.86 -35.15 -2.54
N PHE A 132 -39.08 -34.44 -1.44
CA PHE A 132 -40.05 -34.82 -0.42
C PHE A 132 -41.31 -34.00 -0.60
N LEU A 133 -42.45 -34.67 -0.72
CA LEU A 133 -43.73 -34.04 -1.02
C LEU A 133 -44.72 -34.31 0.10
N ASN A 134 -45.45 -33.27 0.52
CA ASN A 134 -46.64 -33.39 1.34
C ASN A 134 -47.83 -33.28 0.40
N ILE A 135 -48.58 -34.38 0.27
CA ILE A 135 -49.67 -34.51 -0.68
C ILE A 135 -50.98 -34.61 0.08
N THR A 136 -52.00 -33.89 -0.37
CA THR A 136 -53.34 -33.97 0.18
C THR A 136 -54.32 -34.11 -0.99
N VAL A 137 -54.83 -35.32 -1.16
CA VAL A 137 -55.84 -35.65 -2.16
C VAL A 137 -57.01 -36.30 -1.44
N GLY A 138 -58.21 -35.75 -1.63
CA GLY A 138 -59.38 -36.26 -0.95
C GLY A 138 -59.21 -36.25 0.55
N GLU A 139 -58.70 -35.13 1.08
CA GLU A 139 -58.34 -34.97 2.48
C GLU A 139 -57.62 -36.18 3.04
N HIS A 140 -56.66 -36.72 2.28
CA HIS A 140 -55.75 -37.77 2.73
C HIS A 140 -54.33 -37.19 2.70
N SER A 141 -53.82 -36.83 3.88
CA SER A 141 -52.52 -36.17 3.98
C SER A 141 -51.43 -37.21 4.15
N ILE A 142 -50.39 -37.12 3.31
CA ILE A 142 -49.24 -38.01 3.40
C ILE A 142 -47.96 -37.22 3.13
N VAL A 143 -46.86 -37.72 3.67
CA VAL A 143 -45.52 -37.21 3.39
C VAL A 143 -44.73 -38.35 2.78
N THR A 144 -44.09 -38.09 1.63
CA THR A 144 -43.48 -39.17 0.88
C THR A 144 -42.28 -38.68 0.08
N THR A 145 -41.27 -39.54 0.00
CA THR A 145 -40.16 -39.36 -0.93
C THR A 145 -40.57 -39.88 -2.30
N VAL A 146 -40.27 -39.11 -3.34
CA VAL A 146 -40.70 -39.42 -4.70
C VAL A 146 -39.51 -39.26 -5.63
N TYR A 147 -39.28 -40.26 -6.48
CA TYR A 147 -38.32 -40.13 -7.57
C TYR A 147 -38.98 -39.44 -8.75
N VAL A 148 -38.32 -38.39 -9.23
CA VAL A 148 -38.88 -37.52 -10.26
C VAL A 148 -38.25 -37.79 -11.63
N ASN A 149 -37.62 -38.95 -11.81
CA ASN A 149 -37.08 -39.34 -13.10
C ASN A 149 -38.24 -39.85 -13.98
N GLY A 150 -37.91 -40.50 -15.08
CA GLY A 150 -38.91 -40.92 -16.04
C GLY A 150 -39.79 -42.07 -15.60
N GLU A 151 -39.56 -42.63 -14.41
CA GLU A 151 -40.33 -43.77 -13.94
C GLU A 151 -40.39 -43.70 -12.41
N THR A 152 -40.77 -44.81 -11.77
CA THR A 152 -40.91 -44.91 -10.32
C THR A 152 -42.03 -43.99 -9.81
N PRO A 153 -43.28 -44.23 -10.20
CA PRO A 153 -44.39 -43.52 -9.57
C PRO A 153 -44.65 -44.04 -8.16
N VAL A 154 -45.30 -43.20 -7.36
CA VAL A 154 -45.63 -43.52 -5.98
C VAL A 154 -47.11 -43.91 -5.91
N ASN A 155 -47.39 -44.95 -5.13
CA ASN A 155 -48.74 -45.50 -4.98
C ASN A 155 -49.21 -45.33 -3.55
N PHE A 156 -50.48 -44.91 -3.40
CA PHE A 156 -51.09 -44.81 -2.08
C PHE A 156 -52.61 -44.72 -2.20
N ASN A 157 -53.31 -45.60 -1.49
CA ASN A 157 -54.78 -45.61 -1.47
C ASN A 157 -55.36 -45.75 -2.88
N GLY A 158 -54.63 -46.46 -3.73
CA GLY A 158 -55.00 -46.61 -5.13
C GLY A 158 -54.56 -45.48 -6.03
N VAL A 159 -54.26 -44.31 -5.47
CA VAL A 159 -53.79 -43.18 -6.27
C VAL A 159 -52.34 -43.42 -6.67
N LYS A 160 -52.05 -43.26 -7.96
CA LYS A 160 -50.72 -43.46 -8.51
C LYS A 160 -50.25 -42.16 -9.14
N ILE A 161 -49.16 -41.60 -8.61
CA ILE A 161 -48.65 -40.30 -9.03
C ILE A 161 -47.33 -40.53 -9.75
N THR A 162 -47.19 -39.97 -10.95
CA THR A 162 -45.95 -40.05 -11.71
C THR A 162 -45.43 -38.65 -11.99
N ALA A 163 -44.19 -38.39 -11.57
CA ALA A 163 -43.54 -37.09 -11.75
C ALA A 163 -42.48 -37.25 -12.84
N GLY A 164 -42.69 -36.58 -13.97
CA GLY A 164 -41.83 -36.73 -15.12
C GLY A 164 -40.48 -36.10 -14.94
N PRO A 165 -39.63 -36.20 -15.96
CA PRO A 165 -38.26 -35.69 -15.85
C PRO A 165 -38.22 -34.16 -15.77
N LEU A 166 -37.09 -33.66 -15.27
CA LEU A 166 -36.89 -32.23 -15.13
C LEU A 166 -36.92 -31.54 -16.48
N SER A 167 -37.40 -30.29 -16.48
CA SER A 167 -37.45 -29.50 -17.70
C SER A 167 -36.09 -29.00 -18.15
N THR A 168 -35.10 -28.99 -17.26
CA THR A 168 -33.76 -28.53 -17.58
C THR A 168 -32.74 -29.41 -16.88
N ALA A 169 -31.63 -29.68 -17.56
CA ALA A 169 -30.54 -30.47 -17.03
C ALA A 169 -29.46 -29.61 -16.36
N TRP A 170 -29.83 -28.43 -15.88
CA TRP A 170 -28.87 -27.55 -15.24
C TRP A 170 -28.33 -28.18 -13.96
N THR A 171 -27.02 -28.04 -13.75
CA THR A 171 -26.36 -28.53 -12.54
C THR A 171 -25.34 -27.47 -12.14
N PRO A 172 -25.35 -26.98 -10.89
CA PRO A 172 -24.38 -25.94 -10.51
C PRO A 172 -22.94 -26.42 -10.54
N PHE A 173 -22.69 -27.72 -10.47
CA PHE A 173 -21.34 -28.25 -10.35
C PHE A 173 -20.73 -28.51 -11.72
N ASP A 174 -19.40 -28.54 -11.74
CA ASP A 174 -18.61 -28.74 -12.95
C ASP A 174 -18.15 -30.21 -12.97
N ARG A 175 -17.45 -30.60 -14.04
CA ARG A 175 -16.84 -31.92 -14.10
C ARG A 175 -16.01 -32.22 -12.85
N LYS A 176 -15.15 -31.28 -12.47
CA LYS A 176 -14.16 -31.47 -11.41
C LYS A 176 -14.58 -30.65 -10.20
N ILE A 177 -14.53 -31.27 -9.01
CA ILE A 177 -14.76 -30.55 -7.76
C ILE A 177 -13.75 -31.00 -6.72
N VAL A 178 -13.57 -30.16 -5.71
CA VAL A 178 -12.63 -30.40 -4.62
C VAL A 178 -13.36 -30.24 -3.29
N GLN A 179 -13.23 -31.24 -2.43
CA GLN A 179 -13.83 -31.24 -1.10
C GLN A 179 -12.73 -31.06 -0.06
N TYR A 180 -12.93 -30.13 0.86
CA TYR A 180 -11.95 -29.89 1.93
C TYR A 180 -12.63 -29.14 3.06
N ALA A 181 -12.59 -29.71 4.26
CA ALA A 181 -13.14 -29.08 5.47
C ALA A 181 -14.64 -28.78 5.32
N GLY A 182 -15.35 -29.62 4.58
CA GLY A 182 -16.80 -29.47 4.47
C GLY A 182 -17.25 -28.40 3.50
N GLU A 183 -16.44 -28.08 2.49
CA GLU A 183 -16.80 -27.11 1.47
C GLU A 183 -16.42 -27.69 0.11
N ILE A 184 -17.09 -27.18 -0.93
CA ILE A 184 -16.90 -27.65 -2.31
C ILE A 184 -16.50 -26.47 -3.16
N TYR A 185 -15.31 -26.54 -3.76
CA TYR A 185 -14.79 -25.53 -4.67
C TYR A 185 -14.56 -26.15 -6.02
N ASN A 186 -15.02 -25.48 -7.08
CA ASN A 186 -14.74 -25.93 -8.43
C ASN A 186 -13.33 -25.52 -8.84
N TYR A 187 -12.55 -26.49 -9.32
CA TYR A 187 -11.15 -26.26 -9.62
C TYR A 187 -10.68 -27.31 -10.61
N ASP A 188 -9.75 -26.93 -11.49
CA ASP A 188 -9.20 -27.82 -12.51
C ASP A 188 -7.86 -28.37 -12.01
N PHE A 189 -7.95 -29.32 -11.09
CA PHE A 189 -6.75 -29.93 -10.56
C PHE A 189 -6.10 -30.84 -11.61
N PRO A 190 -4.77 -30.96 -11.63
CA PRO A 190 -4.14 -31.90 -12.56
C PRO A 190 -4.50 -33.34 -12.25
N GLU A 191 -4.53 -34.16 -13.30
CA GLU A 191 -4.88 -35.57 -13.17
C GLU A 191 -3.76 -36.34 -12.49
N TYR A 192 -4.10 -37.54 -12.01
CA TYR A 192 -3.14 -38.39 -11.32
C TYR A 192 -1.90 -38.65 -12.16
N GLY A 193 -0.73 -38.52 -11.54
CA GLY A 193 0.52 -38.80 -12.19
C GLY A 193 1.13 -37.65 -12.96
N ALA A 194 0.45 -36.51 -13.03
CA ALA A 194 0.92 -35.33 -13.76
C ALA A 194 0.98 -34.11 -12.84
N GLY A 195 1.44 -34.32 -11.60
CA GLY A 195 1.57 -33.22 -10.67
C GLY A 195 2.70 -32.29 -11.03
N GLN A 196 2.61 -31.06 -10.50
CA GLN A 196 3.62 -30.03 -10.71
C GLN A 196 4.06 -29.46 -9.36
N PRO A 197 5.33 -29.06 -9.22
CA PRO A 197 5.76 -28.52 -7.93
C PRO A 197 5.24 -27.12 -7.69
N GLY A 198 4.80 -26.87 -6.45
CA GLY A 198 4.33 -25.55 -6.06
C GLY A 198 2.85 -25.34 -6.31
N ALA A 199 2.24 -26.18 -7.12
CA ALA A 199 0.82 -26.13 -7.42
C ALA A 199 0.08 -27.28 -6.76
N PHE A 200 -1.24 -27.21 -6.78
CA PHE A 200 -2.07 -28.24 -6.19
C PHE A 200 -1.87 -29.55 -6.94
N GLY A 201 -1.38 -30.58 -6.24
CA GLY A 201 -1.18 -31.89 -6.81
C GLY A 201 0.25 -32.37 -6.78
N ASP A 202 1.06 -31.82 -5.87
CA ASP A 202 2.45 -32.25 -5.75
C ASP A 202 2.53 -33.71 -5.31
N ILE A 203 1.63 -34.14 -4.43
CA ILE A 203 1.57 -35.50 -3.93
C ILE A 203 0.26 -36.12 -4.41
N GLN A 204 0.33 -37.36 -4.88
CA GLN A 204 -0.85 -38.08 -5.36
C GLN A 204 -0.87 -39.45 -4.69
N SER A 205 -1.81 -39.65 -3.77
CA SER A 205 -2.02 -40.91 -3.10
C SER A 205 -3.39 -41.46 -3.48
N ARG A 206 -3.43 -42.73 -3.87
CA ARG A 206 -4.69 -43.31 -4.35
C ARG A 206 -5.76 -43.28 -3.26
N THR A 207 -5.40 -43.63 -2.03
CA THR A 207 -6.31 -43.57 -0.89
C THR A 207 -5.53 -43.09 0.33
N VAL A 208 -6.26 -42.90 1.42
CA VAL A 208 -5.64 -42.47 2.66
C VAL A 208 -4.68 -43.52 3.22
N SER A 209 -4.87 -44.79 2.85
CA SER A 209 -4.02 -45.88 3.31
C SER A 209 -3.59 -46.77 2.14
N SER A 210 -3.36 -46.17 0.97
CA SER A 210 -2.89 -46.94 -0.17
C SER A 210 -1.42 -47.33 -0.01
N SER A 211 -0.65 -46.55 0.74
CA SER A 211 0.77 -46.83 0.99
C SER A 211 1.57 -46.86 -0.32
N ASP A 212 1.14 -46.07 -1.31
CA ASP A 212 1.86 -45.95 -2.57
C ASP A 212 1.47 -44.62 -3.20
N LEU A 213 2.41 -43.68 -3.23
CA LEU A 213 2.13 -42.32 -3.68
C LEU A 213 3.15 -41.90 -4.73
N TYR A 214 2.71 -41.01 -5.61
CA TYR A 214 3.56 -40.40 -6.64
C TYR A 214 3.79 -38.94 -6.28
N ALA A 215 5.05 -38.53 -6.22
CA ALA A 215 5.42 -37.21 -5.74
C ALA A 215 6.26 -36.48 -6.78
N ASN A 216 5.99 -35.18 -6.94
CA ASN A 216 6.79 -34.29 -7.78
C ASN A 216 6.98 -32.99 -6.98
N THR A 217 8.06 -32.95 -6.19
CA THR A 217 8.33 -31.84 -5.29
C THR A 217 9.58 -31.05 -5.68
N ASN A 218 10.32 -31.49 -6.71
CA ASN A 218 11.53 -30.81 -7.15
C ASN A 218 12.55 -30.71 -6.02
N LEU A 219 12.70 -31.80 -5.28
CA LEU A 219 13.67 -31.84 -4.18
C LEU A 219 15.09 -31.83 -4.74
N VAL A 220 15.94 -30.97 -4.19
CA VAL A 220 17.32 -30.84 -4.62
C VAL A 220 18.20 -30.88 -3.37
N LEU A 221 19.25 -31.69 -3.41
CA LEU A 221 20.16 -31.87 -2.30
C LEU A 221 21.42 -31.04 -2.52
N GLN A 222 21.82 -30.30 -1.50
CA GLN A 222 22.92 -29.34 -1.59
C GLN A 222 24.14 -29.87 -0.84
N ARG A 223 25.29 -29.23 -1.09
CA ARG A 223 26.51 -29.58 -0.36
C ARG A 223 26.41 -29.06 1.08
N PRO A 224 26.89 -29.80 2.07
CA PRO A 224 26.77 -29.34 3.46
C PRO A 224 27.89 -28.39 3.87
N LYS A 225 27.61 -27.67 4.95
CA LYS A 225 28.59 -26.78 5.55
C LYS A 225 29.75 -27.58 6.12
N ALA A 226 30.94 -27.00 6.06
CA ALA A 226 32.13 -27.67 6.57
C ALA A 226 32.04 -27.85 8.08
N GLY A 227 32.55 -28.98 8.57
CA GLY A 227 32.58 -29.22 10.00
C GLY A 227 31.22 -29.37 10.64
N ALA A 228 30.30 -30.07 9.98
CA ALA A 228 28.98 -30.30 10.55
C ALA A 228 28.39 -31.56 9.92
N ILE A 229 27.46 -32.18 10.64
CA ILE A 229 26.77 -33.39 10.19
C ILE A 229 25.31 -33.01 9.97
N HIS A 230 24.96 -32.72 8.72
CA HIS A 230 23.60 -32.37 8.36
C HIS A 230 23.42 -32.58 6.87
N VAL A 231 22.18 -32.45 6.41
CA VAL A 231 21.80 -32.78 5.04
C VAL A 231 20.98 -31.63 4.44
N PRO A 232 21.60 -30.62 3.83
CA PRO A 232 20.81 -29.50 3.30
C PRO A 232 19.97 -29.92 2.10
N TYR A 233 18.67 -29.68 2.19
CA TYR A 233 17.71 -30.00 1.15
C TYR A 233 16.92 -28.75 0.81
N THR A 234 16.40 -28.71 -0.42
CA THR A 234 15.65 -27.55 -0.89
C THR A 234 14.50 -28.02 -1.78
N GLN A 235 13.30 -27.58 -1.46
CA GLN A 235 12.12 -27.88 -2.27
C GLN A 235 11.15 -26.72 -2.14
N ALA A 236 10.25 -26.62 -3.11
CA ALA A 236 9.26 -25.56 -3.08
C ALA A 236 8.27 -25.79 -1.94
N PRO A 237 7.63 -24.73 -1.43
CA PRO A 237 6.62 -24.93 -0.38
C PRO A 237 5.44 -25.76 -0.88
N SER A 238 4.52 -26.08 0.02
CA SER A 238 3.42 -26.97 -0.32
C SER A 238 2.43 -26.27 -1.26
N GLY A 239 2.14 -26.91 -2.39
CA GLY A 239 1.09 -26.42 -3.25
C GLY A 239 -0.25 -26.37 -2.54
N PHE A 240 -0.48 -27.33 -1.65
CA PHE A 240 -1.70 -27.32 -0.84
C PHE A 240 -1.74 -26.08 0.05
N GLU A 241 -0.58 -25.69 0.60
CA GLU A 241 -0.53 -24.50 1.45
C GLU A 241 -0.77 -23.23 0.65
N GLN A 242 -0.14 -23.12 -0.53
CA GLN A 242 -0.40 -21.97 -1.37
C GLN A 242 -1.86 -21.92 -1.80
N TRP A 243 -2.45 -23.09 -2.05
CA TRP A 243 -3.84 -23.14 -2.47
C TRP A 243 -4.78 -22.70 -1.34
N LYS A 244 -4.54 -23.16 -0.11
CA LYS A 244 -5.43 -22.73 0.97
C LYS A 244 -5.13 -21.31 1.42
N LYS A 245 -3.97 -20.76 1.04
CA LYS A 245 -3.76 -19.33 1.21
C LYS A 245 -4.56 -18.54 0.19
N ASP A 246 -4.60 -19.02 -1.06
CA ASP A 246 -5.41 -18.37 -2.08
C ASP A 246 -6.87 -18.40 -1.68
N LYS A 247 -7.45 -19.61 -1.60
CA LYS A 247 -8.76 -19.84 -1.00
C LYS A 247 -9.84 -18.98 -1.65
N ALA A 248 -10.11 -19.30 -2.91
CA ALA A 248 -11.18 -18.61 -3.63
C ALA A 248 -12.52 -18.87 -2.95
N PRO A 249 -13.51 -17.99 -3.12
CA PRO A 249 -14.79 -18.18 -2.43
C PRO A 249 -15.49 -19.47 -2.86
N SER A 250 -16.37 -19.95 -1.98
CA SER A 250 -16.98 -21.27 -2.13
C SER A 250 -18.20 -21.23 -3.02
N LEU A 251 -18.57 -22.40 -3.54
CA LEU A 251 -19.84 -22.54 -4.25
C LEU A 251 -21.02 -22.21 -3.34
N LYS A 252 -20.88 -22.45 -2.04
CA LYS A 252 -21.92 -22.04 -1.09
C LYS A 252 -22.17 -20.55 -1.11
N PHE A 253 -21.18 -19.75 -1.56
CA PHE A 253 -21.28 -18.30 -1.58
C PHE A 253 -21.29 -17.70 -2.98
N THR A 254 -21.10 -18.49 -4.04
CA THR A 254 -21.19 -17.99 -5.41
C THR A 254 -22.05 -18.85 -6.33
N ALA A 255 -22.83 -19.78 -5.81
CA ALA A 255 -23.69 -20.59 -6.66
C ALA A 255 -24.93 -19.79 -7.06
N PRO A 256 -25.30 -19.76 -8.35
CA PRO A 256 -26.53 -19.08 -8.73
C PRO A 256 -27.77 -19.89 -8.36
N PHE A 257 -28.93 -19.24 -8.48
CA PHE A 257 -30.23 -19.84 -8.24
C PHE A 257 -30.44 -20.24 -6.79
N GLY A 258 -29.61 -19.74 -5.87
CA GLY A 258 -29.81 -19.98 -4.44
C GLY A 258 -29.74 -21.44 -4.04
N CYS A 259 -28.79 -22.18 -4.59
CA CYS A 259 -28.57 -23.56 -4.18
C CYS A 259 -27.84 -23.59 -2.85
N GLU A 260 -28.33 -24.41 -1.93
CA GLU A 260 -27.69 -24.64 -0.64
C GLU A 260 -26.90 -25.94 -0.72
N ILE A 261 -25.58 -25.84 -0.56
CA ILE A 261 -24.68 -26.97 -0.75
C ILE A 261 -24.31 -27.51 0.61
N TYR A 262 -24.46 -28.82 0.78
CA TYR A 262 -24.10 -29.52 2.01
C TYR A 262 -23.18 -30.70 1.67
N THR A 263 -22.24 -30.96 2.57
CA THR A 263 -21.15 -31.90 2.33
C THR A 263 -21.37 -33.27 2.96
N ASN A 264 -22.50 -33.51 3.62
CA ASN A 264 -22.72 -34.78 4.29
C ASN A 264 -22.77 -35.91 3.24
N PRO A 265 -23.81 -36.01 2.39
CA PRO A 265 -23.54 -36.41 1.00
C PRO A 265 -23.46 -35.19 0.11
N ILE A 266 -22.69 -35.25 -0.97
CA ILE A 266 -22.59 -34.12 -1.90
C ILE A 266 -23.97 -33.89 -2.50
N ARG A 267 -24.58 -32.75 -2.20
CA ARG A 267 -25.94 -32.48 -2.65
C ARG A 267 -26.16 -30.97 -2.67
N ALA A 268 -27.20 -30.57 -3.39
CA ALA A 268 -27.65 -29.19 -3.45
C ALA A 268 -29.16 -29.15 -3.26
N GLU A 269 -29.63 -28.27 -2.38
CA GLU A 269 -31.03 -28.20 -2.01
C GLU A 269 -31.59 -26.82 -2.35
N ASN A 270 -32.92 -26.77 -2.51
CA ASN A 270 -33.64 -25.52 -2.74
C ASN A 270 -33.12 -24.78 -3.96
N CYS A 271 -32.78 -25.53 -5.01
CA CYS A 271 -32.36 -24.95 -6.29
C CYS A 271 -33.62 -24.61 -7.08
N ALA A 272 -34.09 -23.36 -6.92
CA ALA A 272 -35.35 -22.93 -7.52
C ALA A 272 -35.12 -22.64 -9.01
N VAL A 273 -35.40 -23.63 -9.84
CA VAL A 273 -35.27 -23.48 -11.28
C VAL A 273 -36.12 -24.55 -11.96
N GLY A 274 -36.92 -24.12 -12.94
CA GLY A 274 -37.69 -25.04 -13.75
C GLY A 274 -39.03 -25.41 -13.14
N SER A 275 -39.63 -26.44 -13.76
CA SER A 275 -40.92 -26.94 -13.32
C SER A 275 -40.93 -28.46 -13.44
N ILE A 276 -41.74 -29.08 -12.59
CA ILE A 276 -41.89 -30.53 -12.53
C ILE A 276 -43.26 -30.86 -13.11
N PRO A 277 -43.35 -31.47 -14.30
CA PRO A 277 -44.64 -32.01 -14.73
C PRO A 277 -44.97 -33.27 -13.96
N LEU A 278 -46.25 -33.43 -13.61
CA LEU A 278 -46.71 -34.59 -12.88
C LEU A 278 -48.10 -34.99 -13.36
N ALA A 279 -48.47 -36.24 -13.09
CA ALA A 279 -49.75 -36.77 -13.52
C ALA A 279 -50.33 -37.63 -12.40
N PHE A 280 -51.63 -37.44 -12.19
CA PHE A 280 -52.44 -38.14 -11.22
C PHE A 280 -53.17 -39.28 -11.93
N ASP A 281 -53.17 -40.47 -11.31
CA ASP A 281 -54.02 -41.59 -11.70
C ASP A 281 -54.90 -41.85 -10.48
N ILE A 282 -56.13 -41.38 -10.54
CA ILE A 282 -57.05 -41.34 -9.40
C ILE A 282 -58.03 -42.50 -9.57
N PRO A 283 -58.22 -43.36 -8.56
CA PRO A 283 -59.26 -44.40 -8.68
C PRO A 283 -60.64 -43.77 -8.77
N ASP A 284 -61.54 -44.48 -9.45
CA ASP A 284 -62.90 -43.99 -9.62
C ASP A 284 -63.64 -43.86 -8.29
N ALA A 285 -63.18 -44.55 -7.24
CA ALA A 285 -63.86 -44.48 -5.95
C ALA A 285 -63.80 -43.07 -5.36
N LEU A 286 -62.65 -42.40 -5.49
CA LEU A 286 -62.48 -41.08 -4.90
C LEU A 286 -63.37 -40.02 -5.54
N PHE A 287 -63.91 -40.27 -6.73
CA PHE A 287 -64.78 -39.31 -7.41
C PHE A 287 -66.15 -39.34 -6.75
N THR A 288 -66.56 -38.22 -6.17
CA THR A 288 -67.81 -38.13 -5.43
C THR A 288 -68.93 -37.59 -6.31
N ARG A 289 -70.14 -38.08 -6.06
CA ARG A 289 -71.30 -37.67 -6.84
C ARG A 289 -71.73 -36.26 -6.46
N VAL A 290 -72.27 -35.53 -7.43
CA VAL A 290 -72.62 -34.12 -7.22
C VAL A 290 -73.66 -33.98 -6.11
N SER A 291 -74.69 -34.83 -6.14
CA SER A 291 -75.78 -34.69 -5.17
C SER A 291 -75.31 -34.94 -3.75
N GLU A 292 -74.21 -35.68 -3.57
CA GLU A 292 -73.67 -35.91 -2.24
C GLU A 292 -73.07 -34.66 -1.62
N THR A 293 -72.83 -33.62 -2.40
CA THR A 293 -72.21 -32.39 -1.95
C THR A 293 -73.21 -31.23 -1.97
N PRO A 294 -72.99 -30.19 -1.17
CA PRO A 294 -73.92 -29.05 -1.20
C PRO A 294 -73.85 -28.29 -2.52
N THR A 295 -74.94 -27.58 -2.82
CA THR A 295 -75.04 -26.70 -3.97
C THR A 295 -75.50 -25.33 -3.50
N LEU A 296 -74.87 -24.28 -4.04
CA LEU A 296 -75.15 -22.92 -3.62
C LEU A 296 -76.17 -22.25 -4.55
N SER A 297 -76.58 -21.05 -4.19
CA SER A 297 -77.53 -20.27 -4.98
C SER A 297 -77.56 -18.85 -4.42
N ALA A 298 -77.61 -17.87 -5.32
CA ALA A 298 -77.71 -16.45 -4.96
C ALA A 298 -76.55 -16.04 -4.06
N ALA A 299 -75.35 -16.10 -4.62
CA ALA A 299 -74.11 -15.75 -3.93
C ALA A 299 -73.53 -14.46 -4.51
N GLU A 300 -73.04 -13.60 -3.62
CA GLU A 300 -72.45 -12.32 -4.00
C GLU A 300 -71.11 -12.13 -3.32
N CYS A 301 -70.17 -11.55 -4.08
CA CYS A 301 -68.78 -11.39 -3.65
C CYS A 301 -68.49 -9.92 -3.35
N THR A 302 -67.76 -9.68 -2.26
CA THR A 302 -67.25 -8.34 -1.95
C THR A 302 -65.83 -8.47 -1.41
N LEU A 303 -65.03 -7.44 -1.63
CA LEU A 303 -63.63 -7.40 -1.23
C LEU A 303 -63.48 -6.42 -0.07
N ASN A 304 -63.14 -6.92 1.11
CA ASN A 304 -63.03 -6.05 2.28
C ASN A 304 -61.70 -5.29 2.25
N GLU A 305 -60.59 -6.01 2.13
CA GLU A 305 -59.25 -5.43 2.02
C GLU A 305 -58.68 -5.78 0.66
N CYS A 306 -58.15 -4.78 -0.03
CA CYS A 306 -57.55 -4.94 -1.35
C CYS A 306 -56.16 -4.31 -1.31
N VAL A 307 -55.14 -5.16 -1.24
CA VAL A 307 -53.75 -4.73 -1.35
C VAL A 307 -52.99 -5.81 -2.08
N TYR A 308 -52.23 -5.44 -3.12
CA TYR A 308 -51.50 -6.41 -3.94
C TYR A 308 -50.14 -6.69 -3.30
N SER A 309 -50.19 -7.25 -2.10
CA SER A 309 -48.99 -7.58 -1.35
C SER A 309 -48.43 -8.93 -1.80
N SER A 310 -47.17 -9.18 -1.41
CA SER A 310 -46.56 -10.47 -1.71
C SER A 310 -47.30 -11.61 -1.01
N ASP A 311 -47.74 -11.40 0.22
CA ASP A 311 -48.50 -12.41 0.95
C ASP A 311 -49.97 -12.41 0.52
N PHE A 312 -50.75 -13.26 1.17
CA PHE A 312 -52.18 -13.37 0.93
C PHE A 312 -52.88 -12.19 1.61
N GLY A 313 -52.78 -11.03 0.96
CA GLY A 313 -53.17 -9.77 1.55
C GLY A 313 -54.52 -9.23 1.13
N GLY A 314 -55.28 -9.99 0.34
CA GLY A 314 -56.61 -9.56 -0.06
C GLY A 314 -57.67 -10.48 0.52
N ILE A 315 -58.54 -9.95 1.36
CA ILE A 315 -59.58 -10.73 2.02
C ILE A 315 -60.93 -10.36 1.41
N ALA A 316 -61.68 -11.38 1.00
CA ALA A 316 -62.97 -11.20 0.35
C ALA A 316 -64.02 -12.05 1.04
N THR A 317 -65.17 -11.45 1.29
CA THR A 317 -66.31 -12.13 1.90
C THR A 317 -67.37 -12.37 0.83
N VAL A 318 -67.81 -13.61 0.73
CA VAL A 318 -68.85 -14.02 -0.20
C VAL A 318 -70.07 -14.43 0.62
N LYS A 319 -71.16 -13.68 0.46
CA LYS A 319 -72.43 -14.01 1.11
C LYS A 319 -73.20 -14.94 0.21
N TYR A 320 -73.45 -16.16 0.67
CA TYR A 320 -74.06 -17.22 -0.11
C TYR A 320 -75.34 -17.71 0.58
N SER A 321 -76.01 -18.64 -0.08
CA SER A 321 -77.20 -19.29 0.46
C SER A 321 -77.19 -20.73 -0.02
N ALA A 322 -76.74 -21.64 0.84
CA ALA A 322 -76.46 -23.01 0.44
C ALA A 322 -77.67 -23.90 0.67
N SER A 323 -77.91 -24.81 -0.28
CA SER A 323 -78.95 -25.81 -0.10
C SER A 323 -78.62 -26.75 1.05
N LYS A 324 -77.34 -27.12 1.19
CA LYS A 324 -76.88 -28.00 2.25
C LYS A 324 -75.63 -27.40 2.90
N SER A 325 -75.28 -27.94 4.06
CA SER A 325 -74.08 -27.52 4.78
C SER A 325 -73.02 -28.60 4.63
N GLY A 326 -71.88 -28.23 4.04
CA GLY A 326 -70.79 -29.16 3.83
C GLY A 326 -69.61 -28.53 3.14
N LYS A 327 -68.40 -28.83 3.61
CA LYS A 327 -67.20 -28.22 3.05
C LYS A 327 -67.03 -28.62 1.59
N CYS A 328 -66.60 -27.66 0.77
CA CYS A 328 -66.36 -27.89 -0.64
C CYS A 328 -65.22 -26.99 -1.09
N ALA A 329 -64.65 -27.33 -2.25
CA ALA A 329 -63.42 -26.70 -2.71
C ALA A 329 -63.72 -25.44 -3.53
N VAL A 330 -62.93 -24.40 -3.28
CA VAL A 330 -62.98 -23.15 -4.04
C VAL A 330 -61.74 -23.08 -4.93
N HIS A 331 -61.91 -22.48 -6.11
CA HIS A 331 -60.86 -22.49 -7.12
C HIS A 331 -61.02 -21.29 -8.04
N VAL A 332 -59.88 -20.79 -8.52
CA VAL A 332 -59.85 -19.68 -9.47
C VAL A 332 -59.29 -20.20 -10.80
N PRO A 333 -60.07 -20.20 -11.90
CA PRO A 333 -59.53 -20.75 -13.16
C PRO A 333 -58.28 -20.05 -13.66
N SER A 334 -58.16 -18.74 -13.49
CA SER A 334 -57.08 -17.98 -14.07
C SER A 334 -55.89 -17.87 -13.11
N GLY A 335 -54.85 -17.18 -13.57
CA GLY A 335 -53.73 -16.80 -12.73
C GLY A 335 -53.90 -15.49 -12.02
N THR A 336 -55.08 -14.87 -12.12
CA THR A 336 -55.28 -13.54 -11.54
C THR A 336 -55.15 -13.56 -10.02
N ALA A 337 -55.70 -14.59 -9.38
CA ALA A 337 -55.74 -14.68 -7.93
C ALA A 337 -55.25 -16.05 -7.47
N THR A 338 -54.59 -16.06 -6.31
CA THR A 338 -54.14 -17.29 -5.66
C THR A 338 -54.71 -17.34 -4.26
N LEU A 339 -55.42 -18.41 -3.94
CA LEU A 339 -56.19 -18.53 -2.71
C LEU A 339 -55.37 -19.20 -1.60
N LYS A 340 -55.81 -18.97 -0.35
CA LYS A 340 -55.10 -19.52 0.80
C LYS A 340 -55.53 -20.95 1.11
N GLU A 341 -56.80 -21.14 1.46
CA GLU A 341 -57.28 -22.43 1.94
C GLU A 341 -57.70 -23.32 0.78
N ALA A 342 -57.44 -24.62 0.94
CA ALA A 342 -57.86 -25.59 -0.07
C ALA A 342 -59.38 -25.63 -0.19
N ALA A 343 -60.08 -25.59 0.94
CA ALA A 343 -61.54 -25.61 0.95
C ALA A 343 -62.03 -24.84 2.16
N VAL A 344 -63.29 -24.44 2.10
CA VAL A 344 -63.94 -23.67 3.16
C VAL A 344 -65.21 -24.41 3.57
N GLU A 345 -65.48 -24.45 4.87
CA GLU A 345 -66.70 -25.07 5.35
C GLU A 345 -67.89 -24.18 5.01
N LEU A 346 -68.89 -24.75 4.35
CA LEU A 346 -70.08 -24.02 3.92
C LEU A 346 -71.20 -24.24 4.93
N THR A 347 -71.80 -23.15 5.39
CA THR A 347 -72.93 -23.19 6.31
C THR A 347 -74.23 -23.08 5.52
N GLU A 348 -75.35 -22.92 6.24
CA GLU A 348 -76.65 -22.90 5.57
C GLU A 348 -76.90 -21.54 4.91
N GLN A 349 -76.68 -20.44 5.65
CA GLN A 349 -76.85 -19.10 5.10
C GLN A 349 -75.76 -18.15 5.57
N GLY A 350 -74.58 -18.66 5.92
CA GLY A 350 -73.49 -17.82 6.37
C GLY A 350 -72.72 -17.20 5.22
N SER A 351 -71.64 -16.52 5.57
CA SER A 351 -70.75 -15.87 4.62
C SER A 351 -69.35 -16.45 4.77
N ALA A 352 -68.71 -16.75 3.63
CA ALA A 352 -67.40 -17.36 3.60
C ALA A 352 -66.33 -16.30 3.34
N THR A 353 -65.33 -16.26 4.20
CA THR A 353 -64.22 -15.32 4.08
C THR A 353 -63.00 -16.05 3.55
N ILE A 354 -62.40 -15.49 2.48
CA ILE A 354 -61.29 -16.13 1.78
C ILE A 354 -60.14 -15.13 1.65
N HIS A 355 -58.93 -15.59 1.96
CA HIS A 355 -57.71 -14.82 1.77
C HIS A 355 -57.06 -15.22 0.45
N PHE A 356 -56.45 -14.25 -0.21
CA PHE A 356 -55.81 -14.51 -1.49
C PHE A 356 -54.76 -13.43 -1.78
N SER A 357 -54.08 -13.59 -2.90
CA SER A 357 -53.09 -12.63 -3.39
C SER A 357 -53.26 -12.46 -4.89
N THR A 358 -52.85 -11.30 -5.38
CA THR A 358 -52.97 -10.97 -6.79
C THR A 358 -51.90 -9.94 -7.15
N ALA A 359 -51.71 -9.75 -8.46
CA ALA A 359 -50.70 -8.84 -8.98
C ALA A 359 -51.32 -7.70 -9.81
N ASN A 360 -52.60 -7.42 -9.61
CA ASN A 360 -53.34 -6.44 -10.41
C ASN A 360 -53.80 -5.30 -9.53
N ILE A 361 -53.58 -4.07 -10.00
CA ILE A 361 -54.09 -2.89 -9.30
C ILE A 361 -55.61 -2.88 -9.29
N HIS A 362 -56.23 -3.40 -10.35
CA HIS A 362 -57.68 -3.41 -10.52
C HIS A 362 -58.11 -4.87 -10.65
N PRO A 363 -58.12 -5.63 -9.57
CA PRO A 363 -58.48 -7.05 -9.66
C PRO A 363 -59.92 -7.25 -10.10
N GLU A 364 -60.12 -8.23 -10.96
CA GLU A 364 -61.45 -8.60 -11.43
C GLU A 364 -61.36 -10.02 -11.96
N PHE A 365 -62.10 -10.94 -11.36
CA PHE A 365 -61.96 -12.35 -11.72
C PHE A 365 -63.25 -13.11 -11.45
N ARG A 366 -63.30 -14.31 -12.00
CA ARG A 366 -64.41 -15.24 -11.81
C ARG A 366 -63.96 -16.33 -10.84
N LEU A 367 -64.72 -16.49 -9.76
CA LEU A 367 -64.39 -17.43 -8.69
C LEU A 367 -65.35 -18.61 -8.75
N GLN A 368 -64.80 -19.82 -8.75
CA GLN A 368 -65.59 -21.04 -8.83
C GLN A 368 -65.84 -21.55 -7.42
N ILE A 369 -67.12 -21.70 -7.05
CA ILE A 369 -67.51 -22.27 -5.77
C ILE A 369 -68.41 -23.46 -6.10
N CYS A 370 -67.80 -24.63 -6.28
CA CYS A 370 -68.37 -25.96 -6.03
C CYS A 370 -69.58 -26.35 -6.87
N THR A 371 -70.29 -25.37 -7.43
CA THR A 371 -71.22 -25.61 -8.53
C THR A 371 -71.18 -24.48 -9.55
N SER A 372 -70.78 -23.28 -9.12
CA SER A 372 -71.12 -22.07 -9.83
C SER A 372 -69.92 -21.13 -9.95
N TYR A 373 -70.11 -20.11 -10.78
CA TYR A 373 -69.16 -19.02 -10.94
C TYR A 373 -69.76 -17.74 -10.36
N VAL A 374 -68.92 -16.94 -9.70
CA VAL A 374 -69.31 -15.63 -9.19
C VAL A 374 -68.25 -14.63 -9.63
N THR A 375 -68.63 -13.35 -9.61
CA THR A 375 -67.76 -12.27 -10.06
C THR A 375 -67.24 -11.50 -8.86
N CYS A 376 -65.92 -11.35 -8.77
CA CYS A 376 -65.28 -10.54 -7.74
C CYS A 376 -64.51 -9.42 -8.42
N LYS A 377 -64.59 -8.21 -7.85
CA LYS A 377 -64.04 -7.03 -8.49
C LYS A 377 -63.66 -6.01 -7.41
N GLY A 378 -62.53 -5.33 -7.61
CA GLY A 378 -62.12 -4.33 -6.65
C GLY A 378 -60.92 -3.55 -7.15
N ASP A 379 -60.37 -2.73 -6.25
CA ASP A 379 -59.21 -1.90 -6.54
C ASP A 379 -58.27 -1.94 -5.34
N CYS A 380 -57.07 -2.50 -5.54
CA CYS A 380 -56.08 -2.62 -4.49
C CYS A 380 -55.12 -1.43 -4.50
N HIS A 381 -54.30 -1.34 -3.46
CA HIS A 381 -53.39 -0.22 -3.24
C HIS A 381 -52.05 -0.77 -2.80
N PRO A 382 -50.97 0.03 -2.93
CA PRO A 382 -49.64 -0.48 -2.56
C PRO A 382 -49.56 -0.81 -1.07
N PRO A 383 -48.88 -1.92 -0.70
CA PRO A 383 -48.51 -2.09 0.72
C PRO A 383 -47.46 -1.09 1.17
N LYS A 384 -47.04 -1.18 2.42
CA LYS A 384 -46.10 -0.23 3.03
C LYS A 384 -44.65 -0.67 2.92
N ASP A 385 -44.36 -1.93 3.25
CA ASP A 385 -42.97 -2.37 3.30
C ASP A 385 -42.34 -2.34 1.91
N HIS A 386 -41.12 -1.82 1.85
CA HIS A 386 -40.37 -1.76 0.60
C HIS A 386 -39.61 -3.05 0.32
N ILE A 387 -39.08 -3.69 1.35
CA ILE A 387 -38.35 -4.95 1.22
C ILE A 387 -38.89 -5.91 2.27
N VAL A 388 -39.32 -7.09 1.83
CA VAL A 388 -39.96 -8.07 2.71
C VAL A 388 -39.07 -9.29 2.83
N THR A 389 -39.49 -10.26 3.66
CA THR A 389 -38.68 -11.45 3.98
C THR A 389 -39.47 -12.73 3.74
N HIS A 390 -40.38 -12.74 2.77
CA HIS A 390 -41.15 -13.93 2.43
C HIS A 390 -41.33 -14.02 0.92
N PRO A 391 -41.53 -15.23 0.39
CA PRO A 391 -41.66 -15.38 -1.08
C PRO A 391 -42.90 -14.71 -1.65
N GLN A 392 -42.79 -14.37 -2.93
CA GLN A 392 -43.95 -14.04 -3.74
C GLN A 392 -44.82 -15.27 -3.88
N TYR A 393 -46.13 -15.11 -3.68
CA TYR A 393 -47.09 -16.21 -3.72
C TYR A 393 -47.92 -16.20 -5.00
N HIS A 394 -47.47 -15.51 -6.04
CA HIS A 394 -48.23 -15.41 -7.28
C HIS A 394 -47.26 -15.19 -8.44
N ALA A 395 -47.76 -15.42 -9.65
CA ALA A 395 -46.99 -15.21 -10.87
C ALA A 395 -47.42 -13.90 -11.51
N GLN A 396 -46.44 -13.05 -11.79
CA GLN A 396 -46.73 -11.75 -12.38
C GLN A 396 -47.33 -11.91 -13.77
N THR A 397 -48.28 -11.04 -14.10
CA THR A 397 -48.99 -11.06 -15.37
C THR A 397 -48.68 -9.78 -16.13
N PHE A 398 -48.46 -9.92 -17.44
CA PHE A 398 -48.16 -8.77 -18.29
C PHE A 398 -49.37 -7.86 -18.40
N TYR B 1 -15.01 69.75 16.11
CA TYR B 1 -14.95 69.62 14.64
C TYR B 1 -14.92 68.15 14.22
N GLU B 2 -15.74 67.81 13.24
CA GLU B 2 -15.87 66.44 12.75
C GLU B 2 -14.92 66.22 11.58
N HIS B 3 -14.00 65.28 11.73
CA HIS B 3 -13.07 64.89 10.68
C HIS B 3 -13.21 63.40 10.41
N ALA B 4 -13.27 63.03 9.12
CA ALA B 4 -13.48 61.65 8.70
C ALA B 4 -12.22 61.10 8.04
N THR B 5 -11.89 59.84 8.33
CA THR B 5 -10.75 59.19 7.72
C THR B 5 -10.98 57.68 7.74
N THR B 6 -10.06 56.95 7.13
CA THR B 6 -10.13 55.49 7.03
C THR B 6 -8.80 54.89 7.46
N MET B 7 -8.87 53.67 7.99
CA MET B 7 -7.68 52.94 8.44
C MET B 7 -7.79 51.49 7.99
N PRO B 8 -6.91 50.99 7.12
CA PRO B 8 -6.98 49.56 6.77
C PRO B 8 -6.75 48.70 8.00
N SER B 9 -7.48 47.59 8.09
CA SER B 9 -7.41 46.74 9.27
C SER B 9 -6.16 45.88 9.19
N GLN B 10 -5.19 46.14 10.05
CA GLN B 10 -3.98 45.34 10.13
C GLN B 10 -3.15 45.84 11.32
N ALA B 11 -2.43 44.92 11.95
CA ALA B 11 -1.64 45.22 13.13
C ALA B 11 -0.18 45.47 12.76
N GLY B 12 0.54 46.13 13.67
CA GLY B 12 1.96 46.34 13.51
C GLY B 12 2.33 47.67 12.87
N ILE B 13 1.66 48.02 11.78
CA ILE B 13 2.00 49.22 11.02
C ILE B 13 1.41 50.43 11.75
N SER B 14 2.24 51.44 11.97
CA SER B 14 1.76 52.70 12.49
C SER B 14 1.14 53.53 11.38
N TYR B 15 0.10 54.30 11.72
CA TYR B 15 -0.63 55.11 10.76
C TYR B 15 -0.55 56.57 11.17
N ASN B 16 -0.40 57.44 10.16
CA ASN B 16 -0.27 58.87 10.35
C ASN B 16 -1.43 59.59 9.69
N THR B 17 -1.82 60.71 10.27
CA THR B 17 -2.74 61.63 9.61
C THR B 17 -2.53 63.02 10.21
N ILE B 18 -3.05 64.02 9.52
CA ILE B 18 -3.00 65.39 10.02
C ILE B 18 -4.34 66.06 9.72
N VAL B 19 -4.75 66.95 10.62
CA VAL B 19 -5.88 67.83 10.37
C VAL B 19 -5.31 69.21 10.02
N ASN B 20 -5.71 69.72 8.86
CA ASN B 20 -5.14 70.93 8.26
C ASN B 20 -6.27 71.95 8.17
N ARG B 21 -6.39 72.78 9.21
CA ARG B 21 -7.34 73.87 9.16
C ARG B 21 -6.86 74.95 8.20
N ALA B 22 -7.82 75.64 7.58
CA ALA B 22 -7.51 76.56 6.48
C ALA B 22 -6.65 77.73 6.91
N GLY B 23 -6.62 78.09 8.20
CA GLY B 23 -5.90 79.25 8.65
C GLY B 23 -5.10 79.08 9.93
N TYR B 24 -5.15 77.89 10.54
CA TYR B 24 -4.44 77.60 11.78
C TYR B 24 -3.40 76.52 11.53
N ALA B 25 -2.57 76.29 12.54
CA ALA B 25 -1.47 75.34 12.41
C ALA B 25 -2.03 73.92 12.24
N PRO B 26 -1.45 73.11 11.34
CA PRO B 26 -1.88 71.70 11.26
C PRO B 26 -1.59 70.96 12.55
N LEU B 27 -2.44 69.98 12.86
CA LEU B 27 -2.28 69.14 14.04
C LEU B 27 -2.08 67.69 13.62
N PRO B 28 -1.00 67.02 14.04
CA PRO B 28 -0.80 65.62 13.65
C PRO B 28 -1.45 64.65 14.62
N ILE B 29 -1.77 63.47 14.08
CA ILE B 29 -2.34 62.37 14.86
C ILE B 29 -1.68 61.08 14.41
N SER B 30 -1.34 60.23 15.38
CA SER B 30 -0.72 58.93 15.16
C SER B 30 -1.57 57.84 15.79
N ILE B 31 -1.72 56.74 15.06
CA ILE B 31 -2.55 55.61 15.48
C ILE B 31 -1.72 54.34 15.38
N THR B 32 -1.83 53.47 16.39
CA THR B 32 -1.29 52.12 16.28
C THR B 32 -2.28 51.14 16.89
N PRO B 33 -2.96 50.31 16.11
CA PRO B 33 -3.81 49.26 16.71
C PRO B 33 -2.96 48.06 17.10
N THR B 34 -2.98 47.71 18.38
CA THR B 34 -2.13 46.63 18.87
C THR B 34 -2.74 45.27 18.53
N LYS B 35 -4.01 45.07 18.87
CA LYS B 35 -4.69 43.81 18.58
C LYS B 35 -6.17 44.08 18.35
N ILE B 36 -6.72 43.50 17.29
CA ILE B 36 -8.13 43.61 16.94
C ILE B 36 -8.76 42.23 17.11
N LYS B 37 -9.77 42.14 17.96
CA LYS B 37 -10.44 40.88 18.26
C LYS B 37 -11.80 40.81 17.57
N LEU B 38 -12.05 39.66 16.94
CA LEU B 38 -13.34 39.33 16.32
C LEU B 38 -14.00 38.28 17.22
N ILE B 39 -14.71 38.75 18.24
CA ILE B 39 -15.29 37.85 19.22
C ILE B 39 -16.60 37.30 18.66
N PRO B 40 -16.74 36.00 18.40
CA PRO B 40 -18.05 35.46 18.06
C PRO B 40 -18.96 35.45 19.28
N THR B 41 -20.26 35.58 19.02
CA THR B 41 -21.27 35.60 20.07
C THR B 41 -21.87 34.20 20.10
N VAL B 42 -21.71 33.51 21.24
CA VAL B 42 -21.76 32.05 21.29
C VAL B 42 -22.82 31.58 22.27
N ASN B 43 -23.40 30.40 21.98
CA ASN B 43 -24.36 29.74 22.85
C ASN B 43 -23.96 28.28 23.01
N LEU B 44 -24.30 27.71 24.17
CA LEU B 44 -24.00 26.32 24.49
C LEU B 44 -25.22 25.45 24.22
N GLU B 45 -24.98 24.26 23.65
CA GLU B 45 -26.02 23.29 23.34
C GLU B 45 -25.95 22.04 24.21
N TYR B 46 -24.82 21.35 24.22
CA TYR B 46 -24.68 20.14 25.02
C TYR B 46 -23.20 19.76 25.05
N VAL B 47 -22.91 18.67 25.77
CA VAL B 47 -21.55 18.15 25.93
C VAL B 47 -21.59 16.64 25.77
N THR B 48 -20.47 16.09 25.31
CA THR B 48 -20.32 14.64 25.13
C THR B 48 -18.93 14.23 25.61
N CYS B 49 -18.77 12.92 25.81
CA CYS B 49 -17.52 12.36 26.33
C CYS B 49 -17.59 10.85 26.15
N HIS B 50 -16.56 10.17 26.65
CA HIS B 50 -16.55 8.71 26.63
C HIS B 50 -17.73 8.17 27.42
N TYR B 51 -18.40 7.16 26.86
CA TYR B 51 -19.45 6.43 27.55
C TYR B 51 -18.87 5.16 28.14
N LYS B 52 -19.55 4.65 29.16
CA LYS B 52 -19.14 3.43 29.85
C LYS B 52 -20.35 2.51 29.95
N THR B 53 -20.18 1.28 29.49
CA THR B 53 -21.24 0.28 29.56
C THR B 53 -21.35 -0.23 30.99
N GLY B 54 -22.52 -0.06 31.59
CA GLY B 54 -22.80 -0.55 32.92
C GLY B 54 -23.65 -1.80 32.88
N MET B 55 -23.10 -2.89 33.41
CA MET B 55 -23.78 -4.17 33.46
C MET B 55 -24.19 -4.47 34.89
N ASP B 56 -25.46 -4.80 35.08
CA ASP B 56 -25.90 -5.26 36.38
C ASP B 56 -25.33 -6.65 36.66
N SER B 57 -25.30 -7.00 37.94
CA SER B 57 -24.96 -8.35 38.31
C SER B 57 -25.99 -9.31 37.70
N PRO B 58 -25.58 -10.40 37.05
CA PRO B 58 -26.56 -11.29 36.42
C PRO B 58 -27.57 -11.81 37.43
N ALA B 59 -28.86 -11.62 37.13
CA ALA B 59 -29.93 -12.02 38.03
C ALA B 59 -30.26 -13.48 37.79
N ILE B 60 -29.99 -14.32 38.78
CA ILE B 60 -30.20 -15.76 38.68
C ILE B 60 -31.39 -16.14 39.53
N LYS B 61 -32.38 -16.77 38.90
CA LYS B 61 -33.37 -17.60 39.60
C LYS B 61 -33.37 -18.90 38.80
N CYS B 62 -32.52 -19.82 39.21
CA CYS B 62 -32.49 -21.12 38.57
C CYS B 62 -33.62 -21.98 39.09
N CYS B 63 -34.17 -22.81 38.21
CA CYS B 63 -35.22 -23.77 38.52
C CYS B 63 -36.55 -23.06 38.74
N GLY B 64 -36.72 -21.86 38.18
CA GLY B 64 -37.92 -21.06 38.37
C GLY B 64 -38.22 -20.16 37.18
N SER B 65 -38.67 -18.94 37.44
CA SER B 65 -39.04 -18.00 36.39
C SER B 65 -38.83 -16.57 36.87
N GLN B 66 -38.66 -15.65 35.92
CA GLN B 66 -38.35 -14.26 36.20
C GLN B 66 -39.04 -13.36 35.17
N GLU B 67 -38.99 -12.06 35.42
CA GLU B 67 -39.56 -11.05 34.53
C GLU B 67 -38.61 -9.86 34.50
N CYS B 68 -39.05 -8.77 33.86
CA CYS B 68 -38.23 -7.58 33.65
C CYS B 68 -38.74 -6.43 34.51
N THR B 69 -37.82 -5.73 35.16
CA THR B 69 -38.14 -4.54 35.96
C THR B 69 -37.38 -3.35 35.39
N PRO B 70 -38.02 -2.46 34.62
CA PRO B 70 -37.27 -1.37 33.98
C PRO B 70 -36.83 -0.32 34.98
N THR B 71 -35.52 -0.06 35.05
CA THR B 71 -34.99 1.03 35.86
C THR B 71 -35.13 2.38 35.17
N TYR B 72 -35.47 2.40 33.88
CA TYR B 72 -35.59 3.61 33.07
C TYR B 72 -34.28 4.37 32.95
N ARG B 73 -33.14 3.68 33.06
CA ARG B 73 -31.87 4.32 32.77
C ARG B 73 -31.75 4.53 31.27
N PRO B 74 -30.88 5.45 30.84
CA PRO B 74 -30.83 5.80 29.41
C PRO B 74 -30.46 4.60 28.54
N ASP B 75 -31.31 4.31 27.56
CA ASP B 75 -31.07 3.26 26.58
C ASP B 75 -30.84 1.91 27.26
N GLU B 76 -31.59 1.66 28.33
CA GLU B 76 -31.46 0.41 29.06
C GLU B 76 -32.07 -0.75 28.26
N GLN B 77 -31.43 -1.91 28.38
CA GLN B 77 -31.89 -3.13 27.72
C GLN B 77 -31.94 -4.25 28.76
N CYS B 78 -33.12 -4.86 28.90
CA CYS B 78 -33.34 -5.96 29.84
C CYS B 78 -33.81 -7.18 29.06
N LYS B 79 -33.18 -8.33 29.31
CA LYS B 79 -33.53 -9.56 28.61
C LYS B 79 -33.51 -10.72 29.59
N VAL B 80 -34.30 -11.75 29.28
CA VAL B 80 -34.40 -12.96 30.09
C VAL B 80 -34.06 -14.15 29.20
N PHE B 81 -33.22 -15.05 29.74
CA PHE B 81 -32.79 -16.25 29.04
C PHE B 81 -33.06 -17.48 29.91
N THR B 82 -33.33 -18.60 29.24
CA THR B 82 -33.62 -19.87 29.89
C THR B 82 -32.74 -20.96 29.30
N GLY B 83 -32.55 -22.02 30.07
CA GLY B 83 -31.72 -23.13 29.64
C GLY B 83 -30.25 -22.91 29.93
N VAL B 84 -29.94 -22.56 31.18
CA VAL B 84 -28.60 -22.23 31.62
C VAL B 84 -28.18 -23.20 32.72
N TYR B 85 -26.91 -23.61 32.69
CA TYR B 85 -26.35 -24.51 33.69
C TYR B 85 -25.09 -23.83 34.24
N PRO B 86 -25.26 -22.82 35.10
CA PRO B 86 -24.11 -22.01 35.53
C PRO B 86 -23.13 -22.80 36.39
N PHE B 87 -21.94 -22.24 36.54
CA PHE B 87 -20.87 -22.84 37.32
C PHE B 87 -20.24 -21.78 38.22
N MET B 88 -19.65 -22.24 39.31
CA MET B 88 -18.88 -21.42 40.23
C MET B 88 -17.60 -22.19 40.55
N TRP B 89 -16.63 -21.49 41.17
CA TRP B 89 -15.38 -22.15 41.52
C TRP B 89 -15.61 -23.39 42.38
N GLY B 90 -16.65 -23.39 43.21
CA GLY B 90 -16.97 -24.53 44.04
C GLY B 90 -17.96 -25.48 43.39
N GLY B 91 -17.83 -25.68 42.08
CA GLY B 91 -18.73 -26.54 41.35
C GLY B 91 -19.94 -25.82 40.80
N ALA B 92 -21.03 -26.56 40.58
CA ALA B 92 -22.24 -25.97 40.04
C ALA B 92 -22.98 -25.18 41.11
N TYR B 93 -23.70 -24.15 40.66
CA TYR B 93 -24.41 -23.27 41.60
C TYR B 93 -25.58 -23.99 42.24
N CYS B 94 -26.53 -24.47 41.44
CA CYS B 94 -27.70 -25.17 41.95
C CYS B 94 -27.90 -26.48 41.18
N PHE B 95 -29.03 -27.15 41.43
CA PHE B 95 -29.19 -28.56 41.05
C PHE B 95 -30.10 -28.80 39.86
N CYS B 96 -31.19 -28.04 39.71
CA CYS B 96 -32.13 -28.31 38.61
C CYS B 96 -31.42 -28.18 37.27
N ASP B 97 -31.62 -29.18 36.41
CA ASP B 97 -30.83 -29.25 35.17
C ASP B 97 -31.25 -28.19 34.17
N THR B 98 -32.54 -27.87 34.11
CA THR B 98 -33.07 -26.95 33.10
C THR B 98 -34.05 -26.01 33.78
N GLU B 99 -34.77 -25.21 32.98
CA GLU B 99 -35.73 -24.22 33.49
C GLU B 99 -35.04 -23.21 34.42
N ASN B 100 -33.80 -22.87 34.10
CA ASN B 100 -33.02 -21.93 34.90
C ASN B 100 -33.01 -20.57 34.24
N THR B 101 -33.42 -19.54 34.99
CA THR B 101 -33.67 -18.22 34.42
C THR B 101 -32.55 -17.26 34.79
N GLN B 102 -31.94 -16.67 33.76
CA GLN B 102 -31.04 -15.54 33.89
C GLN B 102 -31.76 -14.30 33.39
N VAL B 103 -31.55 -13.18 34.04
CA VAL B 103 -31.99 -11.87 33.55
C VAL B 103 -30.76 -10.97 33.52
N SER B 104 -30.57 -10.30 32.39
CA SER B 104 -29.44 -9.42 32.16
C SER B 104 -29.95 -8.04 31.82
N LYS B 105 -29.53 -7.04 32.61
CA LYS B 105 -29.85 -5.65 32.36
C LYS B 105 -28.55 -4.91 32.07
N ALA B 106 -28.52 -4.16 30.96
CA ALA B 106 -27.35 -3.41 30.55
C ALA B 106 -27.77 -1.99 30.21
N TYR B 107 -26.84 -1.06 30.40
CA TYR B 107 -27.11 0.35 30.18
C TYR B 107 -25.79 1.05 29.90
N VAL B 108 -25.86 2.37 29.71
CA VAL B 108 -24.69 3.20 29.44
C VAL B 108 -24.77 4.44 30.32
N MET B 109 -23.63 4.82 30.89
CA MET B 109 -23.54 6.05 31.68
C MET B 109 -22.28 6.80 31.27
N LYS B 110 -22.30 8.11 31.43
CA LYS B 110 -21.13 8.91 31.06
C LYS B 110 -19.93 8.48 31.89
N SER B 111 -18.78 8.36 31.22
CA SER B 111 -17.58 7.86 31.86
C SER B 111 -17.12 8.81 32.98
N ASP B 112 -16.14 8.37 33.75
CA ASP B 112 -15.62 9.14 34.88
C ASP B 112 -14.60 10.18 34.46
N ASP B 113 -14.24 10.24 33.18
CA ASP B 113 -13.18 11.10 32.68
C ASP B 113 -13.72 12.30 31.91
N CYS B 114 -14.91 12.79 32.26
CA CYS B 114 -15.60 13.75 31.42
C CYS B 114 -15.21 15.20 31.70
N LEU B 115 -14.35 15.46 32.70
CA LEU B 115 -14.00 16.84 33.01
C LEU B 115 -12.98 17.39 32.03
N ALA B 116 -11.79 16.80 32.00
CA ALA B 116 -10.68 17.30 31.19
C ALA B 116 -10.63 16.67 29.80
N ASP B 117 -11.53 15.73 29.49
CA ASP B 117 -11.59 15.10 28.17
C ASP B 117 -13.06 15.09 27.75
N HIS B 118 -13.48 16.17 27.08
CA HIS B 118 -14.86 16.29 26.63
C HIS B 118 -14.91 17.23 25.43
N ALA B 119 -15.96 17.09 24.64
CA ALA B 119 -16.19 17.92 23.46
C ALA B 119 -17.47 18.70 23.63
N GLU B 120 -17.41 19.99 23.29
CA GLU B 120 -18.55 20.90 23.43
C GLU B 120 -18.97 21.40 22.06
N ALA B 121 -20.28 21.50 21.85
CA ALA B 121 -20.85 21.99 20.60
C ALA B 121 -21.46 23.36 20.83
N TYR B 122 -21.16 24.30 19.93
CA TYR B 122 -21.59 25.68 20.07
C TYR B 122 -22.19 26.17 18.76
N LYS B 123 -23.12 27.12 18.87
CA LYS B 123 -23.70 27.83 17.74
C LYS B 123 -23.27 29.28 17.80
N ALA B 124 -22.78 29.80 16.67
CA ALA B 124 -22.21 31.13 16.59
C ALA B 124 -22.94 31.97 15.55
N HIS B 125 -23.16 33.24 15.89
CA HIS B 125 -23.85 34.18 15.02
C HIS B 125 -23.70 35.58 15.62
N THR B 126 -23.68 36.59 14.75
CA THR B 126 -23.54 37.99 15.15
C THR B 126 -22.22 38.22 15.90
N ALA B 127 -21.12 37.99 15.17
CA ALA B 127 -19.80 38.31 15.68
C ALA B 127 -19.68 39.81 15.96
N SER B 128 -19.03 40.15 17.07
CA SER B 128 -18.80 41.52 17.48
C SER B 128 -17.30 41.82 17.46
N VAL B 129 -16.95 43.00 16.97
CA VAL B 129 -15.56 43.40 16.78
C VAL B 129 -15.17 44.41 17.85
N GLN B 130 -13.95 44.32 18.34
CA GLN B 130 -13.38 45.40 19.14
C GLN B 130 -11.88 45.37 18.96
N ALA B 131 -11.20 46.35 19.56
CA ALA B 131 -9.76 46.49 19.34
C ALA B 131 -9.13 47.27 20.48
N PHE B 132 -7.82 47.09 20.61
CA PHE B 132 -6.99 47.87 21.53
C PHE B 132 -6.18 48.84 20.69
N LEU B 133 -6.33 50.13 20.95
CA LEU B 133 -5.69 51.18 20.18
C LEU B 133 -4.70 51.94 21.06
N ASN B 134 -3.67 52.50 20.42
CA ASN B 134 -2.82 53.51 21.05
C ASN B 134 -2.91 54.74 20.16
N ILE B 135 -3.46 55.82 20.71
CA ILE B 135 -3.80 57.02 19.96
C ILE B 135 -3.02 58.18 20.54
N THR B 136 -2.37 58.95 19.68
CA THR B 136 -1.59 60.12 20.08
C THR B 136 -2.01 61.29 19.21
N VAL B 137 -2.79 62.21 19.79
CA VAL B 137 -3.22 63.43 19.13
C VAL B 137 -2.84 64.61 20.02
N GLY B 138 -2.12 65.58 19.44
CA GLY B 138 -1.64 66.71 20.19
C GLY B 138 -0.75 66.29 21.34
N GLU B 139 0.17 65.37 21.07
CA GLU B 139 1.06 64.74 22.05
C GLU B 139 0.32 64.34 23.31
N HIS B 140 -0.89 63.78 23.15
CA HIS B 140 -1.67 63.19 24.24
C HIS B 140 -1.84 61.72 23.90
N SER B 141 -0.87 60.91 24.32
CA SER B 141 -0.81 59.50 23.96
C SER B 141 -1.51 58.66 25.03
N ILE B 142 -2.43 57.80 24.59
CA ILE B 142 -3.10 56.89 25.51
C ILE B 142 -3.35 55.56 24.82
N VAL B 143 -3.27 54.48 25.60
CA VAL B 143 -3.68 53.15 25.16
C VAL B 143 -5.05 52.87 25.75
N THR B 144 -5.99 52.41 24.90
CA THR B 144 -7.37 52.29 25.32
C THR B 144 -8.08 51.20 24.53
N THR B 145 -9.01 50.53 25.20
CA THR B 145 -9.92 49.60 24.53
C THR B 145 -11.11 50.38 23.98
N VAL B 146 -11.55 49.99 22.78
CA VAL B 146 -12.63 50.70 22.10
C VAL B 146 -13.49 49.67 21.37
N TYR B 147 -14.81 49.92 21.39
CA TYR B 147 -15.75 49.12 20.61
C TYR B 147 -15.93 49.80 19.26
N VAL B 148 -15.66 49.07 18.18
CA VAL B 148 -15.65 49.65 16.84
C VAL B 148 -17.03 49.59 16.20
N ASN B 149 -18.05 49.29 16.99
CA ASN B 149 -19.42 49.44 16.51
C ASN B 149 -19.73 50.90 16.27
N GLY B 150 -20.93 51.18 15.78
CA GLY B 150 -21.28 52.53 15.37
C GLY B 150 -21.61 53.50 16.49
N GLU B 151 -21.17 53.21 17.71
CA GLU B 151 -21.41 54.08 18.85
C GLU B 151 -20.24 53.92 19.82
N THR B 152 -20.44 54.38 21.06
CA THR B 152 -19.47 54.22 22.14
C THR B 152 -18.15 54.89 21.81
N PRO B 153 -18.11 56.22 21.79
CA PRO B 153 -16.83 56.92 21.59
C PRO B 153 -15.92 56.77 22.80
N VAL B 154 -14.63 57.02 22.57
CA VAL B 154 -13.63 57.07 23.63
C VAL B 154 -13.27 58.53 23.88
N ASN B 155 -13.29 58.93 25.14
CA ASN B 155 -13.17 60.33 25.53
C ASN B 155 -11.88 60.55 26.29
N PHE B 156 -11.11 61.56 25.87
CA PHE B 156 -9.91 61.95 26.58
C PHE B 156 -9.47 63.34 26.11
N ASN B 157 -9.17 64.23 27.07
CA ASN B 157 -8.77 65.61 26.77
C ASN B 157 -9.81 66.34 25.94
N GLY B 158 -11.08 65.96 26.08
CA GLY B 158 -12.14 66.55 25.30
C GLY B 158 -12.30 66.01 23.90
N VAL B 159 -11.53 64.99 23.52
CA VAL B 159 -11.52 64.46 22.16
C VAL B 159 -12.37 63.20 22.14
N LYS B 160 -13.31 63.12 21.20
CA LYS B 160 -14.21 61.98 21.09
C LYS B 160 -13.98 61.28 19.77
N ILE B 161 -13.59 60.01 19.83
CA ILE B 161 -13.22 59.22 18.66
C ILE B 161 -14.26 58.14 18.47
N THR B 162 -14.87 58.09 17.28
CA THR B 162 -15.87 57.07 16.95
C THR B 162 -15.34 56.21 15.82
N ALA B 163 -15.30 54.90 16.05
CA ALA B 163 -14.87 53.92 15.06
C ALA B 163 -16.12 53.23 14.51
N GLY B 164 -16.44 53.51 13.24
CA GLY B 164 -17.66 53.02 12.65
C GLY B 164 -17.64 51.52 12.40
N PRO B 165 -18.76 50.98 11.95
CA PRO B 165 -18.87 49.53 11.79
C PRO B 165 -17.96 49.01 10.69
N LEU B 166 -17.67 47.71 10.78
CA LEU B 166 -16.80 47.06 9.79
C LEU B 166 -17.43 47.12 8.41
N SER B 167 -16.58 47.27 7.39
CA SER B 167 -17.05 47.31 6.01
C SER B 167 -17.47 45.94 5.50
N THR B 168 -17.06 44.86 6.17
CA THR B 168 -17.40 43.50 5.78
C THR B 168 -17.87 42.72 6.98
N ALA B 169 -18.88 41.88 6.79
CA ALA B 169 -19.42 41.02 7.84
C ALA B 169 -18.78 39.64 7.85
N TRP B 170 -17.55 39.53 7.37
CA TRP B 170 -16.89 38.23 7.28
C TRP B 170 -16.55 37.74 8.69
N THR B 171 -16.94 36.50 8.98
CA THR B 171 -16.65 35.87 10.27
C THR B 171 -16.01 34.51 10.01
N PRO B 172 -14.87 34.18 10.68
CA PRO B 172 -14.16 32.93 10.33
C PRO B 172 -14.78 31.66 10.91
N PHE B 173 -16.00 31.75 11.43
CA PHE B 173 -16.68 30.61 12.05
C PHE B 173 -17.98 30.31 11.33
N ASP B 174 -18.22 29.02 11.08
CA ASP B 174 -19.49 28.58 10.53
C ASP B 174 -20.57 28.70 11.61
N ARG B 175 -21.82 28.43 11.24
CA ARG B 175 -22.91 28.54 12.20
C ARG B 175 -22.74 27.57 13.36
N LYS B 176 -22.16 26.39 13.12
CA LYS B 176 -21.85 25.42 14.16
C LYS B 176 -20.35 25.29 14.32
N ILE B 177 -19.90 25.12 15.56
CA ILE B 177 -18.49 24.85 15.85
C ILE B 177 -18.40 23.84 16.99
N VAL B 178 -17.24 23.19 17.09
CA VAL B 178 -16.97 22.19 18.11
C VAL B 178 -15.64 22.52 18.77
N GLN B 179 -15.62 22.55 20.10
CA GLN B 179 -14.43 22.81 20.88
C GLN B 179 -14.01 21.54 21.61
N TYR B 180 -12.72 21.24 21.57
CA TYR B 180 -12.18 20.08 22.28
C TYR B 180 -10.69 20.29 22.49
N ALA B 181 -10.28 20.32 23.76
CA ALA B 181 -8.86 20.41 24.13
C ALA B 181 -8.20 21.65 23.52
N GLY B 182 -8.93 22.76 23.50
CA GLY B 182 -8.37 24.00 23.03
C GLY B 182 -8.25 24.13 21.53
N GLU B 183 -9.01 23.34 20.77
CA GLU B 183 -9.01 23.41 19.32
C GLU B 183 -10.45 23.50 18.83
N ILE B 184 -10.64 24.19 17.70
CA ILE B 184 -11.96 24.47 17.15
C ILE B 184 -12.02 23.91 15.74
N TYR B 185 -13.14 23.25 15.42
CA TYR B 185 -13.37 22.66 14.12
C TYR B 185 -14.79 22.98 13.68
N ASN B 186 -14.93 23.38 12.41
CA ASN B 186 -16.26 23.64 11.84
C ASN B 186 -16.84 22.32 11.36
N TYR B 187 -17.75 21.76 12.16
CA TYR B 187 -18.33 20.45 11.90
C TYR B 187 -19.84 20.53 12.07
N ASP B 188 -20.57 19.78 11.25
CA ASP B 188 -22.04 19.78 11.28
C ASP B 188 -22.50 18.65 12.19
N PHE B 189 -22.42 18.91 13.50
CA PHE B 189 -22.83 17.91 14.47
C PHE B 189 -24.34 17.72 14.44
N PRO B 190 -24.86 16.50 14.63
CA PRO B 190 -26.30 16.33 14.75
C PRO B 190 -26.84 17.01 16.00
N GLU B 191 -28.08 17.51 15.88
CA GLU B 191 -28.71 18.23 16.98
C GLU B 191 -29.13 17.25 18.07
N TYR B 192 -29.25 17.78 19.28
CA TYR B 192 -29.58 16.98 20.46
C TYR B 192 -30.80 16.11 20.24
N GLY B 193 -30.69 14.84 20.63
CA GLY B 193 -31.79 13.90 20.58
C GLY B 193 -31.88 13.09 19.30
N ALA B 194 -31.08 13.42 18.29
CA ALA B 194 -31.07 12.72 17.01
C ALA B 194 -29.70 12.07 16.74
N GLY B 195 -29.06 11.58 17.79
CA GLY B 195 -27.78 10.94 17.63
C GLY B 195 -27.88 9.61 16.89
N GLN B 196 -26.76 9.24 16.27
CA GLN B 196 -26.65 7.99 15.53
C GLN B 196 -25.50 7.17 16.09
N PRO B 197 -25.64 5.84 16.20
CA PRO B 197 -24.54 5.04 16.76
C PRO B 197 -23.33 5.04 15.83
N GLY B 198 -22.15 4.98 16.44
CA GLY B 198 -20.90 4.91 15.71
C GLY B 198 -20.40 6.22 15.15
N ALA B 199 -21.10 7.33 15.41
CA ALA B 199 -20.71 8.64 14.94
C ALA B 199 -20.82 9.63 16.10
N PHE B 200 -20.47 10.88 15.83
CA PHE B 200 -20.49 11.91 16.86
C PHE B 200 -21.93 12.11 17.36
N GLY B 201 -22.07 12.22 18.68
CA GLY B 201 -23.36 12.48 19.27
C GLY B 201 -24.11 11.25 19.75
N ASP B 202 -23.43 10.14 19.98
CA ASP B 202 -24.10 8.95 20.51
C ASP B 202 -24.69 9.20 21.88
N ILE B 203 -23.98 9.98 22.72
CA ILE B 203 -24.45 10.36 24.05
C ILE B 203 -24.71 11.87 24.03
N GLN B 204 -25.82 12.28 24.66
CA GLN B 204 -26.23 13.68 24.72
C GLN B 204 -26.55 14.02 26.16
N SER B 205 -25.70 14.84 26.78
CA SER B 205 -25.91 15.34 28.12
C SER B 205 -26.02 16.86 28.06
N ARG B 206 -27.05 17.41 28.70
CA ARG B 206 -27.27 18.85 28.65
C ARG B 206 -26.09 19.61 29.24
N THR B 207 -25.49 19.09 30.31
CA THR B 207 -24.31 19.69 30.91
C THR B 207 -23.42 18.57 31.41
N VAL B 208 -22.24 18.96 31.93
CA VAL B 208 -21.31 17.97 32.46
C VAL B 208 -21.91 17.23 33.64
N SER B 209 -22.77 17.90 34.42
CA SER B 209 -23.41 17.33 35.60
C SER B 209 -24.92 17.45 35.51
N SER B 210 -25.49 17.32 34.32
CA SER B 210 -26.94 17.39 34.16
C SER B 210 -27.65 16.21 34.84
N SER B 211 -26.96 15.10 35.04
CA SER B 211 -27.53 13.91 35.68
C SER B 211 -28.71 13.36 34.88
N ASP B 212 -28.71 13.60 33.56
CA ASP B 212 -29.76 13.07 32.69
C ASP B 212 -29.24 13.14 31.26
N LEU B 213 -29.12 11.98 30.62
CA LEU B 213 -28.53 11.89 29.29
C LEU B 213 -29.42 11.03 28.39
N TYR B 214 -29.34 11.31 27.09
CA TYR B 214 -30.02 10.53 26.06
C TYR B 214 -28.97 9.82 25.23
N ALA B 215 -29.10 8.49 25.13
CA ALA B 215 -28.08 7.65 24.52
C ALA B 215 -28.68 6.84 23.38
N ASN B 216 -27.94 6.74 22.27
CA ASN B 216 -28.28 5.89 21.14
C ASN B 216 -27.01 5.17 20.72
N THR B 217 -26.77 4.01 21.32
CA THR B 217 -25.53 3.25 21.12
C THR B 217 -25.75 1.86 20.54
N ASN B 218 -27.01 1.44 20.36
CA ASN B 218 -27.34 0.14 19.79
C ASN B 218 -26.73 -1.00 20.60
N LEU B 219 -27.19 -1.09 21.85
CA LEU B 219 -26.74 -2.10 22.79
C LEU B 219 -27.64 -3.32 22.69
N VAL B 220 -27.06 -4.47 22.34
CA VAL B 220 -27.80 -5.71 22.13
C VAL B 220 -27.14 -6.82 22.92
N LEU B 221 -27.94 -7.57 23.67
CA LEU B 221 -27.46 -8.68 24.47
C LEU B 221 -27.40 -9.95 23.64
N GLN B 222 -26.66 -10.94 24.14
CA GLN B 222 -26.42 -12.19 23.44
C GLN B 222 -26.65 -13.36 24.38
N ARG B 223 -26.79 -14.55 23.81
CA ARG B 223 -26.98 -15.76 24.60
C ARG B 223 -25.73 -16.01 25.44
N PRO B 224 -25.83 -16.13 26.77
CA PRO B 224 -24.64 -16.43 27.56
C PRO B 224 -24.07 -17.81 27.25
N LYS B 225 -22.74 -17.91 27.33
CA LYS B 225 -22.08 -19.18 27.18
C LYS B 225 -22.46 -20.13 28.31
N ALA B 226 -22.59 -21.41 27.98
CA ALA B 226 -22.98 -22.40 28.99
C ALA B 226 -21.92 -22.51 30.07
N GLY B 227 -22.36 -22.59 31.32
CA GLY B 227 -21.46 -22.75 32.44
C GLY B 227 -20.54 -21.58 32.67
N ALA B 228 -21.07 -20.37 32.61
CA ALA B 228 -20.25 -19.18 32.85
C ALA B 228 -21.18 -18.02 33.22
N ILE B 229 -20.97 -17.46 34.40
CA ILE B 229 -21.73 -16.28 34.84
C ILE B 229 -21.14 -15.06 34.14
N HIS B 230 -21.85 -14.55 33.13
CA HIS B 230 -21.42 -13.34 32.44
C HIS B 230 -22.58 -12.85 31.58
N VAL B 231 -22.45 -11.62 31.10
CA VAL B 231 -23.46 -10.96 30.29
C VAL B 231 -22.82 -10.54 28.97
N PRO B 232 -22.98 -11.34 27.91
CA PRO B 232 -22.37 -10.94 26.62
C PRO B 232 -23.20 -9.85 25.94
N TYR B 233 -22.52 -8.75 25.61
CA TYR B 233 -23.16 -7.57 25.04
C TYR B 233 -22.41 -7.16 23.78
N THR B 234 -23.10 -6.41 22.92
CA THR B 234 -22.51 -5.92 21.69
C THR B 234 -23.07 -4.54 21.39
N GLN B 235 -22.17 -3.62 21.03
CA GLN B 235 -22.55 -2.27 20.65
C GLN B 235 -21.45 -1.71 19.76
N ALA B 236 -21.80 -0.71 18.96
CA ALA B 236 -20.83 -0.12 18.07
C ALA B 236 -19.78 0.64 18.88
N PRO B 237 -18.57 0.81 18.35
CA PRO B 237 -17.56 1.61 19.07
C PRO B 237 -18.02 3.05 19.22
N SER B 238 -17.50 3.71 20.25
CA SER B 238 -17.84 5.11 20.51
C SER B 238 -17.48 5.95 19.29
N GLY B 239 -18.38 6.87 18.93
CA GLY B 239 -18.13 7.75 17.80
C GLY B 239 -17.14 8.86 18.10
N PHE B 240 -16.94 9.18 19.38
CA PHE B 240 -16.02 10.25 19.74
C PHE B 240 -14.59 9.88 19.36
N GLU B 241 -14.17 8.64 19.63
CA GLU B 241 -12.81 8.24 19.28
C GLU B 241 -12.66 8.10 17.76
N GLN B 242 -13.72 7.75 17.05
CA GLN B 242 -13.65 7.72 15.59
C GLN B 242 -13.47 9.13 15.03
N TRP B 243 -14.21 10.09 15.58
CA TRP B 243 -14.02 11.48 15.16
C TRP B 243 -12.61 11.97 15.53
N LYS B 244 -12.09 11.50 16.66
CA LYS B 244 -10.71 11.84 17.02
C LYS B 244 -9.72 11.24 16.03
N LYS B 245 -9.99 10.02 15.56
CA LYS B 245 -9.15 9.42 14.54
C LYS B 245 -9.19 10.22 13.25
N ASP B 246 -10.38 10.70 12.88
CA ASP B 246 -10.50 11.50 11.66
C ASP B 246 -9.76 12.83 11.81
N LYS B 247 -10.25 13.69 12.71
CA LYS B 247 -9.56 14.90 13.15
C LYS B 247 -9.01 15.72 11.98
N ALA B 248 -9.93 16.27 11.20
CA ALA B 248 -9.53 17.12 10.09
C ALA B 248 -8.79 18.35 10.64
N PRO B 249 -7.96 18.99 9.81
CA PRO B 249 -7.16 20.13 10.32
C PRO B 249 -8.03 21.25 10.87
N SER B 250 -7.51 21.92 11.90
CA SER B 250 -8.27 22.88 12.68
C SER B 250 -8.32 24.25 12.00
N LEU B 251 -9.15 25.12 12.55
CA LEU B 251 -9.31 26.46 12.00
C LEU B 251 -8.01 27.26 12.08
N LYS B 252 -7.23 27.06 13.14
CA LYS B 252 -5.98 27.79 13.25
C LYS B 252 -4.96 27.39 12.20
N PHE B 253 -5.20 26.30 11.45
CA PHE B 253 -4.34 25.90 10.35
C PHE B 253 -5.02 25.94 8.98
N THR B 254 -6.34 26.13 8.91
CA THR B 254 -7.04 26.20 7.62
C THR B 254 -7.91 27.44 7.48
N ALA B 255 -7.75 28.46 8.33
CA ALA B 255 -8.58 29.64 8.23
C ALA B 255 -8.08 30.56 7.12
N PRO B 256 -8.97 31.15 6.32
CA PRO B 256 -8.52 32.17 5.36
C PRO B 256 -8.20 33.48 6.06
N PHE B 257 -7.34 34.26 5.42
CA PHE B 257 -6.79 35.51 5.93
C PHE B 257 -5.89 35.31 7.16
N GLY B 258 -5.62 34.07 7.55
CA GLY B 258 -4.72 33.81 8.66
C GLY B 258 -5.17 34.39 9.98
N CYS B 259 -6.44 34.19 10.33
CA CYS B 259 -6.96 34.71 11.58
C CYS B 259 -6.64 33.74 12.71
N GLU B 260 -5.69 34.11 13.56
CA GLU B 260 -5.22 33.27 14.64
C GLU B 260 -6.35 33.04 15.62
N ILE B 261 -6.59 31.78 15.96
CA ILE B 261 -7.71 31.39 16.81
C ILE B 261 -7.15 30.94 18.16
N TYR B 262 -7.46 31.71 19.20
CA TYR B 262 -7.21 31.32 20.58
C TYR B 262 -8.55 31.21 21.29
N THR B 263 -8.66 30.27 22.24
CA THR B 263 -9.88 30.11 23.03
C THR B 263 -9.53 30.11 24.52
N ASN B 264 -9.32 31.30 25.06
CA ASN B 264 -9.60 31.55 26.47
C ASN B 264 -11.10 31.83 26.56
N PRO B 265 -11.63 32.91 25.90
CA PRO B 265 -12.94 32.80 25.27
C PRO B 265 -12.76 32.54 23.78
N ILE B 266 -13.74 31.93 23.13
CA ILE B 266 -13.62 31.70 21.68
C ILE B 266 -13.49 33.06 21.00
N ARG B 267 -12.41 33.23 20.23
CA ARG B 267 -12.12 34.52 19.62
C ARG B 267 -11.09 34.35 18.51
N ALA B 268 -10.98 35.40 17.69
CA ALA B 268 -10.02 35.46 16.60
C ALA B 268 -9.30 36.81 16.63
N GLU B 269 -8.05 36.83 16.17
CA GLU B 269 -7.22 38.02 16.29
C GLU B 269 -6.26 38.13 15.12
N ASN B 270 -5.82 39.37 14.86
CA ASN B 270 -4.65 39.66 14.02
C ASN B 270 -4.80 39.10 12.61
N CYS B 271 -5.76 39.66 11.88
CA CYS B 271 -5.94 39.31 10.47
C CYS B 271 -6.66 40.43 9.73
N ALA B 272 -6.16 40.72 8.53
CA ALA B 272 -6.50 41.95 7.81
C ALA B 272 -7.63 41.68 6.83
N VAL B 273 -8.80 42.24 7.12
CA VAL B 273 -9.91 42.25 6.16
C VAL B 273 -10.72 43.52 6.38
N GLY B 274 -10.75 44.37 5.37
CA GLY B 274 -11.56 45.58 5.43
C GLY B 274 -10.84 46.77 6.04
N SER B 275 -11.64 47.79 6.35
CA SER B 275 -11.14 49.05 6.87
C SER B 275 -12.08 49.57 7.95
N ILE B 276 -11.49 50.29 8.90
CA ILE B 276 -12.22 50.95 9.97
C ILE B 276 -12.40 52.42 9.57
N PRO B 277 -13.63 52.92 9.42
CA PRO B 277 -13.80 54.38 9.32
C PRO B 277 -13.68 55.01 10.70
N LEU B 278 -12.93 56.11 10.77
CA LEU B 278 -12.67 56.82 12.01
C LEU B 278 -13.20 58.24 11.90
N ALA B 279 -13.88 58.69 12.97
CA ALA B 279 -14.43 60.03 13.05
C ALA B 279 -13.88 60.70 14.29
N PHE B 280 -13.21 61.84 14.10
CA PHE B 280 -12.59 62.62 15.15
C PHE B 280 -13.47 63.81 15.47
N ASP B 281 -13.85 63.95 16.74
CA ASP B 281 -14.54 65.13 17.26
C ASP B 281 -13.56 65.82 18.18
N ILE B 282 -12.94 66.88 17.66
CA ILE B 282 -11.87 67.62 18.35
C ILE B 282 -12.46 68.96 18.78
N PRO B 283 -12.23 69.41 20.01
CA PRO B 283 -12.71 70.75 20.39
C PRO B 283 -11.84 71.84 19.78
N ASP B 284 -12.28 73.07 20.00
CA ASP B 284 -11.61 74.25 19.44
C ASP B 284 -10.44 74.74 20.27
N ALA B 285 -10.16 74.11 21.42
CA ALA B 285 -9.11 74.60 22.30
C ALA B 285 -7.72 74.14 21.88
N LEU B 286 -7.60 72.96 21.27
CA LEU B 286 -6.30 72.39 20.95
C LEU B 286 -5.68 72.96 19.68
N PHE B 287 -6.39 73.81 18.93
CA PHE B 287 -5.86 74.38 17.70
C PHE B 287 -4.99 75.58 18.05
N THR B 288 -3.70 75.48 17.79
CA THR B 288 -2.72 76.48 18.20
C THR B 288 -2.50 77.50 17.09
N ARG B 289 -2.14 78.72 17.50
CA ARG B 289 -1.88 79.78 16.54
C ARG B 289 -0.63 79.46 15.74
N VAL B 290 -0.67 79.77 14.44
CA VAL B 290 0.48 79.51 13.58
C VAL B 290 1.67 80.36 14.02
N SER B 291 1.42 81.62 14.38
CA SER B 291 2.51 82.51 14.78
C SER B 291 3.26 81.97 16.00
N GLU B 292 2.58 81.22 16.87
CA GLU B 292 3.22 80.56 18.00
C GLU B 292 3.97 79.30 17.61
N THR B 293 3.84 78.84 16.35
CA THR B 293 4.50 77.65 15.84
C THR B 293 5.64 78.08 14.90
N PRO B 294 6.74 77.32 14.82
CA PRO B 294 7.80 77.69 13.88
C PRO B 294 7.31 77.71 12.43
N THR B 295 7.85 78.65 11.66
CA THR B 295 7.53 78.80 10.25
C THR B 295 8.83 78.78 9.44
N LEU B 296 8.77 78.17 8.27
CA LEU B 296 9.93 77.96 7.43
C LEU B 296 9.89 78.85 6.20
N SER B 297 11.00 78.85 5.46
CA SER B 297 11.14 79.61 4.23
C SER B 297 12.41 79.15 3.53
N ALA B 298 12.36 79.16 2.19
CA ALA B 298 13.50 78.74 1.36
C ALA B 298 13.90 77.30 1.68
N ALA B 299 12.97 76.38 1.42
CA ALA B 299 13.15 74.97 1.68
C ALA B 299 13.33 74.20 0.38
N GLU B 300 14.33 73.32 0.35
CA GLU B 300 14.61 72.48 -0.83
C GLU B 300 14.82 71.04 -0.40
N CYS B 301 14.32 70.12 -1.22
CA CYS B 301 14.33 68.69 -0.93
C CYS B 301 15.21 67.96 -1.94
N THR B 302 15.92 66.94 -1.47
CA THR B 302 16.71 66.07 -2.33
C THR B 302 16.61 64.64 -1.83
N LEU B 303 16.74 63.69 -2.75
CA LEU B 303 16.73 62.26 -2.45
C LEU B 303 18.16 61.75 -2.44
N ASN B 304 18.59 61.17 -1.32
CA ASN B 304 19.97 60.72 -1.18
C ASN B 304 20.13 59.24 -1.59
N GLU B 305 19.18 58.41 -1.19
CA GLU B 305 19.20 56.98 -1.50
C GLU B 305 17.81 56.49 -1.81
N CYS B 306 17.73 55.39 -2.56
CA CYS B 306 16.47 54.67 -2.78
C CYS B 306 16.69 53.17 -2.72
N VAL B 307 15.78 52.50 -2.00
CA VAL B 307 15.48 51.08 -2.23
C VAL B 307 13.98 50.93 -2.05
N TYR B 308 13.21 50.82 -3.14
CA TYR B 308 11.76 50.76 -2.99
C TYR B 308 11.35 49.38 -2.49
N SER B 309 11.74 49.05 -1.28
CA SER B 309 11.45 47.75 -0.67
C SER B 309 10.14 47.84 0.11
N SER B 310 9.84 46.78 0.86
CA SER B 310 8.65 46.76 1.70
C SER B 310 8.84 47.58 2.98
N ASP B 311 10.09 47.88 3.35
CA ASP B 311 10.38 48.69 4.52
C ASP B 311 10.65 50.13 4.11
N PHE B 312 11.03 50.94 5.10
CA PHE B 312 11.35 52.36 4.90
C PHE B 312 12.79 52.45 4.40
N GLY B 313 12.91 52.40 3.07
CA GLY B 313 14.21 52.34 2.42
C GLY B 313 14.45 53.47 1.42
N GLY B 314 13.92 54.66 1.70
CA GLY B 314 14.25 55.83 0.91
C GLY B 314 14.50 57.01 1.83
N ILE B 315 15.66 57.64 1.70
CA ILE B 315 16.09 58.69 2.61
C ILE B 315 16.25 59.99 1.82
N ALA B 316 15.74 61.08 2.39
CA ALA B 316 15.75 62.39 1.75
C ALA B 316 16.29 63.42 2.73
N THR B 317 17.00 64.40 2.19
CA THR B 317 17.56 65.51 2.96
C THR B 317 16.87 66.79 2.51
N VAL B 318 16.37 67.55 3.48
CA VAL B 318 15.66 68.80 3.22
C VAL B 318 16.41 69.91 3.94
N LYS B 319 16.86 70.91 3.17
CA LYS B 319 17.55 72.07 3.71
C LYS B 319 16.56 73.23 3.77
N TYR B 320 16.40 73.81 4.96
CA TYR B 320 15.40 74.85 5.23
C TYR B 320 16.08 76.03 5.91
N SER B 321 15.28 77.06 6.19
CA SER B 321 15.72 78.24 6.94
C SER B 321 14.55 78.63 7.85
N ALA B 322 14.59 78.13 9.09
CA ALA B 322 13.48 78.28 10.02
C ALA B 322 13.53 79.62 10.74
N SER B 323 12.34 80.19 10.97
CA SER B 323 12.23 81.40 11.77
C SER B 323 12.38 81.11 13.26
N LYS B 324 11.95 79.93 13.70
CA LYS B 324 12.03 79.53 15.09
C LYS B 324 12.41 78.06 15.18
N SER B 325 12.96 77.67 16.32
CA SER B 325 13.35 76.29 16.57
C SER B 325 12.22 75.58 17.31
N GLY B 326 11.68 74.53 16.71
CA GLY B 326 10.61 73.78 17.33
C GLY B 326 10.15 72.68 16.40
N LYS B 327 9.52 71.67 17.01
CA LYS B 327 9.05 70.52 16.24
C LYS B 327 7.77 70.84 15.50
N CYS B 328 7.58 70.20 14.34
CA CYS B 328 6.37 70.33 13.55
C CYS B 328 6.12 69.04 12.81
N ALA B 329 4.89 68.88 12.32
CA ALA B 329 4.52 67.68 11.59
C ALA B 329 4.93 67.79 10.13
N VAL B 330 5.33 66.65 9.56
CA VAL B 330 5.64 66.53 8.14
C VAL B 330 4.82 65.38 7.58
N HIS B 331 4.18 65.61 6.44
CA HIS B 331 3.24 64.65 5.88
C HIS B 331 3.22 64.77 4.36
N VAL B 332 2.80 63.70 3.71
CA VAL B 332 2.60 63.63 2.27
C VAL B 332 1.09 63.51 2.02
N PRO B 333 0.47 64.45 1.29
CA PRO B 333 -0.99 64.31 1.08
C PRO B 333 -1.38 63.02 0.37
N SER B 334 -0.70 62.68 -0.72
CA SER B 334 -1.05 61.49 -1.47
C SER B 334 -0.50 60.24 -0.77
N GLY B 335 -0.98 59.08 -1.22
CA GLY B 335 -0.53 57.80 -0.72
C GLY B 335 0.67 57.23 -1.43
N THR B 336 1.31 58.01 -2.30
CA THR B 336 2.47 57.51 -3.04
C THR B 336 3.62 57.16 -2.10
N ALA B 337 3.86 57.98 -1.08
CA ALA B 337 4.97 57.80 -0.16
C ALA B 337 4.45 57.76 1.27
N THR B 338 5.10 56.94 2.10
CA THR B 338 4.76 56.79 3.51
C THR B 338 6.00 57.06 4.34
N LEU B 339 5.88 57.97 5.30
CA LEU B 339 7.01 58.42 6.12
C LEU B 339 7.13 57.60 7.40
N LYS B 340 8.31 57.67 8.03
CA LYS B 340 8.51 56.98 9.29
C LYS B 340 8.01 57.81 10.48
N GLU B 341 8.61 58.97 10.70
CA GLU B 341 8.26 59.80 11.85
C GLU B 341 7.07 60.69 11.53
N ALA B 342 6.16 60.79 12.50
CA ALA B 342 5.02 61.69 12.37
C ALA B 342 5.36 63.14 12.62
N ALA B 343 6.54 63.42 13.18
CA ALA B 343 6.99 64.78 13.41
C ALA B 343 8.51 64.81 13.40
N VAL B 344 9.06 66.00 13.18
CA VAL B 344 10.50 66.22 13.14
C VAL B 344 10.83 67.42 14.02
N GLU B 345 11.94 67.32 14.75
CA GLU B 345 12.42 68.43 15.57
C GLU B 345 13.38 69.26 14.73
N LEU B 346 13.01 70.52 14.49
CA LEU B 346 13.72 71.38 13.55
C LEU B 346 14.62 72.37 14.28
N THR B 347 15.84 72.53 13.77
CA THR B 347 16.75 73.56 14.23
C THR B 347 16.44 74.86 13.49
N GLU B 348 17.31 75.87 13.63
CA GLU B 348 17.11 77.14 12.96
C GLU B 348 17.62 77.15 11.52
N GLN B 349 18.76 76.49 11.26
CA GLN B 349 19.34 76.46 9.93
C GLN B 349 19.89 75.09 9.55
N GLY B 350 19.55 74.03 10.28
CA GLY B 350 20.03 72.70 9.97
C GLY B 350 19.26 72.06 8.83
N SER B 351 19.69 70.85 8.48
CA SER B 351 19.08 70.06 7.42
C SER B 351 18.44 68.82 8.03
N ALA B 352 17.16 68.61 7.70
CA ALA B 352 16.40 67.49 8.24
C ALA B 352 16.54 66.27 7.34
N THR B 353 16.48 65.10 7.95
CA THR B 353 16.55 63.82 7.25
C THR B 353 15.25 63.06 7.48
N ILE B 354 14.67 62.58 6.38
CA ILE B 354 13.36 61.92 6.41
C ILE B 354 13.49 60.55 5.77
N HIS B 355 12.95 59.53 6.43
CA HIS B 355 12.90 58.16 5.94
C HIS B 355 11.49 57.81 5.52
N PHE B 356 11.37 57.11 4.39
CA PHE B 356 10.05 56.83 3.82
C PHE B 356 10.15 55.59 2.94
N SER B 357 8.99 55.22 2.37
CA SER B 357 8.89 54.11 1.43
C SER B 357 7.89 54.48 0.34
N THR B 358 8.08 53.87 -0.82
CA THR B 358 7.20 54.10 -1.96
C THR B 358 7.29 52.90 -2.89
N ALA B 359 6.30 52.78 -3.77
CA ALA B 359 6.24 51.71 -4.76
C ALA B 359 6.51 52.22 -6.18
N ASN B 360 6.93 53.47 -6.34
CA ASN B 360 7.14 54.08 -7.64
C ASN B 360 8.62 54.05 -7.99
N ILE B 361 8.93 53.57 -9.20
CA ILE B 361 10.32 53.51 -9.63
C ILE B 361 10.87 54.92 -9.88
N HIS B 362 10.00 55.87 -10.25
CA HIS B 362 10.40 57.24 -10.53
C HIS B 362 9.50 58.18 -9.73
N PRO B 363 9.71 58.26 -8.41
CA PRO B 363 8.81 59.05 -7.57
C PRO B 363 8.96 60.55 -7.81
N GLU B 364 7.82 61.25 -7.73
CA GLU B 364 7.78 62.72 -7.67
C GLU B 364 6.59 63.06 -6.77
N PHE B 365 6.85 63.28 -5.49
CA PHE B 365 5.80 63.48 -4.51
C PHE B 365 5.96 64.82 -3.79
N ARG B 366 4.83 65.42 -3.45
CA ARG B 366 4.80 66.69 -2.73
C ARG B 366 4.79 66.42 -1.23
N LEU B 367 5.80 66.91 -0.53
CA LEU B 367 5.93 66.76 0.91
C LEU B 367 5.46 68.03 1.60
N GLN B 368 4.59 67.87 2.59
CA GLN B 368 4.07 68.98 3.39
C GLN B 368 4.95 69.15 4.62
N ILE B 369 5.62 70.29 4.71
CA ILE B 369 6.48 70.63 5.85
C ILE B 369 5.77 71.76 6.57
N CYS B 370 6.27 72.15 7.75
CA CYS B 370 5.53 72.82 8.83
C CYS B 370 4.39 73.71 8.36
N THR B 371 4.65 74.58 7.39
CA THR B 371 3.61 75.41 6.79
C THR B 371 3.70 75.51 5.28
N SER B 372 4.67 74.87 4.64
CA SER B 372 4.90 74.99 3.21
C SER B 372 4.89 73.62 2.56
N TYR B 373 5.06 73.60 1.24
CA TYR B 373 5.10 72.37 0.45
C TYR B 373 6.35 72.37 -0.42
N VAL B 374 7.00 71.22 -0.51
CA VAL B 374 8.14 71.02 -1.40
C VAL B 374 7.83 69.83 -2.29
N THR B 375 8.62 69.69 -3.35
CA THR B 375 8.45 68.61 -4.32
C THR B 375 9.74 67.79 -4.37
N CYS B 376 9.68 66.56 -3.86
CA CYS B 376 10.81 65.66 -3.86
C CYS B 376 10.67 64.71 -5.04
N LYS B 377 11.65 64.72 -5.95
CA LYS B 377 11.58 63.98 -7.20
C LYS B 377 12.88 63.25 -7.43
N GLY B 378 12.79 62.10 -8.11
CA GLY B 378 13.98 61.36 -8.48
C GLY B 378 13.65 59.99 -9.01
N ASP B 379 14.69 59.17 -9.13
CA ASP B 379 14.58 57.78 -9.57
C ASP B 379 15.09 56.87 -8.46
N CYS B 380 14.62 55.62 -8.46
CA CYS B 380 14.87 54.69 -7.38
C CYS B 380 15.18 53.29 -7.92
N HIS B 381 15.87 52.49 -7.11
CA HIS B 381 16.50 51.26 -7.52
C HIS B 381 15.83 50.04 -6.86
N PRO B 382 15.93 48.85 -7.45
CA PRO B 382 15.25 47.68 -6.89
C PRO B 382 15.92 47.21 -5.61
N PRO B 383 15.20 46.46 -4.75
CA PRO B 383 15.88 45.74 -3.66
C PRO B 383 16.68 44.55 -4.17
N LYS B 384 17.32 43.82 -3.25
CA LYS B 384 18.05 42.59 -3.57
C LYS B 384 17.37 41.37 -3.01
N ASP B 385 16.95 41.40 -1.75
CA ASP B 385 16.40 40.22 -1.10
C ASP B 385 15.08 39.85 -1.76
N HIS B 386 14.86 38.55 -1.94
CA HIS B 386 13.65 38.06 -2.59
C HIS B 386 12.47 37.93 -1.63
N ILE B 387 12.71 37.49 -0.40
CA ILE B 387 11.65 37.28 0.59
C ILE B 387 12.04 37.95 1.89
N VAL B 388 11.10 38.69 2.49
CA VAL B 388 11.32 39.40 3.73
C VAL B 388 10.35 38.86 4.78
N THR B 389 10.54 39.30 6.02
CA THR B 389 9.77 38.85 7.18
C THR B 389 9.11 40.03 7.88
N HIS B 390 8.51 40.93 7.12
CA HIS B 390 7.85 42.12 7.65
C HIS B 390 6.82 42.60 6.65
N PRO B 391 5.84 43.40 7.09
CA PRO B 391 4.70 43.72 6.22
C PRO B 391 5.02 44.84 5.23
N GLN B 392 4.05 45.07 4.35
CA GLN B 392 4.11 46.16 3.37
C GLN B 392 3.60 47.44 4.02
N TYR B 393 4.44 48.47 3.99
CA TYR B 393 4.19 49.70 4.72
C TYR B 393 3.53 50.79 3.87
N HIS B 394 3.16 50.48 2.63
CA HIS B 394 2.54 51.46 1.74
C HIS B 394 1.43 50.78 0.95
N ALA B 395 0.77 51.55 0.11
CA ALA B 395 -0.31 51.07 -0.75
C ALA B 395 0.23 50.76 -2.13
N GLN B 396 -0.47 49.86 -2.82
CA GLN B 396 -0.09 49.40 -4.15
C GLN B 396 -0.89 50.19 -5.17
N THR B 397 -0.26 51.18 -5.81
CA THR B 397 -0.90 52.01 -6.80
C THR B 397 -0.79 51.39 -8.18
N PHE B 398 -1.80 51.64 -9.01
CA PHE B 398 -1.83 51.09 -10.37
C PHE B 398 -0.88 51.87 -11.27
N SER C 1 -2.22 13.05 55.31
CA SER C 1 -2.88 11.82 55.85
C SER C 1 -3.57 11.04 54.73
N THR C 2 -3.44 9.70 54.78
CA THR C 2 -4.02 8.82 53.78
C THR C 2 -4.91 7.72 54.36
N GLU C 3 -4.87 7.46 55.67
CA GLU C 3 -5.69 6.41 56.23
C GLU C 3 -7.17 6.68 56.05
N GLU C 4 -7.58 7.96 56.06
CA GLU C 4 -8.97 8.28 55.78
C GLU C 4 -9.34 7.96 54.34
N LEU C 5 -8.37 7.99 53.41
CA LEU C 5 -8.63 7.53 52.05
C LEU C 5 -8.70 6.00 52.00
N PHE C 6 -7.81 5.32 52.72
CA PHE C 6 -7.81 3.87 52.74
C PHE C 6 -9.04 3.30 53.44
N ASN C 7 -9.70 4.09 54.29
CA ASN C 7 -10.78 3.56 55.12
C ASN C 7 -11.92 2.98 54.30
N GLU C 8 -12.13 3.45 53.08
CA GLU C 8 -13.25 2.96 52.27
C GLU C 8 -13.09 1.47 51.96
N TYR C 9 -11.88 1.05 51.60
CA TYR C 9 -11.64 -0.31 51.15
C TYR C 9 -11.29 -1.27 52.27
N LYS C 10 -11.26 -0.80 53.52
CA LYS C 10 -11.22 -1.72 54.66
C LYS C 10 -12.54 -2.48 54.81
N LEU C 11 -13.60 -2.01 54.16
CA LEU C 11 -14.94 -2.58 54.31
C LEU C 11 -15.25 -3.68 53.30
N THR C 12 -14.27 -4.14 52.53
CA THR C 12 -14.50 -5.09 51.45
C THR C 12 -13.45 -6.20 51.50
N ARG C 13 -13.65 -7.22 50.67
CA ARG C 13 -12.79 -8.38 50.58
C ARG C 13 -12.56 -8.72 49.12
N PRO C 14 -11.49 -9.45 48.81
CA PRO C 14 -11.31 -9.96 47.44
C PRO C 14 -12.34 -11.01 47.09
N TYR C 15 -12.36 -11.41 45.82
CA TYR C 15 -13.34 -12.36 45.33
C TYR C 15 -12.76 -13.19 44.19
N MET C 16 -13.05 -14.48 44.20
CA MET C 16 -12.70 -15.37 43.11
C MET C 16 -13.50 -14.97 41.87
N ALA C 17 -12.95 -15.29 40.69
CA ALA C 17 -13.64 -14.98 39.44
C ALA C 17 -13.28 -16.03 38.41
N ARG C 18 -13.95 -15.97 37.27
CA ARG C 18 -13.65 -16.83 36.13
C ARG C 18 -12.76 -16.04 35.17
N CYS C 19 -11.73 -16.69 34.64
CA CYS C 19 -10.90 -16.12 33.59
C CYS C 19 -10.73 -17.20 32.52
N ILE C 20 -10.88 -16.80 31.26
CA ILE C 20 -11.00 -17.75 30.16
C ILE C 20 -9.72 -18.52 29.91
N ARG C 21 -8.58 -18.03 30.42
CA ARG C 21 -7.28 -18.56 29.98
C ARG C 21 -6.27 -18.43 31.11
N CYS C 22 -6.22 -19.45 31.97
CA CYS C 22 -5.07 -19.61 32.87
C CYS C 22 -3.94 -20.27 32.09
N ALA C 23 -2.88 -20.67 32.78
CA ALA C 23 -1.76 -21.35 32.13
C ALA C 23 -2.20 -22.68 31.51
N VAL C 24 -3.35 -23.20 31.94
CA VAL C 24 -3.89 -24.46 31.41
C VAL C 24 -5.01 -24.17 30.42
N GLY C 25 -6.07 -23.50 30.89
CA GLY C 25 -7.19 -23.18 30.01
C GLY C 25 -8.29 -22.39 30.68
N SER C 26 -9.54 -22.65 30.30
CA SER C 26 -10.69 -22.04 30.97
C SER C 26 -10.63 -22.36 32.46
N CYS C 27 -10.80 -21.32 33.28
CA CYS C 27 -10.22 -21.40 34.62
C CYS C 27 -10.92 -20.45 35.57
N HIS C 28 -10.74 -20.72 36.86
CA HIS C 28 -11.15 -19.82 37.94
C HIS C 28 -9.89 -19.29 38.61
N SER C 29 -9.79 -17.98 38.72
CA SER C 29 -8.58 -17.28 39.11
C SER C 29 -8.91 -16.19 40.12
N PRO C 30 -7.92 -15.75 40.90
CA PRO C 30 -8.10 -14.55 41.72
C PRO C 30 -7.70 -13.25 41.05
N ILE C 31 -7.21 -13.31 39.80
CA ILE C 31 -6.61 -12.16 39.15
C ILE C 31 -7.35 -11.91 37.84
N ALA C 32 -8.65 -12.24 37.83
CA ALA C 32 -9.45 -11.94 36.66
C ALA C 32 -9.51 -10.43 36.43
N ILE C 33 -9.31 -10.02 35.18
CA ILE C 33 -9.29 -8.61 34.81
C ILE C 33 -10.66 -8.24 34.27
N GLU C 34 -11.30 -7.27 34.91
CA GLU C 34 -12.63 -6.84 34.48
C GLU C 34 -12.55 -5.92 33.28
N ALA C 35 -11.79 -4.82 33.40
CA ALA C 35 -11.74 -3.82 32.35
C ALA C 35 -10.38 -3.15 32.33
N VAL C 36 -10.06 -2.55 31.19
CA VAL C 36 -8.82 -1.81 30.99
C VAL C 36 -9.16 -0.50 30.29
N LYS C 37 -8.53 0.59 30.73
CA LYS C 37 -8.71 1.90 30.13
C LYS C 37 -7.35 2.45 29.71
N SER C 38 -7.27 2.92 28.47
CA SER C 38 -6.04 3.49 27.90
C SER C 38 -6.42 4.75 27.13
N ASP C 39 -6.43 5.88 27.83
CA ASP C 39 -6.72 7.18 27.23
C ASP C 39 -5.60 8.19 27.43
N GLY C 40 -4.75 8.01 28.43
CA GLY C 40 -3.63 8.92 28.64
C GLY C 40 -2.64 8.87 27.49
N HIS C 41 -1.95 9.99 27.31
CA HIS C 41 -1.05 10.17 26.18
C HIS C 41 0.27 9.43 26.34
N ASP C 42 0.84 9.44 27.53
CA ASP C 42 2.16 8.86 27.76
C ASP C 42 2.11 7.37 28.09
N GLY C 43 1.07 6.66 27.67
CA GLY C 43 0.97 5.24 27.86
C GLY C 43 0.48 4.80 29.21
N TYR C 44 0.08 5.73 30.07
CA TYR C 44 -0.44 5.36 31.39
C TYR C 44 -1.82 4.74 31.23
N VAL C 45 -1.97 3.51 31.73
CA VAL C 45 -3.20 2.73 31.57
C VAL C 45 -3.69 2.30 32.94
N ARG C 46 -5.00 2.10 33.04
CA ARG C 46 -5.66 1.70 34.28
C ARG C 46 -6.26 0.32 34.10
N LEU C 47 -5.91 -0.60 34.99
CA LEU C 47 -6.44 -1.96 35.01
C LEU C 47 -7.37 -2.09 36.20
N GLN C 48 -8.54 -2.69 35.99
CA GLN C 48 -9.46 -3.00 37.08
C GLN C 48 -9.33 -4.49 37.35
N THR C 49 -8.80 -4.83 38.53
CA THR C 49 -8.47 -6.20 38.88
C THR C 49 -9.45 -6.73 39.92
N SER C 50 -9.36 -8.03 40.20
CA SER C 50 -10.22 -8.69 41.18
C SER C 50 -9.56 -8.81 42.55
N SER C 51 -8.36 -8.25 42.74
CA SER C 51 -7.64 -8.30 44.00
C SER C 51 -7.59 -6.91 44.62
N GLN C 52 -6.91 -6.80 45.76
CA GLN C 52 -6.79 -5.54 46.50
C GLN C 52 -5.34 -5.27 46.83
N TYR C 53 -4.99 -3.99 46.89
CA TYR C 53 -3.62 -3.52 47.01
C TYR C 53 -3.53 -2.51 48.15
N GLY C 54 -2.41 -2.52 48.85
CA GLY C 54 -2.14 -1.58 49.91
C GLY C 54 -2.75 -1.93 51.26
N LEU C 55 -3.50 -3.03 51.35
CA LEU C 55 -4.15 -3.44 52.59
C LEU C 55 -3.60 -4.82 52.98
N ASP C 56 -3.17 -4.95 54.23
CA ASP C 56 -2.64 -6.21 54.73
C ASP C 56 -3.78 -7.13 55.13
N SER C 57 -3.43 -8.39 55.38
CA SER C 57 -4.41 -9.40 55.78
C SER C 57 -4.93 -9.10 57.19
N LEU C 61 -2.51 -1.68 57.06
CA LEU C 61 -1.97 -0.72 56.11
C LEU C 61 -0.48 -0.96 55.86
N LYS C 62 -0.15 -1.39 54.65
CA LYS C 62 1.21 -1.60 54.23
C LYS C 62 1.39 -1.00 52.84
N GLY C 63 2.62 -0.57 52.55
CA GLY C 63 2.89 0.14 51.31
C GLY C 63 2.62 -0.63 50.04
N ARG C 64 3.40 -1.68 49.77
CA ARG C 64 3.36 -2.40 48.50
C ARG C 64 3.09 -3.88 48.77
N THR C 65 1.81 -4.28 48.66
CA THR C 65 1.41 -5.67 48.80
C THR C 65 0.19 -5.95 47.93
N MET C 66 -0.02 -7.23 47.65
CA MET C 66 -1.19 -7.72 46.94
C MET C 66 -1.97 -8.64 47.86
N ARG C 67 -3.26 -8.34 48.05
CA ARG C 67 -4.15 -9.11 48.91
C ARG C 67 -5.22 -9.72 48.03
N TYR C 68 -5.38 -11.04 48.13
CA TYR C 68 -6.18 -11.81 47.17
C TYR C 68 -6.77 -13.02 47.87
N ASP C 69 -7.59 -13.79 47.13
CA ASP C 69 -8.43 -14.82 47.72
C ASP C 69 -8.13 -16.19 47.11
N MET C 70 -8.18 -17.19 48.00
CA MET C 70 -7.90 -18.62 47.81
C MET C 70 -8.97 -19.46 48.49
N HIS C 71 -9.95 -19.86 47.69
CA HIS C 71 -11.05 -20.74 48.09
C HIS C 71 -11.70 -20.23 49.38
N GLY C 72 -11.85 -18.91 49.46
CA GLY C 72 -12.39 -18.24 50.61
C GLY C 72 -11.38 -17.78 51.65
N THR C 73 -10.12 -18.15 51.50
CA THR C 73 -9.07 -17.77 52.44
C THR C 73 -8.23 -16.63 51.86
N ILE C 74 -8.14 -15.53 52.60
CA ILE C 74 -7.38 -14.36 52.16
C ILE C 74 -5.89 -14.61 52.38
N LYS C 75 -5.10 -14.22 51.38
CA LYS C 75 -3.64 -14.36 51.42
C LYS C 75 -3.02 -13.08 50.86
N GLU C 76 -1.74 -12.90 51.18
CA GLU C 76 -1.00 -11.70 50.81
C GLU C 76 0.34 -12.09 50.21
N ILE C 77 0.85 -11.22 49.33
CA ILE C 77 2.15 -11.43 48.68
C ILE C 77 2.82 -10.07 48.51
N PRO C 78 4.14 -9.97 48.54
CA PRO C 78 4.78 -8.69 48.19
C PRO C 78 4.48 -8.28 46.76
N LEU C 79 4.43 -6.97 46.54
CA LEU C 79 3.97 -6.44 45.26
C LEU C 79 4.96 -6.71 44.14
N HIS C 80 6.26 -6.76 44.45
CA HIS C 80 7.26 -6.88 43.39
C HIS C 80 7.36 -8.28 42.81
N GLN C 81 6.49 -9.21 43.20
CA GLN C 81 6.50 -10.55 42.62
C GLN C 81 5.62 -10.63 41.38
N VAL C 82 4.41 -10.06 41.44
CA VAL C 82 3.51 -10.10 40.29
C VAL C 82 4.12 -9.30 39.12
N SER C 83 3.81 -9.75 37.90
CA SER C 83 4.23 -9.06 36.69
C SER C 83 3.10 -9.11 35.68
N LEU C 84 3.21 -8.26 34.66
CA LEU C 84 2.26 -8.24 33.56
C LEU C 84 2.97 -7.74 32.32
N TYR C 85 2.43 -8.12 31.16
CA TYR C 85 3.05 -7.71 29.89
C TYR C 85 2.02 -7.78 28.77
N THR C 86 2.31 -7.02 27.72
CA THR C 86 1.56 -7.08 26.46
C THR C 86 2.44 -7.56 25.31
N SER C 87 3.56 -6.88 25.05
CA SER C 87 4.53 -7.30 24.05
C SER C 87 5.94 -7.26 24.64
N ARG C 88 6.18 -6.33 25.54
CA ARG C 88 7.43 -6.21 26.29
C ARG C 88 7.10 -6.16 27.78
N PRO C 89 8.06 -6.46 28.65
CA PRO C 89 7.78 -6.38 30.10
C PRO C 89 7.33 -4.99 30.50
N CYS C 90 6.19 -4.93 31.17
CA CYS C 90 5.64 -3.66 31.63
C CYS C 90 6.28 -3.30 32.97
N HIS C 91 5.82 -2.21 33.59
CA HIS C 91 6.35 -1.75 34.87
C HIS C 91 5.19 -1.31 35.74
N ILE C 92 5.07 -1.92 36.92
CA ILE C 92 4.02 -1.58 37.88
C ILE C 92 4.51 -0.41 38.72
N VAL C 93 3.64 0.58 38.91
CA VAL C 93 4.00 1.81 39.63
C VAL C 93 3.42 1.75 41.04
N ASP C 94 2.10 1.70 41.15
CA ASP C 94 1.44 1.73 42.44
C ASP C 94 0.07 1.09 42.30
N GLY C 95 -0.48 0.67 43.44
CA GLY C 95 -1.79 0.05 43.47
C GLY C 95 -2.57 0.53 44.67
N HIS C 96 -3.89 0.60 44.50
CA HIS C 96 -4.77 1.05 45.58
C HIS C 96 -6.15 0.46 45.35
N GLY C 97 -6.49 -0.57 46.12
CA GLY C 97 -7.82 -1.15 46.01
C GLY C 97 -7.95 -2.02 44.77
N TYR C 98 -9.08 -1.86 44.06
CA TYR C 98 -9.40 -2.65 42.90
C TYR C 98 -8.79 -2.11 41.62
N PHE C 99 -7.78 -1.24 41.71
CA PHE C 99 -7.26 -0.53 40.55
C PHE C 99 -5.74 -0.60 40.54
N LEU C 100 -5.18 -0.70 39.32
CA LEU C 100 -3.75 -0.73 39.09
C LEU C 100 -3.41 0.29 38.02
N LEU C 101 -2.32 1.03 38.25
CA LEU C 101 -1.79 1.97 37.27
C LEU C 101 -0.52 1.40 36.66
N ALA C 102 -0.50 1.29 35.33
CA ALA C 102 0.60 0.67 34.61
C ALA C 102 1.12 1.62 33.54
N ARG C 103 2.39 1.43 33.18
CA ARG C 103 3.08 2.28 32.20
C ARG C 103 3.93 1.38 31.33
N CYS C 104 3.45 1.07 30.12
CA CYS C 104 4.21 0.26 29.18
C CYS C 104 3.60 0.39 27.79
N PRO C 105 4.33 0.03 26.73
CA PRO C 105 3.94 0.47 25.38
C PRO C 105 2.73 -0.24 24.80
N ALA C 106 2.42 0.06 23.54
CA ALA C 106 1.22 -0.44 22.89
C ALA C 106 1.23 -1.96 22.82
N GLY C 107 0.08 -2.51 22.43
CA GLY C 107 -0.08 -3.94 22.33
C GLY C 107 -1.49 -4.29 21.89
N ASP C 108 -1.84 -5.56 22.07
CA ASP C 108 -3.17 -6.06 21.74
C ASP C 108 -3.82 -6.89 22.83
N SER C 109 -3.06 -7.44 23.78
CA SER C 109 -3.62 -8.23 24.86
C SER C 109 -2.85 -7.91 26.14
N ILE C 110 -3.51 -8.14 27.28
CA ILE C 110 -2.93 -7.88 28.59
C ILE C 110 -2.81 -9.21 29.32
N THR C 111 -1.58 -9.61 29.65
CA THR C 111 -1.33 -10.83 30.41
C THR C 111 -0.84 -10.41 31.79
N MET C 112 -1.40 -11.01 32.84
CA MET C 112 -0.96 -10.74 34.21
C MET C 112 -0.75 -12.07 34.92
N GLU C 113 0.38 -12.18 35.63
CA GLU C 113 0.82 -13.45 36.19
C GLU C 113 1.61 -13.22 37.47
N PHE C 114 1.67 -14.27 38.28
CA PHE C 114 2.55 -14.34 39.44
C PHE C 114 2.83 -15.80 39.74
N LYS C 115 3.84 -16.03 40.58
CA LYS C 115 4.33 -17.37 40.88
C LYS C 115 4.33 -17.60 42.38
N LYS C 116 3.63 -18.64 42.81
CA LYS C 116 3.64 -19.10 44.19
C LYS C 116 4.85 -20.03 44.38
N ASP C 117 4.95 -20.64 45.58
CA ASP C 117 6.04 -21.57 45.85
C ASP C 117 6.18 -22.64 44.77
N SER C 118 5.06 -23.21 44.31
CA SER C 118 5.09 -24.22 43.27
C SER C 118 4.03 -24.07 42.19
N VAL C 119 3.00 -23.25 42.37
CA VAL C 119 1.93 -23.09 41.40
C VAL C 119 2.01 -21.68 40.81
N ARG C 120 1.96 -21.61 39.49
CA ARG C 120 1.93 -20.35 38.77
C ARG C 120 0.50 -19.98 38.43
N HIS C 121 0.10 -18.74 38.74
CA HIS C 121 -1.20 -18.22 38.40
C HIS C 121 -1.04 -17.14 37.34
N SER C 122 -1.95 -17.13 36.36
CA SER C 122 -1.88 -16.15 35.30
C SER C 122 -3.22 -16.11 34.60
N CYS C 123 -3.46 -15.04 33.85
CA CYS C 123 -4.29 -15.15 32.65
C CYS C 123 -4.13 -13.93 31.77
N SER C 124 -4.60 -14.07 30.53
CA SER C 124 -4.48 -13.06 29.48
C SER C 124 -5.87 -12.71 28.97
N VAL C 125 -6.10 -11.42 28.74
CA VAL C 125 -7.38 -10.93 28.25
C VAL C 125 -7.11 -10.14 26.96
N PRO C 126 -7.88 -10.36 25.87
CA PRO C 126 -7.65 -9.59 24.64
C PRO C 126 -8.44 -8.28 24.55
N TYR C 127 -7.95 -7.26 25.27
CA TYR C 127 -8.48 -5.91 25.20
C TYR C 127 -7.39 -4.99 24.65
N GLU C 128 -7.75 -4.17 23.68
CA GLU C 128 -6.77 -3.33 23.00
C GLU C 128 -6.18 -2.30 23.95
N VAL C 129 -4.87 -2.10 23.84
CA VAL C 129 -4.15 -1.05 24.54
C VAL C 129 -3.46 -0.19 23.50
N LYS C 130 -3.64 1.12 23.59
CA LYS C 130 -3.25 2.05 22.53
C LYS C 130 -2.32 3.12 23.10
N PHE C 131 -1.28 3.44 22.33
CA PHE C 131 -0.30 4.46 22.70
C PHE C 131 -0.52 5.69 21.85
N ASN C 132 -0.76 6.84 22.49
CA ASN C 132 -1.19 8.05 21.81
C ASN C 132 -0.05 9.06 21.78
N PRO C 133 0.48 9.46 20.63
CA PRO C 133 1.51 10.51 20.62
C PRO C 133 0.91 11.89 20.79
N VAL C 134 1.72 12.79 21.34
CA VAL C 134 1.33 14.17 21.61
C VAL C 134 1.85 15.06 20.49
N GLY C 135 0.99 15.92 19.97
CA GLY C 135 1.40 16.88 18.96
C GLY C 135 1.19 16.36 17.56
N ARG C 136 2.23 16.46 16.73
CA ARG C 136 2.16 16.05 15.33
C ARG C 136 3.44 15.32 14.90
N GLU C 137 4.14 14.71 15.86
CA GLU C 137 5.37 13.96 15.60
C GLU C 137 5.17 12.56 16.16
N LEU C 138 4.84 11.62 15.29
CA LEU C 138 4.56 10.26 15.74
C LEU C 138 5.84 9.58 16.23
N TYR C 139 5.77 9.02 17.44
CA TYR C 139 6.91 8.31 18.03
C TYR C 139 6.44 7.03 18.69
N THR C 140 7.37 6.25 19.23
CA THR C 140 7.08 5.03 19.97
C THR C 140 7.60 5.02 21.39
N HIS C 141 8.57 5.87 21.72
CA HIS C 141 9.14 5.98 23.06
C HIS C 141 9.47 7.46 23.28
N PRO C 142 8.99 8.09 24.35
CA PRO C 142 9.17 9.55 24.49
C PRO C 142 10.64 9.94 24.49
N PRO C 143 10.98 11.09 23.91
CA PRO C 143 12.40 11.42 23.72
C PRO C 143 13.07 11.86 25.01
N GLU C 144 14.41 11.88 24.96
CA GLU C 144 15.18 12.39 26.08
C GLU C 144 14.98 13.88 26.27
N HIS C 145 14.85 14.63 25.17
CA HIS C 145 14.77 16.08 25.21
C HIS C 145 13.80 16.56 24.14
N GLY C 146 13.34 17.80 24.29
CA GLY C 146 12.44 18.41 23.35
C GLY C 146 11.87 19.72 23.86
N VAL C 147 10.55 19.89 23.75
CA VAL C 147 9.88 21.07 24.28
C VAL C 147 8.70 20.63 25.12
N GLU C 148 7.98 21.60 25.71
CA GLU C 148 6.90 21.34 26.64
C GLU C 148 5.55 21.58 25.96
N GLN C 149 4.58 20.75 26.32
CA GLN C 149 3.21 20.88 25.82
C GLN C 149 2.28 20.47 26.96
N ALA C 150 0.98 20.72 26.77
CA ALA C 150 -0.04 20.31 27.72
C ALA C 150 -0.81 19.12 27.14
N CYS C 151 -0.60 17.94 27.69
CA CYS C 151 -1.42 16.78 27.39
C CYS C 151 -2.05 16.29 28.70
N GLN C 152 -2.79 15.19 28.60
CA GLN C 152 -3.47 14.58 29.73
C GLN C 152 -2.72 13.34 30.15
N VAL C 153 -2.34 13.26 31.43
CA VAL C 153 -1.71 12.08 32.00
C VAL C 153 -2.45 11.74 33.29
N TYR C 154 -2.32 10.48 33.70
CA TYR C 154 -3.06 9.97 34.85
C TYR C 154 -2.31 10.31 36.14
N ALA C 155 -3.05 10.83 37.11
CA ALA C 155 -2.45 11.31 38.35
C ALA C 155 -1.81 10.16 39.13
N HIS C 156 -0.74 10.49 39.84
CA HIS C 156 0.07 9.51 40.55
C HIS C 156 -0.44 9.18 41.94
N ASP C 157 -1.33 10.00 42.51
CA ASP C 157 -1.74 9.87 43.91
C ASP C 157 -3.26 9.86 44.00
N ALA C 158 -3.75 9.26 45.09
CA ALA C 158 -5.17 9.08 45.31
C ALA C 158 -5.76 10.28 46.04
N GLN C 159 -6.96 10.69 45.62
CA GLN C 159 -7.69 11.75 46.28
C GLN C 159 -9.18 11.57 45.99
N ASN C 160 -10.01 12.14 46.86
CA ASN C 160 -11.46 11.98 46.75
C ASN C 160 -11.98 12.82 45.59
N ARG C 161 -12.15 12.20 44.42
CA ARG C 161 -12.66 12.86 43.24
C ARG C 161 -14.17 12.65 43.13
N GLY C 162 -14.76 13.18 42.06
CA GLY C 162 -16.20 13.13 41.89
C GLY C 162 -16.69 11.92 41.12
N ALA C 163 -15.88 10.85 41.10
CA ALA C 163 -16.21 9.62 40.41
C ALA C 163 -16.33 8.51 41.43
N TYR C 164 -17.44 7.78 41.39
CA TYR C 164 -17.75 6.76 42.39
C TYR C 164 -18.22 5.47 41.71
N VAL C 165 -17.97 4.36 42.39
CA VAL C 165 -18.44 3.05 41.95
C VAL C 165 -19.42 2.51 42.99
N GLU C 166 -20.07 1.40 42.66
CA GLU C 166 -21.11 0.80 43.47
C GLU C 166 -20.71 -0.61 43.90
N MET C 167 -20.93 -0.92 45.18
CA MET C 167 -20.77 -2.27 45.70
C MET C 167 -22.15 -2.90 45.85
N HIS C 168 -22.17 -4.18 46.24
CA HIS C 168 -23.41 -4.92 46.37
C HIS C 168 -23.25 -5.97 47.46
N LEU C 169 -24.38 -6.40 48.00
CA LEU C 169 -24.37 -7.47 48.99
C LEU C 169 -23.90 -8.77 48.32
N PRO C 170 -22.94 -9.49 48.89
CA PRO C 170 -22.45 -10.70 48.23
C PRO C 170 -23.51 -11.79 48.18
N GLY C 171 -23.43 -12.61 47.14
CA GLY C 171 -24.34 -13.73 46.98
C GLY C 171 -23.86 -14.95 47.75
N SER C 172 -24.56 -16.05 47.52
CA SER C 172 -24.25 -17.32 48.16
C SER C 172 -23.22 -18.08 47.33
N GLU C 173 -22.12 -18.45 47.97
CA GLU C 173 -21.00 -19.13 47.30
C GLU C 173 -21.05 -20.61 47.66
N VAL C 174 -21.27 -21.44 46.64
CA VAL C 174 -21.29 -22.89 46.84
C VAL C 174 -19.85 -23.37 47.04
N ASP C 175 -19.67 -24.29 47.98
CA ASP C 175 -18.36 -24.89 48.23
C ASP C 175 -18.56 -26.38 48.45
N SER C 176 -18.05 -27.19 47.52
CA SER C 176 -18.14 -28.64 47.65
C SER C 176 -17.25 -29.17 48.77
N SER C 177 -16.28 -28.38 49.23
CA SER C 177 -15.39 -28.86 50.29
C SER C 177 -16.14 -29.04 51.60
N LEU C 178 -17.13 -28.18 51.87
CA LEU C 178 -17.85 -28.24 53.14
C LEU C 178 -18.58 -29.57 53.29
N VAL C 179 -19.24 -30.02 52.22
CA VAL C 179 -20.00 -31.26 52.29
C VAL C 179 -19.04 -32.45 52.26
N SER C 180 -19.38 -33.48 53.03
CA SER C 180 -18.59 -34.70 53.09
C SER C 180 -19.51 -35.87 53.40
N LEU C 181 -19.04 -37.07 53.10
CA LEU C 181 -19.83 -38.29 53.24
C LEU C 181 -19.53 -38.96 54.58
N SER C 182 -20.57 -39.18 55.37
CA SER C 182 -20.47 -39.98 56.59
C SER C 182 -20.71 -41.44 56.23
N GLY C 183 -20.92 -42.28 57.25
CA GLY C 183 -21.19 -43.69 56.99
C GLY C 183 -22.46 -43.89 56.19
N SER C 184 -23.52 -43.15 56.53
CA SER C 184 -24.80 -43.24 55.82
C SER C 184 -25.42 -41.89 55.50
N SER C 185 -25.06 -40.82 56.20
CA SER C 185 -25.63 -39.49 56.00
C SER C 185 -24.59 -38.58 55.36
N VAL C 186 -24.98 -37.32 55.15
CA VAL C 186 -24.12 -36.29 54.60
C VAL C 186 -23.75 -35.33 55.72
N THR C 187 -22.45 -35.06 55.86
CA THR C 187 -21.93 -34.21 56.93
C THR C 187 -21.63 -32.82 56.38
N VAL C 188 -22.10 -31.80 57.07
CA VAL C 188 -21.87 -30.41 56.71
C VAL C 188 -21.10 -29.75 57.84
N THR C 189 -19.96 -29.13 57.52
CA THR C 189 -19.06 -28.54 58.51
C THR C 189 -18.76 -27.09 58.10
N PRO C 190 -19.65 -26.16 58.43
CA PRO C 190 -19.38 -24.76 58.10
C PRO C 190 -18.15 -24.26 58.85
N PRO C 191 -17.44 -23.29 58.28
CA PRO C 191 -16.25 -22.78 58.98
C PRO C 191 -16.62 -22.06 60.27
N ASP C 192 -15.68 -22.02 61.20
CA ASP C 192 -15.92 -21.40 62.49
C ASP C 192 -16.27 -19.93 62.32
N GLY C 193 -17.29 -19.49 63.05
CA GLY C 193 -17.67 -18.09 63.06
C GLY C 193 -18.35 -17.59 61.80
N THR C 194 -18.99 -18.49 61.05
CA THR C 194 -19.69 -18.10 59.83
C THR C 194 -20.86 -19.04 59.62
N SER C 195 -21.92 -18.53 58.99
CA SER C 195 -23.13 -19.32 58.77
C SER C 195 -23.18 -19.87 57.34
N ALA C 196 -23.89 -20.98 57.20
CA ALA C 196 -24.01 -21.66 55.92
C ALA C 196 -25.47 -22.03 55.69
N LEU C 197 -25.81 -22.22 54.42
CA LEU C 197 -27.16 -22.58 54.00
C LEU C 197 -27.08 -23.87 53.19
N VAL C 198 -27.78 -24.90 53.65
CA VAL C 198 -27.81 -26.20 52.99
C VAL C 198 -29.18 -26.36 52.34
N GLU C 199 -29.17 -26.63 51.04
CA GLU C 199 -30.39 -26.85 50.26
C GLU C 199 -30.27 -28.16 49.51
N CYS C 200 -31.30 -29.01 49.64
CA CYS C 200 -31.24 -30.36 49.08
C CYS C 200 -32.59 -30.83 48.57
N GLU C 201 -32.51 -31.86 47.72
CA GLU C 201 -33.67 -32.52 47.12
C GLU C 201 -33.50 -34.03 47.13
N CYS C 202 -32.65 -34.57 48.03
CA CYS C 202 -32.46 -36.02 48.06
C CYS C 202 -33.76 -36.73 48.39
N GLY C 203 -34.54 -36.19 49.31
CA GLY C 203 -35.90 -36.60 49.54
C GLY C 203 -36.85 -35.58 48.95
N GLY C 204 -37.40 -34.72 49.81
CA GLY C 204 -38.16 -33.56 49.37
C GLY C 204 -37.32 -32.29 49.40
N THR C 205 -38.00 -31.17 49.21
CA THR C 205 -37.33 -29.87 49.29
C THR C 205 -36.79 -29.64 50.70
N LYS C 206 -35.55 -29.16 50.78
CA LYS C 206 -34.90 -28.91 52.06
C LYS C 206 -34.27 -27.52 52.03
N ILE C 207 -34.30 -26.86 53.19
CA ILE C 207 -33.63 -25.59 53.38
C ILE C 207 -33.26 -25.49 54.86
N SER C 208 -31.98 -25.25 55.15
CA SER C 208 -31.54 -25.20 56.54
C SER C 208 -30.40 -24.22 56.68
N GLU C 209 -30.55 -23.26 57.60
CA GLU C 209 -29.51 -22.29 57.93
C GLU C 209 -28.77 -22.83 59.15
N THR C 210 -27.53 -23.30 58.95
CA THR C 210 -26.70 -23.77 60.05
C THR C 210 -25.73 -22.68 60.46
N ILE C 211 -25.51 -22.57 61.77
CA ILE C 211 -24.63 -21.56 62.36
C ILE C 211 -23.58 -22.33 63.15
N ASN C 212 -22.47 -22.68 62.49
CA ASN C 212 -21.36 -23.38 63.11
C ASN C 212 -21.82 -24.65 63.83
N LYS C 213 -22.76 -25.35 63.20
CA LYS C 213 -23.32 -26.59 63.74
C LYS C 213 -23.07 -27.71 62.74
N THR C 214 -22.44 -28.79 63.21
CA THR C 214 -22.18 -29.97 62.38
C THR C 214 -23.39 -30.87 62.45
N LYS C 215 -24.28 -30.71 61.47
CA LYS C 215 -25.56 -31.42 61.42
C LYS C 215 -25.58 -32.39 60.25
N GLN C 216 -26.15 -33.57 60.48
CA GLN C 216 -26.36 -34.57 59.45
C GLN C 216 -27.85 -34.68 59.14
N PHE C 217 -28.17 -34.91 57.87
CA PHE C 217 -29.54 -35.00 57.39
C PHE C 217 -29.82 -36.41 56.91
N SER C 218 -30.99 -36.93 57.27
CA SER C 218 -31.40 -38.27 56.88
C SER C 218 -31.97 -38.26 55.47
N GLN C 219 -32.27 -39.45 54.96
CA GLN C 219 -32.87 -39.70 53.64
C GLN C 219 -31.91 -39.41 52.49
N CYS C 220 -30.68 -38.98 52.74
CA CYS C 220 -29.69 -38.69 51.72
C CYS C 220 -28.56 -39.70 51.84
N THR C 221 -28.21 -40.33 50.71
CA THR C 221 -27.18 -41.37 50.68
C THR C 221 -25.93 -40.87 49.98
N LYS C 222 -26.06 -40.38 48.76
CA LYS C 222 -24.95 -39.80 48.01
C LYS C 222 -24.81 -38.32 48.35
N LYS C 223 -23.66 -37.74 48.03
CA LYS C 223 -23.38 -36.34 48.34
C LYS C 223 -23.68 -35.40 47.18
N GLU C 224 -23.68 -35.88 45.94
CA GLU C 224 -23.85 -35.02 44.77
C GLU C 224 -25.27 -34.50 44.59
N GLN C 225 -26.26 -34.99 45.36
CA GLN C 225 -27.62 -34.55 45.12
C GLN C 225 -27.81 -33.05 45.37
N CYS C 226 -27.03 -32.46 46.29
CA CYS C 226 -27.43 -31.18 46.84
C CYS C 226 -26.23 -30.34 47.25
N ARG C 227 -26.51 -29.13 47.75
CA ARG C 227 -25.48 -28.10 47.85
C ARG C 227 -25.51 -27.43 49.22
N ALA C 228 -24.33 -26.92 49.61
CA ALA C 228 -24.15 -26.08 50.77
C ALA C 228 -23.42 -24.82 50.36
N TYR C 229 -23.85 -23.68 50.92
CA TYR C 229 -23.38 -22.35 50.58
C TYR C 229 -22.67 -21.73 51.78
N ARG C 230 -22.25 -20.48 51.60
CA ARG C 230 -21.58 -19.68 52.63
C ARG C 230 -22.26 -18.33 52.69
N LEU C 231 -22.43 -17.79 53.89
CA LEU C 231 -23.12 -16.52 54.09
C LEU C 231 -22.21 -15.52 54.77
N GLN C 232 -22.19 -14.29 54.23
CA GLN C 232 -21.43 -13.20 54.81
C GLN C 232 -22.23 -11.91 54.62
N ASN C 233 -22.25 -11.09 55.66
CA ASN C 233 -22.98 -9.83 55.64
C ASN C 233 -22.10 -8.62 55.39
N ASP C 234 -20.92 -8.56 56.00
CA ASP C 234 -19.98 -7.48 55.77
C ASP C 234 -19.10 -7.81 54.56
N LYS C 235 -18.05 -7.03 54.34
CA LYS C 235 -17.07 -7.29 53.28
C LYS C 235 -17.75 -7.32 51.91
N TRP C 236 -18.25 -6.15 51.50
CA TRP C 236 -18.96 -6.02 50.24
C TRP C 236 -18.04 -6.32 49.07
N VAL C 237 -18.63 -6.38 47.88
CA VAL C 237 -17.92 -6.66 46.64
C VAL C 237 -18.38 -5.66 45.57
N TYR C 238 -17.52 -5.47 44.58
CA TYR C 238 -17.83 -4.58 43.46
C TYR C 238 -18.98 -5.18 42.64
N ASN C 239 -19.64 -4.31 41.86
CA ASN C 239 -20.69 -4.73 40.94
C ASN C 239 -20.10 -5.52 39.78
N SER C 240 -19.55 -6.70 40.06
CA SER C 240 -18.93 -7.53 39.03
C SER C 240 -19.99 -8.33 38.29
N ASP C 241 -19.78 -8.50 36.99
CA ASP C 241 -20.70 -9.27 36.15
C ASP C 241 -20.52 -10.77 36.29
N LYS C 242 -19.54 -11.23 37.08
CA LYS C 242 -19.18 -12.64 37.16
C LYS C 242 -19.72 -13.32 38.42
N LEU C 243 -20.64 -12.66 39.14
CA LEU C 243 -21.16 -13.17 40.40
C LEU C 243 -22.67 -13.16 40.41
N PRO C 244 -23.32 -14.09 41.12
CA PRO C 244 -24.76 -13.96 41.36
C PRO C 244 -25.03 -12.90 42.42
N LYS C 245 -26.25 -12.37 42.41
CA LYS C 245 -26.60 -11.27 43.29
C LYS C 245 -27.34 -11.79 44.51
N ALA C 246 -27.43 -10.93 45.53
CA ALA C 246 -28.14 -11.25 46.75
C ALA C 246 -29.63 -10.94 46.55
N ALA C 247 -30.39 -10.97 47.65
CA ALA C 247 -31.85 -10.81 47.61
C ALA C 247 -32.23 -9.47 48.24
N GLY C 248 -32.53 -8.50 47.38
CA GLY C 248 -33.20 -7.28 47.79
C GLY C 248 -32.39 -6.00 47.72
N ALA C 249 -32.54 -5.29 46.61
CA ALA C 249 -32.15 -3.88 46.44
C ALA C 249 -30.65 -3.64 46.34
N THR C 250 -29.82 -4.63 46.71
CA THR C 250 -28.41 -4.75 46.31
C THR C 250 -27.59 -3.46 46.42
N LEU C 251 -27.99 -2.50 47.26
CA LEU C 251 -27.37 -1.19 47.31
C LEU C 251 -27.12 -0.78 48.76
N LYS C 252 -25.86 -0.43 49.08
CA LYS C 252 -25.52 0.02 50.42
C LYS C 252 -24.49 1.15 50.43
N GLY C 253 -24.30 1.86 49.32
CA GLY C 253 -23.42 3.02 49.27
C GLY C 253 -22.60 3.04 48.00
N LYS C 254 -21.46 3.73 48.06
CA LYS C 254 -20.55 3.83 46.93
C LYS C 254 -19.16 4.21 47.43
N LEU C 255 -18.16 3.94 46.58
CA LEU C 255 -16.76 4.21 46.88
C LEU C 255 -16.15 5.06 45.77
N HIS C 256 -15.19 5.90 46.15
CA HIS C 256 -14.50 6.75 45.19
C HIS C 256 -13.46 5.94 44.41
N VAL C 257 -13.19 6.38 43.18
CA VAL C 257 -12.19 5.74 42.32
C VAL C 257 -10.96 6.65 42.26
N PRO C 258 -9.78 6.21 42.74
CA PRO C 258 -8.58 7.04 42.58
C PRO C 258 -8.01 7.00 41.17
N PHE C 259 -6.85 7.64 40.99
CA PHE C 259 -6.13 7.64 39.72
C PHE C 259 -6.98 8.20 38.59
N LEU C 260 -7.69 9.29 38.86
CA LEU C 260 -8.40 10.02 37.82
C LEU C 260 -7.41 10.88 37.04
N LEU C 261 -7.69 11.07 35.76
CA LEU C 261 -6.77 11.79 34.89
C LEU C 261 -6.71 13.27 35.28
N ALA C 262 -5.67 13.94 34.79
CA ALA C 262 -5.44 15.33 35.11
C ALA C 262 -4.59 15.95 34.00
N ASP C 263 -4.35 17.25 34.11
CA ASP C 263 -3.53 17.99 33.16
C ASP C 263 -2.13 18.17 33.72
N GLY C 264 -1.13 18.08 32.85
CA GLY C 264 0.26 18.23 33.26
C GLY C 264 1.12 18.68 32.11
N LYS C 265 2.40 18.85 32.42
CA LYS C 265 3.39 19.27 31.44
C LYS C 265 4.04 18.04 30.81
N CYS C 266 4.22 18.08 29.50
CA CYS C 266 4.55 16.92 28.69
C CYS C 266 5.77 17.24 27.85
N THR C 267 6.74 16.32 27.80
CA THR C 267 7.85 16.45 26.88
C THR C 267 7.46 15.92 25.51
N VAL C 268 7.72 16.72 24.47
CA VAL C 268 7.39 16.36 23.09
C VAL C 268 8.63 16.59 22.24
N PRO C 269 8.96 15.70 21.28
CA PRO C 269 10.20 15.88 20.52
C PRO C 269 10.18 17.14 19.66
N LEU C 270 11.34 17.46 19.11
CA LEU C 270 11.53 18.60 18.23
C LEU C 270 12.17 18.12 16.93
N ALA C 271 11.58 18.51 15.81
CA ALA C 271 12.08 18.07 14.51
C ALA C 271 13.29 18.90 14.09
N PRO C 272 14.15 18.37 13.21
CA PRO C 272 15.28 19.16 12.72
C PRO C 272 14.83 20.33 11.88
N GLU C 273 15.64 21.38 11.88
CA GLU C 273 15.31 22.60 11.13
C GLU C 273 15.38 22.31 9.63
N PRO C 274 14.33 22.59 8.86
CA PRO C 274 14.42 22.36 7.40
C PRO C 274 15.19 23.48 6.71
N MET C 275 16.01 23.10 5.75
CA MET C 275 16.88 24.05 5.08
C MET C 275 16.14 24.66 3.89
N ILE C 276 15.97 25.98 3.90
CA ILE C 276 15.19 26.69 2.91
C ILE C 276 16.10 27.25 1.83
N THR C 277 15.65 27.17 0.57
CA THR C 277 16.32 27.83 -0.55
C THR C 277 15.27 28.60 -1.34
N PHE C 278 15.54 29.87 -1.60
CA PHE C 278 14.57 30.80 -2.15
C PHE C 278 14.88 31.13 -3.60
N GLY C 279 13.82 31.24 -4.41
CA GLY C 279 13.92 31.71 -5.77
C GLY C 279 12.73 32.58 -6.10
N PHE C 280 12.67 33.04 -7.35
CA PHE C 280 11.67 34.01 -7.76
C PHE C 280 10.27 33.48 -7.48
N ARG C 281 9.61 34.07 -6.48
CA ARG C 281 8.25 33.70 -6.07
C ARG C 281 8.13 32.22 -5.71
N SER C 282 9.22 31.60 -5.25
CA SER C 282 9.18 30.17 -4.95
C SER C 282 10.16 29.85 -3.85
N VAL C 283 9.91 28.71 -3.19
CA VAL C 283 10.75 28.23 -2.10
C VAL C 283 10.87 26.72 -2.24
N SER C 284 12.01 26.19 -1.80
CA SER C 284 12.26 24.76 -1.76
C SER C 284 12.80 24.38 -0.40
N LEU C 285 12.28 23.29 0.15
CA LEU C 285 12.56 22.86 1.52
C LEU C 285 13.37 21.56 1.48
N LYS C 286 14.70 21.68 1.51
CA LYS C 286 15.52 20.51 1.75
C LYS C 286 15.21 19.97 3.14
N LEU C 287 14.84 18.71 3.20
CA LEU C 287 14.11 18.16 4.34
C LEU C 287 14.66 16.79 4.69
N HIS C 288 14.79 16.52 5.98
CA HIS C 288 15.32 15.25 6.48
C HIS C 288 14.71 14.92 7.84
N PRO C 289 13.65 14.10 7.90
CA PRO C 289 13.03 13.80 9.18
C PRO C 289 13.68 12.64 9.92
N LYS C 290 13.64 12.74 11.24
CA LYS C 290 14.06 11.64 12.11
C LYS C 290 12.95 10.62 12.30
N ASN C 291 11.69 11.06 12.28
CA ASN C 291 10.53 10.20 12.42
C ASN C 291 9.43 10.77 11.54
N PRO C 292 8.36 10.00 11.29
CA PRO C 292 7.25 10.54 10.49
C PRO C 292 6.72 11.83 11.09
N THR C 293 6.51 12.82 10.22
CA THR C 293 6.16 14.17 10.67
C THR C 293 5.20 14.83 9.67
N TYR C 294 4.44 15.78 10.20
CA TYR C 294 3.38 16.44 9.46
C TYR C 294 3.85 17.79 8.91
N LEU C 295 3.54 18.03 7.65
CA LEU C 295 3.58 19.34 7.04
C LEU C 295 2.16 19.86 6.92
N ILE C 296 1.94 21.09 7.38
CA ILE C 296 0.70 21.81 7.11
C ILE C 296 1.07 23.16 6.51
N THR C 297 0.52 23.46 5.34
CA THR C 297 0.84 24.67 4.60
C THR C 297 -0.43 25.38 4.19
N ARG C 298 -0.39 26.71 4.25
CA ARG C 298 -1.53 27.57 4.01
C ARG C 298 -1.08 28.81 3.26
N GLN C 299 -2.00 29.40 2.50
CA GLN C 299 -1.81 30.70 1.87
C GLN C 299 -2.62 31.75 2.61
N LEU C 300 -2.17 33.00 2.52
CA LEU C 300 -2.77 34.10 3.27
C LEU C 300 -3.77 34.88 2.42
N ALA C 301 -4.47 34.20 1.52
CA ALA C 301 -5.45 34.82 0.63
C ALA C 301 -6.86 34.45 1.09
N ASP C 302 -7.86 34.85 0.29
CA ASP C 302 -9.24 34.53 0.62
C ASP C 302 -9.47 33.03 0.66
N GLU C 303 -8.73 32.28 -0.15
CA GLU C 303 -8.79 30.83 -0.18
C GLU C 303 -7.42 30.26 0.20
N PRO C 304 -7.34 29.27 1.11
CA PRO C 304 -6.03 28.88 1.65
C PRO C 304 -5.25 27.89 0.79
N HIS C 305 -5.95 27.03 0.06
CA HIS C 305 -5.33 25.85 -0.56
C HIS C 305 -4.52 25.07 0.47
N TYR C 306 -5.13 24.86 1.63
CA TYR C 306 -4.45 24.17 2.72
C TYR C 306 -4.03 22.77 2.29
N THR C 307 -2.79 22.40 2.58
CA THR C 307 -2.28 21.07 2.28
C THR C 307 -1.66 20.45 3.53
N HIS C 308 -2.05 19.21 3.81
CA HIS C 308 -1.65 18.44 4.97
C HIS C 308 -1.02 17.13 4.50
N GLU C 309 0.15 16.80 5.04
CA GLU C 309 0.93 15.70 4.47
C GLU C 309 1.79 15.06 5.55
N LEU C 310 1.90 13.73 5.52
CA LEU C 310 2.78 12.95 6.40
C LEU C 310 3.98 12.42 5.63
N ILE C 311 5.18 12.82 6.05
CA ILE C 311 6.43 12.44 5.40
C ILE C 311 7.28 11.69 6.42
N SER C 312 7.80 10.53 6.03
CA SER C 312 8.68 9.73 6.86
C SER C 312 10.02 9.43 6.19
N GLU C 313 10.34 10.10 5.09
CA GLU C 313 11.56 9.88 4.36
C GLU C 313 12.04 11.21 3.80
N PRO C 314 13.33 11.34 3.46
CA PRO C 314 13.77 12.56 2.78
C PRO C 314 13.05 12.74 1.45
N ALA C 315 12.72 13.98 1.13
CA ALA C 315 11.95 14.29 -0.06
C ALA C 315 12.23 15.74 -0.46
N VAL C 316 11.61 16.16 -1.56
CA VAL C 316 11.77 17.50 -2.11
C VAL C 316 10.39 18.05 -2.45
N ARG C 317 10.17 19.32 -2.11
CA ARG C 317 8.90 19.99 -2.40
C ARG C 317 9.19 21.43 -2.78
N ASN C 318 8.62 21.87 -3.90
CA ASN C 318 8.76 23.23 -4.40
C ASN C 318 7.42 23.93 -4.31
N PHE C 319 7.38 25.04 -3.56
CA PHE C 319 6.16 25.79 -3.29
C PHE C 319 6.25 27.16 -3.95
N THR C 320 5.08 27.67 -4.36
CA THR C 320 4.95 28.99 -4.95
C THR C 320 4.39 29.95 -3.91
N VAL C 321 4.92 31.17 -3.89
CA VAL C 321 4.53 32.20 -2.92
C VAL C 321 4.20 33.47 -3.68
N THR C 322 3.11 34.13 -3.28
CA THR C 322 2.67 35.40 -3.84
C THR C 322 2.81 36.50 -2.78
N GLU C 323 2.46 37.72 -3.17
CA GLU C 323 2.64 38.86 -2.27
C GLU C 323 1.68 38.80 -1.08
N LYS C 324 0.51 38.17 -1.26
CA LYS C 324 -0.44 38.07 -0.16
C LYS C 324 0.16 37.31 1.02
N GLY C 325 0.82 36.18 0.76
CA GLY C 325 1.62 35.51 1.76
C GLY C 325 1.51 34.00 1.86
N TRP C 326 2.54 33.38 2.44
CA TRP C 326 2.63 31.94 2.62
C TRP C 326 2.93 31.64 4.07
N GLU C 327 2.39 30.53 4.58
CA GLU C 327 2.59 30.14 5.97
C GLU C 327 2.71 28.63 6.05
N PHE C 328 3.54 28.15 6.98
CA PHE C 328 3.70 26.70 7.12
C PHE C 328 4.13 26.34 8.53
N VAL C 329 3.76 25.12 8.92
CA VAL C 329 4.22 24.50 10.16
C VAL C 329 4.76 23.11 9.81
N TRP C 330 6.02 22.87 10.14
CA TRP C 330 6.65 21.56 10.16
C TRP C 330 6.94 21.17 11.59
N GLY C 331 6.46 20.00 12.00
CA GLY C 331 6.69 19.55 13.36
C GLY C 331 6.01 20.45 14.37
N ASN C 332 6.68 20.66 15.49
CA ASN C 332 6.15 21.44 16.60
C ASN C 332 6.75 22.85 16.69
N HIS C 333 7.44 23.31 15.63
CA HIS C 333 8.00 24.64 15.66
C HIS C 333 6.89 25.69 15.61
N PRO C 334 7.16 26.91 16.05
CA PRO C 334 6.21 27.99 15.82
C PRO C 334 5.99 28.20 14.35
N PRO C 335 4.78 28.60 13.93
CA PRO C 335 4.53 28.76 12.49
C PRO C 335 5.44 29.79 11.85
N LYS C 336 5.84 29.51 10.61
CA LYS C 336 6.73 30.38 9.86
C LYS C 336 5.96 31.00 8.69
N ARG C 337 6.00 32.33 8.61
CA ARG C 337 5.29 33.10 7.60
C ARG C 337 6.29 33.81 6.72
N PHE C 338 6.14 33.65 5.41
CA PHE C 338 7.01 34.26 4.42
C PHE C 338 6.18 35.15 3.50
N TRP C 339 6.75 36.29 3.14
CA TRP C 339 6.04 37.34 2.41
C TRP C 339 6.96 37.83 1.29
N ALA C 340 6.57 37.56 0.05
CA ALA C 340 7.42 37.82 -1.10
C ALA C 340 7.53 39.32 -1.37
N GLN C 341 8.50 39.67 -2.21
CA GLN C 341 8.78 41.05 -2.58
C GLN C 341 9.10 41.12 -4.06
N GLU C 342 8.88 42.30 -4.64
CA GLU C 342 9.19 42.52 -6.05
C GLU C 342 10.70 42.58 -6.24
N THR C 343 11.16 41.98 -7.34
CA THR C 343 12.58 41.96 -7.66
C THR C 343 12.80 41.48 -9.10
N THR D 2 46.98 -10.46 28.83
CA THR D 2 45.80 -9.61 28.61
C THR D 2 45.75 -8.50 29.68
N GLU D 3 46.34 -8.78 30.84
CA GLU D 3 46.46 -7.76 31.87
C GLU D 3 47.18 -6.52 31.36
N GLU D 4 48.10 -6.71 30.40
CA GLU D 4 48.76 -5.57 29.76
C GLU D 4 47.75 -4.60 29.18
N LEU D 5 46.59 -5.10 28.73
CA LEU D 5 45.54 -4.26 28.18
C LEU D 5 44.44 -3.94 29.18
N PHE D 6 44.24 -4.76 30.22
CA PHE D 6 43.28 -4.39 31.26
C PHE D 6 43.80 -3.29 32.19
N ASN D 7 45.11 -3.20 32.42
CA ASN D 7 45.64 -2.18 33.31
C ASN D 7 45.33 -0.77 32.81
N GLU D 8 45.12 -0.62 31.49
CA GLU D 8 44.77 0.68 30.93
C GLU D 8 43.48 1.20 31.54
N TYR D 9 42.43 0.39 31.52
CA TYR D 9 41.13 0.77 32.06
C TYR D 9 40.97 0.45 33.54
N LYS D 10 41.97 -0.18 34.15
CA LYS D 10 41.89 -0.47 35.58
C LYS D 10 41.66 0.79 36.41
N LEU D 11 42.50 1.80 36.22
CA LEU D 11 42.56 2.95 37.13
C LEU D 11 41.77 4.16 36.64
N THR D 12 40.48 4.04 36.28
CA THR D 12 39.75 5.25 35.88
C THR D 12 38.63 5.64 36.85
N ARG D 13 37.47 4.96 36.80
CA ARG D 13 36.40 5.03 37.81
C ARG D 13 35.15 4.30 37.31
N PRO D 14 34.16 4.06 38.16
CA PRO D 14 32.77 4.05 37.72
C PRO D 14 32.16 5.45 37.92
N TYR D 15 31.01 5.66 37.28
CA TYR D 15 30.30 6.93 37.43
C TYR D 15 28.81 6.75 37.21
N MET D 16 28.03 7.65 37.79
CA MET D 16 26.57 7.65 37.78
C MET D 16 26.06 8.79 36.91
N ALA D 17 24.80 8.74 36.51
CA ALA D 17 24.28 9.78 35.62
C ALA D 17 22.76 9.73 35.58
N ARG D 18 22.18 10.77 34.99
CA ARG D 18 20.73 10.90 34.89
C ARG D 18 20.16 9.84 33.95
N CYS D 19 18.91 9.43 34.20
CA CYS D 19 18.20 8.42 33.45
C CYS D 19 16.77 8.89 33.24
N ILE D 20 16.25 8.68 32.03
CA ILE D 20 14.90 9.13 31.73
C ILE D 20 13.87 8.30 32.49
N ARG D 21 14.12 7.00 32.62
CA ARG D 21 13.17 6.09 33.26
C ARG D 21 13.95 5.03 34.04
N CYS D 22 13.85 5.07 35.37
CA CYS D 22 14.31 3.96 36.21
C CYS D 22 13.12 3.22 36.80
N ALA D 23 12.04 3.11 36.01
CA ALA D 23 10.74 2.58 36.36
C ALA D 23 9.91 3.57 37.18
N VAL D 24 10.50 4.68 37.63
CA VAL D 24 9.75 5.73 38.32
C VAL D 24 10.21 7.08 37.78
N GLY D 25 9.45 7.64 36.84
CA GLY D 25 9.72 8.96 36.28
C GLY D 25 11.17 9.20 35.88
N SER D 26 11.56 10.47 35.82
CA SER D 26 12.96 10.82 35.66
C SER D 26 13.73 10.40 36.92
N CYS D 27 15.01 10.08 36.76
CA CYS D 27 15.73 9.35 37.78
C CYS D 27 17.22 9.62 37.66
N HIS D 28 17.96 9.19 38.67
CA HIS D 28 19.42 9.19 38.65
C HIS D 28 19.88 7.75 38.89
N SER D 29 20.56 7.18 37.90
CA SER D 29 20.89 5.77 37.89
C SER D 29 22.36 5.57 37.54
N PRO D 30 22.97 4.43 37.96
CA PRO D 30 24.31 4.11 37.48
C PRO D 30 24.29 3.33 36.17
N ILE D 31 23.14 3.28 35.51
CA ILE D 31 22.93 2.44 34.34
C ILE D 31 22.54 3.33 33.16
N ALA D 32 23.07 4.55 33.13
CA ALA D 32 22.82 5.44 32.00
C ALA D 32 23.50 4.89 30.75
N ILE D 33 22.84 5.05 29.61
CA ILE D 33 23.34 4.60 28.32
C ILE D 33 23.78 5.82 27.53
N GLU D 34 25.04 5.83 27.09
CA GLU D 34 25.59 6.99 26.39
C GLU D 34 25.07 7.06 24.96
N ALA D 35 25.38 6.03 24.16
CA ALA D 35 24.97 6.01 22.76
C ALA D 35 24.98 4.57 22.27
N VAL D 36 24.31 4.35 21.14
CA VAL D 36 24.20 3.03 20.52
C VAL D 36 24.64 3.14 19.07
N LYS D 37 25.50 2.22 18.64
CA LYS D 37 25.95 2.13 17.27
C LYS D 37 25.62 0.73 16.74
N SER D 38 24.97 0.68 15.58
CA SER D 38 24.53 -0.59 14.98
C SER D 38 24.86 -0.55 13.50
N ASP D 39 26.01 -1.11 13.14
CA ASP D 39 26.43 -1.25 11.75
C ASP D 39 26.77 -2.68 11.36
N GLY D 40 26.99 -3.57 12.32
CA GLY D 40 27.29 -4.95 12.01
C GLY D 40 26.15 -5.64 11.29
N HIS D 41 26.51 -6.66 10.50
CA HIS D 41 25.55 -7.33 9.66
C HIS D 41 24.70 -8.34 10.42
N ASP D 42 25.38 -9.25 11.21
CA ASP D 42 24.68 -10.32 11.91
C ASP D 42 23.98 -9.85 13.18
N GLY D 43 23.85 -8.54 13.39
CA GLY D 43 23.13 -8.01 14.53
C GLY D 43 23.96 -7.72 15.75
N TYR D 44 25.29 -7.83 15.66
CA TYR D 44 26.14 -7.51 16.80
C TYR D 44 26.10 -6.00 17.05
N VAL D 45 25.90 -5.63 18.32
CA VAL D 45 25.76 -4.24 18.71
C VAL D 45 26.74 -3.95 19.83
N ARG D 46 27.20 -2.70 19.90
CA ARG D 46 28.12 -2.23 20.92
C ARG D 46 27.43 -1.16 21.74
N LEU D 47 27.45 -1.31 23.06
CA LEU D 47 26.81 -0.39 23.99
C LEU D 47 27.88 0.27 24.85
N GLN D 48 27.70 1.57 25.12
CA GLN D 48 28.63 2.36 25.93
C GLN D 48 27.88 2.79 27.19
N THR D 49 28.05 2.01 28.26
CA THR D 49 27.37 2.26 29.52
C THR D 49 28.23 3.18 30.40
N SER D 50 27.73 3.49 31.59
CA SER D 50 28.47 4.23 32.60
C SER D 50 29.33 3.33 33.46
N SER D 51 28.75 2.24 33.98
CA SER D 51 29.52 1.28 34.76
C SER D 51 30.38 0.43 33.84
N GLN D 52 31.59 0.11 34.32
CA GLN D 52 32.54 -0.69 33.58
C GLN D 52 32.41 -2.16 33.95
N TYR D 53 32.94 -3.03 33.08
CA TYR D 53 32.74 -4.47 33.17
C TYR D 53 34.09 -5.18 33.17
N GLY D 54 34.07 -6.42 33.66
CA GLY D 54 35.23 -7.29 33.59
C GLY D 54 36.24 -7.09 34.70
N LEU D 55 35.97 -6.23 35.67
CA LEU D 55 36.92 -5.94 36.74
C LEU D 55 36.24 -6.04 38.10
N LYS D 62 38.91 -10.08 37.99
CA LYS D 62 37.72 -10.91 37.97
C LYS D 62 37.30 -11.18 36.53
N GLY D 63 36.81 -12.39 36.27
CA GLY D 63 36.48 -12.79 34.92
C GLY D 63 35.26 -12.10 34.35
N ARG D 64 34.08 -12.40 34.88
CA ARG D 64 32.80 -11.89 34.37
C ARG D 64 32.04 -11.29 35.55
N THR D 65 32.27 -10.00 35.80
CA THR D 65 31.57 -9.30 36.87
C THR D 65 31.36 -7.85 36.47
N MET D 66 30.34 -7.24 37.06
CA MET D 66 30.04 -5.83 36.91
C MET D 66 30.39 -5.10 38.20
N ARG D 67 30.95 -3.90 38.06
CA ARG D 67 31.23 -3.01 39.18
C ARG D 67 30.61 -1.66 38.88
N TYR D 68 29.84 -1.12 39.83
CA TYR D 68 29.12 0.12 39.63
C TYR D 68 29.15 0.93 40.92
N ASP D 69 29.05 2.26 40.77
CA ASP D 69 29.01 3.16 41.91
C ASP D 69 27.58 3.28 42.45
N MET D 70 27.48 3.75 43.69
CA MET D 70 26.17 3.99 44.29
C MET D 70 26.37 5.05 45.37
N HIS D 71 26.02 6.29 45.04
CA HIS D 71 26.10 7.41 45.98
C HIS D 71 27.52 7.54 46.57
N GLY D 72 28.52 7.39 45.71
CA GLY D 72 29.90 7.54 46.10
C GLY D 72 30.60 6.27 46.55
N THR D 73 29.89 5.14 46.62
CA THR D 73 30.46 3.87 47.02
C THR D 73 30.37 2.87 45.89
N ILE D 74 31.38 1.99 45.82
CA ILE D 74 31.49 0.98 44.77
C ILE D 74 30.88 -0.33 45.26
N LYS D 75 30.26 -1.05 44.34
CA LYS D 75 29.71 -2.37 44.61
C LYS D 75 29.84 -3.19 43.33
N GLU D 76 29.63 -4.50 43.47
CA GLU D 76 29.81 -5.40 42.33
C GLU D 76 28.80 -6.52 42.37
N ILE D 77 28.60 -7.15 41.22
CA ILE D 77 27.62 -8.24 41.07
C ILE D 77 28.06 -9.13 39.91
N PRO D 78 27.85 -10.45 39.96
CA PRO D 78 28.19 -11.28 38.79
C PRO D 78 27.40 -10.89 37.56
N LEU D 79 28.02 -11.11 36.39
CA LEU D 79 27.49 -10.57 35.14
C LEU D 79 26.18 -11.24 34.72
N HIS D 80 25.91 -12.46 35.20
CA HIS D 80 24.76 -13.22 34.73
C HIS D 80 23.44 -12.82 35.41
N GLN D 81 23.38 -11.66 36.07
CA GLN D 81 22.16 -11.17 36.69
C GLN D 81 21.60 -9.90 36.05
N VAL D 82 22.34 -9.27 35.13
CA VAL D 82 21.90 -8.07 34.42
C VAL D 82 21.39 -8.49 33.05
N SER D 83 20.23 -7.97 32.64
CA SER D 83 19.60 -8.37 31.40
C SER D 83 19.12 -7.15 30.63
N LEU D 84 19.22 -7.23 29.30
CA LEU D 84 18.78 -6.16 28.40
C LEU D 84 17.88 -6.75 27.33
N TYR D 85 17.03 -5.89 26.76
CA TYR D 85 16.07 -6.33 25.76
C TYR D 85 15.64 -5.15 24.90
N THR D 86 15.19 -5.47 23.69
CA THR D 86 14.55 -4.51 22.79
C THR D 86 13.10 -4.90 22.50
N SER D 87 12.87 -6.11 21.99
CA SER D 87 11.53 -6.63 21.79
C SER D 87 11.43 -8.04 22.37
N ARG D 88 12.53 -8.78 22.32
CA ARG D 88 12.68 -10.07 22.96
C ARG D 88 13.99 -10.06 23.72
N PRO D 89 14.17 -10.97 24.68
CA PRO D 89 15.39 -10.93 25.51
C PRO D 89 16.66 -11.02 24.67
N CYS D 90 17.65 -10.23 25.05
CA CYS D 90 18.94 -10.20 24.36
C CYS D 90 19.91 -11.13 25.07
N HIS D 91 21.17 -11.12 24.65
CA HIS D 91 22.21 -11.96 25.25
C HIS D 91 23.50 -11.16 25.39
N ILE D 92 24.15 -11.33 26.53
CA ILE D 92 25.44 -10.68 26.81
C ILE D 92 26.54 -11.67 26.46
N VAL D 93 27.50 -11.22 25.65
CA VAL D 93 28.61 -12.07 25.22
C VAL D 93 29.84 -11.77 26.06
N ASP D 94 30.31 -10.53 26.01
CA ASP D 94 31.53 -10.14 26.72
C ASP D 94 31.46 -8.65 27.04
N GLY D 95 32.13 -8.27 28.13
CA GLY D 95 32.23 -6.88 28.52
C GLY D 95 33.60 -6.54 29.06
N HIS D 96 34.18 -5.44 28.57
CA HIS D 96 35.50 -5.00 29.02
C HIS D 96 35.53 -3.48 29.01
N GLY D 97 36.07 -2.91 30.08
CA GLY D 97 36.08 -1.46 30.20
C GLY D 97 34.65 -0.93 30.25
N TYR D 98 34.43 0.19 29.58
CA TYR D 98 33.12 0.85 29.58
C TYR D 98 32.14 0.23 28.58
N PHE D 99 32.59 -0.68 27.72
CA PHE D 99 31.83 -1.08 26.55
C PHE D 99 31.34 -2.52 26.70
N LEU D 100 30.19 -2.80 26.06
CA LEU D 100 29.59 -4.12 26.03
C LEU D 100 29.31 -4.51 24.58
N LEU D 101 29.37 -5.81 24.32
CA LEU D 101 29.01 -6.38 23.03
C LEU D 101 27.80 -7.29 23.24
N ALA D 102 26.73 -7.05 22.47
CA ALA D 102 25.48 -7.80 22.58
C ALA D 102 25.05 -8.28 21.21
N ARG D 103 24.10 -9.22 21.21
CA ARG D 103 23.59 -9.80 19.97
C ARG D 103 22.12 -10.12 20.20
N CYS D 104 21.24 -9.44 19.48
CA CYS D 104 19.81 -9.69 19.54
C CYS D 104 19.13 -8.87 18.45
N PRO D 105 17.93 -9.29 18.00
CA PRO D 105 17.39 -8.76 16.74
C PRO D 105 16.92 -7.31 16.83
N ALA D 106 16.32 -6.84 15.74
CA ALA D 106 15.97 -5.42 15.60
C ALA D 106 14.95 -5.00 16.65
N GLY D 107 14.85 -3.69 16.84
CA GLY D 107 13.92 -3.13 17.79
C GLY D 107 13.85 -1.62 17.65
N ASP D 108 13.16 -0.99 18.60
CA ASP D 108 12.98 0.46 18.62
C ASP D 108 13.65 1.14 19.80
N SER D 109 13.89 0.42 20.90
CA SER D 109 14.50 1.00 22.08
C SER D 109 15.35 -0.05 22.78
N ILE D 110 16.31 0.42 23.58
CA ILE D 110 17.21 -0.43 24.35
C ILE D 110 16.85 -0.27 25.82
N THR D 111 16.51 -1.38 26.48
CA THR D 111 16.12 -1.35 27.89
C THR D 111 16.94 -2.36 28.66
N MET D 112 17.78 -1.89 29.58
CA MET D 112 18.66 -2.76 30.36
C MET D 112 18.41 -2.54 31.85
N GLU D 113 18.43 -3.64 32.61
CA GLU D 113 18.01 -3.59 34.00
C GLU D 113 18.69 -4.73 34.77
N PHE D 114 18.58 -4.63 36.10
CA PHE D 114 19.05 -5.67 37.00
C PHE D 114 18.32 -5.53 38.34
N LYS D 115 18.56 -6.49 39.23
CA LYS D 115 17.84 -6.59 40.51
C LYS D 115 18.81 -7.19 41.53
N LYS D 116 19.48 -6.33 42.29
CA LYS D 116 20.37 -6.79 43.34
C LYS D 116 19.59 -7.08 44.63
N ASP D 117 19.03 -6.04 45.22
CA ASP D 117 18.16 -6.15 46.39
C ASP D 117 16.71 -6.23 45.89
N SER D 118 15.73 -6.02 46.78
CA SER D 118 14.33 -5.98 46.38
C SER D 118 13.98 -4.60 45.79
N VAL D 119 14.78 -4.14 44.84
CA VAL D 119 14.54 -2.88 44.12
C VAL D 119 15.16 -3.03 42.75
N ARG D 120 14.38 -2.78 41.71
CA ARG D 120 14.81 -3.01 40.33
C ARG D 120 15.39 -1.74 39.74
N HIS D 121 16.60 -1.83 39.19
CA HIS D 121 17.26 -0.71 38.54
C HIS D 121 17.19 -0.92 37.04
N SER D 122 16.85 0.14 36.30
CA SER D 122 16.63 0.00 34.87
C SER D 122 16.87 1.34 34.18
N CYS D 123 17.14 1.26 32.88
CA CYS D 123 17.03 2.40 31.97
C CYS D 123 16.64 1.94 30.58
N SER D 124 15.73 2.70 29.97
CA SER D 124 15.29 2.51 28.60
C SER D 124 15.58 3.77 27.81
N VAL D 125 16.10 3.60 26.59
CA VAL D 125 16.46 4.74 25.73
C VAL D 125 15.97 4.47 24.32
N PRO D 126 15.53 5.57 23.60
CA PRO D 126 15.06 5.42 22.21
C PRO D 126 16.17 5.59 21.17
N TYR D 127 17.01 4.58 21.05
CA TYR D 127 18.05 4.54 20.02
C TYR D 127 17.88 3.27 19.21
N GLU D 128 17.72 3.43 17.89
CA GLU D 128 17.32 2.32 17.03
C GLU D 128 18.44 1.32 16.87
N VAL D 129 18.05 0.05 16.73
CA VAL D 129 18.96 -1.05 16.41
C VAL D 129 18.43 -1.71 15.14
N LYS D 130 19.32 -1.91 14.16
CA LYS D 130 18.93 -2.26 12.80
C LYS D 130 19.61 -3.57 12.41
N PHE D 131 18.82 -4.54 11.96
CA PHE D 131 19.31 -5.85 11.53
C PHE D 131 19.53 -5.80 10.02
N ASN D 132 20.76 -6.08 9.59
CA ASN D 132 21.17 -5.91 8.20
C ASN D 132 21.36 -7.27 7.54
N PRO D 133 20.61 -7.64 6.50
CA PRO D 133 20.86 -8.93 5.85
C PRO D 133 22.04 -8.85 4.89
N VAL D 134 22.83 -9.92 4.86
CA VAL D 134 23.98 -10.01 3.97
C VAL D 134 23.51 -10.50 2.61
N GLY D 135 23.86 -9.76 1.57
CA GLY D 135 23.47 -10.11 0.22
C GLY D 135 22.13 -9.51 -0.18
N ARG D 136 21.46 -10.20 -1.09
CA ARG D 136 20.20 -9.76 -1.66
C ARG D 136 19.00 -10.57 -1.19
N GLU D 137 19.20 -11.52 -0.28
CA GLU D 137 18.13 -12.38 0.25
C GLU D 137 17.92 -11.99 1.72
N LEU D 138 16.93 -11.13 1.94
CA LEU D 138 16.68 -10.62 3.29
C LEU D 138 16.06 -11.70 4.17
N TYR D 139 16.27 -11.56 5.47
CA TYR D 139 15.75 -12.52 6.45
C TYR D 139 15.64 -11.78 7.78
N THR D 140 15.30 -12.53 8.84
CA THR D 140 15.21 -11.99 10.19
C THR D 140 16.04 -12.75 11.21
N HIS D 141 16.37 -14.01 10.96
CA HIS D 141 17.21 -14.84 11.83
C HIS D 141 18.10 -15.67 10.92
N PRO D 142 19.43 -15.68 11.11
CA PRO D 142 20.30 -16.35 10.11
C PRO D 142 19.96 -17.81 9.95
N PRO D 143 20.06 -18.35 8.73
CA PRO D 143 19.60 -19.73 8.49
C PRO D 143 20.54 -20.76 9.09
N GLU D 144 20.02 -21.98 9.21
CA GLU D 144 20.84 -23.09 9.70
C GLU D 144 21.95 -23.45 8.71
N HIS D 145 21.71 -23.27 7.42
CA HIS D 145 22.65 -23.68 6.39
C HIS D 145 22.57 -22.71 5.22
N GLY D 146 23.62 -22.73 4.39
CA GLY D 146 23.67 -21.87 3.23
C GLY D 146 25.04 -21.84 2.58
N VAL D 147 25.55 -20.64 2.27
CA VAL D 147 26.84 -20.46 1.65
C VAL D 147 27.61 -19.39 2.41
N GLU D 148 28.90 -19.28 2.09
CA GLU D 148 29.80 -18.36 2.78
C GLU D 148 29.99 -17.09 1.98
N GLN D 149 30.01 -15.95 2.67
CA GLN D 149 30.24 -14.65 2.07
C GLN D 149 30.99 -13.79 3.08
N ALA D 150 31.68 -12.77 2.58
CA ALA D 150 32.43 -11.86 3.44
C ALA D 150 31.53 -10.69 3.83
N CYS D 151 31.13 -10.64 5.11
CA CYS D 151 30.42 -9.49 5.65
C CYS D 151 31.29 -8.87 6.74
N GLN D 152 30.75 -7.85 7.40
CA GLN D 152 31.44 -7.14 8.48
C GLN D 152 30.76 -7.46 9.80
N VAL D 153 31.53 -8.00 10.74
CA VAL D 153 31.06 -8.32 12.08
C VAL D 153 32.05 -7.76 13.08
N TYR D 154 31.56 -7.51 14.29
CA TYR D 154 32.38 -6.93 15.35
C TYR D 154 33.19 -8.02 16.01
N ALA D 155 34.52 -7.85 16.03
CA ALA D 155 35.40 -8.90 16.53
C ALA D 155 35.19 -9.13 18.02
N HIS D 156 35.28 -10.40 18.41
CA HIS D 156 35.14 -10.80 19.81
C HIS D 156 36.37 -10.48 20.65
N ASP D 157 37.53 -10.28 20.01
CA ASP D 157 38.77 -10.04 20.75
C ASP D 157 38.89 -8.57 21.12
N ALA D 158 39.65 -8.33 22.19
CA ALA D 158 39.97 -6.98 22.68
C ALA D 158 41.47 -6.79 22.54
N GLN D 159 41.88 -6.05 21.51
CA GLN D 159 43.29 -5.79 21.23
C GLN D 159 43.47 -4.31 20.92
N ASN D 160 44.67 -3.81 21.16
CA ASN D 160 44.96 -2.38 21.00
C ASN D 160 44.89 -2.02 19.52
N ARG D 161 43.79 -1.39 19.12
CA ARG D 161 43.63 -0.86 17.78
C ARG D 161 43.98 0.63 17.80
N GLY D 162 43.80 1.29 16.65
CA GLY D 162 44.10 2.71 16.55
C GLY D 162 43.00 3.63 17.03
N ALA D 163 41.81 3.09 17.29
CA ALA D 163 40.70 3.91 17.77
C ALA D 163 40.89 4.25 19.25
N TYR D 164 40.66 5.51 19.58
CA TYR D 164 40.83 6.00 20.95
C TYR D 164 39.65 6.89 21.33
N VAL D 165 39.40 6.94 22.63
CA VAL D 165 38.38 7.83 23.21
C VAL D 165 39.04 8.71 24.25
N GLU D 166 38.38 9.81 24.55
CA GLU D 166 38.94 10.86 25.39
C GLU D 166 38.41 10.75 26.82
N MET D 167 39.26 11.17 27.76
CA MET D 167 38.98 11.01 29.19
C MET D 167 39.59 12.19 29.94
N HIS D 168 38.81 12.75 30.88
CA HIS D 168 39.21 13.94 31.62
C HIS D 168 39.13 13.71 33.13
N LEU D 169 39.49 14.76 33.95
CA LEU D 169 39.36 14.68 35.40
C LEU D 169 37.89 14.79 35.81
N PRO D 170 37.52 14.26 36.97
CA PRO D 170 36.12 14.31 37.39
C PRO D 170 35.69 15.69 37.84
N GLY D 171 34.38 15.92 37.77
CA GLY D 171 33.80 17.14 38.30
C GLY D 171 33.60 17.07 39.80
N SER D 172 33.37 18.25 40.40
CA SER D 172 33.17 18.35 41.84
C SER D 172 31.69 18.12 42.14
N GLU D 173 31.32 16.84 42.19
CA GLU D 173 29.93 16.48 42.45
C GLU D 173 29.54 16.83 43.88
N VAL D 174 28.30 17.28 44.05
CA VAL D 174 27.80 17.72 45.34
C VAL D 174 27.21 16.53 46.08
N ASP D 175 27.04 16.69 47.39
CA ASP D 175 26.44 15.64 48.23
C ASP D 175 25.71 16.34 49.37
N SER D 176 24.37 16.32 49.32
CA SER D 176 23.57 16.93 50.38
C SER D 176 23.57 16.10 51.66
N SER D 177 24.04 14.84 51.60
CA SER D 177 23.94 13.97 52.76
C SER D 177 24.96 14.32 53.84
N LEU D 178 26.15 14.79 53.43
CA LEU D 178 27.23 14.99 54.38
C LEU D 178 26.90 16.08 55.40
N VAL D 179 26.38 17.21 54.92
CA VAL D 179 26.08 18.32 55.82
C VAL D 179 25.02 17.88 56.82
N SER D 180 25.33 18.01 58.10
CA SER D 180 24.46 17.54 59.18
C SER D 180 24.26 18.67 60.18
N LEU D 181 23.28 18.49 61.06
CA LEU D 181 22.93 19.47 62.07
C LEU D 181 23.43 19.01 63.44
N SER D 182 24.18 19.87 64.11
CA SER D 182 24.52 19.69 65.52
C SER D 182 23.33 20.20 66.35
N GLY D 183 23.56 20.43 67.64
CA GLY D 183 22.52 21.04 68.46
C GLY D 183 22.02 22.34 67.88
N SER D 184 22.94 23.26 67.57
CA SER D 184 22.65 24.37 66.67
C SER D 184 23.95 24.73 65.96
N SER D 185 24.16 24.12 64.79
CA SER D 185 25.31 24.39 63.93
C SER D 185 25.24 23.43 62.76
N VAL D 186 26.01 23.73 61.72
CA VAL D 186 26.16 22.86 60.55
C VAL D 186 27.54 22.23 60.58
N THR D 187 27.57 20.91 60.46
CA THR D 187 28.79 20.13 60.52
C THR D 187 29.02 19.45 59.17
N VAL D 188 30.25 19.56 58.67
CA VAL D 188 30.70 18.87 57.47
C VAL D 188 31.64 17.76 57.94
N THR D 189 31.30 16.53 57.56
CA THR D 189 32.01 15.32 58.01
C THR D 189 32.45 14.55 56.78
N PRO D 190 33.62 14.86 56.22
CA PRO D 190 34.08 14.11 55.05
C PRO D 190 34.29 12.64 55.40
N PRO D 191 34.13 11.73 54.42
CA PRO D 191 34.34 10.32 54.71
C PRO D 191 35.80 9.99 55.00
N ASP D 192 36.10 8.72 55.21
CA ASP D 192 37.45 8.32 55.59
C ASP D 192 38.45 8.65 54.49
N GLY D 193 39.40 9.53 54.81
CA GLY D 193 40.50 9.83 53.91
C GLY D 193 40.10 10.44 52.58
N THR D 194 39.22 11.44 52.61
CA THR D 194 38.77 12.14 51.41
C THR D 194 38.80 13.63 51.65
N SER D 195 39.06 14.39 50.58
CA SER D 195 39.13 15.84 50.63
C SER D 195 37.89 16.46 50.00
N ALA D 196 37.55 17.66 50.46
CA ALA D 196 36.31 18.31 50.03
C ALA D 196 36.43 19.82 50.16
N LEU D 197 35.43 20.51 49.63
CA LEU D 197 35.41 21.97 49.58
C LEU D 197 34.00 22.48 49.83
N VAL D 198 33.85 23.34 50.83
CA VAL D 198 32.55 23.82 51.30
C VAL D 198 32.39 25.28 50.86
N GLU D 199 31.20 25.59 50.33
CA GLU D 199 30.91 26.91 49.78
C GLU D 199 29.56 27.41 50.30
N CYS D 200 29.54 28.72 50.68
CA CYS D 200 28.35 29.61 50.63
C CYS D 200 28.40 31.03 51.19
N GLU D 201 27.24 31.71 51.02
CA GLU D 201 27.04 33.14 51.18
C GLU D 201 26.05 33.49 52.30
N CYS D 202 25.86 32.64 53.32
CA CYS D 202 24.81 32.93 54.29
C CYS D 202 25.09 34.21 55.05
N GLY D 203 26.36 34.48 55.35
CA GLY D 203 26.78 35.78 55.87
C GLY D 203 27.55 36.54 54.81
N GLY D 204 28.88 36.52 54.88
CA GLY D 204 29.70 37.08 53.83
C GLY D 204 29.82 36.07 52.71
N THR D 205 31.05 35.78 52.27
CA THR D 205 31.30 34.70 51.32
C THR D 205 32.35 33.77 51.93
N LYS D 206 32.12 32.45 51.82
CA LYS D 206 33.03 31.46 52.37
C LYS D 206 33.26 30.35 51.37
N ILE D 207 34.53 30.10 51.05
CA ILE D 207 34.95 28.98 50.22
C ILE D 207 36.15 28.33 50.90
N SER D 208 35.91 27.27 51.67
CA SER D 208 36.93 26.63 52.48
C SER D 208 37.18 25.21 51.99
N GLU D 209 38.32 24.64 52.41
CA GLU D 209 38.71 23.29 52.03
C GLU D 209 38.97 22.46 53.27
N THR D 210 38.56 21.20 53.21
CA THR D 210 38.73 20.24 54.30
C THR D 210 39.48 19.01 53.79
N ILE D 211 40.41 18.51 54.60
CA ILE D 211 41.21 17.33 54.27
C ILE D 211 41.05 16.37 55.44
N ASN D 212 40.04 15.50 55.36
CA ASN D 212 39.80 14.46 56.36
C ASN D 212 39.67 15.04 57.76
N LYS D 213 39.05 16.21 57.86
CA LYS D 213 38.78 16.86 59.14
C LYS D 213 37.32 17.30 59.18
N THR D 214 36.63 16.94 60.26
CA THR D 214 35.25 17.37 60.44
C THR D 214 35.23 18.79 60.96
N LYS D 215 34.37 19.64 60.38
CA LYS D 215 34.33 21.06 60.70
C LYS D 215 32.91 21.49 61.03
N GLN D 216 32.76 22.19 62.15
CA GLN D 216 31.50 22.79 62.57
C GLN D 216 31.56 24.29 62.35
N PHE D 217 30.57 24.83 61.63
CA PHE D 217 30.52 26.26 61.34
C PHE D 217 29.55 26.92 62.31
N SER D 218 30.01 27.96 63.00
CA SER D 218 29.16 28.67 63.95
C SER D 218 27.97 29.31 63.24
N GLN D 219 28.22 29.94 62.10
CA GLN D 219 27.16 30.59 61.32
C GLN D 219 26.54 29.59 60.36
N CYS D 220 25.51 30.05 59.63
CA CYS D 220 24.78 29.21 58.68
C CYS D 220 24.17 28.00 59.40
N THR D 221 23.33 28.28 60.39
CA THR D 221 22.87 27.27 61.33
C THR D 221 21.61 26.57 60.85
N LYS D 222 21.55 26.19 59.58
CA LYS D 222 20.37 25.59 58.97
C LYS D 222 20.81 24.58 57.91
N LYS D 223 19.84 23.85 57.36
CA LYS D 223 20.15 22.80 56.40
C LYS D 223 20.28 23.33 54.97
N GLU D 224 19.20 23.90 54.43
CA GLU D 224 19.03 23.99 52.98
C GLU D 224 20.04 24.93 52.31
N GLN D 225 20.77 25.73 53.07
CA GLN D 225 21.57 26.78 52.46
C GLN D 225 22.66 26.28 51.53
N CYS D 226 23.52 25.36 51.96
CA CYS D 226 24.78 25.33 51.22
C CYS D 226 25.58 24.04 51.32
N ARG D 227 26.69 24.02 50.55
CA ARG D 227 27.12 22.82 49.84
C ARG D 227 28.55 22.45 50.21
N ALA D 228 28.82 21.15 50.17
CA ALA D 228 30.14 20.58 50.42
C ALA D 228 30.44 19.65 49.25
N TYR D 229 31.18 20.16 48.27
CA TYR D 229 31.59 19.36 47.13
C TYR D 229 32.75 18.44 47.53
N ARG D 230 32.93 17.38 46.75
CA ARG D 230 33.97 16.39 46.97
C ARG D 230 35.22 16.77 46.18
N LEU D 231 36.27 15.98 46.36
CA LEU D 231 37.46 16.11 45.53
C LEU D 231 37.99 14.72 45.21
N GLN D 232 38.25 14.48 43.92
CA GLN D 232 38.81 13.21 43.46
C GLN D 232 39.97 13.53 42.52
N ASN D 233 41.11 12.90 42.77
CA ASN D 233 42.36 13.21 42.07
C ASN D 233 42.96 12.01 41.35
N ASP D 234 42.87 10.82 41.94
CA ASP D 234 43.47 9.62 41.38
C ASP D 234 42.53 8.83 40.47
N LYS D 235 41.33 9.35 40.19
CA LYS D 235 40.35 8.68 39.34
C LYS D 235 39.94 9.63 38.21
N TRP D 236 39.32 9.07 37.18
CA TRP D 236 39.06 9.78 35.93
C TRP D 236 37.64 9.47 35.47
N VAL D 237 37.16 10.25 34.50
CA VAL D 237 35.83 10.06 33.91
C VAL D 237 35.91 10.24 32.41
N TYR D 238 34.90 9.72 31.72
CA TYR D 238 34.75 9.92 30.29
C TYR D 238 34.10 11.28 30.03
N ASN D 239 34.43 11.86 28.87
CA ASN D 239 33.88 13.15 28.47
C ASN D 239 32.43 12.94 28.05
N SER D 240 31.52 13.06 29.02
CA SER D 240 30.10 12.84 28.81
C SER D 240 29.32 14.07 29.28
N ASP D 241 28.13 14.24 28.70
CA ASP D 241 27.34 15.45 28.97
C ASP D 241 26.69 15.43 30.34
N LYS D 242 26.68 14.28 31.03
CA LYS D 242 25.98 14.14 32.31
C LYS D 242 26.92 14.31 33.50
N LEU D 243 27.98 15.10 33.37
CA LEU D 243 28.90 15.40 34.47
C LEU D 243 29.43 16.81 34.31
N PRO D 244 29.52 17.61 35.38
CA PRO D 244 30.14 18.93 35.25
C PRO D 244 31.64 18.82 35.04
N LYS D 245 32.20 19.86 34.42
CA LYS D 245 33.63 19.94 34.14
C LYS D 245 34.30 20.81 35.19
N ALA D 246 35.28 20.26 35.89
CA ALA D 246 36.00 21.00 36.92
C ALA D 246 36.97 21.99 36.28
N ALA D 247 37.61 22.80 37.13
CA ALA D 247 38.56 23.78 36.65
C ALA D 247 39.75 23.09 36.00
N GLY D 248 40.22 23.68 34.90
CA GLY D 248 41.35 23.14 34.15
C GLY D 248 40.94 22.55 32.82
N ALA D 249 41.51 23.07 31.74
CA ALA D 249 41.23 22.60 30.39
C ALA D 249 42.21 21.53 29.92
N THR D 250 42.86 20.83 30.85
CA THR D 250 43.81 19.78 30.51
C THR D 250 43.08 18.48 30.21
N LEU D 251 43.77 17.58 29.49
CA LEU D 251 43.21 16.32 29.04
C LEU D 251 43.93 15.10 29.61
N LYS D 252 45.26 15.11 29.66
CA LYS D 252 46.11 14.22 30.44
C LYS D 252 46.09 12.75 29.99
N GLY D 253 45.32 12.36 28.98
CA GLY D 253 45.38 10.99 28.50
C GLY D 253 44.19 10.60 27.67
N LYS D 254 44.31 9.42 27.06
CA LYS D 254 43.24 8.82 26.28
C LYS D 254 43.40 7.31 26.30
N LEU D 255 42.32 6.61 25.95
CA LEU D 255 42.24 5.14 26.05
C LEU D 255 41.68 4.58 24.75
N HIS D 256 42.11 3.36 24.42
CA HIS D 256 41.69 2.70 23.18
C HIS D 256 40.46 1.83 23.42
N VAL D 257 39.72 1.58 22.35
CA VAL D 257 38.44 0.87 22.41
C VAL D 257 38.62 -0.59 22.01
N PRO D 258 37.96 -1.54 22.69
CA PRO D 258 37.89 -2.91 22.15
C PRO D 258 36.75 -3.09 21.17
N PHE D 259 36.60 -4.30 20.63
CA PHE D 259 35.47 -4.67 19.79
C PHE D 259 35.36 -3.77 18.56
N LEU D 260 36.49 -3.52 17.92
CA LEU D 260 36.49 -2.83 16.64
C LEU D 260 35.98 -3.77 15.55
N LEU D 261 35.34 -3.18 14.54
CA LEU D 261 34.74 -3.97 13.48
C LEU D 261 35.81 -4.75 12.71
N ALA D 262 35.45 -5.94 12.26
CA ALA D 262 36.38 -6.83 11.57
C ALA D 262 35.66 -7.50 10.41
N ASP D 263 36.43 -8.24 9.61
CA ASP D 263 35.93 -8.98 8.47
C ASP D 263 36.05 -10.47 8.73
N GLY D 264 34.98 -11.21 8.42
CA GLY D 264 34.97 -12.64 8.62
C GLY D 264 33.99 -13.32 7.69
N LYS D 265 34.03 -14.64 7.67
CA LYS D 265 33.13 -15.43 6.85
C LYS D 265 31.74 -15.48 7.49
N CYS D 266 30.72 -15.55 6.65
CA CYS D 266 29.35 -15.26 7.06
C CYS D 266 28.42 -16.24 6.35
N THR D 267 27.52 -16.87 7.12
CA THR D 267 26.55 -17.77 6.53
C THR D 267 25.37 -16.97 5.97
N VAL D 268 25.01 -17.25 4.72
CA VAL D 268 23.89 -16.56 4.07
C VAL D 268 23.03 -17.58 3.34
N PRO D 269 21.74 -17.30 3.23
CA PRO D 269 20.81 -18.31 2.71
C PRO D 269 20.99 -18.56 1.22
N LEU D 270 20.36 -19.64 0.75
CA LEU D 270 20.32 -20.01 -0.66
C LEU D 270 18.87 -20.18 -1.08
N ALA D 271 18.51 -19.55 -2.20
CA ALA D 271 17.14 -19.58 -2.67
C ALA D 271 16.86 -20.88 -3.43
N PRO D 272 15.59 -21.29 -3.52
CA PRO D 272 15.28 -22.51 -4.28
C PRO D 272 15.60 -22.35 -5.76
N GLU D 273 15.94 -23.47 -6.40
CA GLU D 273 16.34 -23.45 -7.79
C GLU D 273 15.12 -23.14 -8.66
N PRO D 274 15.17 -22.13 -9.53
CA PRO D 274 13.97 -21.78 -10.30
C PRO D 274 13.64 -22.82 -11.36
N MET D 275 12.34 -23.03 -11.55
CA MET D 275 11.86 -23.93 -12.60
C MET D 275 11.75 -23.16 -13.91
N ILE D 276 12.49 -23.62 -14.92
CA ILE D 276 12.62 -22.92 -16.19
C ILE D 276 11.81 -23.66 -17.25
N THR D 277 11.06 -22.91 -18.06
CA THR D 277 10.37 -23.43 -19.23
C THR D 277 10.72 -22.53 -20.41
N PHE D 278 11.07 -23.14 -21.54
CA PHE D 278 11.63 -22.42 -22.67
C PHE D 278 10.58 -22.22 -23.77
N GLY D 279 10.87 -21.24 -24.63
CA GLY D 279 10.00 -20.93 -25.76
C GLY D 279 10.78 -20.23 -26.84
N PHE D 280 10.11 -19.99 -27.97
CA PHE D 280 10.75 -19.39 -29.13
C PHE D 280 11.04 -17.93 -28.81
N ARG D 281 12.30 -17.60 -28.53
CA ARG D 281 12.72 -16.27 -28.09
C ARG D 281 12.06 -15.84 -26.79
N SER D 282 11.49 -16.77 -26.02
CA SER D 282 10.85 -16.42 -24.76
C SER D 282 11.09 -17.51 -23.73
N VAL D 283 11.20 -17.09 -22.47
CA VAL D 283 11.40 -18.00 -21.35
C VAL D 283 10.51 -17.55 -20.19
N SER D 284 9.82 -18.52 -19.58
CA SER D 284 8.94 -18.26 -18.44
C SER D 284 9.56 -18.86 -17.19
N LEU D 285 9.44 -18.12 -16.08
CA LEU D 285 10.00 -18.50 -14.80
C LEU D 285 8.89 -18.67 -13.77
N LYS D 286 8.93 -19.82 -13.10
CA LYS D 286 8.09 -20.12 -11.94
C LYS D 286 8.97 -19.99 -10.70
N LEU D 287 8.47 -19.30 -9.69
CA LEU D 287 9.29 -18.88 -8.56
C LEU D 287 8.49 -19.04 -7.27
N HIS D 288 9.10 -19.69 -6.28
CA HIS D 288 8.44 -20.02 -5.01
C HIS D 288 9.37 -19.69 -3.85
N PRO D 289 9.57 -18.39 -3.57
CA PRO D 289 10.52 -18.01 -2.53
C PRO D 289 10.05 -18.42 -1.14
N LYS D 290 11.01 -18.80 -0.30
CA LYS D 290 10.73 -19.00 1.13
C LYS D 290 10.60 -17.68 1.86
N ASN D 291 11.43 -16.71 1.51
CA ASN D 291 11.44 -15.38 2.09
C ASN D 291 11.57 -14.37 0.96
N PRO D 292 11.25 -13.09 1.21
CA PRO D 292 11.36 -12.10 0.14
C PRO D 292 12.77 -12.06 -0.44
N THR D 293 12.85 -12.02 -1.77
CA THR D 293 14.12 -12.11 -2.48
C THR D 293 14.13 -11.13 -3.65
N TYR D 294 15.34 -10.77 -4.06
CA TYR D 294 15.52 -9.87 -5.20
C TYR D 294 15.68 -10.66 -6.50
N LEU D 295 15.43 -9.96 -7.59
CA LEU D 295 15.65 -10.49 -8.94
C LEU D 295 16.27 -9.36 -9.75
N ILE D 296 17.35 -9.64 -10.49
CA ILE D 296 17.88 -8.69 -11.46
C ILE D 296 18.05 -9.42 -12.78
N THR D 297 17.57 -8.79 -13.86
CA THR D 297 17.67 -9.36 -15.20
C THR D 297 18.13 -8.28 -16.17
N ARG D 298 19.01 -8.67 -17.10
CA ARG D 298 19.54 -7.74 -18.08
C ARG D 298 19.90 -8.48 -19.36
N GLN D 299 19.80 -7.76 -20.47
CA GLN D 299 20.22 -8.27 -21.77
C GLN D 299 21.72 -8.05 -21.95
N LEU D 300 22.29 -8.76 -22.93
CA LEU D 300 23.72 -8.73 -23.20
C LEU D 300 24.03 -7.89 -24.44
N ALA D 301 23.31 -6.78 -24.61
CA ALA D 301 23.47 -5.88 -25.74
C ALA D 301 23.92 -4.51 -25.21
N ASP D 302 24.05 -3.54 -26.13
CA ASP D 302 24.47 -2.21 -25.72
C ASP D 302 23.42 -1.55 -24.83
N GLU D 303 22.14 -1.80 -25.08
CA GLU D 303 21.08 -1.33 -24.20
C GLU D 303 20.83 -2.38 -23.12
N PRO D 304 21.00 -2.07 -21.83
CA PRO D 304 20.81 -3.13 -20.82
C PRO D 304 19.35 -3.47 -20.58
N HIS D 305 18.48 -2.46 -20.47
CA HIS D 305 17.10 -2.66 -20.02
C HIS D 305 17.08 -3.45 -18.70
N TYR D 306 17.98 -3.10 -17.80
CA TYR D 306 18.05 -3.77 -16.51
C TYR D 306 16.73 -3.64 -15.77
N THR D 307 16.26 -4.74 -15.20
CA THR D 307 15.00 -4.76 -14.47
C THR D 307 15.21 -5.46 -13.14
N HIS D 308 14.82 -4.78 -12.06
CA HIS D 308 15.05 -5.22 -10.69
C HIS D 308 13.71 -5.31 -9.97
N GLU D 309 13.49 -6.41 -9.24
CA GLU D 309 12.26 -6.62 -8.50
C GLU D 309 12.54 -7.22 -7.13
N LEU D 310 11.61 -6.96 -6.20
CA LEU D 310 11.52 -7.67 -4.93
C LEU D 310 10.24 -8.49 -4.96
N ILE D 311 10.37 -9.80 -4.71
CA ILE D 311 9.22 -10.70 -4.75
C ILE D 311 9.20 -11.52 -3.45
N SER D 312 8.03 -11.58 -2.83
CA SER D 312 7.82 -12.36 -1.60
C SER D 312 6.69 -13.37 -1.73
N GLU D 313 6.08 -13.48 -2.91
CA GLU D 313 4.95 -14.38 -3.14
C GLU D 313 5.20 -15.11 -4.45
N PRO D 314 4.61 -16.30 -4.63
CA PRO D 314 4.78 -17.01 -5.91
C PRO D 314 4.16 -16.23 -7.05
N ALA D 315 4.78 -16.34 -8.23
CA ALA D 315 4.32 -15.63 -9.41
C ALA D 315 4.94 -16.28 -10.63
N VAL D 316 4.45 -15.88 -11.80
CA VAL D 316 4.94 -16.35 -13.09
C VAL D 316 5.43 -15.14 -13.87
N ARG D 317 6.66 -15.21 -14.38
CA ARG D 317 7.24 -14.08 -15.10
C ARG D 317 7.86 -14.54 -16.41
N ASN D 318 7.39 -13.95 -17.52
CA ASN D 318 7.85 -14.28 -18.85
C ASN D 318 8.74 -13.17 -19.40
N PHE D 319 9.85 -13.55 -20.01
CA PHE D 319 10.84 -12.64 -20.55
C PHE D 319 11.14 -13.00 -22.00
N THR D 320 11.59 -12.00 -22.76
CA THR D 320 11.94 -12.14 -24.16
C THR D 320 13.46 -12.10 -24.29
N VAL D 321 14.01 -13.04 -25.05
CA VAL D 321 15.45 -13.17 -25.25
C VAL D 321 15.72 -13.09 -26.75
N THR D 322 16.68 -12.25 -27.13
CA THR D 322 17.11 -12.12 -28.51
C THR D 322 18.39 -12.95 -28.71
N GLU D 323 18.99 -12.85 -29.90
CA GLU D 323 20.22 -13.57 -30.15
C GLU D 323 21.39 -13.01 -29.35
N LYS D 324 21.33 -11.72 -29.01
CA LYS D 324 22.45 -11.09 -28.32
C LYS D 324 22.65 -11.65 -26.92
N GLY D 325 21.58 -12.06 -26.26
CA GLY D 325 21.68 -12.84 -25.03
C GLY D 325 20.97 -12.27 -23.82
N TRP D 326 20.66 -13.14 -22.86
CA TRP D 326 19.92 -12.82 -21.65
C TRP D 326 20.73 -13.25 -20.44
N GLU D 327 20.55 -12.55 -19.31
CA GLU D 327 21.29 -12.92 -18.11
C GLU D 327 20.51 -12.45 -16.89
N PHE D 328 20.69 -13.15 -15.77
CA PHE D 328 20.01 -12.77 -14.54
C PHE D 328 20.72 -13.35 -13.33
N VAL D 329 20.40 -12.78 -12.15
CA VAL D 329 20.59 -13.48 -10.88
C VAL D 329 19.29 -13.41 -10.08
N TRP D 330 18.93 -14.57 -9.52
CA TRP D 330 17.83 -14.76 -8.57
C TRP D 330 18.44 -15.16 -7.23
N GLY D 331 18.51 -14.21 -6.31
CA GLY D 331 19.06 -14.48 -4.99
C GLY D 331 20.58 -14.45 -4.98
N ASN D 332 21.19 -15.37 -4.23
CA ASN D 332 22.63 -15.44 -4.08
C ASN D 332 23.30 -16.42 -5.03
N HIS D 333 22.54 -17.03 -5.95
CA HIS D 333 23.11 -18.00 -6.86
C HIS D 333 24.06 -17.31 -7.84
N PRO D 334 24.97 -18.07 -8.46
CA PRO D 334 25.82 -17.46 -9.49
C PRO D 334 24.99 -17.02 -10.67
N PRO D 335 25.47 -16.03 -11.44
CA PRO D 335 24.68 -15.55 -12.58
C PRO D 335 24.42 -16.63 -13.61
N LYS D 336 23.25 -16.56 -14.24
CA LYS D 336 22.86 -17.48 -15.29
C LYS D 336 22.63 -16.70 -16.57
N ARG D 337 23.28 -17.16 -17.64
CA ARG D 337 23.22 -16.53 -18.96
C ARG D 337 22.65 -17.52 -19.97
N PHE D 338 21.65 -17.07 -20.73
CA PHE D 338 20.98 -17.89 -21.73
C PHE D 338 21.09 -17.23 -23.10
N TRP D 339 21.40 -18.06 -24.09
CA TRP D 339 21.73 -17.65 -25.46
C TRP D 339 20.93 -18.51 -26.42
N ALA D 340 20.08 -17.88 -27.22
CA ALA D 340 19.17 -18.58 -28.11
C ALA D 340 19.71 -18.62 -29.54
N GLN D 341 19.01 -19.38 -30.39
CA GLN D 341 19.38 -19.52 -31.79
C GLN D 341 18.10 -19.56 -32.62
N GLU D 342 18.24 -19.86 -33.90
CA GLU D 342 17.10 -19.89 -34.83
C GLU D 342 16.45 -21.28 -34.80
N THR D 343 15.12 -21.29 -34.81
CA THR D 343 14.36 -22.53 -34.83
C THR D 343 13.07 -22.37 -35.62
N TYR E 1 58.33 -12.55 -41.81
CA TYR E 1 57.39 -12.23 -42.93
C TYR E 1 56.18 -11.48 -42.39
N GLU E 2 55.82 -10.39 -43.06
CA GLU E 2 54.69 -9.57 -42.63
C GLU E 2 53.36 -10.25 -42.95
N HIS E 3 52.49 -10.29 -41.95
CA HIS E 3 51.13 -10.80 -42.12
C HIS E 3 50.20 -9.96 -41.26
N ALA E 4 48.96 -9.82 -41.71
CA ALA E 4 47.94 -9.06 -40.99
C ALA E 4 46.66 -9.85 -40.92
N THR E 5 45.94 -9.72 -39.80
CA THR E 5 44.69 -10.43 -39.59
C THR E 5 43.85 -9.66 -38.57
N THR E 6 42.62 -10.12 -38.38
CA THR E 6 41.69 -9.53 -37.43
C THR E 6 41.07 -10.63 -36.59
N MET E 7 40.80 -10.32 -35.32
CA MET E 7 40.22 -11.29 -34.38
C MET E 7 39.07 -10.58 -33.67
N PRO E 8 37.82 -11.02 -33.81
CA PRO E 8 36.72 -10.34 -33.10
C PRO E 8 36.87 -10.50 -31.60
N SER E 9 36.82 -9.38 -30.87
CA SER E 9 37.14 -9.38 -29.45
C SER E 9 36.13 -10.21 -28.68
N GLN E 10 36.56 -11.39 -28.22
CA GLN E 10 35.77 -12.21 -27.32
C GLN E 10 36.64 -13.35 -26.82
N ALA E 11 36.41 -13.77 -25.59
CA ALA E 11 37.21 -14.80 -24.95
C ALA E 11 36.48 -16.14 -24.97
N GLY E 12 37.27 -17.22 -24.93
CA GLY E 12 36.75 -18.56 -24.85
C GLY E 12 36.65 -19.30 -26.18
N ILE E 13 36.84 -18.61 -27.30
CA ILE E 13 36.75 -19.20 -28.63
C ILE E 13 38.13 -19.15 -29.28
N SER E 14 38.62 -20.29 -29.72
CA SER E 14 39.86 -20.34 -30.48
C SER E 14 39.65 -19.74 -31.87
N TYR E 15 40.72 -19.15 -32.41
CA TYR E 15 40.68 -18.51 -33.72
C TYR E 15 41.85 -19.03 -34.55
N ASN E 16 41.57 -19.32 -35.82
CA ASN E 16 42.51 -19.98 -36.71
C ASN E 16 42.87 -19.05 -37.87
N THR E 17 44.13 -19.15 -38.30
CA THR E 17 44.59 -18.44 -39.48
C THR E 17 45.65 -19.30 -40.16
N ILE E 18 45.93 -18.98 -41.43
CA ILE E 18 46.99 -19.64 -42.18
C ILE E 18 47.81 -18.57 -42.89
N VAL E 19 49.13 -18.66 -42.77
CA VAL E 19 50.05 -17.82 -43.53
C VAL E 19 50.43 -18.59 -44.78
N ASN E 20 50.12 -18.03 -45.95
CA ASN E 20 50.23 -18.71 -47.24
C ASN E 20 51.31 -18.01 -48.07
N ARG E 21 52.54 -18.50 -47.99
CA ARG E 21 53.60 -18.05 -48.87
C ARG E 21 53.58 -18.86 -50.16
N ALA E 22 54.01 -18.21 -51.24
CA ALA E 22 53.97 -18.85 -52.56
C ALA E 22 54.89 -20.06 -52.62
N GLY E 23 56.11 -19.93 -52.10
CA GLY E 23 57.12 -20.95 -52.25
C GLY E 23 57.24 -21.96 -51.12
N TYR E 24 56.47 -21.81 -50.05
CA TYR E 24 56.52 -22.71 -48.91
C TYR E 24 55.13 -23.21 -48.59
N ALA E 25 55.06 -24.29 -47.83
CA ALA E 25 53.78 -24.82 -47.40
C ALA E 25 53.11 -23.84 -46.44
N PRO E 26 51.77 -23.75 -46.44
CA PRO E 26 51.11 -22.83 -45.50
C PRO E 26 51.39 -23.18 -44.05
N LEU E 27 51.51 -22.15 -43.22
CA LEU E 27 51.75 -22.30 -41.79
C LEU E 27 50.47 -22.01 -41.02
N PRO E 28 49.88 -22.95 -40.30
CA PRO E 28 48.70 -22.63 -39.48
C PRO E 28 49.08 -21.96 -38.17
N ILE E 29 48.17 -21.12 -37.68
CA ILE E 29 48.32 -20.43 -36.41
C ILE E 29 46.99 -20.48 -35.68
N SER E 30 47.03 -20.79 -34.38
CA SER E 30 45.85 -20.86 -33.54
C SER E 30 46.05 -19.99 -32.31
N ILE E 31 45.13 -19.04 -32.10
CA ILE E 31 45.25 -18.09 -31.00
C ILE E 31 43.98 -18.17 -30.14
N THR E 32 44.16 -18.17 -28.83
CA THR E 32 43.06 -18.14 -27.88
C THR E 32 43.28 -16.96 -26.93
N PRO E 33 42.44 -15.90 -26.97
CA PRO E 33 42.55 -14.85 -25.94
C PRO E 33 41.90 -15.31 -24.63
N THR E 34 42.74 -15.63 -23.65
CA THR E 34 42.22 -16.20 -22.41
C THR E 34 41.48 -15.15 -21.59
N LYS E 35 42.06 -13.96 -21.43
CA LYS E 35 41.44 -12.89 -20.65
C LYS E 35 41.84 -11.54 -21.23
N ILE E 36 40.86 -10.69 -21.45
CA ILE E 36 41.07 -9.32 -21.94
C ILE E 36 40.61 -8.37 -20.85
N LYS E 37 41.52 -7.51 -20.39
CA LYS E 37 41.25 -6.59 -19.30
C LYS E 37 41.06 -5.16 -19.83
N LEU E 38 40.18 -4.42 -19.16
CA LEU E 38 39.86 -3.03 -19.46
C LEU E 38 40.25 -2.19 -18.25
N ILE E 39 41.51 -1.75 -18.20
CA ILE E 39 42.04 -1.05 -17.02
C ILE E 39 41.83 0.44 -17.23
N PRO E 40 40.91 1.09 -16.51
CA PRO E 40 40.86 2.55 -16.54
C PRO E 40 42.07 3.17 -15.86
N THR E 41 42.43 4.36 -16.31
CA THR E 41 43.48 5.16 -15.67
C THR E 41 42.80 6.08 -14.68
N VAL E 42 43.05 5.85 -13.38
CA VAL E 42 42.17 6.31 -12.31
C VAL E 42 42.96 7.10 -11.28
N ASN E 43 42.24 7.98 -10.58
CA ASN E 43 42.81 8.85 -9.55
C ASN E 43 41.93 8.81 -8.31
N LEU E 44 42.52 9.20 -7.18
CA LEU E 44 41.83 9.29 -5.90
C LEU E 44 41.58 10.76 -5.55
N GLU E 45 40.42 11.03 -4.95
CA GLU E 45 40.04 12.37 -4.55
C GLU E 45 39.89 12.53 -3.04
N TYR E 46 39.08 11.69 -2.40
CA TYR E 46 38.87 11.80 -0.95
C TYR E 46 38.18 10.53 -0.47
N VAL E 47 38.00 10.45 0.85
CA VAL E 47 37.38 9.31 1.51
C VAL E 47 36.34 9.82 2.50
N THR E 48 35.40 8.95 2.85
CA THR E 48 34.30 9.30 3.73
C THR E 48 33.91 8.09 4.58
N CYS E 49 33.19 8.35 5.66
CA CYS E 49 32.70 7.32 6.56
C CYS E 49 31.70 7.95 7.51
N HIS E 50 31.24 7.17 8.49
CA HIS E 50 30.33 7.68 9.49
C HIS E 50 30.97 8.83 10.26
N TYR E 51 30.16 9.85 10.57
CA TYR E 51 30.60 10.92 11.44
C TYR E 51 30.30 10.56 12.90
N LYS E 52 30.96 11.29 13.81
CA LYS E 52 30.78 11.08 15.24
C LYS E 52 30.66 12.46 15.88
N THR E 53 29.49 12.77 16.43
CA THR E 53 29.26 14.09 17.01
C THR E 53 30.17 14.26 18.22
N GLY E 54 31.20 15.08 18.08
CA GLY E 54 32.11 15.37 19.16
C GLY E 54 31.48 16.33 20.14
N MET E 55 31.27 15.85 21.38
CA MET E 55 30.55 16.58 22.41
C MET E 55 31.45 16.66 23.64
N ASP E 56 31.62 17.86 24.17
CA ASP E 56 32.54 18.13 25.27
C ASP E 56 31.77 18.37 26.57
N SER E 57 32.46 18.20 27.69
CA SER E 57 31.82 18.31 28.98
C SER E 57 31.23 19.71 29.15
N PRO E 58 30.00 19.84 29.67
CA PRO E 58 29.43 21.19 29.83
C PRO E 58 30.26 22.03 30.79
N ALA E 59 30.40 23.31 30.45
CA ALA E 59 31.07 24.27 31.32
C ALA E 59 30.03 25.12 32.04
N ILE E 60 30.11 25.12 33.36
CA ILE E 60 29.08 25.68 34.24
C ILE E 60 29.68 26.88 34.95
N LYS E 61 28.88 27.93 35.12
CA LYS E 61 29.27 29.01 36.04
C LYS E 61 28.00 29.75 36.44
N CYS E 62 27.55 29.52 37.67
CA CYS E 62 26.33 30.13 38.18
C CYS E 62 26.65 31.36 39.00
N CYS E 63 25.76 32.35 38.92
CA CYS E 63 26.04 33.71 39.40
C CYS E 63 27.29 34.26 38.73
N GLY E 64 27.32 34.20 37.41
CA GLY E 64 28.46 34.65 36.65
C GLY E 64 28.11 34.96 35.21
N SER E 65 29.14 34.95 34.36
CA SER E 65 28.95 35.24 32.93
C SER E 65 30.13 34.63 32.17
N GLN E 66 29.85 33.63 31.34
CA GLN E 66 30.87 33.00 30.51
C GLN E 66 30.86 33.62 29.13
N GLU E 67 31.79 33.16 28.27
CA GLU E 67 31.91 33.66 26.91
C GLU E 67 32.33 32.52 26.00
N CYS E 68 32.06 32.70 24.71
CA CYS E 68 32.40 31.70 23.71
C CYS E 68 33.83 31.86 23.25
N THR E 69 34.55 30.74 23.17
CA THR E 69 35.94 30.70 22.73
C THR E 69 36.06 29.81 21.49
N PRO E 70 36.40 30.33 20.32
CA PRO E 70 36.47 29.47 19.13
C PRO E 70 37.59 28.45 19.24
N THR E 71 37.35 27.29 18.63
CA THR E 71 38.35 26.22 18.53
C THR E 71 38.70 25.85 17.09
N TYR E 72 37.91 26.31 16.11
CA TYR E 72 38.17 26.03 14.69
C TYR E 72 38.15 24.53 14.39
N ARG E 73 37.35 23.77 15.13
CA ARG E 73 37.11 22.39 14.77
C ARG E 73 36.17 22.32 13.58
N PRO E 74 36.15 21.21 12.84
CA PRO E 74 35.29 21.14 11.65
C PRO E 74 33.81 21.27 12.02
N ASP E 75 33.15 22.24 11.39
CA ASP E 75 31.71 22.48 11.61
C ASP E 75 31.43 22.67 13.09
N GLU E 76 32.31 23.40 13.77
CA GLU E 76 32.17 23.61 15.19
C GLU E 76 31.08 24.64 15.49
N GLN E 77 30.35 24.42 16.57
CA GLN E 77 29.32 25.33 17.02
C GLN E 77 29.49 25.55 18.52
N CYS E 78 29.26 26.78 18.98
CA CYS E 78 29.36 27.12 20.38
C CYS E 78 28.28 28.14 20.71
N LYS E 79 27.81 28.12 21.96
CA LYS E 79 26.76 29.03 22.37
C LYS E 79 26.78 29.10 23.90
N VAL E 80 26.22 30.20 24.41
CA VAL E 80 26.09 30.44 25.85
C VAL E 80 24.62 30.64 26.17
N PHE E 81 24.13 29.93 27.18
CA PHE E 81 22.75 30.00 27.61
C PHE E 81 22.68 30.45 29.06
N THR E 82 21.50 30.93 29.46
CA THR E 82 21.28 31.44 30.81
C THR E 82 19.90 31.00 31.30
N GLY E 83 19.75 30.98 32.62
CA GLY E 83 18.48 30.69 33.25
C GLY E 83 18.24 29.24 33.64
N VAL E 84 19.29 28.41 33.68
CA VAL E 84 19.17 26.99 34.00
C VAL E 84 19.45 26.79 35.49
N TYR E 85 18.81 25.79 36.07
CA TYR E 85 18.95 25.45 37.49
C TYR E 85 19.32 23.97 37.58
N PRO E 86 20.61 23.63 37.48
CA PRO E 86 21.00 22.21 37.42
C PRO E 86 20.71 21.47 38.71
N PHE E 87 20.72 20.13 38.60
CA PHE E 87 20.49 19.23 39.71
C PHE E 87 21.54 18.13 39.68
N MET E 88 21.56 17.32 40.74
CA MET E 88 22.48 16.19 40.81
C MET E 88 21.99 15.26 41.92
N TRP E 89 22.52 14.03 41.94
CA TRP E 89 22.11 13.06 42.93
C TRP E 89 22.32 13.58 44.35
N GLY E 90 23.28 14.47 44.55
CA GLY E 90 23.50 15.13 45.81
C GLY E 90 22.70 16.38 46.02
N GLY E 91 21.77 16.71 45.11
CA GLY E 91 20.94 17.89 45.20
C GLY E 91 21.24 18.86 44.06
N ALA E 92 21.16 20.15 44.37
CA ALA E 92 21.46 21.20 43.40
C ALA E 92 22.96 21.46 43.37
N TYR E 93 23.46 21.87 42.19
CA TYR E 93 24.89 22.12 42.05
C TYR E 93 25.33 23.28 42.94
N CYS E 94 24.65 24.42 42.83
CA CYS E 94 25.02 25.62 43.57
C CYS E 94 23.75 26.27 44.11
N PHE E 95 23.92 27.42 44.76
CA PHE E 95 22.84 28.14 45.42
C PHE E 95 22.24 29.25 44.56
N CYS E 96 22.87 29.59 43.44
CA CYS E 96 22.39 30.65 42.58
C CYS E 96 21.08 30.24 41.91
N ASP E 97 20.11 31.14 41.93
CA ASP E 97 18.77 30.87 41.40
C ASP E 97 18.60 31.28 39.95
N THR E 98 19.12 32.44 39.56
CA THR E 98 19.05 32.91 38.18
C THR E 98 20.43 33.42 37.78
N GLU E 99 20.55 33.97 36.58
CA GLU E 99 21.82 34.44 36.04
C GLU E 99 22.86 33.32 35.95
N ASN E 100 22.41 32.07 35.83
CA ASN E 100 23.31 30.93 35.79
C ASN E 100 23.71 30.64 34.35
N THR E 101 25.01 30.64 34.08
CA THR E 101 25.52 30.60 32.72
C THR E 101 26.05 29.22 32.37
N GLN E 102 25.66 28.77 31.18
CA GLN E 102 26.02 27.47 30.61
C GLN E 102 26.75 27.73 29.30
N VAL E 103 27.87 27.04 29.07
CA VAL E 103 28.55 27.09 27.78
C VAL E 103 28.40 25.71 27.13
N SER E 104 27.73 25.68 25.98
CA SER E 104 27.45 24.44 25.27
C SER E 104 28.02 24.53 23.86
N LYS E 105 28.88 23.56 23.51
CA LYS E 105 29.52 23.54 22.20
C LYS E 105 29.60 22.11 21.71
N ALA E 106 29.72 21.97 20.40
CA ALA E 106 29.77 20.66 19.76
C ALA E 106 30.51 20.79 18.43
N TYR E 107 30.85 19.64 17.86
CA TYR E 107 31.53 19.56 16.58
C TYR E 107 31.32 18.16 16.04
N VAL E 108 32.03 17.80 14.97
CA VAL E 108 31.96 16.46 14.38
C VAL E 108 33.36 15.99 14.06
N MET E 109 33.65 14.73 14.39
CA MET E 109 34.92 14.09 14.08
C MET E 109 34.68 12.84 13.25
N LYS E 110 35.78 12.27 12.76
CA LYS E 110 35.72 11.00 12.05
C LYS E 110 35.42 9.87 13.02
N SER E 111 34.54 8.96 12.61
CA SER E 111 34.17 7.83 13.46
C SER E 111 35.34 6.87 13.62
N ASP E 112 35.19 5.89 14.51
CA ASP E 112 36.24 4.94 14.83
C ASP E 112 36.18 3.67 14.00
N ASP E 113 35.29 3.61 13.00
CA ASP E 113 35.05 2.41 12.20
C ASP E 113 35.34 2.66 10.73
N CYS E 114 36.31 3.53 10.44
CA CYS E 114 36.54 3.96 9.06
C CYS E 114 37.45 3.01 8.28
N LEU E 115 38.10 2.05 8.95
CA LEU E 115 39.01 1.16 8.23
C LEU E 115 38.25 0.22 7.30
N ALA E 116 37.40 -0.63 7.86
CA ALA E 116 36.70 -1.65 7.09
C ALA E 116 35.36 -1.17 6.52
N ASP E 117 34.92 0.04 6.86
CA ASP E 117 33.66 0.59 6.37
C ASP E 117 33.91 2.02 5.90
N HIS E 118 34.16 2.17 4.60
CA HIS E 118 34.39 3.48 4.01
C HIS E 118 34.11 3.41 2.52
N ALA E 119 33.93 4.58 1.92
CA ALA E 119 33.65 4.71 0.50
C ALA E 119 34.68 5.65 -0.12
N GLU E 120 35.05 5.36 -1.37
CA GLU E 120 36.05 6.12 -2.10
C GLU E 120 35.45 6.67 -3.38
N ALA E 121 35.94 7.84 -3.79
CA ALA E 121 35.46 8.54 -4.97
C ALA E 121 36.62 8.72 -5.95
N TYR E 122 36.40 8.32 -7.20
CA TYR E 122 37.44 8.26 -8.21
C TYR E 122 36.99 8.95 -9.50
N LYS E 123 37.98 9.36 -10.28
CA LYS E 123 37.78 9.87 -11.63
C LYS E 123 38.42 8.91 -12.64
N ALA E 124 37.71 8.61 -13.71
CA ALA E 124 38.13 7.63 -14.69
C ALA E 124 38.44 8.29 -16.03
N HIS E 125 39.60 7.94 -16.59
CA HIS E 125 40.04 8.47 -17.88
C HIS E 125 40.95 7.45 -18.55
N THR E 126 41.12 7.62 -19.86
CA THR E 126 42.18 7.00 -20.65
C THR E 126 42.32 5.50 -20.37
N ALA E 127 41.27 4.78 -20.73
CA ALA E 127 41.27 3.33 -20.53
C ALA E 127 42.33 2.68 -21.40
N SER E 128 43.12 1.78 -20.79
CA SER E 128 44.14 1.00 -21.47
C SER E 128 43.72 -0.46 -21.47
N VAL E 129 44.06 -1.17 -22.54
CA VAL E 129 43.59 -2.53 -22.78
C VAL E 129 44.80 -3.45 -22.81
N GLN E 130 44.69 -4.59 -22.13
CA GLN E 130 45.73 -5.61 -22.10
C GLN E 130 45.06 -6.97 -22.25
N ALA E 131 45.82 -7.95 -22.73
CA ALA E 131 45.25 -9.28 -22.96
C ALA E 131 46.30 -10.35 -22.70
N PHE E 132 45.83 -11.50 -22.23
CA PHE E 132 46.62 -12.72 -22.14
C PHE E 132 46.23 -13.59 -23.34
N LEU E 133 47.23 -13.98 -24.13
CA LEU E 133 47.02 -14.76 -25.34
C LEU E 133 47.79 -16.07 -25.25
N ASN E 134 47.12 -17.16 -25.64
CA ASN E 134 47.79 -18.44 -25.87
C ASN E 134 47.94 -18.59 -27.38
N ILE E 135 49.18 -18.56 -27.85
CA ILE E 135 49.50 -18.57 -29.28
C ILE E 135 50.19 -19.89 -29.61
N THR E 136 49.73 -20.52 -30.68
CA THR E 136 50.31 -21.76 -31.20
C THR E 136 50.63 -21.52 -32.67
N VAL E 137 51.91 -21.25 -32.95
CA VAL E 137 52.41 -21.07 -34.31
C VAL E 137 53.53 -22.06 -34.53
N GLY E 138 53.43 -22.83 -35.62
CA GLY E 138 54.40 -23.87 -35.89
C GLY E 138 54.43 -24.91 -34.79
N GLU E 139 53.24 -25.31 -34.33
CA GLU E 139 53.05 -26.28 -33.24
C GLU E 139 53.97 -25.97 -32.06
N HIS E 140 53.98 -24.69 -31.66
CA HIS E 140 54.73 -24.21 -30.50
C HIS E 140 53.82 -23.32 -29.67
N SER E 141 53.35 -23.83 -28.54
CA SER E 141 52.40 -23.12 -27.69
C SER E 141 53.12 -22.23 -26.69
N ILE E 142 52.59 -21.04 -26.48
CA ILE E 142 53.14 -20.11 -25.50
C ILE E 142 52.01 -19.22 -24.98
N VAL E 143 52.07 -18.92 -23.68
CA VAL E 143 51.17 -17.98 -23.03
C VAL E 143 51.93 -16.67 -22.83
N THR E 144 51.31 -15.56 -23.23
CA THR E 144 52.02 -14.28 -23.23
C THR E 144 51.06 -13.14 -22.89
N THR E 145 51.65 -12.06 -22.38
CA THR E 145 50.93 -10.82 -22.09
C THR E 145 51.35 -9.77 -23.12
N VAL E 146 50.37 -9.11 -23.73
CA VAL E 146 50.60 -8.16 -24.81
C VAL E 146 49.74 -6.93 -24.62
N TYR E 147 50.25 -5.79 -25.09
CA TYR E 147 49.55 -4.52 -25.08
C TYR E 147 49.01 -4.24 -26.48
N VAL E 148 47.73 -3.84 -26.54
CA VAL E 148 47.10 -3.62 -27.84
C VAL E 148 47.31 -2.21 -28.38
N ASN E 149 48.07 -1.37 -27.69
CA ASN E 149 48.40 -0.06 -28.23
C ASN E 149 49.24 -0.23 -29.49
N GLY E 150 49.55 0.90 -30.12
CA GLY E 150 50.28 0.88 -31.39
C GLY E 150 51.76 0.63 -31.29
N GLU E 151 52.21 -0.01 -30.20
CA GLU E 151 53.62 -0.26 -29.97
C GLU E 151 53.75 -1.51 -29.10
N THR E 152 54.95 -1.75 -28.59
CA THR E 152 55.23 -2.82 -27.63
C THR E 152 54.90 -4.20 -28.20
N PRO E 153 55.68 -4.69 -29.16
CA PRO E 153 55.52 -6.08 -29.60
C PRO E 153 56.03 -7.05 -28.55
N VAL E 154 55.76 -8.33 -28.81
CA VAL E 154 56.23 -9.44 -27.96
C VAL E 154 57.07 -10.38 -28.83
N ASN E 155 58.24 -10.75 -28.32
CA ASN E 155 59.20 -11.54 -29.06
C ASN E 155 59.38 -12.91 -28.40
N PHE E 156 59.26 -13.97 -29.19
CA PHE E 156 59.57 -15.31 -28.73
C PHE E 156 59.91 -16.17 -29.94
N ASN E 157 61.05 -16.86 -29.88
CA ASN E 157 61.53 -17.70 -30.98
C ASN E 157 61.67 -16.90 -32.27
N GLY E 158 61.92 -15.58 -32.15
CA GLY E 158 61.99 -14.71 -33.30
C GLY E 158 60.65 -14.20 -33.80
N VAL E 159 59.54 -14.70 -33.27
CA VAL E 159 58.21 -14.31 -33.74
C VAL E 159 57.84 -12.99 -33.09
N LYS E 160 57.55 -11.99 -33.91
CA LYS E 160 57.13 -10.66 -33.45
C LYS E 160 55.64 -10.50 -33.68
N ILE E 161 54.92 -10.06 -32.65
CA ILE E 161 53.47 -9.88 -32.71
C ILE E 161 53.14 -8.47 -32.24
N THR E 162 52.42 -7.71 -33.07
CA THR E 162 51.94 -6.38 -32.71
C THR E 162 50.42 -6.37 -32.76
N ALA E 163 49.80 -5.91 -31.68
CA ALA E 163 48.35 -5.80 -31.59
C ALA E 163 47.97 -4.33 -31.78
N GLY E 164 47.17 -4.04 -32.80
CA GLY E 164 46.84 -2.70 -33.15
C GLY E 164 45.78 -2.12 -32.23
N PRO E 165 45.48 -0.83 -32.41
CA PRO E 165 44.56 -0.14 -31.49
C PRO E 165 43.15 -0.69 -31.58
N LEU E 166 42.44 -0.57 -30.46
CA LEU E 166 41.04 -1.01 -30.41
C LEU E 166 40.18 -0.18 -31.35
N SER E 167 39.25 -0.87 -32.02
CA SER E 167 38.41 -0.20 -33.01
C SER E 167 37.51 0.86 -32.38
N THR E 168 36.90 0.56 -31.24
CA THR E 168 35.97 1.46 -30.57
C THR E 168 36.48 1.78 -29.18
N ALA E 169 36.39 3.06 -28.81
CA ALA E 169 36.84 3.54 -27.51
C ALA E 169 35.78 3.43 -26.43
N TRP E 170 34.79 2.55 -26.61
CA TRP E 170 33.74 2.39 -25.62
C TRP E 170 34.32 1.92 -24.29
N THR E 171 33.85 2.54 -23.21
CA THR E 171 34.25 2.17 -21.85
C THR E 171 33.00 2.13 -20.98
N PRO E 172 32.79 1.06 -20.19
CA PRO E 172 31.57 1.03 -19.36
C PRO E 172 31.56 2.07 -18.25
N PHE E 173 32.70 2.66 -17.92
CA PHE E 173 32.82 3.55 -16.78
C PHE E 173 32.62 5.00 -17.19
N ASP E 174 31.89 5.74 -16.35
CA ASP E 174 31.59 7.15 -16.60
C ASP E 174 32.74 7.99 -16.04
N ARG E 175 32.58 9.32 -16.07
CA ARG E 175 33.61 10.21 -15.53
C ARG E 175 33.89 9.92 -14.07
N LYS E 176 32.83 9.79 -13.27
CA LYS E 176 32.92 9.69 -11.81
C LYS E 176 32.54 8.30 -11.35
N ILE E 177 33.29 7.77 -10.38
CA ILE E 177 33.12 6.42 -9.88
C ILE E 177 33.09 6.44 -8.36
N VAL E 178 32.28 5.54 -7.78
CA VAL E 178 32.20 5.36 -6.34
C VAL E 178 32.47 3.90 -6.04
N GLN E 179 33.40 3.64 -5.11
CA GLN E 179 33.83 2.30 -4.74
C GLN E 179 33.53 2.06 -3.27
N TYR E 180 32.95 0.90 -2.96
CA TYR E 180 32.65 0.53 -1.58
C TYR E 180 32.47 -0.97 -1.47
N ALA E 181 33.18 -1.59 -0.54
CA ALA E 181 32.95 -2.99 -0.14
C ALA E 181 33.10 -3.94 -1.33
N GLY E 182 33.94 -3.56 -2.29
CA GLY E 182 34.18 -4.38 -3.46
C GLY E 182 33.19 -4.18 -4.60
N GLU E 183 32.15 -3.37 -4.42
CA GLU E 183 31.22 -3.04 -5.48
C GLU E 183 31.49 -1.61 -5.97
N ILE E 184 31.29 -1.42 -7.27
CA ILE E 184 31.61 -0.17 -7.95
C ILE E 184 30.33 0.37 -8.57
N TYR E 185 30.04 1.65 -8.32
CA TYR E 185 28.78 2.27 -8.70
C TYR E 185 29.03 3.54 -9.50
N ASN E 186 28.10 3.85 -10.41
CA ASN E 186 28.20 5.01 -11.29
C ASN E 186 27.33 6.12 -10.70
N TYR E 187 27.89 6.86 -9.76
CA TYR E 187 27.22 7.95 -9.07
C TYR E 187 27.95 9.26 -9.34
N ASP E 188 27.20 10.36 -9.21
CA ASP E 188 27.69 11.71 -9.44
C ASP E 188 27.84 12.36 -8.07
N PHE E 189 29.03 12.22 -7.46
CA PHE E 189 29.28 12.78 -6.15
C PHE E 189 29.66 14.26 -6.27
N PRO E 190 29.42 15.06 -5.22
CA PRO E 190 29.80 16.47 -5.29
C PRO E 190 31.29 16.68 -5.06
N GLU E 191 31.77 17.84 -5.53
CA GLU E 191 33.19 18.14 -5.47
C GLU E 191 33.61 18.42 -4.04
N TYR E 192 34.92 18.35 -3.79
CA TYR E 192 35.52 18.59 -2.48
C TYR E 192 35.21 20.03 -2.06
N GLY E 193 34.22 20.16 -1.19
CA GLY E 193 33.85 21.44 -0.62
C GLY E 193 32.37 21.78 -0.75
N ALA E 194 31.69 21.16 -1.72
CA ALA E 194 30.27 21.41 -1.95
C ALA E 194 29.37 20.43 -1.21
N GLY E 195 29.83 19.88 -0.09
CA GLY E 195 29.04 18.95 0.68
C GLY E 195 27.73 19.54 1.17
N GLN E 196 26.64 18.80 1.00
CA GLN E 196 25.31 19.21 1.42
C GLN E 196 24.82 18.28 2.53
N PRO E 197 24.23 18.80 3.61
CA PRO E 197 23.80 17.92 4.69
C PRO E 197 22.70 16.95 4.24
N GLY E 198 22.77 15.73 4.77
CA GLY E 198 21.77 14.72 4.48
C GLY E 198 21.99 13.97 3.18
N ALA E 199 22.91 14.40 2.34
CA ALA E 199 23.25 13.74 1.09
C ALA E 199 24.70 13.29 1.15
N PHE E 200 25.11 12.57 0.11
CA PHE E 200 26.49 12.07 0.06
C PHE E 200 27.47 13.22 -0.03
N GLY E 201 28.46 13.21 0.84
CA GLY E 201 29.47 14.24 0.91
C GLY E 201 29.40 15.16 2.11
N ASP E 202 28.72 14.77 3.18
CA ASP E 202 28.65 15.62 4.37
C ASP E 202 30.02 15.82 5.00
N ILE E 203 30.84 14.76 5.00
CA ILE E 203 32.18 14.78 5.58
C ILE E 203 33.18 14.54 4.46
N GLN E 204 34.28 15.29 4.49
CA GLN E 204 35.32 15.21 3.46
C GLN E 204 36.68 15.11 4.14
N SER E 205 37.41 14.05 3.81
CA SER E 205 38.77 13.85 4.32
C SER E 205 39.65 13.41 3.16
N ARG E 206 40.82 14.03 3.02
CA ARG E 206 41.68 13.74 1.89
C ARG E 206 42.14 12.28 1.90
N THR E 207 42.53 11.77 3.07
CA THR E 207 42.94 10.38 3.21
C THR E 207 42.43 9.86 4.54
N VAL E 208 42.46 8.53 4.68
CA VAL E 208 42.02 7.90 5.92
C VAL E 208 42.88 8.33 7.10
N SER E 209 44.18 8.52 6.86
CA SER E 209 45.12 8.94 7.88
C SER E 209 45.26 10.46 7.97
N SER E 210 44.48 11.21 7.20
CA SER E 210 44.58 12.67 7.22
C SER E 210 44.13 13.20 8.58
N SER E 211 44.30 14.51 8.77
CA SER E 211 43.94 15.21 10.00
C SER E 211 42.93 16.33 9.76
N ASP E 212 43.05 17.05 8.65
CA ASP E 212 42.13 18.14 8.34
C ASP E 212 40.94 17.59 7.55
N LEU E 213 39.74 17.79 8.09
CA LEU E 213 38.51 17.34 7.47
C LEU E 213 37.48 18.46 7.45
N TYR E 214 36.67 18.48 6.39
CA TYR E 214 35.65 19.50 6.17
C TYR E 214 34.28 18.88 6.36
N ALA E 215 33.44 19.51 7.19
CA ALA E 215 32.15 18.96 7.55
C ALA E 215 31.05 19.99 7.29
N ASN E 216 29.92 19.50 6.76
CA ASN E 216 28.71 20.32 6.58
C ASN E 216 27.53 19.44 6.98
N THR E 217 27.16 19.51 8.26
CA THR E 217 26.12 18.65 8.83
C THR E 217 24.90 19.43 9.31
N ASN E 218 24.93 20.76 9.24
CA ASN E 218 23.81 21.58 9.68
C ASN E 218 23.46 21.33 11.14
N LEU E 219 24.50 21.22 11.97
CA LEU E 219 24.30 21.01 13.40
C LEU E 219 23.72 22.26 14.03
N VAL E 220 22.67 22.10 14.83
CA VAL E 220 22.05 23.20 15.56
C VAL E 220 21.79 22.76 16.99
N LEU E 221 22.10 23.63 17.94
CA LEU E 221 22.02 23.33 19.35
C LEU E 221 20.75 23.93 19.94
N GLN E 222 20.08 23.15 20.80
CA GLN E 222 18.78 23.50 21.34
C GLN E 222 18.90 23.78 22.84
N ARG E 223 17.82 24.33 23.41
CA ARG E 223 17.83 24.66 24.83
C ARG E 223 17.80 23.38 25.67
N PRO E 224 18.59 23.30 26.74
CA PRO E 224 18.51 22.13 27.61
C PRO E 224 17.24 22.12 28.44
N LYS E 225 16.82 20.92 28.82
CA LYS E 225 15.67 20.77 29.71
C LYS E 225 16.03 21.30 31.09
N ALA E 226 15.09 22.00 31.72
CA ALA E 226 15.31 22.56 33.04
C ALA E 226 15.54 21.45 34.06
N GLY E 227 16.52 21.66 34.93
CA GLY E 227 16.81 20.69 35.97
C GLY E 227 17.66 19.51 35.52
N ALA E 228 18.44 19.67 34.45
CA ALA E 228 19.29 18.60 33.96
C ALA E 228 20.53 19.21 33.33
N ILE E 229 21.58 18.39 33.26
CA ILE E 229 22.88 18.79 32.71
C ILE E 229 23.09 17.99 31.45
N HIS E 230 22.74 18.56 30.30
CA HIS E 230 22.96 17.93 29.01
C HIS E 230 22.87 19.01 27.93
N VAL E 231 23.44 18.71 26.77
CA VAL E 231 23.49 19.64 25.65
C VAL E 231 22.70 19.04 24.48
N PRO E 232 21.44 19.41 24.28
CA PRO E 232 20.69 18.83 23.16
C PRO E 232 21.14 19.40 21.83
N TYR E 233 21.39 18.51 20.88
CA TYR E 233 21.86 18.86 19.55
C TYR E 233 20.97 18.18 18.51
N THR E 234 20.90 18.76 17.32
CA THR E 234 20.10 18.20 16.25
C THR E 234 20.79 18.44 14.92
N GLN E 235 20.82 17.40 14.09
CA GLN E 235 21.37 17.48 12.75
C GLN E 235 20.71 16.41 11.90
N ALA E 236 20.82 16.57 10.59
CA ALA E 236 20.18 15.63 9.69
C ALA E 236 20.85 14.26 9.80
N PRO E 237 20.14 13.17 9.49
CA PRO E 237 20.79 11.84 9.51
C PRO E 237 21.93 11.76 8.52
N SER E 238 22.76 10.72 8.61
CA SER E 238 23.94 10.65 7.79
C SER E 238 23.55 10.29 6.35
N GLY E 239 24.01 11.12 5.41
CA GLY E 239 23.78 10.81 4.02
C GLY E 239 24.39 9.49 3.61
N PHE E 240 25.40 9.02 4.35
CA PHE E 240 26.02 7.74 4.04
C PHE E 240 25.02 6.60 4.18
N GLU E 241 24.31 6.53 5.32
CA GLU E 241 23.33 5.46 5.47
C GLU E 241 22.08 5.73 4.66
N GLN E 242 21.74 7.01 4.44
CA GLN E 242 20.63 7.30 3.53
C GLN E 242 20.91 6.75 2.14
N TRP E 243 22.13 6.96 1.64
CA TRP E 243 22.52 6.41 0.34
C TRP E 243 22.63 4.89 0.38
N LYS E 244 23.02 4.33 1.52
CA LYS E 244 22.97 2.87 1.66
C LYS E 244 21.56 2.36 1.46
N LYS E 245 20.58 3.01 2.09
CA LYS E 245 19.19 2.61 1.91
C LYS E 245 18.73 2.82 0.47
N ASP E 246 19.20 3.88 -0.18
CA ASP E 246 18.87 4.16 -1.58
C ASP E 246 19.97 3.63 -2.50
N LYS E 247 20.59 2.53 -2.12
CA LYS E 247 21.63 1.90 -2.94
C LYS E 247 21.02 1.32 -4.21
N ALA E 248 21.70 1.53 -5.34
CA ALA E 248 21.24 1.09 -6.65
C ALA E 248 21.93 -0.21 -7.06
N PRO E 249 21.45 -0.88 -8.10
CA PRO E 249 22.13 -2.10 -8.57
C PRO E 249 23.54 -1.80 -9.06
N SER E 250 24.40 -2.82 -8.97
CA SER E 250 25.80 -2.66 -9.30
C SER E 250 26.04 -2.66 -10.80
N LEU E 251 27.18 -2.08 -11.21
CA LEU E 251 27.57 -2.15 -12.61
C LEU E 251 27.81 -3.57 -13.06
N LYS E 252 28.28 -4.43 -12.16
CA LYS E 252 28.44 -5.84 -12.50
C LYS E 252 27.10 -6.55 -12.73
N PHE E 253 25.98 -5.92 -12.35
CA PHE E 253 24.65 -6.46 -12.59
C PHE E 253 23.81 -5.61 -13.54
N THR E 254 24.33 -4.47 -14.04
CA THR E 254 23.57 -3.65 -14.98
C THR E 254 24.40 -3.05 -16.09
N ALA E 255 25.65 -3.48 -16.29
CA ALA E 255 26.48 -2.87 -17.31
C ALA E 255 26.19 -3.47 -18.68
N PRO E 256 26.39 -2.71 -19.77
CA PRO E 256 26.20 -3.27 -21.11
C PRO E 256 27.36 -4.16 -21.51
N PHE E 257 27.08 -5.06 -22.46
CA PHE E 257 28.02 -6.01 -23.03
C PHE E 257 28.50 -7.06 -22.03
N GLY E 258 27.94 -7.10 -20.83
CA GLY E 258 28.30 -8.13 -19.87
C GLY E 258 29.74 -8.08 -19.41
N CYS E 259 30.29 -6.88 -19.23
CA CYS E 259 31.64 -6.75 -18.69
C CYS E 259 31.62 -7.08 -17.21
N GLU E 260 32.55 -7.94 -16.78
CA GLU E 260 32.66 -8.35 -15.40
C GLU E 260 33.71 -7.50 -14.69
N ILE E 261 33.32 -6.86 -13.60
CA ILE E 261 34.16 -5.89 -12.90
C ILE E 261 34.68 -6.55 -11.63
N TYR E 262 35.98 -6.43 -11.39
CA TYR E 262 36.63 -6.90 -10.17
C TYR E 262 37.11 -5.71 -9.35
N THR E 263 37.63 -6.00 -8.15
CA THR E 263 37.81 -5.00 -7.11
C THR E 263 39.23 -4.45 -7.01
N ASN E 264 40.22 -5.33 -6.84
CA ASN E 264 41.60 -4.93 -6.54
C ASN E 264 42.24 -3.86 -7.45
N PRO E 265 42.65 -4.05 -8.72
CA PRO E 265 42.54 -2.91 -9.65
C PRO E 265 41.13 -2.78 -10.22
N ILE E 266 40.61 -1.56 -10.17
CA ILE E 266 39.32 -1.23 -10.79
C ILE E 266 39.48 -1.54 -12.27
N ARG E 267 38.77 -2.56 -12.74
CA ARG E 267 38.98 -3.07 -14.09
C ARG E 267 37.77 -3.87 -14.51
N ALA E 268 37.69 -4.16 -15.80
CA ALA E 268 36.61 -4.96 -16.37
C ALA E 268 37.19 -6.00 -17.32
N GLU E 269 36.54 -7.17 -17.38
CA GLU E 269 37.03 -8.27 -18.18
C GLU E 269 35.88 -9.03 -18.82
N ASN E 270 36.22 -9.75 -19.90
CA ASN E 270 35.34 -10.74 -20.52
C ASN E 270 34.03 -10.12 -21.01
N CYS E 271 34.17 -9.22 -21.98
CA CYS E 271 33.04 -8.69 -22.73
C CYS E 271 33.46 -8.31 -24.13
N ALA E 272 32.61 -8.61 -25.10
CA ALA E 272 32.96 -8.58 -26.50
C ALA E 272 32.53 -7.25 -27.12
N VAL E 273 33.50 -6.51 -27.66
CA VAL E 273 33.22 -5.30 -28.42
C VAL E 273 34.37 -5.07 -29.39
N GLY E 274 34.03 -4.87 -30.67
CA GLY E 274 35.03 -4.56 -31.67
C GLY E 274 35.86 -5.75 -32.10
N SER E 275 36.93 -5.42 -32.82
CA SER E 275 37.87 -6.41 -33.33
C SER E 275 39.29 -5.93 -33.13
N ILE E 276 40.16 -6.84 -32.71
CA ILE E 276 41.57 -6.57 -32.49
C ILE E 276 42.31 -6.89 -33.80
N PRO E 277 42.94 -5.92 -34.46
CA PRO E 277 43.86 -6.26 -35.54
C PRO E 277 45.20 -6.75 -34.99
N LEU E 278 45.77 -7.75 -35.67
CA LEU E 278 47.05 -8.34 -35.28
C LEU E 278 47.95 -8.37 -36.49
N ALA E 279 49.25 -8.14 -36.26
CA ALA E 279 50.26 -8.23 -37.30
C ALA E 279 51.42 -9.08 -36.80
N PHE E 280 51.92 -9.92 -37.70
CA PHE E 280 52.94 -10.92 -37.38
C PHE E 280 54.16 -10.72 -38.27
N ASP E 281 55.33 -10.73 -37.65
CA ASP E 281 56.62 -10.80 -38.35
C ASP E 281 57.25 -12.13 -37.94
N ILE E 282 57.20 -13.10 -38.84
CA ILE E 282 57.61 -14.48 -38.58
C ILE E 282 58.96 -14.71 -39.24
N PRO E 283 59.97 -15.23 -38.53
CA PRO E 283 61.25 -15.48 -39.19
C PRO E 283 61.17 -16.67 -40.12
N ASP E 284 62.12 -16.73 -41.06
CA ASP E 284 62.16 -17.80 -42.05
C ASP E 284 62.55 -19.14 -41.45
N ALA E 285 63.09 -19.15 -40.23
CA ALA E 285 63.61 -20.39 -39.64
C ALA E 285 62.51 -21.43 -39.45
N LEU E 286 61.28 -21.00 -39.17
CA LEU E 286 60.18 -21.90 -38.87
C LEU E 286 59.47 -22.43 -40.11
N PHE E 287 59.86 -22.00 -41.30
CA PHE E 287 59.20 -22.41 -42.53
C PHE E 287 59.78 -23.74 -43.03
N THR E 288 59.02 -24.38 -43.93
CA THR E 288 59.39 -25.68 -44.49
C THR E 288 59.18 -25.65 -46.00
N ARG E 289 59.92 -26.51 -46.69
CA ARG E 289 59.82 -26.60 -48.14
C ARG E 289 58.59 -27.41 -48.54
N VAL E 290 58.03 -27.07 -49.70
CA VAL E 290 56.79 -27.70 -50.15
C VAL E 290 57.01 -29.18 -50.44
N SER E 291 58.11 -29.52 -51.13
CA SER E 291 58.35 -30.91 -51.51
C SER E 291 58.51 -31.80 -50.28
N GLU E 292 59.06 -31.27 -49.20
CA GLU E 292 59.21 -32.04 -47.97
C GLU E 292 57.87 -32.32 -47.29
N THR E 293 56.80 -31.60 -47.67
CA THR E 293 55.45 -31.82 -47.16
C THR E 293 54.64 -32.62 -48.16
N PRO E 294 53.73 -33.50 -47.72
CA PRO E 294 52.88 -34.21 -48.70
C PRO E 294 52.06 -33.23 -49.54
N THR E 295 51.96 -33.55 -50.84
CA THR E 295 51.19 -32.77 -51.79
C THR E 295 50.09 -33.65 -52.36
N LEU E 296 48.85 -33.16 -52.31
CA LEU E 296 47.70 -33.96 -52.71
C LEU E 296 47.21 -33.57 -54.10
N SER E 297 46.38 -34.45 -54.66
CA SER E 297 45.72 -34.21 -55.94
C SER E 297 44.52 -35.13 -56.03
N ALA E 298 43.55 -34.73 -56.86
CA ALA E 298 42.35 -35.53 -57.11
C ALA E 298 41.60 -35.78 -55.80
N ALA E 299 41.13 -34.69 -55.19
CA ALA E 299 40.39 -34.74 -53.93
C ALA E 299 39.00 -34.17 -54.14
N GLU E 300 38.01 -34.75 -53.45
CA GLU E 300 36.67 -34.19 -53.47
C GLU E 300 36.00 -34.35 -52.12
N CYS E 301 34.99 -33.51 -51.89
CA CYS E 301 34.37 -33.29 -50.59
C CYS E 301 32.91 -33.74 -50.61
N THR E 302 32.44 -34.20 -49.45
CA THR E 302 31.03 -34.54 -49.28
C THR E 302 30.62 -34.20 -47.84
N LEU E 303 29.37 -33.80 -47.69
CA LEU E 303 28.79 -33.48 -46.39
C LEU E 303 28.00 -34.67 -45.90
N ASN E 304 28.33 -35.17 -44.71
CA ASN E 304 27.69 -36.37 -44.18
C ASN E 304 26.52 -36.04 -43.27
N GLU E 305 26.69 -35.11 -42.33
CA GLU E 305 25.64 -34.70 -41.41
C GLU E 305 25.63 -33.18 -41.30
N CYS E 306 24.43 -32.61 -41.14
CA CYS E 306 24.23 -31.18 -40.90
C CYS E 306 23.41 -30.92 -39.66
N VAL E 307 23.91 -30.01 -38.83
CA VAL E 307 23.10 -29.22 -37.90
C VAL E 307 23.68 -27.83 -37.85
N TYR E 308 23.04 -26.85 -38.50
CA TYR E 308 23.58 -25.49 -38.52
C TYR E 308 23.27 -24.85 -37.17
N SER E 309 24.03 -25.25 -36.16
CA SER E 309 23.89 -24.78 -34.79
C SER E 309 25.13 -24.01 -34.37
N SER E 310 25.06 -23.43 -33.18
CA SER E 310 26.17 -22.65 -32.66
C SER E 310 27.41 -23.51 -32.46
N ASP E 311 27.23 -24.79 -32.15
CA ASP E 311 28.36 -25.69 -31.98
C ASP E 311 28.88 -26.16 -33.34
N PHE E 312 29.85 -27.07 -33.31
CA PHE E 312 30.43 -27.65 -34.51
C PHE E 312 29.56 -28.82 -34.94
N GLY E 313 28.46 -28.47 -35.62
CA GLY E 313 27.41 -29.41 -35.95
C GLY E 313 27.39 -29.91 -37.38
N GLY E 314 28.49 -29.79 -38.10
CA GLY E 314 28.59 -30.34 -39.44
C GLY E 314 29.85 -31.17 -39.57
N ILE E 315 29.75 -32.26 -40.32
CA ILE E 315 30.86 -33.17 -40.53
C ILE E 315 30.96 -33.48 -42.03
N ALA E 316 32.18 -33.42 -42.55
CA ALA E 316 32.43 -33.65 -43.97
C ALA E 316 33.54 -34.67 -44.14
N THR E 317 33.38 -35.51 -45.16
CA THR E 317 34.38 -36.49 -45.55
C THR E 317 34.96 -36.08 -46.89
N VAL E 318 36.30 -35.97 -46.95
CA VAL E 318 37.01 -35.60 -48.16
C VAL E 318 37.90 -36.78 -48.54
N LYS E 319 37.71 -37.29 -49.76
CA LYS E 319 38.60 -38.31 -50.27
C LYS E 319 39.73 -37.61 -51.01
N TYR E 320 40.92 -38.20 -50.94
CA TYR E 320 42.14 -37.60 -51.47
C TYR E 320 43.05 -38.70 -51.99
N SER E 321 44.02 -38.29 -52.81
CA SER E 321 45.06 -39.17 -53.34
C SER E 321 46.39 -38.40 -53.23
N ALA E 322 47.11 -38.63 -52.14
CA ALA E 322 48.27 -37.84 -51.78
C ALA E 322 49.55 -38.52 -52.28
N SER E 323 50.69 -37.89 -52.00
CA SER E 323 52.00 -38.38 -52.36
C SER E 323 52.78 -38.96 -51.19
N LYS E 324 52.68 -38.33 -50.02
CA LYS E 324 53.36 -38.76 -48.81
C LYS E 324 52.38 -38.71 -47.63
N SER E 325 52.86 -39.09 -46.46
CA SER E 325 52.07 -39.09 -45.23
C SER E 325 52.59 -38.00 -44.30
N GLY E 326 51.68 -37.17 -43.79
CA GLY E 326 52.07 -36.11 -42.89
C GLY E 326 50.90 -35.22 -42.56
N LYS E 327 51.19 -34.18 -41.79
CA LYS E 327 50.21 -33.20 -41.34
C LYS E 327 50.35 -31.90 -42.12
N CYS E 328 49.22 -31.24 -42.34
CA CYS E 328 49.20 -29.90 -42.91
C CYS E 328 47.97 -29.18 -42.38
N ALA E 329 47.74 -27.98 -42.91
CA ALA E 329 46.62 -27.14 -42.49
C ALA E 329 45.49 -27.19 -43.51
N VAL E 330 44.26 -27.05 -43.01
CA VAL E 330 43.06 -26.95 -43.83
C VAL E 330 42.31 -25.69 -43.41
N HIS E 331 41.88 -24.90 -44.39
CA HIS E 331 41.29 -23.60 -44.12
C HIS E 331 40.21 -23.30 -45.14
N VAL E 332 39.24 -22.47 -44.74
CA VAL E 332 38.23 -21.93 -45.63
C VAL E 332 38.49 -20.42 -45.74
N PRO E 333 39.00 -19.92 -46.87
CA PRO E 333 39.27 -18.47 -46.94
C PRO E 333 38.04 -17.62 -46.71
N SER E 334 36.86 -18.09 -47.10
CA SER E 334 35.63 -17.35 -46.85
C SER E 334 35.21 -17.51 -45.39
N GLY E 335 34.28 -16.66 -44.96
CA GLY E 335 33.71 -16.73 -43.63
C GLY E 335 32.51 -17.64 -43.50
N THR E 336 32.20 -18.41 -44.56
CA THR E 336 31.00 -19.24 -44.53
C THR E 336 31.09 -20.32 -43.45
N ALA E 337 32.26 -20.96 -43.32
CA ALA E 337 32.44 -22.11 -42.44
C ALA E 337 33.57 -21.86 -41.46
N THR E 338 33.41 -22.40 -40.25
CA THR E 338 34.43 -22.35 -39.22
C THR E 338 34.88 -23.77 -38.88
N LEU E 339 36.19 -23.96 -38.73
CA LEU E 339 36.80 -25.27 -38.57
C LEU E 339 37.30 -25.46 -37.15
N LYS E 340 37.43 -26.73 -36.75
CA LYS E 340 37.94 -27.11 -35.43
C LYS E 340 39.39 -27.57 -35.47
N GLU E 341 39.71 -28.51 -36.37
CA GLU E 341 40.95 -29.27 -36.23
C GLU E 341 42.17 -28.37 -36.36
N ALA E 342 42.22 -27.53 -37.38
CA ALA E 342 43.33 -26.67 -37.74
C ALA E 342 44.54 -27.44 -38.28
N ALA E 343 44.50 -28.78 -38.27
CA ALA E 343 45.58 -29.60 -38.80
C ALA E 343 45.10 -31.03 -38.94
N VAL E 344 45.30 -31.64 -40.10
CA VAL E 344 44.84 -33.00 -40.38
C VAL E 344 46.01 -33.83 -40.87
N GLU E 345 46.16 -35.02 -40.30
CA GLU E 345 47.15 -35.98 -40.75
C GLU E 345 46.54 -36.86 -41.83
N LEU E 346 47.23 -36.94 -42.98
CA LEU E 346 46.75 -37.67 -44.14
C LEU E 346 47.75 -38.76 -44.51
N THR E 347 47.23 -39.90 -44.94
CA THR E 347 48.05 -41.03 -45.34
C THR E 347 48.29 -40.97 -46.85
N GLU E 348 48.85 -42.05 -47.42
CA GLU E 348 49.04 -42.10 -48.86
C GLU E 348 47.70 -42.11 -49.59
N GLN E 349 46.74 -42.87 -49.10
CA GLN E 349 45.42 -42.96 -49.72
C GLN E 349 44.38 -43.19 -48.64
N GLY E 350 43.20 -42.64 -48.84
CA GLY E 350 42.11 -42.77 -47.91
C GLY E 350 41.23 -41.54 -47.92
N SER E 351 40.55 -41.32 -46.80
CA SER E 351 39.65 -40.19 -46.64
C SER E 351 39.86 -39.56 -45.26
N ALA E 352 39.52 -38.28 -45.17
CA ALA E 352 39.67 -37.50 -43.95
C ALA E 352 38.31 -36.95 -43.52
N THR E 353 38.03 -37.04 -42.22
CA THR E 353 36.79 -36.55 -41.65
C THR E 353 37.06 -35.28 -40.85
N ILE E 354 36.31 -34.21 -41.15
CA ILE E 354 36.55 -32.89 -40.59
C ILE E 354 35.24 -32.33 -40.06
N HIS E 355 35.28 -31.79 -38.84
CA HIS E 355 34.16 -31.10 -38.23
C HIS E 355 34.17 -29.62 -38.62
N PHE E 356 33.01 -28.98 -38.50
CA PHE E 356 32.89 -27.56 -38.82
C PHE E 356 31.53 -27.05 -38.37
N SER E 357 31.34 -25.74 -38.51
CA SER E 357 30.08 -25.06 -38.25
C SER E 357 29.81 -24.05 -39.35
N THR E 358 28.54 -23.77 -39.56
CA THR E 358 28.12 -22.81 -40.59
C THR E 358 26.75 -22.25 -40.20
N ALA E 359 26.30 -21.25 -40.95
CA ALA E 359 25.02 -20.60 -40.74
C ALA E 359 24.05 -20.73 -41.91
N ASN E 360 24.54 -20.82 -43.14
CA ASN E 360 23.67 -20.85 -44.31
C ASN E 360 22.99 -22.21 -44.45
N ILE E 361 21.70 -22.19 -44.78
CA ILE E 361 20.92 -23.40 -44.92
C ILE E 361 21.39 -24.26 -46.08
N HIS E 362 22.05 -23.66 -47.08
CA HIS E 362 22.52 -24.35 -48.28
C HIS E 362 24.01 -24.06 -48.42
N PRO E 363 24.87 -24.77 -47.68
CA PRO E 363 26.29 -24.49 -47.75
C PRO E 363 26.86 -24.70 -49.15
N GLU E 364 27.74 -23.79 -49.56
CA GLU E 364 28.50 -23.93 -50.80
C GLU E 364 29.75 -23.08 -50.62
N PHE E 365 30.87 -23.71 -50.27
CA PHE E 365 32.06 -22.98 -49.86
C PHE E 365 33.32 -23.66 -50.39
N ARG E 366 34.36 -22.84 -50.58
CA ARG E 366 35.65 -23.31 -51.08
C ARG E 366 36.54 -23.68 -49.89
N LEU E 367 36.97 -24.93 -49.85
CA LEU E 367 37.80 -25.46 -48.77
C LEU E 367 39.23 -25.64 -49.27
N GLN E 368 40.19 -25.14 -48.49
CA GLN E 368 41.60 -25.23 -48.81
C GLN E 368 42.22 -26.40 -48.06
N ILE E 369 42.92 -27.26 -48.79
CA ILE E 369 43.62 -28.42 -48.21
C ILE E 369 45.08 -28.18 -48.61
N CYS E 370 46.01 -29.00 -48.10
CA CYS E 370 47.45 -28.72 -48.00
C CYS E 370 47.99 -27.80 -49.08
N THR E 371 47.68 -28.09 -50.34
CA THR E 371 48.14 -27.28 -51.46
C THR E 371 47.08 -27.09 -52.54
N SER E 372 45.82 -27.47 -52.29
CA SER E 372 44.77 -27.45 -53.30
C SER E 372 43.51 -26.84 -52.72
N TYR E 373 42.50 -26.67 -53.57
CA TYR E 373 41.21 -26.13 -53.16
C TYR E 373 40.11 -26.94 -53.82
N VAL E 374 39.05 -27.21 -53.05
CA VAL E 374 37.89 -27.94 -53.51
C VAL E 374 36.63 -27.16 -53.12
N THR E 375 35.47 -27.66 -53.57
CA THR E 375 34.19 -27.04 -53.30
C THR E 375 33.31 -28.02 -52.55
N CYS E 376 32.86 -27.63 -51.36
CA CYS E 376 31.92 -28.41 -50.55
C CYS E 376 30.55 -27.77 -50.69
N LYS E 377 29.57 -28.53 -51.20
CA LYS E 377 28.21 -28.03 -51.38
C LYS E 377 27.21 -29.03 -50.84
N GLY E 378 26.10 -28.50 -50.34
CA GLY E 378 25.05 -29.36 -49.81
C GLY E 378 23.91 -28.54 -49.22
N ASP E 379 23.01 -29.25 -48.54
CA ASP E 379 21.90 -28.64 -47.81
C ASP E 379 21.95 -29.12 -46.37
N CYS E 380 21.39 -28.30 -45.47
CA CYS E 380 21.54 -28.54 -44.04
C CYS E 380 20.24 -28.20 -43.31
N HIS E 381 20.12 -28.74 -42.10
CA HIS E 381 18.86 -28.79 -41.37
C HIS E 381 19.01 -28.16 -40.00
N PRO E 382 17.93 -27.69 -39.38
CA PRO E 382 18.04 -26.93 -38.12
C PRO E 382 18.26 -27.84 -36.93
N PRO E 383 18.68 -27.29 -35.77
CA PRO E 383 18.67 -28.06 -34.52
C PRO E 383 17.30 -28.05 -33.84
N LYS E 384 17.22 -28.67 -32.68
CA LYS E 384 15.99 -28.76 -31.89
C LYS E 384 16.04 -27.91 -30.63
N ASP E 385 17.12 -28.01 -29.85
CA ASP E 385 17.23 -27.26 -28.61
C ASP E 385 17.19 -25.77 -28.91
N HIS E 386 16.37 -25.04 -28.14
CA HIS E 386 16.11 -23.63 -28.39
C HIS E 386 17.10 -22.70 -27.73
N ILE E 387 17.63 -23.06 -26.56
CA ILE E 387 18.61 -22.26 -25.84
C ILE E 387 19.81 -23.13 -25.51
N VAL E 388 21.01 -22.63 -25.82
CA VAL E 388 22.26 -23.32 -25.49
C VAL E 388 23.02 -22.51 -24.45
N THR E 389 24.16 -23.03 -23.99
CA THR E 389 24.98 -22.39 -22.97
C THR E 389 26.40 -22.13 -23.46
N HIS E 390 26.60 -22.00 -24.76
CA HIS E 390 27.91 -21.77 -25.36
C HIS E 390 27.78 -20.76 -26.48
N PRO E 391 28.85 -20.05 -26.83
CA PRO E 391 28.74 -18.96 -27.80
C PRO E 391 28.60 -19.47 -29.23
N GLN E 392 28.30 -18.52 -30.11
CA GLN E 392 28.25 -18.78 -31.54
C GLN E 392 29.67 -18.81 -32.09
N TYR E 393 30.02 -19.91 -32.77
CA TYR E 393 31.40 -20.15 -33.18
C TYR E 393 31.70 -19.63 -34.59
N HIS E 394 30.74 -19.00 -35.26
CA HIS E 394 30.96 -18.45 -36.59
C HIS E 394 30.34 -17.06 -36.63
N ALA E 395 30.32 -16.46 -37.83
CA ALA E 395 29.81 -15.11 -38.05
C ALA E 395 28.56 -15.18 -38.92
N GLN E 396 27.52 -14.46 -38.50
CA GLN E 396 26.28 -14.43 -39.26
C GLN E 396 26.50 -13.71 -40.60
N THR E 397 25.83 -14.21 -41.63
CA THR E 397 25.92 -13.65 -42.98
C THR E 397 24.52 -13.38 -43.51
N PHE E 398 24.36 -12.25 -44.17
CA PHE E 398 23.06 -11.86 -44.72
C PHE E 398 22.68 -12.75 -45.90
N SER F 1 -3.97 -47.82 32.13
CA SER F 1 -3.99 -47.64 30.65
C SER F 1 -2.84 -46.74 30.21
N THR F 2 -2.74 -45.58 30.87
CA THR F 2 -1.66 -44.64 30.53
C THR F 2 -0.29 -45.27 30.74
N GLU F 3 -0.16 -46.19 31.70
CA GLU F 3 1.10 -46.90 31.85
C GLU F 3 1.40 -47.76 30.63
N GLU F 4 0.39 -48.45 30.09
CA GLU F 4 0.59 -49.22 28.86
C GLU F 4 0.96 -48.31 27.70
N LEU F 5 0.35 -47.12 27.65
CA LEU F 5 0.70 -46.16 26.60
C LEU F 5 2.13 -45.65 26.75
N PHE F 6 2.58 -45.50 28.01
CA PHE F 6 3.81 -44.77 28.29
C PHE F 6 5.03 -45.69 28.34
N ASN F 7 4.85 -46.98 28.59
CA ASN F 7 5.99 -47.87 28.79
C ASN F 7 6.86 -48.01 27.53
N GLU F 8 6.35 -47.65 26.36
CA GLU F 8 7.07 -47.90 25.12
C GLU F 8 8.37 -47.11 25.07
N TYR F 9 8.35 -45.85 25.52
CA TYR F 9 9.52 -44.98 25.45
C TYR F 9 10.53 -45.24 26.55
N LYS F 10 10.34 -46.28 27.37
CA LYS F 10 11.35 -46.66 28.34
C LYS F 10 12.59 -47.26 27.68
N LEU F 11 12.50 -47.63 26.40
CA LEU F 11 13.55 -48.39 25.72
C LEU F 11 14.59 -47.50 25.05
N THR F 12 14.49 -46.18 25.15
CA THR F 12 15.37 -45.26 24.43
C THR F 12 16.12 -44.35 25.42
N ARG F 13 16.92 -43.45 24.86
CA ARG F 13 17.72 -42.51 25.64
C ARG F 13 17.79 -41.19 24.90
N PRO F 14 18.12 -40.10 25.58
CA PRO F 14 18.35 -38.82 24.89
C PRO F 14 19.64 -38.85 24.07
N TYR F 15 19.74 -37.90 23.14
CA TYR F 15 20.88 -37.81 22.24
C TYR F 15 21.36 -36.37 22.12
N MET F 16 22.67 -36.19 22.14
CA MET F 16 23.28 -34.88 21.95
C MET F 16 23.06 -34.41 20.52
N ALA F 17 23.16 -33.09 20.30
CA ALA F 17 22.89 -32.52 19.00
C ALA F 17 23.68 -31.22 18.85
N ARG F 18 23.54 -30.59 17.68
CA ARG F 18 24.24 -29.36 17.34
C ARG F 18 23.25 -28.21 17.28
N CYS F 19 23.67 -27.07 17.81
CA CYS F 19 22.85 -25.88 17.97
C CYS F 19 23.57 -24.70 17.31
N ILE F 20 22.98 -24.17 16.23
CA ILE F 20 23.65 -23.07 15.54
C ILE F 20 23.79 -21.85 16.44
N ARG F 21 22.87 -21.66 17.38
CA ARG F 21 22.88 -20.49 18.25
C ARG F 21 22.46 -20.92 19.66
N CYS F 22 23.45 -21.25 20.48
CA CYS F 22 23.24 -21.29 21.92
C CYS F 22 23.64 -19.93 22.48
N ALA F 23 23.77 -19.85 23.81
CA ALA F 23 23.97 -18.56 24.47
C ALA F 23 25.24 -17.84 24.01
N VAL F 24 26.17 -18.57 23.40
CA VAL F 24 27.44 -18.00 22.95
C VAL F 24 27.45 -17.89 21.43
N GLY F 25 27.34 -19.03 20.74
CA GLY F 25 27.38 -19.04 19.29
C GLY F 25 27.06 -20.39 18.68
N SER F 26 27.81 -20.79 17.65
CA SER F 26 27.71 -22.16 17.15
C SER F 26 28.18 -23.10 18.26
N CYS F 27 27.41 -24.17 18.49
CA CYS F 27 27.40 -24.77 19.81
C CYS F 27 27.00 -26.23 19.68
N HIS F 28 27.35 -27.02 20.70
CA HIS F 28 26.82 -28.36 20.88
C HIS F 28 25.87 -28.34 22.08
N SER F 29 24.65 -28.83 21.86
CA SER F 29 23.56 -28.70 22.82
C SER F 29 22.96 -30.06 23.15
N PRO F 30 22.29 -30.17 24.30
CA PRO F 30 21.37 -31.30 24.52
C PRO F 30 19.90 -30.97 24.23
N ILE F 31 19.60 -29.75 23.77
CA ILE F 31 18.23 -29.27 23.64
C ILE F 31 18.00 -28.77 22.22
N ALA F 32 18.68 -29.36 21.25
CA ALA F 32 18.48 -28.95 19.86
C ALA F 32 17.06 -29.24 19.42
N ILE F 33 16.53 -28.36 18.58
CA ILE F 33 15.17 -28.47 18.05
C ILE F 33 15.27 -28.81 16.58
N GLU F 34 14.57 -29.86 16.16
CA GLU F 34 14.64 -30.35 14.79
C GLU F 34 13.32 -30.30 14.02
N ALA F 35 12.17 -30.40 14.70
CA ALA F 35 10.89 -30.33 13.99
C ALA F 35 9.95 -29.35 14.68
N VAL F 36 9.34 -28.47 13.89
CA VAL F 36 8.32 -27.53 14.35
C VAL F 36 7.12 -27.68 13.42
N LYS F 37 5.96 -27.97 14.00
CA LYS F 37 4.72 -28.15 13.25
C LYS F 37 3.66 -27.20 13.79
N SER F 38 3.01 -26.47 12.88
CA SER F 38 1.95 -25.52 13.24
C SER F 38 0.88 -25.63 12.15
N ASP F 39 -0.11 -26.49 12.40
CA ASP F 39 -1.23 -26.70 11.48
C ASP F 39 -2.58 -26.36 12.10
N GLY F 40 -2.70 -26.43 13.42
CA GLY F 40 -3.95 -26.13 14.08
C GLY F 40 -4.33 -24.67 13.96
N HIS F 41 -5.51 -24.32 14.47
CA HIS F 41 -6.05 -22.96 14.34
C HIS F 41 -5.79 -22.11 15.58
N ASP F 42 -5.94 -22.69 16.77
CA ASP F 42 -5.83 -21.94 18.01
C ASP F 42 -4.39 -21.81 18.51
N GLY F 43 -3.40 -21.95 17.64
CA GLY F 43 -2.02 -21.72 18.00
C GLY F 43 -1.31 -22.90 18.63
N TYR F 44 -1.99 -24.02 18.83
CA TYR F 44 -1.35 -25.19 19.39
C TYR F 44 -0.31 -25.72 18.41
N VAL F 45 0.94 -25.82 18.86
CA VAL F 45 2.08 -26.15 18.02
C VAL F 45 2.79 -27.35 18.61
N ARG F 46 3.38 -28.17 17.74
CA ARG F 46 4.10 -29.38 18.15
C ARG F 46 5.58 -29.21 17.88
N LEU F 47 6.40 -29.55 18.88
CA LEU F 47 7.85 -29.46 18.80
C LEU F 47 8.43 -30.86 18.97
N GLN F 48 9.15 -31.34 17.96
CA GLN F 48 9.93 -32.56 18.08
C GLN F 48 11.38 -32.15 18.34
N THR F 49 11.89 -32.57 19.50
CA THR F 49 13.12 -32.06 20.08
C THR F 49 14.07 -33.22 20.38
N SER F 50 15.16 -32.93 21.09
CA SER F 50 16.21 -33.91 21.37
C SER F 50 16.30 -34.22 22.86
N SER F 51 15.15 -34.42 23.51
CA SER F 51 15.12 -34.78 24.92
C SER F 51 13.82 -35.51 25.22
N GLN F 52 13.82 -36.22 26.35
CA GLN F 52 12.69 -37.03 26.78
C GLN F 52 12.02 -36.40 27.99
N TYR F 53 10.68 -36.36 27.97
CA TYR F 53 9.89 -35.76 29.02
C TYR F 53 8.99 -36.82 29.65
N GLY F 54 8.90 -36.80 30.97
CA GLY F 54 8.01 -37.67 31.71
C GLY F 54 8.61 -38.98 32.16
N LEU F 55 9.82 -39.32 31.70
CA LEU F 55 10.45 -40.57 32.10
C LEU F 55 11.06 -40.44 33.49
N LEU F 61 8.53 -43.86 36.07
CA LEU F 61 7.45 -42.94 35.76
C LEU F 61 7.47 -41.74 36.70
N LYS F 62 7.57 -40.55 36.12
CA LYS F 62 7.53 -39.30 36.85
C LYS F 62 6.56 -38.36 36.17
N GLY F 63 5.88 -37.53 36.97
CA GLY F 63 4.80 -36.71 36.45
C GLY F 63 5.23 -35.69 35.42
N ARG F 64 5.95 -34.65 35.85
CA ARG F 64 6.38 -33.56 34.98
C ARG F 64 7.88 -33.34 35.22
N THR F 65 8.70 -33.97 34.38
CA THR F 65 10.15 -33.85 34.50
C THR F 65 10.77 -33.97 33.11
N MET F 66 11.87 -33.22 32.90
CA MET F 66 12.62 -33.25 31.66
C MET F 66 13.90 -34.04 31.87
N ARG F 67 14.13 -35.04 31.03
CA ARG F 67 15.32 -35.88 31.05
C ARG F 67 16.19 -35.54 29.85
N TYR F 68 17.50 -35.53 30.05
CA TYR F 68 18.42 -35.15 28.99
C TYR F 68 19.79 -35.77 29.24
N ASP F 69 20.64 -35.71 28.22
CA ASP F 69 22.01 -36.18 28.31
C ASP F 69 22.99 -35.01 28.48
N MET F 70 24.14 -35.31 29.07
CA MET F 70 25.17 -34.29 29.30
C MET F 70 26.53 -35.00 29.30
N HIS F 71 27.20 -34.97 28.15
CA HIS F 71 28.50 -35.62 27.97
C HIS F 71 28.45 -37.09 28.39
N GLY F 72 27.36 -37.78 28.01
CA GLY F 72 27.19 -39.18 28.30
C GLY F 72 26.47 -39.48 29.60
N THR F 73 26.27 -38.47 30.45
CA THR F 73 25.57 -38.64 31.72
C THR F 73 24.13 -38.19 31.57
N ILE F 74 23.20 -38.99 32.10
CA ILE F 74 21.78 -38.70 32.02
C ILE F 74 21.37 -37.96 33.28
N LYS F 75 20.69 -36.82 33.10
CA LYS F 75 20.26 -35.98 34.21
C LYS F 75 18.81 -35.58 33.98
N GLU F 76 18.19 -35.04 35.03
CA GLU F 76 16.79 -34.67 34.99
C GLU F 76 16.59 -33.35 35.71
N ILE F 77 15.50 -32.66 35.35
CA ILE F 77 15.17 -31.36 35.93
C ILE F 77 13.65 -31.27 36.05
N PRO F 78 13.09 -30.55 37.03
CA PRO F 78 11.64 -30.31 37.02
C PRO F 78 11.21 -29.55 35.76
N LEU F 79 9.99 -29.83 35.32
CA LEU F 79 9.53 -29.30 34.04
C LEU F 79 9.45 -27.77 34.06
N HIS F 80 8.94 -27.20 35.15
CA HIS F 80 8.66 -25.77 35.19
C HIS F 80 9.92 -24.89 35.23
N GLN F 81 11.14 -25.43 35.15
CA GLN F 81 12.34 -24.62 35.16
C GLN F 81 12.81 -24.20 33.76
N VAL F 82 12.17 -24.70 32.71
CA VAL F 82 12.53 -24.36 31.34
C VAL F 82 11.52 -23.35 30.81
N SER F 83 11.87 -22.70 29.70
CA SER F 83 10.96 -21.72 29.08
C SER F 83 11.23 -21.65 27.59
N LEU F 84 10.24 -21.14 26.86
CA LEU F 84 10.37 -20.96 25.42
C LEU F 84 9.57 -19.73 25.02
N TYR F 85 9.89 -19.18 23.85
CA TYR F 85 9.22 -17.99 23.36
C TYR F 85 9.50 -17.79 21.88
N THR F 86 8.57 -17.06 21.23
CA THR F 86 8.77 -16.56 19.88
C THR F 86 8.77 -15.03 19.87
N SER F 87 7.73 -14.41 20.38
CA SER F 87 7.64 -12.96 20.59
C SER F 87 7.23 -12.59 22.00
N ARG F 88 6.36 -13.38 22.61
CA ARG F 88 5.95 -13.26 24.00
C ARG F 88 6.31 -14.55 24.73
N PRO F 89 6.37 -14.52 26.07
CA PRO F 89 6.61 -15.77 26.80
C PRO F 89 5.56 -16.82 26.47
N CYS F 90 6.02 -18.05 26.27
CA CYS F 90 5.17 -19.15 25.85
C CYS F 90 4.83 -20.02 27.06
N HIS F 91 4.09 -21.10 26.84
CA HIS F 91 3.68 -21.99 27.91
C HIS F 91 3.77 -23.44 27.45
N ILE F 92 4.00 -24.33 28.41
CA ILE F 92 4.08 -25.76 28.18
C ILE F 92 2.84 -26.40 28.78
N VAL F 93 2.14 -27.21 27.99
CA VAL F 93 0.92 -27.87 28.43
C VAL F 93 1.27 -29.27 28.94
N ASP F 94 1.84 -30.09 28.06
CA ASP F 94 2.17 -31.47 28.40
C ASP F 94 3.37 -31.91 27.57
N GLY F 95 4.14 -32.83 28.13
CA GLY F 95 5.27 -33.41 27.43
C GLY F 95 5.26 -34.92 27.56
N HIS F 96 5.67 -35.58 26.47
CA HIS F 96 5.64 -37.05 26.42
C HIS F 96 6.65 -37.52 25.39
N GLY F 97 7.69 -38.21 25.86
CA GLY F 97 8.69 -38.75 24.95
C GLY F 97 9.43 -37.67 24.20
N TYR F 98 9.50 -37.82 22.88
CA TYR F 98 10.27 -36.94 22.01
C TYR F 98 9.51 -35.67 21.62
N PHE F 99 8.29 -35.47 22.11
CA PHE F 99 7.38 -34.48 21.55
C PHE F 99 6.86 -33.57 22.66
N LEU F 100 6.58 -32.32 22.29
CA LEU F 100 6.04 -31.32 23.20
C LEU F 100 4.92 -30.57 22.51
N LEU F 101 3.84 -30.32 23.25
CA LEU F 101 2.73 -29.49 22.78
C LEU F 101 2.82 -28.14 23.47
N ALA F 102 3.11 -27.10 22.70
CA ALA F 102 3.19 -25.73 23.19
C ALA F 102 2.06 -24.90 22.60
N ARG F 103 1.89 -23.69 23.12
CA ARG F 103 0.81 -22.83 22.67
C ARG F 103 1.18 -21.39 23.03
N CYS F 104 1.28 -20.54 22.00
CA CYS F 104 1.66 -19.14 22.14
C CYS F 104 1.60 -18.46 20.77
N PRO F 105 1.42 -17.13 20.72
CA PRO F 105 1.00 -16.49 19.46
C PRO F 105 2.04 -16.53 18.35
N ALA F 106 1.70 -15.90 17.22
CA ALA F 106 2.49 -16.03 16.00
C ALA F 106 3.88 -15.44 16.19
N GLY F 107 4.82 -15.97 15.41
CA GLY F 107 6.20 -15.50 15.43
C GLY F 107 6.93 -16.01 14.22
N ASP F 108 8.17 -15.53 14.06
CA ASP F 108 9.02 -15.91 12.95
C ASP F 108 10.10 -16.91 13.34
N SER F 109 10.51 -16.94 14.61
CA SER F 109 11.54 -17.85 15.10
C SER F 109 11.10 -18.41 16.44
N ILE F 110 11.65 -19.58 16.78
CA ILE F 110 11.36 -20.26 18.03
C ILE F 110 12.65 -20.25 18.86
N THR F 111 12.51 -20.07 20.17
CA THR F 111 13.65 -20.19 21.08
C THR F 111 13.20 -20.92 22.34
N MET F 112 14.07 -21.77 22.87
CA MET F 112 13.79 -22.45 24.14
C MET F 112 15.09 -22.61 24.90
N GLU F 113 15.01 -22.46 26.22
CA GLU F 113 16.19 -22.38 27.06
C GLU F 113 15.85 -22.82 28.48
N PHE F 114 16.90 -23.04 29.26
CA PHE F 114 16.78 -23.31 30.69
C PHE F 114 18.04 -22.81 31.38
N LYS F 115 17.98 -22.73 32.71
CA LYS F 115 19.06 -22.22 33.52
C LYS F 115 19.40 -23.25 34.59
N LYS F 116 20.64 -23.73 34.59
CA LYS F 116 21.15 -24.61 35.63
C LYS F 116 21.55 -23.72 36.81
N ASP F 117 22.14 -24.32 37.86
CA ASP F 117 22.59 -23.54 39.01
C ASP F 117 23.48 -22.37 38.59
N SER F 118 24.39 -22.60 37.64
CA SER F 118 25.31 -21.54 37.20
C SER F 118 25.55 -21.47 35.71
N VAL F 119 24.97 -22.37 34.90
CA VAL F 119 25.15 -22.37 33.45
C VAL F 119 23.77 -22.35 32.79
N ARG F 120 23.61 -21.47 31.80
CA ARG F 120 22.38 -21.35 31.03
C ARG F 120 22.56 -21.98 29.65
N HIS F 121 21.54 -22.71 29.21
CA HIS F 121 21.55 -23.37 27.91
C HIS F 121 20.35 -22.88 27.10
N SER F 122 20.54 -22.68 25.80
CA SER F 122 19.51 -22.13 24.94
C SER F 122 19.70 -22.63 23.51
N CYS F 123 18.62 -22.61 22.74
CA CYS F 123 18.67 -22.76 21.30
C CYS F 123 17.52 -22.03 20.63
N SER F 124 17.83 -21.42 19.49
CA SER F 124 16.87 -20.73 18.64
C SER F 124 16.94 -21.30 17.23
N VAL F 125 15.78 -21.39 16.58
CA VAL F 125 15.69 -21.93 15.22
C VAL F 125 14.76 -21.05 14.40
N PRO F 126 15.07 -20.77 13.10
CA PRO F 126 14.15 -20.00 12.25
C PRO F 126 13.16 -20.88 11.50
N TYR F 127 12.23 -21.48 12.23
CA TYR F 127 11.10 -22.21 11.66
C TYR F 127 9.82 -21.45 11.97
N GLU F 128 9.07 -21.12 10.92
CA GLU F 128 7.91 -20.25 11.08
C GLU F 128 6.82 -20.92 11.89
N VAL F 129 6.19 -20.14 12.76
CA VAL F 129 5.00 -20.55 13.51
C VAL F 129 3.87 -19.60 13.15
N LYS F 130 2.75 -20.15 12.70
CA LYS F 130 1.65 -19.39 12.14
C LYS F 130 0.40 -19.51 13.02
N PHE F 131 -0.28 -18.39 13.21
CA PHE F 131 -1.56 -18.32 13.92
C PHE F 131 -2.65 -18.06 12.90
N ASN F 132 -3.52 -19.06 12.69
CA ASN F 132 -4.57 -18.98 11.68
C ASN F 132 -5.94 -18.81 12.35
N PRO F 133 -6.79 -17.90 11.87
CA PRO F 133 -8.12 -17.76 12.48
C PRO F 133 -9.14 -18.71 11.86
N VAL F 134 -10.20 -18.97 12.64
CA VAL F 134 -11.32 -19.81 12.23
C VAL F 134 -12.45 -18.91 11.77
N GLY F 135 -13.00 -19.19 10.59
CA GLY F 135 -14.12 -18.43 10.08
C GLY F 135 -13.72 -17.31 9.14
N ARG F 136 -14.43 -16.18 9.23
CA ARG F 136 -14.21 -15.03 8.37
C ARG F 136 -13.99 -13.77 9.20
N GLU F 137 -13.24 -13.91 10.30
CA GLU F 137 -12.90 -12.78 11.16
C GLU F 137 -11.45 -12.94 11.59
N LEU F 138 -10.62 -11.96 11.22
CA LEU F 138 -9.18 -12.05 11.43
C LEU F 138 -8.80 -11.49 12.80
N TYR F 139 -9.08 -12.29 13.82
CA TYR F 139 -8.69 -11.95 15.18
C TYR F 139 -7.23 -12.35 15.43
N THR F 140 -6.59 -11.61 16.34
CA THR F 140 -5.23 -11.91 16.77
C THR F 140 -5.17 -12.73 18.04
N HIS F 141 -6.26 -12.83 18.79
CA HIS F 141 -6.33 -13.58 20.03
C HIS F 141 -7.73 -14.20 20.12
N PRO F 142 -7.87 -15.38 20.73
CA PRO F 142 -9.23 -15.94 20.89
C PRO F 142 -10.11 -15.03 21.71
N PRO F 143 -11.40 -14.90 21.36
CA PRO F 143 -12.26 -13.95 22.08
C PRO F 143 -12.82 -14.55 23.37
N GLU F 144 -13.48 -13.69 24.14
CA GLU F 144 -14.08 -14.11 25.40
C GLU F 144 -15.39 -14.86 25.20
N HIS F 145 -16.17 -14.50 24.18
CA HIS F 145 -17.51 -15.05 24.01
C HIS F 145 -17.89 -15.01 22.54
N GLY F 146 -18.93 -15.75 22.21
CA GLY F 146 -19.45 -15.80 20.85
C GLY F 146 -20.05 -17.15 20.56
N VAL F 147 -20.58 -17.28 19.34
CA VAL F 147 -21.17 -18.54 18.92
C VAL F 147 -20.10 -19.61 18.83
N GLU F 148 -20.54 -20.86 18.76
CA GLU F 148 -19.64 -22.00 18.66
C GLU F 148 -19.36 -22.34 17.20
N GLN F 149 -18.28 -23.07 16.98
CA GLN F 149 -17.93 -23.56 15.65
C GLN F 149 -17.19 -24.88 15.83
N ALA F 150 -16.89 -25.54 14.73
CA ALA F 150 -16.06 -26.74 14.72
C ALA F 150 -14.75 -26.43 14.03
N CYS F 151 -13.63 -26.64 14.73
CA CYS F 151 -12.32 -26.47 14.09
C CYS F 151 -11.43 -27.65 14.45
N GLN F 152 -10.16 -27.57 14.07
CA GLN F 152 -9.20 -28.65 14.28
C GLN F 152 -8.14 -28.16 15.26
N VAL F 153 -8.05 -28.82 16.40
CA VAL F 153 -7.06 -28.54 17.43
C VAL F 153 -6.40 -29.83 17.85
N TYR F 154 -5.21 -29.71 18.43
CA TYR F 154 -4.42 -30.88 18.79
C TYR F 154 -4.91 -31.45 20.11
N ALA F 155 -5.22 -32.75 20.12
CA ALA F 155 -5.80 -33.38 21.29
C ALA F 155 -4.82 -33.37 22.46
N HIS F 156 -5.35 -33.17 23.66
CA HIS F 156 -4.51 -33.17 24.85
C HIS F 156 -4.10 -34.58 25.25
N ASP F 157 -4.93 -35.57 24.96
CA ASP F 157 -4.63 -36.95 25.32
C ASP F 157 -3.51 -37.48 24.43
N ALA F 158 -2.77 -38.46 24.95
CA ALA F 158 -1.67 -39.10 24.26
C ALA F 158 -2.02 -40.52 23.85
N GLN F 159 -3.28 -40.72 23.46
CA GLN F 159 -3.74 -42.07 23.12
C GLN F 159 -3.02 -42.60 21.89
N ASN F 160 -2.75 -43.90 21.89
CA ASN F 160 -2.01 -44.51 20.79
C ASN F 160 -2.81 -44.44 19.50
N ARG F 161 -2.25 -43.76 18.51
CA ARG F 161 -2.85 -43.59 17.19
C ARG F 161 -2.09 -44.44 16.17
N GLY F 162 -2.47 -44.34 14.90
CA GLY F 162 -1.85 -45.10 13.85
C GLY F 162 -0.66 -44.41 13.21
N ALA F 163 -0.14 -43.37 13.87
CA ALA F 163 1.03 -42.63 13.40
C ALA F 163 2.25 -43.17 14.13
N TYR F 164 3.19 -43.73 13.37
CA TYR F 164 4.39 -44.34 13.91
C TYR F 164 5.63 -43.68 13.31
N VAL F 165 6.70 -43.66 14.09
CA VAL F 165 7.98 -43.09 13.68
C VAL F 165 9.07 -44.13 13.92
N GLU F 166 9.96 -44.29 12.95
CA GLU F 166 11.00 -45.31 12.98
C GLU F 166 12.18 -44.88 13.83
N MET F 167 12.88 -45.86 14.41
CA MET F 167 14.14 -45.63 15.11
C MET F 167 15.23 -46.46 14.45
N HIS F 168 16.46 -46.32 14.96
CA HIS F 168 17.61 -46.97 14.37
C HIS F 168 18.63 -47.27 15.46
N LEU F 169 19.57 -48.16 15.14
CA LEU F 169 20.64 -48.48 16.08
C LEU F 169 21.47 -47.24 16.35
N PRO F 170 21.91 -47.00 17.59
CA PRO F 170 22.75 -45.83 17.84
C PRO F 170 24.09 -45.94 17.13
N GLY F 171 24.57 -44.80 16.62
CA GLY F 171 25.87 -44.78 16.00
C GLY F 171 26.98 -44.70 17.02
N SER F 172 28.18 -45.02 16.57
CA SER F 172 29.37 -44.95 17.41
C SER F 172 29.81 -43.50 17.50
N GLU F 173 29.80 -42.94 18.71
CA GLU F 173 30.12 -41.53 18.94
C GLU F 173 31.47 -41.42 19.62
N VAL F 174 32.33 -40.57 19.06
CA VAL F 174 33.69 -40.41 19.57
C VAL F 174 33.66 -39.56 20.83
N ASP F 175 34.47 -39.96 21.82
CA ASP F 175 34.61 -39.20 23.07
C ASP F 175 36.10 -38.96 23.29
N SER F 176 36.47 -37.69 23.46
CA SER F 176 37.86 -37.33 23.68
C SER F 176 38.30 -37.48 25.13
N SER F 177 37.36 -37.66 26.06
CA SER F 177 37.73 -37.82 27.46
C SER F 177 38.30 -39.20 27.75
N LEU F 178 37.89 -40.21 26.97
CA LEU F 178 38.34 -41.57 27.22
C LEU F 178 39.85 -41.70 27.05
N VAL F 179 40.38 -41.14 25.95
CA VAL F 179 41.81 -41.21 25.71
C VAL F 179 42.54 -40.32 26.71
N SER F 180 43.63 -40.84 27.27
CA SER F 180 44.42 -40.10 28.25
C SER F 180 45.89 -40.45 28.05
N LEU F 181 46.75 -39.57 28.54
CA LEU F 181 48.20 -39.74 28.38
C LEU F 181 48.74 -40.61 29.51
N SER F 182 49.45 -41.67 29.14
CA SER F 182 50.17 -42.49 30.10
C SER F 182 51.51 -41.82 30.41
N GLY F 183 52.41 -42.55 31.06
CA GLY F 183 53.74 -42.02 31.30
C GLY F 183 54.48 -41.69 30.02
N SER F 184 54.40 -42.59 29.04
CA SER F 184 55.02 -42.35 27.73
C SER F 184 54.16 -42.85 26.57
N SER F 185 52.90 -43.20 26.80
CA SER F 185 52.04 -43.78 25.77
C SER F 185 50.61 -43.28 26.01
N VAL F 186 49.66 -43.91 25.32
CA VAL F 186 48.25 -43.55 25.42
C VAL F 186 47.51 -44.68 26.12
N THR F 187 46.46 -44.30 26.86
CA THR F 187 45.65 -45.21 27.64
C THR F 187 44.18 -44.93 27.37
N VAL F 188 43.37 -45.99 27.41
CA VAL F 188 41.92 -45.89 27.27
C VAL F 188 41.28 -46.62 28.43
N THR F 189 40.33 -45.96 29.09
CA THR F 189 39.66 -46.47 30.29
C THR F 189 38.16 -46.40 30.03
N PRO F 190 37.58 -47.39 29.36
CA PRO F 190 36.15 -47.34 29.07
C PRO F 190 35.35 -47.35 30.36
N PRO F 191 34.16 -46.73 30.37
CA PRO F 191 33.34 -46.77 31.58
C PRO F 191 32.92 -48.18 31.94
N ASP F 192 32.81 -48.44 33.24
CA ASP F 192 32.45 -49.78 33.70
C ASP F 192 31.08 -50.19 33.18
N GLY F 193 30.99 -51.42 32.69
CA GLY F 193 29.73 -51.95 32.20
C GLY F 193 29.37 -51.57 30.78
N THR F 194 30.30 -50.97 30.03
CA THR F 194 30.04 -50.56 28.66
C THR F 194 31.26 -50.86 27.80
N SER F 195 31.03 -51.10 26.52
CA SER F 195 32.08 -51.47 25.60
C SER F 195 32.58 -50.26 24.81
N ALA F 196 33.87 -50.30 24.47
CA ALA F 196 34.52 -49.24 23.71
C ALA F 196 35.35 -49.86 22.59
N LEU F 197 35.86 -49.00 21.71
CA LEU F 197 36.59 -49.44 20.53
C LEU F 197 37.60 -48.36 20.16
N VAL F 198 38.88 -48.74 20.10
CA VAL F 198 39.98 -47.79 19.88
C VAL F 198 40.52 -48.01 18.48
N GLU F 199 40.79 -46.91 17.77
CA GLU F 199 41.22 -46.93 16.38
C GLU F 199 42.36 -45.94 16.13
N CYS F 200 43.40 -46.42 15.42
CA CYS F 200 44.30 -45.60 14.59
C CYS F 200 45.49 -46.27 13.89
N GLU F 201 46.18 -45.44 13.08
CA GLU F 201 47.37 -45.82 12.35
C GLU F 201 48.64 -45.18 12.92
N CYS F 202 48.75 -45.06 14.25
CA CYS F 202 49.92 -44.37 14.82
C CYS F 202 51.20 -45.11 14.45
N GLY F 203 51.13 -46.44 14.37
CA GLY F 203 52.18 -47.25 13.80
C GLY F 203 51.77 -47.76 12.44
N GLY F 204 51.29 -49.00 12.39
CA GLY F 204 50.72 -49.55 11.17
C GLY F 204 49.24 -49.26 11.12
N THR F 205 48.41 -50.29 11.27
CA THR F 205 46.96 -50.13 11.43
C THR F 205 46.55 -50.92 12.66
N LYS F 206 45.85 -50.28 13.59
CA LYS F 206 45.49 -50.86 14.87
C LYS F 206 44.04 -50.52 15.20
N ILE F 207 43.27 -51.55 15.55
CA ILE F 207 41.87 -51.40 15.94
C ILE F 207 41.57 -52.49 16.95
N SER F 208 41.00 -52.11 18.09
CA SER F 208 40.80 -53.07 19.17
C SER F 208 39.57 -52.71 20.00
N GLU F 209 38.79 -53.75 20.34
CA GLU F 209 37.58 -53.59 21.15
C GLU F 209 37.92 -53.99 22.60
N THR F 210 38.51 -53.04 23.32
CA THR F 210 38.78 -53.26 24.74
C THR F 210 37.49 -53.12 25.53
N ILE F 211 37.23 -54.08 26.43
CA ILE F 211 35.99 -54.15 27.18
C ILE F 211 36.34 -54.16 28.67
N ASN F 212 36.02 -53.07 29.36
CA ASN F 212 36.11 -53.01 30.83
C ASN F 212 37.52 -53.26 31.33
N LYS F 213 38.52 -52.72 30.64
CA LYS F 213 39.90 -52.78 31.08
C LYS F 213 40.60 -51.48 30.74
N THR F 214 41.46 -51.02 31.65
CA THR F 214 42.32 -49.87 31.41
C THR F 214 43.48 -50.33 30.53
N LYS F 215 43.38 -50.06 29.22
CA LYS F 215 44.28 -50.62 28.23
C LYS F 215 45.24 -49.56 27.73
N GLN F 216 46.54 -49.85 27.81
CA GLN F 216 47.58 -49.01 27.24
C GLN F 216 47.92 -49.51 25.85
N PHE F 217 48.31 -48.57 24.97
CA PHE F 217 48.65 -48.88 23.59
C PHE F 217 50.09 -48.47 23.32
N SER F 218 50.88 -49.39 22.77
CA SER F 218 52.26 -49.13 22.45
C SER F 218 52.38 -48.49 21.06
N GLN F 219 53.49 -47.79 20.86
CA GLN F 219 53.90 -47.14 19.61
C GLN F 219 53.12 -45.86 19.33
N CYS F 220 52.10 -45.53 20.12
CA CYS F 220 51.39 -44.25 20.02
C CYS F 220 51.87 -43.35 21.14
N THR F 221 52.43 -42.19 20.80
CA THR F 221 53.06 -41.32 21.79
C THR F 221 52.10 -40.26 22.33
N LYS F 222 51.60 -39.40 21.46
CA LYS F 222 50.72 -38.31 21.86
C LYS F 222 49.26 -38.78 21.88
N LYS F 223 48.41 -38.00 22.55
CA LYS F 223 46.98 -38.27 22.58
C LYS F 223 46.24 -37.69 21.39
N GLU F 224 46.78 -36.66 20.75
CA GLU F 224 46.08 -35.99 19.66
C GLU F 224 45.88 -36.88 18.45
N GLN F 225 46.57 -38.03 18.39
CA GLN F 225 46.47 -38.88 17.21
C GLN F 225 45.03 -39.34 16.96
N CYS F 226 44.40 -39.96 17.96
CA CYS F 226 43.37 -40.93 17.58
C CYS F 226 42.40 -41.24 18.71
N ARG F 227 41.51 -42.22 18.43
CA ARG F 227 40.16 -42.15 18.97
C ARG F 227 39.74 -43.42 19.69
N ALA F 228 38.90 -43.23 20.71
CA ALA F 228 38.18 -44.29 21.41
C ALA F 228 36.70 -43.96 21.39
N TYR F 229 35.88 -44.92 20.97
CA TYR F 229 34.45 -44.73 20.79
C TYR F 229 33.69 -45.37 21.96
N ARG F 230 32.37 -45.41 21.83
CA ARG F 230 31.49 -46.05 22.81
C ARG F 230 30.48 -46.91 22.07
N LEU F 231 29.99 -47.96 22.74
CA LEU F 231 29.01 -48.87 22.16
C LEU F 231 27.85 -49.05 23.12
N GLN F 232 26.64 -49.09 22.58
CA GLN F 232 25.43 -49.30 23.37
C GLN F 232 24.42 -50.03 22.50
N ASN F 233 24.17 -51.30 22.82
CA ASN F 233 23.27 -52.11 22.02
C ASN F 233 21.82 -51.69 22.20
N ASP F 234 21.40 -51.42 23.43
CA ASP F 234 20.04 -50.99 23.73
C ASP F 234 19.95 -49.47 23.57
N LYS F 235 18.86 -48.88 24.08
CA LYS F 235 18.66 -47.43 24.06
C LYS F 235 18.64 -46.90 22.62
N TRP F 236 17.58 -47.29 21.92
CA TRP F 236 17.34 -46.90 20.53
C TRP F 236 17.38 -45.38 20.40
N VAL F 237 17.60 -44.88 19.18
CA VAL F 237 17.63 -43.45 18.92
C VAL F 237 16.74 -43.15 17.72
N TYR F 238 16.19 -41.93 17.70
CA TYR F 238 15.30 -41.50 16.63
C TYR F 238 16.10 -41.26 15.35
N ASN F 239 15.39 -41.29 14.22
CA ASN F 239 15.97 -41.02 12.91
C ASN F 239 16.28 -39.52 12.81
N SER F 240 17.41 -39.14 13.40
CA SER F 240 17.88 -37.77 13.41
C SER F 240 18.89 -37.55 12.28
N ASP F 241 19.20 -36.28 12.03
CA ASP F 241 20.12 -35.90 10.96
C ASP F 241 21.50 -35.48 11.46
N LYS F 242 21.72 -35.44 12.77
CA LYS F 242 22.98 -35.00 13.35
C LYS F 242 23.81 -36.15 13.92
N LEU F 243 23.39 -37.39 13.71
CA LEU F 243 24.07 -38.56 14.26
C LEU F 243 24.50 -39.48 13.12
N PRO F 244 25.73 -40.01 13.13
CA PRO F 244 26.10 -40.99 12.10
C PRO F 244 25.34 -42.30 12.30
N LYS F 245 25.10 -43.00 11.20
CA LYS F 245 24.34 -44.23 11.24
C LYS F 245 25.24 -45.41 11.61
N ALA F 246 24.60 -46.49 12.08
CA ALA F 246 25.31 -47.70 12.48
C ALA F 246 25.59 -48.55 11.24
N ALA F 247 26.04 -49.79 11.46
CA ALA F 247 26.46 -50.69 10.39
C ALA F 247 25.55 -51.92 10.36
N GLY F 248 24.76 -52.03 9.29
CA GLY F 248 24.02 -53.24 8.98
C GLY F 248 22.53 -53.14 9.27
N ALA F 249 21.76 -52.79 8.24
CA ALA F 249 20.31 -52.85 8.20
C ALA F 249 19.60 -51.81 9.07
N THR F 250 20.33 -51.19 10.02
CA THR F 250 19.97 -49.90 10.60
C THR F 250 18.60 -49.86 11.29
N LEU F 251 17.87 -50.99 11.34
CA LEU F 251 16.46 -50.98 11.65
C LEU F 251 16.16 -51.89 12.85
N LYS F 252 15.33 -51.40 13.77
CA LYS F 252 14.85 -52.24 14.87
C LYS F 252 13.34 -52.12 15.06
N GLY F 253 12.74 -50.99 14.73
CA GLY F 253 11.30 -50.85 14.88
C GLY F 253 10.85 -49.40 14.86
N LYS F 254 9.61 -49.21 15.28
CA LYS F 254 8.93 -47.92 15.24
C LYS F 254 7.98 -47.79 16.43
N LEU F 255 7.79 -46.54 16.86
CA LEU F 255 7.00 -46.23 18.05
C LEU F 255 5.92 -45.20 17.69
N HIS F 256 4.83 -45.23 18.47
CA HIS F 256 3.73 -44.32 18.24
C HIS F 256 4.10 -42.89 18.60
N VAL F 257 3.52 -41.94 17.88
CA VAL F 257 3.65 -40.51 18.16
C VAL F 257 2.33 -40.02 18.75
N PRO F 258 2.30 -39.47 19.97
CA PRO F 258 1.05 -38.87 20.47
C PRO F 258 0.78 -37.51 19.86
N PHE F 259 -0.25 -36.83 20.36
CA PHE F 259 -0.59 -35.45 19.99
C PHE F 259 -0.90 -35.35 18.49
N LEU F 260 -1.97 -36.03 18.10
CA LEU F 260 -2.51 -35.97 16.75
C LEU F 260 -3.69 -35.01 16.71
N LEU F 261 -3.85 -34.31 15.59
CA LEU F 261 -4.93 -33.34 15.47
C LEU F 261 -6.29 -34.02 15.48
N ALA F 262 -7.27 -33.33 16.05
CA ALA F 262 -8.63 -33.85 16.15
C ALA F 262 -9.63 -32.79 15.73
N ASP F 263 -10.92 -33.07 15.90
CA ASP F 263 -11.99 -32.13 15.61
C ASP F 263 -12.66 -31.74 16.92
N GLY F 264 -12.78 -30.42 17.17
CA GLY F 264 -13.28 -29.95 18.44
C GLY F 264 -14.19 -28.75 18.27
N LYS F 265 -14.91 -28.44 19.34
CA LYS F 265 -15.76 -27.26 19.42
C LYS F 265 -14.91 -26.07 19.82
N CYS F 266 -15.17 -24.93 19.17
CA CYS F 266 -14.25 -23.80 19.16
C CYS F 266 -15.03 -22.52 19.36
N THR F 267 -14.42 -21.57 20.07
CA THR F 267 -15.00 -20.25 20.24
C THR F 267 -14.55 -19.35 19.09
N VAL F 268 -15.50 -18.68 18.46
CA VAL F 268 -15.24 -17.81 17.31
C VAL F 268 -15.87 -16.46 17.59
N PRO F 269 -15.23 -15.33 17.26
CA PRO F 269 -15.82 -14.03 17.59
C PRO F 269 -17.06 -13.74 16.75
N LEU F 270 -17.87 -12.81 17.26
CA LEU F 270 -19.11 -12.38 16.63
C LEU F 270 -19.05 -10.89 16.33
N ALA F 271 -19.43 -10.52 15.11
CA ALA F 271 -19.40 -9.14 14.66
C ALA F 271 -20.66 -8.40 15.10
N PRO F 272 -20.61 -7.08 15.19
CA PRO F 272 -21.82 -6.32 15.58
C PRO F 272 -22.86 -6.32 14.48
N GLU F 273 -24.07 -5.94 14.87
CA GLU F 273 -25.20 -5.91 13.94
C GLU F 273 -25.01 -4.78 12.93
N PRO F 274 -24.99 -5.04 11.62
CA PRO F 274 -24.94 -3.92 10.67
C PRO F 274 -26.20 -3.08 10.74
N MET F 275 -26.05 -1.78 10.49
CA MET F 275 -27.18 -0.86 10.50
C MET F 275 -27.77 -0.83 9.09
N ILE F 276 -29.01 -1.27 8.96
CA ILE F 276 -29.70 -1.41 7.68
C ILE F 276 -30.64 -0.22 7.51
N THR F 277 -30.66 0.36 6.30
CA THR F 277 -31.66 1.35 5.94
C THR F 277 -32.19 1.04 4.55
N PHE F 278 -33.48 1.24 4.36
CA PHE F 278 -34.19 0.83 3.15
C PHE F 278 -34.39 2.01 2.20
N GLY F 279 -34.71 1.68 0.96
CA GLY F 279 -35.08 2.68 -0.03
C GLY F 279 -35.56 1.98 -1.27
N PHE F 280 -36.09 2.77 -2.20
CA PHE F 280 -36.72 2.21 -3.38
C PHE F 280 -35.72 1.37 -4.17
N ARG F 281 -35.88 0.05 -4.11
CA ARG F 281 -35.01 -0.90 -4.79
C ARG F 281 -33.55 -0.78 -4.34
N SER F 282 -33.31 -0.25 -3.14
CA SER F 282 -31.95 -0.01 -2.68
C SER F 282 -31.86 -0.23 -1.18
N VAL F 283 -30.67 -0.61 -0.72
CA VAL F 283 -30.37 -0.81 0.69
C VAL F 283 -29.03 -0.17 1.00
N SER F 284 -28.95 0.52 2.14
CA SER F 284 -27.72 1.13 2.61
C SER F 284 -27.30 0.50 3.92
N LEU F 285 -26.04 0.06 3.99
CA LEU F 285 -25.48 -0.59 5.15
C LEU F 285 -24.42 0.30 5.76
N LYS F 286 -24.60 0.67 7.04
CA LYS F 286 -23.54 1.28 7.83
C LYS F 286 -22.91 0.20 8.70
N LEU F 287 -21.59 0.22 8.80
CA LEU F 287 -20.84 -0.87 9.39
C LEU F 287 -19.68 -0.31 10.20
N HIS F 288 -19.47 -0.87 11.38
CA HIS F 288 -18.48 -0.38 12.34
C HIS F 288 -17.76 -1.58 12.94
N PRO F 289 -16.76 -2.14 12.24
CA PRO F 289 -16.16 -3.39 12.69
C PRO F 289 -15.18 -3.23 13.85
N LYS F 290 -15.26 -4.16 14.79
CA LYS F 290 -14.26 -4.23 15.87
C LYS F 290 -12.90 -4.62 15.32
N ASN F 291 -12.86 -5.58 14.41
CA ASN F 291 -11.65 -6.10 13.81
C ASN F 291 -11.90 -6.30 12.33
N PRO F 292 -10.84 -6.49 11.54
CA PRO F 292 -11.03 -6.73 10.10
C PRO F 292 -11.98 -7.89 9.85
N THR F 293 -12.92 -7.68 8.93
CA THR F 293 -14.00 -8.64 8.71
C THR F 293 -14.31 -8.70 7.22
N TYR F 294 -14.83 -9.86 6.80
CA TYR F 294 -15.15 -10.13 5.42
C TYR F 294 -16.64 -9.94 5.15
N LEU F 295 -16.94 -9.40 3.98
CA LEU F 295 -18.29 -9.27 3.45
C LEU F 295 -18.38 -10.11 2.20
N ILE F 296 -19.42 -10.95 2.10
CA ILE F 296 -19.78 -11.57 0.82
C ILE F 296 -21.21 -11.20 0.52
N THR F 297 -21.43 -10.65 -0.68
CA THR F 297 -22.75 -10.27 -1.14
C THR F 297 -23.02 -10.94 -2.49
N ARG F 298 -24.25 -11.43 -2.66
CA ARG F 298 -24.61 -12.25 -3.80
C ARG F 298 -26.06 -11.95 -4.20
N GLN F 299 -26.35 -12.17 -5.47
CA GLN F 299 -27.70 -12.04 -6.02
C GLN F 299 -28.30 -13.42 -6.26
N LEU F 300 -29.62 -13.46 -6.40
CA LEU F 300 -30.37 -14.70 -6.60
C LEU F 300 -30.90 -14.77 -8.03
N ALA F 301 -30.07 -14.38 -8.99
CA ALA F 301 -30.38 -14.46 -10.41
C ALA F 301 -29.55 -15.57 -11.04
N ASP F 302 -29.66 -15.70 -12.37
CA ASP F 302 -28.87 -16.69 -13.09
C ASP F 302 -27.38 -16.43 -12.92
N GLU F 303 -27.00 -15.16 -12.73
CA GLU F 303 -25.61 -14.74 -12.54
C GLU F 303 -25.42 -14.18 -11.13
N PRO F 304 -24.30 -14.49 -10.46
CA PRO F 304 -24.16 -14.06 -9.06
C PRO F 304 -23.82 -12.59 -8.88
N HIS F 305 -22.87 -12.08 -9.67
CA HIS F 305 -22.22 -10.79 -9.37
C HIS F 305 -21.74 -10.79 -7.91
N TYR F 306 -21.12 -11.89 -7.49
CA TYR F 306 -20.62 -11.99 -6.14
C TYR F 306 -19.56 -10.93 -5.90
N THR F 307 -19.60 -10.30 -4.72
CA THR F 307 -18.55 -9.38 -4.30
C THR F 307 -18.06 -9.79 -2.92
N HIS F 308 -16.74 -10.01 -2.83
CA HIS F 308 -16.04 -10.38 -1.61
C HIS F 308 -15.10 -9.25 -1.24
N GLU F 309 -15.14 -8.83 0.02
CA GLU F 309 -14.43 -7.60 0.39
C GLU F 309 -13.96 -7.71 1.84
N LEU F 310 -12.81 -7.12 2.13
CA LEU F 310 -12.25 -7.03 3.48
C LEU F 310 -12.36 -5.58 3.95
N ILE F 311 -12.98 -5.38 5.12
CA ILE F 311 -13.14 -4.05 5.71
C ILE F 311 -12.59 -4.09 7.13
N SER F 312 -11.74 -3.10 7.44
CA SER F 312 -11.18 -2.93 8.78
C SER F 312 -11.49 -1.58 9.39
N GLU F 313 -12.26 -0.74 8.72
CA GLU F 313 -12.62 0.60 9.16
C GLU F 313 -14.12 0.78 9.02
N PRO F 314 -14.73 1.70 9.78
CA PRO F 314 -16.16 1.95 9.58
C PRO F 314 -16.44 2.48 8.19
N ALA F 315 -17.61 2.12 7.66
CA ALA F 315 -17.91 2.43 6.27
C ALA F 315 -19.42 2.44 6.05
N VAL F 316 -19.81 2.99 4.91
CA VAL F 316 -21.20 3.04 4.45
C VAL F 316 -21.21 2.57 3.01
N ARG F 317 -21.96 1.51 2.74
CA ARG F 317 -22.08 0.93 1.41
C ARG F 317 -23.53 0.99 0.94
N ASN F 318 -23.71 1.08 -0.37
CA ASN F 318 -25.02 1.12 -1.01
C ASN F 318 -25.14 -0.01 -2.01
N PHE F 319 -26.30 -0.66 -2.04
CA PHE F 319 -26.54 -1.79 -2.93
C PHE F 319 -27.93 -1.66 -3.54
N THR F 320 -28.07 -2.18 -4.77
CA THR F 320 -29.34 -2.23 -5.48
C THR F 320 -29.90 -3.63 -5.40
N VAL F 321 -31.19 -3.73 -5.13
CA VAL F 321 -31.88 -5.02 -4.97
C VAL F 321 -32.98 -5.12 -6.02
N THR F 322 -33.00 -6.25 -6.72
CA THR F 322 -34.05 -6.58 -7.68
C THR F 322 -34.97 -7.62 -7.07
N GLU F 323 -36.15 -7.78 -7.68
CA GLU F 323 -37.11 -8.76 -7.19
C GLU F 323 -36.54 -10.17 -7.20
N LYS F 324 -35.53 -10.43 -8.04
CA LYS F 324 -34.91 -11.75 -8.07
C LYS F 324 -34.26 -12.08 -6.73
N GLY F 325 -33.58 -11.13 -6.10
CA GLY F 325 -33.20 -11.24 -4.70
C GLY F 325 -31.75 -10.98 -4.34
N TRP F 326 -31.55 -10.58 -3.07
CA TRP F 326 -30.25 -10.21 -2.55
C TRP F 326 -29.95 -11.03 -1.30
N GLU F 327 -28.68 -11.37 -1.09
CA GLU F 327 -28.29 -12.12 0.10
C GLU F 327 -26.83 -11.82 0.43
N PHE F 328 -26.46 -12.10 1.67
CA PHE F 328 -25.09 -11.82 2.09
C PHE F 328 -24.78 -12.46 3.44
N VAL F 329 -23.49 -12.46 3.77
CA VAL F 329 -23.05 -12.60 5.16
C VAL F 329 -21.96 -11.56 5.45
N TRP F 330 -22.13 -10.89 6.59
CA TRP F 330 -21.11 -10.13 7.31
C TRP F 330 -20.62 -10.96 8.48
N GLY F 331 -19.36 -11.40 8.41
CA GLY F 331 -18.79 -12.13 9.51
C GLY F 331 -19.32 -13.56 9.58
N ASN F 332 -19.58 -14.02 10.80
CA ASN F 332 -20.00 -15.38 11.06
C ASN F 332 -21.50 -15.51 11.27
N HIS F 333 -22.28 -14.44 11.04
CA HIS F 333 -23.72 -14.52 11.23
C HIS F 333 -24.34 -15.42 10.16
N PRO F 334 -25.54 -15.94 10.40
CA PRO F 334 -26.19 -16.77 9.38
C PRO F 334 -26.48 -15.95 8.15
N PRO F 335 -26.73 -16.60 7.01
CA PRO F 335 -27.07 -15.86 5.80
C PRO F 335 -28.29 -14.97 5.99
N LYS F 336 -28.19 -13.74 5.49
CA LYS F 336 -29.30 -12.79 5.51
C LYS F 336 -29.79 -12.58 4.08
N ARG F 337 -31.11 -12.65 3.91
CA ARG F 337 -31.76 -12.65 2.61
C ARG F 337 -32.78 -11.51 2.56
N PHE F 338 -32.98 -10.96 1.37
CA PHE F 338 -33.92 -9.87 1.19
C PHE F 338 -34.51 -9.93 -0.21
N TRP F 339 -35.80 -9.60 -0.30
CA TRP F 339 -36.58 -9.74 -1.52
C TRP F 339 -37.46 -8.50 -1.67
N ALA F 340 -37.20 -7.72 -2.71
CA ALA F 340 -37.86 -6.43 -2.89
C ALA F 340 -39.30 -6.63 -3.36
N GLN F 341 -40.12 -5.60 -3.12
CA GLN F 341 -41.51 -5.58 -3.54
C GLN F 341 -41.85 -4.21 -4.09
N GLU F 342 -42.82 -4.18 -5.01
CA GLU F 342 -43.21 -2.93 -5.64
C GLU F 342 -43.80 -1.97 -4.63
N THR F 343 -43.44 -0.69 -4.75
CA THR F 343 -43.95 0.34 -3.86
C THR F 343 -44.02 1.68 -4.58
N GLU G 1 56.41 4.19 -12.90
CA GLU G 1 55.37 3.32 -12.36
C GLU G 1 55.74 2.87 -10.95
N VAL G 2 54.73 2.54 -10.15
CA VAL G 2 54.89 2.17 -8.76
C VAL G 2 54.98 0.66 -8.63
N GLN G 3 55.83 0.19 -7.71
CA GLN G 3 56.03 -1.23 -7.50
C GLN G 3 56.15 -1.50 -6.00
N LEU G 4 55.97 -2.77 -5.63
CA LEU G 4 56.16 -3.24 -4.27
C LEU G 4 57.23 -4.31 -4.26
N GLN G 5 58.21 -4.17 -3.37
CA GLN G 5 59.31 -5.11 -3.22
C GLN G 5 59.17 -5.83 -1.88
N ALA G 6 59.14 -7.16 -1.93
CA ALA G 6 58.95 -8.01 -0.76
C ALA G 6 60.26 -8.67 -0.37
N SER G 7 60.55 -8.66 0.93
CA SER G 7 61.76 -9.29 1.46
C SER G 7 61.41 -10.06 2.73
N GLY G 8 62.21 -11.08 3.01
CA GLY G 8 62.03 -11.91 4.19
C GLY G 8 61.74 -13.35 3.86
N GLY G 9 61.24 -14.10 4.85
CA GLY G 9 60.90 -15.50 4.66
C GLY G 9 62.11 -16.40 4.76
N GLY G 10 61.85 -17.70 4.60
CA GLY G 10 62.87 -18.73 4.65
C GLY G 10 62.34 -19.99 5.30
N LEU G 11 63.24 -20.95 5.51
CA LEU G 11 62.91 -22.23 6.12
C LEU G 11 63.30 -22.19 7.59
N VAL G 12 62.35 -22.53 8.47
CA VAL G 12 62.57 -22.48 9.91
C VAL G 12 61.78 -23.60 10.58
N GLN G 13 62.10 -23.84 11.85
CA GLN G 13 61.37 -24.80 12.65
C GLN G 13 60.15 -24.14 13.29
N ALA G 14 59.17 -24.96 13.66
CA ALA G 14 57.96 -24.45 14.28
C ALA G 14 58.29 -23.78 15.61
N GLY G 15 57.51 -22.74 15.94
CA GLY G 15 57.71 -21.96 17.15
C GLY G 15 58.67 -20.79 17.01
N GLY G 16 59.23 -20.55 15.84
CA GLY G 16 60.12 -19.44 15.63
C GLY G 16 59.39 -18.11 15.46
N SER G 17 60.18 -17.07 15.17
CA SER G 17 59.65 -15.73 14.96
C SER G 17 60.43 -15.02 13.86
N LEU G 18 59.72 -14.58 12.82
CA LEU G 18 60.33 -13.94 11.65
C LEU G 18 59.73 -12.53 11.48
N ARG G 19 60.29 -11.80 10.51
CA ARG G 19 59.78 -10.50 10.09
C ARG G 19 59.68 -10.49 8.57
N LEU G 20 58.54 -10.02 8.06
CA LEU G 20 58.31 -9.84 6.64
C LEU G 20 58.15 -8.36 6.33
N SER G 21 58.87 -7.88 5.32
CA SER G 21 58.90 -6.48 4.96
C SER G 21 58.51 -6.29 3.51
N CYS G 22 57.69 -5.28 3.25
CA CYS G 22 57.30 -4.88 1.91
C CYS G 22 57.49 -3.38 1.77
N ALA G 23 58.19 -2.96 0.72
CA ALA G 23 58.52 -1.56 0.49
C ALA G 23 57.96 -1.10 -0.84
N ALA G 24 57.52 0.16 -0.88
CA ALA G 24 56.94 0.77 -2.06
C ALA G 24 57.92 1.75 -2.68
N SER G 25 58.07 1.66 -4.00
CA SER G 25 58.94 2.55 -4.76
C SER G 25 58.19 3.05 -5.99
N GLY G 26 58.54 4.27 -6.42
CA GLY G 26 57.95 4.90 -7.57
C GLY G 26 57.54 6.32 -7.24
N SER G 27 56.55 6.82 -7.98
CA SER G 27 56.05 8.18 -7.83
C SER G 27 54.81 8.16 -6.95
N ILE G 28 55.05 8.16 -5.63
CA ILE G 28 54.00 8.17 -4.63
C ILE G 28 54.40 9.05 -3.47
N VAL G 29 53.42 9.71 -2.86
CA VAL G 29 53.63 10.58 -1.70
C VAL G 29 52.93 10.03 -0.47
N SER G 30 51.70 9.53 -0.61
CA SER G 30 50.92 8.99 0.49
C SER G 30 50.19 7.74 0.03
N ILE G 31 49.94 6.84 0.97
CA ILE G 31 49.31 5.56 0.69
C ILE G 31 48.15 5.37 1.66
N ASN G 32 46.97 5.07 1.12
CA ASN G 32 45.78 4.93 1.94
C ASN G 32 45.78 3.58 2.65
N VAL G 33 46.15 2.51 1.95
CA VAL G 33 46.03 1.15 2.46
C VAL G 33 47.30 0.37 2.12
N MET G 34 47.71 -0.50 3.04
CA MET G 34 48.69 -1.54 2.78
C MET G 34 48.28 -2.79 3.56
N ALA G 35 48.28 -3.94 2.89
CA ALA G 35 47.77 -5.16 3.47
C ALA G 35 48.61 -6.35 3.03
N TRP G 36 48.44 -7.46 3.74
CA TRP G 36 49.13 -8.72 3.46
C TRP G 36 48.10 -9.78 3.09
N TYR G 37 48.47 -10.62 2.12
CA TYR G 37 47.64 -11.75 1.71
C TYR G 37 48.52 -12.99 1.60
N ARG G 38 47.92 -14.15 1.91
CA ARG G 38 48.61 -15.44 1.88
C ARG G 38 47.92 -16.36 0.89
N GLN G 39 48.73 -17.16 0.20
CA GLN G 39 48.24 -18.13 -0.78
C GLN G 39 48.93 -19.46 -0.53
N SER G 40 48.17 -20.45 -0.01
CA SER G 40 48.71 -21.78 0.22
C SER G 40 48.55 -22.63 -1.04
N PRO G 41 49.36 -23.69 -1.19
CA PRO G 41 49.20 -24.55 -2.38
C PRO G 41 47.82 -25.19 -2.41
N GLY G 42 47.26 -25.26 -3.61
CA GLY G 42 45.99 -25.93 -3.82
C GLY G 42 44.77 -25.21 -3.32
N LYS G 43 44.91 -23.93 -2.92
CA LYS G 43 43.78 -23.17 -2.38
C LYS G 43 43.71 -21.80 -3.04
N GLU G 44 42.83 -20.93 -2.53
CA GLU G 44 42.63 -19.59 -3.07
C GLU G 44 43.34 -18.57 -2.19
N ARG G 45 43.28 -17.31 -2.62
CA ARG G 45 43.94 -16.21 -1.92
C ARG G 45 43.10 -15.78 -0.72
N GLU G 46 43.79 -15.47 0.39
CA GLU G 46 43.13 -15.04 1.62
C GLU G 46 43.93 -13.90 2.24
N LEU G 47 43.24 -13.10 3.06
CA LEU G 47 43.86 -12.00 3.77
C LEU G 47 44.41 -12.46 5.11
N VAL G 48 45.47 -11.79 5.57
CA VAL G 48 46.09 -12.08 6.86
C VAL G 48 46.10 -10.83 7.72
N ALA G 49 46.80 -9.80 7.24
CA ALA G 49 46.97 -8.55 7.97
C ALA G 49 46.41 -7.39 7.16
N LYS G 50 46.10 -6.30 7.86
CA LYS G 50 45.35 -5.20 7.28
C LYS G 50 45.69 -3.95 8.10
N SER G 51 46.56 -3.10 7.54
CA SER G 51 47.06 -1.93 8.23
C SER G 51 46.83 -0.68 7.38
N SER G 52 46.36 0.39 8.02
CA SER G 52 46.20 1.67 7.36
C SER G 52 46.21 2.75 8.44
N GLY G 53 47.29 3.51 8.52
CA GLY G 53 47.44 4.52 9.53
C GLY G 53 47.42 3.89 10.92
N PRO G 54 46.61 4.44 11.86
CA PRO G 54 46.62 3.88 13.22
C PRO G 54 45.81 2.60 13.35
N PHE G 55 44.75 2.45 12.56
CA PHE G 55 43.86 1.31 12.70
C PHE G 55 44.49 0.03 12.15
N THR G 56 44.08 -1.10 12.72
CA THR G 56 44.55 -2.42 12.28
C THR G 56 43.39 -3.40 12.35
N LEU G 57 43.52 -4.49 11.58
CA LEU G 57 42.51 -5.53 11.53
C LEU G 57 43.20 -6.87 11.31
N TYR G 58 42.69 -7.91 11.96
CA TYR G 58 43.25 -9.26 11.87
C TYR G 58 42.17 -10.26 11.54
N ALA G 59 42.57 -11.36 10.90
CA ALA G 59 41.67 -12.43 10.53
C ALA G 59 41.37 -13.31 11.75
N ASP G 60 40.59 -14.37 11.52
CA ASP G 60 40.22 -15.27 12.62
C ASP G 60 41.37 -16.20 13.01
N SER G 61 42.16 -16.65 12.04
CA SER G 61 43.21 -17.63 12.27
C SER G 61 44.56 -17.00 12.55
N VAL G 62 44.64 -15.68 12.72
CA VAL G 62 45.90 -14.97 12.90
C VAL G 62 45.87 -14.06 14.12
N LYS G 63 44.87 -14.18 14.98
CA LYS G 63 44.75 -13.28 16.12
C LYS G 63 45.73 -13.65 17.22
N GLY G 64 46.41 -12.64 17.77
CA GLY G 64 47.26 -12.83 18.93
C GLY G 64 48.66 -13.33 18.64
N ARG G 65 49.01 -13.56 17.37
CA ARG G 65 50.31 -14.10 17.01
C ARG G 65 51.12 -13.21 16.08
N PHE G 66 50.50 -12.54 15.10
CA PHE G 66 51.21 -11.73 14.11
C PHE G 66 50.81 -10.27 14.30
N THR G 67 51.80 -9.38 14.25
CA THR G 67 51.59 -7.94 14.43
C THR G 67 52.07 -7.21 13.18
N ILE G 68 51.28 -6.22 12.76
CA ILE G 68 51.55 -5.44 11.56
C ILE G 68 51.85 -4.00 11.99
N SER G 69 52.92 -3.44 11.43
CA SER G 69 53.30 -2.05 11.65
C SER G 69 53.56 -1.40 10.29
N ASN G 70 53.13 -0.14 10.15
CA ASN G 70 53.24 0.60 8.90
C ASN G 70 53.96 1.91 9.14
N ASP G 71 54.77 2.31 8.16
CA ASP G 71 55.51 3.57 8.19
C ASP G 71 55.21 4.31 6.89
N ALA G 72 54.30 5.28 6.96
CA ALA G 72 53.92 6.02 5.75
C ALA G 72 55.05 6.90 5.26
N ALA G 73 55.92 7.37 6.16
CA ALA G 73 57.06 8.19 5.74
C ALA G 73 57.98 7.41 4.81
N LYS G 74 58.29 6.17 5.18
CA LYS G 74 59.08 5.27 4.33
C LYS G 74 58.20 4.46 3.38
N ASN G 75 56.87 4.46 3.57
CA ASN G 75 55.96 3.68 2.76
C ASN G 75 56.31 2.20 2.81
N THR G 76 56.44 1.67 4.03
CA THR G 76 56.79 0.28 4.27
C THR G 76 55.87 -0.30 5.33
N VAL G 77 55.71 -1.62 5.29
CA VAL G 77 54.98 -2.38 6.29
C VAL G 77 55.85 -3.53 6.76
N ASP G 78 55.83 -3.77 8.07
CA ASP G 78 56.60 -4.84 8.69
C ASP G 78 55.65 -5.74 9.47
N LEU G 79 55.54 -6.98 9.04
CA LEU G 79 54.70 -7.98 9.70
C LEU G 79 55.57 -8.83 10.61
N GLN G 80 55.57 -8.51 11.90
CA GLN G 80 56.29 -9.32 12.89
C GLN G 80 55.47 -10.59 13.13
N MET G 81 56.08 -11.74 12.84
CA MET G 81 55.37 -12.99 12.68
C MET G 81 55.91 -13.98 13.71
N ASN G 82 55.03 -14.53 14.55
CA ASN G 82 55.47 -15.32 15.71
C ASN G 82 54.56 -16.53 15.89
N SER G 83 55.05 -17.47 16.70
CA SER G 83 54.29 -18.66 17.10
C SER G 83 53.88 -19.48 15.88
N LEU G 84 54.88 -20.08 15.24
CA LEU G 84 54.65 -20.77 13.98
C LEU G 84 53.91 -22.08 14.20
N LYS G 85 52.98 -22.38 13.30
CA LYS G 85 52.27 -23.64 13.23
C LYS G 85 52.43 -24.22 11.84
N PRO G 86 52.30 -25.54 11.69
CA PRO G 86 52.57 -26.15 10.37
C PRO G 86 51.64 -25.67 9.27
N GLU G 87 50.48 -25.10 9.61
CA GLU G 87 49.53 -24.62 8.62
C GLU G 87 49.89 -23.25 8.04
N ASP G 88 50.92 -22.59 8.59
CA ASP G 88 51.25 -21.23 8.16
C ASP G 88 52.11 -21.17 6.90
N THR G 89 52.57 -22.31 6.39
CA THR G 89 53.40 -22.30 5.18
C THR G 89 52.58 -21.83 3.98
N ALA G 90 53.13 -20.84 3.27
CA ALA G 90 52.46 -20.26 2.10
C ALA G 90 53.36 -19.21 1.46
N VAL G 91 52.92 -18.65 0.33
CA VAL G 91 53.57 -17.52 -0.30
C VAL G 91 52.78 -16.26 0.03
N TYR G 92 53.45 -15.26 0.59
CA TYR G 92 52.80 -14.06 1.11
C TYR G 92 53.01 -12.90 0.15
N TYR G 93 51.93 -12.21 -0.18
CA TYR G 93 51.95 -11.04 -1.05
C TYR G 93 51.53 -9.81 -0.26
N CYS G 94 52.12 -8.67 -0.62
CA CYS G 94 51.79 -7.38 -0.03
C CYS G 94 51.06 -6.53 -1.06
N ASN G 95 49.94 -5.93 -0.65
CA ASN G 95 49.08 -5.16 -1.54
C ASN G 95 48.98 -3.72 -1.03
N ALA G 96 48.88 -2.78 -1.97
CA ALA G 96 48.66 -1.38 -1.67
C ALA G 96 47.47 -0.88 -2.47
N GLU G 97 46.57 -0.16 -1.82
CA GLU G 97 45.34 0.32 -2.43
C GLU G 97 45.11 1.77 -2.06
N GLY G 98 44.33 2.46 -2.88
CA GLY G 98 44.04 3.86 -2.66
C GLY G 98 45.25 4.76 -2.80
N LEU G 99 46.09 4.50 -3.81
CA LEU G 99 47.31 5.26 -4.00
C LEU G 99 46.98 6.70 -4.41
N ARG G 100 47.61 7.67 -3.75
CA ARG G 100 47.46 9.08 -4.05
C ARG G 100 48.76 9.54 -4.71
N TYR G 101 48.78 9.54 -6.03
CA TYR G 101 49.97 9.97 -6.75
C TYR G 101 50.19 11.47 -6.54
N PRO G 102 51.45 11.95 -6.53
CA PRO G 102 51.67 13.35 -6.16
C PRO G 102 51.45 14.33 -7.31
N SER G 103 50.41 14.12 -8.10
CA SER G 103 50.22 14.77 -9.39
C SER G 103 51.55 14.91 -10.15
N GLY G 104 52.23 13.78 -10.42
CA GLY G 104 51.77 12.42 -10.16
C GLY G 104 50.64 11.98 -11.07
N THR G 105 50.99 11.79 -12.34
CA THR G 105 50.07 11.30 -13.36
C THR G 105 49.26 10.13 -12.86
N TYR G 106 47.95 10.32 -12.79
CA TYR G 106 47.05 9.27 -12.33
C TYR G 106 47.19 8.03 -13.21
N GLY G 107 47.20 6.86 -12.57
CA GLY G 107 47.49 5.62 -13.23
C GLY G 107 46.72 4.46 -12.62
N PRO G 108 47.30 3.25 -12.62
CA PRO G 108 46.59 2.12 -12.01
C PRO G 108 46.41 2.32 -10.51
N SER G 109 45.30 1.77 -10.00
CA SER G 109 44.95 1.94 -8.60
C SER G 109 45.75 1.02 -7.69
N ALA G 110 45.60 -0.29 -7.86
CA ALA G 110 46.25 -1.27 -7.00
C ALA G 110 47.49 -1.85 -7.66
N VAL G 111 48.37 -2.39 -6.81
CA VAL G 111 49.63 -3.00 -7.24
C VAL G 111 49.78 -4.34 -6.54
N TRP G 112 50.66 -5.17 -7.10
CA TRP G 112 50.90 -6.50 -6.56
C TRP G 112 52.37 -6.85 -6.75
N GLY G 113 53.05 -7.16 -5.65
CA GLY G 113 54.43 -7.59 -5.71
C GLY G 113 54.55 -9.08 -5.99
N GLN G 114 55.80 -9.52 -6.16
CA GLN G 114 56.05 -10.93 -6.44
C GLN G 114 55.84 -11.81 -5.21
N GLY G 115 56.06 -11.27 -4.01
CA GLY G 115 55.86 -12.01 -2.80
C GLY G 115 57.08 -12.81 -2.37
N THR G 116 56.98 -13.40 -1.18
CA THR G 116 58.04 -14.19 -0.60
C THR G 116 57.47 -15.51 -0.06
N GLN G 117 58.29 -16.55 -0.12
CA GLN G 117 57.88 -17.88 0.35
C GLN G 117 58.28 -18.06 1.80
N VAL G 118 57.32 -18.54 2.60
CA VAL G 118 57.55 -18.89 3.99
C VAL G 118 57.23 -20.37 4.16
N THR G 119 58.21 -21.14 4.60
CA THR G 119 58.05 -22.57 4.84
C THR G 119 58.43 -22.86 6.28
N VAL G 120 57.63 -23.70 6.95
CA VAL G 120 57.84 -24.07 8.34
C VAL G 120 57.94 -25.59 8.41
N SER G 121 58.91 -26.09 9.18
CA SER G 121 59.14 -27.51 9.35
C SER G 121 58.82 -27.91 10.79
N SER G 122 58.11 -29.03 10.94
CA SER G 122 57.73 -29.53 12.25
C SER G 122 58.96 -29.88 13.07
N GLU H 1 -24.94 41.44 31.33
CA GLU H 1 -23.59 40.93 31.14
C GLU H 1 -23.06 40.32 32.43
N VAL H 2 -22.68 39.05 32.38
CA VAL H 2 -22.17 38.36 33.56
C VAL H 2 -20.81 38.91 33.93
N GLN H 3 -20.54 38.99 35.24
CA GLN H 3 -19.26 39.43 35.75
C GLN H 3 -18.88 38.58 36.95
N LEU H 4 -17.58 38.50 37.22
CA LEU H 4 -17.04 37.74 38.33
C LEU H 4 -16.39 38.69 39.33
N GLN H 5 -16.77 38.56 40.60
CA GLN H 5 -16.23 39.37 41.68
C GLN H 5 -15.47 38.47 42.64
N ALA H 6 -14.22 38.82 42.91
CA ALA H 6 -13.34 38.05 43.78
C ALA H 6 -13.19 38.73 45.14
N SER H 7 -13.02 37.91 46.18
CA SER H 7 -12.86 38.42 47.53
C SER H 7 -12.02 37.45 48.33
N GLY H 8 -11.46 37.94 49.44
CA GLY H 8 -10.62 37.15 50.30
C GLY H 8 -9.15 37.50 50.18
N GLY H 9 -8.27 36.54 50.44
CA GLY H 9 -6.86 36.80 50.31
C GLY H 9 -6.36 37.75 51.40
N GLY H 10 -5.14 38.24 51.18
CA GLY H 10 -4.52 39.24 52.02
C GLY H 10 -3.15 38.79 52.50
N LEU H 11 -2.61 39.57 53.45
CA LEU H 11 -1.30 39.29 54.00
C LEU H 11 -1.38 38.21 55.07
N VAL H 12 -0.32 37.41 55.19
CA VAL H 12 -0.29 36.29 56.12
C VAL H 12 1.16 35.84 56.29
N GLN H 13 1.43 35.17 57.41
CA GLN H 13 2.72 34.54 57.66
C GLN H 13 2.78 33.17 57.01
N ALA H 14 4.00 32.64 56.88
CA ALA H 14 4.18 31.31 56.32
C ALA H 14 3.46 30.27 57.17
N GLY H 15 2.76 29.36 56.50
CA GLY H 15 2.00 28.33 57.17
C GLY H 15 0.58 28.68 57.54
N GLY H 16 0.08 29.84 57.10
CA GLY H 16 -1.28 30.24 57.40
C GLY H 16 -2.30 29.58 56.49
N SER H 17 -3.57 29.87 56.78
CA SER H 17 -4.69 29.31 56.04
C SER H 17 -5.68 30.43 55.70
N LEU H 18 -5.94 30.62 54.40
CA LEU H 18 -6.80 31.67 53.90
C LEU H 18 -7.93 31.05 53.08
N ARG H 19 -8.85 31.92 52.63
CA ARG H 19 -9.94 31.54 51.75
C ARG H 19 -10.04 32.56 50.61
N LEU H 20 -10.32 32.06 49.41
CA LEU H 20 -10.66 32.89 48.26
C LEU H 20 -12.06 32.54 47.78
N SER H 21 -12.85 33.57 47.48
CA SER H 21 -14.23 33.39 47.04
C SER H 21 -14.46 34.21 45.78
N CYS H 22 -15.03 33.56 44.76
CA CYS H 22 -15.40 34.22 43.50
C CYS H 22 -16.88 33.97 43.26
N ALA H 23 -17.62 35.04 42.95
CA ALA H 23 -19.06 34.99 42.77
C ALA H 23 -19.43 35.51 41.39
N ALA H 24 -20.39 34.84 40.76
CA ALA H 24 -20.88 35.20 39.44
C ALA H 24 -22.27 35.80 39.56
N SER H 25 -22.49 36.94 38.90
CA SER H 25 -23.78 37.61 38.89
C SER H 25 -24.09 38.05 37.48
N GLY H 26 -25.37 38.07 37.14
CA GLY H 26 -25.83 38.49 35.83
C GLY H 26 -26.97 37.60 35.35
N SER H 27 -27.06 37.46 34.03
CA SER H 27 -28.12 36.67 33.39
C SER H 27 -27.57 35.27 33.13
N ILE H 28 -27.46 34.49 34.21
CA ILE H 28 -26.94 33.13 34.17
C ILE H 28 -27.82 32.23 35.04
N VAL H 29 -27.94 30.97 34.64
CA VAL H 29 -28.73 29.98 35.37
C VAL H 29 -27.87 28.81 35.83
N SER H 30 -27.02 28.27 34.96
CA SER H 30 -26.21 27.11 35.29
C SER H 30 -24.81 27.27 34.69
N ILE H 31 -23.80 26.85 35.44
CA ILE H 31 -22.41 27.06 35.11
C ILE H 31 -21.72 25.71 35.09
N ASN H 32 -20.69 25.57 34.25
CA ASN H 32 -20.01 24.29 34.05
C ASN H 32 -18.62 24.27 34.65
N VAL H 33 -17.76 25.23 34.29
CA VAL H 33 -16.34 25.19 34.60
C VAL H 33 -16.02 26.30 35.60
N MET H 34 -15.70 25.90 36.83
CA MET H 34 -15.04 26.77 37.80
C MET H 34 -13.56 26.43 37.87
N ALA H 35 -12.73 27.46 37.72
CA ALA H 35 -11.28 27.32 37.69
C ALA H 35 -10.65 28.52 38.36
N TRP H 36 -9.45 28.30 38.89
CA TRP H 36 -8.62 29.35 39.48
C TRP H 36 -7.29 29.39 38.73
N TYR H 37 -6.76 30.60 38.56
CA TYR H 37 -5.46 30.79 37.92
C TYR H 37 -4.63 31.76 38.75
N ARG H 38 -3.32 31.49 38.78
CA ARG H 38 -2.38 32.31 39.53
C ARG H 38 -1.31 32.84 38.58
N GLN H 39 -0.89 34.08 38.82
CA GLN H 39 0.12 34.75 37.99
C GLN H 39 1.09 35.47 38.90
N SER H 40 2.30 34.91 39.06
CA SER H 40 3.31 35.57 39.86
C SER H 40 3.96 36.69 39.05
N PRO H 41 4.60 37.67 39.70
CA PRO H 41 5.28 38.73 38.95
C PRO H 41 6.36 38.17 38.03
N GLY H 42 6.41 38.70 36.81
CA GLY H 42 7.43 38.28 35.86
C GLY H 42 7.22 36.92 35.25
N LYS H 43 6.05 36.31 35.44
CA LYS H 43 5.75 34.99 34.91
C LYS H 43 4.37 34.97 34.28
N GLU H 44 4.16 33.99 33.41
CA GLU H 44 2.90 33.85 32.70
C GLU H 44 1.85 33.20 33.59
N ARG H 45 0.60 33.30 33.12
CA ARG H 45 -0.54 32.76 33.85
C ARG H 45 -0.48 31.24 33.90
N GLU H 46 -0.98 30.68 35.00
CA GLU H 46 -1.00 29.22 35.16
C GLU H 46 -2.23 28.83 35.97
N LEU H 47 -2.68 27.60 35.75
CA LEU H 47 -3.81 27.06 36.49
C LEU H 47 -3.35 26.55 37.85
N VAL H 48 -4.25 26.64 38.83
CA VAL H 48 -3.99 26.15 40.18
C VAL H 48 -5.07 25.15 40.57
N ALA H 49 -6.32 25.45 40.24
CA ALA H 49 -7.46 24.61 40.59
C ALA H 49 -8.48 24.60 39.47
N LYS H 50 -9.33 23.58 39.47
CA LYS H 50 -10.31 23.38 38.41
C LYS H 50 -11.43 22.51 38.98
N SER H 51 -12.61 23.10 39.14
CA SER H 51 -13.79 22.43 39.68
C SER H 51 -14.93 22.50 38.68
N SER H 52 -15.64 21.38 38.52
CA SER H 52 -16.78 21.31 37.62
C SER H 52 -17.72 20.22 38.15
N GLY H 53 -18.81 20.64 38.79
CA GLY H 53 -19.72 19.71 39.39
C GLY H 53 -19.05 18.90 40.49
N PRO H 54 -19.18 17.57 40.47
CA PRO H 54 -18.55 16.77 41.53
C PRO H 54 -17.04 16.61 41.40
N PHE H 55 -16.47 16.84 40.21
CA PHE H 55 -15.07 16.58 39.97
C PHE H 55 -14.21 17.79 40.35
N THR H 56 -12.98 17.49 40.78
CA THR H 56 -12.00 18.52 41.13
C THR H 56 -10.64 18.09 40.62
N LEU H 57 -9.85 19.06 40.17
CA LEU H 57 -8.50 18.82 39.67
C LEU H 57 -7.51 19.74 40.38
N TYR H 58 -6.25 19.30 40.41
CA TYR H 58 -5.17 20.04 41.05
C TYR H 58 -3.90 19.90 40.22
N ALA H 59 -3.01 20.89 40.35
CA ALA H 59 -1.74 20.86 39.64
C ALA H 59 -0.69 20.12 40.46
N ASP H 60 0.51 19.98 39.87
CA ASP H 60 1.55 19.15 40.48
C ASP H 60 2.04 19.75 41.80
N SER H 61 2.28 21.06 41.82
CA SER H 61 2.93 21.69 42.97
C SER H 61 1.97 22.07 44.08
N VAL H 62 0.66 21.80 43.93
CA VAL H 62 -0.35 22.32 44.82
C VAL H 62 -1.22 21.22 45.42
N LYS H 63 -0.86 19.96 45.24
CA LYS H 63 -1.66 18.88 45.79
C LYS H 63 -1.50 18.81 47.31
N GLY H 64 -2.61 18.54 48.00
CA GLY H 64 -2.58 18.36 49.44
C GLY H 64 -2.54 19.63 50.26
N ARG H 65 -2.64 20.81 49.63
CA ARG H 65 -2.59 22.08 50.34
C ARG H 65 -3.68 23.05 49.93
N PHE H 66 -4.39 22.83 48.82
CA PHE H 66 -5.50 23.66 48.41
C PHE H 66 -6.72 22.78 48.16
N THR H 67 -7.90 23.29 48.51
CA THR H 67 -9.16 22.59 48.32
C THR H 67 -10.15 23.53 47.65
N ILE H 68 -10.91 22.99 46.69
CA ILE H 68 -11.84 23.75 45.88
C ILE H 68 -13.24 23.18 46.08
N SER H 69 -14.21 24.07 46.33
CA SER H 69 -15.61 23.70 46.48
C SER H 69 -16.45 24.64 45.66
N ASN H 70 -17.45 24.10 44.98
CA ASN H 70 -18.33 24.86 44.10
C ASN H 70 -19.77 24.71 44.56
N ASP H 71 -20.50 25.83 44.55
CA ASP H 71 -21.92 25.87 44.93
C ASP H 71 -22.69 26.37 43.71
N ALA H 72 -23.27 25.43 42.95
CA ALA H 72 -24.00 25.82 41.74
C ALA H 72 -25.27 26.60 42.06
N ALA H 73 -25.86 26.38 43.24
CA ALA H 73 -27.06 27.11 43.61
C ALA H 73 -26.78 28.61 43.70
N LYS H 74 -25.69 28.98 44.35
CA LYS H 74 -25.24 30.37 44.41
C LYS H 74 -24.28 30.72 43.28
N ASN H 75 -23.82 29.74 42.50
CA ASN H 75 -22.87 29.97 41.42
C ASN H 75 -21.60 30.63 41.94
N THR H 76 -21.06 30.06 43.02
CA THR H 76 -19.83 30.53 43.64
C THR H 76 -18.83 29.38 43.76
N VAL H 77 -17.55 29.73 43.76
CA VAL H 77 -16.46 28.80 43.96
C VAL H 77 -15.60 29.32 45.09
N ASP H 78 -15.28 28.45 46.05
CA ASP H 78 -14.49 28.80 47.22
C ASP H 78 -13.22 27.95 47.23
N LEU H 79 -12.08 28.62 47.39
CA LEU H 79 -10.77 27.97 47.43
C LEU H 79 -10.20 28.13 48.84
N GLN H 80 -10.15 27.03 49.59
CA GLN H 80 -9.57 27.02 50.93
C GLN H 80 -8.08 26.76 50.80
N MET H 81 -7.27 27.62 51.41
CA MET H 81 -5.83 27.51 51.39
C MET H 81 -5.33 27.13 52.78
N ASN H 82 -4.38 26.20 52.83
CA ASN H 82 -3.78 25.74 54.08
C ASN H 82 -2.30 25.47 53.85
N SER H 83 -1.47 25.86 54.81
CA SER H 83 -0.03 25.62 54.78
C SER H 83 0.59 26.23 53.51
N LEU H 84 0.54 27.56 53.45
CA LEU H 84 1.04 28.29 52.29
C LEU H 84 2.56 28.42 52.36
N LYS H 85 3.18 28.52 51.18
CA LYS H 85 4.62 28.60 50.99
C LYS H 85 5.01 29.91 50.31
N PRO H 86 6.26 30.35 50.46
CA PRO H 86 6.66 31.64 49.85
C PRO H 86 6.53 31.66 48.33
N GLU H 87 6.49 30.50 47.68
CA GLU H 87 6.29 30.45 46.24
C GLU H 87 4.86 30.78 45.82
N ASP H 88 3.92 30.89 46.78
CA ASP H 88 2.53 31.17 46.46
C ASP H 88 2.25 32.65 46.21
N THR H 89 3.23 33.53 46.40
CA THR H 89 3.02 34.96 46.16
C THR H 89 2.67 35.21 44.71
N ALA H 90 1.43 35.67 44.47
CA ALA H 90 0.94 35.89 43.12
C ALA H 90 -0.44 36.53 43.23
N VAL H 91 -0.99 36.90 42.06
CA VAL H 91 -2.36 37.41 41.96
C VAL H 91 -3.24 36.31 41.41
N TYR H 92 -4.35 36.05 42.08
CA TYR H 92 -5.22 34.92 41.79
C TYR H 92 -6.46 35.41 41.06
N TYR H 93 -6.78 34.76 39.93
CA TYR H 93 -7.96 35.05 39.13
C TYR H 93 -8.90 33.85 39.15
N CYS H 94 -10.19 34.14 39.02
CA CYS H 94 -11.23 33.11 38.93
C CYS H 94 -11.84 33.15 37.54
N ASN H 95 -12.04 31.97 36.96
CA ASN H 95 -12.49 31.82 35.57
C ASN H 95 -13.84 31.11 35.54
N ALA H 96 -14.65 31.45 34.55
CA ALA H 96 -15.91 30.76 34.29
C ALA H 96 -16.03 30.50 32.80
N GLU H 97 -16.18 29.22 32.43
CA GLU H 97 -16.30 28.79 31.06
C GLU H 97 -17.50 27.87 30.92
N GLY H 98 -18.00 27.77 29.69
CA GLY H 98 -19.19 26.98 29.44
C GLY H 98 -20.43 27.54 30.09
N LEU H 99 -20.57 28.86 30.11
CA LEU H 99 -21.73 29.50 30.73
C LEU H 99 -22.99 29.21 29.92
N ARG H 100 -24.06 28.85 30.62
CA ARG H 100 -25.36 28.58 30.00
C ARG H 100 -26.30 29.72 30.35
N TYR H 101 -26.49 30.64 29.41
CA TYR H 101 -27.45 31.70 29.61
C TYR H 101 -28.87 31.13 29.50
N PRO H 102 -29.85 31.62 30.33
CA PRO H 102 -31.20 31.06 30.31
C PRO H 102 -32.10 31.65 29.22
N SER H 103 -31.53 31.78 28.02
CA SER H 103 -32.12 32.57 26.94
C SER H 103 -32.72 33.88 27.45
N GLY H 104 -31.87 34.73 28.04
CA GLY H 104 -30.43 34.58 28.15
C GLY H 104 -29.71 34.73 26.84
N THR H 105 -29.70 35.97 26.34
CA THR H 105 -29.08 36.31 25.07
C THR H 105 -27.68 35.73 24.96
N TYR H 106 -27.48 34.90 23.95
CA TYR H 106 -26.18 34.28 23.76
C TYR H 106 -25.13 35.37 23.57
N GLY H 107 -24.00 35.23 24.27
CA GLY H 107 -23.04 36.29 24.41
C GLY H 107 -21.62 35.77 24.48
N PRO H 108 -20.72 36.47 25.19
CA PRO H 108 -19.36 35.94 25.33
C PRO H 108 -19.35 34.63 26.09
N SER H 109 -18.41 33.76 25.70
CA SER H 109 -18.34 32.43 26.29
C SER H 109 -17.73 32.47 27.69
N ALA H 110 -16.50 32.96 27.79
CA ALA H 110 -15.78 33.04 29.06
C ALA H 110 -15.69 34.49 29.53
N VAL H 111 -15.55 34.64 30.84
CA VAL H 111 -15.44 35.95 31.49
C VAL H 111 -14.31 35.88 32.50
N TRP H 112 -13.91 37.05 33.01
CA TRP H 112 -12.78 37.16 33.91
C TRP H 112 -13.04 38.23 34.96
N GLY H 113 -12.65 37.93 36.21
CA GLY H 113 -12.75 38.89 37.28
C GLY H 113 -11.44 39.65 37.49
N GLN H 114 -11.52 40.68 38.34
CA GLN H 114 -10.34 41.49 38.61
C GLN H 114 -9.26 40.68 39.30
N GLY H 115 -9.64 39.81 40.23
CA GLY H 115 -8.69 39.01 40.96
C GLY H 115 -8.28 39.64 42.28
N THR H 116 -7.51 38.88 43.05
CA THR H 116 -7.06 39.30 44.37
C THR H 116 -5.59 38.98 44.52
N GLN H 117 -4.87 39.82 45.27
CA GLN H 117 -3.45 39.62 45.53
C GLN H 117 -3.28 38.85 46.83
N VAL H 118 -2.40 37.84 46.79
CA VAL H 118 -2.07 37.02 47.95
C VAL H 118 -0.57 37.10 48.16
N THR H 119 -0.14 37.44 49.37
CA THR H 119 1.26 37.57 49.72
C THR H 119 1.51 36.94 51.07
N VAL H 120 2.41 35.97 51.11
CA VAL H 120 2.86 35.32 52.35
C VAL H 120 4.27 35.80 52.67
N SER H 121 4.51 36.11 53.93
CA SER H 121 5.79 36.58 54.42
C SER H 121 6.55 35.44 55.08
N SER H 122 7.83 35.31 54.74
CA SER H 122 8.66 34.26 55.30
C SER H 122 8.84 34.44 56.80
N GLU I 1 -26.74 -50.90 -5.81
CA GLU I 1 -26.59 -49.78 -4.89
C GLU I 1 -25.99 -50.24 -3.56
N VAL I 2 -24.97 -49.53 -3.10
CA VAL I 2 -24.37 -49.84 -1.81
C VAL I 2 -25.38 -49.61 -0.70
N GLN I 3 -25.46 -50.57 0.23
CA GLN I 3 -26.31 -50.48 1.40
C GLN I 3 -25.48 -50.76 2.64
N LEU I 4 -25.86 -50.11 3.74
CA LEU I 4 -25.10 -50.15 4.98
C LEU I 4 -25.99 -50.68 6.09
N GLN I 5 -25.53 -51.71 6.79
CA GLN I 5 -26.30 -52.38 7.83
C GLN I 5 -25.60 -52.23 9.17
N ALA I 6 -26.39 -52.01 10.23
CA ALA I 6 -25.89 -51.93 11.60
C ALA I 6 -26.58 -52.99 12.45
N SER I 7 -25.86 -53.49 13.44
CA SER I 7 -26.38 -54.55 14.31
C SER I 7 -25.75 -54.41 15.69
N GLY I 8 -26.40 -55.03 16.67
CA GLY I 8 -25.93 -55.03 18.05
C GLY I 8 -26.86 -54.24 18.97
N GLY I 9 -26.30 -53.72 20.06
CA GLY I 9 -27.07 -52.87 20.95
C GLY I 9 -27.99 -53.66 21.86
N GLY I 10 -28.86 -52.91 22.55
CA GLY I 10 -29.86 -53.45 23.44
C GLY I 10 -29.82 -52.75 24.78
N LEU I 11 -30.36 -53.41 25.80
CA LEU I 11 -30.43 -52.87 27.15
C LEU I 11 -29.26 -53.34 27.98
N VAL I 12 -28.83 -52.50 28.94
CA VAL I 12 -27.67 -52.79 29.76
C VAL I 12 -27.74 -51.91 31.00
N GLN I 13 -27.12 -52.37 32.07
CA GLN I 13 -26.98 -51.58 33.29
C GLN I 13 -25.76 -50.67 33.19
N ALA I 14 -25.67 -49.72 34.12
CA ALA I 14 -24.54 -48.81 34.14
C ALA I 14 -23.25 -49.57 34.40
N GLY I 15 -22.19 -49.19 33.68
CA GLY I 15 -20.91 -49.84 33.79
C GLY I 15 -20.72 -51.05 32.89
N GLY I 16 -21.70 -51.39 32.07
CA GLY I 16 -21.59 -52.54 31.20
C GLY I 16 -20.78 -52.25 29.94
N SER I 17 -20.57 -53.32 29.17
CA SER I 17 -19.81 -53.26 27.92
C SER I 17 -20.61 -53.90 26.80
N LEU I 18 -20.71 -53.18 25.68
CA LEU I 18 -21.46 -53.60 24.51
C LEU I 18 -20.54 -53.62 23.29
N ARG I 19 -21.07 -54.11 22.17
CA ARG I 19 -20.29 -54.28 20.94
C ARG I 19 -21.23 -54.19 19.75
N LEU I 20 -21.18 -53.07 19.03
CA LEU I 20 -21.93 -52.86 17.79
C LEU I 20 -21.06 -53.07 16.56
N SER I 21 -21.64 -53.78 15.58
CA SER I 21 -21.04 -54.01 14.28
C SER I 21 -21.70 -53.12 13.24
N CYS I 22 -21.03 -52.93 12.11
CA CYS I 22 -21.52 -52.09 11.03
C CYS I 22 -20.87 -52.54 9.73
N ALA I 23 -21.66 -53.18 8.87
CA ALA I 23 -21.16 -53.86 7.68
C ALA I 23 -21.72 -53.22 6.43
N ALA I 24 -20.86 -53.06 5.42
CA ALA I 24 -21.21 -52.48 4.14
C ALA I 24 -21.35 -53.59 3.09
N SER I 25 -22.39 -53.49 2.28
CA SER I 25 -22.67 -54.46 1.23
C SER I 25 -23.02 -53.73 -0.06
N GLY I 26 -22.78 -54.42 -1.18
CA GLY I 26 -23.06 -53.87 -2.49
C GLY I 26 -21.90 -54.00 -3.44
N SER I 27 -21.73 -53.00 -4.32
CA SER I 27 -20.67 -52.99 -5.32
C SER I 27 -19.59 -52.03 -4.84
N ILE I 28 -18.66 -52.57 -4.04
CA ILE I 28 -17.56 -51.78 -3.49
C ILE I 28 -16.34 -52.68 -3.36
N VAL I 29 -15.16 -52.08 -3.55
CA VAL I 29 -13.89 -52.77 -3.39
C VAL I 29 -13.08 -52.22 -2.22
N SER I 30 -13.13 -50.90 -2.01
CA SER I 30 -12.38 -50.26 -0.95
C SER I 30 -13.21 -49.10 -0.39
N ILE I 31 -12.91 -48.74 0.86
CA ILE I 31 -13.62 -47.68 1.57
C ILE I 31 -12.58 -46.74 2.16
N ASN I 32 -12.73 -45.45 1.87
CA ASN I 32 -11.77 -44.46 2.37
C ASN I 32 -11.87 -44.33 3.88
N VAL I 33 -13.07 -44.06 4.40
CA VAL I 33 -13.29 -43.82 5.81
C VAL I 33 -14.59 -44.48 6.23
N MET I 34 -14.69 -44.79 7.53
CA MET I 34 -15.94 -45.18 8.17
C MET I 34 -16.00 -44.53 9.54
N ALA I 35 -17.18 -44.02 9.89
CA ALA I 35 -17.36 -43.26 11.12
C ALA I 35 -18.68 -43.63 11.77
N TRP I 36 -18.78 -43.28 13.05
CA TRP I 36 -19.98 -43.50 13.86
C TRP I 36 -20.53 -42.16 14.32
N TYR I 37 -21.86 -42.09 14.45
CA TYR I 37 -22.53 -40.92 14.99
C TYR I 37 -23.59 -41.36 15.99
N ARG I 38 -23.89 -40.48 16.94
CA ARG I 38 -24.91 -40.71 17.95
C ARG I 38 -25.88 -39.54 17.97
N GLN I 39 -27.13 -39.83 18.30
CA GLN I 39 -28.18 -38.82 18.37
C GLN I 39 -29.12 -39.16 19.52
N SER I 40 -29.01 -38.41 20.61
CA SER I 40 -29.92 -38.58 21.73
C SER I 40 -31.27 -37.94 21.41
N PRO I 41 -32.34 -38.34 22.09
CA PRO I 41 -33.64 -37.69 21.85
C PRO I 41 -33.58 -36.20 22.11
N GLY I 42 -34.20 -35.43 21.21
CA GLY I 42 -34.23 -33.99 21.36
C GLY I 42 -32.95 -33.27 21.06
N LYS I 43 -31.97 -33.95 20.44
CA LYS I 43 -30.68 -33.36 20.14
C LYS I 43 -30.24 -33.79 18.74
N GLU I 44 -29.26 -33.06 18.21
CA GLU I 44 -28.77 -33.27 16.86
C GLU I 44 -27.76 -34.42 16.83
N ARG I 45 -27.28 -34.72 15.62
CA ARG I 45 -26.35 -35.82 15.39
C ARG I 45 -24.92 -35.34 15.60
N GLU I 46 -24.15 -36.09 16.39
CA GLU I 46 -22.80 -35.71 16.81
C GLU I 46 -21.84 -36.84 16.55
N LEU I 47 -20.57 -36.48 16.34
CA LEU I 47 -19.53 -37.48 16.16
C LEU I 47 -19.25 -38.21 17.47
N VAL I 48 -18.96 -39.50 17.36
CA VAL I 48 -18.58 -40.32 18.51
C VAL I 48 -17.24 -40.99 18.21
N ALA I 49 -17.11 -41.56 17.01
CA ALA I 49 -15.90 -42.25 16.59
C ALA I 49 -15.64 -41.96 15.12
N LYS I 50 -14.37 -42.10 14.73
CA LYS I 50 -13.91 -41.68 13.41
C LYS I 50 -12.65 -42.48 13.11
N SER I 51 -12.79 -43.54 12.32
CA SER I 51 -11.72 -44.50 12.04
C SER I 51 -11.44 -44.57 10.54
N SER I 52 -10.16 -44.73 10.20
CA SER I 52 -9.77 -44.90 8.80
C SER I 52 -8.37 -45.51 8.77
N GLY I 53 -8.26 -46.73 8.24
CA GLY I 53 -6.99 -47.39 8.13
C GLY I 53 -6.31 -47.54 9.48
N PRO I 54 -5.06 -47.09 9.63
CA PRO I 54 -4.39 -47.18 10.94
C PRO I 54 -4.82 -46.10 11.93
N PHE I 55 -5.23 -44.94 11.42
CA PHE I 55 -5.58 -43.81 12.27
C PHE I 55 -6.97 -43.98 12.88
N THR I 56 -7.15 -43.39 14.06
CA THR I 56 -8.43 -43.35 14.74
C THR I 56 -8.61 -42.01 15.43
N LEU I 57 -9.86 -41.58 15.56
CA LEU I 57 -10.22 -40.33 16.21
C LEU I 57 -11.40 -40.54 17.15
N TYR I 58 -11.47 -39.68 18.17
CA TYR I 58 -12.48 -39.77 19.22
C TYR I 58 -13.00 -38.37 19.53
N ALA I 59 -14.20 -38.33 20.11
CA ALA I 59 -14.87 -37.09 20.46
C ALA I 59 -14.41 -36.63 21.85
N ASP I 60 -15.06 -35.59 22.38
CA ASP I 60 -14.64 -34.95 23.63
C ASP I 60 -15.29 -35.56 24.87
N SER I 61 -16.19 -36.52 24.72
CA SER I 61 -16.88 -37.16 25.84
C SER I 61 -16.63 -38.67 25.90
N VAL I 62 -15.72 -39.19 25.09
CA VAL I 62 -15.56 -40.63 24.92
C VAL I 62 -14.11 -41.08 24.99
N LYS I 63 -13.19 -40.17 25.31
CA LYS I 63 -11.78 -40.54 25.36
C LYS I 63 -11.55 -41.55 26.48
N GLY I 64 -10.82 -42.62 26.17
CA GLY I 64 -10.43 -43.58 27.18
C GLY I 64 -11.49 -44.59 27.56
N ARG I 65 -12.65 -44.58 26.89
CA ARG I 65 -13.72 -45.52 27.22
C ARG I 65 -14.17 -46.31 26.01
N PHE I 66 -14.15 -45.71 24.82
CA PHE I 66 -14.72 -46.35 23.63
C PHE I 66 -13.61 -46.56 22.63
N THR I 67 -13.62 -47.72 21.97
CA THR I 67 -12.59 -48.11 21.02
C THR I 67 -13.25 -48.48 19.68
N ILE I 68 -12.52 -48.22 18.60
CA ILE I 68 -13.01 -48.47 17.25
C ILE I 68 -11.96 -49.26 16.48
N SER I 69 -12.41 -50.29 15.76
CA SER I 69 -11.56 -51.10 14.89
C SER I 69 -12.26 -51.26 13.55
N ASN I 70 -11.47 -51.24 12.48
CA ASN I 70 -11.99 -51.31 11.11
C ASN I 70 -11.32 -52.47 10.37
N ASP I 71 -12.12 -53.16 9.56
CA ASP I 71 -11.65 -54.27 8.72
C ASP I 71 -11.99 -53.92 7.27
N ALA I 72 -11.02 -53.40 6.52
CA ALA I 72 -11.27 -53.02 5.14
C ALA I 72 -11.51 -54.23 4.26
N ALA I 73 -10.92 -55.38 4.60
CA ALA I 73 -11.15 -56.58 3.81
C ALA I 73 -12.62 -56.98 3.83
N LYS I 74 -13.24 -56.96 5.01
CA LYS I 74 -14.67 -57.23 5.15
C LYS I 74 -15.52 -55.98 5.03
N ASN I 75 -14.92 -54.80 4.99
CA ASN I 75 -15.64 -53.53 4.97
C ASN I 75 -16.58 -53.44 6.19
N THR I 76 -16.02 -53.67 7.37
CA THR I 76 -16.76 -53.68 8.62
C THR I 76 -15.99 -52.90 9.67
N VAL I 77 -16.73 -52.38 10.65
CA VAL I 77 -16.15 -51.74 11.83
C VAL I 77 -16.85 -52.27 13.07
N ASP I 78 -16.07 -52.60 14.09
CA ASP I 78 -16.57 -53.03 15.38
C ASP I 78 -16.15 -52.00 16.42
N LEU I 79 -17.12 -51.41 17.11
CA LEU I 79 -16.87 -50.37 18.10
C LEU I 79 -17.23 -50.92 19.47
N GLN I 80 -16.30 -50.84 20.41
CA GLN I 80 -16.40 -51.51 21.70
C GLN I 80 -16.71 -50.48 22.79
N MET I 81 -17.77 -50.74 23.55
CA MET I 81 -18.14 -49.89 24.67
C MET I 81 -17.58 -50.50 25.95
N ASN I 82 -17.02 -49.66 26.82
CA ASN I 82 -16.55 -50.09 28.12
C ASN I 82 -16.83 -48.99 29.13
N SER I 83 -17.38 -49.37 30.28
CA SER I 83 -17.75 -48.43 31.32
C SER I 83 -18.78 -47.42 30.81
N LEU I 84 -19.96 -47.94 30.46
CA LEU I 84 -21.02 -47.11 29.90
C LEU I 84 -21.67 -46.24 30.97
N LYS I 85 -22.01 -45.03 30.58
CA LYS I 85 -22.69 -44.05 31.42
C LYS I 85 -24.15 -43.92 31.01
N PRO I 86 -25.03 -43.43 31.91
CA PRO I 86 -26.42 -43.21 31.50
C PRO I 86 -26.59 -42.15 30.43
N GLU I 87 -25.62 -41.25 30.24
CA GLU I 87 -25.72 -40.23 29.21
C GLU I 87 -25.55 -40.78 27.79
N ASP I 88 -25.20 -42.06 27.64
CA ASP I 88 -24.98 -42.65 26.32
C ASP I 88 -26.28 -43.11 25.66
N THR I 89 -27.43 -42.94 26.31
CA THR I 89 -28.70 -43.31 25.69
C THR I 89 -28.93 -42.50 24.43
N ALA I 90 -28.98 -43.19 23.29
CA ALA I 90 -29.13 -42.54 22.00
C ALA I 90 -29.23 -43.61 20.92
N VAL I 91 -29.63 -43.19 19.72
CA VAL I 91 -29.59 -44.04 18.53
C VAL I 91 -28.27 -43.78 17.82
N TYR I 92 -27.56 -44.85 17.49
CA TYR I 92 -26.22 -44.77 16.92
C TYR I 92 -26.28 -45.07 15.42
N TYR I 93 -25.74 -44.16 14.62
CA TYR I 93 -25.61 -44.33 13.18
C TYR I 93 -24.14 -44.54 12.83
N CYS I 94 -23.91 -45.32 11.78
CA CYS I 94 -22.56 -45.59 11.27
C CYS I 94 -22.52 -45.26 9.79
N ASN I 95 -21.37 -44.76 9.34
CA ASN I 95 -21.24 -44.13 8.03
C ASN I 95 -20.03 -44.68 7.28
N ALA I 96 -20.03 -44.47 5.97
CA ALA I 96 -18.90 -44.72 5.11
C ALA I 96 -18.86 -43.64 4.04
N GLU I 97 -17.72 -42.97 3.91
CA GLU I 97 -17.53 -41.89 2.95
C GLU I 97 -16.28 -42.15 2.12
N GLY I 98 -16.17 -41.43 1.01
CA GLY I 98 -15.08 -41.65 0.08
C GLY I 98 -15.13 -43.01 -0.58
N LEU I 99 -16.33 -43.48 -0.92
CA LEU I 99 -16.48 -44.80 -1.51
C LEU I 99 -15.83 -44.85 -2.89
N ARG I 100 -15.03 -45.90 -3.11
CA ARG I 100 -14.33 -46.13 -4.38
C ARG I 100 -14.97 -47.35 -5.02
N TYR I 101 -15.91 -47.11 -5.93
CA TYR I 101 -16.59 -48.21 -6.59
C TYR I 101 -15.62 -48.89 -7.57
N PRO I 102 -15.77 -50.21 -7.82
CA PRO I 102 -14.76 -50.91 -8.61
C PRO I 102 -14.96 -50.76 -10.12
N SER I 103 -15.28 -49.55 -10.56
CA SER I 103 -15.78 -49.28 -11.92
C SER I 103 -16.68 -50.41 -12.43
N GLY I 104 -17.80 -50.67 -11.73
CA GLY I 104 -18.28 -49.90 -10.57
C GLY I 104 -18.88 -48.57 -10.94
N THR I 105 -20.05 -48.63 -11.58
CA THR I 105 -20.81 -47.44 -11.97
C THR I 105 -20.82 -46.41 -10.84
N TYR I 106 -20.29 -45.24 -11.13
CA TYR I 106 -20.26 -44.18 -10.13
C TYR I 106 -21.67 -43.83 -9.68
N GLY I 107 -21.84 -43.67 -8.37
CA GLY I 107 -23.13 -43.57 -7.75
C GLY I 107 -23.14 -42.51 -6.66
N PRO I 108 -24.01 -42.64 -5.66
CA PRO I 108 -24.00 -41.68 -4.55
C PRO I 108 -22.72 -41.76 -3.74
N SER I 109 -22.38 -40.64 -3.11
CA SER I 109 -21.11 -40.52 -2.39
C SER I 109 -21.18 -41.16 -1.01
N ALA I 110 -22.05 -40.65 -0.15
CA ALA I 110 -22.16 -41.11 1.23
C ALA I 110 -23.36 -42.04 1.39
N VAL I 111 -23.38 -42.73 2.53
CA VAL I 111 -24.43 -43.70 2.84
C VAL I 111 -24.79 -43.55 4.31
N TRP I 112 -26.07 -43.75 4.62
CA TRP I 112 -26.55 -43.71 6.00
C TRP I 112 -27.45 -44.91 6.27
N GLY I 113 -27.16 -45.62 7.36
CA GLY I 113 -27.96 -46.75 7.76
C GLY I 113 -29.08 -46.37 8.71
N GLN I 114 -29.90 -47.37 9.05
CA GLN I 114 -31.04 -47.14 9.93
C GLN I 114 -30.62 -46.96 11.38
N GLY I 115 -29.52 -47.57 11.80
CA GLY I 115 -29.01 -47.38 13.15
C GLY I 115 -29.48 -48.43 14.12
N THR I 116 -29.01 -48.28 15.37
CA THR I 116 -29.32 -49.20 16.45
C THR I 116 -29.53 -48.39 17.72
N GLN I 117 -30.50 -48.83 18.54
CA GLN I 117 -30.82 -48.17 19.80
C GLN I 117 -29.99 -48.75 20.92
N VAL I 118 -29.37 -47.86 21.71
CA VAL I 118 -28.59 -48.23 22.88
C VAL I 118 -29.17 -47.49 24.08
N THR I 119 -29.48 -48.24 25.14
CA THR I 119 -30.11 -47.67 26.32
C THR I 119 -29.45 -48.27 27.56
N VAL I 120 -28.77 -47.42 28.34
CA VAL I 120 -28.13 -47.81 29.58
C VAL I 120 -29.03 -47.42 30.73
N SER I 121 -29.35 -48.39 31.60
CA SER I 121 -30.21 -48.17 32.75
C SER I 121 -29.37 -48.01 34.01
N SER I 122 -29.76 -47.07 34.86
CA SER I 122 -29.06 -46.81 36.10
C SER I 122 -29.11 -48.03 37.02
N TYR J 1 87.21 -36.92 -85.16
CA TYR J 1 85.94 -36.14 -85.16
C TYR J 1 86.13 -34.78 -84.47
N GLU J 2 86.50 -33.77 -85.26
CA GLU J 2 86.71 -32.44 -84.71
C GLU J 2 85.40 -31.87 -84.17
N HIS J 3 85.47 -31.21 -83.02
CA HIS J 3 84.29 -30.59 -82.41
C HIS J 3 84.68 -29.27 -81.77
N ALA J 4 84.11 -28.17 -82.29
CA ALA J 4 84.42 -26.83 -81.81
C ALA J 4 83.35 -26.36 -80.82
N THR J 5 83.79 -25.72 -79.73
CA THR J 5 82.92 -25.21 -78.70
C THR J 5 83.51 -23.93 -78.13
N THR J 6 82.76 -23.28 -77.25
CA THR J 6 83.17 -22.06 -76.59
C THR J 6 82.90 -22.18 -75.09
N MET J 7 83.73 -21.50 -74.29
CA MET J 7 83.63 -21.52 -72.84
C MET J 7 83.73 -20.09 -72.32
N PRO J 8 82.75 -19.58 -71.56
CA PRO J 8 82.91 -18.23 -71.02
C PRO J 8 84.11 -18.17 -70.08
N SER J 9 84.84 -17.05 -70.15
CA SER J 9 86.11 -16.92 -69.43
C SER J 9 85.81 -16.48 -68.00
N GLN J 10 85.62 -17.47 -67.14
CA GLN J 10 85.37 -17.23 -65.72
C GLN J 10 85.72 -18.51 -64.97
N ALA J 11 85.50 -18.47 -63.65
CA ALA J 11 85.73 -19.62 -62.79
C ALA J 11 84.56 -19.82 -61.83
N GLY J 12 84.26 -21.10 -61.56
CA GLY J 12 83.28 -21.48 -60.57
C GLY J 12 82.01 -22.09 -61.10
N ILE J 13 81.74 -22.01 -62.40
CA ILE J 13 80.54 -22.55 -63.02
C ILE J 13 80.93 -23.71 -63.91
N SER J 14 80.26 -24.85 -63.72
CA SER J 14 80.47 -26.00 -64.58
C SER J 14 79.82 -25.79 -65.94
N TYR J 15 80.31 -26.51 -66.94
CA TYR J 15 79.81 -26.41 -68.31
C TYR J 15 79.61 -27.82 -68.84
N ASN J 16 78.36 -28.16 -69.13
CA ASN J 16 77.97 -29.47 -69.63
C ASN J 16 77.58 -29.34 -71.10
N THR J 17 78.11 -30.22 -71.94
CA THR J 17 77.74 -30.24 -73.34
C THR J 17 77.76 -31.68 -73.84
N ILE J 18 77.34 -31.86 -75.09
CA ILE J 18 77.26 -33.17 -75.72
C ILE J 18 77.87 -33.10 -77.10
N VAL J 19 78.60 -34.15 -77.49
CA VAL J 19 79.04 -34.35 -78.86
C VAL J 19 78.05 -35.31 -79.51
N ASN J 20 77.40 -34.85 -80.57
CA ASN J 20 76.34 -35.61 -81.23
C ASN J 20 76.88 -36.21 -82.52
N ARG J 21 76.64 -37.51 -82.70
CA ARG J 21 76.99 -38.22 -83.92
C ARG J 21 75.72 -38.86 -84.48
N ALA J 22 75.61 -38.85 -85.81
CA ALA J 22 74.42 -39.41 -86.45
C ALA J 22 74.31 -40.91 -86.18
N GLY J 23 75.43 -41.63 -86.29
CA GLY J 23 75.42 -43.08 -86.16
C GLY J 23 75.81 -43.59 -84.78
N TYR J 24 76.32 -42.72 -83.91
CA TYR J 24 76.78 -43.10 -82.60
C TYR J 24 76.07 -42.24 -81.55
N ALA J 25 75.98 -42.78 -80.34
CA ALA J 25 75.22 -42.12 -79.28
C ALA J 25 75.91 -40.83 -78.85
N PRO J 26 75.17 -39.89 -78.25
CA PRO J 26 75.80 -38.66 -77.74
C PRO J 26 76.84 -38.96 -76.68
N LEU J 27 77.92 -38.17 -76.69
CA LEU J 27 79.01 -38.29 -75.72
C LEU J 27 78.96 -37.10 -74.76
N PRO J 28 78.83 -37.29 -73.44
CA PRO J 28 78.85 -36.13 -72.54
C PRO J 28 80.24 -35.55 -72.34
N ILE J 29 80.28 -34.24 -72.08
CA ILE J 29 81.50 -33.53 -71.73
C ILE J 29 81.15 -32.60 -70.57
N SER J 30 82.01 -32.56 -69.55
CA SER J 30 81.87 -31.61 -68.46
C SER J 30 83.20 -30.94 -68.18
N ILE J 31 83.20 -29.61 -68.19
CA ILE J 31 84.40 -28.80 -68.01
C ILE J 31 84.18 -27.85 -66.84
N THR J 32 85.18 -27.73 -65.97
CA THR J 32 85.15 -26.76 -64.88
C THR J 32 86.50 -26.05 -64.80
N PRO J 33 86.58 -24.75 -65.12
CA PRO J 33 87.83 -24.03 -64.87
C PRO J 33 88.02 -23.77 -63.39
N THR J 34 89.30 -23.74 -62.98
CA THR J 34 89.66 -23.53 -61.58
C THR J 34 90.49 -22.26 -61.35
N LYS J 35 91.32 -21.86 -62.31
CA LYS J 35 92.18 -20.70 -62.12
C LYS J 35 92.72 -20.20 -63.45
N ILE J 36 92.51 -18.92 -63.75
CA ILE J 36 92.97 -18.31 -64.99
C ILE J 36 94.00 -17.23 -64.63
N LYS J 37 95.18 -17.32 -65.24
CA LYS J 37 96.31 -16.45 -64.95
C LYS J 37 96.60 -15.56 -66.14
N LEU J 38 96.85 -14.28 -65.87
CA LEU J 38 97.27 -13.29 -66.86
C LEU J 38 98.71 -12.90 -66.52
N ILE J 39 99.67 -13.47 -67.26
CA ILE J 39 101.09 -13.28 -67.01
C ILE J 39 101.61 -12.28 -68.06
N PRO J 40 102.03 -11.05 -67.66
CA PRO J 40 102.63 -10.14 -68.64
C PRO J 40 104.15 -10.23 -68.68
N THR J 41 104.74 -9.83 -69.79
CA THR J 41 106.19 -9.67 -69.85
C THR J 41 106.61 -8.51 -68.96
N VAL J 42 107.71 -8.70 -68.24
CA VAL J 42 108.20 -7.73 -67.25
C VAL J 42 109.65 -7.40 -67.57
N ASN J 43 109.98 -6.11 -67.55
CA ASN J 43 111.32 -5.62 -67.83
C ASN J 43 111.79 -4.78 -66.65
N LEU J 44 113.00 -5.06 -66.17
CA LEU J 44 113.55 -4.33 -65.03
C LEU J 44 114.17 -3.03 -65.51
N GLU J 45 113.63 -1.91 -65.02
CA GLU J 45 114.17 -0.59 -65.33
C GLU J 45 115.18 -0.12 -64.28
N TYR J 46 114.74 0.01 -63.04
CA TYR J 46 115.55 0.61 -61.98
C TYR J 46 114.88 0.30 -60.64
N VAL J 47 115.47 0.83 -59.58
CA VAL J 47 114.92 0.76 -58.23
C VAL J 47 115.18 2.07 -57.52
N THR J 48 114.17 2.58 -56.81
CA THR J 48 114.31 3.77 -55.99
C THR J 48 114.49 3.39 -54.53
N CYS J 49 115.09 4.31 -53.77
CA CYS J 49 115.42 4.04 -52.38
C CYS J 49 115.47 5.36 -51.61
N HIS J 50 115.27 5.24 -50.30
CA HIS J 50 115.47 6.39 -49.42
C HIS J 50 116.93 6.85 -49.50
N TYR J 51 117.12 8.17 -49.55
CA TYR J 51 118.44 8.74 -49.72
C TYR J 51 119.07 9.03 -48.37
N LYS J 52 120.33 9.46 -48.39
CA LYS J 52 121.04 9.86 -47.19
C LYS J 52 122.05 10.93 -47.59
N THR J 53 122.05 12.03 -46.84
CA THR J 53 122.94 13.17 -47.12
C THR J 53 124.35 12.80 -46.66
N GLY J 54 125.06 12.07 -47.52
CA GLY J 54 126.44 11.74 -47.26
C GLY J 54 127.27 13.00 -47.18
N MET J 55 128.17 13.08 -46.21
CA MET J 55 128.86 14.32 -45.90
C MET J 55 130.27 14.01 -45.41
N ASP J 56 131.26 14.45 -46.16
CA ASP J 56 132.65 14.34 -45.74
C ASP J 56 132.96 15.44 -44.72
N SER J 57 133.80 15.11 -43.74
CA SER J 57 134.03 15.99 -42.62
C SER J 57 134.56 17.34 -43.11
N PRO J 58 134.20 18.45 -42.47
CA PRO J 58 134.63 19.76 -42.99
C PRO J 58 136.15 19.86 -43.01
N ALA J 59 136.68 20.41 -44.10
CA ALA J 59 138.12 20.51 -44.29
C ALA J 59 138.54 21.93 -43.97
N ILE J 60 139.26 22.10 -42.87
CA ILE J 60 139.63 23.42 -42.35
C ILE J 60 141.13 23.61 -42.54
N LYS J 61 141.50 24.66 -43.26
CA LYS J 61 142.87 25.12 -43.35
C LYS J 61 142.86 26.57 -42.90
N CYS J 62 143.38 26.82 -41.70
CA CYS J 62 143.27 28.13 -41.09
C CYS J 62 144.42 29.01 -41.57
N CYS J 63 144.09 30.29 -41.79
CA CYS J 63 145.05 31.35 -42.05
C CYS J 63 145.81 31.09 -43.35
N GLY J 64 145.14 30.41 -44.30
CA GLY J 64 145.75 30.02 -45.57
C GLY J 64 144.75 29.94 -46.70
N SER J 65 144.77 28.86 -47.48
CA SER J 65 143.87 28.73 -48.62
C SER J 65 143.62 27.25 -48.92
N GLN J 66 142.53 26.98 -49.63
CA GLN J 66 142.19 25.62 -50.04
C GLN J 66 141.31 25.66 -51.27
N GLU J 67 141.49 24.66 -52.14
CA GLU J 67 140.73 24.50 -53.39
C GLU J 67 139.73 23.36 -53.22
N CYS J 68 139.00 23.06 -54.30
CA CYS J 68 138.02 21.98 -54.34
C CYS J 68 138.52 20.83 -55.21
N THR J 69 138.41 19.61 -54.68
CA THR J 69 138.85 18.41 -55.40
C THR J 69 137.63 17.60 -55.85
N PRO J 70 137.31 17.53 -57.14
CA PRO J 70 136.12 16.78 -57.55
C PRO J 70 136.28 15.28 -57.33
N THR J 71 135.14 14.62 -57.12
CA THR J 71 135.09 13.17 -56.98
C THR J 71 134.02 12.52 -57.87
N TYR J 72 133.14 13.30 -58.49
CA TYR J 72 132.11 12.79 -59.40
C TYR J 72 131.12 11.88 -58.70
N ARG J 73 130.85 12.13 -57.41
CA ARG J 73 129.80 11.40 -56.73
C ARG J 73 128.44 11.92 -57.17
N PRO J 74 127.37 11.13 -57.02
CA PRO J 74 126.05 11.56 -57.51
C PRO J 74 125.59 12.85 -56.84
N ASP J 75 125.28 13.86 -57.66
CA ASP J 75 124.81 15.15 -57.18
C ASP J 75 125.77 15.76 -56.16
N GLU J 76 127.07 15.58 -56.41
CA GLU J 76 128.07 16.09 -55.48
C GLU J 76 128.10 17.61 -55.49
N GLN J 77 128.28 18.19 -54.31
CA GLN J 77 128.39 19.64 -54.14
C GLN J 77 129.60 19.94 -53.28
N CYS J 78 130.24 21.08 -53.55
CA CYS J 78 131.40 21.52 -52.79
C CYS J 78 131.43 23.03 -52.78
N LYS J 79 131.85 23.61 -51.65
CA LYS J 79 131.97 25.06 -51.58
C LYS J 79 133.05 25.42 -50.58
N VAL J 80 133.57 26.65 -50.72
CA VAL J 80 134.62 27.18 -49.88
C VAL J 80 134.14 28.48 -49.26
N PHE J 81 134.65 28.77 -48.07
CA PHE J 81 134.25 29.95 -47.33
C PHE J 81 135.43 30.48 -46.52
N THR J 82 135.39 31.79 -46.26
CA THR J 82 136.42 32.50 -45.52
C THR J 82 135.76 33.26 -44.37
N GLY J 83 136.59 33.91 -43.55
CA GLY J 83 136.09 34.66 -42.42
C GLY J 83 135.39 33.79 -41.40
N VAL J 84 135.99 32.67 -41.05
CA VAL J 84 135.41 31.68 -40.16
C VAL J 84 136.31 31.50 -38.96
N TYR J 85 135.70 31.37 -37.78
CA TYR J 85 136.41 30.97 -36.56
C TYR J 85 135.56 29.91 -35.87
N PRO J 86 136.07 28.69 -35.71
CA PRO J 86 135.34 27.67 -34.94
C PRO J 86 135.76 27.66 -33.47
N PHE J 87 134.97 26.95 -32.68
CA PHE J 87 135.29 26.65 -31.30
C PHE J 87 135.18 25.16 -31.06
N MET J 88 135.90 24.69 -30.05
CA MET J 88 135.85 23.32 -29.57
C MET J 88 135.43 23.34 -28.10
N TRP J 89 135.43 22.17 -27.47
CA TRP J 89 135.15 22.12 -26.04
C TRP J 89 136.27 22.76 -25.23
N GLY J 90 137.46 22.94 -25.81
CA GLY J 90 138.58 23.55 -25.11
C GLY J 90 138.79 25.00 -25.49
N GLY J 91 138.66 25.32 -26.78
CA GLY J 91 138.87 26.69 -27.23
C GLY J 91 138.79 26.86 -28.73
N ALA J 92 139.57 27.80 -29.25
CA ALA J 92 139.59 28.12 -30.67
C ALA J 92 140.61 27.26 -31.39
N TYR J 93 140.25 26.77 -32.58
CA TYR J 93 141.12 25.86 -33.30
C TYR J 93 142.42 26.53 -33.74
N CYS J 94 142.34 27.77 -34.25
CA CYS J 94 143.50 28.44 -34.82
C CYS J 94 143.68 29.84 -34.26
N PHE J 95 144.60 30.62 -34.85
CA PHE J 95 145.02 31.91 -34.32
C PHE J 95 144.64 33.09 -35.19
N CYS J 96 144.91 33.05 -36.49
CA CYS J 96 144.67 34.20 -37.34
C CYS J 96 143.20 34.57 -37.31
N ASP J 97 142.90 35.85 -37.08
CA ASP J 97 141.51 36.25 -36.88
C ASP J 97 140.67 36.05 -38.15
N THR J 98 141.24 36.38 -39.31
CA THR J 98 140.51 36.31 -40.57
C THR J 98 141.26 35.43 -41.57
N GLU J 99 140.83 35.46 -42.83
CA GLU J 99 141.43 34.67 -43.91
C GLU J 99 141.57 33.19 -43.56
N ASN J 100 140.65 32.67 -42.75
CA ASN J 100 140.62 31.24 -42.45
C ASN J 100 139.76 30.52 -43.48
N THR J 101 140.33 29.52 -44.14
CA THR J 101 139.67 28.85 -45.25
C THR J 101 139.03 27.56 -44.76
N GLN J 102 137.78 27.34 -45.18
CA GLN J 102 137.08 26.09 -44.88
C GLN J 102 136.36 25.63 -46.14
N VAL J 103 136.36 24.31 -46.35
CA VAL J 103 135.68 23.69 -47.48
C VAL J 103 134.68 22.69 -46.93
N SER J 104 133.45 22.76 -47.44
CA SER J 104 132.38 21.85 -47.10
C SER J 104 131.95 21.11 -48.37
N LYS J 105 131.93 19.78 -48.29
CA LYS J 105 131.63 18.91 -49.40
C LYS J 105 130.51 17.95 -49.00
N ALA J 106 129.57 17.72 -49.92
CA ALA J 106 128.40 16.91 -49.62
C ALA J 106 128.00 16.12 -50.86
N TYR J 107 127.21 15.08 -50.64
CA TYR J 107 126.77 14.18 -51.69
C TYR J 107 125.59 13.39 -51.19
N VAL J 108 125.00 12.59 -52.07
CA VAL J 108 123.83 11.78 -51.76
C VAL J 108 124.18 10.32 -51.99
N MET J 109 123.92 9.48 -50.98
CA MET J 109 124.14 8.05 -51.06
C MET J 109 122.86 7.32 -50.69
N LYS J 110 122.55 6.26 -51.42
CA LYS J 110 121.32 5.52 -51.14
C LYS J 110 121.37 4.94 -49.73
N SER J 111 120.25 5.04 -49.02
CA SER J 111 120.20 4.56 -47.64
C SER J 111 120.48 3.07 -47.58
N ASP J 112 121.19 2.66 -46.53
CA ASP J 112 121.53 1.26 -46.34
C ASP J 112 120.34 0.40 -45.91
N ASP J 113 119.19 1.02 -45.63
CA ASP J 113 118.08 0.31 -44.99
C ASP J 113 117.19 -0.38 -46.03
N CYS J 114 117.25 0.04 -47.30
CA CYS J 114 116.26 -0.35 -48.29
C CYS J 114 116.58 -1.66 -49.00
N LEU J 115 117.32 -2.56 -48.35
CA LEU J 115 117.50 -3.90 -48.91
C LEU J 115 116.18 -4.66 -48.99
N ALA J 116 115.22 -4.35 -48.11
CA ALA J 116 113.93 -5.02 -48.10
C ALA J 116 112.75 -4.08 -48.25
N ASP J 117 112.98 -2.77 -48.34
CA ASP J 117 111.91 -1.77 -48.50
C ASP J 117 112.29 -0.88 -49.68
N HIS J 118 111.86 -1.26 -50.87
CA HIS J 118 112.17 -0.52 -52.08
C HIS J 118 111.08 -0.78 -53.11
N ALA J 119 111.01 0.10 -54.11
CA ALA J 119 110.02 0.04 -55.17
C ALA J 119 110.71 -0.23 -56.49
N GLU J 120 110.03 -0.98 -57.36
CA GLU J 120 110.54 -1.39 -58.67
C GLU J 120 109.67 -0.81 -59.77
N ALA J 121 110.29 -0.49 -60.90
CA ALA J 121 109.61 0.08 -62.06
C ALA J 121 109.73 -0.88 -63.24
N TYR J 122 108.60 -1.13 -63.89
CA TYR J 122 108.52 -2.13 -64.96
C TYR J 122 107.76 -1.59 -66.15
N LYS J 123 108.05 -2.16 -67.31
CA LYS J 123 107.24 -2.00 -68.52
C LYS J 123 106.51 -3.32 -68.78
N ALA J 124 105.20 -3.23 -69.00
CA ALA J 124 104.35 -4.40 -69.21
C ALA J 124 103.71 -4.34 -70.58
N HIS J 125 103.74 -5.47 -71.30
CA HIS J 125 103.13 -5.57 -72.61
C HIS J 125 103.18 -7.04 -73.03
N THR J 126 102.42 -7.35 -74.08
CA THR J 126 102.35 -8.70 -74.65
C THR J 126 102.00 -9.73 -73.59
N ALA J 127 100.79 -9.59 -73.04
CA ALA J 127 100.32 -10.49 -72.00
C ALA J 127 100.02 -11.88 -72.57
N SER J 128 100.09 -12.88 -71.70
CA SER J 128 99.76 -14.25 -72.04
C SER J 128 98.77 -14.80 -71.02
N VAL J 129 97.97 -15.77 -71.46
CA VAL J 129 96.90 -16.35 -70.67
C VAL J 129 97.22 -17.81 -70.40
N GLN J 130 97.04 -18.23 -69.15
CA GLN J 130 97.17 -19.63 -68.75
C GLN J 130 95.90 -20.04 -68.02
N ALA J 131 95.56 -21.32 -68.10
CA ALA J 131 94.31 -21.82 -67.54
C ALA J 131 94.50 -23.17 -66.88
N PHE J 132 93.82 -23.35 -65.75
CA PHE J 132 93.74 -24.62 -65.05
C PHE J 132 92.32 -25.16 -65.26
N LEU J 133 92.22 -26.34 -65.86
CA LEU J 133 90.94 -26.92 -66.23
C LEU J 133 90.77 -28.29 -65.58
N ASN J 134 89.53 -28.63 -65.25
CA ASN J 134 89.13 -29.98 -64.89
C ASN J 134 88.22 -30.47 -66.00
N ILE J 135 88.70 -31.48 -66.73
CA ILE J 135 88.00 -32.03 -67.89
C ILE J 135 87.48 -33.41 -67.50
N THR J 136 86.26 -33.71 -67.94
CA THR J 136 85.69 -35.06 -67.82
C THR J 136 84.97 -35.35 -69.12
N VAL J 137 85.62 -36.13 -69.97
CA VAL J 137 85.10 -36.59 -71.25
C VAL J 137 85.07 -38.11 -71.23
N GLY J 138 83.91 -38.69 -71.48
CA GLY J 138 83.77 -40.13 -71.43
C GLY J 138 84.14 -40.69 -70.06
N GLU J 139 83.61 -40.06 -69.01
CA GLU J 139 83.93 -40.34 -67.61
C GLU J 139 85.42 -40.63 -67.43
N HIS J 140 86.23 -39.63 -67.79
CA HIS J 140 87.69 -39.67 -67.58
C HIS J 140 88.08 -38.32 -66.99
N SER J 141 88.17 -38.24 -65.67
CA SER J 141 88.48 -36.99 -64.98
C SER J 141 89.98 -36.72 -65.04
N ILE J 142 90.32 -35.45 -65.31
CA ILE J 142 91.71 -35.03 -65.35
C ILE J 142 91.78 -33.55 -65.02
N VAL J 143 92.87 -33.16 -64.35
CA VAL J 143 93.17 -31.75 -64.05
C VAL J 143 94.43 -31.38 -64.82
N THR J 144 94.33 -30.33 -65.64
CA THR J 144 95.39 -30.00 -66.58
C THR J 144 95.67 -28.50 -66.57
N THR J 145 96.95 -28.17 -66.77
CA THR J 145 97.39 -26.80 -67.04
C THR J 145 97.62 -26.68 -68.54
N VAL J 146 96.97 -25.71 -69.17
CA VAL J 146 96.96 -25.57 -70.62
C VAL J 146 97.35 -24.16 -71.00
N TYR J 147 98.03 -24.03 -72.14
CA TYR J 147 98.35 -22.74 -72.74
C TYR J 147 97.36 -22.47 -73.85
N VAL J 148 96.76 -21.28 -73.84
CA VAL J 148 95.60 -21.01 -74.68
C VAL J 148 95.97 -20.09 -75.84
N ASN J 149 97.24 -20.13 -76.27
CA ASN J 149 97.65 -19.43 -77.47
C ASN J 149 97.20 -20.25 -78.68
N GLY J 150 97.64 -19.86 -79.88
CA GLY J 150 97.21 -20.53 -81.09
C GLY J 150 97.83 -21.88 -81.36
N GLU J 151 98.71 -22.36 -80.47
CA GLU J 151 99.40 -23.63 -80.65
C GLU J 151 99.57 -24.28 -79.28
N THR J 152 100.43 -25.30 -79.23
CA THR J 152 100.79 -25.96 -77.98
C THR J 152 99.59 -26.58 -77.29
N PRO J 153 99.00 -27.64 -77.85
CA PRO J 153 97.86 -28.30 -77.21
C PRO J 153 98.30 -29.30 -76.15
N VAL J 154 97.33 -29.97 -75.56
CA VAL J 154 97.55 -31.01 -74.56
C VAL J 154 96.94 -32.31 -75.06
N ASN J 155 97.48 -33.42 -74.55
CA ASN J 155 97.10 -34.75 -75.00
C ASN J 155 96.86 -35.65 -73.80
N PHE J 156 95.78 -36.43 -73.84
CA PHE J 156 95.45 -37.34 -72.74
C PHE J 156 94.42 -38.36 -73.18
N ASN J 157 94.77 -39.65 -73.08
CA ASN J 157 93.94 -40.75 -73.59
C ASN J 157 93.65 -40.59 -75.08
N GLY J 158 94.55 -39.94 -75.80
CA GLY J 158 94.40 -39.77 -77.23
C GLY J 158 93.50 -38.61 -77.61
N VAL J 159 92.80 -38.04 -76.64
CA VAL J 159 91.94 -36.89 -76.90
C VAL J 159 92.80 -35.63 -76.92
N LYS J 160 92.90 -34.99 -78.07
CA LYS J 160 93.74 -33.81 -78.24
C LYS J 160 92.88 -32.56 -78.07
N ILE J 161 93.22 -31.75 -77.08
CA ILE J 161 92.48 -30.53 -76.76
C ILE J 161 93.29 -29.34 -77.26
N THR J 162 92.67 -28.47 -78.05
CA THR J 162 93.31 -27.22 -78.47
C THR J 162 92.49 -26.04 -77.99
N ALA J 163 93.16 -25.05 -77.44
CA ALA J 163 92.54 -23.82 -76.97
C ALA J 163 93.01 -22.67 -77.85
N GLY J 164 92.06 -21.97 -78.47
CA GLY J 164 92.39 -20.92 -79.40
C GLY J 164 92.68 -19.61 -78.71
N PRO J 165 92.96 -18.59 -79.51
CA PRO J 165 93.26 -17.27 -78.94
C PRO J 165 92.05 -16.66 -78.25
N LEU J 166 92.33 -15.79 -77.28
CA LEU J 166 91.27 -15.16 -76.52
C LEU J 166 90.44 -14.24 -77.42
N SER J 167 89.16 -14.10 -77.07
CA SER J 167 88.26 -13.24 -77.84
C SER J 167 88.68 -11.77 -77.76
N THR J 168 89.34 -11.37 -76.68
CA THR J 168 89.75 -9.99 -76.47
C THR J 168 91.19 -9.95 -75.99
N ALA J 169 91.87 -8.85 -76.30
CA ALA J 169 93.25 -8.63 -75.89
C ALA J 169 93.37 -7.60 -74.77
N TRP J 170 92.26 -7.24 -74.12
CA TRP J 170 92.32 -6.28 -73.04
C TRP J 170 93.13 -6.82 -71.88
N THR J 171 93.93 -5.95 -71.27
CA THR J 171 94.71 -6.27 -70.07
C THR J 171 94.44 -5.21 -69.01
N PRO J 172 94.35 -5.60 -67.73
CA PRO J 172 94.18 -4.58 -66.68
C PRO J 172 95.38 -3.68 -66.51
N PHE J 173 96.55 -4.06 -67.02
CA PHE J 173 97.79 -3.35 -66.78
C PHE J 173 98.07 -2.38 -67.92
N ASP J 174 98.59 -1.21 -67.57
CA ASP J 174 99.01 -0.22 -68.55
C ASP J 174 100.48 -0.43 -68.89
N ARG J 175 101.07 0.54 -69.62
CA ARG J 175 102.45 0.40 -70.08
C ARG J 175 103.43 0.40 -68.91
N LYS J 176 103.31 1.38 -68.00
CA LYS J 176 104.27 1.59 -66.93
C LYS J 176 103.69 1.12 -65.60
N ILE J 177 104.47 0.35 -64.85
CA ILE J 177 104.04 -0.25 -63.59
C ILE J 177 105.06 0.10 -62.51
N VAL J 178 104.56 0.36 -61.30
CA VAL J 178 105.40 0.48 -60.11
C VAL J 178 104.92 -0.54 -59.09
N GLN J 179 105.85 -1.32 -58.54
CA GLN J 179 105.57 -2.35 -57.54
C GLN J 179 106.25 -1.99 -56.23
N TYR J 180 105.53 -2.16 -55.13
CA TYR J 180 106.07 -1.83 -53.82
C TYR J 180 105.13 -2.36 -52.74
N ALA J 181 105.72 -2.88 -51.66
CA ALA J 181 104.98 -3.33 -50.49
C ALA J 181 103.92 -4.36 -50.85
N GLY J 182 104.28 -5.26 -51.77
CA GLY J 182 103.37 -6.30 -52.19
C GLY J 182 102.12 -5.76 -52.85
N GLU J 183 102.25 -4.64 -53.56
CA GLU J 183 101.13 -4.01 -54.23
C GLU J 183 101.64 -3.36 -55.51
N ILE J 184 100.70 -3.07 -56.42
CA ILE J 184 101.02 -2.50 -57.72
C ILE J 184 100.13 -1.29 -57.94
N TYR J 185 100.71 -0.26 -58.57
CA TYR J 185 99.99 0.98 -58.88
C TYR J 185 100.25 1.35 -60.33
N ASN J 186 99.21 1.85 -61.00
CA ASN J 186 99.34 2.32 -62.37
C ASN J 186 99.69 3.80 -62.33
N TYR J 187 100.98 4.11 -62.41
CA TYR J 187 101.49 5.46 -62.25
C TYR J 187 102.46 5.78 -63.37
N ASP J 188 102.47 7.05 -63.77
CA ASP J 188 103.34 7.55 -64.82
C ASP J 188 104.55 8.22 -64.17
N PHE J 189 105.74 7.62 -64.36
CA PHE J 189 106.97 8.09 -63.73
C PHE J 189 107.96 8.61 -64.78
N PRO J 190 108.88 9.48 -64.40
CA PRO J 190 109.91 9.92 -65.35
C PRO J 190 110.88 8.80 -65.68
N GLU J 191 111.51 8.92 -66.84
CA GLU J 191 112.38 7.87 -67.35
C GLU J 191 113.74 7.91 -66.65
N TYR J 192 114.59 6.93 -66.98
CA TYR J 192 115.91 6.83 -66.37
C TYR J 192 116.75 8.07 -66.69
N GLY J 193 117.42 8.60 -65.67
CA GLY J 193 118.29 9.74 -65.85
C GLY J 193 117.55 11.06 -65.95
N ALA J 194 116.23 11.03 -65.81
CA ALA J 194 115.39 12.21 -65.90
C ALA J 194 114.69 12.52 -64.58
N GLY J 195 115.29 12.13 -63.45
CA GLY J 195 114.68 12.33 -62.15
C GLY J 195 114.41 13.80 -61.85
N GLN J 196 113.17 14.12 -61.54
CA GLN J 196 112.75 15.48 -61.22
C GLN J 196 112.70 15.60 -59.70
N PRO J 197 113.46 16.50 -59.07
CA PRO J 197 113.48 16.53 -57.59
C PRO J 197 112.11 16.87 -57.02
N GLY J 198 111.81 16.27 -55.88
CA GLY J 198 110.53 16.47 -55.22
C GLY J 198 109.42 15.57 -55.71
N ALA J 199 109.69 14.67 -56.66
CA ALA J 199 108.71 13.76 -57.20
C ALA J 199 109.17 12.32 -56.96
N PHE J 200 108.28 11.38 -57.25
CA PHE J 200 108.60 9.97 -57.11
C PHE J 200 109.75 9.59 -58.03
N GLY J 201 110.77 8.94 -57.47
CA GLY J 201 111.93 8.55 -58.22
C GLY J 201 113.04 9.59 -58.17
N ASP J 202 113.22 10.19 -57.00
CA ASP J 202 114.25 11.22 -56.84
C ASP J 202 115.65 10.65 -57.10
N ILE J 203 115.95 9.49 -56.52
CA ILE J 203 117.25 8.84 -56.68
C ILE J 203 117.02 7.54 -57.43
N GLN J 204 117.77 7.35 -58.51
CA GLN J 204 117.53 6.28 -59.47
C GLN J 204 118.70 5.31 -59.49
N SER J 205 118.42 4.03 -59.27
CA SER J 205 119.45 2.99 -59.24
C SER J 205 119.05 1.86 -60.18
N ARG J 206 120.00 1.44 -61.01
CA ARG J 206 119.71 0.41 -62.02
C ARG J 206 119.27 -0.90 -61.35
N THR J 207 119.95 -1.30 -60.28
CA THR J 207 119.59 -2.48 -59.52
C THR J 207 119.84 -2.21 -58.05
N VAL J 208 119.58 -3.22 -57.21
CA VAL J 208 119.81 -3.08 -55.78
C VAL J 208 121.29 -2.92 -55.49
N SER J 209 122.14 -3.61 -56.25
CA SER J 209 123.60 -3.58 -56.07
C SER J 209 124.31 -3.09 -57.33
N SER J 210 123.73 -2.11 -58.02
CA SER J 210 124.36 -1.60 -59.23
C SER J 210 125.63 -0.82 -58.94
N SER J 211 125.72 -0.20 -57.75
CA SER J 211 126.87 0.63 -57.37
C SER J 211 127.04 1.81 -58.32
N ASP J 212 125.94 2.27 -58.90
CA ASP J 212 125.95 3.43 -59.79
C ASP J 212 124.54 3.97 -59.88
N LEU J 213 124.34 5.22 -59.48
CA LEU J 213 123.01 5.80 -59.38
C LEU J 213 123.03 7.24 -59.89
N TYR J 214 121.84 7.69 -60.28
CA TYR J 214 121.59 9.07 -60.71
C TYR J 214 120.87 9.79 -59.58
N ALA J 215 121.36 10.99 -59.24
CA ALA J 215 120.83 11.77 -58.13
C ALA J 215 120.60 13.20 -58.57
N ASN J 216 119.46 13.76 -58.17
CA ASN J 216 119.15 15.17 -58.43
C ASN J 216 118.25 15.63 -57.30
N THR J 217 118.83 16.33 -56.33
CA THR J 217 118.13 16.80 -55.14
C THR J 217 118.08 18.30 -55.00
N ASN J 218 118.78 19.05 -55.88
CA ASN J 218 118.98 20.48 -55.70
C ASN J 218 119.59 20.78 -54.34
N LEU J 219 120.55 19.95 -53.92
CA LEU J 219 121.23 20.17 -52.66
C LEU J 219 121.97 21.50 -52.69
N VAL J 220 121.68 22.35 -51.72
CA VAL J 220 122.29 23.67 -51.60
C VAL J 220 122.95 23.77 -50.23
N LEU J 221 123.98 24.61 -50.14
CA LEU J 221 124.83 24.70 -48.96
C LEU J 221 124.83 26.15 -48.49
N GLN J 222 124.42 26.36 -47.24
CA GLN J 222 124.26 27.71 -46.72
C GLN J 222 125.56 28.21 -46.09
N ARG J 223 125.60 29.49 -45.75
CA ARG J 223 126.76 30.09 -45.12
C ARG J 223 126.87 29.59 -43.69
N PRO J 224 127.97 28.94 -43.29
CA PRO J 224 128.05 28.44 -41.91
C PRO J 224 128.01 29.56 -40.88
N LYS J 225 127.43 29.22 -39.72
CA LYS J 225 127.31 30.16 -38.62
C LYS J 225 128.69 30.47 -38.03
N ALA J 226 128.78 31.64 -37.39
CA ALA J 226 130.00 32.08 -36.73
C ALA J 226 130.02 31.59 -35.30
N GLY J 227 131.13 30.99 -34.89
CA GLY J 227 131.31 30.52 -33.54
C GLY J 227 130.93 29.06 -33.34
N ALA J 228 131.13 28.25 -34.38
CA ALA J 228 130.82 26.82 -34.34
C ALA J 228 131.43 26.18 -35.58
N ILE J 229 131.26 24.87 -35.71
CA ILE J 229 131.73 24.13 -36.89
C ILE J 229 130.64 23.14 -37.29
N HIS J 230 130.16 23.26 -38.52
CA HIS J 230 129.14 22.37 -39.06
C HIS J 230 128.91 22.68 -40.54
N VAL J 231 128.03 21.92 -41.18
CA VAL J 231 127.78 22.04 -42.62
C VAL J 231 126.30 22.26 -42.87
N PRO J 232 125.78 23.49 -42.71
CA PRO J 232 124.35 23.71 -42.98
C PRO J 232 123.99 23.45 -44.43
N TYR J 233 123.15 22.45 -44.65
CA TYR J 233 122.72 22.03 -45.97
C TYR J 233 121.20 22.10 -46.05
N THR J 234 120.68 22.11 -47.28
CA THR J 234 119.24 22.08 -47.49
C THR J 234 118.96 21.37 -48.81
N GLN J 235 117.83 20.68 -48.85
CA GLN J 235 117.38 20.00 -50.05
C GLN J 235 115.92 19.60 -49.84
N ALA J 236 115.26 19.22 -50.93
CA ALA J 236 113.87 18.84 -50.85
C ALA J 236 113.72 17.56 -50.05
N PRO J 237 112.59 17.36 -49.36
CA PRO J 237 112.40 16.09 -48.64
C PRO J 237 112.28 14.92 -49.60
N SER J 238 112.09 13.73 -49.02
CA SER J 238 112.09 12.49 -49.80
C SER J 238 110.82 12.41 -50.64
N GLY J 239 110.97 12.52 -51.95
CA GLY J 239 109.83 12.34 -52.84
C GLY J 239 109.20 10.97 -52.70
N PHE J 240 109.99 9.98 -52.30
CA PHE J 240 109.41 8.67 -51.97
C PHE J 240 108.43 8.80 -50.81
N GLU J 241 108.79 9.57 -49.79
CA GLU J 241 107.88 9.79 -48.67
C GLU J 241 106.66 10.58 -49.09
N GLN J 242 106.83 11.57 -49.99
CA GLN J 242 105.67 12.31 -50.48
C GLN J 242 104.71 11.39 -51.24
N TRP J 243 105.26 10.50 -52.08
CA TRP J 243 104.42 9.53 -52.78
C TRP J 243 103.75 8.58 -51.80
N LYS J 244 104.46 8.18 -50.76
CA LYS J 244 103.86 7.33 -49.72
C LYS J 244 102.67 8.03 -49.08
N LYS J 245 102.82 9.32 -48.77
CA LYS J 245 101.73 10.07 -48.18
C LYS J 245 100.55 10.19 -49.14
N ASP J 246 100.84 10.40 -50.43
CA ASP J 246 99.75 10.57 -51.40
C ASP J 246 99.01 9.25 -51.60
N LYS J 247 99.69 8.26 -52.17
CA LYS J 247 99.23 6.87 -52.25
C LYS J 247 97.76 6.73 -52.65
N ALA J 248 97.45 7.04 -53.92
CA ALA J 248 96.11 6.80 -54.45
C ALA J 248 95.77 5.31 -54.32
N PRO J 249 94.50 4.93 -54.42
CA PRO J 249 94.13 3.51 -54.22
C PRO J 249 94.83 2.58 -55.22
N SER J 250 95.09 1.37 -54.76
CA SER J 250 95.88 0.39 -55.49
C SER J 250 95.08 -0.21 -56.65
N LEU J 251 95.81 -0.86 -57.56
CA LEU J 251 95.16 -1.57 -58.65
C LEU J 251 94.33 -2.74 -58.14
N LYS J 252 94.68 -3.28 -56.97
CA LYS J 252 93.87 -4.32 -56.34
C LYS J 252 92.42 -3.87 -56.17
N PHE J 253 92.20 -2.62 -55.78
CA PHE J 253 90.86 -2.07 -55.61
C PHE J 253 90.45 -1.12 -56.72
N THR J 254 91.26 -0.95 -57.77
CA THR J 254 90.91 -0.11 -58.91
C THR J 254 90.66 -0.91 -60.19
N ALA J 255 91.12 -2.16 -60.27
CA ALA J 255 91.07 -2.89 -61.53
C ALA J 255 89.63 -3.14 -61.94
N PRO J 256 89.26 -2.93 -63.21
CA PRO J 256 87.90 -3.25 -63.64
C PRO J 256 87.69 -4.75 -63.75
N PHE J 257 86.42 -5.14 -63.75
CA PHE J 257 86.01 -6.55 -63.82
C PHE J 257 86.50 -7.37 -62.63
N GLY J 258 86.90 -6.71 -61.54
CA GLY J 258 87.29 -7.40 -60.33
C GLY J 258 88.45 -8.35 -60.48
N CYS J 259 89.45 -7.97 -61.29
CA CYS J 259 90.64 -8.81 -61.41
C CYS J 259 91.41 -8.83 -60.10
N GLU J 260 91.86 -10.02 -59.72
CA GLU J 260 92.61 -10.23 -58.49
C GLU J 260 94.09 -10.25 -58.83
N ILE J 261 94.85 -9.33 -58.22
CA ILE J 261 96.27 -9.17 -58.48
C ILE J 261 97.05 -9.84 -57.36
N TYR J 262 98.05 -10.64 -57.73
CA TYR J 262 98.96 -11.28 -56.79
C TYR J 262 100.39 -11.02 -57.24
N THR J 263 101.31 -10.99 -56.28
CA THR J 263 102.59 -10.31 -56.46
C THR J 263 103.82 -11.20 -56.38
N ASN J 264 103.68 -12.52 -56.27
CA ASN J 264 104.89 -13.34 -56.26
C ASN J 264 105.53 -13.27 -57.65
N PRO J 265 104.91 -13.78 -58.72
CA PRO J 265 105.05 -13.11 -60.02
C PRO J 265 103.86 -12.20 -60.27
N ILE J 266 104.11 -11.10 -60.99
CA ILE J 266 103.04 -10.17 -61.29
C ILE J 266 102.01 -10.88 -62.17
N ARG J 267 100.79 -10.98 -61.66
CA ARG J 267 99.75 -11.73 -62.35
C ARG J 267 98.38 -11.18 -61.95
N ALA J 268 97.40 -11.42 -62.81
CA ALA J 268 96.01 -11.03 -62.58
C ALA J 268 95.12 -12.25 -62.75
N GLU J 269 94.22 -12.48 -61.78
CA GLU J 269 93.43 -13.69 -61.70
C GLU J 269 91.94 -13.37 -61.81
N ASN J 270 91.19 -14.35 -62.32
CA ASN J 270 89.74 -14.34 -62.36
C ASN J 270 89.18 -13.10 -63.06
N CYS J 271 89.80 -12.69 -64.16
CA CYS J 271 89.28 -11.60 -64.97
C CYS J 271 88.14 -12.12 -65.83
N ALA J 272 86.91 -11.84 -65.42
CA ALA J 272 85.72 -12.34 -66.09
C ALA J 272 85.43 -11.47 -67.31
N VAL J 273 86.08 -11.81 -68.42
CA VAL J 273 85.96 -11.06 -69.67
C VAL J 273 85.92 -12.03 -70.84
N GLY J 274 84.85 -11.96 -71.63
CA GLY J 274 84.80 -12.67 -72.90
C GLY J 274 84.72 -14.18 -72.77
N SER J 275 85.28 -14.86 -73.78
CA SER J 275 85.15 -16.30 -73.89
C SER J 275 86.41 -16.85 -74.55
N ILE J 276 86.58 -18.17 -74.43
CA ILE J 276 87.72 -18.88 -75.01
C ILE J 276 87.18 -19.95 -75.96
N PRO J 277 87.67 -20.07 -77.19
CA PRO J 277 87.27 -21.19 -78.04
C PRO J 277 88.14 -22.43 -77.81
N LEU J 278 87.50 -23.58 -77.95
CA LEU J 278 88.14 -24.87 -77.71
C LEU J 278 87.76 -25.81 -78.83
N ALA J 279 88.69 -26.68 -79.21
CA ALA J 279 88.44 -27.73 -80.20
C ALA J 279 88.86 -29.08 -79.63
N PHE J 280 87.96 -30.04 -79.74
CA PHE J 280 88.15 -31.42 -79.32
C PHE J 280 88.54 -32.25 -80.54
N ASP J 281 89.57 -33.08 -80.39
CA ASP J 281 89.86 -34.17 -81.31
C ASP J 281 89.71 -35.45 -80.50
N ILE J 282 88.57 -36.11 -80.67
CA ILE J 282 88.17 -37.26 -79.85
C ILE J 282 88.44 -38.52 -80.67
N PRO J 283 89.13 -39.52 -80.12
CA PRO J 283 89.27 -40.78 -80.86
C PRO J 283 87.92 -41.44 -81.10
N ASP J 284 87.81 -42.14 -82.25
CA ASP J 284 86.57 -42.83 -82.57
C ASP J 284 86.26 -43.95 -81.59
N ALA J 285 87.26 -44.45 -80.85
CA ALA J 285 87.02 -45.53 -79.91
C ALA J 285 86.11 -45.08 -78.77
N LEU J 286 86.26 -43.84 -78.31
CA LEU J 286 85.48 -43.35 -77.18
C LEU J 286 83.99 -43.35 -77.49
N PHE J 287 83.62 -43.07 -78.74
CA PHE J 287 82.21 -43.07 -79.12
C PHE J 287 81.62 -44.46 -78.98
N THR J 288 80.34 -44.51 -78.64
CA THR J 288 79.63 -45.75 -78.31
C THR J 288 78.47 -45.97 -79.26
N ARG J 289 78.17 -47.24 -79.50
CA ARG J 289 77.04 -47.61 -80.35
C ARG J 289 75.72 -47.24 -79.69
N VAL J 290 74.70 -46.99 -80.51
CA VAL J 290 73.36 -46.77 -79.99
C VAL J 290 72.84 -48.04 -79.33
N SER J 291 73.07 -49.19 -79.97
CA SER J 291 72.62 -50.46 -79.40
C SER J 291 73.30 -50.77 -78.07
N GLU J 292 74.47 -50.18 -77.81
CA GLU J 292 75.19 -50.41 -76.56
C GLU J 292 74.77 -49.46 -75.45
N THR J 293 73.75 -48.63 -75.67
CA THR J 293 73.25 -47.69 -74.67
C THR J 293 71.74 -47.89 -74.51
N PRO J 294 71.17 -47.55 -73.35
CA PRO J 294 69.72 -47.72 -73.16
C PRO J 294 68.93 -46.81 -74.08
N THR J 295 67.72 -47.25 -74.42
CA THR J 295 66.76 -46.48 -75.20
C THR J 295 65.46 -46.39 -74.42
N LEU J 296 64.93 -45.19 -74.29
CA LEU J 296 63.73 -44.95 -73.49
C LEU J 296 62.47 -45.06 -74.36
N SER J 297 61.32 -45.00 -73.71
CA SER J 297 60.03 -45.04 -74.39
C SER J 297 58.92 -44.55 -73.46
N ALA J 298 58.11 -43.61 -73.95
CA ALA J 298 56.98 -43.07 -73.19
C ALA J 298 57.47 -42.42 -71.89
N ALA J 299 58.28 -41.38 -72.05
CA ALA J 299 58.81 -40.62 -70.93
C ALA J 299 58.02 -39.32 -70.75
N GLU J 300 57.70 -39.00 -69.50
CA GLU J 300 56.92 -37.81 -69.16
C GLU J 300 57.68 -36.97 -68.15
N CYS J 301 57.93 -35.71 -68.51
CA CYS J 301 58.59 -34.74 -67.65
C CYS J 301 57.57 -33.88 -66.93
N THR J 302 57.71 -33.77 -65.60
CA THR J 302 56.88 -32.92 -64.78
C THR J 302 57.77 -32.12 -63.83
N LEU J 303 57.23 -31.02 -63.33
CA LEU J 303 57.95 -30.10 -62.45
C LEU J 303 57.42 -30.24 -61.03
N ASN J 304 58.32 -30.23 -60.04
CA ASN J 304 57.93 -30.28 -58.63
C ASN J 304 58.08 -28.93 -57.96
N GLU J 305 59.18 -28.23 -58.20
CA GLU J 305 59.44 -26.93 -57.61
C GLU J 305 59.95 -25.96 -58.68
N CYS J 306 59.51 -24.71 -58.59
CA CYS J 306 60.13 -23.59 -59.30
C CYS J 306 60.67 -22.56 -58.32
N VAL J 307 61.95 -22.26 -58.44
CA VAL J 307 62.52 -21.02 -57.96
C VAL J 307 63.55 -20.57 -58.99
N TYR J 308 63.18 -19.63 -59.87
CA TYR J 308 64.09 -19.20 -60.94
C TYR J 308 65.10 -18.20 -60.37
N SER J 309 65.92 -18.71 -59.45
CA SER J 309 66.93 -17.92 -58.76
C SER J 309 68.27 -18.06 -59.47
N SER J 310 69.30 -17.48 -58.86
CA SER J 310 70.66 -17.66 -59.35
C SER J 310 71.08 -19.13 -59.24
N ASP J 311 70.63 -19.82 -58.19
CA ASP J 311 71.00 -21.21 -57.93
C ASP J 311 70.16 -22.14 -58.81
N PHE J 312 70.55 -23.41 -58.89
CA PHE J 312 69.79 -24.42 -59.61
C PHE J 312 68.50 -24.65 -58.84
N GLY J 313 67.52 -23.77 -59.10
CA GLY J 313 66.31 -23.71 -58.31
C GLY J 313 65.06 -24.25 -58.99
N GLY J 314 65.22 -25.15 -59.97
CA GLY J 314 64.07 -25.83 -60.54
C GLY J 314 64.30 -27.32 -60.56
N ILE J 315 63.42 -28.09 -59.93
CA ILE J 315 63.57 -29.53 -59.83
C ILE J 315 62.40 -30.19 -60.56
N ALA J 316 62.74 -31.15 -61.43
CA ALA J 316 61.76 -31.81 -62.27
C ALA J 316 61.99 -33.31 -62.24
N THR J 317 60.90 -34.06 -62.17
CA THR J 317 60.93 -35.51 -62.19
C THR J 317 60.45 -36.00 -63.56
N VAL J 318 61.23 -36.87 -64.17
CA VAL J 318 60.89 -37.49 -65.45
C VAL J 318 60.63 -38.95 -65.16
N LYS J 319 59.39 -39.38 -65.38
CA LYS J 319 59.01 -40.78 -65.26
C LYS J 319 59.17 -41.43 -66.63
N TYR J 320 60.08 -42.39 -66.72
CA TYR J 320 60.48 -43.03 -67.96
C TYR J 320 60.28 -44.53 -67.87
N SER J 321 60.51 -45.21 -69.00
CA SER J 321 60.44 -46.67 -69.08
C SER J 321 61.61 -47.11 -69.95
N ALA J 322 62.74 -47.43 -69.30
CA ALA J 322 63.97 -47.75 -69.99
C ALA J 322 64.01 -49.23 -70.34
N SER J 323 64.36 -49.52 -71.59
CA SER J 323 64.57 -50.90 -71.99
C SER J 323 65.76 -51.52 -71.26
N LYS J 324 66.82 -50.73 -71.07
CA LYS J 324 68.02 -51.14 -70.36
C LYS J 324 68.32 -50.17 -69.24
N SER J 325 69.06 -50.65 -68.23
CA SER J 325 69.45 -49.85 -67.08
C SER J 325 70.91 -49.42 -67.27
N GLY J 326 71.12 -48.12 -67.46
CA GLY J 326 72.46 -47.61 -67.64
C GLY J 326 72.46 -46.10 -67.63
N LYS J 327 73.64 -45.54 -67.37
CA LYS J 327 73.82 -44.10 -67.30
C LYS J 327 74.10 -43.53 -68.69
N CYS J 328 73.46 -42.41 -69.00
CA CYS J 328 73.63 -41.75 -70.29
C CYS J 328 73.46 -40.25 -70.10
N ALA J 329 73.78 -39.51 -71.15
CA ALA J 329 73.87 -38.05 -71.07
C ALA J 329 72.52 -37.41 -71.37
N VAL J 330 72.13 -36.44 -70.53
CA VAL J 330 70.95 -35.63 -70.73
C VAL J 330 71.40 -34.20 -71.00
N HIS J 331 70.77 -33.57 -71.98
CA HIS J 331 71.19 -32.26 -72.47
C HIS J 331 69.98 -31.39 -72.78
N VAL J 332 70.18 -30.08 -72.68
CA VAL J 332 69.19 -29.08 -73.07
C VAL J 332 69.68 -28.44 -74.36
N PRO J 333 69.10 -28.74 -75.53
CA PRO J 333 69.61 -28.15 -76.78
C PRO J 333 69.59 -26.63 -76.79
N SER J 334 68.59 -26.01 -76.19
CA SER J 334 68.45 -24.56 -76.18
C SER J 334 69.08 -23.97 -74.93
N GLY J 335 69.03 -22.64 -74.83
CA GLY J 335 69.48 -21.91 -73.68
C GLY J 335 68.42 -21.66 -72.64
N THR J 336 67.23 -22.27 -72.77
CA THR J 336 66.14 -22.01 -71.84
C THR J 336 66.51 -22.45 -70.42
N ALA J 337 67.14 -23.61 -70.28
CA ALA J 337 67.49 -24.17 -68.98
C ALA J 337 68.91 -24.70 -69.00
N THR J 338 69.57 -24.60 -67.85
CA THR J 338 70.92 -25.14 -67.64
C THR J 338 70.82 -26.27 -66.63
N LEU J 339 71.40 -27.42 -66.97
CA LEU J 339 71.28 -28.64 -66.21
C LEU J 339 72.49 -28.81 -65.27
N LYS J 340 72.22 -29.23 -64.04
CA LYS J 340 73.30 -29.35 -63.06
C LYS J 340 74.30 -30.43 -63.43
N GLU J 341 73.83 -31.69 -63.49
CA GLU J 341 74.74 -32.81 -63.67
C GLU J 341 75.08 -33.02 -65.15
N ALA J 342 76.04 -33.92 -65.38
CA ALA J 342 76.41 -34.32 -66.74
C ALA J 342 75.68 -35.56 -67.23
N ALA J 343 75.23 -36.41 -66.31
CA ALA J 343 74.49 -37.62 -66.68
C ALA J 343 73.68 -38.08 -65.49
N VAL J 344 72.67 -38.90 -65.76
CA VAL J 344 71.78 -39.44 -64.74
C VAL J 344 71.63 -40.94 -64.97
N GLU J 345 71.88 -41.72 -63.92
CA GLU J 345 71.70 -43.16 -64.00
C GLU J 345 70.22 -43.50 -64.15
N LEU J 346 69.94 -44.46 -65.03
CA LEU J 346 68.57 -44.84 -65.38
C LEU J 346 68.32 -46.28 -64.94
N THR J 347 67.22 -46.49 -64.22
CA THR J 347 66.81 -47.81 -63.79
C THR J 347 65.85 -48.40 -64.84
N GLU J 348 65.23 -49.54 -64.52
CA GLU J 348 64.37 -50.20 -65.50
C GLU J 348 63.05 -49.46 -65.66
N GLN J 349 62.42 -49.04 -64.55
CA GLN J 349 61.16 -48.31 -64.61
C GLN J 349 61.09 -47.19 -63.58
N GLY J 350 62.22 -46.68 -63.11
CA GLY J 350 62.22 -45.64 -62.11
C GLY J 350 61.96 -44.26 -62.69
N SER J 351 62.07 -43.25 -61.83
CA SER J 351 61.91 -41.86 -62.20
C SER J 351 63.16 -41.09 -61.84
N ALA J 352 63.59 -40.20 -62.74
CA ALA J 352 64.83 -39.45 -62.57
C ALA J 352 64.51 -38.02 -62.14
N THR J 353 65.15 -37.60 -61.05
CA THR J 353 65.02 -36.23 -60.54
C THR J 353 66.18 -35.40 -61.04
N ILE J 354 65.88 -34.23 -61.59
CA ILE J 354 66.85 -33.40 -62.30
C ILE J 354 66.76 -31.97 -61.78
N HIS J 355 67.92 -31.35 -61.60
CA HIS J 355 68.03 -29.97 -61.14
C HIS J 355 68.51 -29.07 -62.28
N PHE J 356 67.85 -27.92 -62.44
CA PHE J 356 68.16 -27.01 -63.52
C PHE J 356 67.95 -25.57 -63.03
N SER J 357 68.41 -24.63 -63.85
CA SER J 357 68.25 -23.20 -63.60
C SER J 357 67.74 -22.53 -64.86
N THR J 358 66.94 -21.49 -64.68
CA THR J 358 66.38 -20.74 -65.79
C THR J 358 65.97 -19.35 -65.29
N ALA J 359 65.69 -18.46 -66.25
CA ALA J 359 65.24 -17.09 -65.97
C ALA J 359 63.86 -16.81 -66.53
N ASN J 360 63.10 -17.84 -66.91
CA ASN J 360 61.80 -17.68 -67.55
C ASN J 360 60.70 -17.82 -66.51
N ILE J 361 59.75 -16.87 -66.54
CA ILE J 361 58.57 -16.97 -65.69
C ILE J 361 57.66 -18.11 -66.16
N HIS J 362 57.66 -18.38 -67.46
CA HIS J 362 56.80 -19.38 -68.10
C HIS J 362 57.69 -20.30 -68.92
N PRO J 363 58.47 -21.16 -68.27
CA PRO J 363 59.43 -21.98 -69.03
C PRO J 363 58.75 -23.16 -69.72
N GLU J 364 58.97 -23.27 -71.03
CA GLU J 364 58.62 -24.45 -71.80
C GLU J 364 59.90 -24.89 -72.51
N PHE J 365 60.28 -26.15 -72.39
CA PHE J 365 61.47 -26.58 -73.13
C PHE J 365 61.56 -28.09 -73.17
N ARG J 366 62.51 -28.58 -73.95
CA ARG J 366 62.67 -29.99 -74.28
C ARG J 366 63.97 -30.50 -73.69
N LEU J 367 63.90 -31.66 -73.05
CA LEU J 367 65.08 -32.37 -72.54
C LEU J 367 65.46 -33.45 -73.53
N GLN J 368 66.71 -33.42 -73.99
CA GLN J 368 67.25 -34.51 -74.78
C GLN J 368 67.76 -35.60 -73.83
N ILE J 369 67.17 -36.78 -73.90
CA ILE J 369 67.60 -37.92 -73.08
C ILE J 369 67.98 -39.04 -74.06
N CYS J 370 69.24 -39.02 -74.49
CA CYS J 370 70.05 -40.17 -74.92
C CYS J 370 69.54 -40.89 -76.16
N THR J 371 68.25 -40.77 -76.47
CA THR J 371 67.70 -41.06 -77.79
C THR J 371 66.59 -40.11 -78.20
N SER J 372 65.91 -39.44 -77.26
CA SER J 372 64.63 -38.80 -77.55
C SER J 372 64.60 -37.40 -76.95
N TYR J 373 63.52 -36.69 -77.26
CA TYR J 373 63.24 -35.36 -76.74
C TYR J 373 61.91 -35.39 -76.02
N VAL J 374 61.89 -34.93 -74.76
CA VAL J 374 60.69 -34.87 -73.94
C VAL J 374 60.43 -33.41 -73.59
N THR J 375 59.25 -32.91 -73.97
CA THR J 375 58.90 -31.52 -73.75
C THR J 375 58.10 -31.38 -72.46
N CYS J 376 58.41 -30.34 -71.69
CA CYS J 376 57.64 -30.05 -70.48
C CYS J 376 57.69 -28.56 -70.16
N LYS J 377 56.73 -28.16 -69.33
CA LYS J 377 56.32 -26.77 -69.20
C LYS J 377 56.07 -26.46 -67.73
N GLY J 378 56.01 -25.18 -67.41
CA GLY J 378 55.71 -24.79 -66.03
C GLY J 378 55.39 -23.31 -65.92
N ASP J 379 54.81 -22.97 -64.77
CA ASP J 379 54.57 -21.58 -64.36
C ASP J 379 55.37 -21.37 -63.08
N CYS J 380 56.50 -20.66 -63.17
CA CYS J 380 57.46 -20.57 -62.08
C CYS J 380 57.34 -19.27 -61.30
N HIS J 381 57.85 -19.32 -60.07
CA HIS J 381 57.64 -18.32 -59.04
C HIS J 381 58.98 -17.72 -58.60
N PRO J 382 58.97 -16.52 -58.02
CA PRO J 382 60.25 -15.83 -57.75
C PRO J 382 60.89 -16.36 -56.48
N PRO J 383 62.19 -16.06 -56.27
CA PRO J 383 62.83 -16.48 -55.01
C PRO J 383 62.47 -15.57 -53.84
N LYS J 384 63.07 -15.85 -52.68
CA LYS J 384 62.86 -15.06 -51.47
C LYS J 384 63.95 -14.02 -51.26
N ASP J 385 65.20 -14.38 -51.47
CA ASP J 385 66.32 -13.47 -51.26
C ASP J 385 66.38 -12.43 -52.36
N HIS J 386 66.96 -11.28 -52.02
CA HIS J 386 67.18 -10.18 -52.96
C HIS J 386 68.62 -10.12 -53.45
N ILE J 387 69.59 -10.30 -52.56
CA ILE J 387 71.01 -10.32 -52.90
C ILE J 387 71.61 -11.62 -52.36
N VAL J 388 72.37 -12.31 -53.22
CA VAL J 388 72.91 -13.63 -52.94
C VAL J 388 74.40 -13.62 -53.24
N THR J 389 75.12 -14.55 -52.60
CA THR J 389 76.59 -14.56 -52.62
C THR J 389 77.17 -15.69 -53.46
N HIS J 390 76.56 -15.99 -54.60
CA HIS J 390 77.06 -17.03 -55.49
C HIS J 390 76.70 -16.67 -56.92
N PRO J 391 77.41 -17.24 -57.90
CA PRO J 391 77.23 -16.79 -59.29
C PRO J 391 75.92 -17.24 -59.91
N GLN J 392 75.49 -16.48 -60.92
CA GLN J 392 74.39 -16.89 -61.78
C GLN J 392 74.79 -18.10 -62.61
N TYR J 393 73.80 -18.90 -63.00
CA TYR J 393 74.02 -20.18 -63.67
C TYR J 393 73.30 -20.26 -65.00
N HIS J 394 72.90 -19.13 -65.58
CA HIS J 394 72.07 -19.16 -66.76
C HIS J 394 72.07 -17.78 -67.43
N ALA J 395 72.26 -17.77 -68.74
CA ALA J 395 72.22 -16.52 -69.49
C ALA J 395 70.79 -16.02 -69.64
N GLN J 396 70.62 -14.71 -69.55
CA GLN J 396 69.31 -14.10 -69.69
C GLN J 396 68.94 -13.96 -71.16
N THR J 397 67.74 -14.40 -71.52
CA THR J 397 67.26 -14.36 -72.89
C THR J 397 66.27 -13.22 -73.06
N PHE J 398 66.32 -12.57 -74.22
CA PHE J 398 65.43 -11.46 -74.54
C PHE J 398 63.98 -11.93 -74.61
N TYR K 1 25.59 36.60 -6.57
CA TYR K 1 25.58 37.35 -7.86
C TYR K 1 26.70 36.88 -8.79
N GLU K 2 26.33 36.52 -10.01
CA GLU K 2 27.26 35.97 -10.99
C GLU K 2 27.89 37.09 -11.80
N HIS K 3 29.22 37.07 -11.89
CA HIS K 3 29.97 38.03 -12.70
C HIS K 3 31.03 37.28 -13.50
N ALA K 4 31.26 37.73 -14.74
CA ALA K 4 32.21 37.11 -15.64
C ALA K 4 33.34 38.08 -15.96
N THR K 5 34.56 37.53 -16.08
CA THR K 5 35.73 38.35 -16.39
C THR K 5 36.73 37.49 -17.14
N THR K 6 37.67 38.14 -17.82
CA THR K 6 38.73 37.47 -18.56
C THR K 6 40.09 38.02 -18.13
N MET K 7 41.13 37.22 -18.33
CA MET K 7 42.48 37.57 -17.90
C MET K 7 43.50 37.07 -18.93
N PRO K 8 44.30 37.92 -19.56
CA PRO K 8 45.42 37.38 -20.36
C PRO K 8 46.42 36.67 -19.46
N SER K 9 46.72 35.42 -19.79
CA SER K 9 47.57 34.59 -18.93
C SER K 9 48.98 35.17 -18.90
N GLN K 10 49.34 35.81 -17.80
CA GLN K 10 50.68 36.37 -17.65
C GLN K 10 50.88 36.76 -16.19
N ALA K 11 52.01 36.36 -15.61
CA ALA K 11 52.26 36.62 -14.20
C ALA K 11 52.91 37.98 -14.00
N GLY K 12 52.83 38.46 -12.76
CA GLY K 12 53.44 39.73 -12.38
C GLY K 12 52.51 40.92 -12.45
N ILE K 13 51.98 41.22 -13.63
CA ILE K 13 51.14 42.40 -13.80
C ILE K 13 49.83 42.19 -13.05
N SER K 14 49.44 43.19 -12.27
CA SER K 14 48.21 43.12 -11.50
C SER K 14 47.02 43.55 -12.36
N TYR K 15 45.82 43.36 -11.81
CA TYR K 15 44.57 43.64 -12.50
C TYR K 15 43.59 44.25 -11.51
N ASN K 16 42.96 45.35 -11.91
CA ASN K 16 42.01 46.08 -11.08
C ASN K 16 40.66 46.15 -11.78
N THR K 17 39.58 46.00 -11.02
CA THR K 17 38.24 46.09 -11.58
C THR K 17 37.27 46.46 -10.46
N ILE K 18 36.13 47.01 -10.84
CA ILE K 18 35.05 47.30 -9.91
C ILE K 18 33.76 46.68 -10.46
N VAL K 19 33.04 45.96 -9.61
CA VAL K 19 31.70 45.49 -9.95
C VAL K 19 30.70 46.55 -9.48
N ASN K 20 29.87 47.03 -10.41
CA ASN K 20 29.05 48.21 -10.21
C ASN K 20 27.59 47.75 -10.15
N ARG K 21 27.04 47.72 -8.94
CA ARG K 21 25.60 47.55 -8.78
C ARG K 21 24.91 48.87 -9.05
N ALA K 22 23.74 48.78 -9.69
CA ALA K 22 23.02 49.98 -10.15
C ALA K 22 22.70 50.95 -9.01
N GLY K 23 22.58 50.47 -7.78
CA GLY K 23 22.13 51.31 -6.68
C GLY K 23 23.05 51.34 -5.46
N TYR K 24 24.20 50.66 -5.54
CA TYR K 24 25.14 50.59 -4.43
C TYR K 24 26.53 50.94 -4.93
N ALA K 25 27.42 51.22 -3.99
CA ALA K 25 28.77 51.64 -4.33
C ALA K 25 29.50 50.51 -5.05
N PRO K 26 30.36 50.81 -6.04
CA PRO K 26 31.12 49.74 -6.69
C PRO K 26 32.01 49.01 -5.70
N LEU K 27 32.08 47.69 -5.86
CA LEU K 27 32.94 46.85 -5.03
C LEU K 27 34.23 46.56 -5.78
N PRO K 28 35.41 46.86 -5.24
CA PRO K 28 36.65 46.63 -5.99
C PRO K 28 37.17 45.20 -5.85
N ILE K 29 37.86 44.77 -6.91
CA ILE K 29 38.53 43.47 -6.96
C ILE K 29 39.90 43.69 -7.57
N SER K 30 40.92 43.08 -6.97
CA SER K 30 42.27 43.09 -7.49
C SER K 30 42.80 41.67 -7.57
N ILE K 31 43.48 41.36 -8.67
CA ILE K 31 44.00 40.01 -8.93
C ILE K 31 45.45 40.13 -9.34
N THR K 32 46.28 39.21 -8.84
CA THR K 32 47.69 39.13 -9.20
C THR K 32 48.09 37.65 -9.31
N PRO K 33 48.27 37.11 -10.52
CA PRO K 33 48.81 35.75 -10.62
C PRO K 33 50.30 35.73 -10.33
N THR K 34 50.72 34.76 -9.52
CA THR K 34 52.12 34.61 -9.13
C THR K 34 52.85 33.61 -10.01
N LYS K 35 52.35 32.37 -10.05
CA LYS K 35 52.92 31.32 -10.89
C LYS K 35 51.79 30.56 -11.58
N ILE K 36 51.95 30.33 -12.88
CA ILE K 36 50.97 29.62 -13.70
C ILE K 36 51.66 28.39 -14.26
N LYS K 37 51.50 27.25 -13.60
CA LYS K 37 52.20 26.03 -13.98
C LYS K 37 51.30 25.14 -14.83
N LEU K 38 51.93 24.29 -15.64
CA LEU K 38 51.24 23.44 -16.62
C LEU K 38 51.90 22.06 -16.57
N ILE K 39 51.26 21.13 -15.88
CA ILE K 39 51.83 19.81 -15.61
C ILE K 39 51.19 18.80 -16.56
N PRO K 40 51.97 17.96 -17.25
CA PRO K 40 51.36 17.00 -18.18
C PRO K 40 51.00 15.67 -17.52
N THR K 41 50.15 14.92 -18.21
CA THR K 41 49.92 13.52 -17.88
C THR K 41 51.09 12.71 -18.43
N VAL K 42 52.05 12.38 -17.57
CA VAL K 42 53.29 11.73 -17.98
C VAL K 42 53.38 10.37 -17.28
N ASN K 43 53.54 9.31 -18.07
CA ASN K 43 53.68 7.95 -17.55
C ASN K 43 55.03 7.40 -17.95
N LEU K 44 55.78 6.91 -16.96
CA LEU K 44 57.09 6.32 -17.22
C LEU K 44 56.95 5.00 -17.96
N GLU K 45 57.86 4.76 -18.90
CA GLU K 45 57.90 3.52 -19.67
C GLU K 45 59.14 2.69 -19.40
N TYR K 46 60.32 3.30 -19.37
CA TYR K 46 61.54 2.52 -19.18
C TYR K 46 62.68 3.45 -18.77
N VAL K 47 63.86 2.85 -18.58
CA VAL K 47 65.07 3.56 -18.21
C VAL K 47 66.26 2.85 -18.86
N THR K 48 67.32 3.62 -19.11
CA THR K 48 68.55 3.09 -19.69
C THR K 48 69.76 3.71 -18.98
N CYS K 49 70.93 3.13 -19.25
CA CYS K 49 72.18 3.60 -18.65
C CYS K 49 73.37 2.92 -19.30
N HIS K 50 74.58 3.24 -18.84
CA HIS K 50 75.77 2.57 -19.34
C HIS K 50 75.70 1.08 -19.03
N TYR K 51 76.24 0.28 -19.96
CA TYR K 51 76.33 -1.17 -19.81
C TYR K 51 77.79 -1.57 -19.63
N LYS K 52 77.97 -2.79 -19.12
CA LYS K 52 79.29 -3.34 -18.84
C LYS K 52 79.34 -4.75 -19.41
N THR K 53 80.40 -5.04 -20.16
CA THR K 53 80.57 -6.35 -20.80
C THR K 53 80.91 -7.39 -19.74
N GLY K 54 79.93 -8.22 -19.41
CA GLY K 54 80.15 -9.31 -18.47
C GLY K 54 80.85 -10.48 -19.13
N MET K 55 82.02 -10.83 -18.58
CA MET K 55 82.90 -11.82 -19.16
C MET K 55 83.42 -12.72 -18.04
N ASP K 56 83.07 -14.00 -18.09
CA ASP K 56 83.52 -14.96 -17.10
C ASP K 56 84.96 -15.37 -17.42
N SER K 57 85.51 -16.28 -16.61
CA SER K 57 86.80 -16.83 -16.95
C SER K 57 86.66 -17.78 -18.15
N PRO K 58 87.64 -17.83 -19.05
CA PRO K 58 87.55 -18.79 -20.16
C PRO K 58 87.54 -20.22 -19.63
N ALA K 59 86.79 -21.10 -20.30
CA ALA K 59 86.68 -22.50 -19.90
C ALA K 59 87.56 -23.33 -20.83
N ILE K 60 88.73 -23.73 -20.35
CA ILE K 60 89.71 -24.46 -21.15
C ILE K 60 89.65 -25.93 -20.75
N LYS K 61 89.51 -26.81 -21.75
CA LYS K 61 89.66 -28.24 -21.56
C LYS K 61 90.76 -28.74 -22.49
N CYS K 62 91.63 -29.60 -21.97
CA CYS K 62 92.91 -29.91 -22.60
C CYS K 62 92.89 -31.33 -23.15
N CYS K 63 93.08 -31.46 -24.46
CA CYS K 63 92.78 -32.70 -25.20
C CYS K 63 91.42 -33.27 -24.79
N GLY K 64 90.38 -32.56 -25.24
CA GLY K 64 89.03 -33.07 -25.12
C GLY K 64 88.03 -32.25 -25.90
N SER K 65 86.82 -32.10 -25.36
CA SER K 65 85.76 -31.34 -26.02
C SER K 65 84.87 -30.73 -24.95
N GLN K 66 84.11 -29.71 -25.35
CA GLN K 66 83.26 -28.96 -24.44
C GLN K 66 81.91 -28.69 -25.09
N GLU K 67 80.98 -28.22 -24.26
CA GLU K 67 79.62 -27.90 -24.68
C GLU K 67 79.25 -26.52 -24.17
N CYS K 68 78.19 -25.97 -24.72
CA CYS K 68 77.70 -24.65 -24.35
C CYS K 68 76.50 -24.79 -23.41
N THR K 69 76.60 -24.15 -22.25
CA THR K 69 75.51 -24.12 -21.29
C THR K 69 74.90 -22.71 -21.27
N PRO K 70 73.64 -22.51 -21.69
CA PRO K 70 73.10 -21.15 -21.74
C PRO K 70 72.63 -20.68 -20.37
N THR K 71 73.29 -19.67 -19.83
CA THR K 71 72.84 -19.04 -18.60
C THR K 71 71.59 -18.20 -18.80
N TYR K 72 71.17 -17.97 -20.05
CA TYR K 72 69.98 -17.18 -20.36
C TYR K 72 70.11 -15.74 -19.85
N ARG K 73 71.35 -15.24 -19.76
CA ARG K 73 71.54 -13.83 -19.48
C ARG K 73 71.24 -13.02 -20.75
N PRO K 74 70.86 -11.75 -20.60
CA PRO K 74 70.45 -10.98 -21.78
C PRO K 74 71.57 -10.84 -22.81
N ASP K 75 71.20 -11.02 -24.07
CA ASP K 75 72.13 -10.86 -25.20
C ASP K 75 73.39 -11.71 -25.02
N GLU K 76 73.21 -12.92 -24.50
CA GLU K 76 74.34 -13.80 -24.26
C GLU K 76 74.83 -14.40 -25.57
N GLN K 77 76.15 -14.53 -25.69
CA GLN K 77 76.80 -15.16 -26.83
C GLN K 77 77.83 -16.16 -26.34
N CYS K 78 77.72 -17.40 -26.80
CA CYS K 78 78.61 -18.48 -26.39
C CYS K 78 79.27 -19.08 -27.62
N LYS K 79 80.54 -19.49 -27.47
CA LYS K 79 81.29 -20.07 -28.58
C LYS K 79 82.38 -20.97 -28.02
N VAL K 80 82.75 -21.96 -28.84
CA VAL K 80 83.83 -22.89 -28.52
C VAL K 80 84.76 -22.98 -29.72
N PHE K 81 86.06 -22.93 -29.46
CA PHE K 81 87.07 -23.08 -30.50
C PHE K 81 88.07 -24.16 -30.09
N THR K 82 88.74 -24.71 -31.09
CA THR K 82 89.74 -25.75 -30.92
C THR K 82 91.11 -25.21 -31.34
N GLY K 83 92.14 -26.03 -31.17
CA GLY K 83 93.47 -25.68 -31.58
C GLY K 83 94.07 -24.51 -30.82
N VAL K 84 93.92 -24.52 -29.50
CA VAL K 84 94.45 -23.48 -28.63
C VAL K 84 95.68 -24.02 -27.92
N TYR K 85 96.70 -23.17 -27.78
CA TYR K 85 97.97 -23.54 -27.15
C TYR K 85 98.28 -22.50 -26.07
N PRO K 86 97.56 -22.53 -24.94
CA PRO K 86 97.67 -21.45 -23.96
C PRO K 86 99.01 -21.48 -23.23
N PHE K 87 99.31 -20.35 -22.60
CA PHE K 87 100.53 -20.14 -21.83
C PHE K 87 100.18 -19.62 -20.45
N MET K 88 101.16 -19.68 -19.55
CA MET K 88 101.05 -19.14 -18.20
C MET K 88 102.42 -18.61 -17.78
N TRP K 89 102.42 -17.92 -16.63
CA TRP K 89 103.66 -17.36 -16.11
C TRP K 89 104.69 -18.44 -15.82
N GLY K 90 104.22 -19.63 -15.44
CA GLY K 90 105.12 -20.72 -15.09
C GLY K 90 105.27 -21.74 -16.20
N GLY K 91 105.24 -21.27 -17.45
CA GLY K 91 105.42 -22.13 -18.59
C GLY K 91 104.13 -22.42 -19.33
N ALA K 92 103.98 -23.65 -19.80
CA ALA K 92 102.82 -24.05 -20.59
C ALA K 92 101.75 -24.64 -19.70
N TYR K 93 100.52 -24.15 -19.83
CA TYR K 93 99.40 -24.71 -19.07
C TYR K 93 99.17 -26.17 -19.46
N CYS K 94 99.24 -26.46 -20.75
CA CYS K 94 99.07 -27.81 -21.29
C CYS K 94 100.38 -28.31 -21.90
N PHE K 95 100.38 -29.60 -22.21
CA PHE K 95 101.42 -30.23 -23.01
C PHE K 95 100.92 -30.69 -24.37
N CYS K 96 99.60 -30.84 -24.55
CA CYS K 96 99.01 -31.17 -25.83
C CYS K 96 99.48 -30.19 -26.91
N ASP K 97 99.48 -30.63 -28.17
CA ASP K 97 99.77 -29.77 -29.31
C ASP K 97 98.51 -29.30 -30.03
N THR K 98 97.50 -30.15 -30.14
CA THR K 98 96.22 -29.79 -30.75
C THR K 98 95.12 -30.46 -29.92
N GLU K 99 93.87 -30.34 -30.42
CA GLU K 99 92.68 -30.94 -29.82
C GLU K 99 92.24 -30.18 -28.57
N ASN K 100 93.04 -29.22 -28.10
CA ASN K 100 92.63 -28.41 -26.96
C ASN K 100 91.44 -27.55 -27.34
N THR K 101 90.50 -27.39 -26.42
CA THR K 101 89.30 -26.61 -26.65
C THR K 101 89.16 -25.52 -25.60
N GLN K 102 88.68 -24.35 -26.02
CA GLN K 102 88.38 -23.27 -25.09
C GLN K 102 87.01 -22.67 -25.44
N VAL K 103 86.25 -22.38 -24.39
CA VAL K 103 84.87 -21.91 -24.49
C VAL K 103 84.79 -20.53 -23.86
N SER K 104 84.10 -19.62 -24.55
CA SER K 104 83.84 -18.26 -24.06
C SER K 104 82.35 -17.99 -24.09
N LYS K 105 81.83 -17.40 -23.02
CA LYS K 105 80.44 -16.98 -22.97
C LYS K 105 80.37 -15.59 -22.37
N ALA K 106 79.78 -14.66 -23.12
CA ALA K 106 79.82 -13.24 -22.80
C ALA K 106 78.40 -12.69 -22.78
N TYR K 107 78.21 -11.60 -22.04
CA TYR K 107 76.90 -11.02 -21.82
C TYR K 107 77.07 -9.55 -21.47
N VAL K 108 75.97 -8.89 -21.10
CA VAL K 108 75.96 -7.49 -20.71
C VAL K 108 75.21 -7.35 -19.39
N MET K 109 75.68 -6.43 -18.55
CA MET K 109 75.01 -6.15 -17.27
C MET K 109 75.03 -4.65 -17.00
N LYS K 110 74.08 -4.20 -16.18
CA LYS K 110 73.99 -2.78 -15.87
C LYS K 110 75.21 -2.32 -15.09
N SER K 111 75.71 -1.15 -15.46
CA SER K 111 76.85 -0.57 -14.75
C SER K 111 76.46 -0.22 -13.32
N ASP K 112 77.47 -0.17 -12.45
CA ASP K 112 77.25 0.19 -11.06
C ASP K 112 76.70 1.61 -10.91
N ASP K 113 76.89 2.46 -11.92
CA ASP K 113 76.51 3.86 -11.87
C ASP K 113 75.11 4.13 -12.39
N CYS K 114 74.24 3.11 -12.40
CA CYS K 114 72.89 3.29 -12.93
C CYS K 114 72.06 4.22 -12.06
N LEU K 115 72.28 4.19 -10.74
CA LEU K 115 71.45 4.97 -9.83
C LEU K 115 71.62 6.46 -10.06
N ALA K 116 72.86 6.92 -10.22
CA ALA K 116 73.15 8.35 -10.31
C ALA K 116 73.19 8.88 -11.73
N ASP K 117 73.37 7.99 -12.73
CA ASP K 117 73.45 8.39 -14.13
C ASP K 117 72.56 7.45 -14.94
N HIS K 118 71.44 7.97 -15.42
CA HIS K 118 70.48 7.17 -16.16
C HIS K 118 69.47 8.09 -16.83
N ALA K 119 69.14 7.80 -18.08
CA ALA K 119 68.19 8.58 -18.86
C ALA K 119 66.81 7.91 -18.81
N GLU K 120 65.78 8.70 -18.50
CA GLU K 120 64.42 8.21 -18.39
C GLU K 120 63.62 8.56 -19.65
N ALA K 121 62.72 7.65 -20.02
CA ALA K 121 61.79 7.86 -21.11
C ALA K 121 60.41 8.21 -20.55
N TYR K 122 59.66 9.01 -21.31
CA TYR K 122 58.38 9.51 -20.81
C TYR K 122 57.41 9.71 -21.97
N LYS K 123 56.15 9.41 -21.72
CA LYS K 123 55.06 9.59 -22.68
C LYS K 123 54.13 10.66 -22.13
N ALA K 124 54.02 11.79 -22.84
CA ALA K 124 53.34 12.97 -22.34
C ALA K 124 52.11 13.29 -23.19
N HIS K 125 51.10 13.84 -22.54
CA HIS K 125 49.84 14.27 -23.15
C HIS K 125 49.02 14.89 -22.03
N THR K 126 47.86 15.43 -22.39
CA THR K 126 46.83 15.84 -21.42
C THR K 126 47.43 16.75 -20.34
N ALA K 127 47.73 17.97 -20.79
CA ALA K 127 48.25 18.99 -19.87
C ALA K 127 47.13 19.55 -19.00
N SER K 128 47.39 19.59 -17.69
CA SER K 128 46.50 20.21 -16.71
C SER K 128 47.19 21.43 -16.13
N VAL K 129 46.44 22.52 -16.00
CA VAL K 129 46.99 23.83 -15.65
C VAL K 129 46.58 24.18 -14.24
N GLN K 130 47.55 24.67 -13.46
CA GLN K 130 47.34 25.10 -12.08
C GLN K 130 47.92 26.50 -11.94
N ALA K 131 47.50 27.20 -10.89
CA ALA K 131 47.96 28.57 -10.69
C ALA K 131 47.93 28.93 -9.22
N PHE K 132 48.83 29.85 -8.85
CA PHE K 132 48.82 30.52 -7.56
C PHE K 132 48.32 31.95 -7.78
N LEU K 133 47.29 32.34 -7.04
CA LEU K 133 46.67 33.65 -7.18
C LEU K 133 46.76 34.43 -5.87
N ASN K 134 46.89 35.75 -6.00
CA ASN K 134 46.77 36.69 -4.89
C ASN K 134 45.61 37.61 -5.23
N ILE K 135 44.48 37.41 -4.57
CA ILE K 135 43.24 38.09 -4.92
C ILE K 135 42.69 38.80 -3.69
N THR K 136 42.22 40.03 -3.89
CA THR K 136 41.60 40.84 -2.84
C THR K 136 40.25 41.32 -3.37
N VAL K 137 39.17 40.85 -2.73
CA VAL K 137 37.81 41.29 -3.05
C VAL K 137 37.22 41.91 -1.79
N GLY K 138 36.89 43.20 -1.88
CA GLY K 138 36.41 43.94 -0.72
C GLY K 138 37.39 43.88 0.43
N GLU K 139 38.60 44.40 0.20
CA GLU K 139 39.71 44.41 1.15
C GLU K 139 39.85 43.10 1.92
N HIS K 140 39.61 41.97 1.26
CA HIS K 140 39.84 40.64 1.81
C HIS K 140 40.94 39.99 0.98
N SER K 141 42.18 40.27 1.34
CA SER K 141 43.33 39.78 0.58
C SER K 141 43.66 38.35 0.96
N ILE K 142 43.94 37.52 -0.05
CA ILE K 142 44.27 36.12 0.15
C ILE K 142 45.28 35.70 -0.90
N VAL K 143 46.15 34.76 -0.52
CA VAL K 143 47.05 34.08 -1.45
C VAL K 143 46.71 32.59 -1.38
N THR K 144 46.43 32.00 -2.54
CA THR K 144 45.87 30.65 -2.55
C THR K 144 46.19 29.96 -3.87
N THR K 145 46.35 28.64 -3.79
CA THR K 145 46.44 27.79 -4.97
C THR K 145 45.05 27.32 -5.36
N VAL K 146 44.78 27.32 -6.67
CA VAL K 146 43.45 27.03 -7.20
C VAL K 146 43.57 26.13 -8.41
N TYR K 147 42.65 25.17 -8.53
CA TYR K 147 42.52 24.36 -9.73
C TYR K 147 41.68 25.14 -10.74
N VAL K 148 42.29 25.56 -11.83
CA VAL K 148 41.65 26.47 -12.77
C VAL K 148 40.94 25.69 -13.87
N ASN K 149 40.70 24.39 -13.65
CA ASN K 149 39.81 23.65 -14.52
C ASN K 149 38.38 24.14 -14.36
N GLY K 150 37.43 23.56 -15.10
CA GLY K 150 36.07 24.07 -15.10
C GLY K 150 35.25 23.76 -13.85
N GLU K 151 35.90 23.33 -12.78
CA GLU K 151 35.22 23.04 -11.52
C GLU K 151 36.20 23.35 -10.40
N THR K 152 35.91 22.84 -9.19
CA THR K 152 36.79 23.01 -8.04
C THR K 152 36.92 24.48 -7.65
N PRO K 153 35.86 25.11 -7.17
CA PRO K 153 35.97 26.49 -6.68
C PRO K 153 36.69 26.56 -5.34
N VAL K 154 37.18 27.76 -5.03
CA VAL K 154 37.77 28.07 -3.74
C VAL K 154 36.95 29.20 -3.12
N ASN K 155 36.53 29.01 -1.87
CA ASN K 155 35.61 29.92 -1.19
C ASN K 155 36.28 30.57 0.01
N PHE K 156 36.01 31.85 0.19
CA PHE K 156 36.49 32.60 1.34
C PHE K 156 35.56 33.79 1.57
N ASN K 157 35.10 33.96 2.81
CA ASN K 157 34.15 35.01 3.18
C ASN K 157 32.84 34.90 2.41
N GLY K 158 32.51 33.71 1.91
CA GLY K 158 31.31 33.50 1.14
C GLY K 158 31.46 33.74 -0.35
N VAL K 159 32.53 34.41 -0.77
CA VAL K 159 32.76 34.68 -2.19
C VAL K 159 33.36 33.45 -2.83
N LYS K 160 32.74 32.98 -3.92
CA LYS K 160 33.14 31.75 -4.60
C LYS K 160 33.69 32.11 -5.98
N ILE K 161 34.98 31.89 -6.17
CA ILE K 161 35.66 32.17 -7.44
C ILE K 161 35.91 30.85 -8.17
N THR K 162 35.60 30.82 -9.46
CA THR K 162 35.87 29.66 -10.31
C THR K 162 36.64 30.12 -11.54
N ALA K 163 37.81 29.54 -11.75
CA ALA K 163 38.62 29.82 -12.93
C ALA K 163 38.38 28.72 -13.96
N GLY K 164 37.86 29.10 -15.12
CA GLY K 164 37.48 28.15 -16.14
C GLY K 164 38.68 27.62 -16.91
N PRO K 165 38.45 26.67 -17.81
CA PRO K 165 39.56 26.09 -18.57
C PRO K 165 40.13 27.06 -19.59
N LEU K 166 41.37 26.79 -19.99
CA LEU K 166 42.04 27.63 -20.97
C LEU K 166 41.35 27.58 -22.32
N SER K 167 41.46 28.68 -23.06
CA SER K 167 40.94 28.75 -24.42
C SER K 167 41.83 28.04 -25.43
N THR K 168 43.04 27.64 -25.05
CA THR K 168 43.98 26.97 -25.94
C THR K 168 44.58 25.78 -25.21
N ALA K 169 44.60 24.62 -25.87
CA ALA K 169 45.16 23.39 -25.31
C ALA K 169 46.59 23.15 -25.79
N TRP K 170 47.29 24.19 -26.26
CA TRP K 170 48.66 24.02 -26.72
C TRP K 170 49.55 23.60 -25.54
N THR K 171 50.56 22.78 -25.85
CA THR K 171 51.54 22.35 -24.88
C THR K 171 52.94 22.46 -25.48
N PRO K 172 53.96 22.78 -24.67
CA PRO K 172 55.33 22.83 -25.24
C PRO K 172 55.92 21.47 -25.51
N PHE K 173 55.43 20.41 -24.87
CA PHE K 173 56.04 19.09 -24.97
C PHE K 173 55.49 18.34 -26.18
N ASP K 174 56.32 17.45 -26.71
CA ASP K 174 55.93 16.49 -27.74
C ASP K 174 55.48 15.21 -27.06
N ARG K 175 54.97 14.26 -27.85
CA ARG K 175 54.38 13.07 -27.27
C ARG K 175 55.39 12.22 -26.52
N LYS K 176 56.64 12.17 -26.97
CA LYS K 176 57.67 11.35 -26.34
C LYS K 176 58.82 12.24 -25.88
N ILE K 177 59.16 12.16 -24.59
CA ILE K 177 60.13 13.03 -23.95
C ILE K 177 61.22 12.16 -23.32
N VAL K 178 62.41 12.74 -23.21
CA VAL K 178 63.56 12.10 -22.57
C VAL K 178 64.07 13.04 -21.48
N GLN K 179 64.25 12.49 -20.28
CA GLN K 179 64.73 13.25 -19.12
C GLN K 179 66.10 12.74 -18.71
N TYR K 180 66.98 13.67 -18.33
CA TYR K 180 68.32 13.29 -17.87
C TYR K 180 68.95 14.48 -17.16
N ALA K 181 69.40 14.25 -15.92
CA ALA K 181 70.18 15.23 -15.16
C ALA K 181 69.43 16.55 -14.97
N GLY K 182 68.10 16.51 -15.02
CA GLY K 182 67.32 17.71 -14.83
C GLY K 182 67.12 18.56 -16.07
N GLU K 183 67.45 18.03 -17.26
CA GLU K 183 67.23 18.72 -18.52
C GLU K 183 66.26 17.90 -19.36
N ILE K 184 65.47 18.59 -20.18
CA ILE K 184 64.35 17.98 -20.90
C ILE K 184 64.54 18.22 -22.39
N TYR K 185 64.34 17.15 -23.17
CA TYR K 185 64.53 17.19 -24.62
C TYR K 185 63.42 16.39 -25.29
N ASN K 186 62.91 16.92 -26.40
CA ASN K 186 61.90 16.22 -27.20
C ASN K 186 62.62 15.35 -28.23
N TYR K 187 62.62 14.04 -28.02
CA TYR K 187 63.38 13.11 -28.85
C TYR K 187 62.51 11.89 -29.14
N ASP K 188 62.79 11.26 -30.28
CA ASP K 188 62.06 10.08 -30.76
C ASP K 188 62.91 8.84 -30.45
N PHE K 189 62.84 8.37 -29.21
CA PHE K 189 63.56 7.15 -28.89
C PHE K 189 62.79 5.94 -29.42
N PRO K 190 63.46 4.84 -29.80
CA PRO K 190 62.73 3.62 -30.16
C PRO K 190 62.06 3.00 -28.95
N GLU K 191 60.94 2.34 -29.20
CA GLU K 191 60.11 1.80 -28.13
C GLU K 191 60.65 0.46 -27.64
N TYR K 192 60.25 0.10 -26.42
CA TYR K 192 60.68 -1.13 -25.75
C TYR K 192 60.60 -2.34 -26.68
N GLY K 193 61.68 -3.11 -26.70
CA GLY K 193 61.75 -4.32 -27.50
C GLY K 193 62.25 -4.14 -28.91
N ALA K 194 62.49 -2.89 -29.35
CA ALA K 194 62.92 -2.60 -30.71
C ALA K 194 64.24 -1.83 -30.75
N GLY K 195 65.07 -1.97 -29.72
CA GLY K 195 66.35 -1.29 -29.72
C GLY K 195 67.27 -1.81 -30.81
N GLN K 196 68.19 -0.94 -31.23
CA GLN K 196 69.14 -1.24 -32.29
C GLN K 196 70.55 -0.91 -31.82
N PRO K 197 71.57 -1.59 -32.36
CA PRO K 197 72.94 -1.30 -31.93
C PRO K 197 73.43 0.06 -32.43
N GLY K 198 74.35 0.63 -31.68
CA GLY K 198 74.95 1.90 -32.09
C GLY K 198 74.02 3.09 -32.02
N ALA K 199 72.94 3.00 -31.24
CA ALA K 199 71.99 4.09 -31.13
C ALA K 199 71.34 4.01 -29.74
N PHE K 200 70.57 5.05 -29.42
CA PHE K 200 69.90 5.10 -28.12
C PHE K 200 68.91 3.95 -27.99
N GLY K 201 68.86 3.37 -26.79
CA GLY K 201 67.96 2.27 -26.52
C GLY K 201 68.52 0.89 -26.82
N ASP K 202 69.83 0.76 -26.96
CA ASP K 202 70.42 -0.56 -27.18
C ASP K 202 70.17 -1.48 -26.00
N ILE K 203 70.26 -0.95 -24.79
CA ILE K 203 69.96 -1.68 -23.56
C ILE K 203 68.66 -1.11 -22.99
N GLN K 204 67.79 -2.02 -22.52
CA GLN K 204 66.41 -1.70 -22.23
C GLN K 204 66.04 -2.31 -20.88
N SER K 205 65.43 -1.51 -20.00
CA SER K 205 65.06 -1.95 -18.67
C SER K 205 63.75 -1.32 -18.25
N ARG K 206 62.84 -2.13 -17.71
CA ARG K 206 61.52 -1.63 -17.33
C ARG K 206 61.63 -0.56 -16.25
N THR K 207 62.48 -0.77 -15.25
CA THR K 207 62.67 0.19 -14.16
C THR K 207 64.12 0.19 -13.74
N VAL K 208 64.44 1.04 -12.77
CA VAL K 208 65.82 1.16 -12.30
C VAL K 208 66.29 -0.15 -11.69
N SER K 209 65.42 -0.82 -10.93
CA SER K 209 65.73 -2.07 -10.26
C SER K 209 64.83 -3.19 -10.74
N SER K 210 64.54 -3.22 -12.04
CA SER K 210 63.70 -4.27 -12.60
C SER K 210 64.37 -5.64 -12.49
N SER K 211 65.69 -5.70 -12.72
CA SER K 211 66.44 -6.96 -12.71
C SER K 211 66.00 -7.89 -13.84
N ASP K 212 65.52 -7.31 -14.94
CA ASP K 212 65.23 -8.08 -16.16
C ASP K 212 65.33 -7.10 -17.32
N LEU K 213 66.39 -7.23 -18.11
CA LEU K 213 66.70 -6.26 -19.16
C LEU K 213 66.82 -6.95 -20.51
N TYR K 214 66.39 -6.24 -21.54
CA TYR K 214 66.54 -6.64 -22.93
C TYR K 214 67.72 -5.89 -23.53
N ALA K 215 68.36 -6.46 -24.54
CA ALA K 215 69.59 -5.87 -25.04
C ALA K 215 69.89 -6.30 -26.46
N ASN K 216 70.28 -5.33 -27.29
CA ASN K 216 70.91 -5.59 -28.59
C ASN K 216 72.15 -4.71 -28.69
N THR K 217 73.26 -5.21 -28.16
CA THR K 217 74.57 -4.59 -28.39
C THR K 217 75.32 -5.23 -29.56
N ASN K 218 74.77 -6.28 -30.15
CA ASN K 218 75.42 -7.05 -31.21
C ASN K 218 76.84 -7.44 -30.80
N LEU K 219 76.93 -8.17 -29.70
CA LEU K 219 78.19 -8.66 -29.20
C LEU K 219 78.68 -9.83 -30.04
N VAL K 220 79.94 -9.78 -30.45
CA VAL K 220 80.52 -10.81 -31.31
C VAL K 220 81.83 -11.27 -30.70
N LEU K 221 81.96 -12.57 -30.48
CA LEU K 221 83.18 -13.16 -29.96
C LEU K 221 84.18 -13.36 -31.09
N GLN K 222 85.47 -13.35 -30.75
CA GLN K 222 86.54 -13.45 -31.74
C GLN K 222 87.59 -14.44 -31.24
N ARG K 223 88.31 -15.03 -32.19
CA ARG K 223 89.37 -15.98 -31.87
C ARG K 223 90.47 -15.27 -31.08
N PRO K 224 90.83 -15.74 -29.89
CA PRO K 224 91.95 -15.11 -29.17
C PRO K 224 93.29 -15.38 -29.87
N LYS K 225 94.22 -14.47 -29.63
CA LYS K 225 95.57 -14.62 -30.19
C LYS K 225 96.24 -15.85 -29.59
N ALA K 226 97.10 -16.47 -30.39
CA ALA K 226 97.78 -17.68 -29.95
C ALA K 226 98.73 -17.39 -28.79
N GLY K 227 98.90 -18.38 -27.92
CA GLY K 227 99.78 -18.25 -26.79
C GLY K 227 99.32 -17.24 -25.75
N ALA K 228 98.01 -17.17 -25.49
CA ALA K 228 97.48 -16.26 -24.49
C ALA K 228 96.05 -16.63 -24.13
N ILE K 229 95.76 -16.75 -22.84
CA ILE K 229 94.42 -17.06 -22.36
C ILE K 229 93.66 -15.76 -22.18
N HIS K 230 92.76 -15.47 -23.12
CA HIS K 230 91.93 -14.27 -23.08
C HIS K 230 90.79 -14.47 -24.07
N VAL K 231 89.86 -13.51 -24.06
CA VAL K 231 88.64 -13.60 -24.87
C VAL K 231 88.40 -12.25 -25.54
N PRO K 232 88.68 -12.10 -26.85
CA PRO K 232 88.36 -10.84 -27.50
C PRO K 232 86.90 -10.76 -27.96
N TYR K 233 86.30 -9.60 -27.71
CA TYR K 233 84.91 -9.33 -28.04
C TYR K 233 84.81 -8.00 -28.75
N THR K 234 83.85 -7.91 -29.68
CA THR K 234 83.62 -6.71 -30.47
C THR K 234 82.15 -6.34 -30.39
N GLN K 235 81.90 -5.03 -30.23
CA GLN K 235 80.53 -4.53 -30.16
C GLN K 235 80.56 -3.05 -30.53
N ALA K 236 79.39 -2.55 -30.92
CA ALA K 236 79.28 -1.15 -31.28
C ALA K 236 79.48 -0.29 -30.03
N PRO K 237 80.01 0.95 -30.19
CA PRO K 237 80.12 1.83 -29.02
C PRO K 237 78.78 2.15 -28.39
N SER K 238 78.80 2.80 -27.24
CA SER K 238 77.58 3.07 -26.49
C SER K 238 76.76 4.15 -27.19
N GLY K 239 75.57 3.77 -27.66
CA GLY K 239 74.67 4.74 -28.26
C GLY K 239 74.29 5.84 -27.31
N PHE K 240 74.26 5.54 -26.00
CA PHE K 240 74.01 6.59 -25.02
C PHE K 240 75.10 7.65 -25.08
N GLU K 241 76.36 7.22 -25.21
CA GLU K 241 77.45 8.17 -25.32
C GLU K 241 77.42 8.92 -26.65
N GLN K 242 77.01 8.25 -27.72
CA GLN K 242 76.86 8.95 -29.00
C GLN K 242 75.80 10.04 -28.89
N TRP K 243 74.67 9.73 -28.26
CA TRP K 243 73.63 10.74 -28.03
C TRP K 243 74.13 11.84 -27.10
N LYS K 244 74.96 11.47 -26.12
CA LYS K 244 75.55 12.45 -25.23
C LYS K 244 76.42 13.45 -26.00
N LYS K 245 77.17 12.95 -26.98
CA LYS K 245 77.99 13.85 -27.80
C LYS K 245 77.16 14.60 -28.83
N ASP K 246 75.99 14.09 -29.21
CA ASP K 246 75.14 14.81 -30.16
C ASP K 246 74.40 15.95 -29.48
N LYS K 247 73.48 15.61 -28.56
CA LYS K 247 72.83 16.53 -27.64
C LYS K 247 72.37 17.84 -28.28
N ALA K 248 71.32 17.79 -29.12
CA ALA K 248 70.71 19.01 -29.64
C ALA K 248 70.31 19.91 -28.48
N PRO K 249 70.12 21.22 -28.71
CA PRO K 249 69.88 22.14 -27.59
C PRO K 249 68.64 21.78 -26.79
N SER K 250 68.60 22.26 -25.55
CA SER K 250 67.57 21.89 -24.60
C SER K 250 66.26 22.62 -24.88
N LEU K 251 65.16 21.98 -24.44
CA LEU K 251 63.86 22.62 -24.55
C LEU K 251 63.78 23.89 -23.71
N LYS K 252 64.56 23.96 -22.62
CA LYS K 252 64.57 25.15 -21.78
C LYS K 252 64.94 26.40 -22.55
N PHE K 253 65.72 26.27 -23.63
CA PHE K 253 66.10 27.37 -24.48
C PHE K 253 65.52 27.30 -25.89
N THR K 254 64.90 26.17 -26.28
CA THR K 254 64.32 26.02 -27.61
C THR K 254 62.80 26.17 -27.61
N ALA K 255 62.14 26.10 -26.47
CA ALA K 255 60.68 26.11 -26.44
C ALA K 255 60.15 27.46 -26.92
N PRO K 256 59.05 27.48 -27.67
CA PRO K 256 58.40 28.76 -28.00
C PRO K 256 57.65 29.31 -26.78
N PHE K 257 57.26 30.59 -26.90
CA PHE K 257 56.61 31.37 -25.86
C PHE K 257 57.52 31.66 -24.67
N GLY K 258 58.79 31.26 -24.71
CA GLY K 258 59.66 31.47 -23.57
C GLY K 258 59.25 30.71 -22.33
N CYS K 259 58.90 29.42 -22.49
CA CYS K 259 58.41 28.62 -21.38
C CYS K 259 59.58 27.97 -20.64
N GLU K 260 59.72 28.29 -19.36
CA GLU K 260 60.78 27.77 -18.52
C GLU K 260 60.38 26.44 -17.92
N ILE K 261 61.35 25.54 -17.79
CA ILE K 261 61.12 24.15 -17.39
C ILE K 261 61.88 23.88 -16.11
N TYR K 262 61.18 23.35 -15.11
CA TYR K 262 61.78 22.76 -13.92
C TYR K 262 61.22 21.37 -13.72
N THR K 263 62.05 20.45 -13.23
CA THR K 263 61.62 19.07 -12.97
C THR K 263 62.03 18.65 -11.57
N ASN K 264 61.25 19.07 -10.56
CA ASN K 264 61.13 18.27 -9.35
C ASN K 264 60.10 17.18 -9.66
N PRO K 265 58.83 17.54 -9.96
CA PRO K 265 58.09 16.80 -10.99
C PRO K 265 58.13 17.57 -12.31
N ILE K 266 57.94 16.90 -13.44
CA ILE K 266 57.95 17.59 -14.73
C ILE K 266 56.86 18.64 -14.75
N ARG K 267 57.22 19.86 -15.15
CA ARG K 267 56.27 20.96 -15.19
C ARG K 267 56.88 22.12 -15.96
N ALA K 268 56.00 23.00 -16.47
CA ALA K 268 56.39 24.23 -17.15
C ALA K 268 55.49 25.35 -16.66
N GLU K 269 56.03 26.57 -16.65
CA GLU K 269 55.30 27.69 -16.06
C GLU K 269 55.79 29.02 -16.65
N ASN K 270 55.26 30.10 -16.07
CA ASN K 270 55.54 31.52 -16.35
C ASN K 270 55.86 31.76 -17.84
N CYS K 271 54.87 31.46 -18.68
CA CYS K 271 54.92 31.87 -20.08
C CYS K 271 53.51 32.12 -20.59
N ALA K 272 53.34 33.25 -21.28
CA ALA K 272 52.01 33.80 -21.56
C ALA K 272 51.47 33.23 -22.86
N VAL K 273 50.34 32.52 -22.77
CA VAL K 273 49.60 32.07 -23.95
C VAL K 273 48.13 31.97 -23.58
N GLY K 274 47.29 32.69 -24.32
CA GLY K 274 45.86 32.60 -24.14
C GLY K 274 45.33 33.40 -22.96
N SER K 275 44.08 33.10 -22.62
CA SER K 275 43.37 33.80 -21.55
C SER K 275 42.67 32.79 -20.66
N ILE K 276 42.58 33.14 -19.38
CA ILE K 276 41.88 32.38 -18.36
C ILE K 276 40.62 33.16 -17.98
N PRO K 277 39.43 32.55 -18.02
CA PRO K 277 38.23 33.26 -17.56
C PRO K 277 37.95 33.02 -16.08
N LEU K 278 37.40 34.05 -15.43
CA LEU K 278 37.06 34.03 -14.02
C LEU K 278 35.56 34.24 -13.88
N ALA K 279 34.94 33.48 -12.96
CA ALA K 279 33.53 33.57 -12.65
C ALA K 279 33.38 33.80 -11.15
N PHE K 280 32.84 34.96 -10.78
CA PHE K 280 32.65 35.34 -9.40
C PHE K 280 31.20 35.07 -9.00
N ASP K 281 31.03 34.50 -7.80
CA ASP K 281 29.73 34.38 -7.15
C ASP K 281 29.84 35.10 -5.81
N ILE K 282 29.23 36.27 -5.71
CA ILE K 282 29.39 37.15 -4.56
C ILE K 282 28.13 37.05 -3.72
N PRO K 283 28.22 36.78 -2.41
CA PRO K 283 27.01 36.85 -1.58
C PRO K 283 26.53 38.29 -1.43
N ASP K 284 25.24 38.43 -1.14
CA ASP K 284 24.59 39.73 -1.08
C ASP K 284 24.88 40.51 0.21
N ALA K 285 25.80 40.02 1.07
CA ALA K 285 26.12 40.69 2.32
C ALA K 285 27.34 41.60 2.23
N LEU K 286 28.07 41.58 1.12
CA LEU K 286 29.30 42.37 0.96
C LEU K 286 29.05 43.72 0.32
N PHE K 287 27.81 44.06 -0.02
CA PHE K 287 27.50 45.29 -0.75
C PHE K 287 27.08 46.38 0.23
N THR K 288 27.74 47.53 0.13
CA THR K 288 27.55 48.64 1.04
C THR K 288 26.71 49.73 0.36
N ARG K 289 25.90 50.42 1.16
CA ARG K 289 25.03 51.46 0.64
C ARG K 289 25.82 52.71 0.27
N VAL K 290 25.28 53.46 -0.69
CA VAL K 290 26.02 54.60 -1.25
C VAL K 290 26.25 55.67 -0.19
N SER K 291 25.23 55.95 0.63
CA SER K 291 25.33 57.02 1.62
C SER K 291 26.44 56.77 2.64
N GLU K 292 26.85 55.52 2.82
CA GLU K 292 27.92 55.17 3.75
C GLU K 292 29.30 55.32 3.14
N THR K 293 29.41 55.77 1.89
CA THR K 293 30.67 56.00 1.21
C THR K 293 30.73 57.44 0.73
N PRO K 294 31.92 58.01 0.56
CA PRO K 294 32.01 59.39 0.07
C PRO K 294 31.39 59.55 -1.32
N THR K 295 30.80 60.72 -1.54
CA THR K 295 30.22 61.09 -2.83
C THR K 295 30.80 62.44 -3.22
N LEU K 296 31.08 62.62 -4.51
CA LEU K 296 31.83 63.77 -5.00
C LEU K 296 30.91 64.72 -5.76
N SER K 297 31.49 65.86 -6.16
CA SER K 297 30.76 66.89 -6.90
C SER K 297 31.74 67.87 -7.53
N ALA K 298 31.58 68.12 -8.84
CA ALA K 298 32.43 69.05 -9.58
C ALA K 298 33.89 68.60 -9.57
N ALA K 299 34.12 67.42 -10.14
CA ALA K 299 35.46 66.85 -10.28
C ALA K 299 35.98 67.07 -11.68
N GLU K 300 37.29 67.34 -11.79
CA GLU K 300 37.90 67.68 -13.07
C GLU K 300 39.28 67.06 -13.20
N CYS K 301 39.63 66.72 -14.44
CA CYS K 301 40.92 66.16 -14.82
C CYS K 301 41.92 67.26 -15.17
N THR K 302 43.21 66.93 -15.01
CA THR K 302 44.29 67.62 -15.69
C THR K 302 45.41 66.60 -15.91
N LEU K 303 46.02 66.63 -17.09
CA LEU K 303 47.15 65.76 -17.41
C LEU K 303 48.45 66.51 -17.16
N ASN K 304 49.21 66.08 -16.14
CA ASN K 304 50.42 66.80 -15.77
C ASN K 304 51.60 66.40 -16.65
N GLU K 305 51.85 65.09 -16.78
CA GLU K 305 53.00 64.59 -17.53
C GLU K 305 52.58 63.36 -18.33
N CYS K 306 53.22 63.17 -19.47
CA CYS K 306 52.97 62.05 -20.36
C CYS K 306 54.26 61.41 -20.83
N VAL K 307 54.31 60.08 -20.72
CA VAL K 307 55.23 59.24 -21.49
C VAL K 307 54.51 57.93 -21.78
N TYR K 308 54.19 57.67 -23.05
CA TYR K 308 53.46 56.45 -23.41
C TYR K 308 54.44 55.29 -23.62
N SER K 309 55.19 54.99 -22.56
CA SER K 309 56.17 53.91 -22.58
C SER K 309 55.52 52.61 -22.12
N SER K 310 56.34 51.56 -22.02
CA SER K 310 55.87 50.29 -21.49
C SER K 310 55.39 50.44 -20.06
N ASP K 311 56.15 51.15 -19.22
CA ASP K 311 55.78 51.36 -17.84
C ASP K 311 54.72 52.46 -17.74
N PHE K 312 54.16 52.60 -16.54
CA PHE K 312 53.23 53.69 -16.27
C PHE K 312 53.96 55.02 -16.45
N GLY K 313 53.42 55.86 -17.33
CA GLY K 313 54.06 57.13 -17.63
C GLY K 313 53.10 58.27 -17.86
N GLY K 314 51.88 58.15 -17.32
CA GLY K 314 50.91 59.23 -17.38
C GLY K 314 50.47 59.64 -16.00
N ILE K 315 50.71 60.89 -15.63
CA ILE K 315 50.36 61.43 -14.32
C ILE K 315 49.19 62.37 -14.50
N ALA K 316 48.13 62.15 -13.72
CA ALA K 316 46.91 62.94 -13.80
C ALA K 316 46.58 63.50 -12.43
N THR K 317 46.32 64.81 -12.39
CA THR K 317 45.85 65.50 -11.19
C THR K 317 44.35 65.70 -11.31
N VAL K 318 43.60 65.12 -10.39
CA VAL K 318 42.15 65.21 -10.34
C VAL K 318 41.78 66.10 -9.17
N LYS K 319 41.05 67.16 -9.44
CA LYS K 319 40.59 68.09 -8.42
C LYS K 319 39.10 67.86 -8.18
N TYR K 320 38.74 67.64 -6.92
CA TYR K 320 37.39 67.22 -6.54
C TYR K 320 36.89 68.06 -5.37
N SER K 321 35.63 67.81 -4.99
CA SER K 321 35.02 68.40 -3.81
C SER K 321 34.11 67.35 -3.20
N ALA K 322 34.51 66.81 -2.04
CA ALA K 322 33.89 65.63 -1.47
C ALA K 322 33.01 65.95 -0.27
N SER K 323 31.91 65.22 -0.14
CA SER K 323 31.07 65.32 1.04
C SER K 323 31.65 64.58 2.23
N LYS K 324 32.55 63.62 2.01
CA LYS K 324 33.15 62.86 3.10
C LYS K 324 34.55 62.43 2.69
N SER K 325 35.36 62.10 3.70
CA SER K 325 36.72 61.62 3.49
C SER K 325 36.73 60.10 3.65
N GLY K 326 37.08 59.39 2.59
CA GLY K 326 37.13 57.94 2.64
C GLY K 326 37.62 57.37 1.34
N LYS K 327 38.28 56.22 1.45
CA LYS K 327 38.86 55.57 0.28
C LYS K 327 37.76 55.09 -0.67
N CYS K 328 38.06 55.16 -1.97
CA CYS K 328 37.17 54.66 -3.00
C CYS K 328 38.01 54.18 -4.17
N ALA K 329 37.41 53.32 -4.99
CA ALA K 329 38.08 52.76 -6.15
C ALA K 329 37.92 53.65 -7.37
N VAL K 330 38.94 53.67 -8.21
CA VAL K 330 38.94 54.42 -9.47
C VAL K 330 39.20 53.43 -10.59
N HIS K 331 38.35 53.48 -11.63
CA HIS K 331 38.39 52.51 -12.72
C HIS K 331 38.22 53.22 -14.06
N VAL K 332 38.89 52.68 -15.07
CA VAL K 332 38.73 53.09 -16.46
C VAL K 332 37.96 51.98 -17.17
N PRO K 333 36.70 52.19 -17.58
CA PRO K 333 35.94 51.09 -18.19
C PRO K 333 36.59 50.50 -19.43
N SER K 334 37.23 51.34 -20.24
CA SER K 334 37.84 50.88 -21.49
C SER K 334 39.31 50.50 -21.26
N GLY K 335 39.90 49.92 -22.29
CA GLY K 335 41.31 49.58 -22.31
C GLY K 335 42.22 50.67 -22.81
N THR K 336 41.70 51.91 -22.94
CA THR K 336 42.51 52.99 -23.46
C THR K 336 43.70 53.29 -22.56
N ALA K 337 43.48 53.28 -21.24
CA ALA K 337 44.53 53.53 -20.27
C ALA K 337 44.32 52.63 -19.06
N THR K 338 45.43 52.12 -18.51
CA THR K 338 45.41 51.21 -17.36
C THR K 338 46.02 51.91 -16.16
N LEU K 339 45.28 51.96 -15.05
CA LEU K 339 45.74 52.63 -13.85
C LEU K 339 46.75 51.76 -13.10
N LYS K 340 47.47 52.39 -12.17
CA LYS K 340 48.48 51.68 -11.38
C LYS K 340 47.90 51.12 -10.08
N GLU K 341 47.06 51.89 -9.38
CA GLU K 341 46.58 51.53 -8.06
C GLU K 341 45.15 51.04 -8.11
N ALA K 342 44.80 50.21 -7.12
CA ALA K 342 43.45 49.68 -6.99
C ALA K 342 42.52 50.60 -6.22
N ALA K 343 43.05 51.45 -5.35
CA ALA K 343 42.23 52.37 -4.57
C ALA K 343 43.06 53.61 -4.26
N VAL K 344 42.35 54.70 -3.96
CA VAL K 344 42.96 55.99 -3.65
C VAL K 344 42.26 56.57 -2.43
N GLU K 345 43.06 57.01 -1.44
CA GLU K 345 42.50 57.68 -0.28
C GLU K 345 42.12 59.10 -0.66
N LEU K 346 41.05 59.60 -0.05
CA LEU K 346 40.36 60.80 -0.50
C LEU K 346 40.05 61.71 0.67
N THR K 347 40.46 62.98 0.54
CA THR K 347 40.26 63.99 1.57
C THR K 347 38.94 64.70 1.33
N GLU K 348 38.70 65.79 2.06
CA GLU K 348 37.45 66.53 1.91
C GLU K 348 37.48 67.48 0.72
N GLN K 349 38.57 68.25 0.56
CA GLN K 349 38.68 69.22 -0.52
C GLN K 349 40.09 69.24 -1.12
N GLY K 350 40.76 68.09 -1.15
CA GLY K 350 42.11 68.00 -1.67
C GLY K 350 42.14 67.70 -3.16
N SER K 351 43.29 67.20 -3.60
CA SER K 351 43.50 66.80 -4.98
C SER K 351 44.23 65.47 -5.01
N ALA K 352 43.92 64.64 -6.00
CA ALA K 352 44.48 63.30 -6.11
C ALA K 352 45.41 63.21 -7.31
N THR K 353 46.46 62.40 -7.16
CA THR K 353 47.42 62.13 -8.22
C THR K 353 47.33 60.66 -8.61
N ILE K 354 47.17 60.40 -9.90
CA ILE K 354 46.95 59.05 -10.42
C ILE K 354 48.00 58.74 -11.48
N HIS K 355 48.57 57.55 -11.40
CA HIS K 355 49.53 57.05 -12.36
C HIS K 355 48.87 56.02 -13.26
N PHE K 356 49.15 56.10 -14.56
CA PHE K 356 48.56 55.17 -15.52
C PHE K 356 49.51 54.96 -16.69
N SER K 357 49.14 54.01 -17.55
CA SER K 357 49.87 53.68 -18.76
C SER K 357 48.92 53.69 -19.94
N THR K 358 49.39 54.27 -21.04
CA THR K 358 48.60 54.34 -22.27
C THR K 358 49.55 54.28 -23.46
N ALA K 359 49.00 53.91 -24.62
CA ALA K 359 49.74 53.85 -25.87
C ALA K 359 49.17 54.79 -26.92
N ASN K 360 48.43 55.82 -26.49
CA ASN K 360 47.75 56.74 -27.39
C ASN K 360 48.50 58.06 -27.45
N ILE K 361 48.71 58.57 -28.66
CA ILE K 361 49.37 59.86 -28.84
C ILE K 361 48.49 60.98 -28.27
N HIS K 362 47.17 60.85 -28.40
CA HIS K 362 46.22 61.88 -27.99
C HIS K 362 45.13 61.23 -27.15
N PRO K 363 45.44 60.85 -25.91
CA PRO K 363 44.45 60.14 -25.08
C PRO K 363 43.24 61.02 -24.78
N GLU K 364 42.08 60.37 -24.74
CA GLU K 364 40.83 60.97 -24.29
C GLU K 364 40.00 59.84 -23.67
N PHE K 365 40.12 59.69 -22.36
CA PHE K 365 39.55 58.56 -21.65
C PHE K 365 38.68 59.02 -20.49
N ARG K 366 37.63 58.26 -20.23
CA ARG K 366 36.68 58.55 -19.17
C ARG K 366 37.02 57.70 -17.95
N LEU K 367 37.44 58.35 -16.88
CA LEU K 367 37.68 57.66 -15.61
C LEU K 367 36.41 57.65 -14.77
N GLN K 368 36.25 56.59 -14.01
CA GLN K 368 35.14 56.42 -13.07
C GLN K 368 35.69 56.65 -11.67
N ILE K 369 35.21 57.71 -11.02
CA ILE K 369 35.60 58.04 -9.65
C ILE K 369 34.43 57.62 -8.76
N CYS K 370 34.62 57.71 -7.44
CA CYS K 370 33.88 56.94 -6.43
C CYS K 370 32.43 56.65 -6.79
N THR K 371 31.71 57.66 -7.28
CA THR K 371 30.36 57.46 -7.79
C THR K 371 30.06 58.18 -9.11
N SER K 372 30.98 59.00 -9.63
CA SER K 372 30.75 59.81 -10.82
C SER K 372 31.77 59.46 -11.90
N TYR K 373 31.74 60.22 -13.00
CA TYR K 373 32.66 60.04 -14.11
C TYR K 373 33.30 61.39 -14.44
N VAL K 374 34.55 61.33 -14.93
CA VAL K 374 35.21 62.51 -15.46
C VAL K 374 35.90 62.10 -16.75
N THR K 375 36.09 63.08 -17.64
CA THR K 375 36.69 62.85 -18.95
C THR K 375 38.05 63.54 -19.00
N CYS K 376 39.11 62.77 -18.83
CA CYS K 376 40.47 63.28 -18.98
C CYS K 376 40.83 63.26 -20.46
N LYS K 377 41.53 64.30 -20.92
CA LYS K 377 41.96 64.39 -22.31
C LYS K 377 43.29 65.12 -22.39
N GLY K 378 44.03 64.84 -23.44
CA GLY K 378 45.29 65.55 -23.68
C GLY K 378 46.12 64.85 -24.72
N ASP K 379 47.34 65.36 -24.89
CA ASP K 379 48.34 64.79 -25.77
C ASP K 379 49.51 64.27 -24.94
N CYS K 380 50.33 63.41 -25.55
CA CYS K 380 51.42 62.76 -24.85
C CYS K 380 52.66 62.69 -25.74
N HIS K 381 53.86 62.56 -25.04
CA HIS K 381 55.20 62.63 -25.61
C HIS K 381 55.82 61.23 -25.71
N PRO K 382 56.74 60.99 -26.64
CA PRO K 382 57.35 59.66 -26.73
C PRO K 382 58.33 59.42 -25.60
N PRO K 383 58.80 58.17 -25.42
CA PRO K 383 59.82 57.91 -24.40
C PRO K 383 61.23 58.26 -24.85
N LYS K 384 62.22 57.97 -24.03
CA LYS K 384 63.63 58.23 -24.33
C LYS K 384 64.45 56.96 -24.53
N ASP K 385 64.24 55.95 -23.69
CA ASP K 385 64.99 54.70 -23.80
C ASP K 385 64.40 53.82 -24.89
N HIS K 386 65.27 53.22 -25.70
CA HIS K 386 64.82 52.36 -26.78
C HIS K 386 64.38 50.98 -26.30
N ILE K 387 65.07 50.43 -25.30
CA ILE K 387 64.75 49.11 -24.74
C ILE K 387 64.64 49.24 -23.23
N VAL K 388 63.71 48.48 -22.65
CA VAL K 388 63.54 48.38 -21.20
C VAL K 388 63.64 46.91 -20.80
N THR K 389 63.59 46.67 -19.50
CA THR K 389 63.78 45.35 -18.91
C THR K 389 62.52 44.86 -18.21
N HIS K 390 61.37 45.04 -18.83
CA HIS K 390 60.10 44.59 -18.27
C HIS K 390 59.06 44.56 -19.39
N PRO K 391 57.98 43.77 -19.21
CA PRO K 391 56.98 43.66 -20.29
C PRO K 391 55.99 44.82 -20.33
N GLN K 392 55.03 44.74 -21.25
CA GLN K 392 54.02 45.79 -21.40
C GLN K 392 52.94 45.65 -20.34
N TYR K 393 52.51 46.78 -19.79
CA TYR K 393 51.45 46.82 -18.80
C TYR K 393 50.07 47.10 -19.39
N HIS K 394 49.97 47.35 -20.69
CA HIS K 394 48.73 47.78 -21.32
C HIS K 394 48.55 47.03 -22.64
N ALA K 395 47.42 47.30 -23.29
CA ALA K 395 47.07 46.68 -24.57
C ALA K 395 47.42 47.61 -25.72
N GLN K 396 47.40 47.05 -26.93
CA GLN K 396 47.70 47.77 -28.17
C GLN K 396 46.41 47.89 -28.98
N THR K 397 45.74 49.02 -28.85
CA THR K 397 44.51 49.25 -29.60
C THR K 397 44.83 49.48 -31.08
N PHE K 398 43.85 49.19 -31.92
CA PHE K 398 43.99 49.36 -33.36
C PHE K 398 43.77 50.83 -33.76
N SER L 1 84.12 3.23 11.48
CA SER L 1 85.06 2.08 11.45
C SER L 1 85.32 1.63 10.01
N THR L 2 86.57 1.76 9.57
CA THR L 2 86.96 1.35 8.23
C THR L 2 87.38 -0.11 8.14
N GLU L 3 87.75 -0.73 9.26
CA GLU L 3 88.08 -2.15 9.24
C GLU L 3 86.85 -2.98 8.88
N GLU L 4 85.65 -2.52 9.22
CA GLU L 4 84.44 -3.21 8.82
C GLU L 4 84.31 -3.27 7.31
N LEU L 5 84.88 -2.28 6.61
CA LEU L 5 84.87 -2.30 5.15
C LEU L 5 86.06 -3.07 4.59
N PHE L 6 87.21 -3.01 5.29
CA PHE L 6 88.40 -3.69 4.80
C PHE L 6 88.37 -5.19 5.05
N ASN L 7 87.49 -5.66 5.93
CA ASN L 7 87.46 -7.09 6.28
C ASN L 7 87.17 -7.96 5.07
N GLU L 8 86.36 -7.46 4.14
CA GLU L 8 85.94 -8.27 2.99
C GLU L 8 87.14 -8.65 2.13
N TYR L 9 88.12 -7.76 2.00
CA TYR L 9 89.25 -7.97 1.10
C TYR L 9 90.41 -8.71 1.77
N LYS L 10 90.26 -9.13 3.02
CA LYS L 10 91.22 -10.03 3.63
C LYS L 10 91.10 -11.46 3.12
N LEU L 11 90.07 -11.77 2.33
CA LEU L 11 89.80 -13.11 1.84
C LEU L 11 90.28 -13.33 0.41
N THR L 12 91.26 -12.55 -0.05
CA THR L 12 91.69 -12.58 -1.45
C THR L 12 93.20 -12.43 -1.52
N ARG L 13 93.74 -12.71 -2.69
CA ARG L 13 95.16 -12.57 -2.99
C ARG L 13 95.32 -11.78 -4.29
N PRO L 14 96.48 -11.17 -4.50
CA PRO L 14 96.76 -10.61 -5.84
C PRO L 14 97.10 -11.70 -6.83
N TYR L 15 96.92 -11.39 -8.11
CA TYR L 15 97.23 -12.32 -9.19
C TYR L 15 97.94 -11.58 -10.31
N MET L 16 98.91 -12.26 -10.91
CA MET L 16 99.74 -11.71 -11.97
C MET L 16 99.16 -12.08 -13.33
N ALA L 17 99.22 -11.14 -14.29
CA ALA L 17 98.48 -11.28 -15.54
C ALA L 17 99.37 -10.84 -16.70
N ARG L 18 98.77 -10.71 -17.88
CA ARG L 18 99.47 -10.45 -19.13
C ARG L 18 99.38 -8.96 -19.46
N CYS L 19 100.49 -8.40 -19.98
CA CYS L 19 100.51 -7.03 -20.47
C CYS L 19 101.17 -7.03 -21.85
N ILE L 20 100.44 -6.57 -22.86
CA ILE L 20 100.93 -6.61 -24.23
C ILE L 20 102.07 -5.63 -24.45
N ARG L 21 102.08 -4.51 -23.73
CA ARG L 21 103.12 -3.49 -23.84
C ARG L 21 103.70 -3.27 -22.44
N CYS L 22 104.68 -4.10 -22.08
CA CYS L 22 105.42 -3.99 -20.83
C CYS L 22 106.79 -3.37 -21.11
N ALA L 23 107.66 -3.39 -20.10
CA ALA L 23 108.94 -2.71 -20.18
C ALA L 23 109.79 -3.16 -21.36
N VAL L 24 109.62 -4.40 -21.82
CA VAL L 24 110.42 -4.93 -22.93
C VAL L 24 109.52 -5.14 -24.13
N GLY L 25 108.53 -6.03 -23.99
CA GLY L 25 107.60 -6.32 -25.07
C GLY L 25 106.22 -6.68 -24.56
N SER L 26 105.66 -7.77 -25.08
CA SER L 26 104.44 -8.36 -24.54
C SER L 26 104.86 -9.45 -23.57
N CYS L 27 104.64 -9.22 -22.28
CA CYS L 27 105.19 -10.09 -21.25
C CYS L 27 104.19 -10.17 -20.10
N HIS L 28 104.66 -10.67 -18.96
CA HIS L 28 103.83 -10.97 -17.80
C HIS L 28 104.15 -9.99 -16.69
N SER L 29 103.13 -9.31 -16.19
CA SER L 29 103.28 -8.23 -15.23
C SER L 29 102.22 -8.35 -14.14
N PRO L 30 102.48 -7.82 -12.95
CA PRO L 30 101.47 -7.84 -11.87
C PRO L 30 100.51 -6.66 -11.86
N ILE L 31 100.64 -5.71 -12.80
CA ILE L 31 99.85 -4.49 -12.79
C ILE L 31 99.03 -4.37 -14.06
N ALA L 32 98.59 -5.49 -14.62
CA ALA L 32 97.74 -5.45 -15.80
C ALA L 32 96.42 -4.76 -15.48
N ILE L 33 96.04 -3.83 -16.35
CA ILE L 33 94.82 -3.04 -16.17
C ILE L 33 93.75 -3.66 -17.05
N GLU L 34 92.80 -4.36 -16.44
CA GLU L 34 91.76 -5.04 -17.21
C GLU L 34 90.89 -4.04 -17.95
N ALA L 35 90.51 -2.94 -17.28
CA ALA L 35 89.66 -1.94 -17.89
C ALA L 35 89.74 -0.66 -17.08
N VAL L 36 89.17 0.41 -17.64
CA VAL L 36 89.15 1.72 -17.00
C VAL L 36 87.74 2.29 -17.13
N LYS L 37 87.46 3.29 -16.28
CA LYS L 37 86.17 3.98 -16.32
C LYS L 37 86.42 5.46 -16.08
N SER L 38 85.97 6.30 -17.01
CA SER L 38 86.14 7.75 -16.93
C SER L 38 84.79 8.39 -17.28
N ASP L 39 83.95 8.57 -16.27
CA ASP L 39 82.69 9.27 -16.40
C ASP L 39 82.64 10.58 -15.62
N GLY L 40 83.50 10.73 -14.61
CA GLY L 40 83.55 11.96 -13.82
C GLY L 40 83.76 13.21 -14.66
N HIS L 41 83.46 14.36 -14.06
CA HIS L 41 83.47 15.63 -14.78
C HIS L 41 84.80 16.37 -14.66
N ASP L 42 85.38 16.40 -13.47
CA ASP L 42 86.63 17.13 -13.22
C ASP L 42 87.86 16.27 -13.46
N GLY L 43 87.76 15.21 -14.24
CA GLY L 43 88.90 14.40 -14.59
C GLY L 43 89.18 13.24 -13.67
N TYR L 44 88.24 12.86 -12.83
CA TYR L 44 88.39 11.68 -11.97
C TYR L 44 88.11 10.42 -12.77
N VAL L 45 88.99 9.43 -12.60
CA VAL L 45 88.87 8.14 -13.27
C VAL L 45 89.10 7.03 -12.25
N ARG L 46 88.52 5.86 -12.54
CA ARG L 46 88.58 4.69 -11.67
C ARG L 46 89.32 3.57 -12.39
N LEU L 47 90.52 3.27 -11.92
CA LEU L 47 91.29 2.16 -12.44
C LEU L 47 90.99 0.89 -11.65
N GLN L 48 90.80 -0.21 -12.37
CA GLN L 48 90.60 -1.53 -11.78
C GLN L 48 91.82 -2.38 -12.13
N THR L 49 92.49 -2.90 -11.11
CA THR L 49 93.76 -3.61 -11.27
C THR L 49 93.67 -4.99 -10.63
N SER L 50 94.60 -5.85 -11.03
CA SER L 50 94.76 -7.17 -10.43
C SER L 50 95.45 -7.11 -9.07
N SER L 51 96.14 -6.01 -8.76
CA SER L 51 96.87 -5.88 -7.50
C SER L 51 95.89 -5.50 -6.39
N GLN L 52 96.43 -5.12 -5.22
CA GLN L 52 95.62 -4.75 -4.07
C GLN L 52 96.18 -3.49 -3.44
N TYR L 53 95.31 -2.77 -2.73
CA TYR L 53 95.67 -1.52 -2.07
C TYR L 53 95.05 -1.50 -0.68
N GLY L 54 95.73 -0.83 0.25
CA GLY L 54 95.21 -0.63 1.58
C GLY L 54 95.40 -1.78 2.54
N LEU L 55 96.06 -2.85 2.12
CA LEU L 55 96.29 -4.02 2.96
C LEU L 55 97.76 -4.41 2.90
N ASP L 56 98.23 -5.01 4.00
CA ASP L 56 99.62 -5.43 4.15
C ASP L 56 99.69 -6.95 4.25
N SER L 57 100.80 -7.49 3.75
CA SER L 57 101.01 -8.93 3.77
C SER L 57 101.07 -9.45 5.21
N LEU L 61 96.28 -3.44 9.38
CA LEU L 61 96.03 -2.46 8.33
C LEU L 61 97.17 -1.44 8.27
N LYS L 62 97.30 -0.80 7.10
CA LYS L 62 98.28 0.25 6.91
C LYS L 62 97.66 1.34 6.04
N GLY L 63 98.15 2.57 6.21
CA GLY L 63 97.57 3.71 5.54
C GLY L 63 97.60 3.64 4.03
N ARG L 64 98.81 3.72 3.46
CA ARG L 64 98.99 3.73 2.01
C ARG L 64 100.00 2.63 1.65
N THR L 65 99.52 1.57 1.02
CA THR L 65 100.39 0.46 0.65
C THR L 65 99.72 -0.32 -0.47
N MET L 66 100.55 -0.82 -1.39
CA MET L 66 100.11 -1.66 -2.50
C MET L 66 100.67 -3.05 -2.30
N ARG L 67 99.79 -4.05 -2.30
CA ARG L 67 100.15 -5.45 -2.16
C ARG L 67 100.01 -6.13 -3.53
N TYR L 68 101.07 -6.84 -3.94
CA TYR L 68 101.15 -7.39 -5.29
C TYR L 68 101.74 -8.79 -5.24
N ASP L 69 101.51 -9.53 -6.33
CA ASP L 69 102.03 -10.87 -6.52
C ASP L 69 103.23 -10.83 -7.46
N MET L 70 104.15 -11.78 -7.27
CA MET L 70 105.28 -11.94 -8.19
C MET L 70 105.75 -13.38 -8.07
N HIS L 71 105.48 -14.19 -9.08
CA HIS L 71 105.90 -15.59 -9.11
C HIS L 71 105.35 -16.36 -7.91
N GLY L 72 104.14 -16.01 -7.48
CA GLY L 72 103.47 -16.72 -6.41
C GLY L 72 103.54 -16.02 -5.06
N THR L 73 104.72 -15.49 -4.71
CA THR L 73 104.86 -14.81 -3.43
C THR L 73 104.18 -13.44 -3.48
N ILE L 74 103.85 -12.93 -2.30
CA ILE L 74 103.14 -11.66 -2.15
C ILE L 74 104.06 -10.69 -1.44
N LYS L 75 104.12 -9.45 -1.93
CA LYS L 75 104.98 -8.42 -1.37
C LYS L 75 104.22 -7.10 -1.33
N GLU L 76 104.77 -6.14 -0.59
CA GLU L 76 104.13 -4.86 -0.35
C GLU L 76 105.11 -3.73 -0.64
N ILE L 77 104.55 -2.60 -1.10
CA ILE L 77 105.35 -1.40 -1.39
C ILE L 77 104.56 -0.17 -0.96
N PRO L 78 105.25 0.88 -0.49
CA PRO L 78 104.55 2.14 -0.25
C PRO L 78 103.93 2.69 -1.52
N LEU L 79 102.79 3.38 -1.36
CA LEU L 79 102.02 3.84 -2.50
C LEU L 79 102.69 4.99 -3.25
N HIS L 80 103.64 5.69 -2.64
CA HIS L 80 104.27 6.82 -3.29
C HIS L 80 105.35 6.41 -4.28
N GLN L 81 105.71 5.13 -4.36
CA GLN L 81 106.71 4.69 -5.32
C GLN L 81 106.08 4.44 -6.69
N VAL L 82 104.94 3.74 -6.74
CA VAL L 82 104.28 3.50 -8.01
C VAL L 82 103.76 4.83 -8.56
N SER L 83 103.67 4.92 -9.88
CA SER L 83 103.11 6.08 -10.54
C SER L 83 102.39 5.62 -11.79
N LEU L 84 101.58 6.52 -12.34
CA LEU L 84 100.85 6.26 -13.57
C LEU L 84 100.87 7.55 -14.39
N TYR L 85 100.49 7.45 -15.66
CA TYR L 85 100.41 8.62 -16.51
C TYR L 85 99.73 8.31 -17.83
N THR L 86 99.14 9.35 -18.43
CA THR L 86 98.54 9.30 -19.76
C THR L 86 99.27 10.23 -20.73
N SER L 87 99.35 11.53 -20.41
CA SER L 87 100.06 12.51 -21.23
C SER L 87 101.01 13.35 -20.39
N ARG L 88 100.64 13.61 -19.14
CA ARG L 88 101.46 14.33 -18.18
C ARG L 88 101.54 13.52 -16.90
N PRO L 89 102.48 13.86 -15.99
CA PRO L 89 102.50 13.19 -14.69
C PRO L 89 101.16 13.24 -13.95
N CYS L 90 100.60 12.05 -13.79
CA CYS L 90 99.28 11.76 -13.23
C CYS L 90 99.36 11.61 -11.71
N HIS L 91 98.34 12.12 -11.02
CA HIS L 91 98.34 12.20 -9.56
C HIS L 91 97.40 11.15 -8.99
N ILE L 92 97.88 10.42 -7.99
CA ILE L 92 97.11 9.37 -7.33
C ILE L 92 96.57 9.92 -6.01
N VAL L 93 95.37 9.49 -5.65
CA VAL L 93 94.68 10.00 -4.47
C VAL L 93 94.71 8.96 -3.36
N ASP L 94 94.08 7.81 -3.60
CA ASP L 94 93.94 6.79 -2.57
C ASP L 94 93.42 5.52 -3.24
N GLY L 95 93.56 4.39 -2.55
CA GLY L 95 93.09 3.12 -3.06
C GLY L 95 92.49 2.29 -1.95
N HIS L 96 91.58 1.39 -2.35
CA HIS L 96 90.94 0.46 -1.42
C HIS L 96 90.84 -0.89 -2.15
N GLY L 97 91.78 -1.77 -1.85
CA GLY L 97 91.78 -3.11 -2.42
C GLY L 97 91.95 -3.15 -3.92
N TYR L 98 90.89 -3.51 -4.63
CA TYR L 98 90.94 -3.83 -6.05
C TYR L 98 90.71 -2.61 -6.94
N PHE L 99 90.60 -1.42 -6.37
CA PHE L 99 90.24 -0.23 -7.13
C PHE L 99 91.15 0.93 -6.74
N LEU L 100 91.36 1.82 -7.70
CA LEU L 100 92.21 2.99 -7.54
C LEU L 100 91.50 4.20 -8.13
N LEU L 101 91.61 5.34 -7.45
CA LEU L 101 91.01 6.60 -7.91
C LEU L 101 92.13 7.54 -8.33
N ALA L 102 92.03 8.08 -9.55
CA ALA L 102 93.03 8.99 -10.07
C ALA L 102 92.34 10.28 -10.55
N ARG L 103 93.08 11.38 -10.48
CA ARG L 103 92.65 12.71 -10.92
C ARG L 103 93.53 13.13 -12.09
N CYS L 104 93.10 12.84 -13.32
CA CYS L 104 94.05 12.93 -14.43
C CYS L 104 93.39 13.29 -15.76
N PRO L 105 94.15 13.89 -16.67
CA PRO L 105 93.57 14.63 -17.79
C PRO L 105 93.08 13.71 -18.91
N ALA L 106 92.64 14.35 -19.99
CA ALA L 106 92.32 13.64 -21.22
C ALA L 106 93.58 13.00 -21.80
N GLY L 107 93.37 11.87 -22.46
CA GLY L 107 94.49 11.15 -23.05
C GLY L 107 93.99 10.06 -23.96
N ASP L 108 94.91 9.18 -24.36
CA ASP L 108 94.60 8.06 -25.24
C ASP L 108 94.83 6.71 -24.60
N SER L 109 95.89 6.56 -23.81
CA SER L 109 96.24 5.30 -23.16
C SER L 109 96.55 5.54 -21.69
N ILE L 110 96.72 4.45 -20.96
CA ILE L 110 97.10 4.47 -19.56
C ILE L 110 98.43 3.75 -19.42
N THR L 111 99.31 4.27 -18.58
CA THR L 111 100.56 3.60 -18.26
C THR L 111 100.74 3.61 -16.76
N MET L 112 101.15 2.47 -16.20
CA MET L 112 101.46 2.36 -14.78
C MET L 112 102.82 1.72 -14.61
N GLU L 113 103.67 2.33 -13.79
CA GLU L 113 105.06 1.91 -13.66
C GLU L 113 105.54 2.03 -12.22
N PHE L 114 106.44 1.13 -11.85
CA PHE L 114 107.21 1.25 -10.62
C PHE L 114 108.57 0.62 -10.86
N LYS L 115 109.52 0.93 -9.99
CA LYS L 115 110.91 0.54 -10.16
C LYS L 115 111.36 -0.23 -8.92
N LYS L 116 111.85 -1.45 -9.15
CA LYS L 116 112.43 -2.26 -8.08
C LYS L 116 113.86 -1.79 -7.85
N ASP L 117 114.66 -2.53 -7.09
CA ASP L 117 116.06 -2.18 -6.89
C ASP L 117 116.79 -2.08 -8.22
N SER L 118 116.54 -3.02 -9.13
CA SER L 118 117.13 -2.99 -10.47
C SER L 118 116.15 -3.31 -11.58
N VAL L 119 114.96 -3.82 -11.29
CA VAL L 119 113.98 -4.21 -12.30
C VAL L 119 112.90 -3.14 -12.36
N ARG L 120 112.64 -2.63 -13.56
CA ARG L 120 111.61 -1.63 -13.80
C ARG L 120 110.38 -2.33 -14.38
N HIS L 121 109.30 -2.37 -13.60
CA HIS L 121 108.05 -2.98 -14.03
C HIS L 121 107.11 -1.89 -14.53
N SER L 122 106.50 -2.14 -15.70
CA SER L 122 105.60 -1.16 -16.30
C SER L 122 104.57 -1.90 -17.13
N CYS L 123 103.43 -1.24 -17.36
CA CYS L 123 102.38 -1.80 -18.20
C CYS L 123 101.60 -0.66 -18.83
N SER L 124 101.38 -0.77 -20.14
CA SER L 124 100.64 0.22 -20.91
C SER L 124 99.42 -0.45 -21.54
N VAL L 125 98.28 0.24 -21.47
CA VAL L 125 97.00 -0.28 -21.94
C VAL L 125 96.29 0.82 -22.74
N PRO L 126 96.01 0.64 -24.05
CA PRO L 126 95.28 1.68 -24.79
C PRO L 126 93.78 1.68 -24.56
N TYR L 127 93.34 2.35 -23.50
CA TYR L 127 91.94 2.67 -23.28
C TYR L 127 91.78 4.16 -23.05
N GLU L 128 90.83 4.75 -23.77
CA GLU L 128 90.69 6.21 -23.79
C GLU L 128 90.22 6.72 -22.43
N VAL L 129 90.70 7.92 -22.09
CA VAL L 129 90.21 8.69 -20.95
C VAL L 129 89.81 10.07 -21.47
N LYS L 130 88.59 10.48 -21.16
CA LYS L 130 88.02 11.72 -21.68
C LYS L 130 87.75 12.70 -20.55
N PHE L 131 88.09 13.96 -20.79
CA PHE L 131 87.84 15.05 -19.85
C PHE L 131 86.63 15.82 -20.37
N ASN L 132 85.52 15.74 -19.62
CA ASN L 132 84.26 16.34 -20.02
C ASN L 132 84.00 17.59 -19.20
N PRO L 133 84.06 18.79 -19.77
CA PRO L 133 83.75 19.99 -18.98
C PRO L 133 82.28 20.03 -18.58
N VAL L 134 82.00 20.91 -17.61
CA VAL L 134 80.66 21.11 -17.07
C VAL L 134 80.09 22.41 -17.62
N GLY L 135 78.79 22.40 -17.88
CA GLY L 135 78.10 23.64 -18.22
C GLY L 135 78.13 23.92 -19.70
N ARG L 136 78.49 25.15 -20.06
CA ARG L 136 78.47 25.61 -21.44
C ARG L 136 79.74 26.35 -21.81
N GLU L 137 80.87 25.99 -21.17
CA GLU L 137 82.15 26.65 -21.43
C GLU L 137 83.21 25.56 -21.41
N LEU L 138 83.71 25.19 -22.58
CA LEU L 138 84.70 24.13 -22.69
C LEU L 138 86.06 24.64 -22.19
N TYR L 139 86.61 23.96 -21.19
CA TYR L 139 87.91 24.29 -20.62
C TYR L 139 88.78 23.04 -20.61
N THR L 140 90.01 23.19 -20.12
CA THR L 140 90.94 22.08 -19.96
C THR L 140 91.42 21.88 -18.53
N HIS L 141 91.35 22.88 -17.68
CA HIS L 141 91.72 22.78 -16.28
C HIS L 141 90.64 23.45 -15.43
N PRO L 142 90.54 23.09 -14.15
CA PRO L 142 89.55 23.75 -13.31
C PRO L 142 89.89 25.21 -13.13
N PRO L 143 88.89 26.06 -12.90
CA PRO L 143 89.15 27.50 -12.78
C PRO L 143 89.61 27.90 -11.39
N GLU L 144 90.32 29.03 -11.34
CA GLU L 144 90.69 29.61 -10.05
C GLU L 144 89.46 30.09 -9.30
N HIS L 145 88.49 30.68 -9.99
CA HIS L 145 87.27 31.18 -9.39
C HIS L 145 86.15 31.07 -10.42
N GLY L 146 84.94 31.40 -9.99
CA GLY L 146 83.79 31.34 -10.86
C GLY L 146 82.50 31.10 -10.10
N VAL L 147 81.55 30.42 -10.75
CA VAL L 147 80.27 30.13 -10.15
C VAL L 147 80.28 28.68 -9.68
N GLU L 148 79.37 28.40 -8.76
CA GLU L 148 79.19 27.06 -8.21
C GLU L 148 78.01 26.38 -8.89
N GLN L 149 78.19 25.09 -9.19
CA GLN L 149 77.18 24.30 -9.86
C GLN L 149 77.23 22.90 -9.29
N ALA L 150 76.17 22.14 -9.55
CA ALA L 150 76.18 20.71 -9.29
C ALA L 150 76.85 19.97 -10.44
N CYS L 151 77.65 18.96 -10.11
CA CYS L 151 77.96 17.92 -11.09
C CYS L 151 77.93 16.61 -10.33
N GLN L 152 78.35 15.53 -11.00
CA GLN L 152 78.54 14.23 -10.39
C GLN L 152 80.03 13.96 -10.26
N VAL L 153 80.45 13.53 -9.07
CA VAL L 153 81.85 13.28 -8.77
C VAL L 153 81.96 11.98 -7.98
N TYR L 154 82.96 11.17 -8.32
CA TYR L 154 83.21 9.95 -7.55
C TYR L 154 83.54 10.29 -6.11
N ALA L 155 82.95 9.56 -5.18
CA ALA L 155 83.16 9.80 -3.76
C ALA L 155 84.59 9.46 -3.37
N HIS L 156 85.11 10.20 -2.38
CA HIS L 156 86.47 10.00 -1.90
C HIS L 156 86.59 8.90 -0.86
N ASP L 157 85.52 8.60 -0.12
CA ASP L 157 85.53 7.64 0.97
C ASP L 157 84.80 6.37 0.54
N ALA L 158 85.34 5.22 0.93
CA ALA L 158 84.71 3.95 0.64
C ALA L 158 83.42 3.79 1.44
N GLN L 159 82.39 3.24 0.79
CA GLN L 159 81.11 3.03 1.43
C GLN L 159 80.39 1.90 0.70
N ASN L 160 79.42 1.29 1.40
CA ASN L 160 78.66 0.18 0.87
C ASN L 160 77.37 0.68 0.24
N ARG L 161 77.11 0.24 -0.99
CA ARG L 161 75.89 0.60 -1.71
C ARG L 161 75.60 -0.53 -2.70
N GLY L 162 74.43 -0.45 -3.34
CA GLY L 162 73.99 -1.51 -4.22
C GLY L 162 74.78 -1.59 -5.52
N ALA L 163 76.05 -1.97 -5.40
CA ALA L 163 76.90 -2.22 -6.54
C ALA L 163 77.91 -3.29 -6.14
N TYR L 164 77.86 -4.44 -6.80
CA TYR L 164 78.64 -5.60 -6.41
C TYR L 164 79.31 -6.23 -7.63
N VAL L 165 80.45 -6.87 -7.38
CA VAL L 165 81.13 -7.66 -8.39
C VAL L 165 81.17 -9.12 -7.91
N GLU L 166 81.46 -10.03 -8.83
CA GLU L 166 81.41 -11.46 -8.58
C GLU L 166 82.81 -11.99 -8.30
N MET L 167 82.90 -12.97 -7.42
CA MET L 167 84.16 -13.54 -6.96
C MET L 167 84.19 -15.02 -7.29
N HIS L 168 85.32 -15.51 -7.80
CA HIS L 168 85.46 -16.88 -8.27
C HIS L 168 86.62 -17.59 -7.60
N LEU L 169 86.57 -18.92 -7.64
CA LEU L 169 87.66 -19.76 -7.15
C LEU L 169 88.84 -19.70 -8.12
N PRO L 170 90.08 -19.61 -7.64
CA PRO L 170 91.22 -19.67 -8.55
C PRO L 170 91.40 -21.07 -9.12
N GLY L 171 92.01 -21.13 -10.29
CA GLY L 171 92.29 -22.39 -10.96
C GLY L 171 93.64 -22.96 -10.56
N SER L 172 94.17 -23.83 -11.42
CA SER L 172 95.45 -24.48 -11.21
C SER L 172 96.52 -23.74 -12.01
N GLU L 173 97.56 -23.30 -11.34
CA GLU L 173 98.65 -22.53 -11.95
C GLU L 173 99.86 -23.44 -12.10
N VAL L 174 100.37 -23.52 -13.33
CA VAL L 174 101.53 -24.36 -13.63
C VAL L 174 102.79 -23.61 -13.25
N ASP L 175 103.83 -24.37 -12.87
CA ASP L 175 105.13 -23.79 -12.58
C ASP L 175 106.23 -24.76 -13.03
N SER L 176 107.38 -24.19 -13.36
CA SER L 176 108.56 -24.95 -13.74
C SER L 176 109.65 -24.96 -12.68
N SER L 177 109.59 -24.04 -11.71
CA SER L 177 110.62 -24.00 -10.67
C SER L 177 110.59 -25.27 -9.82
N LEU L 178 109.39 -25.75 -9.47
CA LEU L 178 109.29 -26.94 -8.62
C LEU L 178 109.86 -28.16 -9.32
N VAL L 179 109.56 -28.31 -10.61
CA VAL L 179 110.04 -29.48 -11.36
C VAL L 179 111.54 -29.35 -11.57
N SER L 180 112.27 -30.40 -11.20
CA SER L 180 113.72 -30.43 -11.34
C SER L 180 114.16 -31.85 -11.67
N LEU L 181 115.37 -31.96 -12.21
CA LEU L 181 115.89 -33.23 -12.71
C LEU L 181 116.86 -33.83 -11.70
N SER L 182 116.65 -35.11 -11.38
CA SER L 182 117.61 -35.88 -10.58
C SER L 182 118.59 -36.56 -11.54
N GLY L 183 119.37 -37.51 -11.01
CA GLY L 183 120.28 -38.26 -11.86
C GLY L 183 119.57 -39.00 -12.97
N SER L 184 118.42 -39.60 -12.65
CA SER L 184 117.62 -40.33 -13.62
C SER L 184 116.13 -40.03 -13.56
N SER L 185 115.62 -39.46 -12.47
CA SER L 185 114.20 -39.21 -12.28
C SER L 185 113.92 -37.71 -12.25
N VAL L 186 112.64 -37.36 -12.12
CA VAL L 186 112.18 -35.99 -12.04
C VAL L 186 111.72 -35.73 -10.61
N THR L 187 112.28 -34.70 -9.99
CA THR L 187 111.98 -34.36 -8.60
C THR L 187 110.92 -33.27 -8.54
N VAL L 188 109.88 -33.52 -7.74
CA VAL L 188 108.82 -32.55 -7.50
C VAL L 188 108.83 -32.20 -6.02
N THR L 189 108.97 -30.90 -5.72
CA THR L 189 109.07 -30.39 -4.35
C THR L 189 107.96 -29.37 -4.16
N PRO L 190 106.77 -29.78 -3.73
CA PRO L 190 105.68 -28.82 -3.55
C PRO L 190 106.04 -27.78 -2.49
N PRO L 191 105.53 -26.55 -2.62
CA PRO L 191 105.86 -25.53 -1.61
C PRO L 191 105.34 -25.93 -0.23
N ASP L 192 106.09 -25.53 0.79
CA ASP L 192 105.74 -25.89 2.17
C ASP L 192 104.37 -25.35 2.54
N GLY L 193 103.58 -26.20 3.19
CA GLY L 193 102.25 -25.80 3.62
C GLY L 193 101.23 -25.67 2.51
N THR L 194 101.49 -26.31 1.36
CA THR L 194 100.57 -26.23 0.23
C THR L 194 100.69 -27.51 -0.58
N SER L 195 99.55 -27.99 -1.06
CA SER L 195 99.50 -29.22 -1.84
C SER L 195 99.87 -28.95 -3.29
N ALA L 196 99.95 -30.03 -4.07
CA ALA L 196 100.16 -29.92 -5.51
C ALA L 196 99.74 -31.23 -6.14
N LEU L 197 99.72 -31.26 -7.46
CA LEU L 197 99.52 -32.51 -8.19
C LEU L 197 100.34 -32.50 -9.46
N VAL L 198 100.71 -33.72 -9.88
CA VAL L 198 101.59 -33.95 -11.02
C VAL L 198 100.83 -34.76 -12.06
N GLU L 199 100.87 -34.29 -13.30
CA GLU L 199 100.30 -34.97 -14.45
C GLU L 199 101.38 -35.18 -15.49
N CYS L 200 101.53 -36.41 -15.96
CA CYS L 200 102.53 -36.73 -16.96
C CYS L 200 101.95 -37.73 -17.95
N GLU L 201 102.23 -37.51 -19.24
CA GLU L 201 102.06 -38.52 -20.26
C GLU L 201 103.33 -39.32 -20.48
N CYS L 202 104.15 -39.48 -19.43
CA CYS L 202 105.44 -40.14 -19.53
C CYS L 202 105.29 -41.58 -20.01
N GLY L 203 104.40 -42.34 -19.37
CA GLY L 203 104.03 -43.67 -19.82
C GLY L 203 102.61 -43.66 -20.35
N GLY L 204 101.67 -44.12 -19.53
CA GLY L 204 100.25 -43.98 -19.81
C GLY L 204 99.70 -42.72 -19.15
N THR L 205 98.38 -42.70 -19.00
CA THR L 205 97.74 -41.59 -18.30
C THR L 205 98.12 -41.65 -16.82
N LYS L 206 98.59 -40.53 -16.28
CA LYS L 206 99.08 -40.46 -14.92
C LYS L 206 98.51 -39.23 -14.22
N ILE L 207 98.28 -39.38 -12.92
CA ILE L 207 97.77 -38.32 -12.07
C ILE L 207 98.16 -38.65 -10.63
N SER L 208 98.71 -37.67 -9.90
CA SER L 208 99.03 -37.93 -8.51
C SER L 208 99.09 -36.63 -7.73
N GLU L 209 98.27 -36.52 -6.68
CA GLU L 209 98.30 -35.39 -5.77
C GLU L 209 99.32 -35.69 -4.67
N THR L 210 100.23 -34.75 -4.44
CA THR L 210 101.27 -34.86 -3.44
C THR L 210 101.23 -33.65 -2.52
N ILE L 211 101.38 -33.91 -1.21
CA ILE L 211 101.25 -32.87 -0.19
C ILE L 211 102.59 -32.65 0.50
N ASN L 212 103.39 -31.73 -0.05
CA ASN L 212 104.67 -31.35 0.55
C ASN L 212 105.60 -32.56 0.71
N LYS L 213 105.55 -33.48 -0.26
CA LYS L 213 106.37 -34.68 -0.26
C LYS L 213 107.30 -34.63 -1.47
N THR L 214 108.60 -34.82 -1.21
CA THR L 214 109.58 -34.87 -2.29
C THR L 214 109.53 -36.25 -2.95
N LYS L 215 108.71 -36.37 -4.00
CA LYS L 215 108.45 -37.64 -4.66
C LYS L 215 108.99 -37.62 -6.07
N GLN L 216 109.68 -38.69 -6.44
CA GLN L 216 110.23 -38.86 -7.79
C GLN L 216 109.37 -39.81 -8.60
N PHE L 217 109.42 -39.66 -9.91
CA PHE L 217 108.67 -40.50 -10.84
C PHE L 217 109.60 -41.06 -11.90
N SER L 218 109.42 -42.34 -12.21
CA SER L 218 110.32 -43.07 -13.09
C SER L 218 109.82 -43.01 -14.54
N GLN L 219 110.40 -43.85 -15.40
CA GLN L 219 110.02 -44.10 -16.79
C GLN L 219 110.38 -42.99 -17.75
N CYS L 220 111.00 -41.91 -17.29
CA CYS L 220 111.45 -40.85 -18.19
C CYS L 220 112.69 -40.17 -17.62
N THR L 221 113.39 -39.46 -18.50
CA THR L 221 114.66 -38.80 -18.21
C THR L 221 114.60 -37.27 -18.32
N LYS L 222 113.69 -36.74 -19.12
CA LYS L 222 113.56 -35.30 -19.34
C LYS L 222 112.37 -34.77 -18.56
N LYS L 223 112.46 -33.51 -18.15
CA LYS L 223 111.45 -32.87 -17.30
C LYS L 223 110.32 -32.22 -18.09
N GLU L 224 110.36 -32.25 -19.42
CA GLU L 224 109.38 -31.54 -20.23
C GLU L 224 108.11 -32.35 -20.49
N GLN L 225 108.03 -33.57 -19.97
CA GLN L 225 106.83 -34.41 -20.10
C GLN L 225 105.92 -34.35 -18.88
N CYS L 226 106.27 -33.57 -17.85
CA CYS L 226 105.54 -33.56 -16.59
C CYS L 226 105.14 -32.14 -16.22
N ARG L 227 103.93 -31.98 -15.70
CA ARG L 227 103.39 -30.70 -15.25
C ARG L 227 103.00 -30.81 -13.79
N ALA L 228 103.49 -29.87 -12.98
CA ALA L 228 103.15 -29.78 -11.57
C ALA L 228 102.36 -28.51 -11.34
N TYR L 229 101.21 -28.64 -10.66
CA TYR L 229 100.29 -27.52 -10.46
C TYR L 229 100.27 -27.11 -9.00
N ARG L 230 99.88 -25.85 -8.77
CA ARG L 230 99.74 -25.28 -7.44
C ARG L 230 98.27 -25.04 -7.14
N LEU L 231 97.82 -25.52 -5.98
CA LEU L 231 96.43 -25.45 -5.56
C LEU L 231 96.26 -24.57 -4.34
N GLN L 232 95.12 -23.88 -4.28
CA GLN L 232 94.74 -23.08 -3.13
C GLN L 232 93.23 -22.87 -3.18
N ASN L 233 92.59 -22.98 -2.02
CA ASN L 233 91.14 -22.81 -1.90
C ASN L 233 90.75 -21.49 -1.29
N ASP L 234 91.47 -21.03 -0.27
CA ASP L 234 91.23 -19.72 0.33
C ASP L 234 91.84 -18.64 -0.57
N LYS L 235 91.65 -17.37 -0.21
CA LYS L 235 92.23 -16.24 -0.93
C LYS L 235 91.77 -16.23 -2.38
N TRP L 236 90.48 -15.99 -2.58
CA TRP L 236 89.89 -16.05 -3.90
C TRP L 236 90.44 -14.91 -4.78
N VAL L 237 90.18 -15.02 -6.08
CA VAL L 237 90.71 -14.09 -7.07
C VAL L 237 89.58 -13.63 -7.99
N TYR L 238 89.67 -12.37 -8.42
CA TYR L 238 88.61 -11.76 -9.21
C TYR L 238 88.36 -12.54 -10.50
N ASN L 239 87.13 -12.48 -10.99
CA ASN L 239 86.74 -13.19 -12.20
C ASN L 239 87.31 -12.52 -13.45
N SER L 240 88.64 -12.48 -13.55
CA SER L 240 89.28 -11.82 -14.68
C SER L 240 89.42 -12.78 -15.86
N ASP L 241 89.62 -12.20 -17.03
CA ASP L 241 89.74 -12.97 -18.26
C ASP L 241 91.16 -13.50 -18.49
N LYS L 242 92.11 -13.14 -17.62
CA LYS L 242 93.51 -13.52 -17.78
C LYS L 242 93.88 -14.72 -16.92
N LEU L 243 92.91 -15.40 -16.32
CA LEU L 243 93.13 -16.55 -15.46
C LEU L 243 92.22 -17.69 -15.86
N PRO L 244 92.58 -18.93 -15.55
CA PRO L 244 91.70 -20.06 -15.87
C PRO L 244 90.61 -20.25 -14.83
N LYS L 245 89.58 -20.98 -15.22
CA LYS L 245 88.44 -21.26 -14.35
C LYS L 245 88.70 -22.50 -13.51
N ALA L 246 88.11 -22.52 -12.32
CA ALA L 246 88.24 -23.65 -11.42
C ALA L 246 87.27 -24.76 -11.83
N ALA L 247 87.12 -25.77 -10.98
CA ALA L 247 86.31 -26.95 -11.27
C ALA L 247 85.08 -26.97 -10.36
N GLY L 248 83.95 -26.55 -10.91
CA GLY L 248 82.64 -26.71 -10.29
C GLY L 248 82.00 -25.42 -9.83
N ALA L 249 81.15 -24.87 -10.70
CA ALA L 249 80.23 -23.77 -10.43
C ALA L 249 80.91 -22.41 -10.22
N THR L 250 82.21 -22.39 -9.93
CA THR L 250 83.04 -21.20 -10.04
C THR L 250 82.60 -20.01 -9.17
N LEU L 251 81.55 -20.12 -8.36
CA LEU L 251 81.02 -18.98 -7.62
C LEU L 251 80.97 -19.29 -6.13
N LYS L 252 81.38 -18.32 -5.30
CA LYS L 252 81.31 -18.48 -3.86
C LYS L 252 80.92 -17.20 -3.12
N GLY L 253 80.54 -16.12 -3.82
CA GLY L 253 80.10 -14.91 -3.17
C GLY L 253 80.37 -13.69 -4.02
N LYS L 254 80.16 -12.52 -3.42
CA LYS L 254 80.31 -11.24 -4.11
C LYS L 254 80.94 -10.22 -3.18
N LEU L 255 81.50 -9.17 -3.78
CA LEU L 255 82.15 -8.08 -3.07
C LEU L 255 81.40 -6.78 -3.31
N HIS L 256 81.72 -5.76 -2.52
CA HIS L 256 81.19 -4.41 -2.69
C HIS L 256 82.30 -3.49 -3.18
N VAL L 257 81.96 -2.58 -4.08
CA VAL L 257 82.94 -1.74 -4.76
C VAL L 257 82.97 -0.36 -4.13
N PRO L 258 84.14 0.31 -4.05
CA PRO L 258 84.19 1.66 -3.48
C PRO L 258 84.01 2.76 -4.52
N PHE L 259 84.07 4.01 -4.07
CA PHE L 259 84.22 5.18 -4.95
C PHE L 259 83.11 5.22 -6.01
N LEU L 260 81.89 5.05 -5.54
CA LEU L 260 80.71 5.14 -6.41
C LEU L 260 80.39 6.60 -6.70
N LEU L 261 79.86 6.84 -7.88
CA LEU L 261 79.51 8.20 -8.29
C LEU L 261 78.40 8.77 -7.41
N ALA L 262 78.51 10.06 -7.11
CA ALA L 262 77.52 10.75 -6.29
C ALA L 262 77.45 12.21 -6.73
N ASP L 263 76.34 12.85 -6.40
CA ASP L 263 76.12 14.25 -6.75
C ASP L 263 76.94 15.15 -5.84
N GLY L 264 77.67 16.10 -6.43
CA GLY L 264 78.56 16.96 -5.66
C GLY L 264 78.52 18.43 -6.05
N LYS L 265 79.53 19.20 -5.66
CA LYS L 265 79.58 20.64 -5.91
C LYS L 265 80.87 21.02 -6.60
N CYS L 266 80.77 21.93 -7.56
CA CYS L 266 81.56 21.86 -8.77
C CYS L 266 81.76 23.27 -9.29
N THR L 267 83.00 23.77 -9.33
CA THR L 267 83.25 25.16 -9.72
C THR L 267 83.43 25.27 -11.24
N VAL L 268 82.74 26.22 -11.85
CA VAL L 268 82.75 26.40 -13.30
C VAL L 268 83.09 27.86 -13.60
N PRO L 269 83.92 28.16 -14.60
CA PRO L 269 84.30 29.55 -14.83
C PRO L 269 83.15 30.40 -15.36
N LEU L 270 83.29 31.71 -15.18
CA LEU L 270 82.35 32.69 -15.70
C LEU L 270 83.05 33.54 -16.76
N ALA L 271 82.42 33.66 -17.93
CA ALA L 271 83.02 34.43 -19.01
C ALA L 271 82.90 35.94 -18.72
N PRO L 272 83.74 36.76 -19.36
CA PRO L 272 83.60 38.21 -19.16
C PRO L 272 82.24 38.74 -19.61
N GLU L 273 81.79 39.79 -18.94
CA GLU L 273 80.49 40.35 -19.23
C GLU L 273 80.47 40.93 -20.65
N PRO L 274 79.49 40.57 -21.47
CA PRO L 274 79.47 41.09 -22.84
C PRO L 274 78.96 42.53 -22.89
N MET L 275 79.48 43.29 -23.84
CA MET L 275 79.13 44.70 -23.94
C MET L 275 77.95 44.87 -24.88
N ILE L 276 77.04 45.78 -24.53
CA ILE L 276 75.80 46.00 -25.26
C ILE L 276 75.84 47.35 -25.97
N THR L 277 75.36 47.37 -27.21
CA THR L 277 75.12 48.63 -27.91
C THR L 277 73.78 48.49 -28.64
N PHE L 278 72.84 49.38 -28.31
CA PHE L 278 71.45 49.23 -28.74
C PHE L 278 71.09 50.28 -29.77
N GLY L 279 70.35 49.85 -30.81
CA GLY L 279 69.74 50.74 -31.76
C GLY L 279 68.27 50.41 -31.91
N PHE L 280 67.62 51.16 -32.80
CA PHE L 280 66.17 51.04 -32.96
C PHE L 280 65.79 49.61 -33.33
N ARG L 281 65.15 48.92 -32.38
CA ARG L 281 64.71 47.53 -32.53
C ARG L 281 65.88 46.59 -32.86
N SER L 282 67.07 46.91 -32.36
CA SER L 282 68.23 46.08 -32.68
C SER L 282 69.25 46.16 -31.55
N VAL L 283 70.04 45.08 -31.43
CA VAL L 283 71.05 44.97 -30.40
C VAL L 283 72.32 44.41 -31.02
N SER L 284 73.47 44.95 -30.61
CA SER L 284 74.78 44.44 -31.01
C SER L 284 75.55 44.09 -29.74
N LEU L 285 75.97 42.83 -29.64
CA LEU L 285 76.67 42.30 -28.48
C LEU L 285 78.14 42.14 -28.85
N LYS L 286 79.00 42.92 -28.22
CA LYS L 286 80.43 42.76 -28.38
C LYS L 286 80.93 41.72 -27.37
N LEU L 287 81.61 40.70 -27.88
CA LEU L 287 82.06 39.55 -27.12
C LEU L 287 83.58 39.53 -27.07
N HIS L 288 84.12 39.09 -25.93
CA HIS L 288 85.57 39.02 -25.71
C HIS L 288 85.88 37.75 -24.93
N PRO L 289 85.74 36.59 -25.55
CA PRO L 289 85.95 35.34 -24.82
C PRO L 289 87.40 35.08 -24.47
N LYS L 290 87.58 34.35 -23.37
CA LYS L 290 88.89 33.84 -22.97
C LYS L 290 89.14 32.43 -23.52
N ASN L 291 88.09 31.63 -23.59
CA ASN L 291 88.13 30.26 -24.07
C ASN L 291 86.92 30.05 -24.97
N PRO L 292 86.91 28.97 -25.76
CA PRO L 292 85.72 28.68 -26.57
C PRO L 292 84.47 28.55 -25.71
N THR L 293 83.36 29.08 -26.19
CA THR L 293 82.15 29.17 -25.40
C THR L 293 80.92 29.10 -26.29
N TYR L 294 79.80 28.75 -25.67
CA TYR L 294 78.51 28.73 -26.34
C TYR L 294 77.81 30.07 -26.20
N LEU L 295 77.06 30.44 -27.24
CA LEU L 295 76.12 31.54 -27.18
C LEU L 295 74.82 31.05 -27.79
N ILE L 296 73.69 31.24 -27.09
CA ILE L 296 72.41 30.84 -27.63
C ILE L 296 71.40 31.95 -27.42
N THR L 297 70.56 32.17 -28.45
CA THR L 297 69.59 33.26 -28.49
C THR L 297 68.24 32.77 -28.98
N ARG L 298 67.17 33.40 -28.50
CA ARG L 298 65.82 32.91 -28.68
C ARG L 298 64.81 34.05 -28.54
N GLN L 299 63.83 34.09 -29.44
CA GLN L 299 62.78 35.10 -29.41
C GLN L 299 61.54 34.55 -28.70
N LEU L 300 60.71 35.45 -28.16
CA LEU L 300 59.57 35.05 -27.35
C LEU L 300 58.31 35.12 -28.18
N ALA L 301 58.41 34.72 -29.45
CA ALA L 301 57.29 34.69 -30.38
C ALA L 301 56.72 33.27 -30.44
N ASP L 302 55.77 33.07 -31.35
CA ASP L 302 55.19 31.74 -31.51
C ASP L 302 56.22 30.72 -31.97
N GLU L 303 57.30 31.18 -32.61
CA GLU L 303 58.42 30.34 -32.99
C GLU L 303 59.73 30.99 -32.51
N PRO L 304 60.74 30.20 -32.16
CA PRO L 304 61.88 30.77 -31.41
C PRO L 304 62.97 31.40 -32.26
N HIS L 305 63.19 30.93 -33.49
CA HIS L 305 64.45 31.16 -34.19
C HIS L 305 65.63 30.85 -33.29
N TYR L 306 65.60 29.69 -32.61
CA TYR L 306 66.67 29.36 -31.68
C TYR L 306 67.98 29.24 -32.44
N THR L 307 68.97 30.03 -32.04
CA THR L 307 70.27 30.03 -32.68
C THR L 307 71.33 29.64 -31.65
N HIS L 308 72.21 28.73 -32.05
CA HIS L 308 73.23 28.12 -31.21
C HIS L 308 74.58 28.23 -31.91
N GLU L 309 75.57 28.84 -31.24
CA GLU L 309 76.84 29.12 -31.89
C GLU L 309 78.01 28.91 -30.94
N LEU L 310 79.09 28.36 -31.50
CA LEU L 310 80.39 28.32 -30.85
C LEU L 310 81.15 29.59 -31.20
N ILE L 311 81.80 30.19 -30.20
CA ILE L 311 82.65 31.35 -30.43
C ILE L 311 83.93 31.17 -29.63
N SER L 312 85.08 31.36 -30.29
CA SER L 312 86.38 31.31 -29.65
C SER L 312 87.28 32.48 -30.03
N GLU L 313 86.81 33.39 -30.89
CA GLU L 313 87.55 34.56 -31.32
C GLU L 313 86.63 35.77 -31.20
N PRO L 314 87.16 36.96 -30.89
CA PRO L 314 86.29 38.15 -30.86
C PRO L 314 85.63 38.39 -32.21
N ALA L 315 84.38 38.82 -32.16
CA ALA L 315 83.60 39.12 -33.35
C ALA L 315 82.39 39.96 -32.94
N VAL L 316 81.54 40.26 -33.92
CA VAL L 316 80.37 41.11 -33.72
C VAL L 316 79.17 40.46 -34.38
N ARG L 317 78.04 40.43 -33.66
CA ARG L 317 76.78 39.94 -34.18
C ARG L 317 75.71 41.00 -33.95
N ASN L 318 74.89 41.23 -34.98
CA ASN L 318 73.77 42.17 -34.92
C ASN L 318 72.46 41.40 -34.97
N PHE L 319 71.56 41.73 -34.04
CA PHE L 319 70.28 41.03 -33.91
C PHE L 319 69.15 42.05 -33.94
N THR L 320 68.02 41.61 -34.49
CA THR L 320 66.79 42.41 -34.54
C THR L 320 65.84 41.88 -33.47
N VAL L 321 65.23 42.80 -32.72
CA VAL L 321 64.34 42.47 -31.61
C VAL L 321 63.01 43.15 -31.84
N THR L 322 61.92 42.39 -31.67
CA THR L 322 60.57 42.89 -31.85
C THR L 322 59.92 43.12 -30.49
N GLU L 323 58.68 43.60 -30.50
CA GLU L 323 57.96 43.91 -29.27
C GLU L 323 57.68 42.66 -28.44
N LYS L 324 57.66 41.48 -29.04
CA LYS L 324 57.26 40.27 -28.33
C LYS L 324 58.30 39.82 -27.31
N GLY L 325 59.53 40.31 -27.38
CA GLY L 325 60.54 40.02 -26.37
C GLY L 325 61.64 39.12 -26.90
N TRP L 326 62.85 39.31 -26.36
CA TRP L 326 64.03 38.60 -26.80
C TRP L 326 64.79 38.08 -25.59
N GLU L 327 65.54 36.99 -25.78
CA GLU L 327 66.26 36.34 -24.68
C GLU L 327 67.56 35.76 -25.20
N PHE L 328 68.54 35.69 -24.30
CA PHE L 328 69.79 35.01 -24.65
C PHE L 328 70.54 34.60 -23.38
N VAL L 329 71.38 33.56 -23.54
CA VAL L 329 72.41 33.25 -22.56
C VAL L 329 73.75 33.15 -23.27
N TRP L 330 74.77 33.76 -22.66
CA TRP L 330 76.14 33.83 -23.15
C TRP L 330 77.01 33.31 -22.01
N GLY L 331 77.42 32.05 -22.11
CA GLY L 331 78.17 31.42 -21.05
C GLY L 331 77.29 30.91 -19.93
N ASN L 332 77.79 30.97 -18.70
CA ASN L 332 77.07 30.48 -17.53
C ASN L 332 76.31 31.57 -16.79
N HIS L 333 76.28 32.78 -17.32
CA HIS L 333 75.55 33.87 -16.67
C HIS L 333 74.05 33.58 -16.68
N PRO L 334 73.29 34.07 -15.71
CA PRO L 334 71.85 33.88 -15.75
C PRO L 334 71.26 34.51 -17.00
N PRO L 335 70.15 33.98 -17.51
CA PRO L 335 69.62 34.47 -18.79
C PRO L 335 69.24 35.94 -18.74
N LYS L 336 69.37 36.60 -19.89
CA LYS L 336 69.03 38.01 -20.02
C LYS L 336 67.90 38.17 -21.04
N ARG L 337 66.87 38.91 -20.64
CA ARG L 337 65.70 39.19 -21.46
C ARG L 337 65.59 40.68 -21.70
N PHE L 338 65.22 41.04 -22.94
CA PHE L 338 65.02 42.43 -23.33
C PHE L 338 63.65 42.58 -23.99
N TRP L 339 63.07 43.77 -23.81
CA TRP L 339 61.74 44.09 -24.30
C TRP L 339 61.83 45.35 -25.15
N ALA L 340 61.48 45.23 -26.43
CA ALA L 340 61.55 46.36 -27.36
C ALA L 340 60.26 47.15 -27.33
N GLN L 341 60.38 48.47 -27.21
CA GLN L 341 59.26 49.39 -27.18
C GLN L 341 59.30 50.30 -28.41
N GLU L 342 58.29 51.14 -28.54
CA GLU L 342 58.18 52.07 -29.66
C GLU L 342 58.82 53.40 -29.29
N THR L 343 59.60 53.94 -30.24
CA THR L 343 60.27 55.22 -30.03
C THR L 343 60.47 55.93 -31.38
N THR M 2 127.61 41.61 -6.81
CA THR M 2 126.19 41.32 -6.97
C THR M 2 125.43 41.51 -5.65
N GLU M 3 126.16 41.55 -4.54
CA GLU M 3 125.51 41.77 -3.25
C GLU M 3 124.84 43.14 -3.19
N GLU M 4 125.36 44.12 -3.94
CA GLU M 4 124.74 45.44 -3.97
C GLU M 4 123.30 45.36 -4.45
N LEU M 5 123.03 44.50 -5.43
CA LEU M 5 121.70 44.32 -5.97
C LEU M 5 120.97 43.12 -5.37
N PHE M 6 121.62 42.35 -4.51
CA PHE M 6 120.98 41.24 -3.79
C PHE M 6 120.51 41.62 -2.39
N ASN M 7 121.08 42.68 -1.81
CA ASN M 7 120.65 43.11 -0.49
C ASN M 7 119.20 43.55 -0.48
N GLU M 8 118.69 44.04 -1.61
CA GLU M 8 117.30 44.47 -1.69
C GLU M 8 116.36 43.29 -1.48
N TYR M 9 116.70 42.12 -2.04
CA TYR M 9 115.86 40.94 -1.89
C TYR M 9 116.19 40.15 -0.64
N LYS M 10 117.37 40.36 -0.05
CA LYS M 10 117.69 39.69 1.20
C LYS M 10 116.71 40.07 2.30
N LEU M 11 116.36 41.35 2.39
CA LEU M 11 115.47 41.86 3.44
C LEU M 11 114.05 42.07 2.93
N THR M 12 113.33 41.01 2.55
CA THR M 12 111.87 41.14 2.56
C THR M 12 111.15 40.11 3.42
N ARG M 13 110.91 38.88 2.89
CA ARG M 13 110.47 37.69 3.62
C ARG M 13 110.10 36.60 2.62
N PRO M 14 109.95 35.33 3.06
CA PRO M 14 109.03 34.40 2.35
C PRO M 14 107.63 34.42 2.95
N TYR M 15 106.68 33.67 2.38
CA TYR M 15 105.30 33.66 2.88
C TYR M 15 104.53 32.50 2.25
N MET M 16 103.30 32.29 2.75
CA MET M 16 102.43 31.19 2.35
C MET M 16 101.38 31.69 1.35
N ALA M 17 100.73 30.75 0.67
CA ALA M 17 99.60 31.16 -0.18
C ALA M 17 98.79 29.94 -0.58
N ARG M 18 97.54 30.19 -0.96
CA ARG M 18 96.60 29.14 -1.34
C ARG M 18 96.79 28.74 -2.79
N CYS M 19 96.80 27.42 -3.03
CA CYS M 19 96.84 26.84 -4.36
C CYS M 19 95.51 26.12 -4.61
N ILE M 20 95.35 25.60 -5.82
CA ILE M 20 94.16 24.82 -6.17
C ILE M 20 94.43 23.32 -6.15
N ARG M 21 95.67 22.88 -6.37
CA ARG M 21 96.00 21.46 -6.45
C ARG M 21 97.42 21.27 -5.95
N CYS M 22 97.58 20.77 -4.73
CA CYS M 22 98.90 20.36 -4.22
C CYS M 22 99.00 18.84 -4.20
N ALA M 23 98.39 18.19 -5.18
CA ALA M 23 98.22 16.75 -5.32
C ALA M 23 97.09 16.22 -4.43
N VAL M 24 96.53 17.04 -3.53
CA VAL M 24 95.37 16.66 -2.75
C VAL M 24 94.40 17.83 -2.65
N GLY M 25 93.36 17.81 -3.47
CA GLY M 25 92.27 18.77 -3.43
C GLY M 25 92.74 20.22 -3.43
N SER M 26 91.90 21.08 -2.83
CA SER M 26 92.25 22.48 -2.60
C SER M 26 93.15 22.57 -1.37
N CYS M 27 94.08 23.52 -1.39
CA CYS M 27 95.27 23.38 -0.58
C CYS M 27 95.89 24.74 -0.28
N HIS M 28 96.69 24.77 0.78
CA HIS M 28 97.60 25.86 1.09
C HIS M 28 99.02 25.35 0.94
N SER M 29 99.94 26.22 0.49
CA SER M 29 101.22 25.74 0.02
C SER M 29 102.24 26.87 0.12
N PRO M 30 103.54 26.54 0.17
CA PRO M 30 104.59 27.57 0.07
C PRO M 30 104.93 28.01 -1.35
N ILE M 31 104.46 27.29 -2.36
CA ILE M 31 104.98 27.44 -3.73
C ILE M 31 103.89 27.93 -4.67
N ALA M 32 103.01 28.79 -4.17
CA ALA M 32 101.96 29.34 -5.01
C ALA M 32 102.55 30.28 -6.07
N ILE M 33 101.76 30.51 -7.11
CA ILE M 33 102.16 31.32 -8.26
C ILE M 33 101.17 32.47 -8.41
N GLU M 34 101.70 33.66 -8.68
CA GLU M 34 100.86 34.86 -8.80
C GLU M 34 100.46 35.14 -10.24
N ALA M 35 101.44 35.28 -11.15
CA ALA M 35 101.14 35.65 -12.52
C ALA M 35 102.22 35.12 -13.46
N VAL M 36 101.88 35.08 -14.74
CA VAL M 36 102.79 34.67 -15.80
C VAL M 36 102.67 35.65 -16.95
N LYS M 37 103.81 36.03 -17.53
CA LYS M 37 103.87 36.95 -18.66
C LYS M 37 104.52 36.22 -19.83
N SER M 38 103.86 36.24 -20.99
CA SER M 38 104.32 35.54 -22.19
C SER M 38 104.45 36.54 -23.32
N ASP M 39 105.66 37.10 -23.48
CA ASP M 39 105.98 37.97 -24.60
C ASP M 39 107.31 37.64 -25.27
N GLY M 40 108.13 36.78 -24.68
CA GLY M 40 109.39 36.41 -25.29
C GLY M 40 109.18 35.58 -26.55
N HIS M 41 110.25 35.47 -27.33
CA HIS M 41 110.22 34.81 -28.63
C HIS M 41 110.80 33.41 -28.60
N ASP M 42 112.01 33.24 -27.95
CA ASP M 42 112.65 31.93 -27.88
C ASP M 42 112.02 31.01 -26.84
N GLY M 43 110.92 31.41 -26.21
CA GLY M 43 110.23 30.54 -25.28
C GLY M 43 110.68 30.68 -23.85
N TYR M 44 110.90 31.93 -23.41
CA TYR M 44 111.32 32.23 -22.05
C TYR M 44 110.16 32.86 -21.29
N VAL M 45 109.88 32.33 -20.11
CA VAL M 45 108.80 32.82 -19.25
C VAL M 45 109.40 33.32 -17.95
N ARG M 46 108.76 34.36 -17.39
CA ARG M 46 109.18 34.98 -16.14
C ARG M 46 108.12 34.62 -15.09
N LEU M 47 108.37 33.54 -14.36
CA LEU M 47 107.43 33.08 -13.34
C LEU M 47 107.60 33.91 -12.07
N GLN M 48 106.49 34.36 -11.51
CA GLN M 48 106.48 35.07 -10.24
C GLN M 48 105.88 34.15 -9.19
N THR M 49 106.68 33.82 -8.17
CA THR M 49 106.34 32.81 -7.17
C THR M 49 106.32 33.44 -5.78
N SER M 50 105.96 32.63 -4.79
CA SER M 50 105.94 33.07 -3.41
C SER M 50 107.30 32.93 -2.76
N SER M 51 107.86 31.70 -2.75
CA SER M 51 109.16 31.47 -2.16
C SER M 51 110.24 32.21 -2.94
N GLN M 52 111.22 32.74 -2.21
CA GLN M 52 112.31 33.50 -2.80
C GLN M 52 113.54 32.62 -2.98
N TYR M 53 114.31 32.96 -4.02
CA TYR M 53 115.42 32.16 -4.52
C TYR M 53 116.73 32.93 -4.39
N GLY M 54 117.83 32.18 -4.49
CA GLY M 54 119.17 32.75 -4.51
C GLY M 54 119.75 33.11 -3.16
N LEU M 55 119.03 32.87 -2.06
CA LEU M 55 119.49 33.25 -0.73
C LEU M 55 119.82 32.00 0.09
N LYS M 62 123.07 32.14 -1.10
CA LYS M 62 123.96 31.11 -1.64
C LYS M 62 123.80 31.02 -3.16
N GLY M 63 124.49 30.05 -3.76
CA GLY M 63 124.50 29.90 -5.21
C GLY M 63 123.13 29.71 -5.83
N ARG M 64 122.51 28.56 -5.57
CA ARG M 64 121.24 28.18 -6.19
C ARG M 64 120.46 27.36 -5.15
N THR M 65 119.50 28.01 -4.48
CA THR M 65 118.77 27.36 -3.41
C THR M 65 117.31 27.82 -3.40
N MET M 66 116.55 27.19 -2.51
CA MET M 66 115.13 27.44 -2.30
C MET M 66 114.92 27.64 -0.80
N ARG M 67 114.64 28.87 -0.41
CA ARG M 67 114.27 29.18 0.96
C ARG M 67 112.76 29.37 1.01
N TYR M 68 112.10 28.55 1.83
CA TYR M 68 110.64 28.58 1.89
C TYR M 68 110.20 28.32 3.32
N ASP M 69 108.99 28.76 3.63
CA ASP M 69 108.45 28.61 4.97
C ASP M 69 107.64 27.33 5.11
N MET M 70 107.34 26.98 6.36
CA MET M 70 106.45 25.87 6.67
C MET M 70 105.80 26.19 8.02
N HIS M 71 104.53 26.59 7.97
CA HIS M 71 103.74 26.99 9.14
C HIS M 71 104.50 27.95 10.06
N GLY M 72 105.30 28.85 9.47
CA GLY M 72 106.00 29.89 10.19
C GLY M 72 107.51 29.73 10.21
N THR M 73 108.00 28.50 10.30
CA THR M 73 109.43 28.25 10.31
C THR M 73 110.01 28.50 8.92
N ILE M 74 111.35 28.50 8.84
CA ILE M 74 112.08 28.70 7.59
C ILE M 74 112.93 27.47 7.33
N LYS M 75 112.95 27.02 6.07
CA LYS M 75 113.74 25.87 5.66
C LYS M 75 114.35 26.14 4.30
N GLU M 76 115.38 25.37 3.97
CA GLU M 76 116.15 25.54 2.74
C GLU M 76 116.38 24.18 2.08
N ILE M 77 116.30 24.17 0.75
CA ILE M 77 116.58 22.96 -0.04
C ILE M 77 117.31 23.38 -1.31
N PRO M 78 118.26 22.58 -1.85
CA PRO M 78 118.91 22.99 -3.09
C PRO M 78 117.93 23.13 -4.25
N LEU M 79 118.24 24.06 -5.16
CA LEU M 79 117.32 24.41 -6.23
C LEU M 79 117.08 23.24 -7.16
N HIS M 80 118.13 22.48 -7.49
CA HIS M 80 118.03 21.45 -8.52
C HIS M 80 117.09 20.28 -8.13
N GLN M 81 116.42 20.28 -6.98
CA GLN M 81 115.41 19.28 -6.66
C GLN M 81 113.99 19.71 -7.04
N VAL M 82 113.82 20.94 -7.56
CA VAL M 82 112.51 21.43 -7.99
C VAL M 82 112.29 21.03 -9.43
N SER M 83 111.06 20.65 -9.77
CA SER M 83 110.71 20.24 -11.13
C SER M 83 109.38 20.86 -11.52
N LEU M 84 109.37 21.51 -12.69
CA LEU M 84 108.16 22.15 -13.21
C LEU M 84 107.92 21.72 -14.64
N TYR M 85 106.65 21.65 -15.02
CA TYR M 85 106.27 21.24 -16.37
C TYR M 85 104.96 21.91 -16.76
N THR M 86 104.87 22.25 -18.05
CA THR M 86 103.61 22.71 -18.64
C THR M 86 102.91 21.52 -19.31
N SER M 87 103.59 20.93 -20.28
CA SER M 87 103.17 19.67 -20.89
C SER M 87 104.31 18.68 -21.06
N ARG M 88 105.56 19.13 -21.11
CA ARG M 88 106.75 18.30 -21.16
C ARG M 88 107.73 18.85 -20.14
N PRO M 89 108.73 18.04 -19.73
CA PRO M 89 109.67 18.52 -18.70
C PRO M 89 110.39 19.79 -19.14
N CYS M 90 110.56 20.70 -18.18
CA CYS M 90 111.22 21.98 -18.39
C CYS M 90 112.57 21.99 -17.67
N HIS M 91 113.27 23.12 -17.76
CA HIS M 91 114.53 23.33 -17.05
C HIS M 91 114.52 24.71 -16.42
N ILE M 92 115.22 24.83 -15.31
CA ILE M 92 115.35 26.09 -14.57
C ILE M 92 116.77 26.60 -14.77
N VAL M 93 116.89 27.84 -15.27
CA VAL M 93 118.18 28.43 -15.58
C VAL M 93 118.71 29.15 -14.35
N ASP M 94 117.96 30.14 -13.87
CA ASP M 94 118.39 30.92 -12.72
C ASP M 94 117.17 31.54 -12.05
N GLY M 95 117.35 31.89 -10.79
CA GLY M 95 116.30 32.58 -10.04
C GLY M 95 116.92 33.57 -9.09
N HIS M 96 116.27 34.73 -8.96
CA HIS M 96 116.79 35.80 -8.10
C HIS M 96 115.60 36.57 -7.55
N GLY M 97 115.35 36.44 -6.25
CA GLY M 97 114.21 37.08 -5.64
C GLY M 97 112.96 36.26 -5.75
N TYR M 98 111.83 36.91 -6.05
CA TYR M 98 110.54 36.26 -6.19
C TYR M 98 110.31 35.72 -7.59
N PHE M 99 111.32 35.77 -8.47
CA PHE M 99 111.12 35.57 -9.90
C PHE M 99 112.05 34.48 -10.42
N LEU M 100 111.56 33.75 -11.43
CA LEU M 100 112.30 32.66 -12.08
C LEU M 100 112.30 32.89 -13.57
N LEU M 101 113.47 32.75 -14.18
CA LEU M 101 113.61 32.72 -15.64
C LEU M 101 113.57 31.26 -16.08
N ALA M 102 112.45 30.84 -16.68
CA ALA M 102 112.22 29.45 -17.02
C ALA M 102 112.07 29.28 -18.53
N ARG M 103 112.45 28.09 -18.99
CA ARG M 103 112.36 27.71 -20.40
C ARG M 103 111.38 26.54 -20.51
N CYS M 104 110.32 26.72 -21.30
CA CYS M 104 109.31 25.69 -21.46
C CYS M 104 108.76 25.76 -22.89
N PRO M 105 108.33 24.61 -23.46
CA PRO M 105 107.54 24.69 -24.69
C PRO M 105 106.14 25.23 -24.43
N ALA M 106 105.30 25.26 -25.47
CA ALA M 106 103.94 25.76 -25.32
C ALA M 106 103.12 24.83 -24.43
N GLY M 107 102.23 25.43 -23.64
CA GLY M 107 101.38 24.66 -22.76
C GLY M 107 100.23 25.51 -22.26
N ASP M 108 99.27 24.84 -21.64
CA ASP M 108 98.05 25.49 -21.15
C ASP M 108 98.16 25.87 -19.67
N SER M 109 98.69 24.99 -18.83
CA SER M 109 98.81 25.22 -17.40
C SER M 109 100.21 24.85 -16.95
N ILE M 110 100.64 25.45 -15.84
CA ILE M 110 101.98 25.24 -15.29
C ILE M 110 101.83 24.54 -13.94
N THR M 111 102.50 23.40 -13.79
CA THR M 111 102.50 22.66 -12.53
C THR M 111 103.94 22.49 -12.09
N MET M 112 104.25 22.94 -10.88
CA MET M 112 105.61 22.83 -10.34
C MET M 112 105.57 22.21 -8.96
N GLU M 113 106.58 21.40 -8.66
CA GLU M 113 106.56 20.54 -7.48
C GLU M 113 107.98 20.25 -7.01
N PHE M 114 108.07 19.65 -5.83
CA PHE M 114 109.34 19.24 -5.24
C PHE M 114 109.07 18.19 -4.17
N LYS M 115 110.17 17.57 -3.72
CA LYS M 115 110.14 16.48 -2.73
C LYS M 115 111.28 16.73 -1.73
N LYS M 116 110.96 17.40 -0.63
CA LYS M 116 111.91 17.52 0.47
C LYS M 116 111.89 16.26 1.33
N ASP M 117 110.73 15.95 1.89
CA ASP M 117 110.47 14.73 2.63
C ASP M 117 109.55 13.83 1.81
N SER M 118 109.05 12.76 2.42
CA SER M 118 108.27 11.78 1.68
C SER M 118 106.80 12.19 1.53
N VAL M 119 106.58 13.43 1.09
CA VAL M 119 105.27 13.90 0.63
C VAL M 119 105.51 14.96 -0.44
N ARG M 120 104.90 14.78 -1.60
CA ARG M 120 105.09 15.72 -2.70
C ARG M 120 104.45 17.06 -2.39
N HIS M 121 105.18 18.15 -2.64
CA HIS M 121 104.64 19.50 -2.51
C HIS M 121 104.54 20.11 -3.89
N SER M 122 103.33 20.43 -4.33
CA SER M 122 103.07 20.84 -5.70
C SER M 122 102.07 21.99 -5.73
N CYS M 123 102.03 22.66 -6.89
CA CYS M 123 100.97 23.62 -7.20
C CYS M 123 100.81 23.71 -8.70
N SER M 124 99.56 23.79 -9.14
CA SER M 124 99.19 23.93 -10.55
C SER M 124 98.38 25.20 -10.73
N VAL M 125 98.68 25.94 -11.80
CA VAL M 125 97.96 27.17 -12.14
C VAL M 125 97.63 27.17 -13.62
N PRO M 126 96.36 27.42 -14.03
CA PRO M 126 96.03 27.45 -15.47
C PRO M 126 96.21 28.81 -16.12
N TYR M 127 97.46 29.17 -16.39
CA TYR M 127 97.81 30.36 -17.15
C TYR M 127 98.53 29.95 -18.43
N GLU M 128 98.19 30.64 -19.51
CA GLU M 128 98.61 30.22 -20.84
C GLU M 128 100.09 30.55 -21.04
N VAL M 129 100.76 29.71 -21.83
CA VAL M 129 102.17 29.90 -22.17
C VAL M 129 102.30 29.67 -23.67
N LYS M 130 102.48 30.74 -24.43
CA LYS M 130 102.53 30.67 -25.88
C LYS M 130 103.98 30.79 -26.35
N PHE M 131 104.35 29.94 -27.31
CA PHE M 131 105.64 30.01 -27.97
C PHE M 131 105.49 30.83 -29.25
N ASN M 132 106.02 32.06 -29.22
CA ASN M 132 105.87 32.98 -30.34
C ASN M 132 107.12 32.92 -31.22
N PRO M 133 107.03 32.49 -32.48
CA PRO M 133 108.23 32.48 -33.33
C PRO M 133 108.50 33.85 -33.93
N VAL M 134 109.68 33.97 -34.53
CA VAL M 134 110.14 35.21 -35.15
C VAL M 134 110.14 35.05 -36.65
N GLY M 135 109.93 36.15 -37.36
CA GLY M 135 109.98 36.15 -38.80
C GLY M 135 108.67 35.69 -39.43
N ARG M 136 108.76 35.43 -40.73
CA ARG M 136 107.63 34.96 -41.53
C ARG M 136 107.62 33.44 -41.65
N GLU M 137 108.15 32.75 -40.64
CA GLU M 137 108.21 31.30 -40.62
C GLU M 137 107.73 30.80 -39.26
N LEU M 138 107.11 29.62 -39.28
CA LEU M 138 106.52 29.01 -38.10
C LEU M 138 107.20 27.68 -37.81
N TYR M 139 107.52 27.46 -36.54
CA TYR M 139 108.19 26.23 -36.11
C TYR M 139 107.75 25.94 -34.67
N THR M 140 108.34 24.90 -34.07
CA THR M 140 108.01 24.52 -32.70
C THR M 140 109.23 24.36 -31.81
N HIS M 141 110.44 24.24 -32.35
CA HIS M 141 111.63 24.16 -31.51
C HIS M 141 112.85 24.48 -32.38
N PRO M 142 113.64 25.49 -32.04
CA PRO M 142 114.53 26.14 -33.05
C PRO M 142 115.56 25.19 -33.63
N PRO M 143 115.91 25.33 -34.91
CA PRO M 143 116.79 24.36 -35.57
C PRO M 143 118.25 24.50 -35.13
N GLU M 144 119.07 23.58 -35.63
CA GLU M 144 120.51 23.59 -35.38
C GLU M 144 121.22 24.75 -36.07
N HIS M 145 120.67 25.25 -37.17
CA HIS M 145 121.31 26.32 -37.93
C HIS M 145 120.26 27.23 -38.52
N GLY M 146 120.69 28.43 -38.88
CA GLY M 146 119.80 29.43 -39.43
C GLY M 146 120.54 30.72 -39.68
N VAL M 147 119.80 31.82 -39.71
CA VAL M 147 120.38 33.15 -39.85
C VAL M 147 119.98 34.00 -38.67
N GLU M 148 120.80 35.02 -38.38
CA GLU M 148 120.54 35.91 -37.26
C GLU M 148 119.48 36.93 -37.65
N GLN M 149 118.62 37.26 -36.69
CA GLN M 149 117.60 38.28 -36.89
C GLN M 149 117.32 38.97 -35.56
N ALA M 150 116.80 40.19 -35.66
CA ALA M 150 116.47 40.96 -34.46
C ALA M 150 115.30 40.31 -33.72
N CYS M 151 115.38 40.31 -32.39
CA CYS M 151 114.35 39.72 -31.55
C CYS M 151 114.45 40.32 -30.17
N GLN M 152 113.48 39.96 -29.31
CA GLN M 152 113.45 40.40 -27.92
C GLN M 152 113.27 39.18 -27.03
N VAL M 153 114.14 39.05 -26.02
CA VAL M 153 114.10 37.95 -25.07
C VAL M 153 114.39 38.49 -23.68
N TYR M 154 114.12 37.66 -22.67
CA TYR M 154 114.39 38.02 -21.29
C TYR M 154 115.88 37.84 -21.01
N ALA M 155 116.55 38.93 -20.63
CA ALA M 155 117.98 38.86 -20.36
C ALA M 155 118.26 37.97 -19.15
N HIS M 156 119.37 37.23 -19.21
CA HIS M 156 119.72 36.31 -18.14
C HIS M 156 120.24 37.04 -16.89
N ASP M 157 120.68 38.28 -17.04
CA ASP M 157 121.36 39.00 -15.96
C ASP M 157 120.35 39.82 -15.19
N ALA M 158 120.73 40.22 -13.97
CA ALA M 158 119.90 41.03 -13.09
C ALA M 158 120.59 42.37 -12.89
N GLN M 159 119.88 43.45 -13.22
CA GLN M 159 120.41 44.80 -13.06
C GLN M 159 119.27 45.76 -12.77
N ASN M 160 119.60 46.87 -12.10
CA ASN M 160 118.62 47.91 -11.84
C ASN M 160 118.14 48.52 -13.14
N ARG M 161 116.83 48.67 -13.29
CA ARG M 161 116.21 49.21 -14.49
C ARG M 161 115.06 50.12 -14.07
N GLY M 162 114.29 50.58 -15.05
CA GLY M 162 113.16 51.44 -14.76
C GLY M 162 111.98 50.72 -14.13
N ALA M 163 112.03 49.39 -14.10
CA ALA M 163 110.99 48.60 -13.48
C ALA M 163 111.09 48.66 -11.96
N TYR M 164 109.93 48.70 -11.30
CA TYR M 164 109.88 48.75 -9.85
C TYR M 164 108.60 48.08 -9.36
N VAL M 165 108.65 47.59 -8.12
CA VAL M 165 107.52 46.94 -7.48
C VAL M 165 107.55 47.25 -6.00
N GLU M 166 106.36 47.40 -5.40
CA GLU M 166 106.20 47.88 -4.05
C GLU M 166 105.97 46.73 -3.08
N MET M 167 106.37 46.91 -1.82
CA MET M 167 106.09 45.95 -0.78
C MET M 167 105.05 46.53 0.18
N HIS M 168 104.75 45.79 1.24
CA HIS M 168 103.86 46.24 2.30
C HIS M 168 104.19 45.44 3.55
N LEU M 169 103.86 46.01 4.70
CA LEU M 169 104.14 45.33 5.95
C LEU M 169 103.31 44.06 6.05
N PRO M 170 103.81 43.01 6.70
CA PRO M 170 103.05 41.76 6.78
C PRO M 170 101.79 41.94 7.62
N GLY M 171 100.80 41.09 7.33
CA GLY M 171 99.54 41.09 8.04
C GLY M 171 99.61 40.29 9.33
N SER M 172 98.45 40.17 9.97
CA SER M 172 98.31 39.41 11.21
C SER M 172 97.98 37.97 10.85
N GLU M 173 98.97 37.10 10.96
CA GLU M 173 98.80 35.69 10.60
C GLU M 173 98.20 34.92 11.76
N VAL M 174 97.13 34.18 11.49
CA VAL M 174 96.49 33.37 12.53
C VAL M 174 97.29 32.10 12.76
N ASP M 175 97.25 31.62 14.00
CA ASP M 175 97.93 30.37 14.36
C ASP M 175 97.16 29.72 15.50
N SER M 176 96.48 28.61 15.20
CA SER M 176 95.76 27.86 16.22
C SER M 176 96.68 26.99 17.07
N SER M 177 97.92 26.75 16.62
CA SER M 177 98.83 25.93 17.40
C SER M 177 99.28 26.63 18.68
N LEU M 178 99.40 27.96 18.63
CA LEU M 178 99.84 28.69 19.82
C LEU M 178 98.83 28.54 20.95
N VAL M 179 97.53 28.62 20.63
CA VAL M 179 96.51 28.40 21.64
C VAL M 179 96.52 26.94 22.05
N SER M 180 96.60 26.69 23.37
CA SER M 180 96.68 25.33 23.90
C SER M 180 95.77 25.22 25.12
N LEU M 181 95.46 23.99 25.47
CA LEU M 181 94.56 23.68 26.58
C LEU M 181 95.38 23.29 27.80
N SER M 182 95.19 24.02 28.90
CA SER M 182 95.80 23.67 30.17
C SER M 182 94.90 22.66 30.88
N GLY M 183 95.11 22.48 32.18
CA GLY M 183 94.21 21.67 33.00
C GLY M 183 92.76 22.02 32.73
N SER M 184 92.38 23.27 33.01
CA SER M 184 91.15 23.84 32.47
C SER M 184 91.41 25.35 32.29
N SER M 185 91.85 25.72 31.10
CA SER M 185 92.16 27.10 30.76
C SER M 185 92.77 27.12 29.36
N VAL M 186 92.87 28.33 28.81
CA VAL M 186 93.48 28.56 27.50
C VAL M 186 94.81 29.26 27.72
N THR M 187 95.88 28.67 27.17
CA THR M 187 97.23 29.20 27.31
C THR M 187 97.75 29.63 25.95
N VAL M 188 98.38 30.79 25.90
CA VAL M 188 98.99 31.33 24.70
C VAL M 188 100.50 31.36 24.95
N THR M 189 101.24 30.63 24.11
CA THR M 189 102.69 30.51 24.22
C THR M 189 103.31 30.92 22.88
N PRO M 190 103.71 32.18 22.70
CA PRO M 190 104.25 32.58 21.40
C PRO M 190 105.62 31.96 21.16
N PRO M 191 106.07 31.89 19.91
CA PRO M 191 107.37 31.27 19.63
C PRO M 191 108.51 32.10 20.21
N ASP M 192 109.72 31.55 20.08
CA ASP M 192 110.90 32.18 20.68
C ASP M 192 111.14 33.56 20.07
N GLY M 193 111.19 34.57 20.93
CA GLY M 193 111.51 35.92 20.49
C GLY M 193 110.51 36.51 19.51
N THR M 194 109.21 36.31 19.77
CA THR M 194 108.17 36.83 18.91
C THR M 194 107.02 37.35 19.76
N SER M 195 106.33 38.37 19.24
CA SER M 195 105.19 38.97 19.91
C SER M 195 103.88 38.55 19.23
N ALA M 196 102.81 38.62 20.01
CA ALA M 196 101.50 38.18 19.56
C ALA M 196 100.43 39.08 20.15
N LEU M 197 99.24 39.03 19.55
CA LEU M 197 98.06 39.71 20.07
C LEU M 197 96.88 38.76 20.06
N VAL M 198 96.11 38.78 21.14
CA VAL M 198 95.05 37.82 21.40
C VAL M 198 93.73 38.57 21.49
N GLU M 199 92.74 38.11 20.72
CA GLU M 199 91.40 38.68 20.70
C GLU M 199 90.42 37.60 21.13
N CYS M 200 89.63 37.88 22.17
CA CYS M 200 88.77 36.88 22.79
C CYS M 200 87.44 37.47 23.20
N GLU M 201 86.42 36.59 23.22
CA GLU M 201 85.02 37.02 23.26
C GLU M 201 84.11 36.15 24.13
N CYS M 202 84.64 35.15 24.85
CA CYS M 202 83.76 34.23 25.57
C CYS M 202 82.94 34.96 26.64
N GLY M 203 83.54 35.97 27.26
CA GLY M 203 82.84 36.84 28.17
C GLY M 203 82.43 38.13 27.48
N GLY M 204 83.16 39.20 27.74
CA GLY M 204 82.98 40.45 27.02
C GLY M 204 83.83 40.49 25.77
N THR M 205 84.67 41.52 25.65
CA THR M 205 85.65 41.62 24.58
C THR M 205 87.01 41.93 25.19
N LYS M 206 88.00 41.10 24.87
CA LYS M 206 89.35 41.22 25.41
C LYS M 206 90.33 41.27 24.26
N ILE M 207 91.01 42.41 24.10
CA ILE M 207 92.05 42.59 23.09
C ILE M 207 93.33 42.88 23.85
N SER M 208 94.24 41.90 23.87
CA SER M 208 95.48 42.00 24.65
C SER M 208 96.66 41.74 23.74
N GLU M 209 97.84 42.16 24.21
CA GLU M 209 99.09 41.96 23.49
C GLU M 209 100.13 41.38 24.43
N THR M 210 100.88 40.39 23.95
CA THR M 210 101.92 39.72 24.70
C THR M 210 103.22 39.76 23.90
N ILE M 211 104.33 39.86 24.62
CA ILE M 211 105.67 39.92 24.02
C ILE M 211 106.50 38.83 24.68
N ASN M 212 106.49 37.63 24.09
CA ASN M 212 107.27 36.50 24.58
C ASN M 212 106.94 36.17 26.04
N LYS M 213 105.65 36.28 26.38
CA LYS M 213 105.16 35.95 27.72
C LYS M 213 104.07 34.91 27.58
N THR M 214 104.30 33.73 28.15
CA THR M 214 103.29 32.67 28.16
C THR M 214 102.16 33.09 29.09
N LYS M 215 100.97 33.31 28.53
CA LYS M 215 99.85 33.89 29.26
C LYS M 215 98.69 32.91 29.33
N GLN M 216 98.16 32.72 30.52
CA GLN M 216 97.02 31.83 30.78
C GLN M 216 95.79 32.66 31.06
N PHE M 217 94.64 32.19 30.57
CA PHE M 217 93.35 32.84 30.79
C PHE M 217 92.51 31.97 31.72
N SER M 218 92.04 32.57 32.81
CA SER M 218 91.22 31.83 33.77
C SER M 218 89.90 31.38 33.15
N GLN M 219 89.29 32.25 32.34
CA GLN M 219 88.01 31.99 31.73
C GLN M 219 88.21 31.42 30.33
N CYS M 220 87.13 31.29 29.57
CA CYS M 220 87.17 30.88 28.17
C CYS M 220 87.76 29.46 28.04
N THR M 221 87.05 28.52 28.65
CA THR M 221 87.57 27.16 28.86
C THR M 221 87.28 26.25 27.66
N LYS M 222 87.76 26.66 26.49
CA LYS M 222 87.74 25.84 25.29
C LYS M 222 88.52 26.58 24.21
N LYS M 223 89.08 25.84 23.26
CA LYS M 223 90.02 26.42 22.30
C LYS M 223 89.33 27.36 21.32
N GLU M 224 88.22 26.92 20.73
CA GLU M 224 87.66 27.57 19.56
C GLU M 224 87.01 28.92 19.83
N GLN M 225 86.90 29.35 21.09
CA GLN M 225 86.26 30.65 21.34
C GLN M 225 87.01 31.78 20.66
N CYS M 226 88.34 31.76 20.68
CA CYS M 226 89.08 32.99 20.42
C CYS M 226 90.48 32.72 19.88
N ARG M 227 91.09 33.80 19.40
CA ARG M 227 92.22 33.71 18.47
C ARG M 227 93.44 34.42 19.01
N ALA M 228 94.62 33.91 18.63
CA ALA M 228 95.90 34.53 18.91
C ALA M 228 96.68 34.60 17.61
N TYR M 229 97.20 35.78 17.29
CA TYR M 229 97.94 36.01 16.04
C TYR M 229 99.43 36.08 16.33
N ARG M 230 100.20 36.43 15.30
CA ARG M 230 101.64 36.60 15.38
C ARG M 230 102.00 37.94 14.77
N LEU M 231 103.10 38.53 15.26
CA LEU M 231 103.55 39.83 14.80
C LEU M 231 104.88 39.70 14.07
N GLN M 232 105.02 40.47 12.99
CA GLN M 232 106.25 40.59 12.24
C GLN M 232 106.50 42.06 11.94
N ASN M 233 107.73 42.52 12.21
CA ASN M 233 108.06 43.94 12.15
C ASN M 233 109.23 44.24 11.24
N ASP M 234 110.25 43.39 11.19
CA ASP M 234 111.47 43.64 10.44
C ASP M 234 111.49 42.96 9.08
N LYS M 235 110.34 42.47 8.60
CA LYS M 235 110.24 41.77 7.33
C LYS M 235 109.07 42.34 6.53
N TRP M 236 108.98 41.91 5.27
CA TRP M 236 108.10 42.53 4.28
C TRP M 236 107.41 41.44 3.47
N VAL M 237 106.27 41.80 2.89
CA VAL M 237 105.51 40.90 2.03
C VAL M 237 105.11 41.63 0.75
N TYR M 238 104.90 40.85 -0.30
CA TYR M 238 104.37 41.37 -1.55
C TYR M 238 102.89 41.70 -1.38
N ASN M 239 102.44 42.72 -2.11
CA ASN M 239 101.05 43.16 -2.04
C ASN M 239 100.17 42.16 -2.81
N SER M 240 100.07 40.96 -2.25
CA SER M 240 99.29 39.87 -2.83
C SER M 240 97.94 39.78 -2.14
N ASP M 241 97.00 39.14 -2.84
CA ASP M 241 95.64 38.97 -2.33
C ASP M 241 95.51 37.83 -1.34
N LYS M 242 96.50 36.94 -1.26
CA LYS M 242 96.41 35.76 -0.41
C LYS M 242 96.83 36.03 1.03
N LEU M 243 97.08 37.30 1.39
CA LEU M 243 97.37 37.69 2.76
C LEU M 243 96.49 38.87 3.12
N PRO M 244 95.95 38.96 4.34
CA PRO M 244 95.23 40.17 4.72
C PRO M 244 96.20 41.32 5.00
N LYS M 245 95.69 42.54 4.85
CA LYS M 245 96.50 43.74 5.04
C LYS M 245 96.46 44.17 6.50
N ALA M 246 97.62 44.60 7.01
CA ALA M 246 97.69 45.12 8.36
C ALA M 246 97.15 46.55 8.41
N ALA M 247 96.94 47.04 9.64
CA ALA M 247 96.51 48.42 9.82
C ALA M 247 97.60 49.37 9.34
N GLY M 248 97.19 50.43 8.66
CA GLY M 248 98.12 51.38 8.07
C GLY M 248 98.31 51.14 6.60
N ALA M 249 98.12 52.19 5.80
CA ALA M 249 98.17 52.10 4.33
C ALA M 249 99.45 52.70 3.76
N THR M 250 100.57 52.51 4.44
CA THR M 250 101.86 53.04 4.00
C THR M 250 102.66 51.92 3.34
N LEU M 251 103.05 52.13 2.09
CA LEU M 251 103.79 51.10 1.36
C LEU M 251 105.21 50.97 1.89
N LYS M 252 105.83 52.08 2.30
CA LYS M 252 107.11 52.15 3.01
C LYS M 252 108.32 51.74 2.15
N GLY M 253 108.14 51.35 0.91
CA GLY M 253 109.28 51.08 0.04
C GLY M 253 108.88 50.37 -1.22
N LYS M 254 109.82 50.35 -2.17
CA LYS M 254 109.69 49.60 -3.41
C LYS M 254 111.09 49.21 -3.89
N LEU M 255 111.17 48.11 -4.64
CA LEU M 255 112.44 47.63 -5.18
C LEU M 255 112.29 47.43 -6.69
N HIS M 256 113.42 47.11 -7.34
CA HIS M 256 113.45 46.91 -8.79
C HIS M 256 113.32 45.44 -9.12
N VAL M 257 112.72 45.15 -10.27
CA VAL M 257 112.40 43.79 -10.70
C VAL M 257 113.45 43.36 -11.73
N PRO M 258 114.32 42.38 -11.43
CA PRO M 258 115.22 41.87 -12.46
C PRO M 258 114.50 41.13 -13.58
N PHE M 259 115.27 40.62 -14.55
CA PHE M 259 114.76 39.78 -15.63
C PHE M 259 113.69 40.52 -16.44
N LEU M 260 114.15 41.59 -17.09
CA LEU M 260 113.33 42.36 -18.01
C LEU M 260 113.62 41.95 -19.45
N LEU M 261 112.82 42.47 -20.37
CA LEU M 261 112.99 42.17 -21.79
C LEU M 261 114.03 43.10 -22.40
N ALA M 262 114.85 42.55 -23.30
CA ALA M 262 115.88 43.32 -23.98
C ALA M 262 116.02 42.81 -25.39
N ASP M 263 116.48 43.68 -26.28
CA ASP M 263 116.71 43.30 -27.66
C ASP M 263 117.83 42.28 -27.76
N GLY M 264 117.70 41.34 -28.70
CA GLY M 264 118.69 40.31 -28.88
C GLY M 264 118.71 39.74 -30.29
N LYS M 265 119.62 38.81 -30.53
CA LYS M 265 119.77 38.16 -31.83
C LYS M 265 119.28 36.72 -31.72
N CYS M 266 118.39 36.33 -32.63
CA CYS M 266 117.78 35.00 -32.63
C CYS M 266 118.02 34.31 -33.96
N THR M 267 118.22 33.00 -33.90
CA THR M 267 118.34 32.20 -35.11
C THR M 267 116.98 31.91 -35.69
N VAL M 268 116.84 32.07 -37.00
CA VAL M 268 115.60 31.81 -37.72
C VAL M 268 115.91 30.84 -38.86
N PRO M 269 115.05 29.86 -39.16
CA PRO M 269 115.38 28.88 -40.19
C PRO M 269 115.39 29.47 -41.59
N LEU M 270 115.88 28.66 -42.52
CA LEU M 270 115.91 28.97 -43.95
C LEU M 270 115.12 27.91 -44.70
N ALA M 271 114.17 28.36 -45.53
CA ALA M 271 113.40 27.46 -46.36
C ALA M 271 114.21 27.04 -47.58
N PRO M 272 113.91 25.89 -48.19
CA PRO M 272 114.66 25.48 -49.38
C PRO M 272 114.44 26.43 -50.54
N GLU M 273 115.44 26.53 -51.40
CA GLU M 273 115.37 27.43 -52.54
C GLU M 273 114.27 26.96 -53.50
N PRO M 274 113.34 27.82 -53.88
CA PRO M 274 112.27 27.38 -54.78
C PRO M 274 112.75 27.14 -56.20
N MET M 275 111.98 26.34 -56.93
CA MET M 275 112.31 25.96 -58.30
C MET M 275 111.45 26.78 -59.26
N ILE M 276 112.10 27.35 -60.28
CA ILE M 276 111.48 28.33 -61.17
C ILE M 276 111.43 27.79 -62.58
N THR M 277 110.31 28.03 -63.26
CA THR M 277 110.09 27.63 -64.65
C THR M 277 109.54 28.83 -65.41
N PHE M 278 110.08 29.06 -66.61
CA PHE M 278 109.78 30.26 -67.39
C PHE M 278 108.79 29.94 -68.50
N GLY M 279 108.08 30.98 -68.94
CA GLY M 279 107.12 30.85 -70.02
C GLY M 279 106.74 32.21 -70.56
N PHE M 280 105.68 32.23 -71.37
CA PHE M 280 105.19 33.47 -71.98
C PHE M 280 104.30 34.19 -70.97
N ARG M 281 104.77 35.35 -70.50
CA ARG M 281 104.00 36.25 -69.63
C ARG M 281 103.56 35.58 -68.32
N SER M 282 104.17 34.46 -67.95
CA SER M 282 103.78 33.75 -66.73
C SER M 282 104.97 32.98 -66.19
N VAL M 283 104.90 32.64 -64.90
CA VAL M 283 105.88 31.82 -64.22
C VAL M 283 105.12 30.80 -63.38
N SER M 284 105.76 29.66 -63.11
CA SER M 284 105.20 28.63 -62.24
C SER M 284 106.22 28.29 -61.17
N LEU M 285 105.80 28.39 -59.90
CA LEU M 285 106.64 28.14 -58.75
C LEU M 285 106.29 26.81 -58.10
N LYS M 286 107.32 26.02 -57.84
CA LYS M 286 107.21 24.76 -57.11
C LYS M 286 107.67 24.99 -55.67
N LEU M 287 107.05 24.25 -54.74
CA LEU M 287 107.31 24.45 -53.32
C LEU M 287 107.43 23.11 -52.62
N HIS M 288 108.43 22.98 -51.76
CA HIS M 288 108.69 21.76 -51.00
C HIS M 288 108.96 22.13 -49.55
N PRO M 289 107.92 22.31 -48.72
CA PRO M 289 108.14 22.82 -47.36
C PRO M 289 108.56 21.76 -46.36
N LYS M 290 109.45 22.16 -45.45
CA LYS M 290 109.77 21.34 -44.28
C LYS M 290 108.74 21.54 -43.19
N ASN M 291 108.45 22.79 -42.87
CA ASN M 291 107.44 23.21 -41.91
C ASN M 291 106.57 24.24 -42.61
N PRO M 292 105.46 24.65 -42.00
CA PRO M 292 104.61 25.67 -42.63
C PRO M 292 105.39 26.95 -42.94
N THR M 293 105.13 27.52 -44.13
CA THR M 293 105.82 28.67 -44.64
C THR M 293 104.81 29.70 -45.08
N TYR M 294 105.25 30.95 -45.17
CA TYR M 294 104.47 32.05 -45.71
C TYR M 294 105.09 32.51 -47.02
N LEU M 295 104.25 32.79 -48.01
CA LEU M 295 104.66 33.42 -49.26
C LEU M 295 103.88 34.71 -49.41
N ILE M 296 104.54 35.77 -49.88
CA ILE M 296 103.86 37.01 -50.19
C ILE M 296 104.34 37.49 -51.56
N THR M 297 103.42 38.00 -52.36
CA THR M 297 103.71 38.37 -53.73
C THR M 297 102.99 39.67 -54.08
N ARG M 298 103.66 40.49 -54.89
CA ARG M 298 103.16 41.81 -55.24
C ARG M 298 103.63 42.19 -56.64
N GLN M 299 103.05 43.26 -57.17
CA GLN M 299 103.45 43.85 -58.43
C GLN M 299 103.82 45.30 -58.18
N LEU M 300 104.77 45.80 -58.98
CA LEU M 300 105.28 47.16 -58.82
C LEU M 300 104.38 48.20 -59.52
N ALA M 301 103.28 47.76 -60.13
CA ALA M 301 102.38 48.64 -60.84
C ALA M 301 101.57 49.49 -59.84
N ASP M 302 100.57 50.21 -60.35
CA ASP M 302 99.78 51.10 -59.51
C ASP M 302 99.04 50.32 -58.42
N GLU M 303 98.40 49.21 -58.80
CA GLU M 303 97.63 48.40 -57.87
C GLU M 303 98.47 47.20 -57.45
N PRO M 304 98.91 47.08 -56.19
CA PRO M 304 99.81 45.97 -55.85
C PRO M 304 99.22 44.59 -56.09
N HIS M 305 97.90 44.42 -55.87
CA HIS M 305 97.28 43.10 -55.90
C HIS M 305 98.04 42.13 -55.00
N TYR M 306 98.41 42.60 -53.81
CA TYR M 306 99.21 41.80 -52.90
C TYR M 306 98.47 40.53 -52.52
N THR M 307 99.18 39.41 -52.55
CA THR M 307 98.61 38.12 -52.15
C THR M 307 99.56 37.44 -51.17
N HIS M 308 99.01 37.02 -50.03
CA HIS M 308 99.73 36.27 -49.01
C HIS M 308 99.10 34.90 -48.88
N GLU M 309 99.92 33.89 -48.59
CA GLU M 309 99.39 32.54 -48.42
C GLU M 309 100.31 31.69 -47.56
N LEU M 310 99.71 30.83 -46.74
CA LEU M 310 100.43 29.87 -45.93
C LEU M 310 100.37 28.51 -46.60
N ILE M 311 101.52 27.84 -46.68
CA ILE M 311 101.61 26.52 -47.30
C ILE M 311 102.46 25.61 -46.40
N SER M 312 101.95 24.40 -46.17
CA SER M 312 102.66 23.39 -45.39
C SER M 312 102.81 22.05 -46.12
N GLU M 313 102.39 21.98 -47.38
CA GLU M 313 102.45 20.76 -48.18
C GLU M 313 102.97 21.09 -49.57
N PRO M 314 103.55 20.10 -50.27
CA PRO M 314 104.01 20.37 -51.64
C PRO M 314 102.84 20.76 -52.54
N ALA M 315 103.10 21.69 -53.44
CA ALA M 315 102.06 22.20 -54.34
C ALA M 315 102.75 22.98 -55.46
N VAL M 316 101.94 23.52 -56.36
CA VAL M 316 102.41 24.30 -57.51
C VAL M 316 101.53 25.53 -57.63
N ARG M 317 102.13 26.67 -57.97
CA ARG M 317 101.38 27.90 -58.12
C ARG M 317 101.87 28.68 -59.33
N ASN M 318 100.95 28.99 -60.24
CA ASN M 318 101.27 29.72 -61.47
C ASN M 318 100.77 31.16 -61.36
N PHE M 319 101.65 32.10 -61.70
CA PHE M 319 101.34 33.52 -61.67
C PHE M 319 101.61 34.15 -63.03
N THR M 320 100.94 35.27 -63.26
CA THR M 320 101.07 36.04 -64.49
C THR M 320 101.90 37.29 -64.20
N VAL M 321 102.68 37.72 -65.19
CA VAL M 321 103.60 38.85 -65.04
C VAL M 321 103.25 39.91 -66.07
N THR M 322 103.12 41.15 -65.61
CA THR M 322 102.91 42.31 -66.47
C THR M 322 104.26 42.91 -66.83
N GLU M 323 104.25 44.03 -67.56
CA GLU M 323 105.48 44.71 -67.96
C GLU M 323 106.02 45.63 -66.88
N LYS M 324 105.30 45.81 -65.78
CA LYS M 324 105.67 46.77 -64.74
C LYS M 324 106.47 46.15 -63.60
N GLY M 325 106.71 44.84 -63.63
CA GLY M 325 107.59 44.20 -62.66
C GLY M 325 106.88 43.45 -61.55
N TRP M 326 107.39 42.26 -61.24
CA TRP M 326 106.78 41.35 -60.27
C TRP M 326 107.76 41.12 -59.13
N GLU M 327 107.25 40.83 -57.94
CA GLU M 327 108.10 40.64 -56.77
C GLU M 327 107.48 39.61 -55.85
N PHE M 328 108.33 38.86 -55.15
CA PHE M 328 107.84 37.94 -54.12
C PHE M 328 108.88 37.78 -53.03
N VAL M 329 108.39 37.58 -51.81
CA VAL M 329 109.21 37.22 -50.65
C VAL M 329 108.75 35.84 -50.19
N TRP M 330 109.71 34.93 -50.04
CA TRP M 330 109.48 33.52 -49.73
C TRP M 330 110.12 33.24 -48.38
N GLY M 331 109.32 33.28 -47.32
CA GLY M 331 109.82 33.03 -45.99
C GLY M 331 110.69 34.15 -45.46
N ASN M 332 111.99 33.88 -45.29
CA ASN M 332 112.93 34.88 -44.79
C ASN M 332 114.08 35.15 -45.75
N HIS M 333 114.04 34.62 -46.97
CA HIS M 333 115.06 34.95 -47.95
C HIS M 333 114.89 36.40 -48.41
N PRO M 334 115.91 36.99 -49.01
CA PRO M 334 115.75 38.35 -49.52
C PRO M 334 114.68 38.40 -50.57
N PRO M 335 113.97 39.54 -50.71
CA PRO M 335 112.95 39.64 -51.76
C PRO M 335 113.56 39.43 -53.14
N LYS M 336 112.79 38.78 -54.01
CA LYS M 336 113.24 38.47 -55.37
C LYS M 336 112.28 39.08 -56.38
N ARG M 337 112.85 39.74 -57.38
CA ARG M 337 112.12 40.54 -58.35
C ARG M 337 112.34 39.98 -59.75
N PHE M 338 111.29 40.04 -60.57
CA PHE M 338 111.31 39.56 -61.94
C PHE M 338 110.80 40.65 -62.87
N TRP M 339 111.38 40.69 -64.07
CA TRP M 339 111.01 41.61 -65.13
C TRP M 339 110.62 40.83 -66.37
N ALA M 340 109.69 41.38 -67.14
CA ALA M 340 109.19 40.75 -68.34
C ALA M 340 109.29 41.72 -69.51
N GLN M 341 109.46 41.16 -70.72
CA GLN M 341 109.58 41.94 -71.93
C GLN M 341 108.69 41.36 -73.03
N GLU M 342 108.79 41.90 -74.24
CA GLU M 342 107.92 41.51 -75.35
C GLU M 342 108.54 40.35 -76.11
N THR M 343 107.71 39.34 -76.40
CA THR M 343 108.14 38.19 -77.20
C THR M 343 107.00 37.73 -78.11
N TYR N 1 125.27 79.76 -68.64
CA TYR N 1 124.26 79.16 -69.56
C TYR N 1 123.23 78.34 -68.77
N GLU N 2 121.96 78.67 -68.95
CA GLU N 2 120.87 78.00 -68.26
C GLU N 2 120.35 76.86 -69.11
N HIS N 3 120.37 75.65 -68.57
CA HIS N 3 119.94 74.44 -69.25
C HIS N 3 118.87 73.75 -68.42
N ALA N 4 117.82 73.29 -69.08
CA ALA N 4 116.72 72.58 -68.43
C ALA N 4 116.57 71.20 -69.05
N THR N 5 116.46 70.19 -68.20
CA THR N 5 116.26 68.82 -68.64
C THR N 5 115.36 68.11 -67.64
N THR N 6 115.12 66.82 -67.88
CA THR N 6 114.19 66.06 -67.05
C THR N 6 114.61 64.59 -67.06
N MET N 7 114.82 64.03 -65.88
CA MET N 7 115.35 62.68 -65.69
C MET N 7 114.29 61.79 -65.04
N PRO N 8 113.96 60.63 -65.61
CA PRO N 8 112.90 59.80 -64.99
C PRO N 8 113.31 59.33 -63.60
N SER N 9 112.43 59.57 -62.63
CA SER N 9 112.78 59.37 -61.23
C SER N 9 112.87 57.88 -60.90
N GLN N 10 114.09 57.36 -60.85
CA GLN N 10 114.33 55.97 -60.50
C GLN N 10 115.78 55.83 -60.06
N ALA N 11 116.16 54.64 -59.66
CA ALA N 11 117.53 54.33 -59.24
C ALA N 11 118.07 53.14 -60.03
N GLY N 12 119.39 53.18 -60.29
CA GLY N 12 120.08 52.09 -60.92
C GLY N 12 120.35 52.25 -62.41
N ILE N 13 119.87 53.33 -63.04
CA ILE N 13 120.08 53.60 -64.45
C ILE N 13 120.67 55.00 -64.59
N SER N 14 121.71 55.13 -65.40
CA SER N 14 122.35 56.41 -65.60
C SER N 14 121.48 57.33 -66.44
N TYR N 15 121.80 58.63 -66.39
CA TYR N 15 121.13 59.63 -67.23
C TYR N 15 122.19 60.58 -67.76
N ASN N 16 122.37 60.60 -69.07
CA ASN N 16 123.42 61.35 -69.74
C ASN N 16 122.80 62.40 -70.64
N THR N 17 123.29 63.63 -70.53
CA THR N 17 122.88 64.74 -71.40
C THR N 17 124.13 65.44 -71.89
N ILE N 18 123.94 66.42 -72.78
CA ILE N 18 125.04 67.23 -73.28
C ILE N 18 124.59 68.68 -73.35
N VAL N 19 125.57 69.58 -73.25
CA VAL N 19 125.39 71.01 -73.50
C VAL N 19 126.22 71.36 -74.73
N ASN N 20 125.58 71.90 -75.76
CA ASN N 20 126.21 72.19 -77.04
C ASN N 20 125.97 73.66 -77.38
N ARG N 21 126.86 74.52 -76.90
CA ARG N 21 126.86 75.90 -77.35
C ARG N 21 127.40 75.98 -78.77
N ALA N 22 126.98 77.02 -79.49
CA ALA N 22 127.22 77.11 -80.93
C ALA N 22 128.71 77.07 -81.27
N GLY N 23 129.49 77.97 -80.69
CA GLY N 23 130.90 78.11 -81.00
C GLY N 23 131.84 77.48 -80.00
N TYR N 24 131.35 76.66 -79.09
CA TYR N 24 132.16 76.05 -78.05
C TYR N 24 131.96 74.54 -78.05
N ALA N 25 132.90 73.83 -77.43
CA ALA N 25 132.93 72.38 -77.53
C ALA N 25 131.75 71.77 -76.77
N PRO N 26 131.30 70.57 -77.15
CA PRO N 26 130.25 69.90 -76.37
C PRO N 26 130.74 69.56 -74.97
N LEU N 27 129.81 69.59 -74.02
CA LEU N 27 130.09 69.24 -72.63
C LEU N 27 129.12 68.15 -72.20
N PRO N 28 129.55 66.89 -72.05
CA PRO N 28 128.63 65.85 -71.56
C PRO N 28 128.51 65.88 -70.04
N ILE N 29 127.26 65.85 -69.57
CA ILE N 29 126.93 65.76 -68.16
C ILE N 29 126.39 64.36 -67.92
N SER N 30 126.89 63.69 -66.87
CA SER N 30 126.39 62.38 -66.48
C SER N 30 125.88 62.45 -65.04
N ILE N 31 124.73 61.85 -64.78
CA ILE N 31 124.15 61.83 -63.44
C ILE N 31 123.62 60.44 -63.13
N THR N 32 123.80 60.01 -61.88
CA THR N 32 123.19 58.78 -61.39
C THR N 32 122.58 59.05 -60.02
N PRO N 33 121.27 58.85 -59.83
CA PRO N 33 120.70 58.98 -58.48
C PRO N 33 120.99 57.74 -57.65
N THR N 34 121.70 57.92 -56.54
CA THR N 34 122.12 56.79 -55.71
C THR N 34 121.07 56.44 -54.67
N LYS N 35 120.47 57.44 -54.02
CA LYS N 35 119.49 57.21 -52.96
C LYS N 35 118.43 58.31 -53.02
N ILE N 36 117.20 57.93 -53.36
CA ILE N 36 116.06 58.82 -53.36
C ILE N 36 115.17 58.41 -52.19
N LYS N 37 114.99 59.32 -51.23
CA LYS N 37 114.14 59.05 -50.06
C LYS N 37 112.98 60.03 -50.02
N LEU N 38 111.99 59.71 -49.18
CA LEU N 38 110.77 60.51 -49.06
C LEU N 38 110.43 60.59 -47.58
N ILE N 39 110.88 61.66 -46.93
CA ILE N 39 110.67 61.86 -45.49
C ILE N 39 109.40 62.68 -45.31
N PRO N 40 108.42 62.21 -44.54
CA PRO N 40 107.28 63.05 -44.20
C PRO N 40 107.47 63.75 -42.86
N THR N 41 106.58 64.69 -42.57
CA THR N 41 106.51 65.29 -41.25
C THR N 41 105.86 64.30 -40.29
N VAL N 42 106.32 64.34 -39.03
CA VAL N 42 105.85 63.41 -38.00
C VAL N 42 105.53 64.22 -36.75
N ASN N 43 104.34 63.96 -36.19
CA ASN N 43 103.89 64.62 -34.96
C ASN N 43 103.33 63.52 -34.05
N LEU N 44 104.09 63.17 -33.01
CA LEU N 44 103.65 62.13 -32.08
C LEU N 44 102.40 62.59 -31.33
N GLU N 45 101.51 61.62 -31.08
CA GLU N 45 100.30 61.84 -30.30
C GLU N 45 100.26 61.05 -29.00
N TYR N 46 100.54 59.76 -29.05
CA TYR N 46 100.50 58.93 -27.83
C TYR N 46 101.23 57.62 -28.09
N VAL N 47 101.45 56.88 -27.00
CA VAL N 47 102.10 55.57 -27.04
C VAL N 47 101.32 54.64 -26.12
N THR N 48 101.45 53.34 -26.38
CA THR N 48 100.75 52.33 -25.61
C THR N 48 101.67 51.13 -25.37
N CYS N 49 101.28 50.30 -24.42
CA CYS N 49 102.03 49.10 -24.08
C CYS N 49 101.07 48.09 -23.45
N HIS N 50 101.57 46.88 -23.24
CA HIS N 50 100.81 45.85 -22.55
C HIS N 50 100.43 46.33 -21.15
N TYR N 51 99.14 46.27 -20.83
CA TYR N 51 98.66 46.74 -19.54
C TYR N 51 98.92 45.67 -18.47
N LYS N 52 98.78 46.09 -17.21
CA LYS N 52 99.09 45.23 -16.07
C LYS N 52 98.09 45.57 -14.97
N THR N 53 97.22 44.61 -14.65
CA THR N 53 96.21 44.84 -13.61
C THR N 53 96.92 45.07 -12.27
N GLY N 54 96.80 46.29 -11.75
CA GLY N 54 97.36 46.63 -10.45
C GLY N 54 96.34 46.37 -9.37
N MET N 55 96.68 45.48 -8.44
CA MET N 55 95.70 44.86 -7.55
C MET N 55 96.11 45.10 -6.11
N ASP N 56 95.20 45.66 -5.34
CA ASP N 56 95.46 46.05 -3.96
C ASP N 56 95.06 44.92 -3.00
N SER N 57 95.61 44.99 -1.79
CA SER N 57 95.30 43.99 -0.79
C SER N 57 93.82 44.09 -0.38
N PRO N 58 93.20 42.96 -0.02
CA PRO N 58 91.78 43.00 0.36
C PRO N 58 91.62 43.52 1.78
N ALA N 59 90.88 44.62 1.94
CA ALA N 59 90.71 45.22 3.26
C ALA N 59 89.58 44.51 3.99
N ILE N 60 89.93 43.63 4.92
CA ILE N 60 88.97 42.77 5.61
C ILE N 60 88.69 43.38 6.98
N LYS N 61 87.42 43.66 7.26
CA LYS N 61 86.95 44.06 8.58
C LYS N 61 86.06 42.95 9.12
N CYS N 62 86.43 42.42 10.28
CA CYS N 62 85.76 41.27 10.87
C CYS N 62 84.52 41.74 11.64
N CYS N 63 83.34 41.56 11.01
CA CYS N 63 82.04 41.88 11.62
C CYS N 63 81.97 43.32 12.12
N GLY N 64 82.32 44.23 11.22
CA GLY N 64 81.97 45.62 11.41
C GLY N 64 81.31 46.18 10.17
N SER N 65 81.84 47.27 9.63
CA SER N 65 81.30 47.82 8.39
C SER N 65 82.35 48.76 7.80
N GLN N 66 82.63 48.59 6.51
CA GLN N 66 83.64 49.36 5.80
C GLN N 66 82.97 50.31 4.81
N GLU N 67 83.79 51.15 4.17
CA GLU N 67 83.33 52.12 3.20
C GLU N 67 84.31 52.18 2.04
N CYS N 68 83.84 52.69 0.91
CA CYS N 68 84.64 52.80 -0.30
C CYS N 68 85.28 54.19 -0.37
N THR N 69 86.56 54.22 -0.75
CA THR N 69 87.34 55.46 -0.83
C THR N 69 87.86 55.64 -2.26
N PRO N 70 87.37 56.63 -3.02
CA PRO N 70 87.90 56.80 -4.38
C PRO N 70 89.34 57.29 -4.38
N THR N 71 90.06 56.95 -5.45
CA THR N 71 91.43 57.39 -5.64
C THR N 71 91.68 58.00 -7.01
N TYR N 72 90.72 57.94 -7.93
CA TYR N 72 90.87 58.48 -9.28
C TYR N 72 92.02 57.83 -10.05
N ARG N 73 92.38 56.59 -9.71
CA ARG N 73 93.37 55.89 -10.50
C ARG N 73 92.74 55.50 -11.85
N PRO N 74 93.55 55.26 -12.87
CA PRO N 74 93.00 54.99 -14.20
C PRO N 74 92.08 53.76 -14.22
N ASP N 75 90.81 54.00 -14.56
CA ASP N 75 89.80 52.94 -14.60
C ASP N 75 89.74 52.18 -13.28
N GLU N 76 89.84 52.90 -12.17
CA GLU N 76 89.78 52.29 -10.86
C GLU N 76 88.40 51.70 -10.60
N GLN N 77 88.37 50.58 -9.88
CA GLN N 77 87.11 49.95 -9.49
C GLN N 77 87.23 49.46 -8.05
N CYS N 78 86.11 49.53 -7.34
CA CYS N 78 86.07 49.13 -5.93
C CYS N 78 84.68 48.63 -5.60
N LYS N 79 84.60 47.76 -4.61
CA LYS N 79 83.32 47.26 -4.13
C LYS N 79 83.48 46.73 -2.72
N VAL N 80 82.34 46.59 -2.04
CA VAL N 80 82.27 46.11 -0.66
C VAL N 80 81.30 44.94 -0.61
N PHE N 81 81.73 43.84 0.01
CA PHE N 81 80.97 42.59 0.09
C PHE N 81 80.82 42.17 1.53
N THR N 82 79.75 41.43 1.80
CA THR N 82 79.43 40.94 3.14
C THR N 82 79.05 39.47 3.06
N GLY N 83 79.28 38.74 4.15
CA GLY N 83 78.91 37.35 4.26
C GLY N 83 80.01 36.35 3.95
N VAL N 84 81.24 36.80 3.73
CA VAL N 84 82.37 35.92 3.46
C VAL N 84 83.02 35.54 4.79
N TYR N 85 83.57 34.33 4.85
CA TYR N 85 84.13 33.76 6.07
C TYR N 85 85.57 33.36 5.80
N PRO N 86 86.51 34.32 5.88
CA PRO N 86 87.89 34.04 5.45
C PRO N 86 88.59 33.02 6.34
N PHE N 87 89.63 32.41 5.76
CA PHE N 87 90.45 31.41 6.42
C PHE N 87 91.93 31.73 6.22
N MET N 88 92.76 31.11 7.06
CA MET N 88 94.20 31.17 6.95
C MET N 88 94.76 29.80 7.29
N TRP N 89 96.06 29.61 7.04
CA TRP N 89 96.71 28.33 7.34
C TRP N 89 96.60 27.96 8.81
N GLY N 90 96.45 28.94 9.71
CA GLY N 90 96.31 28.70 11.12
C GLY N 90 94.88 28.62 11.62
N GLY N 91 93.90 28.53 10.72
CA GLY N 91 92.50 28.43 11.12
C GLY N 91 91.61 29.46 10.45
N ALA N 92 91.02 30.34 11.24
CA ALA N 92 90.06 31.32 10.76
C ALA N 92 90.54 32.73 11.08
N TYR N 93 90.33 33.64 10.12
CA TYR N 93 90.71 35.04 10.29
C TYR N 93 89.68 35.83 11.08
N CYS N 94 88.40 35.56 10.85
CA CYS N 94 87.31 36.18 11.59
C CYS N 94 86.40 35.10 12.14
N PHE N 95 85.73 35.43 13.24
CA PHE N 95 84.93 34.46 14.00
C PHE N 95 83.44 34.71 13.91
N CYS N 96 83.02 35.98 13.84
CA CYS N 96 81.60 36.30 13.77
C CYS N 96 80.95 35.59 12.59
N ASP N 97 79.80 34.98 12.83
CA ASP N 97 79.18 34.14 11.81
C ASP N 97 78.64 34.95 10.61
N THR N 98 78.33 36.23 10.78
CA THR N 98 77.75 37.03 9.70
C THR N 98 78.35 38.43 9.73
N GLU N 99 77.79 39.31 8.88
CA GLU N 99 78.15 40.74 8.81
C GLU N 99 79.66 40.98 8.68
N ASN N 100 80.40 39.99 8.18
CA ASN N 100 81.84 40.14 7.98
C ASN N 100 82.10 40.82 6.65
N THR N 101 82.77 41.98 6.68
CA THR N 101 82.83 42.86 5.52
C THR N 101 84.22 42.85 4.91
N GLN N 102 84.27 42.97 3.59
CA GLN N 102 85.52 43.04 2.84
C GLN N 102 85.40 44.10 1.77
N VAL N 103 86.48 44.85 1.57
CA VAL N 103 86.57 45.84 0.49
C VAL N 103 87.61 45.32 -0.50
N SER N 104 87.19 45.23 -1.76
CA SER N 104 88.03 44.78 -2.86
C SER N 104 88.22 45.94 -3.82
N LYS N 105 89.47 46.13 -4.27
CA LYS N 105 89.83 47.25 -5.13
C LYS N 105 90.75 46.75 -6.24
N ALA N 106 90.72 47.45 -7.37
CA ALA N 106 91.59 47.11 -8.48
C ALA N 106 91.73 48.32 -9.40
N TYR N 107 92.79 48.29 -10.22
CA TYR N 107 93.03 49.33 -11.20
C TYR N 107 93.94 48.72 -12.27
N VAL N 108 94.36 49.54 -13.23
CA VAL N 108 95.23 49.10 -14.31
C VAL N 108 96.40 50.08 -14.42
N MET N 109 97.62 49.55 -14.37
CA MET N 109 98.84 50.30 -14.60
C MET N 109 99.45 49.86 -15.93
N LYS N 110 100.49 50.56 -16.33
CA LYS N 110 101.28 50.16 -17.49
C LYS N 110 102.35 49.17 -17.06
N SER N 111 102.56 48.14 -17.87
CA SER N 111 103.54 47.10 -17.54
C SER N 111 104.94 47.68 -17.46
N ASP N 112 105.89 46.90 -16.95
CA ASP N 112 107.25 47.35 -16.76
C ASP N 112 108.14 47.10 -17.97
N ASP N 113 107.57 46.60 -19.07
CA ASP N 113 108.29 46.39 -20.32
C ASP N 113 108.03 47.51 -21.32
N CYS N 114 107.62 48.69 -20.85
CA CYS N 114 107.25 49.77 -21.76
C CYS N 114 108.44 50.25 -22.58
N LEU N 115 109.61 50.37 -21.95
CA LEU N 115 110.76 50.98 -22.61
C LEU N 115 111.23 50.18 -23.82
N ALA N 116 110.93 48.88 -23.88
CA ALA N 116 111.38 48.02 -24.96
C ALA N 116 110.24 47.39 -25.76
N ASP N 117 108.98 47.54 -25.33
CA ASP N 117 107.83 46.98 -26.03
C ASP N 117 106.72 48.01 -26.00
N HIS N 118 106.57 48.76 -27.09
CA HIS N 118 105.57 49.81 -27.17
C HIS N 118 105.22 50.07 -28.62
N ALA N 119 104.02 50.63 -28.83
CA ALA N 119 103.51 50.97 -30.16
C ALA N 119 103.14 52.44 -30.17
N GLU N 120 103.60 53.16 -31.20
CA GLU N 120 103.42 54.60 -31.30
C GLU N 120 102.51 54.94 -32.48
N ALA N 121 101.97 56.16 -32.44
CA ALA N 121 101.04 56.64 -33.46
C ALA N 121 101.52 57.99 -33.99
N TYR N 122 101.30 58.22 -35.28
CA TYR N 122 101.84 59.39 -35.96
C TYR N 122 100.88 59.85 -37.06
N LYS N 123 101.03 61.11 -37.44
CA LYS N 123 100.39 61.68 -38.61
C LYS N 123 101.45 62.14 -39.59
N ALA N 124 101.08 62.21 -40.88
CA ALA N 124 102.03 62.56 -41.93
C ALA N 124 101.35 63.44 -42.97
N HIS N 125 102.07 64.47 -43.41
CA HIS N 125 101.61 65.34 -44.49
C HIS N 125 102.77 66.24 -44.89
N THR N 126 102.70 66.76 -46.12
CA THR N 126 103.70 67.67 -46.67
C THR N 126 105.09 67.04 -46.65
N ALA N 127 105.25 65.98 -47.43
CA ALA N 127 106.53 65.28 -47.51
C ALA N 127 107.57 66.17 -48.18
N SER N 128 108.85 65.86 -47.90
CA SER N 128 109.98 66.62 -48.45
C SER N 128 110.98 65.63 -49.02
N VAL N 129 110.79 65.27 -50.29
CA VAL N 129 111.65 64.29 -50.95
C VAL N 129 113.08 64.82 -51.00
N GLN N 130 114.05 63.91 -50.82
CA GLN N 130 115.46 64.25 -50.87
C GLN N 130 116.19 63.22 -51.72
N ALA N 131 117.30 63.65 -52.32
CA ALA N 131 118.05 62.85 -53.28
C ALA N 131 119.54 62.97 -53.04
N PHE N 132 120.25 61.87 -53.32
CA PHE N 132 121.70 61.85 -53.40
C PHE N 132 122.07 61.59 -54.85
N LEU N 133 122.88 62.47 -55.43
CA LEU N 133 123.22 62.43 -56.84
C LEU N 133 124.73 62.28 -57.00
N ASN N 134 125.16 61.28 -57.77
CA ASN N 134 126.55 61.21 -58.22
C ASN N 134 126.61 61.89 -59.58
N ILE N 135 127.31 63.02 -59.64
CA ILE N 135 127.26 63.93 -60.79
C ILE N 135 128.68 64.04 -61.34
N THR N 136 128.83 63.78 -62.64
CA THR N 136 130.06 63.99 -63.37
C THR N 136 129.82 65.15 -64.35
N VAL N 137 130.45 66.28 -64.06
CA VAL N 137 130.31 67.50 -64.86
C VAL N 137 131.55 67.58 -65.73
N GLY N 138 131.47 66.95 -66.91
CA GLY N 138 132.57 67.00 -67.85
C GLY N 138 133.89 66.50 -67.26
N GLU N 139 133.90 65.27 -66.76
CA GLU N 139 135.05 64.57 -66.17
C GLU N 139 135.29 65.01 -64.72
N HIS N 140 134.46 65.90 -64.17
CA HIS N 140 134.57 66.33 -62.77
C HIS N 140 133.45 65.66 -61.99
N SER N 141 133.80 64.69 -61.15
CA SER N 141 132.85 63.83 -60.47
C SER N 141 132.78 64.15 -58.99
N ILE N 142 131.57 64.06 -58.43
CA ILE N 142 131.37 64.22 -56.99
C ILE N 142 130.00 63.70 -56.61
N VAL N 143 129.85 63.28 -55.35
CA VAL N 143 128.56 62.92 -54.77
C VAL N 143 128.02 64.15 -54.05
N THR N 144 126.71 64.39 -54.19
CA THR N 144 126.08 65.59 -53.64
C THR N 144 124.74 65.22 -53.02
N THR N 145 124.37 65.95 -51.97
CA THR N 145 123.07 65.85 -51.34
C THR N 145 122.30 67.15 -51.62
N VAL N 146 121.12 67.02 -52.23
CA VAL N 146 120.34 68.15 -52.68
C VAL N 146 118.86 67.92 -52.37
N TYR N 147 118.16 69.02 -52.11
CA TYR N 147 116.72 69.00 -51.91
C TYR N 147 116.03 69.27 -53.24
N VAL N 148 114.89 68.59 -53.45
CA VAL N 148 114.23 68.62 -54.76
C VAL N 148 113.22 69.75 -54.90
N ASN N 149 113.08 70.62 -53.89
CA ASN N 149 112.20 71.77 -54.03
C ASN N 149 112.76 72.73 -55.07
N GLY N 150 111.90 73.65 -55.53
CA GLY N 150 112.31 74.61 -56.53
C GLY N 150 113.39 75.57 -56.10
N GLU N 151 113.71 75.61 -54.80
CA GLU N 151 114.73 76.48 -54.23
C GLU N 151 115.83 75.61 -53.62
N THR N 152 116.75 76.26 -52.90
CA THR N 152 117.85 75.59 -52.22
C THR N 152 118.74 74.83 -53.22
N PRO N 153 119.48 75.55 -54.06
CA PRO N 153 120.38 74.88 -54.99
C PRO N 153 121.66 74.39 -54.34
N VAL N 154 122.55 73.77 -55.11
CA VAL N 154 123.85 73.31 -54.65
C VAL N 154 124.91 73.85 -55.60
N ASN N 155 125.98 74.41 -55.04
CA ASN N 155 127.05 75.02 -55.81
C ASN N 155 128.33 74.20 -55.69
N PHE N 156 129.01 74.01 -56.81
CA PHE N 156 130.27 73.27 -56.83
C PHE N 156 131.06 73.69 -58.06
N ASN N 157 132.24 74.27 -57.85
CA ASN N 157 133.05 74.89 -58.90
C ASN N 157 132.28 75.97 -59.65
N GLY N 158 131.31 76.60 -58.98
CA GLY N 158 130.44 77.56 -59.61
C GLY N 158 129.27 76.94 -60.34
N VAL N 159 129.21 75.62 -60.45
CA VAL N 159 128.11 74.96 -61.15
C VAL N 159 126.90 74.90 -60.24
N LYS N 160 125.83 75.57 -60.63
CA LYS N 160 124.62 75.66 -59.83
C LYS N 160 123.61 74.64 -60.36
N ILE N 161 123.24 73.69 -59.51
CA ILE N 161 122.36 72.58 -59.87
C ILE N 161 121.11 72.67 -59.01
N THR N 162 119.94 72.68 -59.65
CA THR N 162 118.66 72.77 -58.96
C THR N 162 117.79 71.62 -59.43
N ALA N 163 117.11 70.98 -58.49
CA ALA N 163 116.12 69.94 -58.78
C ALA N 163 114.73 70.54 -58.54
N GLY N 164 113.91 70.58 -59.59
CA GLY N 164 112.63 71.22 -59.52
C GLY N 164 111.60 70.37 -58.81
N PRO N 165 110.39 70.92 -58.65
CA PRO N 165 109.35 70.21 -57.90
C PRO N 165 108.93 68.92 -58.58
N LEU N 166 108.48 67.97 -57.75
CA LEU N 166 108.02 66.69 -58.27
C LEU N 166 106.80 66.89 -59.17
N SER N 167 106.78 66.14 -60.28
CA SER N 167 105.64 66.21 -61.19
C SER N 167 104.36 65.74 -60.50
N THR N 168 104.46 64.69 -59.69
CA THR N 168 103.34 64.11 -58.95
C THR N 168 103.55 64.30 -57.46
N ALA N 169 102.48 64.63 -56.75
CA ALA N 169 102.52 64.78 -55.30
C ALA N 169 102.15 63.50 -54.57
N TRP N 170 102.37 62.34 -55.19
CA TRP N 170 101.97 61.07 -54.60
C TRP N 170 102.75 60.80 -53.32
N THR N 171 102.04 60.30 -52.30
CA THR N 171 102.63 59.93 -51.02
C THR N 171 102.09 58.56 -50.59
N PRO N 172 102.91 57.51 -50.53
CA PRO N 172 102.35 56.19 -50.17
C PRO N 172 101.72 56.15 -48.79
N PHE N 173 102.22 56.93 -47.84
CA PHE N 173 101.69 56.91 -46.49
C PHE N 173 100.31 57.58 -46.45
N ASP N 174 99.44 57.04 -45.60
CA ASP N 174 98.09 57.55 -45.43
C ASP N 174 98.10 58.61 -44.32
N ARG N 175 96.89 59.05 -43.90
CA ARG N 175 96.80 60.11 -42.90
C ARG N 175 97.38 59.69 -41.56
N LYS N 176 97.21 58.43 -41.18
CA LYS N 176 97.61 57.93 -39.87
C LYS N 176 98.57 56.77 -40.02
N ILE N 177 99.51 56.66 -39.07
CA ILE N 177 100.56 55.64 -39.10
C ILE N 177 100.70 55.07 -37.69
N VAL N 178 100.94 53.76 -37.61
CA VAL N 178 101.24 53.08 -36.36
C VAL N 178 102.61 52.42 -36.51
N GLN N 179 103.52 52.75 -35.60
CA GLN N 179 104.87 52.19 -35.58
C GLN N 179 104.99 51.15 -34.48
N TYR N 180 105.59 50.01 -34.82
CA TYR N 180 105.81 48.94 -33.86
C TYR N 180 106.80 47.94 -34.43
N ALA N 181 107.72 47.46 -33.58
CA ALA N 181 108.63 46.36 -33.88
C ALA N 181 109.43 46.62 -35.15
N GLY N 182 109.99 47.82 -35.22
CA GLY N 182 110.86 48.16 -36.34
C GLY N 182 110.17 48.14 -37.69
N GLU N 183 108.85 48.28 -37.71
CA GLU N 183 108.06 48.25 -38.94
C GLU N 183 107.02 49.35 -38.89
N ILE N 184 106.28 49.50 -39.99
CA ILE N 184 105.21 50.48 -40.12
C ILE N 184 103.95 49.75 -40.54
N TYR N 185 102.82 50.15 -39.98
CA TYR N 185 101.53 49.54 -40.26
C TYR N 185 100.51 50.62 -40.55
N ASN N 186 99.74 50.44 -41.63
CA ASN N 186 98.71 51.40 -42.03
C ASN N 186 97.40 50.99 -41.36
N TYR N 187 97.11 51.62 -40.23
CA TYR N 187 95.97 51.28 -39.40
C TYR N 187 95.23 52.55 -38.98
N ASP N 188 93.93 52.38 -38.71
CA ASP N 188 93.06 53.45 -38.25
C ASP N 188 92.78 53.22 -36.77
N PHE N 189 93.24 54.15 -35.93
CA PHE N 189 93.12 54.06 -34.48
C PHE N 189 92.21 55.16 -33.95
N PRO N 190 91.58 54.95 -32.78
CA PRO N 190 90.73 55.99 -32.21
C PRO N 190 91.54 57.15 -31.65
N GLU N 191 90.87 58.30 -31.56
CA GLU N 191 91.52 59.52 -31.11
C GLU N 191 91.77 59.44 -29.59
N TYR N 192 92.48 60.44 -29.08
CA TYR N 192 92.85 60.51 -27.66
C TYR N 192 91.59 60.78 -26.85
N GLY N 193 91.05 59.71 -26.27
CA GLY N 193 89.86 59.81 -25.43
C GLY N 193 88.79 58.79 -25.77
N ALA N 194 88.88 58.18 -26.96
CA ALA N 194 87.88 57.22 -27.43
C ALA N 194 88.34 55.77 -27.26
N GLY N 195 89.05 55.48 -26.17
CA GLY N 195 89.49 54.11 -25.94
C GLY N 195 88.31 53.15 -25.81
N GLN N 196 88.45 51.98 -26.43
CA GLN N 196 87.41 50.95 -26.42
C GLN N 196 88.06 49.59 -26.17
N PRO N 197 87.67 48.86 -25.12
CA PRO N 197 88.29 47.54 -24.90
C PRO N 197 87.96 46.58 -26.04
N GLY N 198 88.89 45.67 -26.30
CA GLY N 198 88.79 44.74 -27.41
C GLY N 198 89.41 45.23 -28.70
N ALA N 199 89.87 46.48 -28.74
CA ALA N 199 90.53 47.03 -29.91
C ALA N 199 91.72 47.87 -29.44
N PHE N 200 92.49 48.35 -30.41
CA PHE N 200 93.66 49.17 -30.10
C PHE N 200 93.23 50.44 -29.39
N GLY N 201 93.89 50.72 -28.26
CA GLY N 201 93.59 51.90 -27.47
C GLY N 201 92.96 51.63 -26.11
N ASP N 202 93.03 50.40 -25.60
CA ASP N 202 92.51 50.12 -24.26
C ASP N 202 93.25 50.93 -23.21
N ILE N 203 94.58 51.01 -23.32
CA ILE N 203 95.44 51.76 -22.42
C ILE N 203 96.19 52.78 -23.26
N GLN N 204 96.24 54.03 -22.78
CA GLN N 204 96.77 55.14 -23.56
C GLN N 204 97.61 56.04 -22.67
N SER N 205 98.70 56.57 -23.22
CA SER N 205 99.58 57.45 -22.47
C SER N 205 100.25 58.41 -23.45
N ARG N 206 100.43 59.66 -23.00
CA ARG N 206 100.97 60.69 -23.88
C ARG N 206 102.39 60.36 -24.32
N THR N 207 103.23 59.89 -23.39
CA THR N 207 104.61 59.52 -23.69
C THR N 207 104.98 58.30 -22.87
N VAL N 208 106.09 57.67 -23.25
CA VAL N 208 106.49 56.40 -22.64
C VAL N 208 106.77 56.60 -21.15
N SER N 209 107.43 57.70 -20.78
CA SER N 209 107.76 58.00 -19.40
C SER N 209 106.77 58.98 -18.76
N SER N 210 105.49 58.91 -19.14
CA SER N 210 104.50 59.83 -18.62
C SER N 210 104.11 59.45 -17.19
N SER N 211 103.19 60.22 -16.63
CA SER N 211 102.61 59.96 -15.31
C SER N 211 101.12 59.69 -15.39
N ASP N 212 100.37 60.54 -16.09
CA ASP N 212 98.94 60.34 -16.30
C ASP N 212 98.74 59.39 -17.47
N LEU N 213 97.70 58.57 -17.37
CA LEU N 213 97.35 57.63 -18.43
C LEU N 213 95.86 57.38 -18.40
N TYR N 214 95.30 57.09 -19.57
CA TYR N 214 93.86 56.94 -19.77
C TYR N 214 93.55 55.49 -20.09
N ALA N 215 92.66 54.88 -19.31
CA ALA N 215 92.43 53.45 -19.35
C ALA N 215 90.94 53.13 -19.46
N ASN N 216 90.61 52.12 -20.26
CA ASN N 216 89.27 51.54 -20.28
C ASN N 216 89.41 50.06 -20.58
N THR N 217 89.47 49.25 -19.53
CA THR N 217 89.62 47.80 -19.65
C THR N 217 88.31 47.04 -19.45
N ASN N 218 87.23 47.72 -19.07
CA ASN N 218 85.98 47.07 -18.72
C ASN N 218 86.22 46.04 -17.62
N LEU N 219 86.79 46.50 -16.51
CA LEU N 219 87.04 45.63 -15.38
C LEU N 219 85.73 45.41 -14.62
N VAL N 220 85.39 44.14 -14.38
CA VAL N 220 84.20 43.77 -13.62
C VAL N 220 84.64 42.88 -12.47
N LEU N 221 84.16 43.21 -11.27
CA LEU N 221 84.60 42.57 -10.03
C LEU N 221 83.54 41.59 -9.58
N GLN N 222 83.92 40.31 -9.45
CA GLN N 222 82.99 39.25 -9.12
C GLN N 222 83.03 38.96 -7.62
N ARG N 223 82.23 38.00 -7.18
CA ARG N 223 82.17 37.64 -5.77
C ARG N 223 83.27 36.63 -5.43
N PRO N 224 84.03 36.80 -4.34
CA PRO N 224 85.05 35.81 -4.01
C PRO N 224 84.45 34.48 -3.57
N LYS N 225 85.24 33.42 -3.77
CA LYS N 225 84.83 32.10 -3.35
C LYS N 225 84.68 32.04 -1.83
N ALA N 226 83.71 31.25 -1.38
CA ALA N 226 83.40 31.13 0.04
C ALA N 226 84.46 30.24 0.69
N GLY N 227 85.22 30.81 1.63
CA GLY N 227 86.22 30.06 2.37
C GLY N 227 87.64 30.34 1.94
N ALA N 228 87.89 31.56 1.45
CA ALA N 228 89.22 31.95 1.00
C ALA N 228 89.26 33.47 0.92
N ILE N 229 90.46 34.00 0.67
CA ILE N 229 90.68 35.43 0.52
C ILE N 229 91.30 35.67 -0.86
N HIS N 230 90.58 36.41 -1.71
CA HIS N 230 91.09 36.82 -3.01
C HIS N 230 90.06 37.76 -3.64
N VAL N 231 90.44 38.37 -4.75
CA VAL N 231 89.64 39.40 -5.41
C VAL N 231 89.40 38.98 -6.86
N PRO N 232 88.31 38.28 -7.17
CA PRO N 232 88.08 37.85 -8.55
C PRO N 232 87.73 39.03 -9.46
N TYR N 233 88.52 39.18 -10.52
CA TYR N 233 88.36 40.26 -11.48
C TYR N 233 88.32 39.67 -12.88
N THR N 234 87.56 40.32 -13.77
CA THR N 234 87.45 39.89 -15.15
C THR N 234 87.52 41.09 -16.08
N GLN N 235 88.12 40.88 -17.24
CA GLN N 235 88.20 41.91 -18.27
C GLN N 235 88.58 41.23 -19.58
N ALA N 236 88.33 41.93 -20.68
CA ALA N 236 88.64 41.39 -21.99
C ALA N 236 90.16 41.26 -22.15
N PRO N 237 90.62 40.33 -23.00
CA PRO N 237 92.07 40.23 -23.23
C PRO N 237 92.65 41.51 -23.82
N SER N 238 93.97 41.60 -23.88
CA SER N 238 94.62 42.84 -24.31
C SER N 238 94.41 43.06 -25.80
N GLY N 239 93.80 44.20 -26.14
CA GLY N 239 93.67 44.57 -27.53
C GLY N 239 95.01 44.70 -28.22
N PHE N 240 96.07 45.00 -27.45
CA PHE N 240 97.43 44.97 -28.00
C PHE N 240 97.77 43.58 -28.54
N GLU N 241 97.53 42.54 -27.74
CA GLU N 241 97.81 41.18 -28.20
C GLU N 241 96.89 40.80 -29.35
N GLN N 242 95.63 41.24 -29.30
CA GLN N 242 94.71 40.94 -30.40
C GLN N 242 95.21 41.56 -31.71
N TRP N 243 95.66 42.81 -31.66
CA TRP N 243 96.22 43.46 -32.85
C TRP N 243 97.47 42.74 -33.32
N LYS N 244 98.35 42.35 -32.39
CA LYS N 244 99.56 41.64 -32.78
C LYS N 244 99.23 40.32 -33.46
N LYS N 245 98.21 39.62 -32.97
CA LYS N 245 97.77 38.38 -33.60
C LYS N 245 97.09 38.61 -34.95
N ASP N 246 96.40 39.75 -35.13
CA ASP N 246 95.70 40.04 -36.37
C ASP N 246 96.46 41.15 -37.08
N LYS N 247 97.78 41.09 -37.05
CA LYS N 247 98.60 42.00 -37.84
C LYS N 247 98.36 41.78 -39.33
N ALA N 248 98.37 42.90 -40.10
CA ALA N 248 98.30 42.82 -41.55
C ALA N 248 99.70 42.85 -42.16
N PRO N 249 99.86 42.47 -43.43
CA PRO N 249 101.18 42.56 -44.05
C PRO N 249 101.71 43.99 -44.05
N SER N 250 103.03 44.09 -43.92
CA SER N 250 103.69 45.37 -43.68
C SER N 250 103.70 46.23 -44.95
N LEU N 251 103.94 47.53 -44.74
CA LEU N 251 104.08 48.44 -45.86
C LEU N 251 105.28 48.07 -46.71
N LYS N 252 106.37 47.62 -46.09
CA LYS N 252 107.54 47.21 -46.87
C LYS N 252 107.26 45.95 -47.69
N PHE N 253 106.14 45.25 -47.45
CA PHE N 253 105.75 44.09 -48.24
C PHE N 253 104.57 44.35 -49.17
N THR N 254 103.81 45.44 -48.96
CA THR N 254 102.59 45.67 -49.75
C THR N 254 102.45 47.13 -50.20
N ALA N 255 103.53 47.90 -50.22
CA ALA N 255 103.41 49.29 -50.65
C ALA N 255 103.39 49.36 -52.17
N PRO N 256 102.64 50.30 -52.76
CA PRO N 256 102.67 50.44 -54.21
C PRO N 256 103.98 51.02 -54.70
N PHE N 257 104.29 50.73 -55.96
CA PHE N 257 105.47 51.20 -56.67
C PHE N 257 106.77 50.61 -56.12
N GLY N 258 106.71 49.62 -55.23
CA GLY N 258 107.90 48.97 -54.72
C GLY N 258 108.76 49.87 -53.84
N CYS N 259 108.15 50.45 -52.81
CA CYS N 259 108.86 51.38 -51.94
C CYS N 259 109.30 50.66 -50.67
N GLU N 260 110.59 50.79 -50.34
CA GLU N 260 111.18 50.14 -49.19
C GLU N 260 111.19 51.09 -48.00
N ILE N 261 110.78 50.58 -46.84
CA ILE N 261 110.58 51.39 -45.64
C ILE N 261 111.59 50.96 -44.58
N TYR N 262 112.09 51.95 -43.85
CA TYR N 262 112.99 51.73 -42.72
C TYR N 262 112.48 52.52 -41.52
N THR N 263 113.05 52.24 -40.35
CA THR N 263 112.44 52.63 -39.08
C THR N 263 112.92 53.99 -38.57
N ASN N 264 114.23 54.14 -38.33
CA ASN N 264 114.73 55.22 -37.50
C ASN N 264 114.35 56.59 -38.08
N PRO N 265 114.76 56.96 -39.32
CA PRO N 265 113.96 57.92 -40.09
C PRO N 265 112.82 57.18 -40.81
N ILE N 266 111.58 57.49 -40.41
CA ILE N 266 110.43 56.88 -41.07
C ILE N 266 110.39 57.44 -42.49
N ARG N 267 110.71 56.61 -43.48
CA ARG N 267 110.88 57.08 -44.84
C ARG N 267 110.65 55.93 -45.81
N ALA N 268 110.50 56.29 -47.08
CA ALA N 268 110.42 55.34 -48.19
C ALA N 268 111.60 55.58 -49.12
N GLU N 269 112.27 54.49 -49.51
CA GLU N 269 113.55 54.57 -50.21
C GLU N 269 113.50 53.81 -51.53
N ASN N 270 114.07 54.43 -52.57
CA ASN N 270 114.40 53.77 -53.83
C ASN N 270 113.17 53.13 -54.48
N CYS N 271 112.25 54.00 -54.89
CA CYS N 271 111.08 53.57 -55.66
C CYS N 271 110.69 54.68 -56.63
N ALA N 272 110.35 54.28 -57.86
CA ALA N 272 110.34 55.17 -59.00
C ALA N 272 108.93 55.65 -59.32
N VAL N 273 108.77 56.96 -59.46
CA VAL N 273 107.51 57.55 -59.89
C VAL N 273 107.77 58.94 -60.47
N GLY N 274 107.19 59.20 -61.63
CA GLY N 274 107.34 60.51 -62.25
C GLY N 274 108.76 60.76 -62.74
N SER N 275 109.10 62.05 -62.82
CA SER N 275 110.40 62.45 -63.33
C SER N 275 110.79 63.78 -62.71
N ILE N 276 112.08 63.90 -62.40
CA ILE N 276 112.64 65.06 -61.71
C ILE N 276 113.14 66.03 -62.78
N PRO N 277 112.64 67.27 -62.84
CA PRO N 277 113.29 68.26 -63.70
C PRO N 277 114.56 68.80 -63.04
N LEU N 278 115.52 69.15 -63.89
CA LEU N 278 116.83 69.62 -63.44
C LEU N 278 117.21 70.88 -64.20
N ALA N 279 117.72 71.86 -63.46
CA ALA N 279 118.19 73.13 -64.01
C ALA N 279 119.65 73.31 -63.68
N PHE N 280 120.46 73.61 -64.70
CA PHE N 280 121.90 73.76 -64.58
C PHE N 280 122.28 75.16 -65.02
N ASP N 281 123.00 75.88 -64.16
CA ASP N 281 123.67 77.12 -64.53
C ASP N 281 125.17 76.86 -64.45
N ILE N 282 125.83 76.92 -65.60
CA ILE N 282 127.22 76.54 -65.75
C ILE N 282 128.02 77.80 -66.06
N PRO N 283 129.04 78.16 -65.26
CA PRO N 283 129.87 79.32 -65.64
C PRO N 283 130.60 79.06 -66.95
N ASP N 284 130.80 80.14 -67.71
CA ASP N 284 131.41 80.02 -69.03
C ASP N 284 132.90 79.64 -68.96
N ALA N 285 133.51 79.74 -67.77
CA ALA N 285 134.93 79.40 -67.65
C ALA N 285 135.21 77.93 -67.94
N LEU N 286 134.20 77.06 -67.78
CA LEU N 286 134.37 75.63 -68.01
C LEU N 286 134.19 75.22 -69.47
N PHE N 287 133.86 76.15 -70.34
CA PHE N 287 133.62 75.84 -71.76
C PHE N 287 134.95 75.83 -72.50
N THR N 288 134.91 75.52 -73.79
CA THR N 288 136.12 75.47 -74.62
C THR N 288 135.74 75.75 -76.06
N ARG N 289 136.60 76.46 -76.77
CA ARG N 289 136.36 76.75 -78.17
C ARG N 289 136.42 75.48 -79.00
N VAL N 290 135.58 75.40 -80.04
CA VAL N 290 135.57 74.22 -80.90
C VAL N 290 136.90 74.05 -81.60
N SER N 291 137.55 75.15 -81.98
CA SER N 291 138.85 75.07 -82.65
C SER N 291 139.89 74.37 -81.78
N GLU N 292 139.75 74.46 -80.46
CA GLU N 292 140.67 73.79 -79.55
C GLU N 292 140.33 72.33 -79.32
N THR N 293 139.22 71.83 -79.86
CA THR N 293 138.77 70.46 -79.68
C THR N 293 138.61 69.79 -81.05
N PRO N 294 138.59 68.46 -81.11
CA PRO N 294 138.49 67.78 -82.41
C PRO N 294 137.19 68.11 -83.12
N THR N 295 137.31 68.45 -84.40
CA THR N 295 136.17 68.60 -85.31
C THR N 295 136.32 67.58 -86.43
N LEU N 296 135.20 66.96 -86.81
CA LEU N 296 135.22 65.80 -87.69
C LEU N 296 134.47 66.09 -88.99
N SER N 297 134.55 65.13 -89.91
CA SER N 297 133.86 65.21 -91.18
C SER N 297 133.74 63.80 -91.76
N ALA N 298 132.73 63.61 -92.61
CA ALA N 298 132.52 62.36 -93.33
C ALA N 298 132.36 61.18 -92.37
N ALA N 299 131.31 61.24 -91.56
CA ALA N 299 130.98 60.19 -90.60
C ALA N 299 129.90 59.29 -91.18
N GLU N 300 130.12 57.98 -91.12
CA GLU N 300 129.20 56.98 -91.66
C GLU N 300 128.80 56.00 -90.56
N CYS N 301 127.51 55.65 -90.56
CA CYS N 301 126.91 54.81 -89.54
C CYS N 301 126.20 53.62 -90.19
N THR N 302 126.29 52.47 -89.52
CA THR N 302 125.56 51.27 -89.93
C THR N 302 125.45 50.35 -88.73
N LEU N 303 124.34 49.62 -88.67
CA LEU N 303 124.02 48.72 -87.56
C LEU N 303 124.66 47.37 -87.82
N ASN N 304 125.47 46.88 -86.87
CA ASN N 304 126.20 45.64 -87.04
C ASN N 304 125.39 44.43 -86.57
N GLU N 305 124.96 44.44 -85.31
CA GLU N 305 124.14 43.38 -84.74
C GLU N 305 122.98 44.00 -84.00
N CYS N 306 121.88 43.24 -83.90
CA CYS N 306 120.64 43.72 -83.31
C CYS N 306 120.08 42.79 -82.24
N VAL N 307 119.53 43.41 -81.19
CA VAL N 307 118.47 42.83 -80.38
C VAL N 307 117.83 43.98 -79.62
N TYR N 308 116.50 44.06 -79.62
CA TYR N 308 115.81 45.12 -78.86
C TYR N 308 115.51 44.59 -77.46
N SER N 309 116.58 44.21 -76.77
CA SER N 309 116.50 43.67 -75.42
C SER N 309 116.38 44.83 -74.42
N SER N 310 116.43 44.50 -73.14
CA SER N 310 116.34 45.52 -72.10
C SER N 310 117.63 46.32 -71.98
N ASP N 311 118.77 45.68 -72.18
CA ASP N 311 120.07 46.29 -71.99
C ASP N 311 120.63 46.76 -73.34
N PHE N 312 121.89 47.20 -73.33
CA PHE N 312 122.52 47.76 -74.51
C PHE N 312 122.82 46.67 -75.52
N GLY N 313 121.79 46.22 -76.23
CA GLY N 313 121.92 45.09 -77.13
C GLY N 313 122.31 45.46 -78.55
N GLY N 314 121.96 46.65 -79.00
CA GLY N 314 122.28 47.09 -80.36
C GLY N 314 123.70 47.63 -80.42
N ILE N 315 124.39 47.29 -81.50
CA ILE N 315 125.78 47.70 -81.70
C ILE N 315 125.92 48.23 -83.11
N ALA N 316 126.69 49.30 -83.26
CA ALA N 316 126.97 49.89 -84.56
C ALA N 316 128.42 50.33 -84.62
N THR N 317 128.90 50.55 -85.84
CA THR N 317 130.25 51.02 -86.09
C THR N 317 130.20 52.37 -86.77
N VAL N 318 130.99 53.32 -86.25
CA VAL N 318 131.11 54.66 -86.81
C VAL N 318 132.45 54.72 -87.55
N LYS N 319 132.41 55.08 -88.83
CA LYS N 319 133.59 55.31 -89.63
C LYS N 319 133.75 56.80 -89.86
N TYR N 320 134.87 57.36 -89.41
CA TYR N 320 135.05 58.81 -89.32
C TYR N 320 136.34 59.24 -90.02
N SER N 321 136.37 60.51 -90.38
CA SER N 321 137.56 61.15 -90.96
C SER N 321 137.70 62.50 -90.28
N ALA N 322 138.52 62.56 -89.23
CA ALA N 322 138.59 63.70 -88.33
C ALA N 322 139.77 64.60 -88.68
N SER N 323 139.82 65.75 -88.01
CA SER N 323 140.87 66.74 -88.20
C SER N 323 142.03 66.52 -87.24
N LYS N 324 141.73 66.27 -85.97
CA LYS N 324 142.74 66.02 -84.94
C LYS N 324 142.20 64.99 -83.96
N SER N 325 143.11 64.42 -83.18
CA SER N 325 142.75 63.41 -82.19
C SER N 325 142.34 64.07 -80.88
N GLY N 326 141.49 63.38 -80.14
CA GLY N 326 141.02 63.88 -78.85
C GLY N 326 139.74 63.19 -78.44
N LYS N 327 139.06 63.82 -77.48
CA LYS N 327 137.82 63.30 -76.92
C LYS N 327 136.63 64.15 -77.34
N CYS N 328 135.53 63.48 -77.69
CA CYS N 328 134.26 64.15 -77.89
C CYS N 328 133.16 63.23 -77.36
N ALA N 329 131.93 63.71 -77.43
CA ALA N 329 130.76 62.98 -76.96
C ALA N 329 129.85 62.62 -78.14
N VAL N 330 128.97 61.66 -77.89
CA VAL N 330 127.97 61.22 -78.86
C VAL N 330 126.62 61.17 -78.16
N HIS N 331 125.59 61.66 -78.84
CA HIS N 331 124.27 61.84 -78.24
C HIS N 331 123.19 61.53 -79.28
N VAL N 332 122.04 61.09 -78.79
CA VAL N 332 120.85 60.89 -79.64
C VAL N 332 119.75 61.77 -79.09
N PRO N 333 119.33 62.84 -79.78
CA PRO N 333 118.34 63.76 -79.19
C PRO N 333 116.99 63.12 -78.92
N SER N 334 116.60 62.11 -79.68
CA SER N 334 115.30 61.48 -79.53
C SER N 334 115.38 60.34 -78.51
N GLY N 335 114.21 59.80 -78.18
CA GLY N 335 114.10 58.64 -77.33
C GLY N 335 114.15 57.32 -78.07
N THR N 336 114.59 57.33 -79.33
CA THR N 336 114.66 56.10 -80.11
C THR N 336 115.65 55.11 -79.48
N ALA N 337 116.79 55.61 -78.99
CA ALA N 337 117.80 54.74 -78.43
C ALA N 337 118.47 55.44 -77.24
N THR N 338 119.04 54.63 -76.36
CA THR N 338 119.86 55.09 -75.24
C THR N 338 121.25 54.50 -75.37
N LEU N 339 122.26 55.37 -75.26
CA LEU N 339 123.64 55.03 -75.57
C LEU N 339 124.44 54.81 -74.29
N LYS N 340 125.38 53.86 -74.33
CA LYS N 340 126.10 53.47 -73.12
C LYS N 340 127.34 54.34 -72.86
N GLU N 341 128.26 54.42 -73.82
CA GLU N 341 129.62 54.86 -73.53
C GLU N 341 129.65 56.26 -72.92
N ALA N 342 128.99 57.22 -73.57
CA ALA N 342 128.93 58.63 -73.17
C ALA N 342 130.26 59.37 -73.34
N ALA N 343 131.31 58.70 -73.78
CA ALA N 343 132.60 59.35 -74.01
C ALA N 343 133.45 58.50 -74.96
N VAL N 344 133.75 59.02 -76.14
CA VAL N 344 134.46 58.29 -77.19
C VAL N 344 135.69 59.09 -77.58
N GLU N 345 136.85 58.43 -77.52
CA GLU N 345 138.09 59.03 -77.99
C GLU N 345 138.30 58.71 -79.46
N LEU N 346 138.62 59.73 -80.25
CA LEU N 346 138.80 59.60 -81.69
C LEU N 346 140.19 60.04 -82.09
N THR N 347 140.78 59.32 -83.04
CA THR N 347 142.00 59.73 -83.69
C THR N 347 141.64 60.59 -84.90
N GLU N 348 142.63 60.92 -85.73
CA GLU N 348 142.38 61.66 -86.96
C GLU N 348 141.77 60.78 -88.05
N GLN N 349 141.79 59.46 -87.89
CA GLN N 349 141.25 58.55 -88.90
C GLN N 349 141.12 57.16 -88.29
N GLY N 350 140.01 56.50 -88.56
CA GLY N 350 139.79 55.15 -88.06
C GLY N 350 138.31 54.85 -87.95
N SER N 351 138.01 53.85 -87.12
CA SER N 351 136.64 53.42 -86.88
C SER N 351 136.47 53.14 -85.40
N ALA N 352 135.22 53.17 -84.94
CA ALA N 352 134.91 52.96 -83.53
C ALA N 352 133.58 52.24 -83.39
N THR N 353 133.33 51.72 -82.19
CA THR N 353 132.12 50.97 -81.89
C THR N 353 131.24 51.77 -80.93
N ILE N 354 129.93 51.62 -81.09
CA ILE N 354 128.94 52.29 -80.24
C ILE N 354 127.88 51.27 -79.84
N HIS N 355 127.47 51.34 -78.57
CA HIS N 355 126.53 50.40 -77.97
C HIS N 355 125.31 51.14 -77.44
N PHE N 356 124.13 50.62 -77.75
CA PHE N 356 122.88 51.30 -77.47
C PHE N 356 121.78 50.28 -77.19
N SER N 357 120.62 50.79 -76.77
CA SER N 357 119.41 50.01 -76.56
C SER N 357 118.24 50.77 -77.15
N THR N 358 117.46 50.10 -77.98
CA THR N 358 116.30 50.73 -78.63
C THR N 358 115.03 49.93 -78.40
N ALA N 359 113.92 50.36 -79.02
CA ALA N 359 112.64 49.70 -78.83
C ALA N 359 111.83 49.59 -80.12
N ASN N 360 112.42 49.90 -81.27
CA ASN N 360 111.71 49.86 -82.56
C ASN N 360 112.32 48.75 -83.40
N ILE N 361 111.46 47.93 -84.01
CA ILE N 361 111.92 46.80 -84.81
C ILE N 361 112.65 47.25 -86.06
N HIS N 362 112.43 48.49 -86.51
CA HIS N 362 113.07 49.05 -87.70
C HIS N 362 113.70 50.39 -87.31
N PRO N 363 114.82 50.36 -86.57
CA PRO N 363 115.37 51.60 -86.03
C PRO N 363 115.76 52.60 -87.12
N GLU N 364 115.43 53.86 -86.86
CA GLU N 364 115.75 54.96 -87.77
C GLU N 364 116.00 56.18 -86.88
N PHE N 365 117.27 56.45 -86.55
CA PHE N 365 117.57 57.53 -85.61
C PHE N 365 118.71 58.39 -86.11
N ARG N 366 118.62 59.68 -85.80
CA ARG N 366 119.66 60.65 -86.13
C ARG N 366 120.59 60.77 -84.93
N LEU N 367 121.84 60.37 -85.11
CA LEU N 367 122.84 60.35 -84.05
C LEU N 367 123.70 61.60 -84.13
N GLN N 368 123.94 62.21 -82.97
CA GLN N 368 124.79 63.39 -82.86
C GLN N 368 126.21 62.95 -82.52
N ILE N 369 127.18 63.45 -83.27
CA ILE N 369 128.58 63.15 -83.11
C ILE N 369 129.30 64.48 -82.92
N CYS N 370 130.59 64.45 -82.58
CA CYS N 370 131.34 65.52 -81.93
C CYS N 370 130.87 66.94 -82.27
N THR N 371 130.69 67.23 -83.57
CA THR N 371 130.19 68.54 -83.98
C THR N 371 129.22 68.46 -85.16
N SER N 372 128.59 67.31 -85.40
CA SER N 372 127.72 67.15 -86.57
C SER N 372 126.67 66.11 -86.24
N TYR N 373 125.87 65.76 -87.26
CA TYR N 373 124.80 64.77 -87.13
C TYR N 373 124.89 63.79 -88.29
N VAL N 374 124.42 62.57 -88.04
CA VAL N 374 124.40 61.51 -89.05
C VAL N 374 123.10 60.73 -88.88
N THR N 375 122.78 59.91 -89.87
CA THR N 375 121.56 59.10 -89.88
C THR N 375 121.94 57.63 -89.78
N CYS N 376 121.21 56.88 -88.97
CA CYS N 376 121.39 55.44 -88.83
C CYS N 376 120.06 54.76 -89.11
N LYS N 377 120.10 53.75 -89.98
CA LYS N 377 118.91 53.11 -90.53
C LYS N 377 119.13 51.60 -90.47
N GLY N 378 118.13 50.85 -90.02
CA GLY N 378 118.30 49.41 -89.99
C GLY N 378 117.05 48.69 -89.55
N ASP N 379 117.17 47.36 -89.53
CA ASP N 379 116.13 46.46 -89.02
C ASP N 379 116.76 45.56 -87.98
N CYS N 380 115.93 45.07 -87.05
CA CYS N 380 116.45 44.38 -85.87
C CYS N 380 115.50 43.27 -85.46
N HIS N 381 116.07 42.24 -84.83
CA HIS N 381 115.41 40.96 -84.57
C HIS N 381 115.03 40.82 -83.10
N PRO N 382 114.18 39.85 -82.77
CA PRO N 382 113.78 39.68 -81.36
C PRO N 382 114.86 38.98 -80.54
N PRO N 383 114.74 39.02 -79.20
CA PRO N 383 115.67 38.25 -78.35
C PRO N 383 115.23 36.79 -78.18
N LYS N 384 115.93 36.06 -77.33
CA LYS N 384 115.60 34.67 -76.99
C LYS N 384 115.17 34.49 -75.55
N ASP N 385 115.70 35.30 -74.64
CA ASP N 385 115.37 35.16 -73.22
C ASP N 385 113.98 35.72 -72.95
N HIS N 386 113.44 35.35 -71.78
CA HIS N 386 112.12 35.79 -71.33
C HIS N 386 112.17 36.67 -70.10
N ILE N 387 112.98 36.30 -69.09
CA ILE N 387 113.01 37.00 -67.80
C ILE N 387 114.44 37.47 -67.55
N VAL N 388 114.58 38.71 -67.12
CA VAL N 388 115.87 39.30 -66.78
C VAL N 388 115.74 39.96 -65.41
N THR N 389 116.88 40.12 -64.73
CA THR N 389 116.92 40.55 -63.35
C THR N 389 117.08 42.06 -63.17
N HIS N 390 117.10 42.84 -64.25
CA HIS N 390 117.25 44.28 -64.18
C HIS N 390 116.20 44.97 -65.04
N PRO N 391 115.85 46.23 -64.73
CA PRO N 391 114.82 46.92 -65.51
C PRO N 391 115.32 47.38 -66.88
N GLN N 392 114.46 48.08 -67.63
CA GLN N 392 114.82 48.60 -68.93
C GLN N 392 115.81 49.75 -68.79
N TYR N 393 116.44 50.10 -69.91
CA TYR N 393 117.36 51.23 -69.99
C TYR N 393 116.91 52.28 -70.99
N HIS N 394 115.62 52.29 -71.35
CA HIS N 394 115.09 53.25 -72.31
C HIS N 394 113.65 53.55 -71.94
N ALA N 395 112.94 54.23 -72.84
CA ALA N 395 111.51 54.54 -72.68
C ALA N 395 110.77 54.02 -73.90
N GLN N 396 109.65 53.34 -73.66
CA GLN N 396 108.86 52.78 -74.75
C GLN N 396 108.19 53.88 -75.56
N THR N 397 107.91 53.55 -76.82
CA THR N 397 107.22 54.46 -77.73
C THR N 397 106.22 53.68 -78.55
N PHE N 398 105.10 54.32 -78.87
CA PHE N 398 104.05 53.68 -79.66
C PHE N 398 104.38 53.72 -81.14
N SER O 1 127.86 -16.24 -29.68
CA SER O 1 128.11 -15.84 -31.08
C SER O 1 127.91 -14.33 -31.27
N THR O 2 128.11 -13.57 -30.19
CA THR O 2 127.99 -12.12 -30.23
C THR O 2 129.31 -11.40 -30.04
N GLU O 3 130.34 -12.09 -29.53
CA GLU O 3 131.63 -11.44 -29.30
C GLU O 3 132.26 -11.01 -30.61
N GLU O 4 132.20 -11.85 -31.64
CA GLU O 4 132.75 -11.47 -32.94
C GLU O 4 131.94 -10.35 -33.58
N LEU O 5 130.63 -10.30 -33.32
CA LEU O 5 129.83 -9.18 -33.79
C LEU O 5 130.24 -7.87 -33.11
N PHE O 6 130.54 -7.94 -31.80
CA PHE O 6 130.78 -6.73 -31.01
C PHE O 6 132.24 -6.28 -31.02
N ASN O 7 133.18 -7.14 -31.42
CA ASN O 7 134.60 -6.84 -31.23
C ASN O 7 135.06 -5.67 -32.09
N GLU O 8 134.46 -5.50 -33.28
CA GLU O 8 135.02 -4.57 -34.26
C GLU O 8 135.02 -3.14 -33.74
N TYR O 9 134.06 -2.80 -32.88
CA TYR O 9 133.96 -1.44 -32.34
C TYR O 9 134.89 -1.22 -31.15
N LYS O 10 135.76 -2.20 -30.86
CA LYS O 10 136.81 -1.98 -29.88
C LYS O 10 137.76 -0.86 -30.32
N LEU O 11 137.84 -0.61 -31.63
CA LEU O 11 138.69 0.43 -32.19
C LEU O 11 138.05 1.82 -32.17
N THR O 12 136.96 1.99 -31.43
CA THR O 12 136.18 3.23 -31.43
C THR O 12 136.00 3.75 -30.01
N ARG O 13 135.95 5.07 -29.87
CA ARG O 13 135.67 5.73 -28.60
C ARG O 13 134.58 6.77 -28.77
N PRO O 14 133.93 7.17 -27.68
CA PRO O 14 132.99 8.29 -27.74
C PRO O 14 133.73 9.60 -28.02
N TYR O 15 132.99 10.54 -28.61
CA TYR O 15 133.50 11.87 -28.88
C TYR O 15 132.45 12.90 -28.47
N MET O 16 132.92 14.11 -28.16
CA MET O 16 132.04 15.21 -27.81
C MET O 16 131.63 15.98 -29.05
N ALA O 17 130.48 16.63 -28.97
CA ALA O 17 129.92 17.41 -30.07
C ALA O 17 129.33 18.67 -29.48
N ARG O 18 128.72 19.50 -30.33
CA ARG O 18 128.07 20.74 -29.90
C ARG O 18 126.57 20.51 -29.88
N CYS O 19 125.96 20.75 -28.72
CA CYS O 19 124.52 20.62 -28.53
C CYS O 19 123.92 22.02 -28.48
N ILE O 20 122.97 22.28 -29.39
CA ILE O 20 122.39 23.61 -29.51
C ILE O 20 121.57 23.97 -28.28
N ARG O 21 120.85 23.00 -27.70
CA ARG O 21 119.98 23.24 -26.55
C ARG O 21 120.43 22.34 -25.40
N CYS O 22 121.00 22.96 -24.37
CA CYS O 22 121.46 22.27 -23.18
C CYS O 22 120.39 22.37 -22.09
N ALA O 23 120.75 21.96 -20.87
CA ALA O 23 119.96 22.33 -19.70
C ALA O 23 120.05 23.82 -19.39
N VAL O 24 121.03 24.53 -19.95
CA VAL O 24 121.21 25.95 -19.72
C VAL O 24 121.15 26.71 -21.04
N GLY O 25 122.08 26.43 -21.95
CA GLY O 25 122.18 27.12 -23.22
C GLY O 25 122.59 26.23 -24.37
N SER O 26 123.65 26.63 -25.09
CA SER O 26 124.27 25.82 -26.13
C SER O 26 125.70 25.49 -25.68
N CYS O 27 126.08 24.23 -25.80
CA CYS O 27 127.27 23.72 -25.13
C CYS O 27 128.09 22.86 -26.07
N HIS O 28 129.28 22.50 -25.60
CA HIS O 28 130.05 21.39 -26.14
C HIS O 28 129.84 20.22 -25.17
N SER O 29 128.89 19.36 -25.51
CA SER O 29 128.43 18.28 -24.65
C SER O 29 128.90 16.93 -25.17
N PRO O 30 129.07 15.92 -24.29
CA PRO O 30 129.52 14.61 -24.76
C PRO O 30 128.41 13.73 -25.32
N ILE O 31 127.14 14.11 -25.17
CA ILE O 31 126.02 13.20 -25.39
C ILE O 31 125.08 13.76 -26.46
N ALA O 32 125.64 14.49 -27.42
CA ALA O 32 124.82 15.05 -28.49
C ALA O 32 124.21 13.95 -29.35
N ILE O 33 123.34 14.35 -30.27
CA ILE O 33 122.63 13.45 -31.16
C ILE O 33 123.02 13.78 -32.60
N GLU O 34 123.35 12.75 -33.37
CA GLU O 34 123.77 12.92 -34.76
C GLU O 34 122.61 12.79 -35.73
N ALA O 35 121.90 11.66 -35.72
CA ALA O 35 120.84 11.42 -36.69
C ALA O 35 119.80 10.48 -36.10
N VAL O 36 118.62 10.52 -36.71
CA VAL O 36 117.50 9.65 -36.34
C VAL O 36 116.95 9.05 -37.63
N LYS O 37 116.51 7.80 -37.56
CA LYS O 37 115.72 7.22 -38.64
C LYS O 37 114.45 6.63 -38.05
N SER O 38 113.31 7.23 -38.40
CA SER O 38 111.98 6.77 -38.01
C SER O 38 111.23 6.43 -39.28
N ASP O 39 111.44 5.20 -39.77
CA ASP O 39 110.76 4.69 -40.95
C ASP O 39 110.03 3.37 -40.71
N GLY O 40 110.19 2.74 -39.56
CA GLY O 40 109.45 1.55 -39.22
C GLY O 40 107.99 1.87 -38.99
N HIS O 41 107.19 0.85 -38.72
CA HIS O 41 105.74 0.99 -38.61
C HIS O 41 105.26 1.14 -37.17
N ASP O 42 105.85 0.41 -36.24
CA ASP O 42 105.41 0.41 -34.84
C ASP O 42 106.25 1.35 -33.98
N GLY O 43 106.75 2.44 -34.57
CA GLY O 43 107.47 3.45 -33.82
C GLY O 43 108.89 3.10 -33.43
N TYR O 44 109.47 2.05 -34.02
CA TYR O 44 110.82 1.65 -33.67
C TYR O 44 111.85 2.56 -34.31
N VAL O 45 111.94 3.80 -33.84
CA VAL O 45 112.95 4.73 -34.33
C VAL O 45 114.32 4.23 -33.90
N ARG O 46 115.34 4.50 -34.73
CA ARG O 46 116.72 4.18 -34.41
C ARG O 46 117.53 5.45 -34.30
N LEU O 47 118.41 5.47 -33.30
CA LEU O 47 119.21 6.64 -32.92
C LEU O 47 120.66 6.40 -33.32
N GLN O 48 121.29 7.40 -33.93
CA GLN O 48 122.72 7.40 -34.21
C GLN O 48 123.33 8.59 -33.51
N THR O 49 124.17 8.32 -32.50
CA THR O 49 124.69 9.36 -31.62
C THR O 49 126.21 9.31 -31.52
N SER O 50 126.76 10.10 -30.61
CA SER O 50 128.20 10.24 -30.46
C SER O 50 128.76 9.39 -29.32
N SER O 51 127.98 8.47 -28.77
CA SER O 51 128.39 7.62 -27.67
C SER O 51 128.31 6.16 -28.08
N GLN O 52 128.75 5.27 -27.19
CA GLN O 52 128.80 3.84 -27.44
C GLN O 52 128.14 3.08 -26.30
N TYR O 53 127.52 1.95 -26.64
CA TYR O 53 126.80 1.11 -25.68
C TYR O 53 127.37 -0.30 -25.72
N GLY O 54 127.46 -0.92 -24.54
CA GLY O 54 127.82 -2.32 -24.43
C GLY O 54 129.28 -2.57 -24.11
N LEU O 55 130.15 -1.58 -24.28
CA LEU O 55 131.58 -1.76 -24.02
C LEU O 55 131.86 -1.60 -22.53
N LEU O 61 134.08 -6.41 -22.70
CA LEU O 61 132.69 -6.77 -22.93
C LEU O 61 131.88 -6.57 -21.65
N LYS O 62 130.67 -6.04 -21.80
CA LYS O 62 129.75 -5.87 -20.68
C LYS O 62 128.32 -6.01 -21.19
N GLY O 63 127.42 -6.34 -20.26
CA GLY O 63 126.04 -6.60 -20.62
C GLY O 63 125.28 -5.40 -21.10
N ARG O 64 125.08 -4.41 -20.23
CA ARG O 64 124.26 -3.24 -20.55
C ARG O 64 124.84 -2.05 -19.80
N THR O 65 125.69 -1.29 -20.49
CA THR O 65 126.34 -0.13 -19.90
C THR O 65 126.55 0.94 -20.96
N MET O 66 126.79 2.17 -20.50
CA MET O 66 127.09 3.33 -21.33
C MET O 66 128.53 3.73 -21.06
N ARG O 67 129.24 4.16 -22.11
CA ARG O 67 130.59 4.69 -21.97
C ARG O 67 130.67 5.99 -22.78
N TYR O 68 131.12 7.07 -22.13
CA TYR O 68 131.22 8.36 -22.77
C TYR O 68 132.49 9.07 -22.31
N ASP O 69 132.97 9.99 -23.15
CA ASP O 69 134.17 10.76 -22.89
C ASP O 69 133.80 12.08 -22.21
N MET O 70 134.75 12.59 -21.43
CA MET O 70 134.55 13.86 -20.73
C MET O 70 135.91 14.51 -20.52
N HIS O 71 136.19 15.58 -21.29
CA HIS O 71 137.46 16.29 -21.23
C HIS O 71 138.63 15.34 -21.50
N GLY O 72 138.44 14.40 -22.42
CA GLY O 72 139.46 13.43 -22.76
C GLY O 72 139.52 12.22 -21.85
N THR O 73 138.81 12.23 -20.72
CA THR O 73 138.76 11.11 -19.80
C THR O 73 137.50 10.30 -20.08
N ILE O 74 137.66 8.98 -20.24
CA ILE O 74 136.58 8.09 -20.62
C ILE O 74 136.01 7.46 -19.36
N LYS O 75 134.70 7.54 -19.19
CA LYS O 75 134.00 7.02 -18.02
C LYS O 75 132.79 6.20 -18.47
N GLU O 76 132.19 5.48 -17.54
CA GLU O 76 131.06 4.62 -17.86
C GLU O 76 130.00 4.72 -16.77
N ILE O 77 128.76 4.45 -17.18
CA ILE O 77 127.59 4.53 -16.31
C ILE O 77 126.68 3.34 -16.58
N PRO O 78 125.86 2.94 -15.60
CA PRO O 78 124.77 2.02 -15.93
C PRO O 78 123.80 2.66 -16.91
N LEU O 79 123.31 1.85 -17.86
CA LEU O 79 122.44 2.37 -18.91
C LEU O 79 121.09 2.83 -18.34
N HIS O 80 120.61 2.14 -17.30
CA HIS O 80 119.29 2.44 -16.76
C HIS O 80 119.20 3.87 -16.21
N GLN O 81 120.34 4.50 -15.90
CA GLN O 81 120.31 5.86 -15.40
C GLN O 81 119.82 6.84 -16.46
N VAL O 82 120.18 6.59 -17.73
CA VAL O 82 119.89 7.51 -18.83
C VAL O 82 118.41 7.40 -19.20
N SER O 83 117.87 8.43 -19.85
CA SER O 83 116.48 8.41 -20.28
C SER O 83 116.33 9.35 -21.48
N LEU O 84 115.21 9.22 -22.16
CA LEU O 84 114.91 10.07 -23.32
C LEU O 84 113.41 10.15 -23.50
N TYR O 85 112.96 11.20 -24.20
CA TYR O 85 111.55 11.42 -24.40
C TYR O 85 111.33 12.37 -25.58
N THR O 86 110.23 12.15 -26.28
CA THR O 86 109.72 13.08 -27.27
C THR O 86 108.55 13.86 -26.69
N SER O 87 107.50 13.13 -26.31
CA SER O 87 106.37 13.65 -25.56
C SER O 87 106.15 12.88 -24.26
N ARG O 88 106.16 11.56 -24.33
CA ARG O 88 106.04 10.66 -23.19
C ARG O 88 107.38 9.98 -22.92
N PRO O 89 107.59 9.45 -21.72
CA PRO O 89 108.84 8.73 -21.45
C PRO O 89 109.01 7.55 -22.40
N CYS O 90 110.26 7.35 -22.84
CA CYS O 90 110.60 6.29 -23.76
C CYS O 90 111.13 5.09 -22.97
N HIS O 91 111.49 4.03 -23.70
CA HIS O 91 111.99 2.80 -23.09
C HIS O 91 113.17 2.30 -23.92
N ILE O 92 114.38 2.35 -23.35
CA ILE O 92 115.54 1.80 -24.02
C ILE O 92 115.49 0.28 -23.94
N VAL O 93 115.79 -0.37 -25.07
CA VAL O 93 115.72 -1.82 -25.17
C VAL O 93 117.10 -2.45 -25.29
N ASP O 94 117.94 -1.94 -26.18
CA ASP O 94 119.25 -2.55 -26.42
C ASP O 94 120.22 -1.46 -26.88
N GLY O 95 121.50 -1.73 -26.67
CA GLY O 95 122.55 -0.85 -27.15
C GLY O 95 123.73 -1.67 -27.63
N HIS O 96 124.25 -1.27 -28.78
CA HIS O 96 125.34 -2.03 -29.41
C HIS O 96 126.08 -1.11 -30.37
N GLY O 97 127.32 -0.77 -30.03
CA GLY O 97 128.13 0.04 -30.93
C GLY O 97 127.69 1.49 -30.94
N TYR O 98 127.70 2.10 -32.12
CA TYR O 98 127.41 3.51 -32.31
C TYR O 98 125.91 3.80 -32.32
N PHE O 99 125.07 2.77 -32.30
CA PHE O 99 123.66 2.90 -32.67
C PHE O 99 122.79 2.35 -31.55
N LEU O 100 121.66 3.02 -31.31
CA LEU O 100 120.72 2.66 -30.26
C LEU O 100 119.36 2.36 -30.88
N LEU O 101 118.70 1.33 -30.36
CA LEU O 101 117.34 0.96 -30.77
C LEU O 101 116.39 1.26 -29.62
N ALA O 102 115.42 2.14 -29.88
CA ALA O 102 114.45 2.55 -28.87
C ALA O 102 113.03 2.26 -29.34
N ARG O 103 112.04 2.58 -28.51
CA ARG O 103 110.64 2.35 -28.87
C ARG O 103 109.79 3.29 -28.02
N CYS O 104 109.17 4.28 -28.65
CA CYS O 104 108.28 5.22 -27.96
C CYS O 104 107.58 6.10 -28.99
N PRO O 105 106.39 6.65 -28.67
CA PRO O 105 105.52 7.19 -29.72
C PRO O 105 106.03 8.47 -30.36
N ALA O 106 105.24 9.02 -31.28
CA ALA O 106 105.67 10.12 -32.12
C ALA O 106 105.78 11.42 -31.31
N GLY O 107 106.23 12.46 -31.99
CA GLY O 107 106.43 13.75 -31.35
C GLY O 107 106.98 14.74 -32.35
N ASP O 108 107.60 15.79 -31.82
CA ASP O 108 108.21 16.84 -32.64
C ASP O 108 109.70 17.00 -32.39
N SER O 109 110.14 16.92 -31.14
CA SER O 109 111.55 17.07 -30.77
C SER O 109 111.99 15.86 -29.94
N ILE O 110 113.27 15.55 -30.01
CA ILE O 110 113.86 14.44 -29.26
C ILE O 110 114.76 15.03 -28.17
N THR O 111 114.59 14.60 -26.93
CA THR O 111 115.37 15.11 -25.81
C THR O 111 115.84 13.94 -24.95
N MET O 112 117.16 13.79 -24.81
CA MET O 112 117.76 12.68 -24.10
C MET O 112 118.76 13.20 -23.08
N GLU O 113 118.73 12.63 -21.88
CA GLU O 113 119.48 13.16 -20.76
C GLU O 113 119.88 12.08 -19.77
N PHE O 114 120.95 12.35 -19.03
CA PHE O 114 121.37 11.53 -17.90
C PHE O 114 121.80 12.45 -16.76
N LYS O 115 122.01 11.85 -15.59
CA LYS O 115 122.27 12.59 -14.36
C LYS O 115 123.54 12.06 -13.70
N LYS O 116 124.48 12.96 -13.43
CA LYS O 116 125.64 12.67 -12.61
C LYS O 116 125.30 13.07 -11.16
N ASP O 117 126.30 13.11 -10.28
CA ASP O 117 126.02 13.38 -8.87
C ASP O 117 125.39 14.76 -8.69
N SER O 118 125.93 15.77 -9.37
CA SER O 118 125.42 17.13 -9.26
C SER O 118 125.36 17.89 -10.58
N VAL O 119 125.68 17.25 -11.70
CA VAL O 119 125.66 17.89 -13.02
C VAL O 119 124.76 17.06 -13.93
N ARG O 120 123.64 17.65 -14.35
CA ARG O 120 122.77 17.03 -15.33
C ARG O 120 123.33 17.24 -16.73
N HIS O 121 123.06 16.30 -17.63
CA HIS O 121 123.51 16.40 -19.01
C HIS O 121 122.34 16.03 -19.91
N SER O 122 121.74 17.03 -20.56
CA SER O 122 120.59 16.85 -21.43
C SER O 122 120.88 17.48 -22.78
N CYS O 123 120.35 16.88 -23.85
CA CYS O 123 120.49 17.42 -25.19
C CYS O 123 119.20 17.20 -25.97
N SER O 124 118.82 18.21 -26.76
CA SER O 124 117.57 18.21 -27.51
C SER O 124 117.83 18.53 -28.97
N VAL O 125 117.00 17.98 -29.85
CA VAL O 125 117.15 18.17 -31.30
C VAL O 125 115.78 18.29 -31.96
N PRO O 126 115.60 19.20 -32.98
CA PRO O 126 114.30 19.28 -33.69
C PRO O 126 114.22 18.34 -34.89
N TYR O 127 114.22 17.04 -34.64
CA TYR O 127 114.19 16.04 -35.70
C TYR O 127 112.91 15.23 -35.62
N GLU O 128 112.15 15.25 -36.72
CA GLU O 128 110.82 14.65 -36.76
C GLU O 128 110.87 13.17 -36.42
N VAL O 129 109.91 12.74 -35.61
CA VAL O 129 109.65 11.31 -35.35
C VAL O 129 108.16 11.08 -35.57
N LYS O 130 107.83 10.07 -36.36
CA LYS O 130 106.47 9.84 -36.83
C LYS O 130 106.06 8.40 -36.59
N PHE O 131 104.75 8.20 -36.41
CA PHE O 131 104.15 6.88 -36.23
C PHE O 131 103.38 6.53 -37.48
N ASN O 132 103.68 5.35 -38.04
CA ASN O 132 103.10 4.92 -39.31
C ASN O 132 102.20 3.69 -39.08
N PRO O 133 100.89 3.85 -38.97
CA PRO O 133 100.02 2.68 -38.80
C PRO O 133 100.06 1.75 -40.00
N VAL O 134 99.85 0.47 -39.74
CA VAL O 134 99.80 -0.56 -40.76
C VAL O 134 98.35 -0.84 -41.11
N GLY O 135 98.07 -1.02 -42.39
CA GLY O 135 96.74 -1.38 -42.84
C GLY O 135 95.91 -0.20 -43.28
N ARG O 136 94.59 -0.32 -43.12
CA ARG O 136 93.64 0.68 -43.59
C ARG O 136 92.99 1.44 -42.43
N GLU O 137 93.57 1.35 -41.23
CA GLU O 137 93.10 2.08 -40.06
C GLU O 137 94.23 2.97 -39.56
N LEU O 138 93.84 4.00 -38.79
CA LEU O 138 94.78 4.97 -38.23
C LEU O 138 94.69 4.86 -36.70
N TYR O 139 95.71 4.27 -36.10
CA TYR O 139 95.79 4.09 -34.66
C TYR O 139 97.02 4.81 -34.10
N THR O 140 96.88 5.30 -32.87
CA THR O 140 97.96 5.97 -32.17
C THR O 140 98.85 5.01 -31.39
N HIS O 141 98.30 3.92 -30.87
CA HIS O 141 99.05 2.88 -30.19
C HIS O 141 98.59 1.53 -30.74
N PRO O 142 99.47 0.52 -30.76
CA PRO O 142 99.04 -0.81 -31.23
C PRO O 142 97.93 -1.36 -30.34
N PRO O 143 96.99 -2.12 -30.90
CA PRO O 143 95.89 -2.66 -30.09
C PRO O 143 96.35 -3.87 -29.29
N GLU O 144 95.38 -4.48 -28.59
CA GLU O 144 95.65 -5.63 -27.73
C GLU O 144 95.37 -6.97 -28.40
N HIS O 145 94.58 -7.00 -29.48
CA HIS O 145 94.32 -8.24 -30.20
C HIS O 145 93.96 -7.90 -31.64
N GLY O 146 94.06 -8.90 -32.50
CA GLY O 146 93.69 -8.72 -33.89
C GLY O 146 94.32 -9.79 -34.75
N VAL O 147 93.90 -9.78 -36.02
CA VAL O 147 94.42 -10.73 -37.00
C VAL O 147 95.88 -10.40 -37.30
N GLU O 148 96.67 -11.45 -37.49
CA GLU O 148 98.08 -11.29 -37.81
C GLU O 148 98.25 -10.73 -39.23
N GLN O 149 99.29 -9.92 -39.40
CA GLN O 149 99.65 -9.33 -40.68
C GLN O 149 101.17 -9.37 -40.79
N ALA O 150 101.70 -8.96 -41.93
CA ALA O 150 103.14 -8.80 -42.12
C ALA O 150 103.47 -7.33 -42.28
N CYS O 151 104.38 -6.83 -41.45
CA CYS O 151 104.86 -5.45 -41.57
C CYS O 151 106.37 -5.47 -41.47
N GLN O 152 106.97 -4.28 -41.41
CA GLN O 152 108.43 -4.13 -41.40
C GLN O 152 108.84 -3.36 -40.14
N VAL O 153 109.52 -4.05 -39.23
CA VAL O 153 110.05 -3.44 -38.02
C VAL O 153 111.50 -3.87 -37.87
N TYR O 154 112.26 -3.06 -37.13
CA TYR O 154 113.69 -3.31 -36.98
C TYR O 154 113.94 -4.59 -36.20
N ALA O 155 114.92 -5.36 -36.65
CA ALA O 155 115.29 -6.60 -35.97
C ALA O 155 116.01 -6.28 -34.67
N HIS O 156 115.75 -7.10 -33.65
CA HIS O 156 116.38 -6.93 -32.35
C HIS O 156 117.81 -7.44 -32.29
N ASP O 157 118.22 -8.25 -33.27
CA ASP O 157 119.56 -8.82 -33.27
C ASP O 157 120.59 -7.80 -33.76
N ALA O 158 121.86 -8.16 -33.63
CA ALA O 158 122.98 -7.37 -34.11
C ALA O 158 123.69 -8.07 -35.27
N GLN O 159 122.95 -8.87 -36.03
CA GLN O 159 123.54 -9.67 -37.10
C GLN O 159 124.13 -8.79 -38.18
N ASN O 160 125.26 -9.21 -38.73
CA ASN O 160 125.91 -8.46 -39.81
C ASN O 160 125.12 -8.62 -41.10
N ARG O 161 125.23 -7.61 -41.95
CA ARG O 161 124.55 -7.60 -43.24
C ARG O 161 125.31 -6.66 -44.17
N GLY O 162 124.94 -6.68 -45.45
CA GLY O 162 125.56 -5.81 -46.43
C GLY O 162 125.18 -4.36 -46.26
N ALA O 163 125.62 -3.78 -45.15
CA ALA O 163 125.39 -2.36 -44.85
C ALA O 163 126.54 -1.90 -43.99
N TYR O 164 127.25 -0.85 -44.43
CA TYR O 164 128.50 -0.45 -43.82
C TYR O 164 128.56 1.07 -43.66
N VAL O 165 129.35 1.50 -42.69
CA VAL O 165 129.64 2.90 -42.42
C VAL O 165 131.15 3.09 -42.48
N GLU O 166 131.58 4.09 -43.23
CA GLU O 166 133.00 4.32 -43.47
C GLU O 166 133.65 5.03 -42.28
N MET O 167 134.96 4.85 -42.15
CA MET O 167 135.68 5.18 -40.93
C MET O 167 136.91 6.01 -41.27
N HIS O 168 137.28 6.94 -40.39
CA HIS O 168 138.36 7.90 -40.63
C HIS O 168 139.33 7.94 -39.45
N LEU O 169 140.37 8.78 -39.59
CA LEU O 169 141.34 9.02 -38.53
C LEU O 169 140.76 9.97 -37.48
N PRO O 170 141.32 9.96 -36.27
CA PRO O 170 140.95 11.01 -35.29
C PRO O 170 141.73 12.29 -35.55
N GLY O 171 141.02 13.42 -35.51
CA GLY O 171 141.63 14.70 -35.76
C GLY O 171 142.43 15.21 -34.58
N SER O 172 143.26 16.22 -34.85
CA SER O 172 144.07 16.85 -33.82
C SER O 172 143.19 17.81 -33.03
N GLU O 173 142.87 17.43 -31.80
CA GLU O 173 141.96 18.20 -30.96
C GLU O 173 142.75 19.15 -30.07
N VAL O 174 142.37 20.42 -30.07
CA VAL O 174 143.02 21.42 -29.24
C VAL O 174 142.45 21.34 -27.83
N ASP O 175 143.33 21.21 -26.84
CA ASP O 175 142.96 21.13 -25.43
C ASP O 175 143.60 22.30 -24.70
N SER O 176 142.77 23.17 -24.14
CA SER O 176 143.28 24.39 -23.51
C SER O 176 144.07 24.08 -22.25
N SER O 177 143.64 23.08 -21.47
CA SER O 177 144.26 22.81 -20.18
C SER O 177 145.71 22.38 -20.29
N LEU O 178 146.13 21.87 -21.46
CA LEU O 178 147.52 21.46 -21.62
C LEU O 178 148.48 22.63 -21.48
N VAL O 179 148.12 23.78 -22.05
CA VAL O 179 148.97 24.96 -21.99
C VAL O 179 148.85 25.58 -20.61
N SER O 180 150.00 25.93 -20.03
CA SER O 180 150.04 26.55 -18.71
C SER O 180 151.19 27.54 -18.67
N LEU O 181 151.10 28.50 -17.75
CA LEU O 181 152.11 29.53 -17.63
C LEU O 181 153.27 29.05 -16.77
N SER O 182 154.48 29.34 -17.23
CA SER O 182 155.70 29.12 -16.45
C SER O 182 155.86 30.26 -15.46
N GLY O 183 157.04 30.38 -14.86
CA GLY O 183 157.31 31.51 -13.99
C GLY O 183 157.18 32.83 -14.73
N SER O 184 157.71 32.89 -15.96
CA SER O 184 157.56 34.08 -16.80
C SER O 184 157.33 33.74 -18.27
N SER O 185 156.93 32.51 -18.59
CA SER O 185 156.81 32.07 -19.97
C SER O 185 155.70 31.02 -20.04
N VAL O 186 155.66 30.27 -21.14
CA VAL O 186 154.65 29.24 -21.37
C VAL O 186 155.28 27.86 -21.20
N THR O 187 154.51 26.94 -20.64
CA THR O 187 154.91 25.54 -20.49
C THR O 187 153.76 24.64 -20.88
N VAL O 188 154.10 23.49 -21.47
CA VAL O 188 153.13 22.50 -21.93
C VAL O 188 153.51 21.15 -21.35
N THR O 189 152.51 20.44 -20.82
CA THR O 189 152.69 19.15 -20.15
C THR O 189 151.71 18.15 -20.74
N PRO O 190 152.06 17.51 -21.85
CA PRO O 190 151.14 16.53 -22.44
C PRO O 190 150.94 15.36 -21.50
N PRO O 191 149.79 14.70 -21.57
CA PRO O 191 149.58 13.52 -20.71
C PRO O 191 150.52 12.40 -21.10
N ASP O 192 150.90 11.61 -20.09
CA ASP O 192 151.84 10.52 -20.32
C ASP O 192 151.26 9.49 -21.28
N GLY O 193 152.12 8.98 -22.16
CA GLY O 193 151.70 7.99 -23.14
C GLY O 193 150.98 8.54 -24.35
N THR O 194 150.90 9.86 -24.49
CA THR O 194 150.21 10.49 -25.62
C THR O 194 151.05 11.64 -26.14
N SER O 195 151.20 11.71 -27.45
CA SER O 195 151.98 12.78 -28.07
C SER O 195 151.11 14.01 -28.30
N ALA O 196 151.77 15.17 -28.40
CA ALA O 196 151.08 16.43 -28.63
C ALA O 196 151.95 17.29 -29.53
N LEU O 197 151.36 18.34 -30.07
CA LEU O 197 152.10 19.32 -30.86
C LEU O 197 151.55 20.70 -30.53
N VAL O 198 152.46 21.68 -30.47
CA VAL O 198 152.13 23.05 -30.10
C VAL O 198 152.54 23.96 -31.25
N GLU O 199 151.62 24.80 -31.68
CA GLU O 199 151.85 25.83 -32.69
C GLU O 199 151.67 27.20 -32.04
N CYS O 200 152.64 28.08 -32.25
CA CYS O 200 152.66 29.37 -31.56
C CYS O 200 153.15 30.46 -32.51
N GLU O 201 152.72 31.68 -32.21
CA GLU O 201 153.07 32.88 -32.96
C GLU O 201 153.61 33.95 -32.02
N CYS O 202 154.13 33.55 -30.86
CA CYS O 202 154.64 34.53 -29.90
C CYS O 202 155.83 35.30 -30.47
N GLY O 203 156.73 34.61 -31.15
CA GLY O 203 157.82 35.25 -31.86
C GLY O 203 157.61 35.16 -33.36
N GLY O 204 158.29 34.22 -34.01
CA GLY O 204 158.01 33.92 -35.39
C GLY O 204 156.92 32.89 -35.50
N THR O 205 157.11 31.88 -36.36
CA THR O 205 156.19 30.75 -36.49
C THR O 205 156.85 29.55 -35.83
N LYS O 206 156.36 29.17 -34.65
CA LYS O 206 156.93 28.09 -33.86
C LYS O 206 156.02 26.88 -33.93
N ILE O 207 156.60 25.72 -34.22
CA ILE O 207 155.87 24.45 -34.21
C ILE O 207 156.77 23.40 -33.58
N SER O 208 156.26 22.68 -32.60
CA SER O 208 157.05 21.66 -31.91
C SER O 208 156.18 20.49 -31.50
N GLU O 209 156.65 19.28 -31.82
CA GLU O 209 155.98 18.04 -31.43
C GLU O 209 156.61 17.56 -30.12
N THR O 210 155.84 17.65 -29.04
CA THR O 210 156.30 17.24 -27.72
C THR O 210 155.74 15.86 -27.36
N ILE O 211 156.61 15.00 -26.84
CA ILE O 211 156.28 13.60 -26.58
C ILE O 211 156.63 13.30 -25.13
N ASN O 212 155.62 13.32 -24.27
CA ASN O 212 155.71 12.81 -22.89
C ASN O 212 156.71 13.58 -22.03
N LYS O 213 156.96 14.85 -22.32
CA LYS O 213 157.89 15.66 -21.55
C LYS O 213 157.33 17.06 -21.35
N THR O 214 157.55 17.61 -20.15
CA THR O 214 157.09 18.94 -19.80
C THR O 214 158.07 19.97 -20.36
N LYS O 215 157.64 20.70 -21.39
CA LYS O 215 158.52 21.59 -22.14
C LYS O 215 158.08 23.04 -22.01
N GLN O 216 159.05 23.91 -21.71
CA GLN O 216 158.85 25.35 -21.69
C GLN O 216 159.25 25.94 -23.04
N PHE O 217 158.65 27.08 -23.36
CA PHE O 217 158.92 27.79 -24.61
C PHE O 217 159.53 29.15 -24.30
N SER O 218 160.65 29.44 -24.97
CA SER O 218 161.31 30.73 -24.80
C SER O 218 160.67 31.78 -25.73
N GLN O 219 160.82 33.04 -25.34
CA GLN O 219 160.35 34.20 -26.08
C GLN O 219 158.82 34.28 -26.18
N CYS O 220 158.10 33.43 -25.43
CA CYS O 220 156.64 33.46 -25.41
C CYS O 220 156.19 33.88 -24.01
N THR O 221 155.41 34.96 -23.96
CA THR O 221 154.97 35.55 -22.69
C THR O 221 153.56 35.11 -22.32
N LYS O 222 152.59 35.33 -23.22
CA LYS O 222 151.19 35.05 -22.94
C LYS O 222 150.81 33.69 -23.51
N LYS O 223 150.05 32.93 -22.73
CA LYS O 223 149.61 31.61 -23.16
C LYS O 223 148.69 31.69 -24.38
N GLU O 224 147.98 32.81 -24.54
CA GLU O 224 147.03 32.93 -25.65
C GLU O 224 147.72 32.90 -27.01
N GLN O 225 149.03 33.18 -27.07
CA GLN O 225 149.75 33.16 -28.34
C GLN O 225 150.10 31.75 -28.81
N CYS O 226 150.02 30.75 -27.93
CA CYS O 226 150.34 29.37 -28.26
C CYS O 226 149.07 28.52 -28.20
N ARG O 227 149.07 27.42 -28.95
CA ARG O 227 147.96 26.48 -28.96
C ARG O 227 148.51 25.06 -29.05
N ALA O 228 148.13 24.23 -28.09
CA ALA O 228 148.60 22.85 -28.01
C ALA O 228 147.46 21.89 -28.34
N TYR O 229 147.81 20.75 -28.94
CA TYR O 229 146.83 19.75 -29.35
C TYR O 229 147.18 18.38 -28.79
N ARG O 230 146.48 17.34 -29.26
CA ARG O 230 146.73 15.96 -28.88
C ARG O 230 146.76 15.11 -30.14
N LEU O 231 147.51 14.01 -30.08
CA LEU O 231 147.63 13.09 -31.21
C LEU O 231 147.30 11.68 -30.76
N GLN O 232 146.46 11.00 -31.54
CA GLN O 232 146.08 9.61 -31.28
C GLN O 232 146.19 8.85 -32.59
N ASN O 233 147.29 8.11 -32.76
CA ASN O 233 147.51 7.39 -34.01
C ASN O 233 146.42 6.35 -34.25
N ASP O 234 146.04 5.63 -33.21
CA ASP O 234 145.04 4.57 -33.30
C ASP O 234 143.65 5.15 -33.01
N LYS O 235 142.68 4.26 -32.77
CA LYS O 235 141.36 4.63 -32.24
C LYS O 235 140.61 5.53 -33.21
N TRP O 236 140.21 4.91 -34.32
CA TRP O 236 139.52 5.57 -35.42
C TRP O 236 138.18 6.16 -34.94
N VAL O 237 137.70 7.23 -35.57
CA VAL O 237 136.49 7.92 -35.12
C VAL O 237 135.55 8.18 -36.30
N TYR O 238 134.29 8.47 -35.95
CA TYR O 238 133.19 8.45 -36.90
C TYR O 238 133.25 9.64 -37.86
N ASN O 239 132.48 9.53 -38.95
CA ASN O 239 132.22 10.64 -39.87
C ASN O 239 131.35 11.69 -39.18
N SER O 240 131.92 12.41 -38.22
CA SER O 240 131.17 13.41 -37.46
C SER O 240 131.21 14.76 -38.18
N ASP O 241 130.29 15.64 -37.78
CA ASP O 241 130.18 16.98 -38.34
C ASP O 241 130.84 18.03 -37.44
N LYS O 242 130.83 17.81 -36.13
CA LYS O 242 131.35 18.80 -35.20
C LYS O 242 132.87 18.69 -35.02
N LEU O 243 133.50 17.60 -35.48
CA LEU O 243 134.93 17.41 -35.34
C LEU O 243 135.66 17.80 -36.62
N PRO O 244 136.95 18.09 -36.54
CA PRO O 244 137.72 18.37 -37.76
C PRO O 244 138.18 17.07 -38.40
N LYS O 245 138.97 17.21 -39.47
CA LYS O 245 139.50 16.07 -40.22
C LYS O 245 141.03 16.10 -40.18
N ALA O 246 141.62 14.91 -40.16
CA ALA O 246 143.07 14.76 -40.07
C ALA O 246 143.68 14.98 -41.45
N ALA O 247 144.97 14.67 -41.58
CA ALA O 247 145.74 14.93 -42.79
C ALA O 247 146.10 13.62 -43.47
N GLY O 248 145.66 13.46 -44.72
CA GLY O 248 146.13 12.40 -45.59
C GLY O 248 145.16 11.25 -45.78
N ALA O 249 144.40 11.32 -46.88
CA ALA O 249 143.60 10.23 -47.42
C ALA O 249 142.36 9.87 -46.61
N THR O 250 142.24 10.38 -45.38
CA THR O 250 141.01 10.37 -44.58
C THR O 250 140.27 9.03 -44.61
N LEU O 251 140.97 7.91 -44.75
CA LEU O 251 140.35 6.61 -44.92
C LEU O 251 141.15 5.52 -44.23
N LYS O 252 140.45 4.64 -43.51
CA LYS O 252 141.07 3.44 -42.95
C LYS O 252 140.20 2.19 -43.05
N GLY O 253 138.92 2.29 -43.35
CA GLY O 253 138.09 1.11 -43.49
C GLY O 253 136.63 1.44 -43.29
N LYS O 254 135.86 0.40 -42.95
CA LYS O 254 134.42 0.54 -42.71
C LYS O 254 133.98 -0.57 -41.76
N LEU O 255 132.80 -0.36 -41.16
CA LEU O 255 132.29 -1.26 -40.14
C LEU O 255 130.80 -1.49 -40.36
N HIS O 256 130.31 -2.63 -39.86
CA HIS O 256 128.91 -3.00 -40.02
C HIS O 256 128.01 -2.13 -39.15
N VAL O 257 126.71 -2.24 -39.38
CA VAL O 257 125.71 -1.46 -38.64
C VAL O 257 124.64 -2.40 -38.11
N PRO O 258 124.13 -2.22 -36.88
CA PRO O 258 123.08 -3.12 -36.38
C PRO O 258 121.67 -2.62 -36.65
N PHE O 259 120.67 -3.41 -36.26
CA PHE O 259 119.27 -3.01 -36.34
C PHE O 259 118.86 -2.65 -37.77
N LEU O 260 118.96 -3.64 -38.65
CA LEU O 260 118.44 -3.50 -40.00
C LEU O 260 116.93 -3.77 -40.02
N LEU O 261 116.26 -3.29 -41.06
CA LEU O 261 114.83 -3.51 -41.20
C LEU O 261 114.57 -4.90 -41.76
N ALA O 262 113.69 -5.64 -41.10
CA ALA O 262 113.31 -6.99 -41.49
C ALA O 262 111.80 -7.09 -41.58
N ASP O 263 111.33 -8.16 -42.20
CA ASP O 263 109.91 -8.43 -42.34
C ASP O 263 109.45 -9.31 -41.18
N GLY O 264 108.46 -8.81 -40.43
CA GLY O 264 108.01 -9.49 -39.24
C GLY O 264 106.50 -9.60 -39.17
N LYS O 265 106.05 -10.50 -38.31
CA LYS O 265 104.63 -10.64 -38.03
C LYS O 265 104.18 -9.52 -37.10
N CYS O 266 102.99 -9.00 -37.36
CA CYS O 266 102.57 -7.72 -36.80
C CYS O 266 101.09 -7.80 -36.47
N THR O 267 100.65 -6.96 -35.55
CA THR O 267 99.26 -6.90 -35.12
C THR O 267 98.56 -5.71 -35.76
N VAL O 268 97.29 -5.90 -36.12
CA VAL O 268 96.47 -4.87 -36.74
C VAL O 268 95.08 -4.92 -36.11
N PRO O 269 94.44 -3.77 -35.84
CA PRO O 269 93.10 -3.83 -35.23
C PRO O 269 92.04 -4.34 -36.21
N LEU O 270 90.93 -4.80 -35.65
CA LEU O 270 89.79 -5.30 -36.41
C LEU O 270 88.58 -4.42 -36.12
N ALA O 271 87.94 -3.91 -37.16
CA ALA O 271 86.79 -3.05 -37.00
C ALA O 271 85.55 -3.87 -36.65
N PRO O 272 84.54 -3.25 -36.04
CA PRO O 272 83.30 -3.97 -35.76
C PRO O 272 82.56 -4.33 -37.04
N GLU O 273 81.72 -5.34 -36.93
CA GLU O 273 81.02 -5.88 -38.09
C GLU O 273 79.95 -4.88 -38.53
N PRO O 274 79.98 -4.38 -39.78
CA PRO O 274 79.02 -3.34 -40.16
C PRO O 274 77.62 -3.90 -40.29
N MET O 275 76.63 -3.05 -40.00
CA MET O 275 75.23 -3.46 -40.08
C MET O 275 74.75 -3.33 -41.53
N ILE O 276 74.29 -4.43 -42.08
CA ILE O 276 73.80 -4.52 -43.45
C ILE O 276 72.27 -4.59 -43.42
N THR O 277 71.62 -3.81 -44.28
CA THR O 277 70.19 -3.97 -44.52
C THR O 277 69.94 -3.87 -46.02
N PHE O 278 69.03 -4.70 -46.51
CA PHE O 278 68.87 -4.93 -47.94
C PHE O 278 67.56 -4.31 -48.44
N GLY O 279 67.56 -3.90 -49.70
CA GLY O 279 66.36 -3.43 -50.37
C GLY O 279 66.53 -3.63 -51.86
N PHE O 280 65.48 -3.29 -52.61
CA PHE O 280 65.47 -3.55 -54.04
C PHE O 280 66.67 -2.89 -54.72
N ARG O 281 67.62 -3.71 -55.14
CA ARG O 281 68.83 -3.24 -55.83
C ARG O 281 69.64 -2.26 -54.99
N SER O 282 69.57 -2.35 -53.66
CA SER O 282 70.27 -1.38 -52.82
C SER O 282 70.63 -2.03 -51.49
N VAL O 283 71.67 -1.48 -50.87
CA VAL O 283 72.15 -1.91 -49.56
C VAL O 283 72.46 -0.68 -48.73
N SER O 284 71.98 -0.66 -47.50
CA SER O 284 72.29 0.40 -46.55
C SER O 284 73.23 -0.16 -45.49
N LEU O 285 74.35 0.53 -45.29
CA LEU O 285 75.38 0.16 -44.34
C LEU O 285 75.38 1.15 -43.19
N LYS O 286 75.22 0.66 -41.97
CA LYS O 286 75.40 1.47 -40.77
C LYS O 286 76.74 1.08 -40.14
N LEU O 287 77.60 2.08 -39.94
CA LEU O 287 78.95 1.89 -39.44
C LEU O 287 79.14 2.74 -38.19
N HIS O 288 79.80 2.16 -37.19
CA HIS O 288 80.07 2.82 -35.91
C HIS O 288 81.55 2.62 -35.57
N PRO O 289 82.45 3.42 -36.13
CA PRO O 289 83.88 3.14 -35.96
C PRO O 289 84.43 3.54 -34.60
N LYS O 290 85.33 2.69 -34.08
CA LYS O 290 86.07 3.03 -32.87
C LYS O 290 87.18 4.04 -33.16
N ASN O 291 87.64 4.11 -34.40
CA ASN O 291 88.75 4.97 -34.81
C ASN O 291 88.57 5.28 -36.28
N PRO O 292 89.22 6.33 -36.79
CA PRO O 292 89.09 6.64 -38.22
C PRO O 292 89.50 5.47 -39.09
N THR O 293 88.71 5.21 -40.13
CA THR O 293 88.87 4.01 -40.95
C THR O 293 88.57 4.33 -42.40
N TYR O 294 89.17 3.53 -43.29
CA TYR O 294 88.98 3.67 -44.73
C TYR O 294 87.94 2.68 -45.22
N LEU O 295 86.89 3.20 -45.86
CA LEU O 295 85.89 2.41 -46.55
C LEU O 295 86.14 2.56 -48.04
N ILE O 296 86.28 1.44 -48.75
CA ILE O 296 86.53 1.46 -50.19
C ILE O 296 85.50 0.57 -50.88
N THR O 297 84.93 1.07 -51.97
CA THR O 297 83.88 0.38 -52.70
C THR O 297 84.17 0.43 -54.20
N ARG O 298 83.75 -0.62 -54.90
CA ARG O 298 84.03 -0.77 -56.32
C ARG O 298 82.88 -1.53 -56.98
N GLN O 299 82.71 -1.29 -58.28
CA GLN O 299 81.69 -1.94 -59.09
C GLN O 299 82.36 -2.91 -60.05
N LEU O 300 81.81 -4.13 -60.14
CA LEU O 300 82.45 -5.23 -60.87
C LEU O 300 82.30 -5.12 -62.39
N ALA O 301 81.77 -4.01 -62.90
CA ALA O 301 81.58 -3.78 -64.32
C ALA O 301 82.82 -3.11 -64.92
N ASP O 302 82.72 -2.69 -66.18
CA ASP O 302 83.86 -2.08 -66.86
C ASP O 302 84.28 -0.77 -66.18
N GLU O 303 83.29 0.07 -65.83
CA GLU O 303 83.58 1.33 -65.16
C GLU O 303 83.60 1.10 -63.66
N PRO O 304 84.73 1.28 -62.96
CA PRO O 304 84.73 0.93 -61.53
C PRO O 304 83.94 1.89 -60.68
N HIS O 305 84.05 3.20 -60.94
CA HIS O 305 83.47 4.22 -60.07
C HIS O 305 83.95 4.01 -58.63
N TYR O 306 85.24 3.72 -58.48
CA TYR O 306 85.80 3.40 -57.18
C TYR O 306 85.63 4.59 -56.23
N THR O 307 85.17 4.30 -55.01
CA THR O 307 85.02 5.31 -53.98
C THR O 307 85.90 4.94 -52.79
N HIS O 308 86.73 5.88 -52.37
CA HIS O 308 87.61 5.74 -51.21
C HIS O 308 87.27 6.88 -50.24
N GLU O 309 86.90 6.53 -49.01
CA GLU O 309 86.47 7.52 -48.04
C GLU O 309 87.03 7.20 -46.67
N LEU O 310 87.25 8.25 -45.88
CA LEU O 310 87.65 8.15 -44.49
C LEU O 310 86.45 8.51 -43.61
N ILE O 311 86.13 7.65 -42.65
CA ILE O 311 85.03 7.87 -41.74
C ILE O 311 85.55 7.68 -40.32
N SER O 312 85.25 8.66 -39.45
CA SER O 312 85.64 8.61 -38.04
C SER O 312 84.48 8.79 -37.09
N GLU O 313 83.26 8.95 -37.59
CA GLU O 313 82.05 9.16 -36.80
C GLU O 313 80.99 8.17 -37.25
N PRO O 314 80.04 7.82 -36.38
CA PRO O 314 79.00 6.87 -36.80
C PRO O 314 78.19 7.44 -37.96
N ALA O 315 77.85 6.57 -38.91
CA ALA O 315 77.26 7.03 -40.15
C ALA O 315 76.39 5.93 -40.77
N VAL O 316 75.52 6.37 -41.68
CA VAL O 316 74.69 5.49 -42.49
C VAL O 316 74.90 5.87 -43.95
N ARG O 317 75.24 4.89 -44.78
CA ARG O 317 75.56 5.12 -46.18
C ARG O 317 74.73 4.18 -47.04
N ASN O 318 74.10 4.73 -48.07
CA ASN O 318 73.25 3.98 -48.98
C ASN O 318 73.99 3.77 -50.30
N PHE O 319 73.95 2.53 -50.81
CA PHE O 319 74.59 2.20 -52.07
C PHE O 319 73.61 1.43 -52.95
N THR O 320 73.76 1.61 -54.26
CA THR O 320 72.94 0.94 -55.26
C THR O 320 73.76 -0.13 -55.95
N VAL O 321 73.20 -1.33 -56.04
CA VAL O 321 73.89 -2.51 -56.58
C VAL O 321 73.13 -3.01 -57.79
N THR O 322 73.86 -3.31 -58.87
CA THR O 322 73.29 -3.91 -60.07
C THR O 322 73.60 -5.39 -60.09
N GLU O 323 73.12 -6.08 -61.13
CA GLU O 323 73.38 -7.51 -61.25
C GLU O 323 74.85 -7.78 -61.58
N LYS O 324 75.54 -6.82 -62.21
CA LYS O 324 76.93 -7.04 -62.58
C LYS O 324 77.83 -7.17 -61.36
N GLY O 325 77.41 -6.65 -60.20
CA GLY O 325 78.07 -6.95 -58.95
C GLY O 325 78.71 -5.78 -58.22
N TRP O 326 78.61 -5.79 -56.89
CA TRP O 326 79.17 -4.75 -56.04
C TRP O 326 80.24 -5.39 -55.15
N GLU O 327 81.26 -4.62 -54.79
CA GLU O 327 82.31 -5.13 -53.91
C GLU O 327 82.76 -4.01 -52.98
N PHE O 328 83.17 -4.38 -51.78
CA PHE O 328 83.71 -3.37 -50.87
C PHE O 328 84.67 -4.02 -49.87
N VAL O 329 85.58 -3.20 -49.36
CA VAL O 329 86.44 -3.54 -48.23
C VAL O 329 86.26 -2.49 -47.16
N TRP O 330 86.02 -2.94 -45.93
CA TRP O 330 85.71 -2.10 -44.77
C TRP O 330 86.61 -2.56 -43.64
N GLY O 331 87.72 -1.87 -43.45
CA GLY O 331 88.69 -2.22 -42.44
C GLY O 331 89.75 -3.17 -42.98
N ASN O 332 89.98 -4.28 -42.27
CA ASN O 332 90.94 -5.29 -42.67
C ASN O 332 90.30 -6.66 -42.90
N HIS O 333 88.97 -6.75 -42.90
CA HIS O 333 88.29 -8.01 -43.12
C HIS O 333 88.44 -8.43 -44.57
N PRO O 334 88.18 -9.68 -44.93
CA PRO O 334 88.26 -10.08 -46.33
C PRO O 334 87.27 -9.29 -47.17
N PRO O 335 87.57 -9.05 -48.45
CA PRO O 335 86.64 -8.27 -49.28
C PRO O 335 85.29 -8.96 -49.39
N LYS O 336 84.24 -8.14 -49.47
CA LYS O 336 82.86 -8.63 -49.55
C LYS O 336 82.30 -8.29 -50.93
N ARG O 337 81.87 -9.31 -51.66
CA ARG O 337 81.26 -9.15 -52.98
C ARG O 337 79.80 -9.58 -52.91
N PHE O 338 78.90 -8.70 -53.36
CA PHE O 338 77.46 -8.90 -53.29
C PHE O 338 76.88 -8.82 -54.69
N TRP O 339 76.14 -9.87 -55.07
CA TRP O 339 75.52 -9.98 -56.38
C TRP O 339 74.02 -10.12 -56.20
N ALA O 340 73.24 -9.37 -56.97
CA ALA O 340 71.81 -9.22 -56.76
C ALA O 340 71.02 -9.88 -57.89
N GLN O 341 69.76 -10.23 -57.57
CA GLN O 341 68.83 -10.81 -58.52
C GLN O 341 67.48 -10.12 -58.40
N GLU O 342 66.60 -10.40 -59.36
CA GLU O 342 65.28 -9.79 -59.39
C GLU O 342 64.40 -10.37 -58.29
N THR O 343 63.52 -9.53 -57.75
CA THR O 343 62.52 -9.96 -56.77
C THR O 343 61.22 -9.20 -56.95
N TYR P 1 -44.17 8.34 6.88
CA TYR P 1 -44.94 9.14 5.87
C TYR P 1 -44.94 10.62 6.23
N GLU P 2 -44.69 11.46 5.23
CA GLU P 2 -44.57 12.90 5.42
C GLU P 2 -45.93 13.57 5.21
N HIS P 3 -46.27 14.48 6.11
CA HIS P 3 -47.51 15.25 6.00
C HIS P 3 -47.25 16.68 6.44
N ALA P 4 -47.60 17.64 5.58
CA ALA P 4 -47.42 19.05 5.86
C ALA P 4 -48.75 19.67 6.26
N THR P 5 -48.70 20.58 7.23
CA THR P 5 -49.90 21.23 7.76
C THR P 5 -49.56 22.66 8.13
N THR P 6 -50.59 23.51 8.16
CA THR P 6 -50.46 24.92 8.50
C THR P 6 -51.26 25.21 9.76
N MET P 7 -50.70 26.05 10.64
CA MET P 7 -51.30 26.35 11.93
C MET P 7 -51.48 27.87 12.06
N PRO P 8 -52.69 28.41 12.21
CA PRO P 8 -52.79 29.84 12.51
C PRO P 8 -52.15 30.17 13.84
N SER P 9 -51.53 31.35 13.94
CA SER P 9 -50.85 31.76 15.16
C SER P 9 -51.86 32.44 16.08
N GLN P 10 -52.56 31.63 16.86
CA GLN P 10 -53.50 32.15 17.83
C GLN P 10 -53.85 31.03 18.81
N ALA P 11 -53.62 31.26 20.10
CA ALA P 11 -53.91 30.28 21.13
C ALA P 11 -55.36 30.41 21.59
N GLY P 12 -55.84 29.35 22.24
CA GLY P 12 -57.19 29.31 22.77
C GLY P 12 -58.20 28.63 21.87
N ILE P 13 -57.80 28.17 20.69
CA ILE P 13 -58.69 27.48 19.76
C ILE P 13 -58.10 26.13 19.41
N SER P 14 -58.98 25.16 19.14
CA SER P 14 -58.56 23.83 18.72
C SER P 14 -58.42 23.78 17.19
N TYR P 15 -57.78 22.71 16.70
CA TYR P 15 -57.55 22.55 15.27
C TYR P 15 -57.48 21.06 14.93
N ASN P 16 -58.34 20.65 14.00
CA ASN P 16 -58.51 19.25 13.62
C ASN P 16 -58.02 19.02 12.20
N THR P 17 -57.33 17.91 11.99
CA THR P 17 -56.85 17.51 10.67
C THR P 17 -57.09 16.01 10.49
N ILE P 18 -57.27 15.60 9.24
CA ILE P 18 -57.38 14.20 8.87
C ILE P 18 -56.23 13.87 7.92
N VAL P 19 -55.51 12.79 8.21
CA VAL P 19 -54.46 12.28 7.33
C VAL P 19 -55.07 11.14 6.52
N ASN P 20 -55.10 11.32 5.21
CA ASN P 20 -55.83 10.43 4.31
C ASN P 20 -54.85 9.44 3.71
N ARG P 21 -55.26 8.18 3.62
CA ARG P 21 -54.53 7.14 2.92
C ARG P 21 -55.50 6.41 1.99
N ALA P 22 -55.04 6.12 0.77
CA ALA P 22 -55.89 5.46 -0.20
C ALA P 22 -56.36 4.10 0.28
N GLY P 23 -55.45 3.30 0.84
CA GLY P 23 -55.76 1.94 1.23
C GLY P 23 -55.99 1.72 2.71
N TYR P 24 -55.82 2.75 3.53
CA TYR P 24 -55.98 2.65 4.98
C TYR P 24 -56.94 3.72 5.47
N ALA P 25 -57.45 3.49 6.69
CA ALA P 25 -58.43 4.40 7.26
C ALA P 25 -57.78 5.77 7.54
N PRO P 26 -58.54 6.85 7.44
CA PRO P 26 -57.98 8.16 7.80
C PRO P 26 -57.60 8.23 9.27
N LEU P 27 -56.56 9.01 9.56
CA LEU P 27 -56.05 9.19 10.91
C LEU P 27 -56.38 10.57 11.44
N PRO P 28 -56.93 10.72 12.65
CA PRO P 28 -57.22 12.08 13.16
C PRO P 28 -56.02 12.71 13.85
N ILE P 29 -55.99 14.04 13.81
CA ILE P 29 -55.00 14.84 14.52
C ILE P 29 -55.74 16.00 15.17
N SER P 30 -55.51 16.22 16.46
CA SER P 30 -56.06 17.37 17.17
C SER P 30 -54.93 18.14 17.83
N ILE P 31 -54.91 19.46 17.62
CA ILE P 31 -53.83 20.31 18.12
C ILE P 31 -54.46 21.50 18.83
N THR P 32 -53.93 21.84 20.00
CA THR P 32 -54.33 23.05 20.70
C THR P 32 -53.09 23.76 21.24
N PRO P 33 -52.69 24.92 20.70
CA PRO P 33 -51.61 25.68 21.33
C PRO P 33 -52.10 26.39 22.58
N THR P 34 -51.32 26.25 23.66
CA THR P 34 -51.67 26.82 24.96
C THR P 34 -51.02 28.17 25.21
N LYS P 35 -49.77 28.36 24.77
CA LYS P 35 -49.06 29.61 25.03
C LYS P 35 -47.84 29.76 24.13
N ILE P 36 -47.71 30.91 23.48
CA ILE P 36 -46.63 31.19 22.55
C ILE P 36 -45.83 32.37 23.08
N LYS P 37 -44.52 32.22 23.13
CA LYS P 37 -43.60 33.24 23.63
C LYS P 37 -42.71 33.72 22.50
N LEU P 38 -42.53 35.03 22.41
CA LEU P 38 -41.62 35.66 21.45
C LEU P 38 -40.54 36.36 22.28
N ILE P 39 -39.47 35.63 22.59
CA ILE P 39 -38.45 36.09 23.52
C ILE P 39 -37.36 36.79 22.71
N PRO P 40 -37.04 38.05 23.02
CA PRO P 40 -35.97 38.73 22.28
C PRO P 40 -34.59 38.42 22.86
N THR P 41 -33.58 38.50 22.00
CA THR P 41 -32.18 38.39 22.41
C THR P 41 -31.69 39.79 22.75
N VAL P 42 -31.57 40.06 24.05
CA VAL P 42 -31.27 41.39 24.58
C VAL P 42 -29.99 41.32 25.40
N ASN P 43 -29.14 42.34 25.25
CA ASN P 43 -27.92 42.50 26.03
C ASN P 43 -28.04 43.68 26.98
N LEU P 44 -27.19 43.68 28.00
CA LEU P 44 -27.20 44.70 29.04
C LEU P 44 -26.08 45.69 28.78
N GLU P 45 -26.41 46.99 28.81
CA GLU P 45 -25.46 48.06 28.54
C GLU P 45 -25.03 48.79 29.79
N TYR P 46 -25.98 49.31 30.58
CA TYR P 46 -25.66 50.06 31.78
C TYR P 46 -26.91 50.16 32.65
N VAL P 47 -26.75 50.80 33.80
CA VAL P 47 -27.83 51.04 34.73
C VAL P 47 -27.71 52.47 35.27
N THR P 48 -28.85 53.05 35.60
CA THR P 48 -28.89 54.41 36.13
C THR P 48 -29.98 54.51 37.19
N CYS P 49 -29.85 55.50 38.06
CA CYS P 49 -30.81 55.74 39.12
C CYS P 49 -30.58 57.13 39.67
N HIS P 50 -31.27 57.44 40.77
CA HIS P 50 -31.08 58.72 41.44
C HIS P 50 -29.64 58.90 41.90
N TYR P 51 -29.12 60.10 41.72
CA TYR P 51 -27.79 60.48 42.18
C TYR P 51 -27.91 61.32 43.45
N LYS P 52 -26.82 61.34 44.22
CA LYS P 52 -26.74 62.09 45.46
C LYS P 52 -25.49 62.96 45.40
N THR P 53 -25.66 64.25 45.70
CA THR P 53 -24.58 65.22 45.61
C THR P 53 -23.63 65.09 46.81
N GLY P 54 -22.50 64.45 46.58
CA GLY P 54 -21.50 64.31 47.62
C GLY P 54 -20.61 65.53 47.71
N MET P 55 -20.12 65.79 48.93
CA MET P 55 -19.21 66.91 49.16
C MET P 55 -18.44 66.62 50.44
N ASP P 56 -17.19 67.09 50.48
CA ASP P 56 -16.39 66.98 51.69
C ASP P 56 -16.59 68.23 52.55
N SER P 57 -16.16 68.15 53.79
CA SER P 57 -16.27 69.28 54.68
C SER P 57 -15.45 70.44 54.11
N PRO P 58 -15.93 71.69 54.20
CA PRO P 58 -15.16 72.80 53.61
C PRO P 58 -13.80 72.93 54.28
N ALA P 59 -12.79 73.27 53.48
CA ALA P 59 -11.44 73.44 53.98
C ALA P 59 -11.18 74.92 54.21
N ILE P 60 -11.15 75.33 55.48
CA ILE P 60 -11.00 76.72 55.86
C ILE P 60 -9.58 76.91 56.35
N LYS P 61 -8.92 77.95 55.82
CA LYS P 61 -7.62 78.39 56.30
C LYS P 61 -7.70 79.86 56.68
N CYS P 62 -7.02 80.21 57.77
CA CYS P 62 -7.10 81.52 58.38
C CYS P 62 -5.80 82.27 58.18
N CYS P 63 -5.87 83.42 57.52
CA CYS P 63 -4.68 84.16 57.10
C CYS P 63 -3.69 83.24 56.39
N GLY P 64 -4.10 82.67 55.26
CA GLY P 64 -3.24 81.81 54.48
C GLY P 64 -3.76 81.57 53.07
N SER P 65 -3.40 80.42 52.49
CA SER P 65 -3.85 80.06 51.16
C SER P 65 -3.88 78.54 51.04
N GLN P 66 -4.70 78.06 50.10
CA GLN P 66 -4.91 76.63 49.90
C GLN P 66 -4.80 76.30 48.41
N GLU P 67 -4.65 75.01 48.14
CA GLU P 67 -4.53 74.48 46.79
C GLU P 67 -5.50 73.32 46.62
N CYS P 68 -5.90 73.09 45.38
CA CYS P 68 -6.86 72.04 45.05
C CYS P 68 -6.12 70.77 44.66
N THR P 69 -6.52 69.65 45.27
CA THR P 69 -5.95 68.34 44.96
C THR P 69 -7.00 67.52 44.21
N PRO P 70 -6.70 66.91 43.06
CA PRO P 70 -7.73 66.13 42.36
C PRO P 70 -7.90 64.75 42.97
N THR P 71 -9.15 64.41 43.29
CA THR P 71 -9.50 63.08 43.75
C THR P 71 -9.98 62.17 42.63
N TYR P 72 -10.27 62.73 41.45
CA TYR P 72 -10.78 61.98 40.30
C TYR P 72 -12.12 61.32 40.59
N ARG P 73 -12.90 61.88 41.51
CA ARG P 73 -14.28 61.44 41.66
C ARG P 73 -15.07 61.87 40.42
N PRO P 74 -16.11 61.12 40.03
CA PRO P 74 -16.82 61.48 38.79
C PRO P 74 -17.42 62.88 38.85
N ASP P 75 -17.18 63.64 37.78
CA ASP P 75 -17.73 65.00 37.63
C ASP P 75 -17.38 65.87 38.85
N GLU P 76 -16.13 65.79 39.29
CA GLU P 76 -15.71 66.56 40.45
C GLU P 76 -15.57 68.03 40.10
N GLN P 77 -16.05 68.89 41.00
CA GLN P 77 -15.90 70.34 40.90
C GLN P 77 -15.24 70.85 42.17
N CYS P 78 -14.05 71.42 42.03
CA CYS P 78 -13.28 71.95 43.15
C CYS P 78 -13.00 73.43 42.90
N LYS P 79 -13.09 74.23 43.96
CA LYS P 79 -12.89 75.67 43.82
C LYS P 79 -12.39 76.24 45.14
N VAL P 80 -11.70 77.37 45.03
CA VAL P 80 -11.15 78.09 46.18
C VAL P 80 -11.61 79.54 46.11
N PHE P 81 -12.02 80.08 47.26
CA PHE P 81 -12.47 81.46 47.39
C PHE P 81 -11.77 82.11 48.56
N THR P 82 -11.81 83.45 48.59
CA THR P 82 -11.16 84.25 49.61
C THR P 82 -12.13 85.32 50.11
N GLY P 83 -11.66 86.15 51.04
CA GLY P 83 -12.46 87.24 51.56
C GLY P 83 -13.68 86.80 52.35
N VAL P 84 -13.48 85.90 53.31
CA VAL P 84 -14.56 85.35 54.14
C VAL P 84 -14.30 85.73 55.59
N TYR P 85 -15.38 85.84 56.36
CA TYR P 85 -15.34 86.14 57.78
C TYR P 85 -16.14 85.06 58.50
N PRO P 86 -15.53 83.92 58.80
CA PRO P 86 -16.32 82.78 59.30
C PRO P 86 -16.93 83.03 60.66
N PHE P 87 -18.07 82.37 60.89
CA PHE P 87 -18.78 82.41 62.17
C PHE P 87 -19.11 80.99 62.61
N MET P 88 -19.32 80.85 63.91
CA MET P 88 -19.74 79.60 64.52
C MET P 88 -20.60 79.94 65.74
N TRP P 89 -21.34 78.94 66.23
CA TRP P 89 -22.24 79.17 67.36
C TRP P 89 -21.51 79.72 68.59
N GLY P 90 -20.25 79.35 68.79
CA GLY P 90 -19.51 79.85 69.93
C GLY P 90 -18.93 81.23 69.73
N GLY P 91 -18.64 81.59 68.48
CA GLY P 91 -18.09 82.90 68.19
C GLY P 91 -17.39 82.99 66.85
N ALA P 92 -16.25 83.69 66.82
CA ALA P 92 -15.52 83.94 65.59
C ALA P 92 -14.44 82.87 65.41
N TYR P 93 -14.50 82.16 64.28
CA TYR P 93 -13.49 81.14 64.00
C TYR P 93 -12.14 81.76 63.67
N CYS P 94 -12.10 83.02 63.26
CA CYS P 94 -10.87 83.75 63.00
C CYS P 94 -10.84 85.14 63.63
N PHE P 95 -9.61 85.65 63.69
CA PHE P 95 -9.30 87.03 64.01
C PHE P 95 -8.92 87.84 62.78
N CYS P 96 -8.77 87.20 61.62
CA CYS P 96 -8.37 87.89 60.40
C CYS P 96 -9.56 88.58 59.76
N ASP P 97 -9.37 89.83 59.34
CA ASP P 97 -10.41 90.54 58.62
C ASP P 97 -10.54 90.05 57.18
N THR P 98 -9.42 89.75 56.53
CA THR P 98 -9.40 89.22 55.17
C THR P 98 -8.32 88.14 55.10
N GLU P 99 -8.05 87.66 53.89
CA GLU P 99 -7.05 86.65 53.54
C GLU P 99 -7.50 85.25 53.93
N ASN P 100 -8.62 85.09 54.65
CA ASN P 100 -9.14 83.77 54.94
C ASN P 100 -9.60 83.11 53.64
N THR P 101 -9.27 81.83 53.48
CA THR P 101 -9.55 81.09 52.25
C THR P 101 -10.41 79.89 52.56
N GLN P 102 -11.33 79.59 51.65
CA GLN P 102 -12.18 78.41 51.73
C GLN P 102 -12.04 77.58 50.46
N VAL P 103 -11.99 76.27 50.64
CA VAL P 103 -11.95 75.32 49.52
C VAL P 103 -13.20 74.46 49.59
N SER P 104 -13.94 74.42 48.49
CA SER P 104 -15.17 73.65 48.37
C SER P 104 -15.02 72.64 47.23
N LYS P 105 -15.33 71.39 47.52
CA LYS P 105 -15.21 70.30 46.56
C LYS P 105 -16.51 69.50 46.57
N ALA P 106 -16.97 69.12 45.38
CA ALA P 106 -18.24 68.43 45.24
C ALA P 106 -18.15 67.41 44.12
N TYR P 107 -19.05 66.43 44.17
CA TYR P 107 -19.07 65.30 43.25
C TYR P 107 -20.44 64.63 43.40
N VAL P 108 -20.60 63.46 42.81
CA VAL P 108 -21.86 62.72 42.87
C VAL P 108 -21.56 61.25 43.18
N MET P 109 -22.53 60.56 43.78
CA MET P 109 -22.49 59.10 43.87
C MET P 109 -23.90 58.54 43.73
N LYS P 110 -23.97 57.28 43.35
CA LYS P 110 -25.27 56.62 43.19
C LYS P 110 -26.01 56.58 44.52
N SER P 111 -27.31 56.87 44.47
CA SER P 111 -28.12 56.85 45.68
C SER P 111 -28.19 55.44 46.24
N ASP P 112 -28.10 55.34 47.56
CA ASP P 112 -28.11 54.03 48.22
C ASP P 112 -29.46 53.32 48.04
N ASP P 113 -30.54 54.09 47.90
CA ASP P 113 -31.87 53.51 47.87
C ASP P 113 -32.20 52.80 46.56
N CYS P 114 -31.35 52.93 45.53
CA CYS P 114 -31.68 52.43 44.20
C CYS P 114 -31.09 51.05 43.92
N LEU P 115 -30.98 50.21 44.95
CA LEU P 115 -30.62 48.81 44.70
C LEU P 115 -31.70 48.13 43.86
N ALA P 116 -32.97 48.42 44.15
CA ALA P 116 -34.11 47.92 43.38
C ALA P 116 -34.74 48.97 42.49
N ASP P 117 -34.79 50.23 42.95
CA ASP P 117 -35.41 51.31 42.19
C ASP P 117 -34.40 51.87 41.18
N HIS P 118 -34.08 51.04 40.19
CA HIS P 118 -33.12 51.38 39.16
C HIS P 118 -33.73 51.14 37.78
N ALA P 119 -33.45 52.05 36.86
CA ALA P 119 -33.91 51.95 35.48
C ALA P 119 -32.79 51.34 34.63
N GLU P 120 -33.15 50.35 33.82
CA GLU P 120 -32.19 49.59 33.02
C GLU P 120 -32.39 49.88 31.54
N ALA P 121 -31.29 49.93 30.81
CA ALA P 121 -31.28 50.11 29.36
C ALA P 121 -31.05 48.76 28.69
N TYR P 122 -31.47 48.67 27.42
CA TYR P 122 -31.45 47.39 26.72
C TYR P 122 -31.38 47.62 25.22
N LYS P 123 -30.74 46.67 24.53
CA LYS P 123 -30.69 46.64 23.07
C LYS P 123 -31.09 45.24 22.62
N ALA P 124 -32.15 45.14 21.83
CA ALA P 124 -32.79 43.86 21.55
C ALA P 124 -32.73 43.51 20.06
N HIS P 125 -32.56 42.21 19.79
CA HIS P 125 -32.47 41.72 18.41
C HIS P 125 -32.88 40.26 18.36
N THR P 126 -33.15 39.80 17.14
CA THR P 126 -33.21 38.38 16.78
C THR P 126 -34.12 37.59 17.73
N ALA P 127 -35.39 37.97 17.71
CA ALA P 127 -36.36 37.32 18.59
C ALA P 127 -36.60 35.88 18.15
N SER P 128 -36.70 34.98 19.14
CA SER P 128 -36.95 33.57 18.92
C SER P 128 -38.30 33.20 19.51
N VAL P 129 -38.98 32.24 18.88
CA VAL P 129 -40.33 31.86 19.25
C VAL P 129 -40.29 30.50 19.93
N GLN P 130 -41.18 30.31 20.91
CA GLN P 130 -41.27 29.05 21.65
C GLN P 130 -42.74 28.81 21.98
N ALA P 131 -43.28 27.69 21.53
CA ALA P 131 -44.69 27.38 21.66
C ALA P 131 -44.91 26.16 22.55
N PHE P 132 -45.97 26.22 23.34
CA PHE P 132 -46.45 25.08 24.12
C PHE P 132 -47.68 24.51 23.43
N LEU P 133 -47.63 23.22 23.10
CA LEU P 133 -48.66 22.57 22.30
C LEU P 133 -49.26 21.39 23.06
N ASN P 134 -50.53 21.13 22.79
CA ASN P 134 -51.21 19.90 23.21
C ASN P 134 -51.57 19.14 21.95
N ILE P 135 -51.01 17.93 21.81
CA ILE P 135 -51.14 17.12 20.60
C ILE P 135 -51.92 15.87 20.96
N THR P 136 -52.81 15.46 20.06
CA THR P 136 -53.52 14.19 20.15
C THR P 136 -53.47 13.56 18.76
N VAL P 137 -52.61 12.54 18.63
CA VAL P 137 -52.45 11.77 17.41
C VAL P 137 -52.72 10.31 17.75
N GLY P 138 -53.65 9.68 17.04
CA GLY P 138 -54.05 8.33 17.39
C GLY P 138 -54.55 8.22 18.81
N GLU P 139 -55.38 9.19 19.24
CA GLU P 139 -55.86 9.32 20.61
C GLU P 139 -54.74 9.11 21.63
N HIS P 140 -53.58 9.69 21.39
CA HIS P 140 -52.47 9.74 22.33
C HIS P 140 -52.23 11.19 22.72
N SER P 141 -52.70 11.58 23.91
CA SER P 141 -52.62 12.96 24.36
C SER P 141 -51.24 13.23 24.96
N ILE P 142 -50.64 14.35 24.57
CA ILE P 142 -49.34 14.76 25.09
C ILE P 142 -49.29 16.29 25.12
N VAL P 143 -48.53 16.81 26.09
CA VAL P 143 -48.27 18.24 26.22
C VAL P 143 -46.77 18.44 26.07
N THR P 144 -46.38 19.36 25.18
CA THR P 144 -44.99 19.50 24.78
C THR P 144 -44.59 20.97 24.70
N THR P 145 -43.35 21.25 25.10
CA THR P 145 -42.70 22.52 24.84
C THR P 145 -41.73 22.31 23.66
N VAL P 146 -42.02 22.98 22.54
CA VAL P 146 -41.32 22.74 21.28
C VAL P 146 -40.63 24.02 20.83
N TYR P 147 -39.52 23.84 20.12
CA TYR P 147 -38.79 24.94 19.49
C TYR P 147 -39.12 24.97 18.01
N VAL P 148 -39.43 26.16 17.51
CA VAL P 148 -40.06 26.33 16.21
C VAL P 148 -39.06 26.83 15.16
N ASN P 149 -37.76 26.64 15.41
CA ASN P 149 -36.76 27.00 14.41
C ASN P 149 -36.71 25.90 13.34
N GLY P 150 -35.70 25.97 12.47
CA GLY P 150 -35.58 25.01 11.38
C GLY P 150 -34.96 23.69 11.74
N GLU P 151 -35.04 23.27 13.01
CA GLU P 151 -34.39 22.07 13.49
C GLU P 151 -35.03 21.75 14.85
N THR P 152 -34.53 20.73 15.54
CA THR P 152 -34.96 20.40 16.89
C THR P 152 -36.41 19.91 16.89
N PRO P 153 -36.69 18.75 16.30
CA PRO P 153 -38.02 18.16 16.42
C PRO P 153 -38.21 17.49 17.78
N VAL P 154 -39.39 16.92 17.96
CA VAL P 154 -39.75 16.18 19.17
C VAL P 154 -40.17 14.78 18.76
N ASN P 155 -39.82 13.80 19.60
CA ASN P 155 -40.09 12.39 19.34
C ASN P 155 -40.89 11.81 20.50
N PHE P 156 -42.02 11.19 20.20
CA PHE P 156 -42.80 10.47 21.20
C PHE P 156 -43.62 9.40 20.49
N ASN P 157 -43.55 8.17 21.01
CA ASN P 157 -44.23 7.02 20.41
C ASN P 157 -43.81 6.79 18.96
N GLY P 158 -42.63 7.27 18.58
CA GLY P 158 -42.13 7.13 17.23
C GLY P 158 -42.55 8.24 16.28
N VAL P 159 -43.55 9.05 16.65
CA VAL P 159 -43.97 10.16 15.80
C VAL P 159 -42.94 11.27 15.89
N LYS P 160 -42.52 11.79 14.74
CA LYS P 160 -41.59 12.92 14.67
C LYS P 160 -42.34 14.13 14.15
N ILE P 161 -42.17 15.27 14.82
CA ILE P 161 -42.84 16.51 14.46
C ILE P 161 -41.78 17.60 14.40
N THR P 162 -41.77 18.36 13.29
CA THR P 162 -40.89 19.51 13.18
C THR P 162 -41.68 20.72 12.74
N ALA P 163 -41.56 21.81 13.47
CA ALA P 163 -42.24 23.06 13.17
C ALA P 163 -41.23 24.01 12.53
N GLY P 164 -41.53 24.46 11.31
CA GLY P 164 -40.64 25.28 10.54
C GLY P 164 -40.54 26.70 11.07
N PRO P 165 -39.65 27.48 10.48
CA PRO P 165 -39.44 28.87 10.94
C PRO P 165 -40.67 29.74 10.75
N LEU P 166 -40.72 30.87 11.46
CA LEU P 166 -41.88 31.75 11.38
C LEU P 166 -42.03 32.31 9.97
N SER P 167 -43.29 32.47 9.54
CA SER P 167 -43.56 33.09 8.26
C SER P 167 -43.24 34.58 8.26
N THR P 168 -43.17 35.20 9.44
CA THR P 168 -42.85 36.61 9.57
C THR P 168 -41.95 36.82 10.78
N ALA P 169 -40.90 37.62 10.61
CA ALA P 169 -39.95 37.92 11.67
C ALA P 169 -40.27 39.23 12.38
N TRP P 170 -41.52 39.67 12.33
CA TRP P 170 -41.90 40.92 12.98
C TRP P 170 -41.73 40.79 14.49
N THR P 171 -41.33 41.91 15.13
CA THR P 171 -41.13 41.97 16.58
C THR P 171 -41.74 43.27 17.09
N PRO P 172 -42.51 43.25 18.17
CA PRO P 172 -43.04 44.52 18.69
C PRO P 172 -41.96 45.45 19.21
N PHE P 173 -40.81 44.92 19.60
CA PHE P 173 -39.77 45.72 20.22
C PHE P 173 -38.94 46.45 19.16
N ASP P 174 -38.48 47.64 19.53
CA ASP P 174 -37.59 48.44 18.70
C ASP P 174 -36.15 48.09 19.09
N ARG P 175 -35.19 48.82 18.53
CA ARG P 175 -33.78 48.60 18.84
C ARG P 175 -33.51 48.78 20.32
N LYS P 176 -33.90 49.94 20.86
CA LYS P 176 -33.43 50.44 22.14
C LYS P 176 -34.59 50.46 23.13
N ILE P 177 -34.51 49.62 24.17
CA ILE P 177 -35.58 49.37 25.12
C ILE P 177 -35.17 49.89 26.49
N VAL P 178 -36.17 50.27 27.28
CA VAL P 178 -35.96 50.69 28.67
C VAL P 178 -36.86 49.84 29.56
N GLN P 179 -36.28 49.31 30.64
CA GLN P 179 -36.98 48.47 31.60
C GLN P 179 -37.00 49.15 32.96
N TYR P 180 -38.17 49.18 33.60
CA TYR P 180 -38.31 49.74 34.93
C TYR P 180 -39.62 49.30 35.58
N ALA P 181 -39.54 48.78 36.80
CA ALA P 181 -40.72 48.48 37.63
C ALA P 181 -41.69 47.56 36.90
N GLY P 182 -41.13 46.62 36.14
CA GLY P 182 -41.95 45.66 35.42
C GLY P 182 -42.69 46.25 34.24
N GLU P 183 -42.26 47.42 33.78
CA GLU P 183 -42.85 48.09 32.63
C GLU P 183 -41.77 48.35 31.59
N ILE P 184 -42.13 48.12 30.32
CA ILE P 184 -41.18 48.16 29.22
C ILE P 184 -41.62 49.28 28.27
N TYR P 185 -40.74 50.25 28.06
CA TYR P 185 -40.98 51.39 27.17
C TYR P 185 -39.90 51.45 26.12
N ASN P 186 -40.30 51.71 24.87
CA ASN P 186 -39.35 51.93 23.79
C ASN P 186 -38.88 53.38 23.83
N TYR P 187 -37.62 53.58 24.16
CA TYR P 187 -37.05 54.91 24.33
C TYR P 187 -35.67 54.97 23.68
N ASP P 188 -35.31 56.16 23.20
CA ASP P 188 -34.04 56.37 22.51
C ASP P 188 -33.00 56.94 23.48
N PHE P 189 -32.55 56.09 24.40
CA PHE P 189 -31.61 56.57 25.41
C PHE P 189 -30.24 56.85 24.77
N PRO P 190 -29.53 57.88 25.21
CA PRO P 190 -28.19 58.12 24.68
C PRO P 190 -27.21 57.04 25.14
N GLU P 191 -26.14 56.89 24.36
CA GLU P 191 -25.20 55.80 24.58
C GLU P 191 -24.24 56.14 25.74
N TYR P 192 -23.35 55.19 26.02
CA TYR P 192 -22.43 55.32 27.15
C TYR P 192 -21.50 56.50 26.95
N GLY P 193 -21.29 57.26 28.03
CA GLY P 193 -20.31 58.33 28.04
C GLY P 193 -20.69 59.58 27.30
N ALA P 194 -21.95 59.71 26.85
CA ALA P 194 -22.41 60.87 26.09
C ALA P 194 -23.71 61.42 26.67
N GLY P 195 -23.88 61.33 27.99
CA GLY P 195 -25.06 61.89 28.61
C GLY P 195 -25.06 63.40 28.62
N GLN P 196 -26.24 63.96 28.85
CA GLN P 196 -26.45 65.39 28.88
C GLN P 196 -27.24 65.77 30.14
N PRO P 197 -27.06 66.98 30.66
CA PRO P 197 -27.77 67.37 31.88
C PRO P 197 -29.26 67.53 31.64
N GLY P 198 -30.04 67.10 32.62
CA GLY P 198 -31.48 67.29 32.60
C GLY P 198 -32.24 66.19 31.89
N ALA P 199 -31.55 65.40 31.07
CA ALA P 199 -32.17 64.33 30.30
C ALA P 199 -31.84 62.99 30.93
N PHE P 200 -32.55 61.95 30.48
CA PHE P 200 -32.32 60.60 30.95
C PHE P 200 -30.92 60.15 30.55
N GLY P 201 -30.04 59.97 31.54
CA GLY P 201 -28.69 59.47 31.30
C GLY P 201 -27.60 60.41 31.78
N ASP P 202 -27.91 61.29 32.73
CA ASP P 202 -26.87 62.15 33.30
C ASP P 202 -25.82 61.32 34.02
N ILE P 203 -26.20 60.17 34.57
CA ILE P 203 -25.28 59.23 35.20
C ILE P 203 -25.21 57.98 34.35
N GLN P 204 -24.03 57.36 34.32
CA GLN P 204 -23.77 56.19 33.49
C GLN P 204 -22.97 55.20 34.33
N SER P 205 -23.61 54.13 34.80
CA SER P 205 -22.97 53.09 35.59
C SER P 205 -23.15 51.76 34.87
N ARG P 206 -22.03 51.07 34.63
CA ARG P 206 -22.07 49.85 33.83
C ARG P 206 -22.94 48.77 34.49
N THR P 207 -22.81 48.61 35.81
CA THR P 207 -23.57 47.61 36.55
C THR P 207 -24.00 48.20 37.88
N VAL P 208 -24.80 47.42 38.62
CA VAL P 208 -25.32 47.90 39.90
C VAL P 208 -24.18 48.12 40.89
N SER P 209 -23.16 47.25 40.87
CA SER P 209 -22.02 47.33 41.76
C SER P 209 -20.73 47.54 40.99
N SER P 210 -20.79 48.29 39.89
CA SER P 210 -19.60 48.57 39.10
C SER P 210 -18.59 49.40 39.88
N SER P 211 -19.07 50.38 40.64
CA SER P 211 -18.20 51.32 41.35
C SER P 211 -17.34 52.14 40.40
N ASP P 212 -17.85 52.36 39.18
CA ASP P 212 -17.15 53.15 38.17
C ASP P 212 -18.20 53.78 37.28
N LEU P 213 -18.49 55.07 37.51
CA LEU P 213 -19.57 55.76 36.84
C LEU P 213 -19.06 57.03 36.18
N TYR P 214 -19.71 57.41 35.08
CA TYR P 214 -19.47 58.67 34.39
C TYR P 214 -20.66 59.58 34.59
N ALA P 215 -20.41 60.81 35.05
CA ALA P 215 -21.47 61.75 35.41
C ALA P 215 -21.29 63.05 34.65
N ASN P 216 -22.41 63.59 34.16
CA ASN P 216 -22.46 64.90 33.51
C ASN P 216 -23.77 65.57 33.96
N THR P 217 -23.68 66.35 35.04
CA THR P 217 -24.84 66.99 35.64
C THR P 217 -24.75 68.51 35.63
N ASN P 218 -23.67 69.08 35.09
CA ASN P 218 -23.48 70.53 35.04
C ASN P 218 -23.50 71.12 36.44
N LEU P 219 -22.72 70.51 37.34
CA LEU P 219 -22.61 71.00 38.70
C LEU P 219 -21.77 72.27 38.73
N VAL P 220 -22.27 73.29 39.43
CA VAL P 220 -21.59 74.57 39.55
C VAL P 220 -21.59 75.00 41.01
N LEU P 221 -20.43 75.32 41.54
CA LEU P 221 -20.30 75.86 42.88
C LEU P 221 -20.57 77.36 42.86
N GLN P 222 -20.85 77.92 44.04
CA GLN P 222 -21.24 79.31 44.16
C GLN P 222 -20.56 79.93 45.37
N ARG P 223 -20.48 81.25 45.39
CA ARG P 223 -19.89 81.98 46.49
C ARG P 223 -20.72 81.75 47.76
N PRO P 224 -20.14 81.26 48.86
CA PRO P 224 -20.93 81.13 50.09
C PRO P 224 -21.34 82.49 50.64
N LYS P 225 -22.50 82.51 51.29
CA LYS P 225 -22.99 83.72 51.92
C LYS P 225 -22.07 84.13 53.06
N ALA P 226 -21.80 85.42 53.18
CA ALA P 226 -20.93 85.92 54.23
C ALA P 226 -21.57 85.72 55.59
N GLY P 227 -20.76 85.31 56.57
CA GLY P 227 -21.24 85.11 57.92
C GLY P 227 -21.73 83.71 58.23
N ALA P 228 -21.39 82.72 57.41
CA ALA P 228 -21.83 81.36 57.64
C ALA P 228 -20.88 80.41 56.89
N ILE P 229 -21.00 79.13 57.23
CA ILE P 229 -20.16 78.08 56.65
C ILE P 229 -21.06 77.10 55.91
N HIS P 230 -20.85 76.99 54.59
CA HIS P 230 -21.56 76.04 53.76
C HIS P 230 -21.00 76.08 52.34
N VAL P 231 -21.40 75.14 51.50
CA VAL P 231 -20.97 75.10 50.10
C VAL P 231 -22.21 75.19 49.21
N PRO P 232 -22.58 76.37 48.70
CA PRO P 232 -23.73 76.42 47.79
C PRO P 232 -23.40 75.84 46.43
N TYR P 233 -24.24 74.91 45.98
CA TYR P 233 -24.05 74.21 44.72
C TYR P 233 -25.35 74.25 43.94
N THR P 234 -25.24 74.11 42.62
CA THR P 234 -26.40 74.14 41.75
C THR P 234 -26.19 73.20 40.58
N GLN P 235 -27.21 72.39 40.30
CA GLN P 235 -27.19 71.49 39.16
C GLN P 235 -28.63 71.28 38.70
N ALA P 236 -28.76 70.79 37.46
CA ALA P 236 -30.10 70.54 36.93
C ALA P 236 -30.77 69.42 37.72
N PRO P 237 -32.11 69.44 37.84
CA PRO P 237 -32.80 68.31 38.50
C PRO P 237 -32.59 66.98 37.78
N SER P 238 -33.08 65.90 38.37
CA SER P 238 -32.79 64.57 37.85
C SER P 238 -33.57 64.30 36.58
N GLY P 239 -32.84 63.98 35.50
CA GLY P 239 -33.49 63.56 34.28
C GLY P 239 -34.31 62.30 34.46
N PHE P 240 -33.90 61.42 35.37
CA PHE P 240 -34.69 60.24 35.68
C PHE P 240 -36.07 60.64 36.20
N GLU P 241 -36.12 61.61 37.12
CA GLU P 241 -37.39 62.04 37.67
C GLU P 241 -38.20 62.83 36.66
N GLN P 242 -37.54 63.60 35.79
CA GLN P 242 -38.27 64.27 34.71
C GLN P 242 -38.91 63.27 33.77
N TRP P 243 -38.16 62.23 33.38
CA TRP P 243 -38.72 61.17 32.55
C TRP P 243 -39.82 60.41 33.31
N LYS P 244 -39.71 60.33 34.63
CA LYS P 244 -40.77 59.73 35.43
C LYS P 244 -42.06 60.55 35.36
N LYS P 245 -41.94 61.87 35.34
CA LYS P 245 -43.13 62.70 35.17
C LYS P 245 -43.65 62.64 33.74
N ASP P 246 -42.77 62.41 32.77
CA ASP P 246 -43.23 62.30 31.38
C ASP P 246 -43.99 60.98 31.20
N LYS P 247 -43.28 59.84 31.30
CA LYS P 247 -43.87 58.51 31.34
C LYS P 247 -44.95 58.28 30.27
N ALA P 248 -44.55 58.22 29.01
CA ALA P 248 -45.50 57.87 27.96
C ALA P 248 -46.04 56.45 28.22
N PRO P 249 -47.23 56.14 27.70
CA PRO P 249 -47.86 54.85 28.04
C PRO P 249 -46.99 53.65 27.65
N SER P 250 -47.41 52.49 28.13
CA SER P 250 -46.63 51.27 28.05
C SER P 250 -46.87 50.53 26.74
N LEU P 251 -45.88 49.73 26.34
CA LEU P 251 -46.09 48.79 25.25
C LEU P 251 -47.18 47.79 25.61
N LYS P 252 -47.36 47.52 26.90
CA LYS P 252 -48.42 46.63 27.36
C LYS P 252 -49.80 47.09 26.89
N PHE P 253 -49.97 48.39 26.65
CA PHE P 253 -51.25 48.95 26.20
C PHE P 253 -51.14 49.72 24.89
N THR P 254 -49.97 49.76 24.24
CA THR P 254 -49.81 50.43 22.96
C THR P 254 -49.24 49.54 21.86
N ALA P 255 -48.78 48.33 22.17
CA ALA P 255 -48.21 47.48 21.14
C ALA P 255 -49.33 46.93 20.25
N PRO P 256 -49.09 46.75 18.95
CA PRO P 256 -50.12 46.19 18.08
C PRO P 256 -50.22 44.68 18.24
N PHE P 257 -51.30 44.13 17.68
CA PHE P 257 -51.62 42.70 17.72
C PHE P 257 -51.95 42.21 19.13
N GLY P 258 -52.09 43.11 20.10
CA GLY P 258 -52.51 42.70 21.44
C GLY P 258 -51.52 41.80 22.15
N CYS P 259 -50.22 42.03 21.97
CA CYS P 259 -49.22 41.26 22.69
C CYS P 259 -49.26 41.58 24.18
N GLU P 260 -48.99 40.57 25.00
CA GLU P 260 -48.90 40.69 26.45
C GLU P 260 -47.45 40.54 26.85
N ILE P 261 -46.88 41.60 27.40
CA ILE P 261 -45.46 41.65 27.73
C ILE P 261 -45.27 41.29 29.19
N TYR P 262 -44.23 40.52 29.49
CA TYR P 262 -43.88 40.15 30.85
C TYR P 262 -42.38 40.30 31.03
N THR P 263 -41.96 40.51 32.29
CA THR P 263 -40.64 41.03 32.58
C THR P 263 -39.76 40.13 33.45
N ASN P 264 -40.24 38.96 33.87
CA ASN P 264 -39.38 38.10 34.70
C ASN P 264 -38.20 37.67 33.84
N PRO P 265 -38.40 36.85 32.79
CA PRO P 265 -37.59 37.03 31.57
C PRO P 265 -38.37 37.88 30.57
N ILE P 266 -37.70 38.79 29.87
CA ILE P 266 -38.38 39.63 28.89
C ILE P 266 -38.99 38.75 27.83
N ARG P 267 -40.28 38.90 27.58
CA ARG P 267 -40.98 38.06 26.61
C ARG P 267 -42.30 38.71 26.23
N ALA P 268 -42.85 38.23 25.12
CA ALA P 268 -44.16 38.65 24.62
C ALA P 268 -45.03 37.42 24.42
N GLU P 269 -46.25 37.47 24.95
CA GLU P 269 -47.16 36.34 24.93
C GLU P 269 -48.29 36.57 23.93
N ASN P 270 -48.76 35.46 23.35
CA ASN P 270 -49.95 35.39 22.50
C ASN P 270 -50.03 36.53 21.49
N CYS P 271 -48.90 36.81 20.83
CA CYS P 271 -48.89 37.73 19.70
C CYS P 271 -49.54 37.04 18.51
N ALA P 272 -50.83 37.33 18.30
CA ALA P 272 -51.60 36.68 17.25
C ALA P 272 -51.20 37.27 15.90
N VAL P 273 -50.25 36.62 15.22
CA VAL P 273 -49.81 37.07 13.91
C VAL P 273 -49.15 35.91 13.17
N GLY P 274 -49.52 35.71 11.91
CA GLY P 274 -48.86 34.74 11.07
C GLY P 274 -49.34 33.31 11.24
N SER P 275 -48.51 32.40 10.73
CA SER P 275 -48.82 30.99 10.75
C SER P 275 -47.54 30.19 10.90
N ILE P 276 -47.70 28.96 11.38
CA ILE P 276 -46.61 28.06 11.69
C ILE P 276 -46.75 26.84 10.77
N PRO P 277 -45.80 26.56 9.87
CA PRO P 277 -45.84 25.27 9.16
C PRO P 277 -45.33 24.15 10.06
N LEU P 278 -45.97 22.99 9.94
CA LEU P 278 -45.63 21.82 10.74
C LEU P 278 -45.54 20.61 9.82
N ALA P 279 -44.59 19.73 10.12
CA ALA P 279 -44.36 18.52 9.35
C ALA P 279 -44.41 17.30 10.27
N PHE P 280 -45.29 16.36 9.93
CA PHE P 280 -45.43 15.08 10.61
C PHE P 280 -44.66 14.02 9.84
N ASP P 281 -43.88 13.22 10.56
CA ASP P 281 -43.38 11.93 10.08
C ASP P 281 -43.97 10.89 11.02
N ILE P 282 -44.99 10.19 10.55
CA ILE P 282 -45.78 9.26 11.37
C ILE P 282 -45.32 7.84 11.03
N PRO P 283 -44.99 7.00 12.02
CA PRO P 283 -44.68 5.61 11.70
C PRO P 283 -45.91 4.85 11.23
N ASP P 284 -45.68 3.82 10.42
CA ASP P 284 -46.77 3.04 9.85
C ASP P 284 -47.53 2.22 10.89
N ALA P 285 -47.00 2.09 12.11
CA ALA P 285 -47.67 1.28 13.13
C ALA P 285 -49.04 1.84 13.48
N LEU P 286 -49.14 3.16 13.64
CA LEU P 286 -50.40 3.79 14.03
C LEU P 286 -51.46 3.74 12.94
N PHE P 287 -51.08 3.46 11.70
CA PHE P 287 -52.03 3.46 10.60
C PHE P 287 -52.91 2.21 10.67
N THR P 288 -54.22 2.41 10.57
CA THR P 288 -55.21 1.35 10.73
C THR P 288 -55.82 0.99 9.39
N ARG P 289 -55.98 -0.32 9.16
CA ARG P 289 -56.56 -0.79 7.92
C ARG P 289 -58.06 -0.52 7.86
N VAL P 290 -58.60 -0.58 6.64
CA VAL P 290 -60.01 -0.24 6.43
C VAL P 290 -60.92 -1.23 7.16
N SER P 291 -60.57 -2.52 7.12
CA SER P 291 -61.44 -3.54 7.68
C SER P 291 -61.64 -3.38 9.18
N GLU P 292 -60.73 -2.71 9.88
CA GLU P 292 -60.80 -2.53 11.32
C GLU P 292 -61.65 -1.34 11.73
N THR P 293 -62.23 -0.60 10.78
CA THR P 293 -63.05 0.56 11.06
C THR P 293 -64.47 0.35 10.51
N PRO P 294 -65.51 0.85 11.19
CA PRO P 294 -66.86 0.70 10.63
C PRO P 294 -67.01 1.46 9.32
N THR P 295 -67.92 0.96 8.48
CA THR P 295 -68.28 1.58 7.22
C THR P 295 -69.78 1.85 7.22
N LEU P 296 -70.16 3.08 6.86
CA LEU P 296 -71.56 3.48 6.90
C LEU P 296 -72.26 3.10 5.60
N SER P 297 -73.57 3.32 5.56
CA SER P 297 -74.37 3.03 4.37
C SER P 297 -75.67 3.81 4.47
N ALA P 298 -75.98 4.61 3.45
CA ALA P 298 -77.23 5.36 3.39
C ALA P 298 -77.38 6.30 4.59
N ALA P 299 -76.46 7.25 4.68
CA ALA P 299 -76.45 8.23 5.75
C ALA P 299 -76.95 9.58 5.23
N GLU P 300 -77.76 10.25 6.04
CA GLU P 300 -78.34 11.55 5.70
C GLU P 300 -78.10 12.53 6.84
N CYS P 301 -77.98 13.81 6.48
CA CYS P 301 -77.68 14.87 7.43
C CYS P 301 -78.76 15.94 7.38
N THR P 302 -79.18 16.41 8.56
CA THR P 302 -80.21 17.44 8.65
C THR P 302 -79.84 18.45 9.73
N LEU P 303 -80.01 19.73 9.41
CA LEU P 303 -79.70 20.81 10.36
C LEU P 303 -80.88 20.99 11.31
N ASN P 304 -80.61 20.93 12.61
CA ASN P 304 -81.63 21.14 13.64
C ASN P 304 -81.67 22.58 14.14
N GLU P 305 -80.51 23.23 14.24
CA GLU P 305 -80.43 24.60 14.73
C GLU P 305 -79.44 25.39 13.87
N CYS P 306 -79.70 26.69 13.75
CA CYS P 306 -78.82 27.62 13.05
C CYS P 306 -78.61 28.90 13.83
N VAL P 307 -77.35 29.17 14.16
CA VAL P 307 -76.87 30.52 14.46
C VAL P 307 -75.44 30.59 13.95
N TYR P 308 -75.18 31.44 12.94
CA TYR P 308 -73.81 31.60 12.45
C TYR P 308 -73.09 32.68 13.26
N SER P 309 -72.99 32.42 14.57
CA SER P 309 -72.31 33.32 15.49
C SER P 309 -70.81 33.08 15.46
N SER P 310 -70.10 33.81 16.32
CA SER P 310 -68.65 33.62 16.42
C SER P 310 -68.31 32.22 16.91
N ASP P 311 -69.04 31.72 17.90
CA ASP P 311 -68.82 30.39 18.42
C ASP P 311 -69.49 29.34 17.52
N PHE P 312 -69.38 28.07 17.92
CA PHE P 312 -70.10 27.01 17.23
C PHE P 312 -71.59 27.21 17.46
N GLY P 313 -72.34 27.36 16.37
CA GLY P 313 -73.76 27.62 16.45
C GLY P 313 -74.57 26.93 15.39
N GLY P 314 -74.05 25.82 14.84
CA GLY P 314 -74.80 24.99 13.91
C GLY P 314 -74.81 23.55 14.38
N ILE P 315 -75.99 23.03 14.68
CA ILE P 315 -76.16 21.66 15.17
C ILE P 315 -76.82 20.85 14.07
N ALA P 316 -76.19 19.72 13.71
CA ALA P 316 -76.70 18.85 12.67
C ALA P 316 -76.78 17.42 13.18
N THR P 317 -77.89 16.76 12.90
CA THR P 317 -78.09 15.36 13.24
C THR P 317 -77.94 14.52 11.98
N VAL P 318 -77.11 13.49 12.07
CA VAL P 318 -76.84 12.58 10.95
C VAL P 318 -77.44 11.23 11.32
N LYS P 319 -78.41 10.79 10.53
CA LYS P 319 -79.01 9.47 10.67
C LYS P 319 -78.32 8.53 9.68
N TYR P 320 -77.70 7.49 10.21
CA TYR P 320 -76.85 6.60 9.43
C TYR P 320 -77.25 5.16 9.68
N SER P 321 -76.51 4.23 9.06
CA SER P 321 -76.72 2.80 9.25
C SER P 321 -75.36 2.12 9.09
N ALA P 322 -74.85 1.58 10.19
CA ALA P 322 -73.49 1.07 10.26
C ALA P 322 -73.48 -0.44 10.48
N SER P 323 -72.56 -1.12 9.78
CA SER P 323 -72.38 -2.55 10.01
C SER P 323 -71.69 -2.82 11.35
N LYS P 324 -70.64 -2.04 11.65
CA LYS P 324 -69.88 -2.17 12.89
C LYS P 324 -70.10 -0.94 13.77
N SER P 325 -69.75 -1.09 15.04
CA SER P 325 -69.83 -0.01 16.02
C SER P 325 -68.43 0.30 16.52
N GLY P 326 -67.90 1.45 16.14
CA GLY P 326 -66.57 1.85 16.52
C GLY P 326 -66.29 3.32 16.25
N LYS P 327 -65.53 3.96 17.14
CA LYS P 327 -65.25 5.37 16.99
C LYS P 327 -64.42 5.63 15.74
N CYS P 328 -64.71 6.76 15.08
CA CYS P 328 -63.97 7.18 13.90
C CYS P 328 -64.07 8.69 13.79
N ALA P 329 -63.27 9.26 12.90
CA ALA P 329 -63.12 10.70 12.78
C ALA P 329 -63.92 11.24 11.60
N VAL P 330 -64.64 12.33 11.85
CA VAL P 330 -65.36 13.07 10.82
C VAL P 330 -64.53 14.30 10.46
N HIS P 331 -64.62 14.69 9.19
CA HIS P 331 -63.80 15.80 8.69
C HIS P 331 -64.58 16.58 7.65
N VAL P 332 -64.24 17.87 7.53
CA VAL P 332 -64.83 18.77 6.54
C VAL P 332 -63.70 19.20 5.59
N PRO P 333 -63.63 18.70 4.36
CA PRO P 333 -62.51 19.10 3.48
C PRO P 333 -62.45 20.59 3.21
N SER P 334 -63.59 21.27 3.11
CA SER P 334 -63.63 22.68 2.77
C SER P 334 -63.55 23.54 4.03
N GLY P 335 -63.39 24.85 3.82
CA GLY P 335 -63.40 25.83 4.88
C GLY P 335 -64.75 26.44 5.15
N THR P 336 -65.82 25.91 4.55
CA THR P 336 -67.16 26.47 4.75
C THR P 336 -67.58 26.39 6.21
N ALA P 337 -67.32 25.26 6.86
CA ALA P 337 -67.71 25.04 8.25
C ALA P 337 -66.56 24.39 9.01
N THR P 338 -66.55 24.62 10.31
CA THR P 338 -65.54 24.07 11.21
C THR P 338 -66.23 23.19 12.24
N LEU P 339 -65.86 21.92 12.29
CA LEU P 339 -66.41 20.97 13.25
C LEU P 339 -65.77 21.19 14.62
N LYS P 340 -66.55 20.98 15.68
CA LYS P 340 -66.03 21.18 17.03
C LYS P 340 -65.25 19.96 17.50
N GLU P 341 -65.91 18.81 17.60
CA GLU P 341 -65.26 17.62 18.13
C GLU P 341 -64.34 16.99 17.09
N ALA P 342 -63.44 16.13 17.57
CA ALA P 342 -62.52 15.41 16.70
C ALA P 342 -63.07 14.06 16.27
N ALA P 343 -63.84 13.39 17.13
CA ALA P 343 -64.43 12.10 16.81
C ALA P 343 -65.75 11.97 17.55
N VAL P 344 -66.60 11.08 17.03
CA VAL P 344 -67.94 10.85 17.57
C VAL P 344 -68.14 9.36 17.74
N GLU P 345 -68.70 8.96 18.88
CA GLU P 345 -68.99 7.54 19.12
C GLU P 345 -70.02 7.05 18.10
N LEU P 346 -69.84 5.82 17.64
CA LEU P 346 -70.60 5.28 16.51
C LEU P 346 -71.19 3.94 16.92
N THR P 347 -72.51 3.80 16.78
CA THR P 347 -73.23 2.56 17.10
C THR P 347 -73.91 2.01 15.85
N GLU P 348 -74.62 0.90 16.02
CA GLU P 348 -75.01 0.07 14.89
C GLU P 348 -76.12 0.70 14.05
N GLN P 349 -77.08 1.40 14.68
CA GLN P 349 -78.08 2.17 13.93
C GLN P 349 -78.45 3.48 14.64
N GLY P 350 -77.49 4.14 15.29
CA GLY P 350 -77.76 5.36 16.01
C GLY P 350 -77.74 6.59 15.12
N SER P 351 -77.83 7.75 15.78
CA SER P 351 -77.77 9.06 15.14
C SER P 351 -76.70 9.89 15.82
N ALA P 352 -75.93 10.62 15.03
CA ALA P 352 -74.79 11.40 15.52
C ALA P 352 -75.11 12.88 15.44
N THR P 353 -75.07 13.57 16.58
CA THR P 353 -75.27 15.01 16.64
C THR P 353 -73.91 15.70 16.67
N ILE P 354 -73.74 16.68 15.78
CA ILE P 354 -72.46 17.36 15.60
C ILE P 354 -72.67 18.87 15.69
N HIS P 355 -71.70 19.55 16.31
CA HIS P 355 -71.69 20.99 16.48
C HIS P 355 -70.59 21.60 15.62
N PHE P 356 -70.90 22.72 14.98
CA PHE P 356 -69.95 23.35 14.07
C PHE P 356 -70.20 24.85 14.02
N SER P 357 -69.28 25.55 13.36
CA SER P 357 -69.31 26.99 13.20
C SER P 357 -69.20 27.33 11.72
N THR P 358 -70.01 28.30 11.28
CA THR P 358 -70.02 28.72 9.89
C THR P 358 -70.40 30.19 9.82
N ALA P 359 -70.07 30.81 8.69
CA ALA P 359 -70.41 32.21 8.42
C ALA P 359 -71.27 32.37 7.17
N ASN P 360 -71.74 31.28 6.57
CA ASN P 360 -72.54 31.33 5.36
C ASN P 360 -74.02 31.42 5.71
N ILE P 361 -74.75 32.25 4.96
CA ILE P 361 -76.19 32.37 5.15
C ILE P 361 -76.90 31.10 4.68
N HIS P 362 -76.38 30.44 3.65
CA HIS P 362 -77.01 29.27 3.03
C HIS P 362 -75.97 28.15 2.97
N PRO P 363 -75.60 27.58 4.11
CA PRO P 363 -74.57 26.53 4.12
C PRO P 363 -74.99 25.30 3.32
N GLU P 364 -73.99 24.70 2.66
CA GLU P 364 -74.19 23.46 1.91
C GLU P 364 -72.82 22.86 1.68
N PHE P 365 -72.56 21.68 2.24
CA PHE P 365 -71.24 21.10 2.15
C PHE P 365 -71.30 19.60 2.46
N ARG P 366 -70.20 18.92 2.15
CA ARG P 366 -70.09 17.48 2.22
C ARG P 366 -69.26 17.08 3.43
N LEU P 367 -69.77 16.12 4.21
CA LEU P 367 -69.06 15.58 5.35
C LEU P 367 -68.38 14.28 4.94
N GLN P 368 -67.05 14.21 5.13
CA GLN P 368 -66.32 12.96 5.12
C GLN P 368 -66.55 12.27 6.46
N ILE P 369 -67.24 11.14 6.42
CA ILE P 369 -67.44 10.30 7.61
C ILE P 369 -66.85 8.93 7.27
N CYS P 370 -65.55 8.79 7.56
CA CYS P 370 -64.86 7.54 7.90
C CYS P 370 -64.83 6.49 6.80
N THR P 371 -65.75 6.55 5.84
CA THR P 371 -65.61 5.91 4.55
C THR P 371 -66.20 6.72 3.41
N SER P 372 -67.15 7.63 3.66
CA SER P 372 -68.01 8.13 2.60
C SER P 372 -68.19 9.65 2.73
N TYR P 373 -68.81 10.22 1.70
CA TYR P 373 -69.24 11.61 1.67
C TYR P 373 -70.75 11.65 1.84
N VAL P 374 -71.23 12.64 2.60
CA VAL P 374 -72.68 12.87 2.74
C VAL P 374 -72.95 14.37 2.60
N THR P 375 -73.90 14.72 1.73
CA THR P 375 -74.28 16.11 1.58
C THR P 375 -75.05 16.59 2.81
N CYS P 376 -74.95 17.89 3.09
CA CYS P 376 -75.78 18.51 4.12
C CYS P 376 -75.97 19.97 3.75
N LYS P 377 -77.23 20.38 3.63
CA LYS P 377 -77.60 21.70 3.14
C LYS P 377 -78.63 22.32 4.06
N GLY P 378 -78.67 23.65 4.07
CA GLY P 378 -79.68 24.36 4.82
C GLY P 378 -79.38 25.85 4.83
N ASP P 379 -80.41 26.61 5.22
CA ASP P 379 -80.29 28.05 5.44
C ASP P 379 -80.20 28.31 6.94
N CYS P 380 -79.56 29.41 7.31
CA CYS P 380 -79.26 29.69 8.71
C CYS P 380 -79.44 31.17 9.01
N HIS P 381 -79.59 31.47 10.29
CA HIS P 381 -80.07 32.76 10.79
C HIS P 381 -79.00 33.50 11.57
N PRO P 382 -79.17 34.81 11.79
CA PRO P 382 -78.15 35.57 12.53
C PRO P 382 -78.22 35.29 14.03
N PRO P 383 -77.23 35.77 14.80
CA PRO P 383 -77.33 35.67 16.27
C PRO P 383 -78.15 36.79 16.89
N LYS P 384 -78.24 36.82 18.21
CA LYS P 384 -79.00 37.82 18.94
C LYS P 384 -78.14 38.82 19.69
N ASP P 385 -76.86 38.53 19.89
CA ASP P 385 -75.94 39.41 20.62
C ASP P 385 -75.04 40.14 19.62
N HIS P 386 -74.95 41.46 19.77
CA HIS P 386 -74.10 42.25 18.89
C HIS P 386 -72.62 42.10 19.23
N ILE P 387 -72.29 41.87 20.50
CA ILE P 387 -70.91 41.74 20.96
C ILE P 387 -70.78 40.49 21.82
N VAL P 388 -69.65 39.80 21.70
CA VAL P 388 -69.34 38.61 22.47
C VAL P 388 -67.96 38.79 23.10
N THR P 389 -67.59 37.84 23.96
CA THR P 389 -66.38 37.91 24.78
C THR P 389 -65.41 36.78 24.46
N HIS P 390 -65.23 36.48 23.18
CA HIS P 390 -64.28 35.46 22.74
C HIS P 390 -64.00 35.67 21.26
N PRO P 391 -62.82 35.23 20.77
CA PRO P 391 -62.45 35.55 19.39
C PRO P 391 -63.16 34.70 18.34
N GLN P 392 -62.88 34.98 17.07
CA GLN P 392 -63.51 34.25 15.98
C GLN P 392 -63.00 32.82 15.93
N TYR P 393 -63.90 31.91 15.55
CA TYR P 393 -63.59 30.48 15.49
C TYR P 393 -63.48 29.94 14.06
N HIS P 394 -63.96 30.68 13.06
CA HIS P 394 -64.00 30.20 11.68
C HIS P 394 -63.60 31.32 10.74
N ALA P 395 -62.98 30.94 9.63
CA ALA P 395 -62.52 31.92 8.65
C ALA P 395 -63.70 32.50 7.87
N GLN P 396 -63.52 33.74 7.41
CA GLN P 396 -64.53 34.44 6.63
C GLN P 396 -64.18 34.29 5.15
N THR P 397 -64.97 33.50 4.44
CA THR P 397 -64.75 33.27 3.02
C THR P 397 -65.31 34.42 2.19
N PHE P 398 -64.84 34.53 0.95
CA PHE P 398 -65.29 35.57 0.04
C PHE P 398 -66.63 35.20 -0.59
N TYR Q 1 -125.31 99.10 29.20
CA TYR Q 1 -124.66 99.68 28.00
C TYR Q 1 -123.34 98.96 27.70
N GLU Q 2 -123.30 98.27 26.57
CA GLU Q 2 -122.09 97.54 26.18
C GLU Q 2 -121.01 98.51 25.74
N HIS Q 3 -119.80 98.33 26.28
CA HIS Q 3 -118.64 99.13 25.90
C HIS Q 3 -117.43 98.22 25.86
N ALA Q 4 -116.77 98.14 24.70
CA ALA Q 4 -115.62 97.27 24.49
C ALA Q 4 -114.36 98.10 24.30
N THR Q 5 -113.27 97.67 24.93
CA THR Q 5 -111.99 98.36 24.83
C THR Q 5 -110.88 97.32 24.97
N THR Q 6 -109.67 97.73 24.66
CA THR Q 6 -108.48 96.88 24.80
C THR Q 6 -107.48 97.53 25.74
N MET Q 7 -106.85 96.72 26.57
CA MET Q 7 -105.86 97.13 27.54
C MET Q 7 -104.52 96.51 27.15
N PRO Q 8 -103.43 97.29 27.02
CA PRO Q 8 -102.13 96.63 26.85
C PRO Q 8 -101.77 95.85 28.11
N SER Q 9 -101.19 94.67 27.93
CA SER Q 9 -100.80 93.87 29.09
C SER Q 9 -99.56 94.47 29.72
N GLN Q 10 -99.73 95.25 30.79
CA GLN Q 10 -98.61 95.87 31.47
C GLN Q 10 -99.12 96.49 32.76
N ALA Q 11 -98.30 96.43 33.81
CA ALA Q 11 -98.64 96.99 35.11
C ALA Q 11 -97.78 98.21 35.40
N GLY Q 12 -98.40 99.21 36.04
CA GLY Q 12 -97.74 100.45 36.39
C GLY Q 12 -98.11 101.64 35.52
N ILE Q 13 -98.82 101.42 34.41
CA ILE Q 13 -99.29 102.47 33.53
C ILE Q 13 -100.80 102.52 33.60
N SER Q 14 -101.34 103.66 34.01
CA SER Q 14 -102.79 103.83 34.08
C SER Q 14 -103.37 104.01 32.68
N TYR Q 15 -104.65 103.67 32.54
CA TYR Q 15 -105.38 103.85 31.29
C TYR Q 15 -106.63 104.67 31.57
N ASN Q 16 -106.87 105.66 30.70
CA ASN Q 16 -108.02 106.54 30.80
C ASN Q 16 -108.88 106.40 29.55
N THR Q 17 -110.19 106.48 29.74
CA THR Q 17 -111.12 106.43 28.63
C THR Q 17 -112.38 107.19 29.04
N ILE Q 18 -113.22 107.49 28.05
CA ILE Q 18 -114.51 108.13 28.29
C ILE Q 18 -115.54 107.45 27.41
N VAL Q 19 -116.79 107.45 27.87
CA VAL Q 19 -117.93 107.05 27.06
C VAL Q 19 -118.85 108.27 26.92
N ASN Q 20 -119.22 108.56 25.68
CA ASN Q 20 -120.01 109.75 25.33
C ASN Q 20 -121.21 109.27 24.52
N ARG Q 21 -122.33 109.04 25.18
CA ARG Q 21 -123.57 108.80 24.47
C ARG Q 21 -123.88 110.02 23.61
N ALA Q 22 -124.37 109.78 22.39
CA ALA Q 22 -124.59 110.83 21.40
C ALA Q 22 -125.39 112.02 21.91
N GLY Q 23 -126.10 111.89 23.03
CA GLY Q 23 -126.86 112.99 23.58
C GLY Q 23 -126.68 113.24 25.07
N TYR Q 24 -125.90 112.41 25.75
CA TYR Q 24 -125.72 112.49 27.20
C TYR Q 24 -124.35 113.06 27.53
N ALA Q 25 -124.08 113.19 28.83
CA ALA Q 25 -122.84 113.78 29.31
C ALA Q 25 -121.69 112.78 29.19
N PRO Q 26 -120.44 113.26 29.23
CA PRO Q 26 -119.30 112.33 29.14
C PRO Q 26 -119.01 111.68 30.49
N LEU Q 27 -118.83 110.36 30.47
CA LEU Q 27 -118.51 109.60 31.68
C LEU Q 27 -117.09 109.04 31.57
N PRO Q 28 -116.13 109.50 32.38
CA PRO Q 28 -114.78 108.94 32.32
C PRO Q 28 -114.59 107.70 33.18
N ILE Q 29 -113.60 106.89 32.78
CA ILE Q 29 -113.20 105.68 33.48
C ILE Q 29 -111.68 105.64 33.51
N SER Q 30 -111.12 105.25 34.66
CA SER Q 30 -109.68 105.11 34.83
C SER Q 30 -109.38 103.76 35.48
N ILE Q 31 -108.47 103.00 34.87
CA ILE Q 31 -108.15 101.65 35.31
C ILE Q 31 -106.63 101.52 35.44
N THR Q 32 -106.18 100.84 36.50
CA THR Q 32 -104.76 100.52 36.66
C THR Q 32 -104.66 99.10 37.19
N PRO Q 33 -103.94 98.19 36.49
CA PRO Q 33 -103.69 96.87 37.07
C PRO Q 33 -102.44 96.91 37.95
N THR Q 34 -102.61 96.51 39.21
CA THR Q 34 -101.48 96.51 40.15
C THR Q 34 -100.63 95.24 40.02
N LYS Q 35 -101.27 94.09 39.78
CA LYS Q 35 -100.55 92.84 39.60
C LYS Q 35 -101.32 91.98 38.61
N ILE Q 36 -100.60 91.14 37.88
CA ILE Q 36 -101.20 90.20 36.92
C ILE Q 36 -100.45 88.88 37.08
N LYS Q 37 -101.12 87.87 37.64
CA LYS Q 37 -100.52 86.57 37.87
C LYS Q 37 -100.86 85.61 36.72
N LEU Q 38 -100.20 84.46 36.73
CA LEU Q 38 -100.45 83.41 35.74
C LEU Q 38 -100.20 82.07 36.44
N ILE Q 39 -101.27 81.47 36.93
CA ILE Q 39 -101.19 80.23 37.70
C ILE Q 39 -101.28 79.06 36.73
N PRO Q 40 -100.27 78.19 36.63
CA PRO Q 40 -100.43 76.97 35.82
C PRO Q 40 -100.95 75.81 36.66
N THR Q 41 -101.76 74.98 36.02
CA THR Q 41 -102.23 73.76 36.68
C THR Q 41 -101.04 72.87 37.02
N VAL Q 42 -101.04 72.34 38.24
CA VAL Q 42 -99.90 71.60 38.78
C VAL Q 42 -100.37 70.23 39.23
N ASN Q 43 -99.70 69.19 38.74
CA ASN Q 43 -99.91 67.82 39.19
C ASN Q 43 -98.54 67.20 39.46
N LEU Q 44 -98.38 66.62 40.64
CA LEU Q 44 -97.09 66.08 41.08
C LEU Q 44 -97.04 64.58 40.87
N GLU Q 45 -95.88 64.10 40.40
CA GLU Q 45 -95.65 62.68 40.17
C GLU Q 45 -94.86 62.04 41.30
N TYR Q 46 -93.66 62.57 41.58
CA TYR Q 46 -92.79 61.97 42.58
C TYR Q 46 -91.79 63.03 43.05
N VAL Q 47 -91.08 62.70 44.12
CA VAL Q 47 -90.05 63.57 44.69
C VAL Q 47 -88.81 62.74 44.97
N THR Q 48 -87.67 63.43 45.12
CA THR Q 48 -86.40 62.78 45.37
C THR Q 48 -85.58 63.63 46.33
N CYS Q 49 -84.64 62.98 47.00
CA CYS Q 49 -83.69 63.66 47.88
C CYS Q 49 -82.40 62.87 47.90
N HIS Q 50 -81.43 63.38 48.66
CA HIS Q 50 -80.18 62.66 48.86
C HIS Q 50 -80.47 61.31 49.51
N TYR Q 51 -79.86 60.25 48.98
CA TYR Q 51 -80.04 58.92 49.50
C TYR Q 51 -78.94 58.59 50.52
N LYS Q 52 -79.02 57.39 51.08
CA LYS Q 52 -78.08 56.95 52.10
C LYS Q 52 -77.96 55.45 52.03
N THR Q 53 -76.73 54.97 51.79
CA THR Q 53 -76.49 53.54 51.79
C THR Q 53 -76.76 52.96 53.17
N GLY Q 54 -77.53 51.87 53.21
CA GLY Q 54 -77.82 51.17 54.44
C GLY Q 54 -77.29 49.76 54.37
N MET Q 55 -76.31 49.46 55.21
CA MET Q 55 -75.65 48.16 55.23
C MET Q 55 -76.02 47.42 56.51
N ASP Q 56 -76.48 46.18 56.36
CA ASP Q 56 -76.71 45.32 57.50
C ASP Q 56 -75.38 44.80 58.02
N SER Q 57 -75.34 44.48 59.31
CA SER Q 57 -74.14 43.91 59.88
C SER Q 57 -73.85 42.57 59.21
N PRO Q 58 -72.61 42.27 58.86
CA PRO Q 58 -72.34 41.02 58.14
C PRO Q 58 -72.69 39.81 59.00
N ALA Q 59 -73.35 38.83 58.38
CA ALA Q 59 -73.73 37.61 59.08
C ALA Q 59 -72.59 36.63 58.89
N ILE Q 60 -71.94 36.27 59.99
CA ILE Q 60 -70.72 35.47 59.97
C ILE Q 60 -71.06 34.11 60.55
N LYS Q 61 -70.73 33.06 59.80
CA LYS Q 61 -70.78 31.69 60.28
C LYS Q 61 -69.48 31.07 59.81
N CYS Q 62 -68.49 31.07 60.70
CA CYS Q 62 -67.25 30.39 60.39
C CYS Q 62 -67.50 28.90 60.26
N CYS Q 63 -66.89 28.30 59.26
CA CYS Q 63 -66.72 26.85 59.16
C CYS Q 63 -68.10 26.18 59.15
N GLY Q 64 -68.97 26.74 58.29
CA GLY Q 64 -70.35 26.30 58.11
C GLY Q 64 -70.88 26.71 56.76
N SER Q 65 -72.12 27.16 56.71
CA SER Q 65 -72.72 27.62 55.46
C SER Q 65 -73.93 28.50 55.74
N GLN Q 66 -74.27 29.36 54.77
CA GLN Q 66 -75.34 30.32 54.91
C GLN Q 66 -76.10 30.45 53.59
N GLU Q 67 -77.21 31.17 53.62
CA GLU Q 67 -78.06 31.44 52.46
C GLU Q 67 -78.47 32.90 52.45
N CYS Q 68 -79.14 33.31 51.37
CA CYS Q 68 -79.58 34.68 51.17
C CYS Q 68 -81.08 34.79 51.47
N THR Q 69 -81.44 35.74 52.34
CA THR Q 69 -82.83 35.99 52.70
C THR Q 69 -83.26 37.33 52.14
N PRO Q 70 -84.05 37.39 51.06
CA PRO Q 70 -84.38 38.69 50.47
C PRO Q 70 -85.39 39.44 51.33
N THR Q 71 -85.00 40.62 51.80
CA THR Q 71 -85.92 41.51 52.51
C THR Q 71 -86.82 42.31 51.57
N TYR Q 72 -86.61 42.19 50.25
CA TYR Q 72 -87.36 42.94 49.25
C TYR Q 72 -87.22 44.44 49.41
N ARG Q 73 -86.11 44.90 49.98
CA ARG Q 73 -85.86 46.33 50.07
C ARG Q 73 -85.51 46.87 48.69
N PRO Q 74 -85.73 48.17 48.43
CA PRO Q 74 -85.44 48.71 47.10
C PRO Q 74 -83.97 48.59 46.75
N ASP Q 75 -83.70 48.04 45.55
CA ASP Q 75 -82.34 47.86 45.04
C ASP Q 75 -81.49 47.06 46.02
N GLU Q 76 -82.10 46.12 46.73
CA GLU Q 76 -81.37 45.33 47.70
C GLU Q 76 -80.41 44.38 47.00
N GLN Q 77 -79.21 44.25 47.55
CA GLN Q 77 -78.21 43.32 47.05
C GLN Q 77 -77.68 42.48 48.19
N CYS Q 78 -77.28 41.25 47.89
CA CYS Q 78 -76.75 40.36 48.91
C CYS Q 78 -75.92 39.28 48.25
N LYS Q 79 -74.87 38.84 48.94
CA LYS Q 79 -74.02 37.76 48.44
C LYS Q 79 -73.26 37.13 49.60
N VAL Q 80 -72.86 35.88 49.40
CA VAL Q 80 -72.14 35.09 50.39
C VAL Q 80 -70.73 34.80 49.89
N PHE Q 81 -69.74 35.01 50.76
CA PHE Q 81 -68.34 34.84 50.43
C PHE Q 81 -67.72 33.83 51.37
N THR Q 82 -66.72 33.10 50.85
CA THR Q 82 -66.05 32.04 51.58
C THR Q 82 -64.55 32.27 51.58
N GLY Q 83 -63.90 31.82 52.65
CA GLY Q 83 -62.46 31.90 52.76
C GLY Q 83 -61.96 33.23 53.32
N VAL Q 84 -62.41 33.58 54.52
CA VAL Q 84 -61.96 34.78 55.22
C VAL Q 84 -61.58 34.39 56.64
N TYR Q 85 -60.66 35.17 57.22
CA TYR Q 85 -60.09 34.90 58.54
C TYR Q 85 -60.21 36.21 59.34
N PRO Q 86 -61.37 36.46 59.93
CA PRO Q 86 -61.63 37.78 60.52
C PRO Q 86 -60.79 38.06 61.76
N PHE Q 87 -60.75 39.34 62.12
CA PHE Q 87 -60.05 39.84 63.30
C PHE Q 87 -60.99 40.70 64.14
N MET Q 88 -60.87 40.53 65.46
CA MET Q 88 -61.47 41.41 66.45
C MET Q 88 -60.38 42.09 67.25
N TRP Q 89 -60.79 42.99 68.16
CA TRP Q 89 -59.83 43.65 69.03
C TRP Q 89 -59.18 42.70 70.04
N GLY Q 90 -59.81 41.55 70.29
CA GLY Q 90 -59.24 40.55 71.18
C GLY Q 90 -58.52 39.45 70.41
N GLY Q 91 -58.13 39.74 69.17
CA GLY Q 91 -57.46 38.77 68.32
C GLY Q 91 -58.33 38.32 67.16
N ALA Q 92 -58.52 37.02 67.03
CA ALA Q 92 -59.31 36.42 65.97
C ALA Q 92 -60.64 35.95 66.51
N TYR Q 93 -61.70 36.07 65.70
CA TYR Q 93 -63.04 35.77 66.18
C TYR Q 93 -63.25 34.27 66.33
N CYS Q 94 -63.16 33.52 65.23
CA CYS Q 94 -63.36 32.08 65.22
C CYS Q 94 -62.02 31.36 65.09
N PHE Q 95 -62.08 30.03 64.98
CA PHE Q 95 -60.88 29.21 64.97
C PHE Q 95 -60.61 28.45 63.68
N CYS Q 96 -61.62 27.85 63.04
CA CYS Q 96 -61.38 27.17 61.77
C CYS Q 96 -60.76 28.13 60.76
N ASP Q 97 -59.74 27.63 60.06
CA ASP Q 97 -58.95 28.50 59.18
C ASP Q 97 -59.69 28.84 57.90
N THR Q 98 -60.43 27.87 57.34
CA THR Q 98 -61.09 28.04 56.05
C THR Q 98 -62.57 27.68 56.15
N GLU Q 99 -63.26 27.67 55.03
CA GLU Q 99 -64.70 27.41 54.94
C GLU Q 99 -65.52 28.43 55.74
N ASN Q 100 -64.95 29.60 56.04
CA ASN Q 100 -65.67 30.63 56.77
C ASN Q 100 -66.62 31.38 55.85
N THR Q 101 -67.92 31.34 56.17
CA THR Q 101 -68.96 31.93 55.35
C THR Q 101 -69.35 33.28 55.94
N GLN Q 102 -69.41 34.29 55.08
CA GLN Q 102 -69.87 35.63 55.47
C GLN Q 102 -70.87 36.08 54.43
N VAL Q 103 -72.11 36.25 54.84
CA VAL Q 103 -73.14 36.81 53.96
C VAL Q 103 -73.30 38.29 54.27
N SER Q 104 -73.23 39.09 53.21
CA SER Q 104 -73.31 40.54 53.30
C SER Q 104 -74.46 41.02 52.44
N LYS Q 105 -75.05 42.14 52.83
CA LYS Q 105 -76.19 42.70 52.11
C LYS Q 105 -76.19 44.21 52.27
N ALA Q 106 -76.87 44.88 51.34
CA ALA Q 106 -76.91 46.33 51.33
C ALA Q 106 -78.16 46.80 50.61
N TYR Q 107 -78.53 48.05 50.88
CA TYR Q 107 -79.71 48.68 50.31
C TYR Q 107 -79.49 50.19 50.33
N VAL Q 108 -80.48 50.94 49.86
CA VAL Q 108 -80.42 52.39 49.83
C VAL Q 108 -81.70 52.95 50.41
N MET Q 109 -81.60 53.62 51.56
CA MET Q 109 -82.72 54.28 52.21
C MET Q 109 -82.65 55.78 51.96
N LYS Q 110 -83.79 56.40 51.72
CA LYS Q 110 -83.82 57.85 51.57
C LYS Q 110 -83.35 58.51 52.87
N SER Q 111 -82.56 59.57 52.73
CA SER Q 111 -81.88 60.16 53.86
C SER Q 111 -82.87 60.72 54.87
N ASP Q 112 -82.35 61.03 56.06
CA ASP Q 112 -83.14 61.58 57.15
C ASP Q 112 -83.44 63.07 56.98
N ASP Q 113 -82.78 63.75 56.03
CA ASP Q 113 -83.04 65.15 55.75
C ASP Q 113 -84.10 65.34 54.67
N CYS Q 114 -85.02 64.38 54.52
CA CYS Q 114 -85.99 64.44 53.43
C CYS Q 114 -86.90 65.66 53.54
N LEU Q 115 -87.39 65.95 54.74
CA LEU Q 115 -88.34 67.04 54.91
C LEU Q 115 -87.69 68.42 54.81
N ALA Q 116 -86.37 68.51 54.87
CA ALA Q 116 -85.67 69.78 54.77
C ALA Q 116 -85.34 70.12 53.32
N ASP Q 117 -84.63 69.23 52.62
CA ASP Q 117 -84.28 69.41 51.22
C ASP Q 117 -84.87 68.27 50.40
N HIS Q 118 -85.41 68.61 49.23
CA HIS Q 118 -86.00 67.63 48.33
C HIS Q 118 -86.39 68.34 47.04
N ALA Q 119 -86.49 67.57 45.96
CA ALA Q 119 -86.89 68.08 44.65
C ALA Q 119 -88.23 67.48 44.26
N GLU Q 120 -89.07 68.30 43.63
CA GLU Q 120 -90.40 67.90 43.21
C GLU Q 120 -90.52 68.04 41.69
N ALA Q 121 -91.33 67.16 41.09
CA ALA Q 121 -91.55 67.13 39.66
C ALA Q 121 -93.02 67.39 39.36
N TYR Q 122 -93.29 68.24 38.39
CA TYR Q 122 -94.64 68.65 38.04
C TYR Q 122 -94.83 68.63 36.53
N LYS Q 123 -96.07 68.41 36.11
CA LYS Q 123 -96.50 68.58 34.73
C LYS Q 123 -97.52 69.70 34.67
N ALA Q 124 -97.32 70.64 33.74
CA ALA Q 124 -98.09 71.87 33.68
C ALA Q 124 -98.80 71.98 32.34
N HIS Q 125 -100.02 72.52 32.38
CA HIS Q 125 -100.83 72.76 31.18
C HIS Q 125 -102.07 73.53 31.58
N THR Q 126 -102.66 74.21 30.61
CA THR Q 126 -103.91 74.95 30.80
C THR Q 126 -103.76 76.02 31.89
N ALA Q 127 -102.91 77.00 31.60
CA ALA Q 127 -102.68 78.09 32.53
C ALA Q 127 -103.94 78.94 32.67
N SER Q 128 -104.04 79.63 33.81
CA SER Q 128 -105.15 80.53 34.09
C SER Q 128 -104.60 81.85 34.59
N VAL Q 129 -105.10 82.95 34.05
CA VAL Q 129 -104.59 84.29 34.35
C VAL Q 129 -105.59 84.99 35.25
N GLN Q 130 -105.08 85.69 36.27
CA GLN Q 130 -105.88 86.53 37.13
C GLN Q 130 -105.12 87.83 37.35
N ALA Q 131 -105.81 88.84 37.88
CA ALA Q 131 -105.19 90.15 38.07
C ALA Q 131 -105.88 90.92 39.19
N PHE Q 132 -105.12 91.82 39.80
CA PHE Q 132 -105.64 92.78 40.76
C PHE Q 132 -105.82 94.11 40.03
N LEU Q 133 -107.06 94.58 39.97
CA LEU Q 133 -107.42 95.80 39.25
C LEU Q 133 -107.91 96.87 40.21
N ASN Q 134 -107.44 98.09 40.01
CA ASN Q 134 -107.97 99.28 40.67
C ASN Q 134 -108.74 100.07 39.62
N ILE Q 135 -110.06 100.17 39.81
CA ILE Q 135 -110.96 100.75 38.83
C ILE Q 135 -111.62 101.97 39.45
N THR Q 136 -111.91 102.98 38.61
CA THR Q 136 -112.66 104.15 39.06
C THR Q 136 -113.52 104.61 37.88
N VAL Q 137 -114.82 104.39 37.98
CA VAL Q 137 -115.78 104.72 36.92
C VAL Q 137 -116.59 105.92 37.38
N GLY Q 138 -116.22 107.11 36.88
CA GLY Q 138 -116.97 108.30 37.19
C GLY Q 138 -117.03 108.62 38.67
N GLU Q 139 -115.86 108.57 39.33
CA GLU Q 139 -115.76 108.77 40.78
C GLU Q 139 -116.48 107.64 41.52
N HIS Q 140 -116.15 106.40 41.17
CA HIS Q 140 -116.63 105.22 41.88
C HIS Q 140 -115.47 104.23 41.90
N SER Q 141 -114.66 104.31 42.96
CA SER Q 141 -113.36 103.68 43.01
C SER Q 141 -113.40 102.41 43.86
N ILE Q 142 -112.85 101.32 43.33
CA ILE Q 142 -112.69 100.07 44.06
C ILE Q 142 -111.41 99.38 43.62
N VAL Q 143 -110.98 98.40 44.42
CA VAL Q 143 -109.85 97.53 44.11
C VAL Q 143 -110.30 96.10 44.33
N THR Q 144 -110.06 95.22 43.35
CA THR Q 144 -110.55 93.86 43.46
C THR Q 144 -109.73 92.94 42.57
N THR Q 145 -109.71 91.66 42.96
CA THR Q 145 -109.13 90.61 42.13
C THR Q 145 -110.15 90.13 41.12
N VAL Q 146 -109.71 89.94 39.88
CA VAL Q 146 -110.58 89.60 38.77
C VAL Q 146 -110.00 88.41 38.03
N TYR Q 147 -110.87 87.48 37.66
CA TYR Q 147 -110.52 86.36 36.78
C TYR Q 147 -110.75 86.81 35.35
N VAL Q 148 -109.73 86.71 34.51
CA VAL Q 148 -109.73 87.36 33.21
C VAL Q 148 -110.15 86.39 32.10
N ASN Q 149 -110.83 85.31 32.43
CA ASN Q 149 -111.45 84.49 31.40
C ASN Q 149 -112.64 85.23 30.80
N GLY Q 150 -113.31 84.57 29.86
CA GLY Q 150 -114.41 85.20 29.14
C GLY Q 150 -115.71 85.32 29.93
N GLU Q 151 -115.68 84.96 31.20
CA GLU Q 151 -116.85 85.02 32.07
C GLU Q 151 -116.36 85.41 33.47
N THR Q 152 -117.20 85.18 34.48
CA THR Q 152 -116.91 85.57 35.85
C THR Q 152 -116.78 87.09 35.98
N PRO Q 153 -117.86 87.83 35.80
CA PRO Q 153 -117.80 89.30 35.92
C PRO Q 153 -117.67 89.73 37.38
N VAL Q 154 -117.43 91.03 37.56
CA VAL Q 154 -117.35 91.67 38.86
C VAL Q 154 -118.30 92.85 38.85
N ASN Q 155 -119.10 92.97 39.91
CA ASN Q 155 -120.19 93.93 39.99
C ASN Q 155 -119.91 94.99 41.05
N PHE Q 156 -120.26 96.24 40.73
CA PHE Q 156 -120.19 97.34 41.68
C PHE Q 156 -121.02 98.51 41.20
N ASN Q 157 -121.97 98.98 42.03
CA ASN Q 157 -122.89 100.04 41.65
C ASN Q 157 -123.64 99.68 40.37
N GLY Q 158 -123.88 98.38 40.17
CA GLY Q 158 -124.51 97.90 38.97
C GLY Q 158 -123.61 97.80 37.76
N VAL Q 159 -122.36 98.26 37.86
CA VAL Q 159 -121.44 98.21 36.73
C VAL Q 159 -120.84 96.82 36.62
N LYS Q 160 -121.03 96.18 35.47
CA LYS Q 160 -120.57 94.82 35.23
C LYS Q 160 -119.31 94.89 34.37
N ILE Q 161 -118.16 94.63 34.98
CA ILE Q 161 -116.87 94.71 34.32
C ILE Q 161 -116.34 93.31 34.12
N THR Q 162 -115.97 92.99 32.88
CA THR Q 162 -115.45 91.68 32.51
C THR Q 162 -114.15 91.86 31.73
N ALA Q 163 -113.21 90.95 31.94
CA ALA Q 163 -111.95 90.93 31.22
C ALA Q 163 -111.91 89.66 30.38
N GLY Q 164 -112.11 89.81 29.07
CA GLY Q 164 -112.17 88.69 28.16
C GLY Q 164 -110.85 87.95 28.07
N PRO Q 165 -110.76 86.99 27.14
CA PRO Q 165 -109.59 86.10 27.12
C PRO Q 165 -108.33 86.81 26.68
N LEU Q 166 -107.20 86.27 27.12
CA LEU Q 166 -105.90 86.76 26.68
C LEU Q 166 -105.76 86.58 25.18
N SER Q 167 -105.25 87.62 24.50
CA SER Q 167 -105.13 87.57 23.05
C SER Q 167 -104.18 86.48 22.58
N THR Q 168 -103.26 86.04 23.44
CA THR Q 168 -102.29 85.00 23.10
C THR Q 168 -102.25 83.94 24.20
N ALA Q 169 -102.00 82.70 23.79
CA ALA Q 169 -101.84 81.59 24.70
C ALA Q 169 -100.38 81.39 25.13
N TRP Q 170 -99.58 82.45 25.09
CA TRP Q 170 -98.18 82.35 25.47
C TRP Q 170 -98.04 81.95 26.93
N THR Q 171 -97.14 81.01 27.19
CA THR Q 171 -96.87 80.53 28.55
C THR Q 171 -95.37 80.30 28.72
N PRO Q 172 -94.68 81.02 29.61
CA PRO Q 172 -93.23 80.77 29.76
C PRO Q 172 -92.92 79.36 30.23
N PHE Q 173 -93.80 78.74 31.01
CA PHE Q 173 -93.54 77.41 31.53
C PHE Q 173 -93.53 76.38 30.40
N ASP Q 174 -92.68 75.37 30.57
CA ASP Q 174 -92.63 74.23 29.66
C ASP Q 174 -93.58 73.15 30.18
N ARG Q 175 -93.62 72.00 29.49
CA ARG Q 175 -94.51 70.93 29.90
C ARG Q 175 -94.14 70.39 31.27
N LYS Q 176 -92.84 70.25 31.54
CA LYS Q 176 -92.33 69.64 32.77
C LYS Q 176 -91.56 70.66 33.58
N ILE Q 177 -91.71 70.58 34.91
CA ILE Q 177 -91.13 71.53 35.84
C ILE Q 177 -90.48 70.77 36.98
N VAL Q 178 -89.32 71.25 37.42
CA VAL Q 178 -88.61 70.73 38.58
C VAL Q 178 -88.47 71.86 39.60
N GLN Q 179 -88.92 71.62 40.82
CA GLN Q 179 -88.90 72.59 41.90
C GLN Q 179 -87.91 72.14 42.96
N TYR Q 180 -87.08 73.07 43.42
CA TYR Q 180 -86.12 72.79 44.49
C TYR Q 180 -85.65 74.10 45.09
N ALA Q 181 -85.80 74.25 46.40
CA ALA Q 181 -85.27 75.40 47.15
C ALA Q 181 -85.84 76.72 46.63
N GLY Q 182 -87.17 76.77 46.57
CA GLY Q 182 -87.85 78.00 46.22
C GLY Q 182 -87.55 78.53 44.84
N GLU Q 183 -87.13 77.67 43.92
CA GLU Q 183 -86.79 78.06 42.55
C GLU Q 183 -87.36 77.04 41.59
N ILE Q 184 -87.40 77.42 40.31
CA ILE Q 184 -87.96 76.60 39.24
C ILE Q 184 -86.91 76.41 38.17
N TYR Q 185 -86.83 75.20 37.62
CA TYR Q 185 -85.86 74.86 36.59
C TYR Q 185 -86.56 74.02 35.53
N ASN Q 186 -86.50 74.47 34.28
CA ASN Q 186 -87.08 73.72 33.17
C ASN Q 186 -86.14 72.57 32.81
N TYR Q 187 -86.56 71.34 33.15
CA TYR Q 187 -85.71 70.16 32.97
C TYR Q 187 -86.57 69.01 32.47
N ASP Q 188 -85.92 68.10 31.74
CA ASP Q 188 -86.55 66.90 31.19
C ASP Q 188 -86.20 65.73 32.10
N PHE Q 189 -87.06 65.47 33.09
CA PHE Q 189 -86.79 64.39 34.02
C PHE Q 189 -87.33 63.06 33.48
N PRO Q 190 -86.73 61.93 33.83
CA PRO Q 190 -87.26 60.65 33.34
C PRO Q 190 -88.60 60.30 33.98
N GLU Q 191 -89.41 59.56 33.22
CA GLU Q 191 -90.71 59.13 33.72
C GLU Q 191 -90.54 58.15 34.87
N TYR Q 192 -91.59 58.03 35.69
CA TYR Q 192 -91.58 57.09 36.80
C TYR Q 192 -91.35 55.67 36.30
N GLY Q 193 -90.46 54.95 36.99
CA GLY Q 193 -90.15 53.58 36.64
C GLY Q 193 -88.96 53.41 35.71
N ALA Q 194 -88.33 54.51 35.28
CA ALA Q 194 -87.23 54.44 34.32
C ALA Q 194 -86.02 55.23 34.79
N GLY Q 195 -85.63 55.04 36.05
CA GLY Q 195 -84.46 55.73 36.57
C GLY Q 195 -83.16 55.16 36.02
N GLN Q 196 -82.10 55.95 36.18
CA GLN Q 196 -80.76 55.57 35.76
C GLN Q 196 -79.76 56.11 36.76
N PRO Q 197 -78.71 55.37 37.10
CA PRO Q 197 -77.71 55.91 38.04
C PRO Q 197 -76.94 57.06 37.41
N GLY Q 198 -76.47 57.97 38.28
CA GLY Q 198 -75.69 59.10 37.83
C GLY Q 198 -76.48 60.24 37.22
N ALA Q 199 -77.81 60.20 37.31
CA ALA Q 199 -78.65 61.26 36.76
C ALA Q 199 -79.84 61.45 37.68
N PHE Q 200 -80.63 62.47 37.38
CA PHE Q 200 -81.82 62.77 38.17
C PHE Q 200 -82.81 61.61 38.08
N GLY Q 201 -83.35 61.22 39.23
CA GLY Q 201 -84.37 60.19 39.29
C GLY Q 201 -83.80 58.80 39.50
N ASP Q 202 -82.93 58.65 40.49
CA ASP Q 202 -82.36 57.36 40.85
C ASP Q 202 -82.93 56.80 42.16
N ILE Q 203 -83.58 57.63 42.97
CA ILE Q 203 -84.40 57.17 44.10
C ILE Q 203 -85.72 57.91 43.99
N GLN Q 204 -86.76 57.24 43.50
CA GLN Q 204 -88.06 57.84 43.27
C GLN Q 204 -89.03 57.40 44.35
N SER Q 205 -89.64 58.36 45.04
CA SER Q 205 -90.68 58.10 46.02
C SER Q 205 -91.95 58.82 45.57
N ARG Q 206 -93.08 58.10 45.64
CA ARG Q 206 -94.34 58.66 45.15
C ARG Q 206 -94.70 59.95 45.88
N THR Q 207 -94.41 60.02 47.17
CA THR Q 207 -94.68 61.21 47.97
C THR Q 207 -93.49 61.47 48.89
N VAL Q 208 -93.57 62.56 49.63
CA VAL Q 208 -92.49 62.92 50.55
C VAL Q 208 -92.32 61.85 51.62
N SER Q 209 -93.43 61.29 52.10
CA SER Q 209 -93.43 60.26 53.13
C SER Q 209 -94.25 59.04 52.69
N SER Q 210 -94.04 58.60 51.45
CA SER Q 210 -94.77 57.45 50.93
C SER Q 210 -94.34 56.14 51.60
N SER Q 211 -93.18 56.11 52.24
CA SER Q 211 -92.65 54.91 52.87
C SER Q 211 -92.42 53.79 51.88
N ASP Q 212 -92.14 54.13 50.62
CA ASP Q 212 -91.89 53.14 49.58
C ASP Q 212 -91.20 53.89 48.45
N LEU Q 213 -90.04 53.37 48.02
CA LEU Q 213 -89.22 54.01 47.00
C LEU Q 213 -88.70 52.97 46.02
N TYR Q 214 -88.54 53.40 44.77
CA TYR Q 214 -87.91 52.59 43.73
C TYR Q 214 -86.52 53.16 43.48
N ALA Q 215 -85.50 52.31 43.58
CA ALA Q 215 -84.11 52.76 43.62
C ALA Q 215 -83.28 52.03 42.57
N ASN Q 216 -82.34 52.77 41.98
CA ASN Q 216 -81.33 52.19 41.10
C ASN Q 216 -80.05 53.00 41.30
N THR Q 217 -79.04 52.39 41.94
CA THR Q 217 -77.76 53.06 42.18
C THR Q 217 -76.58 52.25 41.65
N ASN Q 218 -76.81 51.12 41.00
CA ASN Q 218 -75.73 50.24 40.54
C ASN Q 218 -74.87 49.80 41.71
N LEU Q 219 -75.52 49.37 42.79
CA LEU Q 219 -74.82 48.92 43.99
C LEU Q 219 -74.17 47.57 43.70
N VAL Q 220 -72.83 47.53 43.74
CA VAL Q 220 -72.06 46.33 43.47
C VAL Q 220 -71.24 46.01 44.72
N LEU Q 221 -71.41 44.78 45.22
CA LEU Q 221 -70.68 44.33 46.41
C LEU Q 221 -69.31 43.82 46.00
N GLN Q 222 -68.33 44.02 46.88
CA GLN Q 222 -66.94 43.67 46.62
C GLN Q 222 -66.43 42.73 47.71
N ARG Q 223 -65.33 42.07 47.42
CA ARG Q 223 -64.76 41.15 48.39
C ARG Q 223 -64.18 41.92 49.58
N PRO Q 224 -64.44 41.52 50.83
CA PRO Q 224 -63.84 42.22 51.96
C PRO Q 224 -62.36 41.93 52.09
N LYS Q 225 -61.66 42.87 52.73
CA LYS Q 225 -60.23 42.72 52.95
C LYS Q 225 -59.96 41.62 53.99
N ALA Q 226 -58.82 40.95 53.84
CA ALA Q 226 -58.44 39.91 54.77
C ALA Q 226 -58.19 40.50 56.16
N GLY Q 227 -58.55 39.72 57.18
CA GLY Q 227 -58.35 40.16 58.56
C GLY Q 227 -59.21 41.35 58.95
N ALA Q 228 -60.44 41.41 58.46
CA ALA Q 228 -61.35 42.49 58.80
C ALA Q 228 -62.78 42.03 58.53
N ILE Q 229 -63.73 42.73 59.15
CA ILE Q 229 -65.15 42.51 58.93
C ILE Q 229 -65.75 43.82 58.42
N HIS Q 230 -66.34 43.77 57.23
CA HIS Q 230 -66.98 44.92 56.61
C HIS Q 230 -67.57 44.48 55.28
N VAL Q 231 -68.34 45.38 54.68
CA VAL Q 231 -69.03 45.12 53.42
C VAL Q 231 -68.64 46.20 52.40
N PRO Q 232 -67.56 46.02 51.64
CA PRO Q 232 -67.18 47.04 50.67
C PRO Q 232 -68.18 47.10 49.53
N TYR Q 233 -68.66 48.32 49.24
CA TYR Q 233 -69.71 48.55 48.27
C TYR Q 233 -69.27 49.66 47.32
N THR Q 234 -69.67 49.51 46.05
CA THR Q 234 -69.34 50.49 45.01
C THR Q 234 -70.63 50.94 44.35
N GLN Q 235 -70.78 52.26 44.19
CA GLN Q 235 -71.95 52.85 43.57
C GLN Q 235 -71.57 54.22 43.03
N ALA Q 236 -72.38 54.72 42.11
CA ALA Q 236 -72.14 56.03 41.55
C ALA Q 236 -72.46 57.11 42.58
N PRO Q 237 -71.90 58.32 42.43
CA PRO Q 237 -72.24 59.41 43.36
C PRO Q 237 -73.69 59.83 43.25
N SER Q 238 -74.09 60.81 44.06
CA SER Q 238 -75.49 61.23 44.13
C SER Q 238 -75.88 61.97 42.86
N GLY Q 239 -76.92 61.48 42.18
CA GLY Q 239 -77.45 62.21 41.04
C GLY Q 239 -77.98 63.58 41.43
N PHE Q 240 -78.55 63.68 42.64
CA PHE Q 240 -78.96 64.99 43.14
C PHE Q 240 -77.77 65.93 43.28
N GLU Q 241 -76.65 65.41 43.81
CA GLU Q 241 -75.45 66.24 43.94
C GLU Q 241 -74.93 66.66 42.58
N GLN Q 242 -74.95 65.76 41.60
CA GLN Q 242 -74.48 66.12 40.26
C GLN Q 242 -75.38 67.16 39.62
N TRP Q 243 -76.70 67.04 39.81
CA TRP Q 243 -77.62 68.05 39.30
C TRP Q 243 -77.38 69.40 39.97
N LYS Q 244 -77.14 69.39 41.28
CA LYS Q 244 -76.83 70.63 41.98
C LYS Q 244 -75.52 71.23 41.48
N LYS Q 245 -74.54 70.39 41.14
CA LYS Q 245 -73.31 70.88 40.56
C LYS Q 245 -73.57 71.53 39.20
N ASP Q 246 -74.40 70.89 38.38
CA ASP Q 246 -74.72 71.45 37.07
C ASP Q 246 -75.43 72.80 37.22
N LYS Q 247 -76.65 72.79 37.78
CA LYS Q 247 -77.39 73.99 38.14
C LYS Q 247 -77.43 75.01 37.00
N ALA Q 248 -78.15 74.65 35.94
CA ALA Q 248 -78.37 75.59 34.87
C ALA Q 248 -79.10 76.83 35.41
N PRO Q 249 -78.93 78.00 34.78
CA PRO Q 249 -79.49 79.23 35.37
C PRO Q 249 -80.99 79.15 35.57
N SER Q 250 -81.44 79.76 36.67
CA SER Q 250 -82.83 79.65 37.10
C SER Q 250 -83.76 80.32 36.09
N LEU Q 251 -85.05 80.04 36.25
CA LEU Q 251 -86.05 80.54 35.32
C LEU Q 251 -86.20 82.05 35.39
N LYS Q 252 -86.02 82.63 36.59
CA LYS Q 252 -86.21 84.06 36.74
C LYS Q 252 -85.11 84.89 36.07
N PHE Q 253 -84.02 84.26 35.61
CA PHE Q 253 -82.96 84.96 34.91
C PHE Q 253 -83.00 84.74 33.40
N THR Q 254 -83.91 83.91 32.89
CA THR Q 254 -84.00 83.63 31.46
C THR Q 254 -85.42 83.61 30.93
N ALA Q 255 -86.43 83.90 31.75
CA ALA Q 255 -87.81 83.85 31.29
C ALA Q 255 -88.05 84.93 30.25
N PRO Q 256 -88.60 84.62 29.07
CA PRO Q 256 -88.88 85.67 28.10
C PRO Q 256 -89.98 86.60 28.58
N PHE Q 257 -89.97 87.82 28.04
CA PHE Q 257 -90.89 88.91 28.37
C PHE Q 257 -90.67 89.45 29.78
N GLY Q 258 -89.68 88.97 30.51
CA GLY Q 258 -89.42 89.44 31.86
C GLY Q 258 -90.44 89.00 32.88
N CYS Q 259 -90.80 87.72 32.87
CA CYS Q 259 -91.73 87.15 33.84
C CYS Q 259 -90.96 86.67 35.06
N GLU Q 260 -91.14 87.35 36.18
CA GLU Q 260 -90.47 87.00 37.43
C GLU Q 260 -91.30 85.96 38.17
N ILE Q 261 -90.62 85.17 39.00
CA ILE Q 261 -91.20 83.97 39.60
C ILE Q 261 -91.23 84.11 41.12
N TYR Q 262 -92.36 83.73 41.70
CA TYR Q 262 -92.50 83.53 43.14
C TYR Q 262 -93.34 82.28 43.33
N THR Q 263 -92.98 81.48 44.34
CA THR Q 263 -93.65 80.18 44.55
C THR Q 263 -94.01 80.00 46.03
N ASN Q 264 -95.16 80.55 46.42
CA ASN Q 264 -95.93 79.90 47.49
C ASN Q 264 -96.72 78.78 46.82
N PRO Q 265 -97.63 79.08 45.86
CA PRO Q 265 -97.81 78.18 44.71
C PRO Q 265 -97.02 78.70 43.52
N ILE Q 266 -96.67 77.83 42.58
CA ILE Q 266 -95.88 78.26 41.43
C ILE Q 266 -96.69 79.27 40.61
N ARG Q 267 -96.10 80.43 40.35
CA ARG Q 267 -96.77 81.48 39.60
C ARG Q 267 -95.74 82.46 39.04
N ALA Q 268 -96.05 83.00 37.87
CA ALA Q 268 -95.28 84.08 37.25
C ALA Q 268 -96.21 85.27 37.04
N GLU Q 269 -95.64 86.47 37.10
CA GLU Q 269 -96.48 87.66 37.17
C GLU Q 269 -95.75 88.88 36.64
N ASN Q 270 -96.53 89.87 36.22
CA ASN Q 270 -96.05 91.18 35.78
C ASN Q 270 -94.99 91.07 34.68
N CYS Q 271 -95.43 90.55 33.53
CA CYS Q 271 -94.64 90.61 32.31
C CYS Q 271 -95.56 90.86 31.12
N ALA Q 272 -95.13 91.79 30.25
CA ALA Q 272 -96.01 92.39 29.26
C ALA Q 272 -96.04 91.55 27.99
N VAL Q 273 -97.22 91.05 27.65
CA VAL Q 273 -97.45 90.39 26.36
C VAL Q 273 -98.95 90.40 26.09
N GLY Q 274 -99.31 90.82 24.88
CA GLY Q 274 -100.69 90.79 24.46
C GLY Q 274 -101.54 91.92 25.02
N SER Q 275 -102.84 91.75 24.85
CA SER Q 275 -103.83 92.71 25.30
C SER Q 275 -104.98 91.98 25.98
N ILE Q 276 -105.54 92.64 26.99
CA ILE Q 276 -106.71 92.17 27.73
C ILE Q 276 -107.91 92.94 27.23
N PRO Q 277 -108.89 92.31 26.58
CA PRO Q 277 -110.12 93.05 26.24
C PRO Q 277 -110.98 93.27 27.48
N LEU Q 278 -111.53 94.48 27.59
CA LEU Q 278 -112.39 94.87 28.69
C LEU Q 278 -113.79 95.16 28.17
N ALA Q 279 -114.79 94.57 28.81
CA ALA Q 279 -116.19 94.78 28.47
C ALA Q 279 -116.90 95.38 29.69
N PHE Q 280 -117.63 96.47 29.47
CA PHE Q 280 -118.38 97.16 30.50
C PHE Q 280 -119.86 97.13 30.15
N ASP Q 281 -120.69 96.66 31.08
CA ASP Q 281 -122.14 96.78 31.01
C ASP Q 281 -122.55 97.75 32.10
N ILE Q 282 -122.91 98.96 31.71
CA ILE Q 282 -123.13 100.08 32.63
C ILE Q 282 -124.63 100.35 32.68
N PRO Q 283 -125.25 100.45 33.86
CA PRO Q 283 -126.67 100.78 33.89
C PRO Q 283 -126.93 102.20 33.40
N ASP Q 284 -128.14 102.40 32.87
CA ASP Q 284 -128.51 103.70 32.30
C ASP Q 284 -128.66 104.78 33.36
N ALA Q 285 -128.71 104.44 34.65
CA ALA Q 285 -128.89 105.42 35.71
C ALA Q 285 -127.66 106.29 35.94
N LEU Q 286 -126.50 105.90 35.42
CA LEU Q 286 -125.26 106.65 35.64
C LEU Q 286 -125.10 107.83 34.68
N PHE Q 287 -125.90 107.92 33.63
CA PHE Q 287 -125.77 109.00 32.67
C PHE Q 287 -126.37 110.29 33.23
N THR Q 288 -125.63 111.39 33.08
CA THR Q 288 -126.04 112.70 33.55
C THR Q 288 -126.28 113.61 32.35
N ARG Q 289 -127.08 114.66 32.55
CA ARG Q 289 -127.44 115.54 31.45
C ARG Q 289 -126.31 116.51 31.15
N VAL Q 290 -126.15 116.83 29.86
CA VAL Q 290 -125.16 117.82 29.45
C VAL Q 290 -125.47 119.18 30.08
N SER Q 291 -126.76 119.52 30.16
CA SER Q 291 -127.15 120.75 30.83
C SER Q 291 -126.78 120.71 32.31
N GLU Q 292 -126.90 119.53 32.94
CA GLU Q 292 -126.55 119.38 34.34
C GLU Q 292 -125.05 119.39 34.57
N THR Q 293 -124.25 119.08 33.55
CA THR Q 293 -122.79 119.11 33.63
C THR Q 293 -122.26 120.40 33.01
N PRO Q 294 -121.02 120.78 33.34
CA PRO Q 294 -120.46 122.02 32.75
C PRO Q 294 -120.32 121.92 31.23
N THR Q 295 -120.48 123.07 30.59
CA THR Q 295 -120.29 123.21 29.14
C THR Q 295 -119.47 124.46 28.87
N LEU Q 296 -118.65 124.40 27.83
CA LEU Q 296 -117.68 125.43 27.51
C LEU Q 296 -118.04 126.13 26.21
N SER Q 297 -117.35 127.25 25.96
CA SER Q 297 -117.53 128.02 24.74
C SER Q 297 -116.29 128.86 24.50
N ALA Q 298 -115.88 128.98 23.24
CA ALA Q 298 -114.73 129.78 22.85
C ALA Q 298 -113.46 129.29 23.54
N ALA Q 299 -113.08 128.06 23.22
CA ALA Q 299 -111.92 127.41 23.80
C ALA Q 299 -110.74 127.46 22.83
N GLU Q 300 -109.55 127.70 23.37
CA GLU Q 300 -108.32 127.76 22.58
C GLU Q 300 -107.22 127.01 23.30
N CYS Q 301 -106.47 126.22 22.54
CA CYS Q 301 -105.39 125.38 23.06
C CYS Q 301 -104.05 125.82 22.47
N THR Q 302 -103.06 126.02 23.34
CA THR Q 302 -101.71 126.39 22.92
C THR Q 302 -100.71 125.62 23.75
N LEU Q 303 -99.70 125.03 23.09
CA LEU Q 303 -98.65 124.31 23.80
C LEU Q 303 -97.50 125.25 24.12
N ASN Q 304 -96.95 125.08 25.33
CA ASN Q 304 -95.86 125.92 25.82
C ASN Q 304 -94.50 125.27 25.68
N GLU Q 305 -94.38 124.02 26.13
CA GLU Q 305 -93.15 123.24 26.02
C GLU Q 305 -93.46 121.94 25.29
N CYS Q 306 -92.59 121.57 24.36
CA CYS Q 306 -92.80 120.40 23.50
C CYS Q 306 -91.52 119.58 23.51
N VAL Q 307 -91.66 118.28 23.76
CA VAL Q 307 -90.55 117.34 23.72
C VAL Q 307 -91.12 115.93 23.59
N TYR Q 308 -90.50 115.11 22.74
CA TYR Q 308 -90.94 113.73 22.55
C TYR Q 308 -90.10 112.79 23.42
N SER Q 309 -90.20 113.02 24.73
CA SER Q 309 -89.51 112.18 25.70
C SER Q 309 -90.29 110.89 25.92
N SER Q 310 -89.84 110.07 26.87
CA SER Q 310 -90.50 108.80 27.16
C SER Q 310 -91.66 108.94 28.14
N ASP Q 311 -91.83 110.09 28.77
CA ASP Q 311 -92.86 110.33 29.76
C ASP Q 311 -93.63 111.60 29.42
N PHE Q 312 -94.48 112.03 30.34
CA PHE Q 312 -95.33 113.20 30.12
C PHE Q 312 -94.48 114.46 30.16
N GLY Q 313 -94.04 114.92 28.98
CA GLY Q 313 -93.11 116.02 28.87
C GLY Q 313 -93.67 117.25 28.17
N GLY Q 314 -94.74 117.09 27.39
CA GLY Q 314 -95.33 118.19 26.69
C GLY Q 314 -96.38 118.86 27.54
N ILE Q 315 -96.23 120.18 27.72
CA ILE Q 315 -97.12 120.98 28.56
C ILE Q 315 -97.95 121.87 27.65
N ALA Q 316 -99.27 121.82 27.82
CA ALA Q 316 -100.17 122.59 26.97
C ALA Q 316 -101.25 123.25 27.81
N THR Q 317 -101.48 124.55 27.57
CA THR Q 317 -102.48 125.30 28.29
C THR Q 317 -103.72 125.50 27.41
N VAL Q 318 -104.86 125.66 28.08
CA VAL Q 318 -106.15 125.85 27.43
C VAL Q 318 -106.85 127.02 28.11
N LYS Q 319 -107.35 127.95 27.30
CA LYS Q 319 -108.11 129.12 27.75
C LYS Q 319 -109.54 128.98 27.27
N TYR Q 320 -110.49 129.29 28.16
CA TYR Q 320 -111.89 128.93 27.94
C TYR Q 320 -112.79 129.95 28.61
N SER Q 321 -114.10 129.68 28.52
CA SER Q 321 -115.11 130.45 29.26
C SER Q 321 -116.26 129.49 29.53
N ALA Q 322 -116.27 128.90 30.73
CA ALA Q 322 -117.20 127.83 31.05
C ALA Q 322 -118.50 128.38 31.59
N SER Q 323 -119.61 127.73 31.22
CA SER Q 323 -120.92 128.14 31.71
C SER Q 323 -121.07 127.86 33.20
N LYS Q 324 -120.56 126.71 33.65
CA LYS Q 324 -120.67 126.30 35.05
C LYS Q 324 -119.33 125.81 35.55
N SER Q 325 -119.12 125.93 36.86
CA SER Q 325 -117.87 125.52 37.50
C SER Q 325 -118.00 124.08 37.97
N GLY Q 326 -117.16 123.20 37.42
CA GLY Q 326 -117.18 121.81 37.81
C GLY Q 326 -116.15 121.03 37.03
N LYS Q 327 -115.79 119.88 37.57
CA LYS Q 327 -114.79 119.03 36.93
C LYS Q 327 -115.37 118.35 35.69
N CYS Q 328 -114.51 118.16 34.69
CA CYS Q 328 -114.88 117.38 33.51
C CYS Q 328 -113.64 116.66 33.01
N ALA Q 329 -113.87 115.60 32.24
CA ALA Q 329 -112.77 114.84 31.68
C ALA Q 329 -112.22 115.51 30.42
N VAL Q 330 -110.91 115.33 30.20
CA VAL Q 330 -110.24 115.77 28.99
C VAL Q 330 -109.48 114.57 28.43
N HIS Q 331 -109.64 114.31 27.15
CA HIS Q 331 -109.28 113.02 26.56
C HIS Q 331 -108.72 113.23 25.16
N VAL Q 332 -107.88 112.30 24.73
CA VAL Q 332 -107.37 112.24 23.36
C VAL Q 332 -107.85 110.92 22.74
N PRO Q 333 -108.77 110.91 21.77
CA PRO Q 333 -109.29 109.62 21.30
C PRO Q 333 -108.23 108.70 20.71
N SER Q 334 -107.24 109.25 20.02
CA SER Q 334 -106.21 108.45 19.36
C SER Q 334 -105.04 108.24 20.31
N GLY Q 335 -104.03 107.51 19.83
CA GLY Q 335 -102.79 107.33 20.56
C GLY Q 335 -101.75 108.36 20.17
N THR Q 336 -102.21 109.46 19.55
CA THR Q 336 -101.29 110.49 19.10
C THR Q 336 -100.57 111.17 20.26
N ALA Q 337 -101.27 111.37 21.38
CA ALA Q 337 -100.66 112.03 22.54
C ALA Q 337 -101.35 111.48 23.80
N THR Q 338 -100.63 110.66 24.55
CA THR Q 338 -101.16 110.14 25.80
C THR Q 338 -101.16 111.23 26.86
N LEU Q 339 -102.21 111.27 27.67
CA LEU Q 339 -102.40 112.29 28.70
C LEU Q 339 -102.07 111.73 30.08
N LYS Q 340 -101.67 112.63 30.99
CA LYS Q 340 -101.39 112.21 32.36
C LYS Q 340 -102.66 112.07 33.19
N GLU Q 341 -103.40 113.16 33.37
CA GLU Q 341 -104.55 113.17 34.26
C GLU Q 341 -105.81 112.73 33.52
N ALA Q 342 -106.72 112.09 34.27
CA ALA Q 342 -108.00 111.65 33.73
C ALA Q 342 -109.11 112.66 33.93
N ALA Q 343 -108.86 113.75 34.65
CA ALA Q 343 -109.89 114.76 34.89
C ALA Q 343 -109.21 116.06 35.30
N VAL Q 344 -109.92 117.17 35.07
CA VAL Q 344 -109.44 118.50 35.42
C VAL Q 344 -110.58 119.25 36.08
N GLU Q 345 -110.25 120.03 37.11
CA GLU Q 345 -111.22 120.89 37.78
C GLU Q 345 -111.21 122.27 37.14
N LEU Q 346 -112.38 122.75 36.74
CA LEU Q 346 -112.50 123.97 35.95
C LEU Q 346 -113.16 125.08 36.74
N THR Q 347 -112.66 126.30 36.56
CA THR Q 347 -113.34 127.51 36.99
C THR Q 347 -114.20 128.00 35.83
N GLU Q 348 -114.70 129.24 35.92
CA GLU Q 348 -115.50 129.82 34.86
C GLU Q 348 -114.69 130.67 33.88
N GLN Q 349 -113.56 131.23 34.30
CA GLN Q 349 -112.72 132.05 33.44
C GLN Q 349 -111.25 131.79 33.67
N GLY Q 350 -110.89 130.56 34.03
CA GLY Q 350 -109.51 130.20 34.30
C GLY Q 350 -108.76 129.81 33.03
N SER Q 351 -107.52 129.39 33.23
CA SER Q 351 -106.65 128.92 32.15
C SER Q 351 -105.94 127.67 32.67
N ALA Q 352 -106.34 126.51 32.16
CA ALA Q 352 -105.86 125.24 32.68
C ALA Q 352 -104.61 124.78 31.95
N THR Q 353 -103.93 123.80 32.53
CA THR Q 353 -102.71 123.24 31.97
C THR Q 353 -102.76 121.72 32.04
N ILE Q 354 -102.16 121.06 31.05
CA ILE Q 354 -102.17 119.60 30.94
C ILE Q 354 -100.79 119.10 30.52
N HIS Q 355 -100.51 117.86 30.90
CA HIS Q 355 -99.24 117.18 30.62
C HIS Q 355 -99.51 115.95 29.77
N PHE Q 356 -98.74 115.79 28.69
CA PHE Q 356 -98.93 114.70 27.75
C PHE Q 356 -97.58 114.22 27.22
N SER Q 357 -97.63 113.17 26.42
CA SER Q 357 -96.45 112.55 25.82
C SER Q 357 -96.80 112.07 24.43
N THR Q 358 -95.92 112.34 23.46
CA THR Q 358 -96.15 111.97 22.07
C THR Q 358 -94.82 111.56 21.43
N ALA Q 359 -94.94 110.87 20.30
CA ALA Q 359 -93.80 110.39 19.51
C ALA Q 359 -93.83 110.96 18.10
N ASN Q 360 -94.21 112.23 17.98
CA ASN Q 360 -94.25 112.93 16.69
C ASN Q 360 -93.43 114.21 16.81
N ILE Q 361 -92.54 114.43 15.84
CA ILE Q 361 -91.72 115.65 15.87
C ILE Q 361 -92.59 116.88 15.66
N HIS Q 362 -93.68 116.76 14.91
CA HIS Q 362 -94.61 117.87 14.63
C HIS Q 362 -96.03 117.44 14.99
N PRO Q 363 -96.38 117.42 16.28
CA PRO Q 363 -97.72 116.98 16.65
C PRO Q 363 -98.81 117.91 16.15
N GLU Q 364 -99.97 117.31 15.85
CA GLU Q 364 -101.20 118.05 15.55
C GLU Q 364 -102.35 117.12 15.89
N PHE Q 365 -102.99 117.33 17.04
CA PHE Q 365 -103.99 116.40 17.54
C PHE Q 365 -105.25 117.14 17.98
N ARG Q 366 -106.38 116.44 17.86
CA ARG Q 366 -107.69 116.95 18.23
C ARG Q 366 -108.00 116.49 19.65
N LEU Q 367 -107.91 117.41 20.60
CA LEU Q 367 -108.12 117.12 22.01
C LEU Q 367 -109.59 117.32 22.38
N GLN Q 368 -110.02 116.51 23.37
CA GLN Q 368 -111.36 116.58 23.92
C GLN Q 368 -111.36 117.47 25.15
N ILE Q 369 -112.24 118.47 25.15
CA ILE Q 369 -112.59 119.21 26.34
C ILE Q 369 -114.07 118.94 26.60
N CYS Q 370 -114.56 119.36 27.77
CA CYS Q 370 -115.71 118.78 28.46
C CYS Q 370 -116.80 118.24 27.52
N THR Q 371 -117.15 119.02 26.50
CA THR Q 371 -118.02 118.51 25.43
C THR Q 371 -117.59 118.94 24.04
N SER Q 372 -116.57 119.79 23.90
CA SER Q 372 -116.22 120.39 22.62
C SER Q 372 -114.99 119.71 22.03
N TYR Q 373 -114.56 120.20 20.86
CA TYR Q 373 -113.36 119.73 20.18
C TYR Q 373 -112.39 120.90 20.15
N VAL Q 374 -111.08 120.62 20.32
CA VAL Q 374 -110.06 121.64 20.12
C VAL Q 374 -108.90 121.02 19.38
N THR Q 375 -108.09 121.87 18.75
CA THR Q 375 -106.92 121.44 18.00
C THR Q 375 -105.67 122.01 18.68
N CYS Q 376 -104.68 121.14 18.91
CA CYS Q 376 -103.39 121.55 19.46
C CYS Q 376 -102.28 121.08 18.53
N LYS Q 377 -101.43 122.02 18.13
CA LYS Q 377 -100.44 121.80 17.07
C LYS Q 377 -99.13 122.44 17.47
N GLY Q 378 -98.03 121.84 17.02
CA GLY Q 378 -96.72 122.46 17.21
C GLY Q 378 -95.60 121.49 16.90
N ASP Q 379 -94.41 121.84 17.40
CA ASP Q 379 -93.18 121.12 17.08
C ASP Q 379 -92.40 120.84 18.37
N CYS Q 380 -91.94 119.60 18.53
CA CYS Q 380 -91.10 119.19 19.64
C CYS Q 380 -89.64 119.17 19.20
N HIS Q 381 -88.75 118.90 20.14
CA HIS Q 381 -87.31 118.88 19.90
C HIS Q 381 -86.71 117.66 20.58
N PRO Q 382 -85.50 117.24 20.18
CA PRO Q 382 -84.91 116.05 20.79
C PRO Q 382 -84.62 116.28 22.26
N PRO Q 383 -84.60 115.21 23.09
CA PRO Q 383 -84.27 115.38 24.50
C PRO Q 383 -82.78 115.35 24.76
N LYS Q 384 -82.38 115.40 26.04
CA LYS Q 384 -80.97 115.40 26.44
C LYS Q 384 -80.50 114.01 26.87
N ASP Q 385 -81.17 113.42 27.85
CA ASP Q 385 -80.70 112.19 28.46
C ASP Q 385 -80.81 111.01 27.50
N HIS Q 386 -80.00 109.99 27.76
CA HIS Q 386 -79.93 108.79 26.95
C HIS Q 386 -80.76 107.64 27.51
N ILE Q 387 -80.60 107.34 28.80
CA ILE Q 387 -81.18 106.17 29.43
C ILE Q 387 -82.02 106.60 30.62
N VAL Q 388 -83.22 106.02 30.74
CA VAL Q 388 -84.15 106.31 31.82
C VAL Q 388 -84.70 104.97 32.32
N THR Q 389 -85.04 104.93 33.60
CA THR Q 389 -85.33 103.68 34.31
C THR Q 389 -86.83 103.45 34.51
N HIS Q 390 -87.65 103.81 33.53
CA HIS Q 390 -89.05 103.40 33.53
C HIS Q 390 -89.49 103.16 32.08
N PRO Q 391 -90.54 102.35 31.87
CA PRO Q 391 -90.90 101.97 30.49
C PRO Q 391 -91.52 103.11 29.69
N GLN Q 392 -91.92 102.80 28.45
CA GLN Q 392 -92.55 103.77 27.58
C GLN Q 392 -94.00 103.99 27.98
N TYR Q 393 -94.44 105.26 27.93
CA TYR Q 393 -95.75 105.67 28.43
C TYR Q 393 -96.78 105.88 27.31
N HIS Q 394 -96.45 105.56 26.07
CA HIS Q 394 -97.38 105.72 24.96
C HIS Q 394 -97.19 104.55 23.99
N ALA Q 395 -97.82 104.65 22.82
CA ALA Q 395 -97.70 103.66 21.77
C ALA Q 395 -96.54 104.02 20.84
N GLN Q 396 -96.37 103.22 19.79
CA GLN Q 396 -95.30 103.40 18.80
C GLN Q 396 -95.95 103.41 17.42
N THR Q 397 -96.35 104.59 16.97
CA THR Q 397 -96.93 104.74 15.64
C THR Q 397 -95.83 104.91 14.59
N PHE Q 398 -96.13 104.47 13.37
CA PHE Q 398 -95.17 104.56 12.27
C PHE Q 398 -94.82 106.02 11.99
N SER R 1 -87.26 70.55 79.24
CA SER R 1 -86.37 69.54 79.88
C SER R 1 -85.59 68.75 78.84
N THR R 2 -84.35 68.39 79.19
CA THR R 2 -83.47 67.65 78.28
C THR R 2 -83.26 66.19 78.69
N GLU R 3 -83.57 65.83 79.93
CA GLU R 3 -83.41 64.44 80.36
C GLU R 3 -84.33 63.50 79.58
N GLU R 4 -85.54 63.95 79.25
CA GLU R 4 -86.44 63.13 78.45
C GLU R 4 -85.82 62.83 77.10
N LEU R 5 -85.18 63.82 76.48
CA LEU R 5 -84.50 63.60 75.21
C LEU R 5 -83.28 62.70 75.39
N PHE R 6 -82.57 62.82 76.52
CA PHE R 6 -81.35 62.06 76.74
C PHE R 6 -81.63 60.60 77.07
N ASN R 7 -82.82 60.30 77.61
CA ASN R 7 -83.09 58.95 78.11
C ASN R 7 -82.92 57.87 77.04
N GLU R 8 -83.01 58.23 75.75
CA GLU R 8 -82.89 57.23 74.70
C GLU R 8 -81.51 56.59 74.69
N TYR R 9 -80.45 57.38 74.89
CA TYR R 9 -79.08 56.91 74.79
C TYR R 9 -78.53 56.36 76.09
N LYS R 10 -79.32 56.37 77.17
CA LYS R 10 -78.93 55.64 78.38
C LYS R 10 -78.96 54.13 78.15
N LEU R 11 -79.55 53.65 77.07
CA LEU R 11 -79.67 52.24 76.75
C LEU R 11 -78.54 51.74 75.85
N THR R 12 -77.42 52.45 75.77
CA THR R 12 -76.36 52.13 74.84
C THR R 12 -75.00 52.26 75.51
N ARG R 13 -74.02 51.56 74.95
CA ARG R 13 -72.63 51.61 75.39
C ARG R 13 -71.74 51.74 74.16
N PRO R 14 -70.50 52.25 74.33
CA PRO R 14 -69.58 52.33 73.19
C PRO R 14 -69.03 50.97 72.80
N TYR R 15 -68.14 50.93 71.81
CA TYR R 15 -67.62 49.68 71.28
C TYR R 15 -66.29 49.92 70.58
N MET R 16 -65.53 48.86 70.41
CA MET R 16 -64.27 48.88 69.68
C MET R 16 -64.52 48.83 68.18
N ALA R 17 -63.58 49.35 67.40
CA ALA R 17 -63.72 49.37 65.95
C ALA R 17 -62.34 49.33 65.32
N ARG R 18 -62.33 49.12 64.00
CA ARG R 18 -61.10 49.03 63.22
C ARG R 18 -60.79 50.40 62.62
N CYS R 19 -59.57 50.89 62.86
CA CYS R 19 -59.12 52.20 62.39
C CYS R 19 -57.96 51.96 61.43
N ILE R 20 -58.19 52.25 60.15
CA ILE R 20 -57.19 51.96 59.11
C ILE R 20 -55.94 52.79 59.32
N ARG R 21 -56.11 54.07 59.68
CA ARG R 21 -54.98 55.01 59.86
C ARG R 21 -55.11 55.60 61.26
N CYS R 22 -54.55 54.90 62.25
CA CYS R 22 -54.51 55.37 63.62
C CYS R 22 -53.11 55.90 63.92
N ALA R 23 -52.84 56.16 65.21
CA ALA R 23 -51.63 56.87 65.60
C ALA R 23 -50.35 56.15 65.17
N VAL R 24 -50.42 54.84 64.92
CA VAL R 24 -49.26 54.07 64.48
C VAL R 24 -49.51 53.53 63.08
N GLY R 25 -50.54 52.68 62.94
CA GLY R 25 -50.88 52.10 61.66
C GLY R 25 -52.35 51.76 61.56
N SER R 26 -52.66 50.56 61.08
CA SER R 26 -54.03 50.04 61.10
C SER R 26 -54.19 49.25 62.38
N CYS R 27 -55.01 49.77 63.30
CA CYS R 27 -55.11 49.21 64.64
C CYS R 27 -56.57 49.24 65.09
N HIS R 28 -56.80 48.90 66.35
CA HIS R 28 -58.14 48.87 66.93
C HIS R 28 -58.30 50.07 67.86
N SER R 29 -59.40 50.79 67.71
CA SER R 29 -59.58 52.10 68.32
C SER R 29 -60.98 52.25 68.87
N PRO R 30 -61.19 53.17 69.82
CA PRO R 30 -62.55 53.53 70.24
C PRO R 30 -63.14 54.74 69.52
N ILE R 31 -62.36 55.42 68.68
CA ILE R 31 -62.77 56.70 68.09
C ILE R 31 -62.89 56.56 66.58
N ALA R 32 -63.29 55.39 66.12
CA ALA R 32 -63.44 55.16 64.69
C ALA R 32 -64.63 55.95 64.14
N ILE R 33 -64.59 56.22 62.84
CA ILE R 33 -65.62 56.98 62.14
C ILE R 33 -66.29 56.06 61.12
N GLU R 34 -67.62 56.15 61.03
CA GLU R 34 -68.38 55.38 60.04
C GLU R 34 -68.84 56.26 58.89
N ALA R 35 -69.30 57.48 59.18
CA ALA R 35 -69.91 58.31 58.16
C ALA R 35 -69.83 59.78 58.51
N VAL R 36 -69.81 60.59 57.46
CA VAL R 36 -69.85 62.05 57.54
C VAL R 36 -70.80 62.54 56.45
N LYS R 37 -71.48 63.64 56.71
CA LYS R 37 -72.37 64.28 55.75
C LYS R 37 -72.01 65.76 55.62
N SER R 38 -71.99 66.25 54.38
CA SER R 38 -71.61 67.63 54.08
C SER R 38 -72.64 68.20 53.10
N ASP R 39 -73.69 68.80 53.66
CA ASP R 39 -74.70 69.51 52.87
C ASP R 39 -75.05 70.88 53.42
N GLY R 40 -74.55 71.26 54.59
CA GLY R 40 -74.82 72.58 55.13
C GLY R 40 -74.07 73.66 54.37
N HIS R 41 -74.54 74.89 54.55
CA HIS R 41 -73.96 76.04 53.84
C HIS R 41 -72.72 76.56 54.55
N ASP R 42 -72.84 76.87 55.85
CA ASP R 42 -71.74 77.49 56.58
C ASP R 42 -70.64 76.52 56.98
N GLY R 43 -70.67 75.28 56.49
CA GLY R 43 -69.61 74.33 56.75
C GLY R 43 -69.85 73.42 57.94
N TYR R 44 -71.03 73.46 58.54
CA TYR R 44 -71.33 72.58 59.66
C TYR R 44 -71.35 71.14 59.18
N VAL R 45 -70.65 70.26 59.92
CA VAL R 45 -70.53 68.86 59.56
C VAL R 45 -71.04 68.01 60.72
N ARG R 46 -71.70 66.91 60.38
CA ARG R 46 -72.31 65.98 61.32
C ARG R 46 -71.54 64.67 61.24
N LEU R 47 -70.56 64.53 62.12
CA LEU R 47 -69.78 63.29 62.21
C LEU R 47 -70.57 62.23 62.95
N GLN R 48 -70.48 60.97 62.50
CA GLN R 48 -71.01 59.86 63.27
C GLN R 48 -69.79 59.19 63.93
N THR R 49 -69.82 59.05 65.25
CA THR R 49 -68.67 58.60 66.01
C THR R 49 -68.95 57.24 66.65
N SER R 50 -67.86 56.55 66.99
CA SER R 50 -67.91 55.27 67.68
C SER R 50 -67.92 55.42 69.19
N SER R 51 -68.14 56.64 69.71
CA SER R 51 -68.12 56.93 71.14
C SER R 51 -69.47 57.54 71.53
N GLN R 52 -69.64 57.77 72.83
CA GLN R 52 -70.87 58.32 73.39
C GLN R 52 -70.55 59.60 74.16
N TYR R 53 -71.23 60.68 73.80
CA TYR R 53 -70.95 62.02 74.29
C TYR R 53 -72.09 62.54 75.15
N GLY R 54 -71.75 63.44 76.07
CA GLY R 54 -72.73 64.05 76.94
C GLY R 54 -73.19 63.19 78.09
N LEU R 55 -72.57 62.02 78.29
CA LEU R 55 -72.95 61.08 79.33
C LEU R 55 -71.78 60.85 80.27
N ASP R 56 -72.10 60.63 81.54
CA ASP R 56 -71.08 60.35 82.55
C ASP R 56 -70.89 58.85 82.70
N SER R 57 -69.66 58.46 83.07
CA SER R 57 -69.33 57.05 83.24
C SER R 57 -69.92 56.52 84.54
N LEU R 61 -75.36 62.15 83.57
CA LEU R 61 -75.51 63.45 82.93
C LEU R 61 -74.41 64.41 83.36
N LYS R 62 -73.71 64.98 82.38
CA LYS R 62 -72.70 65.99 82.64
C LYS R 62 -72.62 66.90 81.41
N GLY R 63 -72.05 68.09 81.63
CA GLY R 63 -72.01 69.10 80.59
C GLY R 63 -71.36 68.66 79.29
N ARG R 64 -70.05 68.41 79.33
CA ARG R 64 -69.26 68.09 78.13
C ARG R 64 -68.32 66.94 78.48
N THR R 65 -68.69 65.73 78.05
CA THR R 65 -67.92 64.54 78.38
C THR R 65 -67.95 63.52 77.24
N MET R 66 -66.76 63.12 76.79
CA MET R 66 -66.57 61.94 75.96
C MET R 66 -66.60 60.71 76.86
N ARG R 67 -67.63 59.87 76.71
CA ARG R 67 -67.74 58.61 77.43
C ARG R 67 -67.43 57.50 76.43
N TYR R 68 -66.23 56.94 76.53
CA TYR R 68 -65.75 55.91 75.62
C TYR R 68 -65.41 54.64 76.40
N ASP R 69 -64.86 53.65 75.70
CA ASP R 69 -64.46 52.39 76.31
C ASP R 69 -63.03 52.07 75.90
N MET R 70 -62.38 51.23 76.71
CA MET R 70 -61.01 50.78 76.46
C MET R 70 -60.97 49.27 76.75
N HIS R 71 -61.14 48.47 75.69
CA HIS R 71 -61.13 47.02 75.81
C HIS R 71 -62.22 46.52 76.77
N GLY R 72 -63.39 47.17 76.71
CA GLY R 72 -64.52 46.79 77.52
C GLY R 72 -64.76 47.71 78.69
N THR R 73 -63.68 48.19 79.31
CA THR R 73 -63.81 49.09 80.45
C THR R 73 -64.25 50.47 79.99
N ILE R 74 -65.24 51.03 80.70
CA ILE R 74 -65.81 52.32 80.35
C ILE R 74 -65.04 53.42 81.07
N LYS R 75 -64.72 54.49 80.35
CA LYS R 75 -63.99 55.63 80.89
C LYS R 75 -64.55 56.91 80.31
N GLU R 76 -64.23 58.03 80.98
CA GLU R 76 -64.77 59.33 80.61
C GLU R 76 -63.66 60.39 80.65
N ILE R 77 -63.73 61.31 79.69
CA ILE R 77 -62.81 62.45 79.62
C ILE R 77 -63.61 63.70 79.29
N PRO R 78 -63.14 64.88 79.72
CA PRO R 78 -63.78 66.11 79.23
C PRO R 78 -63.58 66.30 77.73
N LEU R 79 -64.57 66.94 77.10
CA LEU R 79 -64.59 67.04 75.65
C LEU R 79 -63.41 67.87 75.13
N HIS R 80 -63.04 68.92 75.85
CA HIS R 80 -62.08 69.89 75.32
C HIS R 80 -60.68 69.29 75.18
N GLN R 81 -60.44 68.10 75.75
CA GLN R 81 -59.20 67.39 75.51
C GLN R 81 -59.12 66.76 74.13
N VAL R 82 -60.25 66.64 73.43
CA VAL R 82 -60.30 66.05 72.10
C VAL R 82 -60.01 67.13 71.07
N SER R 83 -59.41 66.76 69.95
CA SER R 83 -59.15 67.70 68.86
C SER R 83 -59.34 66.98 67.53
N LEU R 84 -59.49 67.75 66.46
CA LEU R 84 -59.62 67.18 65.14
C LEU R 84 -59.30 68.23 64.09
N TYR R 85 -59.01 67.78 62.88
CA TYR R 85 -58.65 68.67 61.80
C TYR R 85 -58.81 67.96 60.46
N THR R 86 -58.93 68.78 59.41
CA THR R 86 -58.86 68.34 58.03
C THR R 86 -57.64 68.93 57.32
N SER R 87 -57.53 70.26 57.31
CA SER R 87 -56.31 70.94 56.87
C SER R 87 -55.87 71.94 57.93
N ARG R 88 -56.84 72.57 58.58
CA ARG R 88 -56.63 73.48 59.71
C ARG R 88 -57.35 72.93 60.94
N PRO R 89 -56.99 73.38 62.14
CA PRO R 89 -57.68 72.88 63.34
C PRO R 89 -59.17 73.19 63.29
N CYS R 90 -59.97 72.23 63.77
CA CYS R 90 -61.41 72.40 63.83
C CYS R 90 -61.81 72.85 65.24
N HIS R 91 -63.11 73.02 65.47
CA HIS R 91 -63.65 73.39 66.77
C HIS R 91 -64.83 72.47 67.08
N ILE R 92 -65.08 72.29 68.37
CA ILE R 92 -66.15 71.43 68.86
C ILE R 92 -67.17 72.29 69.57
N VAL R 93 -68.43 72.15 69.17
CA VAL R 93 -69.53 72.95 69.73
C VAL R 93 -70.27 72.13 70.77
N ASP R 94 -70.85 71.01 70.34
CA ASP R 94 -71.63 70.16 71.24
C ASP R 94 -71.78 68.80 70.58
N GLY R 95 -72.04 67.78 71.41
CA GLY R 95 -72.29 66.44 70.92
C GLY R 95 -73.34 65.76 71.77
N HIS R 96 -74.00 64.79 71.16
CA HIS R 96 -75.07 64.06 71.85
C HIS R 96 -75.28 62.73 71.13
N GLY R 97 -75.42 61.66 71.91
CA GLY R 97 -75.61 60.36 71.32
C GLY R 97 -74.36 59.88 70.60
N TYR R 98 -74.54 59.40 69.37
CA TYR R 98 -73.46 58.88 68.54
C TYR R 98 -73.00 59.89 67.49
N PHE R 99 -73.32 61.18 67.68
CA PHE R 99 -73.13 62.19 66.66
C PHE R 99 -72.39 63.40 67.23
N LEU R 100 -71.62 64.06 66.38
CA LEU R 100 -70.92 65.30 66.71
C LEU R 100 -71.21 66.36 65.67
N LEU R 101 -71.31 67.60 66.13
CA LEU R 101 -71.46 68.78 65.28
C LEU R 101 -70.14 69.56 65.31
N ALA R 102 -69.55 69.78 64.12
CA ALA R 102 -68.26 70.43 64.02
C ALA R 102 -68.29 71.52 62.96
N ARG R 103 -67.35 72.47 63.10
CA ARG R 103 -67.26 73.64 62.22
C ARG R 103 -65.80 73.81 61.79
N CYS R 104 -65.54 73.52 60.50
CA CYS R 104 -64.23 73.80 59.92
C CYS R 104 -64.28 73.61 58.40
N PRO R 105 -63.38 74.25 57.64
CA PRO R 105 -63.60 74.37 56.19
C PRO R 105 -63.30 73.10 55.41
N ALA R 106 -63.36 73.20 54.08
CA ALA R 106 -63.29 72.05 53.21
C ALA R 106 -61.99 71.29 53.38
N GLY R 107 -62.01 70.02 52.99
CA GLY R 107 -60.85 69.15 53.08
C GLY R 107 -61.14 67.85 52.38
N ASP R 108 -60.18 66.92 52.49
CA ASP R 108 -60.28 65.61 51.88
C ASP R 108 -60.27 64.45 52.86
N SER R 109 -59.71 64.62 54.05
CA SER R 109 -59.65 63.58 55.06
C SER R 109 -59.99 64.16 56.41
N ILE R 110 -60.69 63.39 57.25
CA ILE R 110 -61.09 63.80 58.58
C ILE R 110 -60.21 63.07 59.58
N THR R 111 -59.49 63.81 60.43
CA THR R 111 -58.55 63.20 61.37
C THR R 111 -58.79 63.77 62.75
N MET R 112 -59.24 62.92 63.69
CA MET R 112 -59.49 63.35 65.06
C MET R 112 -58.71 62.48 66.03
N GLU R 113 -58.31 63.10 67.15
CA GLU R 113 -57.43 62.45 68.10
C GLU R 113 -57.68 63.01 69.50
N PHE R 114 -57.08 62.33 70.48
CA PHE R 114 -57.05 62.78 71.86
C PHE R 114 -55.84 62.16 72.54
N LYS R 115 -55.50 62.71 73.70
CA LYS R 115 -54.27 62.37 74.41
C LYS R 115 -54.58 61.81 75.79
N LYS R 116 -54.02 60.64 76.08
CA LYS R 116 -53.95 60.10 77.42
C LYS R 116 -52.67 60.64 78.08
N ASP R 117 -52.45 60.25 79.34
CA ASP R 117 -51.26 60.68 80.08
C ASP R 117 -49.96 60.45 79.31
N SER R 118 -49.86 59.32 78.61
CA SER R 118 -48.73 59.05 77.74
C SER R 118 -49.10 58.44 76.39
N VAL R 119 -50.36 58.08 76.16
CA VAL R 119 -50.80 57.40 74.95
C VAL R 119 -51.66 58.37 74.15
N ARG R 120 -51.38 58.47 72.85
CA ARG R 120 -52.16 59.27 71.92
C ARG R 120 -53.01 58.34 71.06
N HIS R 121 -54.31 58.61 70.99
CA HIS R 121 -55.23 57.84 70.16
C HIS R 121 -55.78 58.74 69.07
N SER R 122 -55.53 58.38 67.82
CA SER R 122 -55.93 59.18 66.67
C SER R 122 -56.53 58.27 65.61
N CYS R 123 -57.29 58.89 64.70
CA CYS R 123 -57.89 58.17 63.58
C CYS R 123 -58.14 59.14 62.43
N SER R 124 -57.75 58.70 61.22
CA SER R 124 -57.95 59.45 59.99
C SER R 124 -58.79 58.63 59.04
N VAL R 125 -59.70 59.29 58.33
CA VAL R 125 -60.65 58.63 57.43
C VAL R 125 -60.70 59.39 56.10
N PRO R 126 -60.72 58.68 54.93
CA PRO R 126 -60.79 59.37 53.61
C PRO R 126 -62.22 59.62 53.14
N TYR R 127 -62.91 60.51 53.84
CA TYR R 127 -64.25 60.95 53.46
C TYR R 127 -64.22 62.44 53.14
N GLU R 128 -65.07 62.83 52.20
CA GLU R 128 -65.02 64.17 51.61
C GLU R 128 -65.87 65.10 52.46
N VAL R 129 -65.36 66.31 52.68
CA VAL R 129 -66.08 67.38 53.36
C VAL R 129 -66.08 68.60 52.45
N LYS R 130 -67.26 69.17 52.24
CA LYS R 130 -67.45 70.25 51.27
C LYS R 130 -67.95 71.50 51.98
N PHE R 131 -67.40 72.65 51.59
CA PHE R 131 -67.85 73.95 52.04
C PHE R 131 -68.61 74.61 50.89
N ASN R 132 -69.94 74.65 51.00
CA ASN R 132 -70.79 75.20 49.95
C ASN R 132 -71.21 76.61 50.31
N PRO R 133 -70.83 77.66 49.58
CA PRO R 133 -71.25 79.02 49.95
C PRO R 133 -72.70 79.28 49.54
N VAL R 134 -73.23 80.39 50.06
CA VAL R 134 -74.58 80.82 49.77
C VAL R 134 -74.51 81.95 48.74
N GLY R 135 -75.56 82.07 47.94
CA GLY R 135 -75.64 83.17 47.00
C GLY R 135 -74.81 82.94 45.76
N ARG R 136 -74.51 84.04 45.08
CA ARG R 136 -73.80 84.03 43.81
C ARG R 136 -72.44 84.69 43.95
N GLU R 137 -71.77 84.45 45.08
CA GLU R 137 -70.41 84.97 45.32
C GLU R 137 -69.66 83.91 46.10
N LEU R 138 -68.82 83.14 45.41
CA LEU R 138 -68.06 82.08 46.05
C LEU R 138 -67.05 82.68 47.02
N TYR R 139 -67.19 82.36 48.30
CA TYR R 139 -66.27 82.78 49.34
C TYR R 139 -65.74 81.55 50.07
N THR R 140 -64.82 81.78 51.01
CA THR R 140 -64.27 80.73 51.84
C THR R 140 -64.51 80.94 53.33
N HIS R 141 -64.97 82.12 53.73
CA HIS R 141 -65.19 82.46 55.13
C HIS R 141 -66.16 83.63 55.16
N PRO R 142 -67.33 83.53 55.82
CA PRO R 142 -68.27 84.66 55.81
C PRO R 142 -67.63 85.95 56.31
N PRO R 143 -67.74 87.05 55.57
CA PRO R 143 -67.13 88.31 56.03
C PRO R 143 -67.84 88.86 57.27
N GLU R 144 -67.41 90.05 57.68
CA GLU R 144 -67.93 90.66 58.90
C GLU R 144 -69.42 90.96 58.78
N HIS R 145 -69.85 91.48 57.63
CA HIS R 145 -71.21 91.95 57.43
C HIS R 145 -71.68 91.56 56.04
N GLY R 146 -72.94 91.89 55.74
CA GLY R 146 -73.51 91.59 54.44
C GLY R 146 -75.02 91.73 54.43
N VAL R 147 -75.71 90.77 53.84
CA VAL R 147 -77.17 90.76 53.78
C VAL R 147 -77.67 89.39 54.21
N GLU R 148 -78.94 89.35 54.64
CA GLU R 148 -79.56 88.13 55.11
C GLU R 148 -80.14 87.34 53.95
N GLN R 149 -79.95 86.02 53.99
CA GLN R 149 -80.47 85.13 52.95
C GLN R 149 -80.93 83.82 53.59
N ALA R 150 -81.89 83.18 52.92
CA ALA R 150 -82.39 81.89 53.37
C ALA R 150 -81.32 80.81 53.21
N CYS R 151 -81.41 79.78 54.04
CA CYS R 151 -80.38 78.76 54.08
C CYS R 151 -80.97 77.44 54.60
N GLN R 152 -80.20 76.38 54.41
CA GLN R 152 -80.39 75.11 55.09
C GLN R 152 -79.15 74.84 55.93
N VAL R 153 -79.33 74.78 57.25
CA VAL R 153 -78.22 74.54 58.18
C VAL R 153 -78.68 73.56 59.24
N TYR R 154 -77.69 72.90 59.87
CA TYR R 154 -77.97 71.95 60.94
C TYR R 154 -78.18 72.69 62.25
N ALA R 155 -79.27 72.36 62.95
CA ALA R 155 -79.60 73.05 64.17
C ALA R 155 -78.60 72.71 65.27
N HIS R 156 -78.53 73.59 66.28
CA HIS R 156 -77.59 73.47 67.38
C HIS R 156 -78.19 72.75 68.59
N ASP R 157 -79.42 72.24 68.46
CA ASP R 157 -80.13 71.63 69.59
C ASP R 157 -80.68 70.28 69.17
N ALA R 158 -80.91 69.43 70.17
CA ALA R 158 -81.47 68.11 69.98
C ALA R 158 -82.98 68.15 70.19
N GLN R 159 -83.72 67.50 69.29
CA GLN R 159 -85.18 67.50 69.37
C GLN R 159 -85.70 66.28 68.64
N ASN R 160 -86.86 65.79 69.10
CA ASN R 160 -87.52 64.67 68.46
C ASN R 160 -88.04 65.09 67.10
N ARG R 161 -87.78 64.26 66.09
CA ARG R 161 -88.19 64.57 64.72
C ARG R 161 -88.42 63.27 63.96
N GLY R 162 -88.99 63.40 62.77
CA GLY R 162 -89.30 62.24 61.95
C GLY R 162 -88.08 61.63 61.30
N ALA R 163 -87.19 61.07 62.12
CA ALA R 163 -85.98 60.42 61.64
C ALA R 163 -85.45 59.51 62.73
N TYR R 164 -85.03 58.30 62.34
CA TYR R 164 -84.60 57.31 63.30
C TYR R 164 -83.52 56.43 62.71
N VAL R 165 -82.78 55.76 63.59
CA VAL R 165 -81.81 54.74 63.21
C VAL R 165 -82.18 53.44 63.91
N GLU R 166 -81.40 52.39 63.70
CA GLU R 166 -81.70 51.05 64.19
C GLU R 166 -80.57 50.54 65.06
N MET R 167 -80.92 49.74 66.07
CA MET R 167 -79.97 49.06 66.93
C MET R 167 -79.99 47.57 66.66
N HIS R 168 -79.03 46.87 67.27
CA HIS R 168 -78.88 45.44 67.11
C HIS R 168 -78.47 44.84 68.44
N LEU R 169 -78.84 43.57 68.65
CA LEU R 169 -78.40 42.86 69.83
C LEU R 169 -76.88 42.72 69.77
N PRO R 170 -76.14 43.11 70.81
CA PRO R 170 -74.68 43.01 70.72
C PRO R 170 -74.21 41.58 70.51
N GLY R 171 -73.18 41.41 69.68
CA GLY R 171 -72.65 40.11 69.36
C GLY R 171 -71.69 39.61 70.41
N SER R 172 -71.07 38.48 70.12
CA SER R 172 -70.11 37.84 71.01
C SER R 172 -68.72 38.36 70.70
N GLU R 173 -68.12 39.05 71.66
CA GLU R 173 -66.80 39.67 71.49
C GLU R 173 -65.75 38.78 72.14
N VAL R 174 -64.80 38.31 71.33
CA VAL R 174 -63.74 37.44 71.84
C VAL R 174 -62.77 38.25 72.70
N ASP R 175 -62.33 37.64 73.80
CA ASP R 175 -61.39 38.28 74.72
C ASP R 175 -60.28 37.28 75.04
N SER R 176 -59.05 37.63 74.69
CA SER R 176 -57.90 36.80 75.00
C SER R 176 -57.38 36.99 76.42
N SER R 177 -57.80 38.06 77.11
CA SER R 177 -57.35 38.30 78.48
C SER R 177 -58.00 37.36 79.48
N LEU R 178 -59.20 36.85 79.17
CA LEU R 178 -59.88 35.95 80.10
C LEU R 178 -59.20 34.59 80.16
N VAL R 179 -58.82 34.05 79.01
CA VAL R 179 -58.20 32.72 78.96
C VAL R 179 -56.73 32.82 79.39
N SER R 180 -56.29 31.82 80.14
CA SER R 180 -54.91 31.78 80.61
C SER R 180 -54.50 30.32 80.77
N LEU R 181 -53.19 30.10 80.81
CA LEU R 181 -52.61 28.76 80.89
C LEU R 181 -52.32 28.42 82.35
N SER R 182 -52.92 27.34 82.83
CA SER R 182 -52.67 26.84 84.18
C SER R 182 -51.47 25.90 84.12
N GLY R 183 -51.26 25.14 85.20
CA GLY R 183 -50.15 24.20 85.23
C GLY R 183 -50.26 23.16 84.13
N SER R 184 -51.46 22.63 83.90
CA SER R 184 -51.71 21.67 82.83
C SER R 184 -52.96 21.95 82.01
N SER R 185 -53.93 22.68 82.56
CA SER R 185 -55.20 22.96 81.89
C SER R 185 -55.28 24.43 81.51
N VAL R 186 -56.44 24.84 80.99
CA VAL R 186 -56.71 26.22 80.61
C VAL R 186 -57.71 26.80 81.60
N THR R 187 -57.36 27.94 82.18
CA THR R 187 -58.19 28.61 83.18
C THR R 187 -58.90 29.79 82.55
N VAL R 188 -60.21 29.88 82.79
CA VAL R 188 -61.04 30.95 82.27
C VAL R 188 -61.68 31.66 83.46
N THR R 189 -61.52 32.98 83.52
CA THR R 189 -62.01 33.81 84.63
C THR R 189 -62.86 34.93 84.06
N PRO R 190 -64.15 34.68 83.82
CA PRO R 190 -65.01 35.74 83.30
C PRO R 190 -65.10 36.88 84.29
N PRO R 191 -65.31 38.11 83.81
CA PRO R 191 -65.35 39.25 84.73
C PRO R 191 -66.56 39.17 85.65
N ASP R 192 -66.41 39.80 86.82
CA ASP R 192 -67.47 39.75 87.83
C ASP R 192 -68.77 40.34 87.30
N GLY R 193 -69.87 39.64 87.56
CA GLY R 193 -71.18 40.13 87.17
C GLY R 193 -71.52 39.97 85.70
N THR R 194 -70.74 39.20 84.95
CA THR R 194 -70.97 39.02 83.52
C THR R 194 -70.66 37.58 83.16
N SER R 195 -71.50 36.98 82.31
CA SER R 195 -71.31 35.62 81.87
C SER R 195 -70.34 35.57 80.68
N ALA R 196 -69.92 34.36 80.35
CA ALA R 196 -69.01 34.14 79.23
C ALA R 196 -69.27 32.76 78.65
N LEU R 197 -68.74 32.54 77.45
CA LEU R 197 -68.93 31.27 76.75
C LEU R 197 -67.60 30.82 76.15
N VAL R 198 -67.24 29.57 76.42
CA VAL R 198 -65.98 29.00 75.98
C VAL R 198 -66.27 27.88 74.99
N GLU R 199 -65.71 28.00 73.78
CA GLU R 199 -65.72 26.93 72.80
C GLU R 199 -64.31 26.42 72.62
N CYS R 200 -64.17 25.16 72.20
CA CYS R 200 -62.86 24.58 71.97
C CYS R 200 -62.88 23.56 70.85
N GLU R 201 -61.83 23.58 70.04
CA GLU R 201 -61.48 22.47 69.15
C GLU R 201 -60.40 21.59 69.80
N CYS R 202 -60.16 21.78 71.10
CA CYS R 202 -59.07 21.11 71.80
C CYS R 202 -59.12 19.60 71.63
N GLY R 203 -60.28 19.00 71.91
CA GLY R 203 -60.51 17.60 71.65
C GLY R 203 -61.50 17.46 70.52
N GLY R 204 -62.76 17.19 70.85
CA GLY R 204 -63.85 17.33 69.92
C GLY R 204 -64.41 18.73 69.94
N THR R 205 -65.66 18.86 69.48
CA THR R 205 -66.36 20.13 69.57
C THR R 205 -66.82 20.35 71.00
N LYS R 206 -66.26 21.36 71.66
CA LYS R 206 -66.60 21.68 73.04
C LYS R 206 -67.28 23.03 73.08
N ILE R 207 -68.40 23.09 73.82
CA ILE R 207 -69.10 24.35 74.06
C ILE R 207 -69.54 24.36 75.52
N SER R 208 -69.37 25.49 76.19
CA SER R 208 -69.75 25.61 77.59
C SER R 208 -70.11 27.06 77.89
N GLU R 209 -71.18 27.24 78.67
CA GLU R 209 -71.62 28.56 79.12
C GLU R 209 -71.34 28.68 80.61
N THR R 210 -70.47 29.61 80.98
CA THR R 210 -70.11 29.84 82.38
C THR R 210 -70.59 31.21 82.82
N ILE R 211 -70.91 31.33 84.11
CA ILE R 211 -71.41 32.57 84.69
C ILE R 211 -70.56 32.87 85.91
N ASN R 212 -69.48 33.63 85.70
CA ASN R 212 -68.61 34.09 86.80
C ASN R 212 -68.06 32.91 87.59
N LYS R 213 -67.70 31.83 86.91
CA LYS R 213 -67.13 30.65 87.51
C LYS R 213 -65.73 30.41 86.94
N THR R 214 -64.76 30.21 87.83
CA THR R 214 -63.39 29.90 87.44
C THR R 214 -63.29 28.40 87.22
N LYS R 215 -63.44 27.96 85.97
CA LYS R 215 -63.47 26.55 85.61
C LYS R 215 -62.30 26.22 84.71
N GLN R 216 -61.81 24.98 84.81
CA GLN R 216 -60.72 24.48 84.00
C GLN R 216 -61.21 23.33 83.13
N PHE R 217 -60.61 23.22 81.94
CA PHE R 217 -60.98 22.22 80.96
C PHE R 217 -59.85 21.21 80.79
N SER R 218 -60.19 19.93 80.75
CA SER R 218 -59.21 18.87 80.63
C SER R 218 -58.84 18.67 79.16
N GLN R 219 -57.91 17.74 78.92
CA GLN R 219 -57.47 17.30 77.60
C GLN R 219 -56.67 18.37 76.85
N CYS R 220 -56.38 19.51 77.49
CA CYS R 220 -55.79 20.66 76.81
C CYS R 220 -54.44 21.00 77.40
N THR R 221 -53.53 21.46 76.53
CA THR R 221 -52.19 21.88 76.91
C THR R 221 -51.91 23.32 76.51
N LYS R 222 -52.44 23.76 75.38
CA LYS R 222 -52.24 25.11 74.85
C LYS R 222 -53.55 25.87 74.85
N LYS R 223 -53.47 27.17 75.10
CA LYS R 223 -54.67 28.01 75.13
C LYS R 223 -55.19 28.35 73.73
N GLU R 224 -54.45 28.02 72.67
CA GLU R 224 -54.82 28.43 71.32
C GLU R 224 -56.00 27.66 70.76
N GLN R 225 -56.40 26.53 71.37
CA GLN R 225 -57.49 25.72 70.88
C GLN R 225 -58.84 26.06 71.51
N CYS R 226 -58.87 27.05 72.41
CA CYS R 226 -60.08 27.46 73.10
C CYS R 226 -60.29 28.96 72.95
N ARG R 227 -61.53 29.34 72.60
CA ARG R 227 -61.93 30.73 72.44
C ARG R 227 -62.99 31.08 73.46
N ALA R 228 -62.81 32.23 74.12
CA ALA R 228 -63.73 32.73 75.14
C ALA R 228 -64.38 34.02 74.66
N TYR R 229 -65.71 34.08 74.78
CA TYR R 229 -66.50 35.22 74.34
C TYR R 229 -67.27 35.80 75.53
N ARG R 230 -67.51 37.11 75.44
CA ARG R 230 -68.22 37.90 76.44
C ARG R 230 -69.64 38.13 75.95
N LEU R 231 -70.60 38.10 76.88
CA LEU R 231 -72.01 38.27 76.57
C LEU R 231 -72.59 39.43 77.35
N GLN R 232 -73.46 40.20 76.69
CA GLN R 232 -74.22 41.27 77.35
C GLN R 232 -75.57 41.36 76.67
N ASN R 233 -76.62 41.56 77.47
CA ASN R 233 -77.99 41.62 76.95
C ASN R 233 -78.45 43.06 76.76
N ASP R 234 -78.23 43.93 77.74
CA ASP R 234 -78.63 45.32 77.66
C ASP R 234 -77.54 46.13 76.96
N LYS R 235 -77.69 47.46 76.95
CA LYS R 235 -76.72 48.37 76.35
C LYS R 235 -76.53 48.05 74.87
N TRP R 236 -77.63 48.27 74.13
CA TRP R 236 -77.68 48.00 72.70
C TRP R 236 -76.56 48.70 71.94
N VAL R 237 -76.21 48.17 70.76
CA VAL R 237 -75.19 48.74 69.91
C VAL R 237 -75.82 49.16 68.59
N TYR R 238 -75.25 50.20 67.99
CA TYR R 238 -75.71 50.68 66.70
C TYR R 238 -75.55 49.58 65.65
N ASN R 239 -76.29 49.74 64.55
CA ASN R 239 -76.15 48.82 63.42
C ASN R 239 -74.80 49.09 62.75
N SER R 240 -73.72 48.66 63.40
CA SER R 240 -72.38 48.99 62.95
C SER R 240 -71.84 47.92 62.02
N ASP R 241 -71.07 48.36 61.02
CA ASP R 241 -70.38 47.49 60.08
C ASP R 241 -69.08 46.93 60.66
N LYS R 242 -68.62 47.44 61.79
CA LYS R 242 -67.36 47.03 62.40
C LYS R 242 -67.53 45.96 63.47
N LEU R 243 -68.74 45.41 63.63
CA LEU R 243 -69.02 44.42 64.67
C LEU R 243 -69.78 43.24 64.08
N PRO R 244 -69.72 42.08 64.73
CA PRO R 244 -70.53 40.95 64.28
C PRO R 244 -71.95 41.02 64.83
N LYS R 245 -72.84 40.27 64.19
CA LYS R 245 -74.25 40.26 64.56
C LYS R 245 -74.52 39.19 65.60
N ALA R 246 -75.58 39.40 66.39
CA ALA R 246 -75.98 38.46 67.42
C ALA R 246 -76.96 37.44 66.83
N ALA R 247 -77.53 36.59 67.68
CA ALA R 247 -78.36 35.46 67.25
C ALA R 247 -79.83 35.83 67.39
N GLY R 248 -80.49 36.09 66.26
CA GLY R 248 -81.93 36.16 66.17
C GLY R 248 -82.52 37.53 65.96
N ALA R 249 -82.77 37.87 64.68
CA ALA R 249 -83.60 38.99 64.24
C ALA R 249 -82.99 40.37 64.45
N THR R 250 -81.93 40.48 65.27
CA THR R 250 -81.07 41.65 65.39
C THR R 250 -81.80 43.00 65.37
N LEU R 251 -83.02 43.08 65.90
CA LEU R 251 -83.76 44.34 65.93
C LEU R 251 -84.54 44.43 67.23
N LYS R 252 -84.33 45.51 68.01
CA LYS R 252 -85.06 45.70 69.26
C LYS R 252 -85.43 47.14 69.54
N GLY R 253 -85.32 48.05 68.58
CA GLY R 253 -85.76 49.42 68.79
C GLY R 253 -85.10 50.39 67.83
N LYS R 254 -85.42 51.66 68.03
CA LYS R 254 -84.89 52.75 67.21
C LYS R 254 -84.74 54.00 68.06
N LEU R 255 -83.82 54.88 67.65
CA LEU R 255 -83.53 56.12 68.34
C LEU R 255 -83.60 57.29 67.36
N HIS R 256 -84.09 58.44 67.84
CA HIS R 256 -84.21 59.63 67.02
C HIS R 256 -82.85 60.34 66.95
N VAL R 257 -82.48 60.79 65.77
CA VAL R 257 -81.17 61.43 65.56
C VAL R 257 -81.27 62.92 65.85
N PRO R 258 -80.45 63.49 66.74
CA PRO R 258 -80.44 64.95 66.89
C PRO R 258 -79.65 65.65 65.80
N PHE R 259 -79.59 66.99 65.87
CA PHE R 259 -78.79 67.79 64.95
C PHE R 259 -79.23 67.54 63.50
N LEU R 260 -80.49 67.84 63.24
CA LEU R 260 -81.11 67.66 61.93
C LEU R 260 -81.10 68.97 61.16
N LEU R 261 -81.29 68.85 59.84
CA LEU R 261 -81.28 70.01 58.97
C LEU R 261 -82.53 70.86 59.16
N ALA R 262 -82.36 72.17 59.06
CA ALA R 262 -83.47 73.10 59.27
C ALA R 262 -83.15 74.40 58.56
N ASP R 263 -84.18 75.22 58.38
CA ASP R 263 -84.04 76.50 57.72
C ASP R 263 -83.40 77.52 58.66
N GLY R 264 -82.57 78.39 58.10
CA GLY R 264 -81.88 79.41 58.87
C GLY R 264 -81.52 80.59 58.00
N LYS R 265 -80.99 81.63 58.63
CA LYS R 265 -80.58 82.86 57.97
C LYS R 265 -79.06 82.94 57.95
N CYS R 266 -78.51 83.30 56.79
CA CYS R 266 -77.07 83.45 56.61
C CYS R 266 -76.74 84.88 56.22
N THR R 267 -75.58 85.34 56.69
CA THR R 267 -75.00 86.57 56.19
C THR R 267 -74.17 86.27 54.95
N VAL R 268 -74.48 86.94 53.85
CA VAL R 268 -73.80 86.71 52.57
C VAL R 268 -73.22 88.04 52.10
N PRO R 269 -72.10 88.03 51.37
CA PRO R 269 -71.38 89.29 51.11
C PRO R 269 -72.16 90.22 50.20
N LEU R 270 -71.62 91.43 50.05
CA LEU R 270 -72.21 92.47 49.22
C LEU R 270 -71.11 93.06 48.35
N ALA R 271 -71.22 92.84 47.04
CA ALA R 271 -70.20 93.26 46.10
C ALA R 271 -70.18 94.78 45.96
N PRO R 272 -69.06 95.36 45.53
CA PRO R 272 -69.01 96.82 45.34
C PRO R 272 -69.93 97.26 44.21
N GLU R 273 -70.37 98.51 44.28
CA GLU R 273 -71.28 99.05 43.28
C GLU R 273 -70.58 99.10 41.92
N PRO R 274 -71.19 98.60 40.84
CA PRO R 274 -70.54 98.67 39.53
C PRO R 274 -70.76 100.02 38.87
N MET R 275 -69.71 100.52 38.21
CA MET R 275 -69.79 101.83 37.57
C MET R 275 -70.37 101.69 36.18
N ILE R 276 -71.24 102.63 35.82
CA ILE R 276 -71.97 102.61 34.56
C ILE R 276 -71.59 103.86 33.76
N THR R 277 -71.37 103.68 32.45
CA THR R 277 -71.15 104.80 31.55
C THR R 277 -72.09 104.63 30.36
N PHE R 278 -72.87 105.67 30.08
CA PHE R 278 -73.92 105.60 29.07
C PHE R 278 -73.38 105.97 27.70
N GLY R 279 -74.15 105.62 26.67
CA GLY R 279 -73.87 106.05 25.32
C GLY R 279 -75.05 105.68 24.44
N PHE R 280 -75.05 106.24 23.23
CA PHE R 280 -76.18 106.04 22.33
C PHE R 280 -76.45 104.55 22.13
N ARG R 281 -77.60 104.10 22.61
CA ARG R 281 -78.06 102.73 22.47
C ARG R 281 -77.12 101.71 23.12
N SER R 282 -76.28 102.12 24.07
CA SER R 282 -75.31 101.19 24.63
C SER R 282 -74.85 101.68 25.99
N VAL R 283 -74.29 100.74 26.76
CA VAL R 283 -73.73 101.01 28.08
C VAL R 283 -72.40 100.28 28.18
N SER R 284 -71.49 100.84 28.99
CA SER R 284 -70.24 100.18 29.33
C SER R 284 -70.13 100.08 30.84
N LEU R 285 -69.85 98.88 31.33
CA LEU R 285 -69.78 98.57 32.75
C LEU R 285 -68.32 98.44 33.18
N LYS R 286 -67.98 99.06 34.30
CA LYS R 286 -66.68 98.92 34.92
C LYS R 286 -66.86 98.23 36.26
N LEU R 287 -66.07 97.18 36.48
CA LEU R 287 -66.22 96.27 37.61
C LEU R 287 -64.91 96.19 38.38
N HIS R 288 -65.01 95.99 39.69
CA HIS R 288 -63.85 95.88 40.58
C HIS R 288 -64.11 94.81 41.63
N PRO R 289 -63.67 93.56 41.42
CA PRO R 289 -64.05 92.49 42.33
C PRO R 289 -63.15 92.37 43.55
N LYS R 290 -63.76 91.83 44.62
CA LYS R 290 -63.05 91.42 45.83
C LYS R 290 -62.79 89.92 45.84
N ASN R 291 -63.79 89.14 45.44
CA ASN R 291 -63.72 87.69 45.32
C ASN R 291 -64.44 87.32 44.03
N PRO R 292 -64.35 86.06 43.59
CA PRO R 292 -65.07 85.65 42.38
C PRO R 292 -66.57 85.88 42.53
N THR R 293 -67.20 86.34 41.45
CA THR R 293 -68.60 86.73 41.45
C THR R 293 -69.22 86.42 40.11
N TYR R 294 -70.56 86.39 40.09
CA TYR R 294 -71.34 86.05 38.90
C TYR R 294 -72.04 87.31 38.37
N LEU R 295 -71.94 87.52 37.07
CA LEU R 295 -72.69 88.54 36.36
C LEU R 295 -73.67 87.85 35.41
N ILE R 296 -74.95 88.24 35.48
CA ILE R 296 -75.98 87.69 34.60
C ILE R 296 -76.69 88.86 33.93
N THR R 297 -76.91 88.75 32.63
CA THR R 297 -77.60 89.77 31.85
C THR R 297 -78.61 89.13 30.93
N ARG R 298 -79.73 89.82 30.70
CA ARG R 298 -80.78 89.33 29.81
C ARG R 298 -81.56 90.51 29.27
N GLN R 299 -82.42 90.22 28.29
CA GLN R 299 -83.31 91.20 27.69
C GLN R 299 -84.75 90.80 27.97
N LEU R 300 -85.63 91.80 27.96
CA LEU R 300 -87.06 91.56 28.12
C LEU R 300 -87.74 91.23 26.79
N ALA R 301 -87.01 91.26 25.69
CA ALA R 301 -87.57 90.97 24.38
C ALA R 301 -87.91 89.48 24.28
N ASP R 302 -88.35 89.06 23.08
CA ASP R 302 -88.80 87.68 22.90
C ASP R 302 -87.68 86.68 23.18
N GLU R 303 -86.48 86.95 22.68
CA GLU R 303 -85.33 86.08 22.88
C GLU R 303 -84.41 86.70 23.92
N PRO R 304 -84.29 86.15 25.14
CA PRO R 304 -83.48 86.86 26.15
C PRO R 304 -82.01 86.97 25.81
N HIS R 305 -81.44 85.97 25.14
CA HIS R 305 -80.00 85.90 24.93
C HIS R 305 -79.25 86.05 26.26
N TYR R 306 -79.62 85.21 27.22
CA TYR R 306 -79.03 85.31 28.56
C TYR R 306 -77.53 85.07 28.51
N THR R 307 -76.79 85.90 29.23
CA THR R 307 -75.33 85.82 29.28
C THR R 307 -74.90 85.74 30.74
N HIS R 308 -74.15 84.69 31.06
CA HIS R 308 -73.62 84.45 32.40
C HIS R 308 -72.10 84.47 32.34
N GLU R 309 -71.47 84.96 33.41
CA GLU R 309 -70.01 84.93 33.47
C GLU R 309 -69.53 85.00 34.91
N LEU R 310 -68.42 84.30 35.16
CA LEU R 310 -67.70 84.37 36.43
C LEU R 310 -66.51 85.30 36.26
N ILE R 311 -66.43 86.31 37.13
CA ILE R 311 -65.38 87.32 37.06
C ILE R 311 -64.69 87.40 38.41
N SER R 312 -63.36 87.48 38.38
CA SER R 312 -62.55 87.62 39.58
C SER R 312 -61.44 88.65 39.44
N GLU R 313 -61.34 89.34 38.32
CA GLU R 313 -60.31 90.35 38.06
C GLU R 313 -60.98 91.58 37.47
N PRO R 314 -60.32 92.75 37.53
CA PRO R 314 -60.86 93.93 36.85
C PRO R 314 -61.00 93.68 35.35
N ALA R 315 -62.09 94.19 34.78
CA ALA R 315 -62.37 93.99 33.36
C ALA R 315 -63.45 94.99 32.94
N VAL R 316 -63.70 95.04 31.63
CA VAL R 316 -64.69 95.94 31.06
C VAL R 316 -65.53 95.16 30.05
N ARG R 317 -66.81 95.53 29.96
CA ARG R 317 -67.73 94.93 29.01
C ARG R 317 -68.64 96.01 28.45
N ASN R 318 -68.94 95.90 27.16
CA ASN R 318 -69.82 96.82 26.46
C ASN R 318 -71.06 96.07 26.00
N PHE R 319 -72.24 96.64 26.27
CA PHE R 319 -73.50 96.01 25.94
C PHE R 319 -74.38 96.98 25.17
N THR R 320 -75.23 96.42 24.32
CA THR R 320 -76.14 97.18 23.46
C THR R 320 -77.57 97.03 23.97
N VAL R 321 -78.36 98.08 23.78
CA VAL R 321 -79.71 98.17 24.33
C VAL R 321 -80.68 98.40 23.18
N THR R 322 -81.75 97.60 23.15
CA THR R 322 -82.85 97.80 22.21
C THR R 322 -83.90 98.69 22.85
N GLU R 323 -85.06 98.82 22.21
CA GLU R 323 -86.19 99.56 22.75
C GLU R 323 -87.09 98.71 23.64
N LYS R 324 -86.72 97.43 23.84
CA LYS R 324 -87.58 96.47 24.52
C LYS R 324 -87.14 96.19 25.96
N GLY R 325 -86.07 96.83 26.43
CA GLY R 325 -85.68 96.73 27.83
C GLY R 325 -84.59 95.71 28.12
N TRP R 326 -83.58 96.14 28.88
CA TRP R 326 -82.43 95.32 29.23
C TRP R 326 -82.36 95.20 30.75
N GLU R 327 -81.83 94.08 31.25
CA GLU R 327 -81.77 93.84 32.67
C GLU R 327 -80.50 93.08 33.02
N PHE R 328 -80.00 93.29 34.24
CA PHE R 328 -78.87 92.54 34.74
C PHE R 328 -78.94 92.39 36.25
N VAL R 329 -78.34 91.30 36.74
CA VAL R 329 -78.12 91.06 38.16
C VAL R 329 -76.63 90.85 38.37
N TRP R 330 -76.08 91.54 39.37
CA TRP R 330 -74.66 91.55 39.68
C TRP R 330 -74.48 91.06 41.12
N GLY R 331 -74.06 89.82 41.29
CA GLY R 331 -73.85 89.26 42.60
C GLY R 331 -75.13 88.95 43.34
N ASN R 332 -75.43 89.72 44.39
CA ASN R 332 -76.65 89.54 45.16
C ASN R 332 -77.45 90.84 45.29
N HIS R 333 -77.14 91.87 44.52
CA HIS R 333 -77.92 93.09 44.54
C HIS R 333 -79.28 92.85 43.89
N PRO R 334 -80.26 93.72 44.14
CA PRO R 334 -81.53 93.60 43.42
C PRO R 334 -81.31 93.77 41.94
N PRO R 335 -82.12 93.11 41.10
CA PRO R 335 -81.95 93.28 39.66
C PRO R 335 -82.16 94.72 39.22
N LYS R 336 -81.44 95.12 38.18
CA LYS R 336 -81.51 96.46 37.64
C LYS R 336 -81.92 96.42 36.17
N ARG R 337 -82.76 97.38 35.78
CA ARG R 337 -83.35 97.44 34.45
C ARG R 337 -83.05 98.79 33.82
N PHE R 338 -82.73 98.75 32.52
CA PHE R 338 -82.42 99.93 31.73
C PHE R 338 -83.29 99.95 30.48
N TRP R 339 -83.64 101.16 30.05
CA TRP R 339 -84.39 101.41 28.83
C TRP R 339 -83.63 102.39 27.95
N ALA R 340 -83.54 102.07 26.66
CA ALA R 340 -83.03 103.01 25.67
C ALA R 340 -84.15 103.94 25.24
N GLN R 341 -83.80 105.19 24.97
CA GLN R 341 -84.77 106.22 24.60
C GLN R 341 -84.37 106.86 23.27
N GLU R 342 -85.37 107.30 22.52
CA GLU R 342 -85.15 107.89 21.21
C GLU R 342 -84.28 109.14 21.32
N THR R 343 -83.06 109.06 20.78
CA THR R 343 -82.14 110.19 20.78
C THR R 343 -81.28 110.20 19.53
N THR S 2 -35.95 102.73 76.62
CA THR S 2 -37.15 102.32 75.91
C THR S 2 -38.42 102.77 76.64
N GLU S 3 -38.27 103.17 77.91
CA GLU S 3 -39.41 103.70 78.65
C GLU S 3 -39.94 104.97 78.01
N GLU S 4 -39.05 105.77 77.40
CA GLU S 4 -39.48 107.00 76.75
C GLU S 4 -40.49 106.73 75.64
N LEU S 5 -40.37 105.60 74.96
CA LEU S 5 -41.27 105.22 73.88
C LEU S 5 -42.34 104.24 74.32
N PHE S 6 -42.22 103.67 75.54
CA PHE S 6 -43.28 102.86 76.12
C PHE S 6 -44.33 103.69 76.84
N ASN S 7 -43.95 104.84 77.38
CA ASN S 7 -44.87 105.60 78.24
C ASN S 7 -46.10 106.07 77.47
N GLU S 8 -45.94 106.38 76.19
CA GLU S 8 -47.06 106.94 75.42
C GLU S 8 -48.23 105.95 75.37
N TYR S 9 -47.94 104.67 75.12
CA TYR S 9 -48.96 103.63 75.13
C TYR S 9 -49.17 103.01 76.50
N LYS S 10 -48.34 103.33 77.48
CA LYS S 10 -48.53 102.80 78.83
C LYS S 10 -49.92 103.16 79.36
N LEU S 11 -50.26 104.44 79.33
CA LEU S 11 -51.44 104.97 80.01
C LEU S 11 -52.64 105.12 79.08
N THR S 12 -53.03 104.12 78.27
CA THR S 12 -54.12 104.37 77.33
C THR S 12 -55.41 103.64 77.69
N ARG S 13 -55.48 102.31 77.46
CA ARG S 13 -56.44 101.36 78.05
C ARG S 13 -56.28 100.01 77.38
N PRO S 14 -56.81 98.94 77.95
CA PRO S 14 -57.25 97.80 77.13
C PRO S 14 -58.74 97.94 76.80
N TYR S 15 -59.17 97.15 75.81
CA TYR S 15 -60.58 97.15 75.45
C TYR S 15 -60.91 95.89 74.67
N MET S 16 -62.22 95.66 74.47
CA MET S 16 -62.76 94.47 73.85
C MET S 16 -63.60 94.88 72.63
N ALA S 17 -64.08 93.87 71.89
CA ALA S 17 -64.87 94.12 70.69
C ALA S 17 -65.63 92.85 70.34
N ARG S 18 -66.62 92.98 69.45
CA ARG S 18 -67.36 91.82 68.98
C ARG S 18 -66.50 91.06 67.98
N CYS S 19 -66.66 89.74 67.98
CA CYS S 19 -65.82 88.82 67.23
C CYS S 19 -66.73 87.80 66.54
N ILE S 20 -66.61 87.72 65.22
CA ILE S 20 -67.59 86.98 64.42
C ILE S 20 -67.45 85.48 64.62
N ARG S 21 -66.21 85.00 64.79
CA ARG S 21 -65.93 83.59 65.05
C ARG S 21 -65.24 83.47 66.41
N CYS S 22 -66.03 83.34 67.46
CA CYS S 22 -65.53 83.07 68.80
C CYS S 22 -65.44 81.57 69.09
N ALA S 23 -65.55 80.73 68.05
CA ALA S 23 -65.57 79.27 68.13
C ALA S 23 -66.92 78.73 68.60
N VAL S 24 -67.80 79.61 69.09
CA VAL S 24 -69.21 79.27 69.28
C VAL S 24 -70.05 80.41 68.75
N GLY S 25 -70.44 80.34 67.48
CA GLY S 25 -71.15 81.45 66.87
C GLY S 25 -70.31 82.73 66.89
N SER S 26 -70.93 83.83 67.31
CA SER S 26 -70.28 85.13 67.42
C SER S 26 -70.42 85.64 68.86
N CYS S 27 -69.32 86.19 69.39
CA CYS S 27 -69.29 86.56 70.81
C CYS S 27 -68.56 87.88 70.99
N HIS S 28 -68.84 88.53 72.12
CA HIS S 28 -68.12 89.75 72.51
C HIS S 28 -66.83 89.33 73.19
N SER S 29 -65.72 89.39 72.45
CA SER S 29 -64.44 88.85 72.87
C SER S 29 -63.43 89.97 73.12
N PRO S 30 -62.43 89.75 73.99
CA PRO S 30 -61.42 90.79 74.21
C PRO S 30 -60.32 90.86 73.16
N ILE S 31 -60.28 89.93 72.21
CA ILE S 31 -59.11 89.76 71.35
C ILE S 31 -59.47 89.88 69.87
N ALA S 32 -60.48 90.69 69.56
CA ALA S 32 -60.86 90.90 68.17
C ALA S 32 -59.72 91.57 67.40
N ILE S 33 -59.82 91.52 66.08
CA ILE S 33 -58.81 92.08 65.18
C ILE S 33 -59.43 93.27 64.44
N GLU S 34 -58.57 94.18 63.98
CA GLU S 34 -59.00 95.40 63.32
C GLU S 34 -58.60 95.44 61.85
N ALA S 35 -57.33 95.25 61.52
CA ALA S 35 -56.91 95.42 60.13
C ALA S 35 -55.54 94.78 59.91
N VAL S 36 -55.19 94.60 58.63
CA VAL S 36 -53.97 93.89 58.24
C VAL S 36 -53.37 94.54 57.00
N LYS S 37 -52.22 95.19 57.16
CA LYS S 37 -51.46 95.76 56.04
C LYS S 37 -50.35 94.78 55.62
N SER S 38 -50.76 93.70 54.96
CA SER S 38 -49.80 92.71 54.45
C SER S 38 -49.20 93.23 53.14
N ASP S 39 -48.12 94.00 53.27
CA ASP S 39 -47.45 94.63 52.15
C ASP S 39 -45.99 94.25 52.00
N GLY S 40 -45.34 93.79 53.07
CA GLY S 40 -43.94 93.43 53.00
C GLY S 40 -43.65 92.26 52.10
N HIS S 41 -42.43 92.19 51.55
CA HIS S 41 -42.06 91.11 50.64
C HIS S 41 -42.03 89.76 51.35
N ASP S 42 -41.23 89.69 52.46
CA ASP S 42 -40.91 88.42 53.12
C ASP S 42 -41.98 87.97 54.10
N GLY S 43 -43.21 88.48 53.98
CA GLY S 43 -44.31 88.01 54.78
C GLY S 43 -44.44 88.65 56.15
N TYR S 44 -43.55 89.58 56.51
CA TYR S 44 -43.66 90.27 57.78
C TYR S 44 -44.94 91.10 57.81
N VAL S 45 -45.89 90.69 58.64
CA VAL S 45 -47.20 91.34 58.72
C VAL S 45 -47.31 92.07 60.05
N ARG S 46 -48.14 93.12 60.03
CA ARG S 46 -48.37 93.98 61.19
C ARG S 46 -49.82 93.82 61.60
N LEU S 47 -50.05 93.17 62.74
CA LEU S 47 -51.39 92.94 63.26
C LEU S 47 -51.77 94.04 64.25
N GLN S 48 -53.03 94.42 64.21
CA GLN S 48 -53.59 95.38 65.16
C GLN S 48 -54.65 94.66 65.99
N THR S 49 -54.52 94.72 67.31
CA THR S 49 -55.37 93.96 68.21
C THR S 49 -55.84 94.85 69.34
N SER S 50 -56.89 94.40 70.02
CA SER S 50 -57.44 95.12 71.18
C SER S 50 -56.68 94.85 72.46
N SER S 51 -55.81 93.84 72.48
CA SER S 51 -55.01 93.53 73.65
C SER S 51 -53.64 94.18 73.53
N GLN S 52 -53.15 94.74 74.64
CA GLN S 52 -51.86 95.41 74.68
C GLN S 52 -50.75 94.40 74.91
N TYR S 53 -49.58 94.71 74.33
CA TYR S 53 -48.42 93.84 74.41
C TYR S 53 -47.23 94.63 74.93
N GLY S 54 -46.43 94.02 75.80
CA GLY S 54 -45.29 94.66 76.39
C GLY S 54 -45.57 95.43 77.66
N LEU S 55 -46.80 95.41 78.16
CA LEU S 55 -47.16 96.15 79.37
C LEU S 55 -47.82 95.21 80.38
N LYS S 62 -42.28 95.22 82.27
CA LYS S 62 -42.22 93.79 82.01
C LYS S 62 -41.60 93.52 80.65
N GLY S 63 -40.91 92.38 80.54
CA GLY S 63 -40.21 92.03 79.32
C GLY S 63 -41.12 91.68 78.17
N ARG S 64 -41.81 90.54 78.26
CA ARG S 64 -42.64 90.02 77.17
C ARG S 64 -43.89 89.38 77.77
N THR S 65 -44.95 90.18 77.88
CA THR S 65 -46.24 89.71 78.37
C THR S 65 -47.34 90.50 77.66
N MET S 66 -48.59 90.19 77.99
CA MET S 66 -49.74 90.86 77.39
C MET S 66 -50.81 91.08 78.44
N ARG S 67 -51.62 92.12 78.22
CA ARG S 67 -52.61 92.59 79.18
C ARG S 67 -53.91 92.85 78.45
N TYR S 68 -55.03 92.40 79.01
CA TYR S 68 -56.33 92.52 78.35
C TYR S 68 -57.44 92.70 79.38
N ASP S 69 -58.55 93.28 78.92
CA ASP S 69 -59.74 93.49 79.73
C ASP S 69 -60.67 92.30 79.63
N MET S 70 -61.46 92.11 80.68
CA MET S 70 -62.40 90.98 80.74
C MET S 70 -63.55 91.38 81.65
N HIS S 71 -64.68 91.77 81.07
CA HIS S 71 -65.82 92.31 81.82
C HIS S 71 -65.40 93.51 82.66
N GLY S 72 -64.54 94.35 82.10
CA GLY S 72 -64.07 95.53 82.79
C GLY S 72 -62.96 95.29 83.78
N THR S 73 -62.50 94.05 83.94
CA THR S 73 -61.39 93.71 84.82
C THR S 73 -60.16 93.39 83.99
N ILE S 74 -58.99 93.75 84.52
CA ILE S 74 -57.73 93.67 83.79
C ILE S 74 -56.99 92.41 84.23
N LYS S 75 -56.49 91.66 83.25
CA LYS S 75 -55.74 90.44 83.50
C LYS S 75 -54.55 90.39 82.56
N GLU S 76 -53.55 89.58 82.92
CA GLU S 76 -52.29 89.52 82.18
C GLU S 76 -51.88 88.07 81.99
N ILE S 77 -51.28 87.80 80.83
CA ILE S 77 -50.75 86.46 80.52
C ILE S 77 -49.41 86.61 79.82
N PRO S 78 -48.51 85.63 80.01
CA PRO S 78 -47.30 85.61 79.18
C PRO S 78 -47.64 85.44 77.70
N LEU S 79 -46.83 86.07 76.85
CA LEU S 79 -47.11 86.07 75.41
C LEU S 79 -46.90 84.69 74.79
N HIS S 80 -46.06 83.86 75.41
CA HIS S 80 -45.74 82.56 74.82
C HIS S 80 -46.96 81.65 74.69
N GLN S 81 -48.00 81.87 75.50
CA GLN S 81 -49.15 80.99 75.50
C GLN S 81 -50.18 81.33 74.42
N VAL S 82 -50.07 82.50 73.80
CA VAL S 82 -50.98 82.92 72.73
C VAL S 82 -50.40 82.47 71.40
N SER S 83 -51.26 82.01 70.50
CA SER S 83 -50.81 81.49 69.21
C SER S 83 -51.77 81.91 68.10
N LEU S 84 -51.21 82.18 66.92
CA LEU S 84 -51.98 82.57 65.76
C LEU S 84 -51.54 81.76 64.55
N TYR S 85 -52.44 81.64 63.57
CA TYR S 85 -52.18 80.83 62.39
C TYR S 85 -53.12 81.26 61.27
N THR S 86 -52.65 81.09 60.03
CA THR S 86 -53.46 81.28 58.84
C THR S 86 -53.72 79.95 58.14
N SER S 87 -52.65 79.25 57.78
CA SER S 87 -52.74 77.87 57.29
C SER S 87 -51.75 76.98 58.02
N ARG S 88 -50.64 77.55 58.48
CA ARG S 88 -49.61 76.88 59.24
C ARG S 88 -49.26 77.75 60.43
N PRO S 89 -48.75 77.16 61.52
CA PRO S 89 -48.58 77.95 62.74
C PRO S 89 -47.58 79.08 62.56
N CYS S 90 -47.90 80.22 63.17
CA CYS S 90 -47.08 81.42 63.03
C CYS S 90 -46.09 81.52 64.18
N HIS S 91 -45.25 82.55 64.13
CA HIS S 91 -44.22 82.78 65.16
C HIS S 91 -44.26 84.26 65.54
N ILE S 92 -44.66 84.54 66.79
CA ILE S 92 -44.64 85.91 67.28
C ILE S 92 -43.21 86.30 67.64
N VAL S 93 -42.84 87.53 67.31
CA VAL S 93 -41.49 88.03 67.50
C VAL S 93 -41.42 89.13 68.56
N ASP S 94 -42.31 90.12 68.47
CA ASP S 94 -42.25 91.27 69.36
C ASP S 94 -43.66 91.83 69.55
N GLY S 95 -43.84 92.54 70.66
CA GLY S 95 -45.08 93.21 70.93
C GLY S 95 -44.82 94.54 71.60
N HIS S 96 -45.59 95.55 71.20
CA HIS S 96 -45.39 96.91 71.70
C HIS S 96 -46.69 97.68 71.58
N GLY S 97 -47.20 98.16 72.70
CA GLY S 97 -48.40 98.98 72.68
C GLY S 97 -49.58 98.22 72.13
N TYR S 98 -50.20 98.78 71.08
CA TYR S 98 -51.39 98.22 70.48
C TYR S 98 -51.11 97.22 69.37
N PHE S 99 -49.90 97.22 68.81
CA PHE S 99 -49.62 96.55 67.54
C PHE S 99 -48.64 95.40 67.76
N LEU S 100 -48.69 94.43 66.85
CA LEU S 100 -47.84 93.24 66.92
C LEU S 100 -47.21 92.99 65.56
N LEU S 101 -46.03 92.39 65.56
CA LEU S 101 -45.32 92.00 64.35
C LEU S 101 -45.29 90.48 64.28
N ALA S 102 -45.66 89.93 63.13
CA ALA S 102 -45.73 88.48 62.94
C ALA S 102 -45.08 88.11 61.61
N ARG S 103 -44.70 86.84 61.49
CA ARG S 103 -44.10 86.32 60.27
C ARG S 103 -44.59 84.90 60.06
N CYS S 104 -45.31 84.68 58.96
CA CYS S 104 -45.79 83.36 58.57
C CYS S 104 -46.44 83.43 57.20
N PRO S 105 -46.47 82.32 56.43
CA PRO S 105 -46.82 82.41 55.01
C PRO S 105 -48.25 82.85 54.73
N ALA S 106 -48.58 82.96 53.45
CA ALA S 106 -49.87 83.49 53.04
C ALA S 106 -51.00 82.51 53.35
N GLY S 107 -52.22 83.02 53.25
CA GLY S 107 -53.38 82.19 53.52
C GLY S 107 -54.64 82.90 53.06
N ASP S 108 -55.76 82.53 53.70
CA ASP S 108 -57.06 83.11 53.41
C ASP S 108 -57.64 83.90 54.57
N SER S 109 -57.45 83.42 55.80
CA SER S 109 -57.96 84.08 56.99
C SER S 109 -56.94 83.95 58.10
N ILE S 110 -57.07 84.82 59.10
CA ILE S 110 -56.19 84.82 60.27
C ILE S 110 -57.01 84.38 61.48
N THR S 111 -56.49 83.40 62.22
CA THR S 111 -57.15 82.90 63.43
C THR S 111 -56.14 82.91 64.57
N MET S 112 -56.44 83.66 65.62
CA MET S 112 -55.54 83.81 66.76
C MET S 112 -56.30 83.55 68.05
N GLU S 113 -55.64 82.87 68.99
CA GLU S 113 -56.32 82.34 70.16
C GLU S 113 -55.35 82.17 71.31
N PHE S 114 -55.92 81.90 72.48
CA PHE S 114 -55.17 81.57 73.68
C PHE S 114 -56.08 80.79 74.62
N LYS S 115 -55.49 80.34 75.73
CA LYS S 115 -56.16 79.46 76.69
C LYS S 115 -55.60 79.75 78.09
N LYS S 116 -56.28 80.63 78.83
CA LYS S 116 -55.92 80.86 80.23
C LYS S 116 -56.56 79.81 81.13
N ASP S 117 -57.89 79.77 81.17
CA ASP S 117 -58.64 78.77 81.90
C ASP S 117 -59.04 77.66 80.93
N SER S 118 -59.96 76.79 81.36
CA SER S 118 -60.44 75.73 80.48
C SER S 118 -61.56 76.23 79.58
N VAL S 119 -61.38 77.42 78.98
CA VAL S 119 -62.28 77.93 77.96
C VAL S 119 -61.43 78.64 76.93
N ARG S 120 -61.24 78.03 75.77
CA ARG S 120 -60.40 78.62 74.73
C ARG S 120 -61.04 79.92 74.24
N HIS S 121 -60.19 80.93 74.04
CA HIS S 121 -60.62 82.22 73.50
C HIS S 121 -59.94 82.42 72.16
N SER S 122 -60.72 82.41 71.09
CA SER S 122 -60.21 82.44 69.73
C SER S 122 -60.98 83.48 68.92
N CYS S 123 -60.34 83.98 67.87
CA CYS S 123 -61.01 84.89 66.94
C CYS S 123 -60.41 84.70 65.55
N SER S 124 -61.30 84.62 64.56
CA SER S 124 -60.94 84.47 63.16
C SER S 124 -61.48 85.65 62.35
N VAL S 125 -60.64 86.21 61.49
CA VAL S 125 -61.02 87.32 60.62
C VAL S 125 -60.61 86.98 59.19
N PRO S 126 -61.50 87.17 58.18
CA PRO S 126 -61.12 86.89 56.78
C PRO S 126 -60.49 88.08 56.06
N TYR S 127 -59.24 88.38 56.39
CA TYR S 127 -58.47 89.40 55.71
C TYR S 127 -57.30 88.73 55.00
N GLU S 128 -57.20 88.95 53.69
CA GLU S 128 -56.18 88.28 52.89
C GLU S 128 -54.79 88.68 53.35
N VAL S 129 -53.88 87.70 53.36
CA VAL S 129 -52.46 87.91 53.58
C VAL S 129 -51.72 87.25 52.43
N LYS S 130 -50.80 88.00 51.81
CA LYS S 130 -50.15 87.58 50.58
C LYS S 130 -48.65 87.59 50.74
N PHE S 131 -47.99 86.58 50.17
CA PHE S 131 -46.54 86.45 50.18
C PHE S 131 -46.04 87.00 48.84
N ASN S 132 -45.35 88.14 48.89
CA ASN S 132 -44.89 88.82 47.69
C ASN S 132 -43.40 88.54 47.50
N PRO S 133 -43.00 87.73 46.51
CA PRO S 133 -41.57 87.45 46.35
C PRO S 133 -40.80 88.66 45.83
N VAL S 134 -39.50 88.65 46.09
CA VAL S 134 -38.61 89.71 45.62
C VAL S 134 -38.07 89.35 44.24
N GLY S 135 -37.82 90.38 43.43
CA GLY S 135 -37.23 90.18 42.12
C GLY S 135 -38.23 89.62 41.11
N ARG S 136 -37.65 89.03 40.07
CA ARG S 136 -38.41 88.44 38.98
C ARG S 136 -38.51 86.91 39.09
N GLU S 137 -38.47 86.39 40.32
CA GLU S 137 -38.66 84.97 40.58
C GLU S 137 -39.74 84.81 41.65
N LEU S 138 -40.45 83.69 41.57
CA LEU S 138 -41.57 83.40 42.46
C LEU S 138 -41.22 82.21 43.34
N TYR S 139 -41.43 82.36 44.64
CA TYR S 139 -41.11 81.31 45.60
C TYR S 139 -42.09 81.36 46.75
N THR S 140 -42.13 80.25 47.50
CA THR S 140 -43.02 80.10 48.65
C THR S 140 -42.33 80.29 49.98
N HIS S 141 -41.02 80.05 50.07
CA HIS S 141 -40.27 80.14 51.31
C HIS S 141 -38.86 80.60 50.94
N PRO S 142 -38.23 81.49 51.70
CA PRO S 142 -36.90 81.98 51.31
C PRO S 142 -35.88 80.85 51.25
N PRO S 143 -34.93 80.92 50.33
CA PRO S 143 -33.99 79.81 50.16
C PRO S 143 -32.89 79.81 51.22
N GLU S 144 -32.13 78.72 51.25
CA GLU S 144 -30.99 78.63 52.16
C GLU S 144 -29.90 79.61 51.80
N HIS S 145 -29.77 79.95 50.51
CA HIS S 145 -28.65 80.76 50.05
C HIS S 145 -29.08 81.56 48.83
N GLY S 146 -28.26 82.55 48.49
CA GLY S 146 -28.49 83.37 47.31
C GLY S 146 -27.60 84.59 47.27
N VAL S 147 -28.08 85.69 46.69
CA VAL S 147 -27.39 86.97 46.76
C VAL S 147 -28.28 87.96 47.49
N GLU S 148 -27.74 89.15 47.73
CA GLU S 148 -28.36 90.18 48.54
C GLU S 148 -28.76 91.35 47.65
N GLN S 149 -30.05 91.68 47.63
CA GLN S 149 -30.61 92.84 46.95
C GLN S 149 -31.22 93.75 48.01
N ALA S 150 -31.97 94.76 47.56
CA ALA S 150 -32.71 95.65 48.45
C ALA S 150 -34.20 95.40 48.27
N CYS S 151 -34.89 95.09 49.37
CA CYS S 151 -36.35 95.08 49.41
C CYS S 151 -36.80 95.87 50.62
N GLN S 152 -38.12 95.97 50.77
CA GLN S 152 -38.74 96.72 51.85
C GLN S 152 -39.37 95.74 52.83
N VAL S 153 -38.99 95.86 54.11
CA VAL S 153 -39.54 95.02 55.17
C VAL S 153 -39.76 95.90 56.40
N TYR S 154 -40.68 95.46 57.26
CA TYR S 154 -40.96 96.19 58.48
C TYR S 154 -39.76 96.14 59.41
N ALA S 155 -39.43 97.28 60.01
CA ALA S 155 -38.30 97.36 60.93
C ALA S 155 -38.64 96.68 62.25
N HIS S 156 -37.67 95.96 62.79
CA HIS S 156 -37.84 95.28 64.07
C HIS S 156 -37.80 96.24 65.26
N ASP S 157 -37.26 97.44 65.10
CA ASP S 157 -37.16 98.40 66.18
C ASP S 157 -38.51 99.07 66.44
N ALA S 158 -38.54 99.91 67.46
CA ALA S 158 -39.71 100.72 67.82
C ALA S 158 -39.22 102.13 68.06
N GLN S 159 -39.20 102.96 67.01
CA GLN S 159 -38.67 104.31 67.06
C GLN S 159 -39.69 105.28 66.48
N ASN S 160 -39.75 106.47 67.06
CA ASN S 160 -40.71 107.47 66.62
C ASN S 160 -40.36 107.98 65.23
N ARG S 161 -41.39 108.26 64.44
CA ARG S 161 -41.23 108.80 63.09
C ARG S 161 -42.45 109.67 62.80
N GLY S 162 -42.67 109.99 61.52
CA GLY S 162 -43.73 110.91 61.14
C GLY S 162 -45.13 110.33 61.13
N ALA S 163 -45.29 109.02 61.36
CA ALA S 163 -46.60 108.40 61.39
C ALA S 163 -47.19 108.50 62.80
N TYR S 164 -48.52 108.60 62.85
CA TYR S 164 -49.22 108.80 64.11
C TYR S 164 -50.57 108.09 64.07
N VAL S 165 -51.12 107.87 65.26
CA VAL S 165 -52.45 107.31 65.45
C VAL S 165 -53.17 108.14 66.50
N GLU S 166 -54.45 108.42 66.27
CA GLU S 166 -55.23 109.30 67.13
C GLU S 166 -56.00 108.49 68.16
N MET S 167 -56.07 109.02 69.38
CA MET S 167 -56.79 108.41 70.49
C MET S 167 -57.93 109.33 70.94
N HIS S 168 -59.01 108.72 71.43
CA HIS S 168 -60.17 109.45 71.89
C HIS S 168 -60.57 108.94 73.28
N LEU S 169 -61.32 109.77 74.00
CA LEU S 169 -61.80 109.37 75.31
C LEU S 169 -62.75 108.18 75.17
N PRO S 170 -62.71 107.20 76.08
CA PRO S 170 -63.66 106.09 75.98
C PRO S 170 -65.08 106.53 76.24
N GLY S 171 -66.02 105.78 75.69
CA GLY S 171 -67.44 106.08 75.82
C GLY S 171 -68.00 105.63 77.15
N SER S 172 -69.32 105.73 77.26
CA SER S 172 -70.05 105.28 78.44
C SER S 172 -70.52 103.85 78.18
N GLU S 173 -69.78 102.90 78.74
CA GLU S 173 -70.05 101.48 78.49
C GLU S 173 -71.09 100.96 79.46
N VAL S 174 -72.10 100.28 78.92
CA VAL S 174 -73.17 99.71 79.75
C VAL S 174 -72.66 98.45 80.45
N ASP S 175 -73.25 98.17 81.62
CA ASP S 175 -72.89 96.99 82.39
C ASP S 175 -74.16 96.50 83.09
N SER S 176 -74.75 95.43 82.57
CA SER S 176 -76.01 94.92 83.14
C SER S 176 -75.81 94.28 84.51
N SER S 177 -74.58 93.93 84.89
CA SER S 177 -74.35 93.30 86.17
C SER S 177 -74.40 94.30 87.33
N LEU S 178 -74.22 95.59 87.06
CA LEU S 178 -74.22 96.58 88.14
C LEU S 178 -75.58 96.66 88.80
N VAL S 179 -76.65 96.69 88.01
CA VAL S 179 -78.00 96.78 88.57
C VAL S 179 -78.38 95.43 89.19
N SER S 180 -79.01 95.49 90.35
CA SER S 180 -79.45 94.28 91.06
C SER S 180 -80.77 94.58 91.74
N LEU S 181 -81.37 93.54 92.33
CA LEU S 181 -82.66 93.62 92.97
C LEU S 181 -82.53 93.44 94.48
N SER S 182 -83.16 94.34 95.23
CA SER S 182 -83.30 94.21 96.67
C SER S 182 -84.56 93.37 96.95
N GLY S 183 -85.06 93.41 98.18
CA GLY S 183 -86.33 92.80 98.51
C GLY S 183 -87.40 93.14 97.49
N SER S 184 -87.78 94.42 97.42
CA SER S 184 -88.54 94.93 96.27
C SER S 184 -88.02 96.36 96.00
N SER S 185 -87.02 96.45 95.13
CA SER S 185 -86.41 97.72 94.74
C SER S 185 -85.22 97.41 93.83
N VAL S 186 -84.71 98.44 93.18
CA VAL S 186 -83.57 98.34 92.28
C VAL S 186 -82.38 99.03 92.94
N THR S 187 -81.26 98.31 93.04
CA THR S 187 -80.04 98.80 93.66
C THR S 187 -78.95 98.92 92.61
N VAL S 188 -78.20 100.01 92.67
CA VAL S 188 -77.06 100.26 91.78
C VAL S 188 -75.82 100.33 92.66
N THR S 189 -74.83 99.49 92.35
CA THR S 189 -73.61 99.34 93.13
C THR S 189 -72.41 99.51 92.21
N PRO S 190 -71.98 100.75 91.98
CA PRO S 190 -70.80 100.96 91.13
C PRO S 190 -69.58 100.33 91.76
N PRO S 191 -68.60 99.90 90.95
CA PRO S 191 -67.43 99.22 91.52
C PRO S 191 -66.57 100.15 92.36
N ASP S 192 -65.49 99.62 92.92
CA ASP S 192 -64.68 100.39 93.85
C ASP S 192 -64.05 101.60 93.17
N GLY S 193 -64.30 102.78 93.74
CA GLY S 193 -63.69 104.00 93.24
C GLY S 193 -64.01 104.32 91.79
N THR S 194 -65.26 104.13 91.39
CA THR S 194 -65.70 104.38 90.03
C THR S 194 -67.04 105.09 90.05
N SER S 195 -67.21 106.05 89.15
CA SER S 195 -68.46 106.78 89.00
C SER S 195 -69.33 106.12 87.95
N ALA S 196 -70.65 106.26 88.11
CA ALA S 196 -71.61 105.64 87.22
C ALA S 196 -72.76 106.61 86.96
N LEU S 197 -73.48 106.34 85.88
CA LEU S 197 -74.62 107.15 85.45
C LEU S 197 -75.80 106.22 85.20
N VAL S 198 -76.94 106.54 85.81
CA VAL S 198 -78.14 105.71 85.73
C VAL S 198 -79.20 106.48 84.95
N GLU S 199 -79.67 105.88 83.86
CA GLU S 199 -80.75 106.42 83.04
C GLU S 199 -81.93 105.46 83.11
N CYS S 200 -83.10 105.96 83.47
CA CYS S 200 -84.24 105.08 83.68
C CYS S 200 -85.52 105.82 83.32
N GLU S 201 -86.52 105.04 82.89
CA GLU S 201 -87.73 105.59 82.28
C GLU S 201 -88.98 104.84 82.72
N CYS S 202 -88.96 104.25 83.91
CA CYS S 202 -90.14 103.53 84.40
C CYS S 202 -91.33 104.47 84.56
N GLY S 203 -91.11 105.65 85.14
CA GLY S 203 -92.14 106.66 85.26
C GLY S 203 -91.93 107.76 84.24
N GLY S 204 -91.35 108.87 84.68
CA GLY S 204 -90.95 109.91 83.75
C GLY S 204 -89.59 109.60 83.14
N THR S 205 -88.68 110.56 83.18
CA THR S 205 -87.30 110.37 82.74
C THR S 205 -86.37 110.75 83.88
N LYS S 206 -85.47 109.83 84.25
CA LYS S 206 -84.52 110.05 85.34
C LYS S 206 -83.12 109.81 84.82
N ILE S 207 -82.25 110.80 85.00
CA ILE S 207 -80.84 110.72 84.63
C ILE S 207 -80.06 111.18 85.84
N SER S 208 -79.42 110.24 86.54
CA SER S 208 -78.72 110.52 87.78
C SER S 208 -77.26 110.07 87.66
N GLU S 209 -76.41 110.68 88.50
CA GLU S 209 -74.99 110.36 88.56
C GLU S 209 -74.64 109.97 89.99
N THR S 210 -73.89 108.88 90.13
CA THR S 210 -73.44 108.39 91.42
C THR S 210 -71.91 108.30 91.43
N ILE S 211 -71.31 108.75 92.52
CA ILE S 211 -69.86 108.72 92.67
C ILE S 211 -69.52 107.78 93.82
N ASN S 212 -69.33 106.50 93.49
CA ASN S 212 -69.01 105.47 94.49
C ASN S 212 -70.06 105.44 95.60
N LYS S 213 -71.33 105.70 95.26
CA LYS S 213 -72.43 105.69 96.21
C LYS S 213 -73.39 104.57 95.81
N THR S 214 -73.52 103.57 96.67
CA THR S 214 -74.49 102.49 96.45
C THR S 214 -75.90 103.06 96.62
N LYS S 215 -76.63 103.16 95.53
CA LYS S 215 -77.93 103.84 95.50
C LYS S 215 -79.06 102.83 95.40
N GLN S 216 -80.22 103.23 95.92
CA GLN S 216 -81.44 102.45 95.85
C GLN S 216 -82.56 103.32 95.29
N PHE S 217 -83.38 102.74 94.40
CA PHE S 217 -84.48 103.44 93.78
C PHE S 217 -85.79 102.85 94.29
N SER S 218 -86.60 103.68 94.94
CA SER S 218 -87.89 103.21 95.44
C SER S 218 -88.82 102.82 94.30
N GLN S 219 -88.85 103.62 93.24
CA GLN S 219 -89.68 103.36 92.07
C GLN S 219 -88.87 102.57 91.04
N CYS S 220 -89.53 102.16 89.96
CA CYS S 220 -88.91 101.39 88.90
C CYS S 220 -88.42 100.04 89.42
N THR S 221 -89.38 99.24 89.90
CA THR S 221 -89.09 97.95 90.50
C THR S 221 -88.99 96.87 89.42
N LYS S 222 -88.04 97.06 88.51
CA LYS S 222 -87.77 96.09 87.45
C LYS S 222 -86.36 96.32 86.93
N LYS S 223 -85.66 95.22 86.66
CA LYS S 223 -84.29 95.31 86.17
C LYS S 223 -84.24 96.01 84.80
N GLU S 224 -85.16 95.66 83.91
CA GLU S 224 -85.10 96.16 82.55
C GLU S 224 -85.49 97.63 82.43
N GLN S 225 -86.16 98.18 83.45
CA GLN S 225 -86.64 99.56 83.35
C GLN S 225 -85.49 100.57 83.39
N CYS S 226 -84.39 100.23 84.06
CA CYS S 226 -83.30 101.16 84.31
C CYS S 226 -82.02 100.61 83.67
N ARG S 227 -81.10 101.53 83.34
CA ARG S 227 -79.82 101.18 82.74
C ARG S 227 -78.70 101.93 83.45
N ALA S 228 -77.53 101.29 83.53
CA ALA S 228 -76.37 101.81 84.23
C ALA S 228 -75.15 101.81 83.33
N TYR S 229 -74.42 102.92 83.34
CA TYR S 229 -73.18 103.09 82.60
C TYR S 229 -72.06 103.44 83.57
N ARG S 230 -70.83 103.11 83.20
CA ARG S 230 -69.64 103.44 83.96
C ARG S 230 -68.94 104.64 83.34
N LEU S 231 -68.16 105.35 84.16
CA LEU S 231 -67.46 106.55 83.73
C LEU S 231 -65.95 106.32 83.79
N GLN S 232 -65.27 106.63 82.69
CA GLN S 232 -63.81 106.60 82.62
C GLN S 232 -63.33 107.97 82.17
N ASN S 233 -62.38 108.53 82.94
CA ASN S 233 -61.89 109.89 82.70
C ASN S 233 -60.38 110.00 82.57
N ASP S 234 -59.60 109.09 83.16
CA ASP S 234 -58.15 109.16 83.12
C ASP S 234 -57.53 108.32 82.02
N LYS S 235 -58.35 107.65 81.20
CA LYS S 235 -57.88 106.70 80.19
C LYS S 235 -58.36 107.12 78.81
N TRP S 236 -57.61 106.68 77.80
CA TRP S 236 -57.93 106.90 76.39
C TRP S 236 -58.39 105.58 75.77
N VAL S 237 -58.63 105.59 74.46
CA VAL S 237 -58.91 104.37 73.71
C VAL S 237 -58.73 104.68 72.23
N TYR S 238 -58.40 103.66 71.45
CA TYR S 238 -58.29 103.82 70.02
C TYR S 238 -59.64 104.16 69.40
N ASN S 239 -59.61 104.87 68.27
CA ASN S 239 -60.81 105.20 67.53
C ASN S 239 -61.31 103.92 66.85
N SER S 240 -61.90 103.06 67.66
CA SER S 240 -62.31 101.73 67.23
C SER S 240 -63.75 101.74 66.72
N ASP S 241 -64.03 100.81 65.80
CA ASP S 241 -65.36 100.71 65.22
C ASP S 241 -66.34 100.01 66.16
N LYS S 242 -65.85 99.25 67.15
CA LYS S 242 -66.68 98.43 67.99
C LYS S 242 -67.06 99.09 69.32
N LEU S 243 -66.82 100.39 69.46
CA LEU S 243 -67.21 101.12 70.66
C LEU S 243 -67.88 102.44 70.27
N PRO S 244 -68.78 102.95 71.11
CA PRO S 244 -69.40 104.25 70.82
C PRO S 244 -68.51 105.40 71.31
N LYS S 245 -69.01 106.62 71.11
CA LYS S 245 -68.34 107.84 71.51
C LYS S 245 -69.14 108.56 72.58
N ALA S 246 -68.42 109.22 73.49
CA ALA S 246 -69.04 110.03 74.53
C ALA S 246 -69.33 111.43 73.98
N ALA S 247 -69.89 112.29 74.81
CA ALA S 247 -70.16 113.66 74.40
C ALA S 247 -68.87 114.43 74.23
N GLY S 248 -68.87 115.35 73.26
CA GLY S 248 -67.72 116.18 72.97
C GLY S 248 -66.90 115.65 71.81
N ALA S 249 -66.20 116.57 71.16
CA ALA S 249 -65.35 116.27 70.00
C ALA S 249 -63.88 116.53 70.32
N THR S 250 -63.46 116.22 71.53
CA THR S 250 -62.09 116.45 71.97
C THR S 250 -61.23 115.24 71.60
N LEU S 251 -60.09 115.50 70.94
CA LEU S 251 -59.18 114.46 70.49
C LEU S 251 -58.03 114.23 71.45
N LYS S 252 -57.56 115.28 72.13
CA LYS S 252 -56.64 115.22 73.27
C LYS S 252 -55.21 114.80 72.94
N GLY S 253 -54.90 114.47 71.69
CA GLY S 253 -53.55 114.18 71.27
C GLY S 253 -53.43 112.84 70.58
N LYS S 254 -52.23 112.61 70.04
CA LYS S 254 -51.92 111.40 69.27
C LYS S 254 -50.59 110.83 69.75
N LEU S 255 -50.27 109.64 69.24
CA LEU S 255 -49.07 108.90 69.61
C LEU S 255 -48.41 108.37 68.35
N HIS S 256 -47.15 107.96 68.48
CA HIS S 256 -46.34 107.49 67.36
C HIS S 256 -46.44 105.97 67.24
N VAL S 257 -46.59 105.50 66.00
CA VAL S 257 -46.79 104.07 65.73
C VAL S 257 -45.44 103.38 65.65
N PRO S 258 -45.32 102.09 66.08
CA PRO S 258 -44.07 101.35 65.86
C PRO S 258 -44.08 100.51 64.60
N PHE S 259 -42.95 99.89 64.27
CA PHE S 259 -42.83 98.94 63.17
C PHE S 259 -43.23 99.58 61.84
N LEU S 260 -42.46 100.59 61.44
CA LEU S 260 -42.65 101.21 60.13
C LEU S 260 -41.73 100.56 59.10
N LEU S 261 -42.02 100.83 57.84
CA LEU S 261 -41.30 100.20 56.75
C LEU S 261 -39.93 100.85 56.55
N ALA S 262 -38.98 100.06 56.07
CA ALA S 262 -37.61 100.54 55.84
C ALA S 262 -36.96 99.63 54.81
N ASP S 263 -35.85 100.11 54.26
CA ASP S 263 -35.09 99.39 53.25
C ASP S 263 -33.94 98.63 53.90
N GLY S 264 -33.82 97.35 53.56
CA GLY S 264 -32.76 96.52 54.12
C GLY S 264 -32.31 95.49 53.11
N LYS S 265 -31.16 94.89 53.40
CA LYS S 265 -30.62 93.87 52.51
C LYS S 265 -31.46 92.60 52.58
N CYS S 266 -31.60 91.91 51.45
CA CYS S 266 -32.64 90.91 51.26
C CYS S 266 -32.09 89.74 50.46
N THR S 267 -32.27 88.52 50.96
CA THR S 267 -31.78 87.34 50.26
C THR S 267 -32.71 86.99 49.10
N VAL S 268 -32.12 86.62 47.96
CA VAL S 268 -32.86 86.28 46.75
C VAL S 268 -32.17 85.08 46.09
N PRO S 269 -32.91 84.07 45.61
CA PRO S 269 -32.25 82.89 45.02
C PRO S 269 -31.64 83.18 43.67
N LEU S 270 -30.77 82.25 43.25
CA LEU S 270 -30.15 82.24 41.93
C LEU S 270 -30.67 81.05 41.14
N ALA S 271 -31.12 81.30 39.91
CA ALA S 271 -31.56 80.23 39.04
C ALA S 271 -30.36 79.42 38.54
N PRO S 272 -30.56 78.17 38.14
CA PRO S 272 -29.43 77.37 37.64
C PRO S 272 -28.88 77.97 36.34
N GLU S 273 -27.57 77.82 36.17
CA GLU S 273 -26.91 78.43 35.02
C GLU S 273 -27.34 77.74 33.74
N PRO S 274 -27.87 78.46 32.74
CA PRO S 274 -28.27 77.79 31.50
C PRO S 274 -27.07 77.29 30.71
N MET S 275 -27.28 76.20 29.98
CA MET S 275 -26.32 75.73 29.00
C MET S 275 -26.70 76.30 27.63
N ILE S 276 -25.68 76.66 26.85
CA ILE S 276 -25.86 77.36 25.58
C ILE S 276 -25.30 76.50 24.45
N THR S 277 -26.07 76.38 23.37
CA THR S 277 -25.63 75.77 22.13
C THR S 277 -25.81 76.79 21.01
N PHE S 278 -24.77 76.94 20.19
CA PHE S 278 -24.68 78.02 19.22
C PHE S 278 -24.88 77.49 17.81
N GLY S 279 -25.64 78.26 17.01
CA GLY S 279 -25.77 78.00 15.59
C GLY S 279 -25.59 79.28 14.81
N PHE S 280 -25.53 79.13 13.49
CA PHE S 280 -25.37 80.29 12.62
C PHE S 280 -26.55 81.23 12.77
N ARG S 281 -26.30 82.39 13.39
CA ARG S 281 -27.32 83.40 13.64
C ARG S 281 -28.46 82.87 14.51
N SER S 282 -28.22 81.82 15.28
CA SER S 282 -29.27 81.25 16.13
C SER S 282 -28.64 80.63 17.36
N VAL S 283 -29.42 80.61 18.44
CA VAL S 283 -28.99 80.03 19.71
C VAL S 283 -30.18 79.31 20.34
N SER S 284 -29.91 78.14 20.91
CA SER S 284 -30.92 77.35 21.61
C SER S 284 -30.60 77.32 23.10
N LEU S 285 -31.56 77.74 23.92
CA LEU S 285 -31.42 77.74 25.37
C LEU S 285 -32.27 76.60 25.95
N LYS S 286 -31.63 75.70 26.69
CA LYS S 286 -32.29 74.60 27.37
C LYS S 286 -32.27 74.87 28.86
N LEU S 287 -33.45 75.03 29.45
CA LEU S 287 -33.61 75.46 30.84
C LEU S 287 -34.24 74.35 31.67
N HIS S 288 -33.81 74.27 32.92
CA HIS S 288 -34.32 73.28 33.87
C HIS S 288 -34.57 73.98 35.20
N PRO S 289 -35.56 74.86 35.26
CA PRO S 289 -35.78 75.66 36.48
C PRO S 289 -36.30 74.79 37.62
N LYS S 290 -35.79 75.05 38.83
CA LYS S 290 -36.34 74.42 40.03
C LYS S 290 -37.62 75.11 40.50
N ASN S 291 -37.91 76.29 39.97
CA ASN S 291 -39.01 77.12 40.45
C ASN S 291 -39.51 77.94 39.27
N PRO S 292 -40.78 78.34 39.24
CA PRO S 292 -41.24 79.20 38.15
C PRO S 292 -40.43 80.49 38.10
N THR S 293 -40.02 80.87 36.89
CA THR S 293 -39.07 81.97 36.72
C THR S 293 -39.37 82.71 35.43
N TYR S 294 -39.12 84.02 35.44
CA TYR S 294 -39.29 84.85 34.26
C TYR S 294 -38.04 84.84 33.40
N LEU S 295 -38.24 84.68 32.09
CA LEU S 295 -37.20 84.88 31.08
C LEU S 295 -37.62 86.09 30.25
N ILE S 296 -36.71 87.05 30.09
CA ILE S 296 -36.99 88.25 29.32
C ILE S 296 -35.87 88.43 28.29
N THR S 297 -36.23 88.88 27.09
CA THR S 297 -35.27 88.97 26.00
C THR S 297 -35.66 90.13 25.09
N ARG S 298 -34.65 90.66 24.39
CA ARG S 298 -34.88 91.76 23.46
C ARG S 298 -33.69 91.88 22.51
N GLN S 299 -33.86 92.77 21.54
CA GLN S 299 -32.88 93.02 20.48
C GLN S 299 -32.15 94.32 20.76
N LEU S 300 -31.04 94.53 20.05
CA LEU S 300 -30.24 95.75 20.17
C LEU S 300 -30.42 96.64 18.94
N ALA S 301 -31.65 96.71 18.44
CA ALA S 301 -31.97 97.51 17.25
C ALA S 301 -33.11 98.48 17.56
N ASP S 302 -33.63 99.14 16.53
CA ASP S 302 -34.69 100.13 16.73
C ASP S 302 -35.93 99.48 17.34
N GLU S 303 -36.37 98.36 16.77
CA GLU S 303 -37.53 97.63 17.28
C GLU S 303 -37.06 96.52 18.19
N PRO S 304 -37.35 96.54 19.50
CA PRO S 304 -36.75 95.52 20.38
C PRO S 304 -37.37 94.14 20.23
N HIS S 305 -38.66 94.07 19.88
CA HIS S 305 -39.41 92.81 19.94
C HIS S 305 -39.29 92.17 21.31
N TYR S 306 -39.33 92.99 22.36
CA TYR S 306 -39.12 92.50 23.72
C TYR S 306 -40.17 91.46 24.08
N THR S 307 -39.72 90.35 24.65
CA THR S 307 -40.58 89.24 25.03
C THR S 307 -40.29 88.84 26.47
N HIS S 308 -41.35 88.58 27.22
CA HIS S 308 -41.28 88.14 28.61
C HIS S 308 -42.17 86.91 28.76
N GLU S 309 -41.70 85.92 29.53
CA GLU S 309 -42.49 84.72 29.73
C GLU S 309 -42.06 84.02 31.01
N LEU S 310 -43.04 83.57 31.79
CA LEU S 310 -42.77 82.73 32.95
C LEU S 310 -42.75 81.27 32.52
N ILE S 311 -41.72 80.55 32.94
CA ILE S 311 -41.57 79.13 32.65
C ILE S 311 -41.40 78.39 33.97
N SER S 312 -42.07 77.24 34.07
CA SER S 312 -42.02 76.39 35.26
C SER S 312 -41.63 74.95 34.97
N GLU S 313 -41.53 74.55 33.71
CA GLU S 313 -41.25 73.19 33.29
C GLU S 313 -40.13 73.21 32.27
N PRO S 314 -39.37 72.13 32.13
CA PRO S 314 -38.30 72.11 31.14
C PRO S 314 -38.84 72.24 29.72
N ALA S 315 -38.12 72.99 28.89
CA ALA S 315 -38.56 73.27 27.53
C ALA S 315 -37.35 73.80 26.76
N VAL S 316 -37.52 73.93 25.45
CA VAL S 316 -36.48 74.44 24.56
C VAL S 316 -37.08 75.57 23.74
N ARG S 317 -36.35 76.69 23.65
CA ARG S 317 -36.79 77.86 22.89
C ARG S 317 -35.63 78.29 22.00
N ASN S 318 -35.80 78.17 20.70
CA ASN S 318 -34.76 78.49 19.73
C ASN S 318 -34.93 79.94 19.28
N PHE S 319 -33.93 80.78 19.58
CA PHE S 319 -33.94 82.19 19.20
C PHE S 319 -33.01 82.45 18.04
N THR S 320 -33.29 83.55 17.35
CA THR S 320 -32.50 84.02 16.22
C THR S 320 -31.83 85.33 16.61
N VAL S 321 -30.53 85.43 16.35
CA VAL S 321 -29.72 86.59 16.68
C VAL S 321 -29.20 87.20 15.39
N THR S 322 -29.31 88.52 15.26
CA THR S 322 -28.82 89.26 14.11
C THR S 322 -27.50 89.94 14.47
N GLU S 323 -26.88 90.58 13.47
CA GLU S 323 -25.61 91.23 13.69
C GLU S 323 -25.73 92.43 14.62
N LYS S 324 -26.92 93.04 14.70
CA LYS S 324 -27.11 94.17 15.60
C LYS S 324 -26.90 93.77 17.05
N GLY S 325 -27.47 92.63 17.47
CA GLY S 325 -27.20 92.08 18.78
C GLY S 325 -28.40 91.61 19.56
N TRP S 326 -28.20 90.61 20.42
CA TRP S 326 -29.26 89.99 21.21
C TRP S 326 -28.94 90.15 22.69
N GLU S 327 -29.97 90.37 23.51
CA GLU S 327 -29.78 90.49 24.95
C GLU S 327 -30.90 89.73 25.66
N PHE S 328 -30.58 89.16 26.82
CA PHE S 328 -31.60 88.49 27.62
C PHE S 328 -31.19 88.49 29.09
N VAL S 329 -32.20 88.45 29.95
CA VAL S 329 -32.03 88.23 31.37
C VAL S 329 -32.85 87.00 31.76
N TRP S 330 -32.18 86.02 32.34
CA TRP S 330 -32.81 84.80 32.87
C TRP S 330 -32.43 84.72 34.35
N GLY S 331 -33.42 84.82 35.22
CA GLY S 331 -33.15 84.85 36.65
C GLY S 331 -32.57 86.18 37.08
N ASN S 332 -31.80 86.17 38.17
CA ASN S 332 -31.22 87.38 38.73
C ASN S 332 -29.75 87.56 38.38
N HIS S 333 -29.21 86.75 37.46
CA HIS S 333 -27.83 86.89 37.05
C HIS S 333 -27.68 88.16 36.22
N PRO S 334 -26.46 88.66 36.03
CA PRO S 334 -26.29 89.88 35.23
C PRO S 334 -26.79 89.67 33.81
N PRO S 335 -27.28 90.72 33.13
CA PRO S 335 -27.80 90.53 31.77
C PRO S 335 -26.74 89.98 30.84
N LYS S 336 -27.16 89.10 29.94
CA LYS S 336 -26.27 88.43 29.00
C LYS S 336 -26.55 88.94 27.59
N ARG S 337 -25.51 89.47 26.94
CA ARG S 337 -25.59 89.97 25.58
C ARG S 337 -24.76 89.07 24.67
N PHE S 338 -25.15 89.02 23.40
CA PHE S 338 -24.47 88.18 22.42
C PHE S 338 -24.45 88.86 21.06
N TRP S 339 -23.30 88.75 20.39
CA TRP S 339 -23.03 89.34 19.09
C TRP S 339 -22.40 88.28 18.21
N ALA S 340 -22.95 88.09 17.01
CA ALA S 340 -22.50 87.08 16.06
C ALA S 340 -21.72 87.75 14.94
N GLN S 341 -21.22 86.92 14.02
CA GLN S 341 -20.47 87.39 12.86
C GLN S 341 -20.74 86.47 11.68
N GLU S 342 -20.32 86.90 10.50
CA GLU S 342 -20.53 86.14 9.28
C GLU S 342 -19.65 84.90 9.26
N THR S 343 -20.16 83.83 8.65
CA THR S 343 -19.42 82.59 8.51
C THR S 343 -19.94 81.77 7.35
N TYR T 1 -4.31 124.96 15.66
CA TYR T 1 -4.79 124.36 14.38
C TYR T 1 -6.23 123.88 14.52
N GLU T 2 -7.06 124.21 13.53
CA GLU T 2 -8.46 123.82 13.53
C GLU T 2 -8.60 122.45 12.88
N HIS T 3 -9.03 121.46 13.67
CA HIS T 3 -9.24 120.10 13.19
C HIS T 3 -10.68 119.68 13.49
N ALA T 4 -11.30 119.00 12.53
CA ALA T 4 -12.67 118.52 12.66
C ALA T 4 -12.70 117.03 12.41
N THR T 5 -13.36 116.28 13.30
CA THR T 5 -13.48 114.84 13.17
C THR T 5 -14.87 114.40 13.61
N THR T 6 -15.20 113.15 13.33
CA THR T 6 -16.51 112.60 13.68
C THR T 6 -16.33 111.14 14.06
N MET T 7 -16.81 110.77 15.26
CA MET T 7 -16.67 109.41 15.77
C MET T 7 -18.04 108.83 16.12
N PRO T 8 -18.26 107.53 15.89
CA PRO T 8 -19.57 106.95 16.24
C PRO T 8 -19.84 107.04 17.73
N SER T 9 -21.09 107.31 18.09
CA SER T 9 -21.46 107.46 19.49
C SER T 9 -21.58 106.08 20.11
N GLN T 10 -20.57 105.69 20.88
CA GLN T 10 -20.58 104.40 21.56
C GLN T 10 -19.45 104.34 22.58
N ALA T 11 -19.74 103.82 23.77
CA ALA T 11 -18.81 103.89 24.88
C ALA T 11 -17.93 102.65 24.97
N GLY T 12 -16.66 102.85 25.34
CA GLY T 12 -15.77 101.77 25.68
C GLY T 12 -14.78 101.39 24.61
N ILE T 13 -14.84 101.99 23.42
CA ILE T 13 -14.00 101.62 22.29
C ILE T 13 -13.17 102.83 21.89
N SER T 14 -11.88 102.60 21.66
CA SER T 14 -10.97 103.68 21.31
C SER T 14 -11.22 104.17 19.89
N TYR T 15 -10.80 105.41 19.65
CA TYR T 15 -10.90 106.04 18.34
C TYR T 15 -9.60 106.79 18.09
N ASN T 16 -8.93 106.46 16.98
CA ASN T 16 -7.62 106.99 16.67
C ASN T 16 -7.69 107.90 15.44
N THR T 17 -7.03 109.05 15.53
CA THR T 17 -6.91 109.98 14.41
C THR T 17 -5.51 110.57 14.43
N ILE T 18 -5.17 111.28 13.36
CA ILE T 18 -3.91 112.04 13.30
C ILE T 18 -4.24 113.42 12.74
N VAL T 19 -3.72 114.45 13.39
CA VAL T 19 -3.81 115.81 12.87
C VAL T 19 -2.56 116.09 12.05
N ASN T 20 -2.76 116.59 10.84
CA ASN T 20 -1.73 116.69 9.81
C ASN T 20 -1.52 118.16 9.45
N ARG T 21 -0.31 118.66 9.67
CA ARG T 21 0.14 119.93 9.13
C ARG T 21 1.20 119.64 8.08
N ALA T 22 1.16 120.37 6.97
CA ALA T 22 2.07 120.08 5.86
C ALA T 22 3.52 120.27 6.28
N GLY T 23 3.81 121.34 7.01
CA GLY T 23 5.17 121.65 7.41
C GLY T 23 5.64 121.00 8.69
N TYR T 24 4.75 120.38 9.46
CA TYR T 24 5.08 119.77 10.73
C TYR T 24 4.71 118.30 10.70
N ALA T 25 5.29 117.53 11.63
CA ALA T 25 5.01 116.11 11.69
C ALA T 25 3.57 115.88 12.13
N PRO T 26 2.94 114.78 11.70
CA PRO T 26 1.59 114.48 12.20
C PRO T 26 1.60 114.21 13.70
N LEU T 27 0.50 114.56 14.35
CA LEU T 27 0.34 114.30 15.79
C LEU T 27 -0.82 113.34 16.02
N PRO T 28 -0.63 112.22 16.75
CA PRO T 28 -1.76 111.31 16.99
C PRO T 28 -2.72 111.85 18.03
N ILE T 29 -3.95 111.35 17.97
CA ILE T 29 -5.02 111.70 18.88
C ILE T 29 -5.80 110.43 19.18
N SER T 30 -5.81 110.01 20.44
CA SER T 30 -6.54 108.82 20.87
C SER T 30 -7.64 109.23 21.85
N ILE T 31 -8.88 108.84 21.54
CA ILE T 31 -10.05 109.25 22.30
C ILE T 31 -10.79 108.00 22.74
N THR T 32 -11.05 107.88 24.04
CA THR T 32 -11.82 106.76 24.60
C THR T 32 -12.99 107.32 25.40
N PRO T 33 -14.25 107.14 24.96
CA PRO T 33 -15.39 107.59 25.78
C PRO T 33 -15.61 106.67 26.96
N THR T 34 -15.29 107.17 28.16
CA THR T 34 -15.51 106.39 29.37
C THR T 34 -16.99 106.34 29.73
N LYS T 35 -17.74 107.41 29.43
CA LYS T 35 -19.17 107.43 29.74
C LYS T 35 -19.91 108.34 28.78
N ILE T 36 -21.14 107.94 28.45
CA ILE T 36 -22.06 108.79 27.69
C ILE T 36 -23.44 108.65 28.33
N LYS T 37 -23.98 109.74 28.87
CA LYS T 37 -25.25 109.74 29.57
C LYS T 37 -26.19 110.77 28.97
N LEU T 38 -27.47 110.67 29.31
CA LEU T 38 -28.51 111.54 28.76
C LEU T 38 -29.45 111.93 29.90
N ILE T 39 -29.37 113.17 30.35
CA ILE T 39 -30.16 113.67 31.47
C ILE T 39 -31.35 114.43 30.90
N PRO T 40 -32.59 114.07 31.23
CA PRO T 40 -33.74 114.88 30.82
C PRO T 40 -34.10 115.93 31.86
N THR T 41 -34.85 116.92 31.41
CA THR T 41 -35.43 117.90 32.34
C THR T 41 -36.67 117.30 32.99
N VAL T 42 -36.64 117.21 34.32
CA VAL T 42 -37.66 116.50 35.10
C VAL T 42 -38.46 117.52 35.89
N ASN T 43 -39.79 117.40 35.81
CA ASN T 43 -40.71 118.29 36.50
C ASN T 43 -41.73 117.44 37.25
N LEU T 44 -41.61 117.39 38.58
CA LEU T 44 -42.56 116.64 39.39
C LEU T 44 -43.94 117.29 39.34
N GLU T 45 -44.97 116.44 39.37
CA GLU T 45 -46.37 116.88 39.36
C GLU T 45 -47.11 116.45 40.62
N TYR T 46 -46.97 115.20 41.04
CA TYR T 46 -47.69 114.71 42.20
C TYR T 46 -46.99 113.45 42.73
N VAL T 47 -47.58 112.88 43.78
CA VAL T 47 -47.14 111.61 44.35
C VAL T 47 -48.37 110.79 44.71
N THR T 48 -48.17 109.49 44.83
CA THR T 48 -49.24 108.56 45.19
C THR T 48 -48.69 107.45 46.07
N CYS T 49 -49.59 106.79 46.80
CA CYS T 49 -49.21 105.71 47.70
C CYS T 49 -50.47 104.93 48.06
N HIS T 50 -50.33 103.98 48.97
CA HIS T 50 -51.47 103.20 49.44
C HIS T 50 -52.37 104.06 50.32
N TYR T 51 -53.68 103.88 50.14
CA TYR T 51 -54.66 104.66 50.89
C TYR T 51 -54.92 104.04 52.25
N LYS T 52 -55.77 104.69 53.05
CA LYS T 52 -56.19 104.14 54.32
C LYS T 52 -57.64 104.55 54.58
N THR T 53 -58.48 103.58 54.90
CA THR T 53 -59.90 103.79 55.16
C THR T 53 -60.06 104.34 56.57
N GLY T 54 -60.06 105.67 56.69
CA GLY T 54 -60.22 106.29 57.99
C GLY T 54 -61.68 106.48 58.33
N MET T 55 -62.20 105.66 59.24
CA MET T 55 -63.59 105.72 59.65
C MET T 55 -63.71 106.44 60.99
N ASP T 56 -64.72 107.29 61.09
CA ASP T 56 -65.02 107.99 62.32
C ASP T 56 -65.83 107.08 63.24
N SER T 57 -65.72 107.34 64.54
CA SER T 57 -66.47 106.55 65.51
C SER T 57 -67.96 106.75 65.28
N PRO T 58 -68.79 105.69 65.27
CA PRO T 58 -70.21 105.90 65.00
C PRO T 58 -70.85 106.79 66.06
N ALA T 59 -71.78 107.63 65.62
CA ALA T 59 -72.54 108.49 66.54
C ALA T 59 -73.93 107.88 66.73
N ILE T 60 -74.26 107.54 67.96
CA ILE T 60 -75.51 106.86 68.30
C ILE T 60 -76.30 107.77 69.23
N LYS T 61 -77.58 107.98 68.92
CA LYS T 61 -78.48 108.69 69.83
C LYS T 61 -79.85 108.02 69.74
N CYS T 62 -80.34 107.53 70.87
CA CYS T 62 -81.62 106.84 70.91
C CYS T 62 -82.74 107.82 71.26
N CYS T 63 -83.88 107.64 70.61
CA CYS T 63 -85.04 108.53 70.76
C CYS T 63 -84.64 109.98 70.47
N GLY T 64 -83.95 110.17 69.35
CA GLY T 64 -83.53 111.49 68.93
C GLY T 64 -83.45 111.62 67.42
N SER T 65 -82.76 112.66 66.94
CA SER T 65 -82.61 112.90 65.50
C SER T 65 -81.28 113.62 65.28
N GLN T 66 -80.27 112.87 64.85
CA GLN T 66 -78.97 113.44 64.56
C GLN T 66 -78.97 114.11 63.19
N GLU T 67 -77.86 114.74 62.84
CA GLU T 67 -77.72 115.46 61.58
C GLU T 67 -76.35 115.19 60.98
N CYS T 68 -76.26 115.37 59.67
CA CYS T 68 -75.00 115.20 58.95
C CYS T 68 -74.27 116.53 58.87
N THR T 69 -73.01 116.55 59.32
CA THR T 69 -72.20 117.74 59.36
C THR T 69 -71.06 117.64 58.35
N PRO T 70 -70.96 118.55 57.37
CA PRO T 70 -69.87 118.42 56.39
C PRO T 70 -68.51 118.76 56.99
N THR T 71 -67.48 118.11 56.45
CA THR T 71 -66.09 118.38 56.82
C THR T 71 -65.19 118.64 55.61
N TYR T 72 -65.67 118.36 54.40
CA TYR T 72 -64.92 118.63 53.16
C TYR T 72 -63.62 117.84 53.08
N ARG T 73 -63.59 116.65 53.70
CA ARG T 73 -62.42 115.80 53.54
C ARG T 73 -62.48 115.07 52.19
N PRO T 74 -61.34 114.61 51.67
CA PRO T 74 -61.33 113.99 50.34
C PRO T 74 -62.22 112.75 50.29
N ASP T 75 -63.16 112.75 49.35
CA ASP T 75 -64.08 111.62 49.13
C ASP T 75 -64.83 111.28 50.42
N GLU T 76 -65.14 112.29 51.22
CA GLU T 76 -65.80 112.07 52.49
C GLU T 76 -67.23 111.59 52.26
N GLN T 77 -67.64 110.59 53.04
CA GLN T 77 -69.00 110.06 53.00
C GLN T 77 -69.63 110.17 54.38
N CYS T 78 -70.88 110.63 54.40
CA CYS T 78 -71.64 110.73 55.64
C CYS T 78 -73.05 110.21 55.38
N LYS T 79 -73.59 109.48 56.36
CA LYS T 79 -74.95 108.96 56.20
C LYS T 79 -75.56 108.74 57.57
N VAL T 80 -76.89 108.64 57.58
CA VAL T 80 -77.67 108.47 58.80
C VAL T 80 -78.69 107.36 58.58
N PHE T 81 -78.89 106.54 59.60
CA PHE T 81 -79.81 105.42 59.54
C PHE T 81 -80.64 105.36 60.82
N THR T 82 -81.79 104.72 60.71
CA THR T 82 -82.75 104.61 61.81
C THR T 82 -83.22 103.16 61.92
N GLY T 83 -83.73 102.81 63.10
CA GLY T 83 -84.27 101.49 63.34
C GLY T 83 -83.27 100.45 63.80
N VAL T 84 -82.07 100.86 64.20
CA VAL T 84 -81.03 99.94 64.66
C VAL T 84 -81.10 99.86 66.18
N TYR T 85 -80.71 98.69 66.71
CA TYR T 85 -80.76 98.41 68.14
C TYR T 85 -79.37 97.99 68.61
N PRO T 86 -78.54 98.94 69.04
CA PRO T 86 -77.15 98.59 69.42
C PRO T 86 -77.10 97.67 70.64
N PHE T 87 -76.02 96.88 70.68
CA PHE T 87 -75.71 95.99 71.79
C PHE T 87 -74.28 96.27 72.25
N MET T 88 -73.94 95.70 73.41
CA MET T 88 -72.59 95.77 73.95
C MET T 88 -72.30 94.44 74.63
N TRP T 89 -71.19 94.39 75.39
CA TRP T 89 -70.85 93.17 76.12
C TRP T 89 -71.77 92.91 77.31
N GLY T 90 -72.56 93.91 77.73
CA GLY T 90 -73.41 93.77 78.89
C GLY T 90 -74.84 94.22 78.66
N GLY T 91 -75.35 94.00 77.44
CA GLY T 91 -76.72 94.27 77.10
C GLY T 91 -76.81 95.34 76.02
N ALA T 92 -77.94 96.03 76.00
CA ALA T 92 -78.23 97.05 75.00
C ALA T 92 -77.86 98.43 75.54
N TYR T 93 -77.39 99.30 74.65
CA TYR T 93 -77.00 100.65 75.05
C TYR T 93 -78.20 101.42 75.59
N CYS T 94 -79.31 101.42 74.85
CA CYS T 94 -80.48 102.20 75.20
C CYS T 94 -81.73 101.32 75.24
N PHE T 95 -82.89 101.95 75.43
CA PHE T 95 -84.15 101.24 75.64
C PHE T 95 -85.15 101.40 74.50
N CYS T 96 -85.13 102.54 73.79
CA CYS T 96 -86.12 102.79 72.77
C CYS T 96 -86.10 101.71 71.69
N ASP T 97 -87.29 101.19 71.38
CA ASP T 97 -87.39 100.17 70.32
C ASP T 97 -87.13 100.78 68.95
N THR T 98 -87.65 101.98 68.70
CA THR T 98 -87.47 102.67 67.43
C THR T 98 -86.96 104.09 67.67
N GLU T 99 -86.90 104.90 66.62
CA GLU T 99 -86.43 106.28 66.69
C GLU T 99 -84.97 106.36 67.10
N ASN T 100 -84.20 105.28 66.91
CA ASN T 100 -82.78 105.26 67.26
C ASN T 100 -81.96 105.66 66.04
N THR T 101 -81.26 106.79 66.14
CA THR T 101 -80.53 107.36 65.03
C THR T 101 -79.04 107.05 65.15
N GLN T 102 -78.44 106.66 64.03
CA GLN T 102 -77.03 106.32 63.96
C GLN T 102 -76.42 107.02 62.75
N VAL T 103 -75.44 107.89 63.01
CA VAL T 103 -74.71 108.60 61.95
C VAL T 103 -73.35 107.95 61.80
N SER T 104 -72.98 107.66 60.55
CA SER T 104 -71.71 107.06 60.20
C SER T 104 -70.99 107.96 59.20
N LYS T 105 -69.73 108.26 59.50
CA LYS T 105 -68.88 109.09 58.65
C LYS T 105 -67.60 108.33 58.33
N ALA T 106 -67.14 108.47 57.09
CA ALA T 106 -65.95 107.77 56.63
C ALA T 106 -65.19 108.67 55.66
N TYR T 107 -63.89 108.41 55.54
CA TYR T 107 -63.03 109.19 54.67
C TYR T 107 -61.82 108.34 54.33
N VAL T 108 -60.96 108.90 53.47
CA VAL T 108 -59.73 108.24 53.03
C VAL T 108 -58.56 109.15 53.36
N MET T 109 -57.53 108.58 53.98
CA MET T 109 -56.35 109.33 54.40
C MET T 109 -55.09 108.66 53.87
N LYS T 110 -54.01 109.43 53.82
CA LYS T 110 -52.74 108.90 53.35
C LYS T 110 -52.19 107.90 54.36
N SER T 111 -51.66 106.79 53.84
CA SER T 111 -51.15 105.72 54.71
C SER T 111 -49.91 106.19 55.46
N ASP T 112 -49.44 105.37 56.40
CA ASP T 112 -48.31 105.72 57.26
C ASP T 112 -46.96 105.33 56.68
N ASP T 113 -46.92 104.75 55.47
CA ASP T 113 -45.69 104.31 54.84
C ASP T 113 -45.39 105.06 53.54
N CYS T 114 -45.91 106.29 53.40
CA CYS T 114 -45.63 107.07 52.20
C CYS T 114 -44.15 107.38 52.07
N LEU T 115 -43.50 107.71 53.19
CA LEU T 115 -42.08 108.06 53.16
C LEU T 115 -41.19 106.88 52.78
N ALA T 116 -41.69 105.65 52.83
CA ALA T 116 -40.93 104.46 52.48
C ALA T 116 -41.21 103.96 51.08
N ASP T 117 -42.48 103.80 50.71
CA ASP T 117 -42.88 103.37 49.37
C ASP T 117 -43.87 104.38 48.82
N HIS T 118 -43.59 104.89 47.63
CA HIS T 118 -44.48 105.83 46.96
C HIS T 118 -43.98 106.01 45.53
N ALA T 119 -44.93 106.22 44.62
CA ALA T 119 -44.64 106.40 43.21
C ALA T 119 -44.70 107.88 42.85
N GLU T 120 -43.80 108.31 41.96
CA GLU T 120 -43.68 109.70 41.55
C GLU T 120 -43.94 109.82 40.06
N ALA T 121 -44.49 110.97 39.67
CA ALA T 121 -44.77 111.28 38.27
C ALA T 121 -43.83 112.37 37.78
N TYR T 122 -43.40 112.25 36.53
CA TYR T 122 -42.46 113.19 35.95
C TYR T 122 -42.82 113.43 34.48
N LYS T 123 -42.46 114.60 33.99
CA LYS T 123 -42.61 114.97 32.58
C LYS T 123 -41.23 115.28 32.01
N ALA T 124 -40.91 114.64 30.89
CA ALA T 124 -39.58 114.72 30.28
C ALA T 124 -39.65 115.47 28.95
N HIS T 125 -38.65 116.31 28.71
CA HIS T 125 -38.57 117.07 27.47
C HIS T 125 -37.22 117.77 27.42
N THR T 126 -36.80 118.10 26.19
CA THR T 126 -35.55 118.79 25.87
C THR T 126 -34.37 118.26 26.72
N ALA T 127 -34.13 116.97 26.59
CA ALA T 127 -33.04 116.33 27.31
C ALA T 127 -31.69 116.76 26.73
N SER T 128 -30.67 116.70 27.59
CA SER T 128 -29.30 117.07 27.21
C SER T 128 -28.37 115.90 27.46
N VAL T 129 -27.44 115.69 26.53
CA VAL T 129 -26.48 114.58 26.59
C VAL T 129 -25.19 115.10 27.20
N GLN T 130 -24.52 114.22 27.95
CA GLN T 130 -23.25 114.53 28.60
C GLN T 130 -22.30 113.37 28.34
N ALA T 131 -21.00 113.66 28.42
CA ALA T 131 -20.00 112.65 28.10
C ALA T 131 -18.77 112.84 28.97
N PHE T 132 -18.25 111.72 29.49
CA PHE T 132 -16.96 111.66 30.14
C PHE T 132 -15.98 111.01 29.17
N LEU T 133 -14.93 111.76 28.81
CA LEU T 133 -13.98 111.37 27.79
C LEU T 133 -12.60 111.19 28.41
N ASN T 134 -11.77 110.37 27.77
CA ASN T 134 -10.34 110.33 28.02
C ASN T 134 -9.64 110.68 26.71
N ILE T 135 -8.84 111.74 26.75
CA ILE T 135 -8.25 112.35 25.56
C ILE T 135 -6.73 112.25 25.69
N THR T 136 -6.08 111.76 24.63
CA THR T 136 -4.63 111.66 24.57
C THR T 136 -4.18 112.36 23.28
N VAL T 137 -3.72 113.60 23.42
CA VAL T 137 -3.18 114.39 22.32
C VAL T 137 -1.72 114.65 22.61
N GLY T 138 -0.84 114.20 21.72
CA GLY T 138 0.58 114.35 21.93
C GLY T 138 1.05 113.63 23.18
N GLU T 139 0.62 112.38 23.34
CA GLU T 139 0.92 111.54 24.50
C GLU T 139 0.75 112.31 25.81
N HIS T 140 -0.47 112.79 26.01
CA HIS T 140 -0.87 113.47 27.25
C HIS T 140 -2.30 113.08 27.56
N SER T 141 -2.47 112.16 28.51
CA SER T 141 -3.79 111.61 28.83
C SER T 141 -4.49 112.46 29.89
N ILE T 142 -5.70 112.89 29.58
CA ILE T 142 -6.53 113.66 30.52
C ILE T 142 -7.96 113.14 30.46
N VAL T 143 -8.57 112.99 31.63
CA VAL T 143 -9.98 112.63 31.76
C VAL T 143 -10.78 113.92 31.94
N THR T 144 -11.81 114.10 31.13
CA THR T 144 -12.53 115.36 31.06
C THR T 144 -14.02 115.12 30.98
N THR T 145 -14.79 116.10 31.46
CA THR T 145 -16.23 116.15 31.28
C THR T 145 -16.55 117.29 30.33
N VAL T 146 -17.32 116.99 29.27
CA VAL T 146 -17.58 117.94 28.20
C VAL T 146 -19.09 118.02 27.96
N TYR T 147 -19.52 119.17 27.46
CA TYR T 147 -20.92 119.40 27.13
C TYR T 147 -21.09 119.30 25.62
N VAL T 148 -22.02 118.46 25.19
CA VAL T 148 -22.17 118.17 23.76
C VAL T 148 -22.65 119.38 22.96
N ASN T 149 -23.25 120.36 23.61
CA ASN T 149 -23.82 121.52 22.93
C ASN T 149 -22.75 122.24 22.12
N GLY T 150 -23.16 123.14 21.23
CA GLY T 150 -22.25 123.81 20.33
C GLY T 150 -21.46 124.94 20.96
N GLU T 151 -21.48 125.03 22.29
CA GLU T 151 -20.72 126.04 23.02
C GLU T 151 -20.05 125.34 24.21
N THR T 152 -19.50 126.14 25.12
CA THR T 152 -18.90 125.63 26.35
C THR T 152 -17.74 124.68 26.05
N PRO T 153 -16.63 125.18 25.51
CA PRO T 153 -15.48 124.31 25.27
C PRO T 153 -14.79 123.93 26.58
N VAL T 154 -13.88 122.96 26.47
CA VAL T 154 -13.08 122.49 27.59
C VAL T 154 -11.62 122.80 27.29
N ASN T 155 -10.91 123.30 28.31
CA ASN T 155 -9.55 123.80 28.16
C ASN T 155 -8.58 123.01 29.01
N PHE T 156 -7.39 122.75 28.46
CA PHE T 156 -6.30 122.14 29.20
C PHE T 156 -5.02 122.24 28.35
N ASN T 157 -3.96 122.75 28.95
CA ASN T 157 -2.63 122.84 28.31
C ASN T 157 -2.70 123.57 26.98
N GLY T 158 -3.59 124.57 26.89
CA GLY T 158 -3.74 125.35 25.68
C GLY T 158 -4.60 124.74 24.61
N VAL T 159 -5.05 123.50 24.80
CA VAL T 159 -5.86 122.79 23.81
C VAL T 159 -7.33 123.03 24.12
N LYS T 160 -8.10 123.40 23.11
CA LYS T 160 -9.54 123.60 23.25
C LYS T 160 -10.29 122.55 22.46
N ILE T 161 -11.32 121.97 23.06
CA ILE T 161 -12.11 120.90 22.44
C ILE T 161 -13.58 121.26 22.56
N THR T 162 -14.31 121.10 21.46
CA THR T 162 -15.74 121.38 21.44
C THR T 162 -16.47 120.25 20.72
N ALA T 163 -17.47 119.68 21.38
CA ALA T 163 -18.32 118.66 20.79
C ALA T 163 -19.54 119.30 20.17
N GLY T 164 -19.89 118.88 18.97
CA GLY T 164 -21.03 119.44 18.27
C GLY T 164 -22.33 118.75 18.65
N PRO T 165 -23.43 119.24 18.07
CA PRO T 165 -24.73 118.65 18.39
C PRO T 165 -24.86 117.23 17.88
N LEU T 166 -25.74 116.47 18.54
CA LEU T 166 -25.96 115.09 18.17
C LEU T 166 -26.59 114.99 16.78
N SER T 167 -26.28 113.91 16.08
CA SER T 167 -26.85 113.69 14.76
C SER T 167 -28.35 113.42 14.84
N THR T 168 -28.82 112.87 15.96
CA THR T 168 -30.24 112.56 16.16
C THR T 168 -30.66 113.04 17.53
N ALA T 169 -31.84 113.66 17.60
CA ALA T 169 -32.40 114.14 18.86
C ALA T 169 -33.27 113.09 19.54
N TRP T 170 -33.08 111.80 19.21
CA TRP T 170 -33.88 110.74 19.79
C TRP T 170 -33.56 110.57 21.27
N THR T 171 -34.59 110.22 22.05
CA THR T 171 -34.45 109.91 23.46
C THR T 171 -35.28 108.68 23.78
N PRO T 172 -34.91 107.93 24.83
CA PRO T 172 -35.70 106.75 25.20
C PRO T 172 -36.94 107.05 26.03
N PHE T 173 -37.11 108.29 26.47
CA PHE T 173 -38.18 108.66 27.39
C PHE T 173 -39.29 109.38 26.64
N ASP T 174 -40.52 108.97 26.91
CA ASP T 174 -41.70 109.60 26.32
C ASP T 174 -42.06 110.84 27.14
N ARG T 175 -43.26 111.38 26.88
CA ARG T 175 -43.71 112.57 27.60
C ARG T 175 -43.74 112.33 29.10
N LYS T 176 -44.38 111.23 29.53
CA LYS T 176 -44.65 110.97 30.94
C LYS T 176 -43.83 109.80 31.44
N ILE T 177 -43.42 109.89 32.71
CA ILE T 177 -42.63 108.86 33.38
C ILE T 177 -43.21 108.61 34.76
N VAL T 178 -43.23 107.35 35.17
CA VAL T 178 -43.62 106.94 36.51
C VAL T 178 -42.41 106.28 37.16
N GLN T 179 -41.87 106.90 38.21
CA GLN T 179 -40.73 106.39 38.95
C GLN T 179 -41.19 105.71 40.22
N TYR T 180 -40.68 104.51 40.47
CA TYR T 180 -41.07 103.77 41.66
C TYR T 180 -40.09 102.65 41.94
N ALA T 181 -39.79 102.46 43.23
CA ALA T 181 -39.04 101.31 43.72
C ALA T 181 -37.68 101.16 43.06
N GLY T 182 -37.08 102.27 42.63
CA GLY T 182 -35.79 102.21 41.99
C GLY T 182 -35.82 101.80 40.54
N GLU T 183 -36.90 102.08 39.82
CA GLU T 183 -36.93 101.93 38.38
C GLU T 183 -37.95 102.92 37.83
N ILE T 184 -38.22 102.83 36.52
CA ILE T 184 -39.19 103.68 35.85
C ILE T 184 -40.09 102.81 34.99
N TYR T 185 -41.23 103.37 34.60
CA TYR T 185 -42.19 102.69 33.74
C TYR T 185 -42.80 103.72 32.80
N ASN T 186 -42.90 103.38 31.53
CA ASN T 186 -43.41 104.30 30.50
C ASN T 186 -44.94 104.24 30.42
N TYR T 187 -45.59 104.44 31.57
CA TYR T 187 -47.04 104.39 31.66
C TYR T 187 -47.64 105.77 31.40
N ASP T 188 -48.87 105.78 30.90
CA ASP T 188 -49.62 107.00 30.64
C ASP T 188 -50.63 107.19 31.76
N PHE T 189 -50.36 108.15 32.68
CA PHE T 189 -51.21 108.35 33.83
C PHE T 189 -52.24 109.44 33.58
N PRO T 190 -53.40 109.42 34.23
CA PRO T 190 -54.35 110.52 34.09
C PRO T 190 -53.84 111.78 34.78
N GLU T 191 -54.27 112.92 34.24
CA GLU T 191 -53.81 114.21 34.73
C GLU T 191 -54.21 114.41 36.20
N TYR T 192 -53.64 115.44 36.82
CA TYR T 192 -53.97 115.76 38.20
C TYR T 192 -55.45 116.06 38.34
N GLY T 193 -56.07 115.45 39.34
CA GLY T 193 -57.49 115.59 39.57
C GLY T 193 -58.36 114.71 38.70
N ALA T 194 -57.78 113.95 37.78
CA ALA T 194 -58.52 113.06 36.89
C ALA T 194 -58.48 111.60 37.34
N GLY T 195 -58.18 111.36 38.62
CA GLY T 195 -58.12 109.99 39.10
C GLY T 195 -59.46 109.30 38.96
N GLN T 196 -59.40 108.04 38.53
CA GLN T 196 -60.58 107.19 38.35
C GLN T 196 -60.40 105.98 39.25
N PRO T 197 -61.44 105.53 39.96
CA PRO T 197 -61.25 104.41 40.89
C PRO T 197 -60.86 103.13 40.18
N GLY T 198 -60.02 102.34 40.85
CA GLY T 198 -59.60 101.05 40.32
C GLY T 198 -58.44 101.10 39.37
N ALA T 199 -57.77 102.25 39.22
CA ALA T 199 -56.63 102.39 38.33
C ALA T 199 -55.53 103.15 39.05
N PHE T 200 -54.42 103.36 38.34
CA PHE T 200 -53.26 104.04 38.91
C PHE T 200 -53.62 105.47 39.30
N GLY T 201 -53.01 105.97 40.36
CA GLY T 201 -53.28 107.33 40.81
C GLY T 201 -54.66 107.51 41.39
N ASP T 202 -55.14 106.54 42.17
CA ASP T 202 -56.43 106.69 42.83
C ASP T 202 -56.41 107.85 43.81
N ILE T 203 -55.38 107.93 44.65
CA ILE T 203 -55.22 108.97 45.64
C ILE T 203 -54.02 109.81 45.22
N GLN T 204 -54.23 111.11 45.05
CA GLN T 204 -53.23 112.02 44.50
C GLN T 204 -52.82 113.04 45.55
N SER T 205 -51.51 113.27 45.67
CA SER T 205 -50.96 114.30 46.53
C SER T 205 -49.86 115.04 45.78
N ARG T 206 -49.82 116.36 45.95
CA ARG T 206 -48.84 117.16 45.21
C ARG T 206 -47.42 116.83 45.67
N THR T 207 -47.21 116.64 46.96
CA THR T 207 -45.91 116.33 47.51
C THR T 207 -46.07 115.39 48.69
N VAL T 208 -44.97 114.76 49.08
CA VAL T 208 -45.01 113.80 50.18
C VAL T 208 -45.41 114.49 51.48
N SER T 209 -44.86 115.68 51.74
CA SER T 209 -45.18 116.45 52.93
C SER T 209 -46.37 117.39 52.72
N SER T 210 -47.22 117.12 51.74
CA SER T 210 -48.34 117.99 51.46
C SER T 210 -49.41 117.85 52.54
N SER T 211 -50.47 118.65 52.40
CA SER T 211 -51.62 118.62 53.29
C SER T 211 -52.95 118.48 52.57
N ASP T 212 -53.01 118.77 51.27
CA ASP T 212 -54.23 118.62 50.47
C ASP T 212 -54.05 117.46 49.51
N LEU T 213 -55.04 116.58 49.46
CA LEU T 213 -54.99 115.40 48.60
C LEU T 213 -56.35 115.17 47.97
N TYR T 214 -56.34 114.58 46.78
CA TYR T 214 -57.53 114.29 46.01
C TYR T 214 -57.80 112.79 46.04
N ALA T 215 -59.07 112.42 46.22
CA ALA T 215 -59.47 111.02 46.31
C ALA T 215 -60.77 110.82 45.55
N ASN T 216 -60.79 109.80 44.69
CA ASN T 216 -62.01 109.35 43.98
C ASN T 216 -62.02 107.84 44.11
N THR T 217 -62.62 107.34 45.19
CA THR T 217 -62.59 105.92 45.53
C THR T 217 -63.94 105.23 45.38
N ASN T 218 -64.98 105.96 44.98
CA ASN T 218 -66.33 105.40 44.91
C ASN T 218 -66.78 104.84 46.25
N LEU T 219 -66.43 105.54 47.33
CA LEU T 219 -66.73 105.07 48.67
C LEU T 219 -68.24 104.99 48.88
N VAL T 220 -68.72 103.81 49.25
CA VAL T 220 -70.14 103.57 49.49
C VAL T 220 -70.30 102.89 50.84
N LEU T 221 -71.40 103.23 51.52
CA LEU T 221 -71.67 102.79 52.89
C LEU T 221 -72.99 102.03 52.90
N GLN T 222 -73.03 100.93 53.66
CA GLN T 222 -74.18 100.04 53.70
C GLN T 222 -74.90 100.15 55.04
N ARG T 223 -76.14 99.65 55.06
CA ARG T 223 -76.92 99.67 56.29
C ARG T 223 -76.25 98.76 57.32
N PRO T 224 -76.15 99.18 58.59
CA PRO T 224 -75.54 98.30 59.59
C PRO T 224 -76.40 97.08 59.88
N LYS T 225 -75.73 96.00 60.25
CA LYS T 225 -76.42 94.78 60.66
C LYS T 225 -77.11 94.98 62.01
N ALA T 226 -78.24 94.31 62.17
CA ALA T 226 -79.02 94.40 63.41
C ALA T 226 -78.30 93.68 64.54
N GLY T 227 -78.15 94.35 65.67
CA GLY T 227 -77.57 93.76 66.84
C GLY T 227 -76.08 93.98 67.01
N ALA T 228 -75.55 95.11 66.57
CA ALA T 228 -74.11 95.38 66.65
C ALA T 228 -73.90 96.87 66.44
N ILE T 229 -72.64 97.31 66.52
CA ILE T 229 -72.23 98.64 66.13
C ILE T 229 -71.01 98.52 65.22
N HIS T 230 -71.11 99.11 64.03
CA HIS T 230 -70.01 99.12 63.07
C HIS T 230 -70.44 99.95 61.87
N VAL T 231 -69.46 100.33 61.05
CA VAL T 231 -69.69 101.13 59.85
C VAL T 231 -69.37 100.26 58.64
N PRO T 232 -70.31 99.50 58.10
CA PRO T 232 -70.00 98.67 56.93
C PRO T 232 -69.81 99.54 55.69
N TYR T 233 -68.64 99.43 55.08
CA TYR T 233 -68.27 100.21 53.90
C TYR T 233 -67.76 99.26 52.82
N THR T 234 -67.72 99.76 51.59
CA THR T 234 -67.14 98.99 50.50
C THR T 234 -66.66 99.97 49.44
N GLN T 235 -65.51 99.65 48.85
CA GLN T 235 -64.95 100.46 47.76
C GLN T 235 -64.07 99.56 46.91
N ALA T 236 -63.59 100.13 45.80
CA ALA T 236 -62.76 99.36 44.89
C ALA T 236 -61.42 99.03 45.53
N PRO T 237 -60.76 97.96 45.09
CA PRO T 237 -59.41 97.69 45.62
C PRO T 237 -58.43 98.77 45.21
N SER T 238 -57.34 98.87 45.96
CA SER T 238 -56.34 99.90 45.69
C SER T 238 -55.75 99.74 44.29
N GLY T 239 -56.01 100.73 43.44
CA GLY T 239 -55.49 100.69 42.09
C GLY T 239 -53.98 100.63 42.05
N PHE T 240 -53.32 101.14 43.07
CA PHE T 240 -51.86 101.03 43.16
C PHE T 240 -51.44 99.56 43.25
N GLU T 241 -52.11 98.78 44.11
CA GLU T 241 -51.80 97.36 44.20
C GLU T 241 -52.21 96.63 42.93
N GLN T 242 -53.30 97.05 42.31
CA GLN T 242 -53.69 96.43 41.04
C GLN T 242 -52.62 96.66 39.97
N TRP T 243 -52.07 97.87 39.92
CA TRP T 243 -50.98 98.15 39.00
C TRP T 243 -49.73 97.35 39.36
N LYS T 244 -49.46 97.18 40.66
CA LYS T 244 -48.36 96.34 41.09
C LYS T 244 -48.51 94.93 40.53
N LYS T 245 -49.73 94.38 40.59
CA LYS T 245 -49.97 93.06 40.02
C LYS T 245 -49.88 93.07 38.50
N ASP T 246 -50.28 94.17 37.87
CA ASP T 246 -50.30 94.30 36.41
C ASP T 246 -49.06 95.03 35.91
N LYS T 247 -47.95 94.92 36.63
CA LYS T 247 -46.69 95.50 36.20
C LYS T 247 -46.28 94.97 34.83
N ALA T 248 -45.84 95.87 33.95
CA ALA T 248 -45.20 95.52 32.70
C ALA T 248 -43.69 95.59 32.87
N PRO T 249 -42.91 95.00 31.95
CA PRO T 249 -41.46 95.10 32.06
C PRO T 249 -40.99 96.56 31.99
N SER T 250 -39.95 96.85 32.73
CA SER T 250 -39.49 98.23 32.91
C SER T 250 -38.61 98.67 31.75
N LEU T 251 -38.20 99.94 31.80
CA LEU T 251 -37.32 100.48 30.76
C LEU T 251 -35.95 99.80 30.80
N LYS T 252 -35.52 99.36 31.98
CA LYS T 252 -34.26 98.64 32.13
C LYS T 252 -34.25 97.39 31.25
N PHE T 253 -35.43 96.83 30.98
CA PHE T 253 -35.56 95.63 30.17
C PHE T 253 -36.35 95.84 28.88
N THR T 254 -36.71 97.09 28.54
CA THR T 254 -37.45 97.37 27.31
C THR T 254 -36.91 98.57 26.54
N ALA T 255 -35.79 99.15 26.97
CA ALA T 255 -35.28 100.33 26.28
C ALA T 255 -34.73 99.92 24.92
N PRO T 256 -35.19 100.52 23.81
CA PRO T 256 -34.59 100.19 22.52
C PRO T 256 -33.13 100.67 22.47
N PHE T 257 -32.35 99.99 21.63
CA PHE T 257 -30.90 100.16 21.57
C PHE T 257 -30.21 99.76 22.88
N GLY T 258 -30.88 98.99 23.73
CA GLY T 258 -30.26 98.45 24.92
C GLY T 258 -29.74 99.50 25.88
N CYS T 259 -30.46 100.61 26.03
CA CYS T 259 -29.97 101.70 26.86
C CYS T 259 -30.19 101.38 28.34
N GLU T 260 -29.20 101.73 29.16
CA GLU T 260 -29.21 101.43 30.58
C GLU T 260 -29.68 102.65 31.35
N ILE T 261 -30.72 102.47 32.16
CA ILE T 261 -31.35 103.54 32.92
C ILE T 261 -30.97 103.38 34.38
N TYR T 262 -30.60 104.50 35.02
CA TYR T 262 -30.29 104.54 36.44
C TYR T 262 -31.23 105.54 37.13
N THR T 263 -31.28 105.44 38.46
CA THR T 263 -32.43 105.91 39.22
C THR T 263 -32.25 107.30 39.81
N ASN T 264 -31.23 107.49 40.66
CA ASN T 264 -31.20 108.63 41.58
C ASN T 264 -31.22 109.96 40.82
N PRO T 265 -30.27 110.25 39.90
CA PRO T 265 -30.62 111.08 38.74
C PRO T 265 -31.18 110.21 37.63
N ILE T 266 -32.42 110.51 37.22
CA ILE T 266 -33.02 109.78 36.10
C ILE T 266 -32.17 110.04 34.87
N ARG T 267 -31.58 108.99 34.31
CA ARG T 267 -30.65 109.13 33.20
C ARG T 267 -30.63 107.86 32.38
N ALA T 268 -30.18 107.99 31.13
CA ALA T 268 -29.92 106.86 30.24
C ALA T 268 -28.45 106.90 29.84
N GLU T 269 -27.84 105.72 29.71
CA GLU T 269 -26.38 105.62 29.69
C GLU T 269 -25.91 104.63 28.63
N ASN T 270 -24.71 104.89 28.13
CA ASN T 270 -23.86 103.99 27.33
C ASN T 270 -24.67 103.12 26.35
N CYS T 271 -25.35 103.79 25.43
CA CYS T 271 -26.01 103.10 24.32
C CYS T 271 -25.83 103.90 23.04
N ALA T 272 -25.60 103.18 21.95
CA ALA T 272 -25.06 103.76 20.73
C ALA T 272 -26.19 104.15 19.79
N VAL T 273 -26.25 105.43 19.43
CA VAL T 273 -27.15 105.91 18.38
C VAL T 273 -26.47 107.11 17.72
N GLY T 274 -26.19 107.00 16.43
CA GLY T 274 -25.62 108.11 15.69
C GLY T 274 -24.13 108.29 15.91
N SER T 275 -23.68 109.51 15.64
CA SER T 275 -22.27 109.85 15.73
C SER T 275 -22.13 111.27 16.28
N ILE T 276 -20.99 111.53 16.89
CA ILE T 276 -20.70 112.81 17.54
C ILE T 276 -19.54 113.47 16.80
N PRO T 277 -19.63 114.74 16.42
CA PRO T 277 -18.46 115.44 15.88
C PRO T 277 -17.69 116.20 16.95
N LEU T 278 -16.38 116.29 16.73
CA LEU T 278 -15.46 116.97 17.63
C LEU T 278 -14.63 117.98 16.85
N ALA T 279 -14.34 119.10 17.49
CA ALA T 279 -13.52 120.17 16.93
C ALA T 279 -12.39 120.47 17.90
N PHE T 280 -11.17 120.50 17.38
CA PHE T 280 -9.96 120.71 18.17
C PHE T 280 -9.26 121.97 17.71
N ASP T 281 -8.98 122.86 18.65
CA ASP T 281 -8.08 124.00 18.46
C ASP T 281 -6.82 123.70 19.25
N ILE T 282 -5.74 123.40 18.54
CA ILE T 282 -4.49 122.92 19.13
C ILE T 282 -3.44 124.00 18.91
N PRO T 283 -2.74 124.48 19.95
CA PRO T 283 -1.71 125.50 19.71
C PRO T 283 -0.50 124.93 19.00
N ASP T 284 0.24 125.81 18.34
CA ASP T 284 1.44 125.41 17.62
C ASP T 284 2.58 124.97 18.53
N ALA T 285 2.48 125.24 19.83
CA ALA T 285 3.57 124.87 20.74
C ALA T 285 3.78 123.37 20.79
N LEU T 286 2.73 122.58 20.63
CA LEU T 286 2.81 121.13 20.71
C LEU T 286 3.26 120.48 19.42
N PHE T 287 3.30 121.20 18.31
CA PHE T 287 3.74 120.65 17.03
C PHE T 287 5.26 120.60 16.98
N THR T 288 5.77 119.67 16.17
CA THR T 288 7.20 119.44 16.02
C THR T 288 7.55 119.38 14.55
N ARG T 289 8.78 119.79 14.22
CA ARG T 289 9.22 119.84 12.84
C ARG T 289 9.39 118.44 12.27
N VAL T 290 9.31 118.36 10.93
CA VAL T 290 9.53 117.09 10.25
C VAL T 290 10.98 116.64 10.41
N SER T 291 11.93 117.58 10.30
CA SER T 291 13.34 117.22 10.40
C SER T 291 13.69 116.65 11.76
N GLU T 292 12.98 117.06 12.81
CA GLU T 292 13.22 116.57 14.15
C GLU T 292 12.49 115.26 14.45
N THR T 293 11.72 114.73 13.48
CA THR T 293 11.04 113.46 13.60
C THR T 293 11.55 112.48 12.54
N PRO T 294 11.39 111.18 12.75
CA PRO T 294 11.90 110.22 11.76
C PRO T 294 11.26 110.39 10.39
N THR T 295 12.08 110.66 9.39
CA THR T 295 11.68 110.68 7.99
C THR T 295 12.27 109.45 7.31
N LEU T 296 11.44 108.72 6.57
CA LEU T 296 11.79 107.40 6.07
C LEU T 296 11.55 107.31 4.57
N SER T 297 11.89 106.14 4.01
CA SER T 297 11.69 105.86 2.61
C SER T 297 11.73 104.36 2.41
N ALA T 298 11.24 103.92 1.24
CA ALA T 298 11.24 102.51 0.86
C ALA T 298 10.47 101.66 1.86
N ALA T 299 9.16 101.92 1.93
CA ALA T 299 8.25 101.21 2.81
C ALA T 299 7.38 100.28 1.99
N GLU T 300 7.30 99.01 2.40
CA GLU T 300 6.50 98.01 1.71
C GLU T 300 5.78 97.14 2.73
N CYS T 301 4.51 96.84 2.47
CA CYS T 301 3.63 96.17 3.42
C CYS T 301 3.26 94.78 2.93
N THR T 302 3.15 93.84 3.87
CA THR T 302 2.67 92.49 3.59
C THR T 302 1.85 92.02 4.79
N LEU T 303 1.02 91.00 4.57
CA LEU T 303 0.13 90.46 5.59
C LEU T 303 0.64 89.11 6.03
N ASN T 304 1.06 89.01 7.30
CA ASN T 304 1.49 87.71 7.83
C ASN T 304 0.28 86.80 8.06
N GLU T 305 -0.75 87.35 8.68
CA GLU T 305 -2.01 86.64 8.90
C GLU T 305 -3.15 87.61 8.67
N CYS T 306 -4.27 87.09 8.17
CA CYS T 306 -5.39 87.93 7.75
C CYS T 306 -6.66 87.17 8.05
N VAL T 307 -7.49 87.71 8.94
CA VAL T 307 -8.80 87.16 9.26
C VAL T 307 -9.75 88.32 9.52
N TYR T 308 -10.87 88.36 8.80
CA TYR T 308 -11.87 89.41 8.99
C TYR T 308 -12.70 89.05 10.23
N SER T 309 -12.25 89.57 11.37
CA SER T 309 -12.86 89.29 12.66
C SER T 309 -13.22 90.59 13.36
N SER T 310 -14.11 90.48 14.34
CA SER T 310 -14.51 91.64 15.13
C SER T 310 -13.32 92.22 15.88
N ASP T 311 -12.47 91.37 16.42
CA ASP T 311 -11.26 91.80 17.13
C ASP T 311 -10.20 92.20 16.10
N PHE T 312 -9.02 92.60 16.59
CA PHE T 312 -7.90 92.95 15.72
C PHE T 312 -7.34 91.65 15.15
N GLY T 313 -7.93 91.22 14.04
CA GLY T 313 -7.64 89.93 13.45
C GLY T 313 -6.76 89.97 12.23
N GLY T 314 -5.90 90.98 12.12
CA GLY T 314 -4.95 91.04 11.02
C GLY T 314 -3.59 91.53 11.48
N ILE T 315 -2.56 90.77 11.15
CA ILE T 315 -1.17 91.09 11.51
C ILE T 315 -0.41 91.36 10.22
N ALA T 316 0.23 92.53 10.13
CA ALA T 316 0.95 92.94 8.95
C ALA T 316 2.38 93.28 9.32
N THR T 317 3.29 93.03 8.37
CA THR T 317 4.69 93.38 8.49
C THR T 317 5.01 94.45 7.45
N VAL T 318 5.54 95.58 7.91
CA VAL T 318 5.93 96.68 7.04
C VAL T 318 7.44 96.79 7.12
N LYS T 319 8.11 96.50 6.00
CA LYS T 319 9.55 96.65 5.89
C LYS T 319 9.87 98.07 5.46
N TYR T 320 10.70 98.76 6.25
CA TYR T 320 10.98 100.16 6.07
C TYR T 320 12.49 100.39 6.07
N SER T 321 12.88 101.62 5.72
CA SER T 321 14.28 102.05 5.78
C SER T 321 14.26 103.51 6.20
N ALA T 322 14.43 103.75 7.50
CA ALA T 322 14.26 105.07 8.07
C ALA T 322 15.60 105.79 8.18
N SER T 323 15.53 107.07 8.57
CA SER T 323 16.72 107.91 8.76
C SER T 323 17.21 107.92 10.21
N LYS T 324 16.29 107.94 11.18
CA LYS T 324 16.67 107.92 12.58
C LYS T 324 15.57 107.23 13.38
N SER T 325 15.93 106.75 14.56
CA SER T 325 15.01 106.04 15.43
C SER T 325 14.14 107.02 16.23
N GLY T 326 12.86 106.71 16.35
CA GLY T 326 11.96 107.56 17.09
C GLY T 326 10.55 107.01 17.04
N LYS T 327 9.64 107.76 17.65
CA LYS T 327 8.22 107.41 17.72
C LYS T 327 7.41 108.41 16.92
N CYS T 328 6.46 107.90 16.12
CA CYS T 328 5.53 108.74 15.41
C CYS T 328 4.31 107.91 15.03
N ALA T 329 3.27 108.59 14.58
CA ALA T 329 1.98 107.96 14.36
C ALA T 329 1.85 107.39 12.96
N VAL T 330 1.03 106.35 12.83
CA VAL T 330 0.64 105.78 11.55
C VAL T 330 -0.88 105.69 11.52
N HIS T 331 -1.45 105.77 10.32
CA HIS T 331 -2.89 105.90 10.18
C HIS T 331 -3.32 105.27 8.87
N VAL T 332 -4.61 104.96 8.80
CA VAL T 332 -5.25 104.48 7.58
C VAL T 332 -6.27 105.53 7.14
N PRO T 333 -5.97 106.35 6.13
CA PRO T 333 -6.96 107.38 5.73
C PRO T 333 -8.32 106.81 5.34
N SER T 334 -8.34 105.62 4.74
CA SER T 334 -9.60 104.98 4.36
C SER T 334 -10.18 104.22 5.55
N GLY T 335 -11.44 103.83 5.41
CA GLY T 335 -12.13 103.05 6.41
C GLY T 335 -12.03 101.55 6.23
N THR T 336 -11.22 101.08 5.27
CA THR T 336 -11.11 99.65 5.02
C THR T 336 -10.51 98.92 6.22
N ALA T 337 -9.48 99.50 6.85
CA ALA T 337 -8.76 98.86 7.94
C ALA T 337 -8.66 99.82 9.12
N THR T 338 -8.91 99.30 10.32
CA THR T 338 -8.76 100.05 11.55
C THR T 338 -7.52 99.57 12.29
N LEU T 339 -6.70 100.52 12.73
CA LEU T 339 -5.42 100.23 13.37
C LEU T 339 -5.61 100.06 14.87
N LYS T 340 -4.71 99.28 15.49
CA LYS T 340 -4.73 99.10 16.94
C LYS T 340 -3.78 100.08 17.64
N GLU T 341 -2.51 100.09 17.24
CA GLU T 341 -1.48 100.77 18.03
C GLU T 341 -1.73 102.27 18.09
N ALA T 342 -1.93 102.91 16.94
CA ALA T 342 -2.00 104.35 16.75
C ALA T 342 -0.68 105.05 17.01
N ALA T 343 0.40 104.31 17.26
CA ALA T 343 1.72 104.90 17.47
C ALA T 343 2.78 103.80 17.39
N VAL T 344 3.78 103.97 16.54
CA VAL T 344 4.78 102.96 16.26
C VAL T 344 6.16 103.52 16.54
N GLU T 345 7.01 102.69 17.16
CA GLU T 345 8.42 103.02 17.38
C GLU T 345 9.26 102.26 16.37
N LEU T 346 10.15 102.99 15.68
CA LEU T 346 10.96 102.43 14.61
C LEU T 346 12.44 102.63 14.90
N THR T 347 13.24 101.72 14.38
CA THR T 347 14.70 101.77 14.48
C THR T 347 15.28 102.29 13.17
N GLU T 348 16.61 102.23 13.05
CA GLU T 348 17.26 102.70 11.83
C GLU T 348 16.83 101.85 10.63
N GLN T 349 16.76 100.54 10.80
CA GLN T 349 16.39 99.63 9.73
C GLN T 349 15.76 98.39 10.33
N GLY T 350 14.79 97.84 9.63
CA GLY T 350 14.10 96.64 10.07
C GLY T 350 12.67 96.63 9.55
N SER T 351 11.80 95.94 10.29
CA SER T 351 10.40 95.83 9.94
C SER T 351 9.55 96.04 11.19
N ALA T 352 8.31 96.50 10.98
CA ALA T 352 7.37 96.79 12.05
C ALA T 352 6.16 95.89 11.92
N THR T 353 5.73 95.33 13.05
CA THR T 353 4.54 94.49 13.12
C THR T 353 3.36 95.35 13.58
N ILE T 354 2.25 95.28 12.82
CA ILE T 354 1.09 96.14 13.03
C ILE T 354 -0.15 95.27 13.15
N HIS T 355 -1.04 95.65 14.04
CA HIS T 355 -2.30 94.94 14.30
C HIS T 355 -3.47 95.78 13.81
N PHE T 356 -4.40 95.14 13.10
CA PHE T 356 -5.52 95.86 12.51
C PHE T 356 -6.73 94.94 12.42
N SER T 357 -7.86 95.55 12.04
CA SER T 357 -9.12 94.85 11.85
C SER T 357 -9.76 95.33 10.54
N THR T 358 -10.48 94.43 9.89
CA THR T 358 -11.16 94.76 8.65
C THR T 358 -12.29 93.76 8.42
N ALA T 359 -13.26 94.18 7.62
CA ALA T 359 -14.40 93.34 7.23
C ALA T 359 -14.30 92.86 5.79
N ASN T 360 -13.31 93.32 5.03
CA ASN T 360 -13.20 92.97 3.63
C ASN T 360 -12.52 91.60 3.51
N ILE T 361 -12.94 90.82 2.52
CA ILE T 361 -12.44 89.45 2.38
C ILE T 361 -11.11 89.43 1.62
N HIS T 362 -10.92 90.38 0.70
CA HIS T 362 -9.69 90.53 -0.06
C HIS T 362 -9.17 91.95 0.14
N PRO T 363 -8.68 92.27 1.33
CA PRO T 363 -8.35 93.67 1.64
C PRO T 363 -7.28 94.23 0.71
N GLU T 364 -7.43 95.52 0.39
CA GLU T 364 -6.45 96.24 -0.41
C GLU T 364 -6.62 97.72 -0.05
N PHE T 365 -5.72 98.23 0.80
CA PHE T 365 -5.90 99.53 1.42
C PHE T 365 -4.62 100.34 1.35
N ARG T 366 -4.78 101.66 1.42
CA ARG T 366 -3.67 102.60 1.42
C ARG T 366 -3.34 102.95 2.87
N LEU T 367 -2.22 102.43 3.36
CA LEU T 367 -1.76 102.70 4.71
C LEU T 367 -0.82 103.90 4.72
N GLN T 368 -1.05 104.82 5.66
CA GLN T 368 -0.21 105.99 5.80
C GLN T 368 0.84 105.74 6.88
N ILE T 369 2.10 105.77 6.47
CA ILE T 369 3.22 105.61 7.39
C ILE T 369 3.81 107.01 7.60
N CYS T 370 4.69 107.13 8.60
CA CYS T 370 5.06 108.38 9.26
C CYS T 370 5.04 109.63 8.38
N THR T 371 5.61 109.55 7.17
CA THR T 371 5.56 110.68 6.25
C THR T 371 5.35 110.25 4.80
N SER T 372 4.80 109.06 4.55
CA SER T 372 4.57 108.58 3.20
C SER T 372 3.38 107.62 3.22
N TYR T 373 3.17 106.93 2.10
CA TYR T 373 2.06 106.00 1.95
C TYR T 373 2.56 104.70 1.35
N VAL T 374 1.83 103.61 1.61
CA VAL T 374 2.06 102.33 0.97
C VAL T 374 0.70 101.73 0.64
N THR T 375 0.71 100.78 -0.30
CA THR T 375 -0.48 100.04 -0.68
C THR T 375 -0.29 98.59 -0.22
N CYS T 376 -1.20 98.13 0.64
CA CYS T 376 -1.08 96.83 1.30
C CYS T 376 -2.30 96.00 0.94
N LYS T 377 -2.07 94.79 0.44
CA LYS T 377 -3.14 93.95 -0.10
C LYS T 377 -2.94 92.51 0.34
N GLY T 378 -4.05 91.80 0.49
CA GLY T 378 -4.02 90.40 0.87
C GLY T 378 -5.40 89.80 0.85
N ASP T 379 -5.50 88.60 1.42
CA ASP T 379 -6.77 87.87 1.49
C ASP T 379 -6.93 87.29 2.89
N CYS T 380 -8.08 87.53 3.52
CA CYS T 380 -8.35 87.00 4.84
C CYS T 380 -9.08 85.65 4.74
N HIS T 381 -9.20 84.98 5.88
CA HIS T 381 -9.89 83.70 6.02
C HIS T 381 -10.95 83.81 7.12
N PRO T 382 -12.00 83.00 7.07
CA PRO T 382 -13.00 83.07 8.13
C PRO T 382 -12.42 82.58 9.45
N PRO T 383 -12.93 83.08 10.58
CA PRO T 383 -12.60 82.48 11.87
C PRO T 383 -13.53 81.32 12.16
N LYS T 384 -13.30 80.66 13.31
CA LYS T 384 -14.13 79.54 13.74
C LYS T 384 -15.26 79.94 14.67
N ASP T 385 -15.03 80.91 15.56
CA ASP T 385 -16.04 81.28 16.53
C ASP T 385 -17.23 81.94 15.84
N HIS T 386 -18.43 81.65 16.34
CA HIS T 386 -19.67 82.18 15.78
C HIS T 386 -20.24 83.35 16.56
N ILE T 387 -20.06 83.38 17.88
CA ILE T 387 -20.60 84.42 18.74
C ILE T 387 -19.53 84.89 19.70
N VAL T 388 -19.33 86.21 19.78
CA VAL T 388 -18.33 86.82 20.64
C VAL T 388 -19.04 87.75 21.63
N THR T 389 -18.28 88.19 22.64
CA THR T 389 -18.77 89.09 23.68
C THR T 389 -18.14 90.47 23.58
N HIS T 390 -17.63 90.84 22.41
CA HIS T 390 -16.87 92.08 22.22
C HIS T 390 -17.34 92.72 20.92
N PRO T 391 -17.47 94.05 20.88
CA PRO T 391 -17.99 94.69 19.66
C PRO T 391 -16.93 94.76 18.57
N GLN T 392 -17.30 95.39 17.46
CA GLN T 392 -16.44 95.51 16.29
C GLN T 392 -15.69 96.83 16.31
N TYR T 393 -14.43 96.78 15.86
CA TYR T 393 -13.55 97.95 15.80
C TYR T 393 -13.63 98.68 14.48
N HIS T 394 -14.40 98.19 13.51
CA HIS T 394 -14.38 98.66 12.13
C HIS T 394 -15.78 99.10 11.72
N ALA T 395 -15.90 99.49 10.46
CA ALA T 395 -17.16 99.90 9.85
C ALA T 395 -17.41 99.03 8.62
N GLN T 396 -18.63 98.51 8.50
CA GLN T 396 -18.96 97.66 7.36
C GLN T 396 -19.03 98.48 6.07
N THR T 397 -18.80 97.79 4.95
CA THR T 397 -18.77 98.42 3.64
C THR T 397 -19.57 97.58 2.67
N PHE T 398 -20.19 98.25 1.70
CA PHE T 398 -20.97 97.60 0.65
C PHE T 398 -20.08 96.74 -0.24
N SER U 1 -31.03 41.05 69.11
CA SER U 1 -30.37 41.19 67.77
C SER U 1 -30.22 42.66 67.40
N THR U 2 -31.19 43.48 67.78
CA THR U 2 -31.14 44.90 67.43
C THR U 2 -29.99 45.61 68.12
N GLU U 3 -29.52 45.09 69.26
CA GLU U 3 -28.42 45.73 69.98
C GLU U 3 -27.14 45.71 69.17
N GLU U 4 -26.87 44.62 68.46
CA GLU U 4 -25.66 44.55 67.64
C GLU U 4 -25.70 45.60 66.53
N LEU U 5 -26.87 45.77 65.90
CA LEU U 5 -27.00 46.80 64.87
C LEU U 5 -26.87 48.20 65.45
N PHE U 6 -27.41 48.41 66.65
CA PHE U 6 -27.44 49.74 67.25
C PHE U 6 -26.11 50.15 67.89
N ASN U 7 -25.26 49.18 68.25
CA ASN U 7 -24.06 49.50 69.00
C ASN U 7 -23.08 50.36 68.20
N GLU U 8 -23.17 50.32 66.87
CA GLU U 8 -22.20 51.04 66.05
C GLU U 8 -22.27 52.55 66.26
N TYR U 9 -23.44 53.07 66.68
CA TYR U 9 -23.63 54.49 66.83
C TYR U 9 -23.27 55.03 68.21
N LYS U 10 -22.76 54.18 69.09
CA LYS U 10 -22.29 54.64 70.40
C LYS U 10 -20.95 55.37 70.32
N LEU U 11 -20.28 55.34 69.17
CA LEU U 11 -19.02 56.04 68.97
C LEU U 11 -19.22 57.47 68.48
N THR U 12 -20.44 58.01 68.56
CA THR U 12 -20.82 59.24 67.90
C THR U 12 -21.25 60.28 68.94
N ARG U 13 -21.56 61.48 68.47
CA ARG U 13 -22.08 62.55 69.32
C ARG U 13 -22.95 63.46 68.46
N PRO U 14 -23.89 64.17 69.07
CA PRO U 14 -24.61 65.23 68.33
C PRO U 14 -23.74 66.46 68.14
N TYR U 15 -24.13 67.28 67.16
CA TYR U 15 -23.40 68.50 66.85
C TYR U 15 -24.36 69.63 66.51
N MET U 16 -24.07 70.81 67.08
CA MET U 16 -24.83 72.01 66.78
C MET U 16 -24.66 72.38 65.32
N ALA U 17 -25.71 72.98 64.72
CA ALA U 17 -25.69 73.31 63.31
C ALA U 17 -26.34 74.67 63.10
N ARG U 18 -26.43 75.10 61.84
CA ARG U 18 -27.00 76.38 61.47
C ARG U 18 -28.38 76.16 60.85
N CYS U 19 -29.35 76.98 61.25
CA CYS U 19 -30.70 76.95 60.69
C CYS U 19 -31.06 78.36 60.24
N ILE U 20 -31.40 78.50 58.96
CA ILE U 20 -31.69 79.81 58.39
C ILE U 20 -32.98 80.39 58.96
N ARG U 21 -33.92 79.54 59.36
CA ARG U 21 -35.22 79.96 59.90
C ARG U 21 -35.48 79.22 61.20
N CYS U 22 -34.98 79.78 62.30
CA CYS U 22 -35.23 79.26 63.64
C CYS U 22 -36.31 80.10 64.31
N ALA U 23 -36.49 79.90 65.62
CA ALA U 23 -37.61 80.51 66.34
C ALA U 23 -37.65 82.02 66.23
N VAL U 24 -36.50 82.68 66.01
CA VAL U 24 -36.45 84.13 65.89
C VAL U 24 -36.08 84.52 64.46
N GLY U 25 -34.88 84.12 64.02
CA GLY U 25 -34.43 84.44 62.68
C GLY U 25 -33.53 83.35 62.11
N SER U 26 -32.39 83.76 61.54
CA SER U 26 -31.35 82.85 61.11
C SER U 26 -30.33 82.71 62.22
N CYS U 27 -30.22 81.53 62.80
CA CYS U 27 -29.43 81.32 64.00
C CYS U 27 -28.88 79.90 63.98
N HIS U 28 -28.45 79.42 65.15
CA HIS U 28 -27.87 78.10 65.29
C HIS U 28 -28.79 77.21 66.12
N SER U 29 -29.05 76.00 65.61
CA SER U 29 -30.05 75.09 66.14
C SER U 29 -29.47 73.69 66.33
N PRO U 30 -30.02 72.90 67.26
CA PRO U 30 -29.49 71.55 67.48
C PRO U 30 -30.03 70.53 66.49
N ILE U 31 -31.21 70.77 65.94
CA ILE U 31 -31.91 69.79 65.11
C ILE U 31 -32.03 70.29 63.67
N ALA U 32 -31.03 71.07 63.22
CA ALA U 32 -31.05 71.58 61.87
C ALA U 32 -31.15 70.45 60.86
N ILE U 33 -32.24 70.41 60.11
CA ILE U 33 -32.47 69.33 59.16
C ILE U 33 -31.44 69.40 58.04
N GLU U 34 -30.73 68.30 57.82
CA GLU U 34 -29.72 68.25 56.78
C GLU U 34 -30.33 67.91 55.43
N ALA U 35 -31.16 66.86 55.36
CA ALA U 35 -31.74 66.49 54.07
C ALA U 35 -33.02 65.70 54.27
N VAL U 36 -33.88 65.76 53.25
CA VAL U 36 -35.13 65.01 53.17
C VAL U 36 -35.04 64.13 51.94
N LYS U 37 -35.55 62.90 52.06
CA LYS U 37 -35.69 61.99 50.93
C LYS U 37 -37.13 61.53 50.87
N SER U 38 -37.78 61.76 49.73
CA SER U 38 -39.19 61.41 49.51
C SER U 38 -39.27 60.64 48.20
N ASP U 39 -39.06 59.32 48.28
CA ASP U 39 -39.17 58.43 47.14
C ASP U 39 -40.26 57.38 47.30
N GLY U 40 -40.70 57.09 48.52
CA GLY U 40 -41.73 56.10 48.75
C GLY U 40 -43.06 56.52 48.16
N HIS U 41 -43.98 55.56 48.15
CA HIS U 41 -45.29 55.73 47.50
C HIS U 41 -46.35 56.22 48.48
N ASP U 42 -46.50 55.56 49.62
CA ASP U 42 -47.56 55.86 50.58
C ASP U 42 -47.28 57.09 51.43
N GLY U 43 -46.25 57.87 51.10
CA GLY U 43 -45.95 59.10 51.81
C GLY U 43 -44.86 59.00 52.85
N TYR U 44 -44.21 57.86 52.99
CA TYR U 44 -43.13 57.72 53.95
C TYR U 44 -41.91 58.50 53.47
N VAL U 45 -41.34 59.29 54.37
CA VAL U 45 -40.21 60.16 54.08
C VAL U 45 -39.11 59.88 55.08
N ARG U 46 -37.86 60.03 54.61
CA ARG U 46 -36.67 59.79 55.41
C ARG U 46 -35.99 61.12 55.68
N LEU U 47 -35.78 61.42 56.96
CA LEU U 47 -35.10 62.63 57.39
C LEU U 47 -33.71 62.27 57.86
N GLN U 48 -32.70 62.92 57.28
CA GLN U 48 -31.31 62.79 57.71
C GLN U 48 -30.91 64.09 58.39
N THR U 49 -30.62 64.01 59.69
CA THR U 49 -30.49 65.17 60.55
C THR U 49 -29.16 65.16 61.30
N SER U 50 -29.00 66.08 62.26
CA SER U 50 -27.77 66.21 63.04
C SER U 50 -27.95 65.75 64.48
N SER U 51 -28.98 64.96 64.76
CA SER U 51 -29.33 64.54 66.11
C SER U 51 -29.10 63.05 66.29
N GLN U 52 -29.36 62.56 67.50
CA GLN U 52 -29.18 61.15 67.85
C GLN U 52 -30.49 60.60 68.39
N TYR U 53 -30.84 59.40 67.95
CA TYR U 53 -32.11 58.76 68.30
C TYR U 53 -31.83 57.37 68.84
N GLY U 54 -32.44 57.04 69.98
CA GLY U 54 -32.38 55.71 70.55
C GLY U 54 -31.32 55.52 71.61
N LEU U 55 -30.35 56.43 71.73
CA LEU U 55 -29.30 56.28 72.73
C LEU U 55 -29.78 56.77 74.09
N LEU U 61 -29.05 51.61 76.28
CA LEU U 61 -30.20 51.53 75.38
C LEU U 61 -31.43 52.17 75.99
N LYS U 62 -32.34 52.60 75.11
CA LYS U 62 -33.60 53.19 75.56
C LYS U 62 -34.64 52.99 74.46
N GLY U 63 -35.91 53.02 74.86
CA GLY U 63 -36.98 52.74 73.94
C GLY U 63 -37.13 53.77 72.83
N ARG U 64 -37.57 54.97 73.20
CA ARG U 64 -37.75 56.05 72.24
C ARG U 64 -37.25 57.33 72.90
N THR U 65 -36.15 57.88 72.39
CA THR U 65 -35.54 59.05 73.00
C THR U 65 -34.66 59.76 71.99
N MET U 66 -34.72 61.09 72.03
CA MET U 66 -33.90 61.96 71.19
C MET U 66 -32.80 62.55 72.05
N ARG U 67 -31.54 62.33 71.65
CA ARG U 67 -30.39 62.90 72.33
C ARG U 67 -29.82 64.00 71.44
N TYR U 68 -29.59 65.18 72.04
CA TYR U 68 -29.21 66.36 71.29
C TYR U 68 -28.14 67.15 72.04
N ASP U 69 -27.41 67.97 71.30
CA ASP U 69 -26.38 68.83 71.83
C ASP U 69 -26.94 70.22 72.12
N MET U 70 -26.45 70.83 73.21
CA MET U 70 -26.67 72.26 73.43
C MET U 70 -25.36 72.84 73.94
N HIS U 71 -24.77 73.73 73.14
CA HIS U 71 -23.56 74.47 73.51
C HIS U 71 -22.44 73.58 74.03
N GLY U 72 -22.41 72.32 73.58
CA GLY U 72 -21.39 71.37 74.01
C GLY U 72 -21.94 70.21 74.83
N THR U 73 -22.88 70.50 75.72
CA THR U 73 -23.46 69.48 76.57
C THR U 73 -24.52 68.68 75.82
N ILE U 74 -24.74 67.45 76.28
CA ILE U 74 -25.69 66.53 75.66
C ILE U 74 -26.84 66.29 76.63
N LYS U 75 -28.06 66.29 76.09
CA LYS U 75 -29.27 66.01 76.85
C LYS U 75 -30.15 65.04 76.07
N GLU U 76 -31.14 64.48 76.76
CA GLU U 76 -32.03 63.47 76.19
C GLU U 76 -33.46 63.79 76.57
N ILE U 77 -34.37 63.62 75.63
CA ILE U 77 -35.80 63.93 75.82
C ILE U 77 -36.63 62.79 75.24
N PRO U 78 -37.79 62.45 75.82
CA PRO U 78 -38.65 61.44 75.19
C PRO U 78 -39.15 61.90 73.83
N LEU U 79 -39.40 60.91 72.97
CA LEU U 79 -39.69 61.16 71.56
C LEU U 79 -41.05 61.81 71.31
N HIS U 80 -41.95 61.82 72.29
CA HIS U 80 -43.30 62.32 72.09
C HIS U 80 -43.45 63.81 72.37
N GLN U 81 -42.35 64.52 72.66
CA GLN U 81 -42.36 65.95 72.89
C GLN U 81 -41.86 66.76 71.69
N VAL U 82 -41.55 66.11 70.58
CA VAL U 82 -41.03 66.76 69.38
C VAL U 82 -42.00 66.50 68.23
N SER U 83 -42.24 67.52 67.40
CA SER U 83 -43.21 67.45 66.32
C SER U 83 -42.59 67.99 65.04
N LEU U 84 -43.25 67.66 63.93
CA LEU U 84 -42.83 68.14 62.62
C LEU U 84 -44.06 68.25 61.72
N TYR U 85 -43.94 69.05 60.66
CA TYR U 85 -45.06 69.24 59.76
C TYR U 85 -44.60 69.82 58.43
N THR U 86 -45.26 69.39 57.36
CA THR U 86 -45.20 70.05 56.06
C THR U 86 -46.37 71.00 55.91
N SER U 87 -47.59 70.44 55.96
CA SER U 87 -48.84 71.18 55.90
C SER U 87 -49.73 70.91 57.09
N ARG U 88 -49.93 69.64 57.43
CA ARG U 88 -50.66 69.19 58.59
C ARG U 88 -49.70 68.49 59.55
N PRO U 89 -50.08 68.28 60.80
CA PRO U 89 -49.20 67.56 61.73
C PRO U 89 -48.90 66.15 61.22
N CYS U 90 -47.65 65.74 61.38
CA CYS U 90 -47.18 64.43 60.96
C CYS U 90 -47.24 63.46 62.16
N HIS U 91 -46.82 62.22 61.94
CA HIS U 91 -46.84 61.19 62.97
C HIS U 91 -45.49 60.48 62.96
N ILE U 92 -44.73 60.65 64.04
CA ILE U 92 -43.44 59.97 64.15
C ILE U 92 -43.66 58.47 64.25
N VAL U 93 -42.81 57.71 63.58
CA VAL U 93 -42.90 56.24 63.53
C VAL U 93 -41.80 55.60 64.35
N ASP U 94 -40.54 55.84 63.99
CA ASP U 94 -39.41 55.22 64.66
C ASP U 94 -38.19 56.11 64.52
N GLY U 95 -37.27 55.97 65.46
CA GLY U 95 -36.01 56.70 65.41
C GLY U 95 -34.87 55.79 65.77
N HIS U 96 -33.86 55.76 64.89
CA HIS U 96 -32.71 54.88 65.07
C HIS U 96 -31.47 55.65 64.65
N GLY U 97 -30.84 56.31 65.62
CA GLY U 97 -29.62 57.06 65.38
C GLY U 97 -29.80 58.33 64.56
N TYR U 98 -29.23 58.33 63.37
CA TYR U 98 -29.11 59.50 62.52
C TYR U 98 -30.32 59.72 61.60
N PHE U 99 -31.17 58.72 61.44
CA PHE U 99 -32.19 58.72 60.40
C PHE U 99 -33.56 58.54 61.04
N LEU U 100 -34.54 59.28 60.52
CA LEU U 100 -35.92 59.20 60.99
C LEU U 100 -36.81 58.84 59.81
N LEU U 101 -37.80 57.99 60.06
CA LEU U 101 -38.82 57.65 59.08
C LEU U 101 -40.15 58.17 59.58
N ALA U 102 -40.83 58.97 58.76
CA ALA U 102 -42.09 59.60 59.16
C ALA U 102 -43.08 59.52 58.01
N ARG U 103 -44.33 59.83 58.32
CA ARG U 103 -45.42 59.84 57.35
C ARG U 103 -46.01 61.24 57.28
N CYS U 104 -45.97 61.84 56.09
CA CYS U 104 -46.48 63.19 55.88
C CYS U 104 -47.10 63.26 54.50
N PRO U 105 -48.00 64.21 54.26
CA PRO U 105 -48.56 64.39 52.91
C PRO U 105 -47.63 65.26 52.07
N ALA U 106 -48.09 65.57 50.86
CA ALA U 106 -47.35 66.45 49.98
C ALA U 106 -47.23 67.85 50.57
N GLY U 107 -46.10 68.50 50.31
CA GLY U 107 -45.85 69.82 50.85
C GLY U 107 -44.70 70.48 50.12
N ASP U 108 -44.34 71.66 50.61
CA ASP U 108 -43.27 72.47 50.04
C ASP U 108 -42.10 72.65 51.00
N SER U 109 -42.36 73.00 52.26
CA SER U 109 -41.34 73.17 53.28
C SER U 109 -41.56 72.16 54.40
N ILE U 110 -40.48 71.83 55.10
CA ILE U 110 -40.49 70.91 56.23
C ILE U 110 -40.06 71.67 57.48
N THR U 111 -40.83 71.53 58.56
CA THR U 111 -40.51 72.17 59.83
C THR U 111 -40.47 71.11 60.92
N MET U 112 -39.50 71.24 61.83
CA MET U 112 -39.38 70.38 63.01
C MET U 112 -39.11 71.25 64.22
N GLU U 113 -39.80 70.96 65.33
CA GLU U 113 -39.72 71.81 66.51
C GLU U 113 -40.07 71.04 67.77
N PHE U 114 -39.53 71.53 68.89
CA PHE U 114 -39.95 71.08 70.21
C PHE U 114 -39.92 72.28 71.15
N LYS U 115 -40.41 72.05 72.37
CA LYS U 115 -40.59 73.10 73.36
C LYS U 115 -39.90 72.69 74.67
N LYS U 116 -39.00 73.55 75.14
CA LYS U 116 -38.34 73.35 76.43
C LYS U 116 -39.27 73.87 77.53
N ASP U 117 -38.76 74.00 78.76
CA ASP U 117 -39.57 74.54 79.85
C ASP U 117 -40.06 75.94 79.51
N SER U 118 -39.18 76.79 78.97
CA SER U 118 -39.56 78.13 78.56
C SER U 118 -38.91 78.56 77.24
N VAL U 119 -38.22 77.66 76.54
CA VAL U 119 -37.54 77.95 75.29
C VAL U 119 -38.11 77.04 74.22
N ARG U 120 -38.55 77.64 73.11
CA ARG U 120 -39.09 76.91 71.97
C ARG U 120 -38.04 76.87 70.87
N HIS U 121 -37.67 75.65 70.45
CA HIS U 121 -36.70 75.46 69.38
C HIS U 121 -37.41 74.93 68.14
N SER U 122 -37.07 75.51 66.99
CA SER U 122 -37.71 75.15 65.74
C SER U 122 -36.74 75.36 64.60
N CYS U 123 -36.99 74.67 63.49
CA CYS U 123 -36.19 74.83 62.29
C CYS U 123 -37.02 74.42 61.08
N SER U 124 -37.05 75.28 60.06
CA SER U 124 -37.78 75.04 58.82
C SER U 124 -36.83 75.14 57.65
N VAL U 125 -36.99 74.22 56.69
CA VAL U 125 -36.15 74.20 55.49
C VAL U 125 -37.06 74.05 54.27
N PRO U 126 -36.84 74.80 53.16
CA PRO U 126 -37.64 74.56 51.95
C PRO U 126 -37.09 73.44 51.09
N TYR U 127 -37.47 72.21 51.40
CA TYR U 127 -37.25 71.07 50.52
C TYR U 127 -38.58 70.39 50.23
N GLU U 128 -38.78 70.03 48.97
CA GLU U 128 -40.08 69.53 48.53
C GLU U 128 -40.34 68.14 49.09
N VAL U 129 -41.58 67.93 49.53
CA VAL U 129 -42.07 66.61 49.96
C VAL U 129 -43.27 66.31 49.08
N LYS U 130 -43.18 65.22 48.31
CA LYS U 130 -44.18 64.88 47.31
C LYS U 130 -44.88 63.58 47.69
N PHE U 131 -46.17 63.51 47.35
CA PHE U 131 -46.99 62.31 47.54
C PHE U 131 -47.14 61.61 46.20
N ASN U 132 -46.70 60.35 46.12
CA ASN U 132 -46.67 59.60 44.88
C ASN U 132 -47.79 58.55 44.84
N PRO U 133 -48.73 58.61 43.91
CA PRO U 133 -49.77 57.58 43.84
C PRO U 133 -49.26 56.32 43.13
N VAL U 134 -50.02 55.24 43.32
CA VAL U 134 -49.69 53.92 42.78
C VAL U 134 -50.81 53.51 41.83
N GLY U 135 -50.43 53.07 40.64
CA GLY U 135 -51.40 52.58 39.66
C GLY U 135 -51.73 53.63 38.62
N ARG U 136 -53.02 53.92 38.46
CA ARG U 136 -53.48 54.90 37.49
C ARG U 136 -54.53 55.84 38.07
N GLU U 137 -54.63 55.94 39.40
CA GLU U 137 -55.62 56.76 40.07
C GLU U 137 -54.89 57.82 40.89
N LEU U 138 -55.32 59.07 40.75
CA LEU U 138 -54.65 60.19 41.42
C LEU U 138 -55.37 60.50 42.74
N TYR U 139 -55.21 59.58 43.69
CA TYR U 139 -55.76 59.78 45.01
C TYR U 139 -54.84 60.70 45.83
N THR U 140 -55.36 61.17 46.96
CA THR U 140 -54.64 62.06 47.85
C THR U 140 -54.40 61.45 49.24
N HIS U 141 -55.16 60.42 49.62
CA HIS U 141 -55.07 59.79 50.92
C HIS U 141 -55.45 58.32 50.74
N PRO U 142 -54.60 57.35 51.14
CA PRO U 142 -54.86 55.94 50.78
C PRO U 142 -56.22 55.47 51.27
N PRO U 143 -56.83 54.52 50.59
CA PRO U 143 -58.22 54.15 50.88
C PRO U 143 -58.33 53.21 52.06
N GLU U 144 -59.58 52.94 52.46
CA GLU U 144 -59.88 51.98 53.51
C GLU U 144 -60.10 50.57 53.00
N HIS U 145 -60.11 50.37 51.68
CA HIS U 145 -60.21 49.03 51.10
C HIS U 145 -59.81 49.14 49.63
N GLY U 146 -59.88 48.00 48.93
CA GLY U 146 -59.56 47.93 47.52
C GLY U 146 -58.63 46.77 47.23
N VAL U 147 -58.39 46.57 45.94
CA VAL U 147 -57.52 45.48 45.50
C VAL U 147 -56.09 45.75 45.95
N GLU U 148 -55.40 44.68 46.31
CA GLU U 148 -54.00 44.75 46.73
C GLU U 148 -53.09 44.86 45.50
N GLN U 149 -51.96 45.54 45.68
CA GLN U 149 -50.99 45.71 44.62
C GLN U 149 -49.61 45.89 45.24
N ALA U 150 -48.59 45.37 44.58
CA ALA U 150 -47.23 45.60 45.07
C ALA U 150 -46.83 47.06 44.84
N CYS U 151 -46.10 47.62 45.82
CA CYS U 151 -45.33 48.83 45.54
C CYS U 151 -44.02 48.72 46.31
N GLN U 152 -43.25 49.80 46.27
CA GLN U 152 -41.98 49.91 46.97
C GLN U 152 -42.12 50.97 48.05
N VAL U 153 -41.85 50.59 49.29
CA VAL U 153 -42.00 51.47 50.45
C VAL U 153 -40.86 51.20 51.41
N TYR U 154 -40.48 52.25 52.13
CA TYR U 154 -39.43 52.11 53.15
C TYR U 154 -39.89 51.14 54.22
N ALA U 155 -39.03 50.20 54.59
CA ALA U 155 -39.37 49.19 55.58
C ALA U 155 -39.16 49.72 56.98
N HIS U 156 -39.99 49.23 57.91
CA HIS U 156 -39.91 49.65 59.30
C HIS U 156 -38.70 49.05 60.02
N ASP U 157 -38.18 47.93 59.54
CA ASP U 157 -37.05 47.28 60.19
C ASP U 157 -35.78 48.14 60.06
N ALA U 158 -34.87 47.95 61.02
CA ALA U 158 -33.58 48.63 61.03
C ALA U 158 -32.45 47.72 60.56
N GLN U 159 -32.77 46.75 59.72
CA GLN U 159 -31.79 45.75 59.30
C GLN U 159 -30.67 46.39 58.49
N ASN U 160 -29.46 45.88 58.69
CA ASN U 160 -28.30 46.34 57.94
C ASN U 160 -28.28 45.71 56.55
N ARG U 161 -27.87 46.51 55.57
CA ARG U 161 -27.81 46.06 54.18
C ARG U 161 -26.64 46.76 53.50
N GLY U 162 -26.50 46.57 52.19
CA GLY U 162 -25.38 47.12 51.46
C GLY U 162 -25.50 48.61 51.18
N ALA U 163 -25.48 49.41 52.24
CA ALA U 163 -25.52 50.86 52.13
C ALA U 163 -24.75 51.46 53.29
N TYR U 164 -23.77 52.29 52.99
CA TYR U 164 -22.88 52.83 54.01
C TYR U 164 -22.62 54.30 53.74
N VAL U 165 -22.31 55.03 54.80
CA VAL U 165 -21.97 56.45 54.74
C VAL U 165 -20.66 56.67 55.47
N GLU U 166 -19.72 57.35 54.82
CA GLU U 166 -18.44 57.68 55.44
C GLU U 166 -18.63 58.78 56.48
N MET U 167 -17.77 58.77 57.49
CA MET U 167 -17.88 59.75 58.58
C MET U 167 -16.48 60.13 59.05
N HIS U 168 -16.32 61.40 59.41
CA HIS U 168 -15.02 62.04 59.55
C HIS U 168 -14.77 62.45 61.00
N LEU U 169 -13.54 62.96 61.25
CA LEU U 169 -13.13 63.44 62.55
C LEU U 169 -13.84 64.76 62.89
N PRO U 170 -14.06 65.06 64.16
CA PRO U 170 -14.57 66.39 64.52
C PRO U 170 -13.49 67.45 64.41
N GLY U 171 -13.92 68.68 64.15
CA GLY U 171 -13.02 69.81 64.02
C GLY U 171 -12.86 70.57 65.33
N SER U 172 -12.01 71.59 65.26
CA SER U 172 -11.76 72.46 66.42
C SER U 172 -12.88 73.49 66.51
N GLU U 173 -13.69 73.40 67.57
CA GLU U 173 -14.84 74.26 67.75
C GLU U 173 -14.47 75.45 68.62
N VAL U 174 -14.77 76.65 68.13
CA VAL U 174 -14.47 77.88 68.86
C VAL U 174 -15.60 78.15 69.85
N ASP U 175 -15.23 78.52 71.09
CA ASP U 175 -16.19 78.81 72.14
C ASP U 175 -15.72 80.01 72.94
N SER U 176 -16.57 81.04 73.04
CA SER U 176 -16.19 82.27 73.71
C SER U 176 -16.36 82.21 75.22
N SER U 177 -17.07 81.20 75.74
CA SER U 177 -17.29 81.12 77.18
C SER U 177 -15.99 80.91 77.94
N LEU U 178 -15.11 80.06 77.40
CA LEU U 178 -13.89 79.71 78.10
C LEU U 178 -12.97 80.92 78.27
N VAL U 179 -12.85 81.75 77.24
CA VAL U 179 -12.05 82.97 77.36
C VAL U 179 -12.74 83.89 78.36
N SER U 180 -11.96 84.43 79.29
CA SER U 180 -12.51 85.25 80.36
C SER U 180 -11.47 86.28 80.81
N LEU U 181 -11.95 87.31 81.48
CA LEU U 181 -11.09 88.38 81.98
C LEU U 181 -10.50 88.00 83.33
N SER U 182 -9.17 88.08 83.44
CA SER U 182 -8.49 87.97 84.72
C SER U 182 -8.57 89.31 85.43
N GLY U 183 -7.75 89.47 86.48
CA GLY U 183 -7.69 90.77 87.14
C GLY U 183 -7.29 91.88 86.20
N SER U 184 -6.29 91.62 85.34
CA SER U 184 -5.88 92.59 84.33
C SER U 184 -5.50 91.94 83.00
N SER U 185 -5.80 90.66 82.79
CA SER U 185 -5.36 89.93 81.60
C SER U 185 -6.43 88.91 81.23
N VAL U 186 -6.07 87.99 80.34
CA VAL U 186 -6.97 86.94 79.85
C VAL U 186 -6.66 85.65 80.58
N THR U 187 -7.70 84.87 80.88
CA THR U 187 -7.56 83.58 81.53
C THR U 187 -8.47 82.56 80.85
N VAL U 188 -7.96 81.34 80.70
CA VAL U 188 -8.70 80.23 80.10
C VAL U 188 -8.69 79.05 81.08
N THR U 189 -9.85 78.46 81.29
CA THR U 189 -10.02 77.34 82.23
C THR U 189 -10.69 76.19 81.47
N PRO U 190 -9.92 75.38 80.75
CA PRO U 190 -10.53 74.35 79.91
C PRO U 190 -11.32 73.37 80.76
N PRO U 191 -12.38 72.78 80.21
CA PRO U 191 -13.20 71.86 81.01
C PRO U 191 -12.40 70.64 81.45
N ASP U 192 -12.68 70.17 82.67
CA ASP U 192 -11.96 69.03 83.21
C ASP U 192 -12.16 67.80 82.35
N GLY U 193 -11.06 67.08 82.09
CA GLY U 193 -11.11 65.90 81.27
C GLY U 193 -11.05 66.14 79.78
N THR U 194 -10.78 67.37 79.35
CA THR U 194 -10.73 67.73 77.94
C THR U 194 -9.66 68.78 77.71
N SER U 195 -8.97 68.67 76.58
CA SER U 195 -7.88 69.58 76.24
C SER U 195 -8.37 70.74 75.38
N ALA U 196 -7.70 71.88 75.53
CA ALA U 196 -7.98 73.06 74.74
C ALA U 196 -6.67 73.63 74.24
N LEU U 197 -6.76 74.52 73.26
CA LEU U 197 -5.60 75.25 72.76
C LEU U 197 -6.00 76.69 72.44
N VAL U 198 -5.09 77.61 72.71
CA VAL U 198 -5.34 79.04 72.67
C VAL U 198 -4.38 79.69 71.68
N GLU U 199 -4.93 80.53 70.80
CA GLU U 199 -4.19 81.32 69.84
C GLU U 199 -4.43 82.79 70.13
N CYS U 200 -3.34 83.55 70.26
CA CYS U 200 -3.41 84.96 70.62
C CYS U 200 -2.47 85.78 69.73
N GLU U 201 -2.87 87.03 69.52
CA GLU U 201 -2.10 87.99 68.74
C GLU U 201 -1.92 89.30 69.51
N CYS U 202 -2.17 89.28 70.82
CA CYS U 202 -2.05 90.51 71.61
C CYS U 202 -0.63 91.05 71.56
N GLY U 203 0.36 90.17 71.61
CA GLY U 203 1.75 90.54 71.41
C GLY U 203 2.20 90.19 70.02
N GLY U 204 2.92 89.07 69.89
CA GLY U 204 3.32 88.57 68.59
C GLY U 204 2.32 87.55 68.05
N THR U 205 2.75 86.31 67.93
CA THR U 205 1.90 85.19 67.51
C THR U 205 2.09 84.08 68.54
N LYS U 206 1.17 83.98 69.50
CA LYS U 206 1.27 83.05 70.60
C LYS U 206 0.32 81.88 70.37
N ILE U 207 0.84 80.66 70.47
CA ILE U 207 0.04 79.44 70.36
C ILE U 207 0.40 78.54 71.52
N SER U 208 -0.62 78.00 72.20
CA SER U 208 -0.37 77.11 73.32
C SER U 208 -1.46 76.06 73.39
N GLU U 209 -1.12 74.93 74.02
CA GLU U 209 -2.05 73.82 74.21
C GLU U 209 -2.15 73.57 75.71
N THR U 210 -3.30 73.92 76.30
CA THR U 210 -3.53 73.77 77.72
C THR U 210 -4.40 72.55 78.00
N ILE U 211 -4.14 71.91 79.14
CA ILE U 211 -4.87 70.72 79.56
C ILE U 211 -5.22 70.87 81.05
N ASN U 212 -6.52 70.84 81.35
CA ASN U 212 -7.03 70.63 82.71
C ASN U 212 -6.36 71.53 83.75
N LYS U 213 -6.18 72.81 83.42
CA LYS U 213 -5.57 73.73 84.36
C LYS U 213 -5.80 75.17 83.89
N THR U 214 -6.13 76.03 84.86
CA THR U 214 -6.36 77.44 84.58
C THR U 214 -5.05 78.10 84.15
N LYS U 215 -5.11 78.88 83.06
CA LYS U 215 -3.93 79.52 82.50
C LYS U 215 -4.22 80.99 82.25
N GLN U 216 -3.42 81.87 82.84
CA GLN U 216 -3.43 83.29 82.55
C GLN U 216 -2.40 83.59 81.48
N PHE U 217 -2.75 84.45 80.53
CA PHE U 217 -1.91 84.78 79.39
C PHE U 217 -1.34 86.17 79.56
N SER U 218 -0.02 86.29 79.45
CA SER U 218 0.66 87.56 79.61
C SER U 218 0.59 88.38 78.32
N GLN U 219 0.73 89.69 78.47
CA GLN U 219 0.74 90.67 77.39
C GLN U 219 -0.59 90.80 76.67
N CYS U 220 -1.64 90.10 77.13
CA CYS U 220 -2.97 90.20 76.55
C CYS U 220 -3.89 90.90 77.55
N THR U 221 -4.57 91.94 77.09
CA THR U 221 -5.44 92.74 77.94
C THR U 221 -6.92 92.45 77.68
N LYS U 222 -7.37 92.61 76.44
CA LYS U 222 -8.76 92.36 76.08
C LYS U 222 -8.97 90.91 75.65
N LYS U 223 -10.24 90.51 75.58
CA LYS U 223 -10.61 89.13 75.27
C LYS U 223 -10.78 88.86 73.79
N GLU U 224 -10.87 89.89 72.95
CA GLU U 224 -11.27 89.69 71.56
C GLU U 224 -10.13 89.21 70.67
N GLN U 225 -8.87 89.32 71.10
CA GLN U 225 -7.74 88.91 70.28
C GLN U 225 -7.22 87.51 70.63
N CYS U 226 -7.89 86.79 71.53
CA CYS U 226 -7.50 85.45 71.93
C CYS U 226 -8.66 84.50 71.68
N ARG U 227 -8.37 83.40 70.99
CA ARG U 227 -9.36 82.38 70.64
C ARG U 227 -8.95 81.06 71.28
N ALA U 228 -9.88 80.45 72.02
CA ALA U 228 -9.67 79.18 72.69
C ALA U 228 -10.57 78.12 72.06
N TYR U 229 -10.01 76.95 71.77
CA TYR U 229 -10.71 75.88 71.09
C TYR U 229 -10.94 74.72 72.07
N ARG U 230 -11.46 73.62 71.53
CA ARG U 230 -11.68 72.39 72.27
C ARG U 230 -11.22 71.21 71.42
N LEU U 231 -10.78 70.14 72.08
CA LEU U 231 -10.34 68.94 71.37
C LEU U 231 -11.07 67.72 71.92
N GLN U 232 -11.51 66.86 71.02
CA GLN U 232 -12.20 65.61 71.37
C GLN U 232 -11.80 64.56 70.33
N ASN U 233 -10.78 63.77 70.65
CA ASN U 233 -10.33 62.73 69.73
C ASN U 233 -11.42 61.68 69.51
N ASP U 234 -12.08 61.26 70.59
CA ASP U 234 -13.15 60.27 70.49
C ASP U 234 -14.45 60.97 70.07
N LYS U 235 -15.54 60.21 70.03
CA LYS U 235 -16.86 60.73 69.69
C LYS U 235 -16.85 61.36 68.30
N TRP U 236 -16.64 60.49 67.31
CA TRP U 236 -16.58 60.90 65.91
C TRP U 236 -17.87 61.63 65.51
N VAL U 237 -17.82 62.28 64.34
CA VAL U 237 -18.95 63.02 63.80
C VAL U 237 -19.10 62.70 62.32
N TYR U 238 -20.23 63.16 61.76
CA TYR U 238 -20.55 62.90 60.37
C TYR U 238 -19.78 63.86 59.46
N ASN U 239 -19.85 63.60 58.15
CA ASN U 239 -19.29 64.50 57.15
C ASN U 239 -20.26 65.63 56.83
N SER U 240 -20.73 66.33 57.86
CA SER U 240 -21.70 67.39 57.66
C SER U 240 -21.04 68.66 57.11
N ASP U 241 -21.82 69.45 56.38
CA ASP U 241 -21.32 70.69 55.82
C ASP U 241 -21.33 71.84 56.80
N LYS U 242 -22.05 71.72 57.91
CA LYS U 242 -22.19 72.82 58.86
C LYS U 242 -21.00 72.96 59.81
N LEU U 243 -20.04 72.03 59.79
CA LEU U 243 -18.92 72.03 60.70
C LEU U 243 -17.60 72.03 59.93
N PRO U 244 -16.51 72.49 60.53
CA PRO U 244 -15.21 72.46 59.84
C PRO U 244 -14.57 71.08 59.93
N LYS U 245 -13.50 70.91 59.16
CA LYS U 245 -12.77 69.65 59.07
C LYS U 245 -11.53 69.69 59.96
N ALA U 246 -11.08 68.50 60.36
CA ALA U 246 -9.91 68.36 61.21
C ALA U 246 -8.64 68.39 60.35
N ALA U 247 -7.50 68.06 60.96
CA ALA U 247 -6.19 68.15 60.30
C ALA U 247 -5.64 66.74 60.07
N GLY U 248 -5.65 66.31 58.82
CA GLY U 248 -4.94 65.11 58.38
C GLY U 248 -5.84 63.95 58.01
N ALA U 249 -6.16 63.85 56.72
CA ALA U 249 -6.80 62.71 56.07
C ALA U 249 -8.28 62.52 56.44
N THR U 250 -8.73 63.12 57.54
CA THR U 250 -10.15 63.34 57.80
C THR U 250 -11.01 62.08 57.87
N LEU U 251 -10.44 60.88 57.74
CA LEU U 251 -11.25 59.65 57.61
C LEU U 251 -10.94 58.70 58.74
N LYS U 252 -11.99 58.04 59.26
CA LYS U 252 -11.82 56.96 60.22
C LYS U 252 -12.63 55.72 59.82
N GLY U 253 -13.77 55.91 59.17
CA GLY U 253 -14.58 54.76 58.77
C GLY U 253 -15.93 55.18 58.26
N LYS U 254 -16.83 54.20 58.20
CA LYS U 254 -18.18 54.38 57.68
C LYS U 254 -19.15 53.56 58.51
N LEU U 255 -20.44 53.89 58.37
CA LEU U 255 -21.51 53.22 59.11
C LEU U 255 -22.65 52.85 58.18
N HIS U 256 -23.31 51.74 58.48
CA HIS U 256 -24.51 51.32 57.76
C HIS U 256 -25.66 52.28 58.06
N VAL U 257 -26.64 52.28 57.16
CA VAL U 257 -27.78 53.17 57.23
C VAL U 257 -29.04 52.33 57.40
N PRO U 258 -30.01 52.74 58.22
CA PRO U 258 -31.24 51.97 58.37
C PRO U 258 -32.31 52.43 57.39
N PHE U 259 -33.45 51.73 57.41
CA PHE U 259 -34.64 52.11 56.66
C PHE U 259 -34.35 52.23 55.16
N LEU U 260 -33.96 51.10 54.58
CA LEU U 260 -33.69 51.03 53.16
C LEU U 260 -35.00 50.77 52.41
N LEU U 261 -35.07 51.25 51.17
CA LEU U 261 -36.25 51.07 50.34
C LEU U 261 -36.46 49.60 50.04
N ALA U 262 -37.52 49.02 50.61
CA ALA U 262 -37.90 47.63 50.39
C ALA U 262 -39.11 47.57 49.47
N ASP U 263 -39.53 46.35 49.16
CA ASP U 263 -40.69 46.08 48.31
C ASP U 263 -41.78 45.42 49.15
N GLY U 264 -42.99 45.95 49.08
CA GLY U 264 -44.08 45.46 49.90
C GLY U 264 -45.43 45.49 49.21
N LYS U 265 -46.48 45.23 49.99
CA LYS U 265 -47.84 45.14 49.49
C LYS U 265 -48.66 46.33 49.99
N CYS U 266 -49.48 46.87 49.08
CA CYS U 266 -49.97 48.24 49.14
C CYS U 266 -51.44 48.23 48.69
N THR U 267 -52.32 48.90 49.43
CA THR U 267 -53.72 48.99 49.03
C THR U 267 -53.92 50.18 48.11
N VAL U 268 -54.64 49.96 47.01
CA VAL U 268 -54.88 50.97 45.98
C VAL U 268 -56.37 51.00 45.72
N PRO U 269 -56.99 52.17 45.57
CA PRO U 269 -58.46 52.21 45.44
C PRO U 269 -58.94 51.65 44.11
N LEU U 270 -60.20 51.23 44.11
CA LEU U 270 -60.88 50.68 42.93
C LEU U 270 -61.98 51.64 42.50
N ALA U 271 -62.06 51.88 41.18
CA ALA U 271 -63.07 52.79 40.66
C ALA U 271 -64.41 52.08 40.52
N PRO U 272 -65.53 52.83 40.48
CA PRO U 272 -66.83 52.18 40.28
C PRO U 272 -66.94 51.53 38.91
N GLU U 273 -67.83 50.54 38.83
CA GLU U 273 -68.07 49.84 37.57
C GLU U 273 -68.67 50.83 36.56
N PRO U 274 -68.11 50.94 35.35
CA PRO U 274 -68.72 51.83 34.35
C PRO U 274 -69.97 51.20 33.75
N MET U 275 -70.79 52.05 33.13
CA MET U 275 -72.01 51.59 32.49
C MET U 275 -71.75 51.40 30.99
N ILE U 276 -72.15 50.24 30.47
CA ILE U 276 -71.85 49.83 29.10
C ILE U 276 -73.16 49.70 28.34
N THR U 277 -73.19 50.22 27.11
CA THR U 277 -74.30 49.97 26.20
C THR U 277 -73.72 49.66 24.83
N PHE U 278 -74.38 48.75 24.12
CA PHE U 278 -73.87 48.20 22.86
C PHE U 278 -74.65 48.74 21.67
N GLY U 279 -74.08 48.55 20.49
CA GLY U 279 -74.74 48.94 19.26
C GLY U 279 -73.99 48.37 18.07
N PHE U 280 -74.58 48.55 16.90
CA PHE U 280 -74.12 47.86 15.71
C PHE U 280 -72.75 48.39 15.29
N ARG U 281 -71.69 47.71 15.76
CA ARG U 281 -70.28 48.08 15.59
C ARG U 281 -69.86 49.24 16.49
N SER U 282 -70.54 49.45 17.61
CA SER U 282 -70.23 50.58 18.48
C SER U 282 -70.52 50.21 19.93
N VAL U 283 -69.86 50.93 20.84
CA VAL U 283 -70.11 50.82 22.28
C VAL U 283 -70.08 52.22 22.88
N SER U 284 -71.05 52.50 23.75
CA SER U 284 -71.11 53.75 24.50
C SER U 284 -70.87 53.45 25.98
N LEU U 285 -69.90 54.15 26.54
CA LEU U 285 -69.46 53.98 27.92
C LEU U 285 -69.81 55.24 28.71
N LYS U 286 -70.52 55.07 29.82
CA LYS U 286 -70.78 56.15 30.76
C LYS U 286 -69.90 55.93 31.99
N LEU U 287 -69.12 56.95 32.33
CA LEU U 287 -68.16 56.91 33.43
C LEU U 287 -68.59 57.90 34.49
N HIS U 288 -68.57 57.47 35.75
CA HIS U 288 -68.95 58.28 36.90
C HIS U 288 -67.86 58.16 37.95
N PRO U 289 -66.73 58.83 37.76
CA PRO U 289 -65.59 58.64 38.67
C PRO U 289 -65.74 59.40 39.98
N LYS U 290 -65.30 58.74 41.07
CA LYS U 290 -65.23 59.39 42.37
C LYS U 290 -64.06 60.36 42.45
N ASN U 291 -62.93 59.98 41.87
CA ASN U 291 -61.71 60.76 41.86
C ASN U 291 -61.15 60.76 40.44
N PRO U 292 -60.19 61.63 40.14
CA PRO U 292 -59.58 61.62 38.80
C PRO U 292 -59.01 60.25 38.47
N THR U 293 -59.23 59.82 37.22
CA THR U 293 -58.85 58.47 36.81
C THR U 293 -58.46 58.47 35.35
N TYR U 294 -57.57 57.55 35.01
CA TYR U 294 -57.06 57.40 33.65
C TYR U 294 -57.83 56.29 32.94
N LEU U 295 -58.30 56.59 31.74
CA LEU U 295 -58.91 55.61 30.85
C LEU U 295 -58.01 55.42 29.65
N ILE U 296 -57.71 54.17 29.31
CA ILE U 296 -56.85 53.86 28.17
C ILE U 296 -57.60 52.86 27.29
N THR U 297 -57.54 53.07 25.97
CA THR U 297 -58.21 52.20 25.01
C THR U 297 -57.33 51.96 23.80
N ARG U 298 -57.48 50.79 23.19
CA ARG U 298 -56.62 50.34 22.11
C ARG U 298 -57.34 49.28 21.28
N GLN U 299 -57.16 49.34 19.97
CA GLN U 299 -57.66 48.30 19.07
C GLN U 299 -56.57 47.24 18.86
N LEU U 300 -57.01 46.02 18.56
CA LEU U 300 -56.12 44.88 18.41
C LEU U 300 -55.69 44.66 16.96
N ALA U 301 -55.68 45.72 16.16
CA ALA U 301 -55.28 45.63 14.76
C ALA U 301 -53.77 45.82 14.65
N ASP U 302 -53.26 45.85 13.41
CA ASP U 302 -51.84 46.12 13.19
C ASP U 302 -51.44 47.49 13.70
N GLU U 303 -52.40 48.41 13.82
CA GLU U 303 -52.29 49.75 14.37
C GLU U 303 -53.01 49.85 15.72
N PRO U 304 -52.47 50.60 16.69
CA PRO U 304 -53.20 50.75 17.96
C PRO U 304 -54.29 51.81 17.97
N HIS U 305 -54.07 52.98 17.38
CA HIS U 305 -54.82 54.18 17.75
C HIS U 305 -54.98 54.27 19.27
N TYR U 306 -53.88 54.09 20.00
CA TYR U 306 -53.95 54.13 21.45
C TYR U 306 -54.42 55.50 21.92
N THR U 307 -55.38 55.50 22.84
CA THR U 307 -55.87 56.73 23.46
C THR U 307 -55.73 56.61 24.97
N HIS U 308 -55.29 57.70 25.59
CA HIS U 308 -54.84 57.71 26.98
C HIS U 308 -55.31 59.03 27.60
N GLU U 309 -56.47 59.00 28.27
CA GLU U 309 -57.13 60.21 28.73
C GLU U 309 -57.25 60.21 30.25
N LEU U 310 -57.36 61.42 30.81
CA LEU U 310 -57.64 61.63 32.23
C LEU U 310 -59.00 62.30 32.36
N ILE U 311 -59.87 61.70 33.17
CA ILE U 311 -61.22 62.21 33.39
C ILE U 311 -61.42 62.41 34.90
N SER U 312 -61.99 63.56 35.26
CA SER U 312 -62.29 63.88 36.64
C SER U 312 -63.75 64.26 36.86
N GLU U 313 -64.58 64.19 35.81
CA GLU U 313 -65.97 64.60 35.86
C GLU U 313 -66.78 63.51 35.16
N PRO U 314 -67.99 63.18 35.64
CA PRO U 314 -68.77 62.14 34.95
C PRO U 314 -69.05 62.52 33.51
N ALA U 315 -68.99 61.53 32.63
CA ALA U 315 -69.05 61.80 31.19
C ALA U 315 -69.52 60.57 30.44
N VAL U 316 -69.71 60.77 29.14
CA VAL U 316 -70.16 59.72 28.22
C VAL U 316 -69.26 59.75 27.00
N ARG U 317 -68.87 58.56 26.53
CA ARG U 317 -68.04 58.42 25.34
C ARG U 317 -68.65 57.37 24.42
N ASN U 318 -68.41 57.53 23.12
CA ASN U 318 -68.87 56.59 22.12
C ASN U 318 -67.68 56.18 21.26
N PHE U 319 -67.51 54.86 21.07
CA PHE U 319 -66.39 54.32 20.31
C PHE U 319 -66.90 53.30 19.31
N THR U 320 -66.15 53.14 18.22
CA THR U 320 -66.48 52.22 17.14
C THR U 320 -65.52 51.04 17.19
N VAL U 321 -66.06 49.84 16.98
CA VAL U 321 -65.30 48.60 17.11
C VAL U 321 -65.50 47.79 15.83
N THR U 322 -64.40 47.21 15.33
CA THR U 322 -64.42 46.31 14.18
C THR U 322 -64.23 44.87 14.65
N GLU U 323 -64.17 43.95 13.69
CA GLU U 323 -63.99 42.55 14.01
C GLU U 323 -62.62 42.25 14.60
N LYS U 324 -61.63 43.12 14.36
CA LYS U 324 -60.26 42.84 14.76
C LYS U 324 -60.06 42.87 16.28
N GLY U 325 -61.01 43.38 17.04
CA GLY U 325 -60.98 43.30 18.49
C GLY U 325 -60.68 44.65 19.14
N TRP U 326 -61.33 44.91 20.28
CA TRP U 326 -61.19 46.15 21.00
C TRP U 326 -60.81 45.83 22.44
N GLU U 327 -60.05 46.72 23.08
CA GLU U 327 -59.60 46.51 24.45
C GLU U 327 -59.50 47.85 25.16
N PHE U 328 -59.71 47.81 26.48
CA PHE U 328 -59.58 49.02 27.28
C PHE U 328 -59.32 48.66 28.73
N VAL U 329 -58.64 49.56 29.43
CA VAL U 329 -58.45 49.52 30.87
C VAL U 329 -59.01 50.80 31.46
N TRP U 330 -59.90 50.65 32.43
CA TRP U 330 -60.57 51.75 33.12
C TRP U 330 -60.32 51.53 34.61
N GLY U 331 -59.25 52.14 35.12
CA GLY U 331 -58.87 51.97 36.50
C GLY U 331 -58.00 50.75 36.71
N ASN U 332 -58.00 50.27 37.96
CA ASN U 332 -57.24 49.08 38.32
C ASN U 332 -57.98 47.79 38.01
N HIS U 333 -59.19 47.86 37.46
CA HIS U 333 -59.88 46.67 37.00
C HIS U 333 -59.01 45.98 35.93
N PRO U 334 -58.96 44.65 35.89
CA PRO U 334 -58.17 43.99 34.87
C PRO U 334 -58.66 44.39 33.49
N PRO U 335 -57.78 44.35 32.48
CA PRO U 335 -58.18 44.82 31.14
C PRO U 335 -59.37 44.05 30.59
N LYS U 336 -60.25 44.76 29.89
CA LYS U 336 -61.44 44.18 29.30
C LYS U 336 -61.33 44.24 27.77
N ARG U 337 -61.80 43.18 27.13
CA ARG U 337 -61.71 43.04 25.68
C ARG U 337 -63.08 42.65 25.13
N PHE U 338 -63.29 43.01 23.87
CA PHE U 338 -64.57 42.74 23.20
C PHE U 338 -64.32 42.47 21.72
N TRP U 339 -65.25 41.69 21.14
CA TRP U 339 -65.24 41.32 19.74
C TRP U 339 -66.61 41.62 19.15
N ALA U 340 -66.62 42.07 17.89
CA ALA U 340 -67.84 42.43 17.20
C ALA U 340 -68.11 41.43 16.09
N GLN U 341 -69.37 41.03 15.96
CA GLN U 341 -69.83 40.08 14.96
C GLN U 341 -70.95 40.69 14.13
N GLU U 342 -71.22 40.07 12.99
CA GLU U 342 -72.25 40.54 12.08
C GLU U 342 -73.64 40.20 12.62
N THR U 343 -74.55 41.15 12.52
CA THR U 343 -75.92 40.95 12.99
C THR U 343 -76.90 41.73 12.12
N TYR V 1 -45.47 -126.99 -91.86
CA TYR V 1 -46.32 -125.80 -92.12
C TYR V 1 -46.10 -124.72 -91.06
N GLU V 2 -45.48 -123.62 -91.47
CA GLU V 2 -45.24 -122.52 -90.54
C GLU V 2 -46.52 -121.72 -90.31
N HIS V 3 -46.75 -121.34 -89.05
CA HIS V 3 -47.90 -120.51 -88.69
C HIS V 3 -47.44 -119.52 -87.63
N ALA V 4 -47.52 -118.23 -87.94
CA ALA V 4 -47.10 -117.18 -87.03
C ALA V 4 -48.32 -116.54 -86.36
N THR V 5 -48.12 -116.09 -85.13
CA THR V 5 -49.17 -115.41 -84.38
C THR V 5 -48.51 -114.60 -83.27
N THR V 6 -49.34 -113.92 -82.49
CA THR V 6 -48.87 -113.15 -81.34
C THR V 6 -49.76 -113.47 -80.14
N MET V 7 -49.16 -113.36 -78.95
CA MET V 7 -49.80 -113.71 -77.69
C MET V 7 -49.73 -112.50 -76.76
N PRO V 8 -50.84 -112.02 -76.21
CA PRO V 8 -50.73 -110.95 -75.21
C PRO V 8 -49.91 -111.41 -74.02
N SER V 9 -49.05 -110.53 -73.52
CA SER V 9 -48.11 -110.89 -72.45
C SER V 9 -48.79 -110.74 -71.10
N GLN V 10 -49.68 -111.68 -70.80
CA GLN V 10 -50.40 -111.66 -69.54
C GLN V 10 -50.97 -113.06 -69.29
N ALA V 11 -51.00 -113.46 -68.02
CA ALA V 11 -51.48 -114.78 -67.63
C ALA V 11 -52.85 -114.66 -66.97
N GLY V 12 -53.74 -115.60 -67.33
CA GLY V 12 -55.07 -115.67 -66.76
C GLY V 12 -56.20 -115.66 -67.77
N ILE V 13 -55.93 -115.41 -69.05
CA ILE V 13 -56.94 -115.39 -70.11
C ILE V 13 -56.49 -116.30 -71.23
N SER V 14 -57.41 -117.13 -71.73
CA SER V 14 -57.09 -118.08 -72.77
C SER V 14 -56.81 -117.37 -74.09
N TYR V 15 -56.24 -118.10 -75.04
CA TYR V 15 -56.01 -117.60 -76.39
C TYR V 15 -56.37 -118.71 -77.37
N ASN V 16 -57.37 -118.44 -78.20
CA ASN V 16 -57.83 -119.37 -79.23
C ASN V 16 -57.39 -118.87 -80.61
N THR V 17 -57.03 -119.81 -81.47
CA THR V 17 -56.69 -119.49 -82.85
C THR V 17 -56.90 -120.73 -83.70
N ILE V 18 -56.70 -120.56 -85.02
CA ILE V 18 -57.01 -121.60 -85.99
C ILE V 18 -55.86 -121.74 -86.97
N VAL V 19 -55.81 -122.89 -87.62
CA VAL V 19 -54.92 -123.13 -88.76
C VAL V 19 -55.81 -123.64 -89.90
N ASN V 20 -55.85 -122.90 -91.00
CA ASN V 20 -56.59 -123.29 -92.19
C ASN V 20 -55.63 -123.45 -93.36
N ARG V 21 -55.70 -124.61 -94.01
CA ARG V 21 -54.99 -124.88 -95.25
C ARG V 21 -56.02 -124.84 -96.37
N ALA V 22 -55.64 -124.24 -97.51
CA ALA V 22 -56.52 -124.04 -98.65
C ALA V 22 -57.31 -125.29 -99.08
N GLY V 23 -56.83 -126.48 -98.73
CA GLY V 23 -57.46 -127.73 -99.11
C GLY V 23 -57.80 -128.67 -97.96
N TYR V 24 -57.14 -128.51 -96.81
CA TYR V 24 -57.36 -129.38 -95.67
C TYR V 24 -58.40 -128.76 -94.73
N ALA V 25 -58.68 -129.47 -93.64
CA ALA V 25 -59.69 -129.03 -92.68
C ALA V 25 -59.09 -128.11 -91.64
N PRO V 26 -59.92 -127.35 -90.92
CA PRO V 26 -59.40 -126.48 -89.86
C PRO V 26 -58.77 -127.27 -88.72
N LEU V 27 -57.79 -126.65 -88.07
CA LEU V 27 -57.16 -127.21 -86.87
C LEU V 27 -57.26 -126.16 -85.75
N PRO V 28 -58.04 -126.38 -84.70
CA PRO V 28 -58.07 -125.40 -83.60
C PRO V 28 -56.82 -125.47 -82.74
N ILE V 29 -56.51 -124.34 -82.09
CA ILE V 29 -55.37 -124.21 -81.18
C ILE V 29 -55.82 -123.40 -79.98
N SER V 30 -55.44 -123.86 -78.78
CA SER V 30 -55.74 -123.13 -77.55
C SER V 30 -54.47 -123.08 -76.71
N ILE V 31 -54.20 -121.92 -76.13
CA ILE V 31 -53.02 -121.71 -75.31
C ILE V 31 -53.42 -120.94 -74.05
N THR V 32 -52.79 -121.30 -72.92
CA THR V 32 -52.96 -120.57 -71.66
C THR V 32 -51.59 -120.38 -71.00
N PRO V 33 -51.07 -119.15 -70.92
CA PRO V 33 -49.82 -118.96 -70.15
C PRO V 33 -50.09 -118.97 -68.66
N THR V 34 -49.37 -119.81 -67.94
CA THR V 34 -49.57 -119.99 -66.51
C THR V 34 -48.83 -118.95 -65.69
N LYS V 35 -47.56 -118.68 -66.03
CA LYS V 35 -46.76 -117.73 -65.27
C LYS V 35 -45.53 -117.34 -66.08
N ILE V 36 -45.22 -116.05 -66.07
CA ILE V 36 -44.10 -115.49 -66.82
C ILE V 36 -43.15 -114.84 -65.81
N LYS V 37 -41.87 -115.21 -65.89
CA LYS V 37 -40.83 -114.66 -65.03
C LYS V 37 -39.84 -113.85 -65.86
N LEU V 38 -39.19 -112.89 -65.20
CA LEU V 38 -38.20 -112.01 -65.83
C LEU V 38 -37.00 -111.94 -64.89
N ILE V 39 -36.01 -112.78 -65.14
CA ILE V 39 -34.84 -112.90 -64.29
C ILE V 39 -33.77 -111.94 -64.80
N PRO V 40 -33.28 -111.00 -63.98
CA PRO V 40 -32.12 -110.21 -64.40
C PRO V 40 -30.81 -110.82 -63.96
N THR V 41 -29.78 -110.58 -64.78
CA THR V 41 -28.44 -111.01 -64.43
C THR V 41 -27.99 -110.29 -63.16
N VAL V 42 -27.43 -111.06 -62.22
CA VAL V 42 -27.10 -110.57 -60.88
C VAL V 42 -25.60 -110.74 -60.66
N ASN V 43 -24.95 -109.67 -60.20
CA ASN V 43 -23.51 -109.67 -59.89
C ASN V 43 -23.35 -109.03 -58.51
N LEU V 44 -23.11 -109.86 -57.50
CA LEU V 44 -22.92 -109.34 -56.14
C LEU V 44 -21.64 -108.52 -56.08
N GLU V 45 -21.71 -107.39 -55.36
CA GLU V 45 -20.64 -106.40 -55.37
C GLU V 45 -20.11 -106.09 -53.98
N TYR V 46 -20.96 -105.99 -52.96
CA TYR V 46 -20.53 -106.17 -51.56
C TYR V 46 -21.76 -106.29 -50.69
N VAL V 47 -21.52 -106.51 -49.40
CA VAL V 47 -22.55 -106.65 -48.37
C VAL V 47 -22.15 -105.81 -47.16
N THR V 48 -23.15 -105.21 -46.52
CA THR V 48 -22.96 -104.41 -45.32
C THR V 48 -23.97 -104.83 -44.26
N CYS V 49 -23.74 -104.38 -43.03
CA CYS V 49 -24.58 -104.75 -41.90
C CYS V 49 -24.26 -103.80 -40.74
N HIS V 50 -24.82 -104.12 -39.57
CA HIS V 50 -24.55 -103.35 -38.36
C HIS V 50 -23.08 -103.46 -37.96
N TYR V 51 -22.47 -102.33 -37.66
CA TYR V 51 -21.10 -102.28 -37.19
C TYR V 51 -21.07 -102.33 -35.67
N LYS V 52 -19.86 -102.44 -35.11
CA LYS V 52 -19.66 -102.48 -33.67
C LYS V 52 -18.32 -101.84 -33.34
N THR V 53 -18.35 -100.86 -32.44
CA THR V 53 -17.14 -100.19 -32.00
C THR V 53 -16.35 -101.10 -31.07
N GLY V 54 -15.18 -101.53 -31.50
CA GLY V 54 -14.31 -102.38 -30.71
C GLY V 54 -13.25 -101.54 -30.02
N MET V 55 -13.25 -101.62 -28.69
CA MET V 55 -12.36 -100.82 -27.85
C MET V 55 -11.39 -101.74 -27.14
N ASP V 56 -10.10 -101.48 -27.33
CA ASP V 56 -9.06 -102.20 -26.60
C ASP V 56 -8.96 -101.63 -25.19
N SER V 57 -8.49 -102.46 -24.27
CA SER V 57 -8.29 -102.01 -22.90
C SER V 57 -7.25 -100.90 -22.89
N PRO V 58 -7.48 -99.79 -22.19
CA PRO V 58 -6.50 -98.69 -22.22
C PRO V 58 -5.18 -99.14 -21.61
N ALA V 59 -4.07 -98.72 -22.24
CA ALA V 59 -2.75 -99.05 -21.71
C ALA V 59 -2.33 -97.95 -20.76
N ILE V 60 -2.08 -98.34 -19.51
CA ILE V 60 -1.80 -97.44 -18.40
C ILE V 60 -0.31 -97.54 -18.06
N LYS V 61 0.32 -96.38 -17.85
CA LYS V 61 1.70 -96.34 -17.39
C LYS V 61 1.82 -95.22 -16.36
N CYS V 62 2.19 -95.59 -15.14
CA CYS V 62 2.30 -94.65 -14.03
C CYS V 62 3.61 -93.89 -14.16
N CYS V 63 3.50 -92.58 -14.44
CA CYS V 63 4.63 -91.66 -14.59
C CYS V 63 5.74 -92.26 -15.45
N GLY V 64 5.39 -92.48 -16.71
CA GLY V 64 6.35 -92.88 -17.72
C GLY V 64 6.03 -92.26 -19.07
N SER V 65 6.14 -93.04 -20.14
CA SER V 65 5.80 -92.56 -21.48
C SER V 65 5.44 -93.76 -22.35
N GLN V 66 4.67 -93.49 -23.39
CA GLN V 66 4.15 -94.54 -24.26
C GLN V 66 4.23 -94.07 -25.71
N GLU V 67 3.99 -95.01 -26.63
CA GLU V 67 3.99 -94.73 -28.07
C GLU V 67 2.85 -95.50 -28.71
N CYS V 68 2.45 -95.02 -29.89
CA CYS V 68 1.35 -95.64 -30.63
C CYS V 68 1.91 -96.74 -31.55
N THR V 69 1.21 -97.87 -31.56
CA THR V 69 1.59 -99.03 -32.38
C THR V 69 0.49 -99.32 -33.38
N PRO V 70 0.63 -98.89 -34.65
CA PRO V 70 -0.46 -99.14 -35.61
C PRO V 70 -0.65 -100.62 -35.88
N THR V 71 -1.91 -101.00 -36.14
CA THR V 71 -2.28 -102.35 -36.48
C THR V 71 -3.05 -102.46 -37.79
N TYR V 72 -3.35 -101.33 -38.44
CA TYR V 72 -4.07 -101.31 -39.72
C TYR V 72 -5.44 -101.96 -39.62
N ARG V 73 -6.09 -101.85 -38.47
CA ARG V 73 -7.49 -102.25 -38.39
C ARG V 73 -8.35 -101.21 -39.11
N PRO V 74 -9.54 -101.60 -39.59
CA PRO V 74 -10.34 -100.65 -40.37
C PRO V 74 -10.74 -99.42 -39.57
N ASP V 75 -10.37 -98.26 -40.09
CA ASP V 75 -10.70 -96.96 -39.47
C ASP V 75 -10.23 -96.91 -38.02
N GLU V 76 -9.07 -97.50 -37.75
CA GLU V 76 -8.54 -97.52 -36.39
C GLU V 76 -8.07 -96.13 -35.98
N GLN V 77 -8.14 -95.85 -34.68
CA GLN V 77 -7.66 -94.60 -34.13
C GLN V 77 -6.97 -94.87 -32.81
N CYS V 78 -5.96 -94.05 -32.51
CA CYS V 78 -5.17 -94.20 -31.29
C CYS V 78 -4.66 -92.84 -30.85
N LYS V 79 -4.49 -92.68 -29.55
CA LYS V 79 -3.87 -91.46 -29.03
C LYS V 79 -3.34 -91.71 -27.63
N VAL V 80 -2.49 -90.79 -27.18
CA VAL V 80 -1.87 -90.83 -25.87
C VAL V 80 -2.24 -89.56 -25.12
N PHE V 81 -2.64 -89.71 -23.85
CA PHE V 81 -3.04 -88.59 -23.01
C PHE V 81 -2.25 -88.65 -21.71
N THR V 82 -2.09 -87.48 -21.09
CA THR V 82 -1.26 -87.32 -19.90
C THR V 82 -1.94 -86.37 -18.94
N GLY V 83 -1.55 -86.47 -17.66
CA GLY V 83 -2.02 -85.55 -16.65
C GLY V 83 -3.37 -85.92 -16.07
N VAL V 84 -3.53 -87.18 -15.67
CA VAL V 84 -4.76 -87.66 -15.05
C VAL V 84 -4.40 -88.56 -13.88
N TYR V 85 -5.20 -88.48 -12.82
CA TYR V 85 -5.00 -89.28 -11.62
C TYR V 85 -5.95 -90.47 -11.64
N PRO V 86 -5.49 -91.69 -11.87
CA PRO V 86 -6.41 -92.84 -11.95
C PRO V 86 -6.91 -93.25 -10.57
N PHE V 87 -7.97 -94.05 -10.59
CA PHE V 87 -8.55 -94.58 -9.36
C PHE V 87 -9.17 -95.93 -9.68
N MET V 88 -9.37 -96.72 -8.63
CA MET V 88 -9.90 -98.07 -8.75
C MET V 88 -10.82 -98.35 -7.57
N TRP V 89 -11.42 -99.55 -7.55
CA TRP V 89 -12.28 -99.94 -6.45
C TRP V 89 -11.53 -100.03 -5.13
N GLY V 90 -10.22 -100.32 -5.18
CA GLY V 90 -9.42 -100.41 -3.97
C GLY V 90 -8.72 -99.12 -3.61
N GLY V 91 -8.71 -98.15 -4.52
CA GLY V 91 -8.07 -96.87 -4.28
C GLY V 91 -7.44 -96.28 -5.52
N ALA V 92 -6.17 -95.91 -5.43
CA ALA V 92 -5.44 -95.29 -6.53
C ALA V 92 -4.49 -96.30 -7.14
N TYR V 93 -4.61 -96.53 -8.45
CA TYR V 93 -3.71 -97.45 -9.13
C TYR V 93 -2.30 -96.89 -9.21
N CYS V 94 -2.17 -95.64 -9.62
CA CYS V 94 -0.89 -94.95 -9.74
C CYS V 94 -0.73 -93.91 -8.65
N PHE V 95 0.51 -93.76 -8.17
CA PHE V 95 0.82 -92.85 -7.09
C PHE V 95 1.42 -91.52 -7.56
N CYS V 96 2.09 -91.52 -8.70
CA CYS V 96 2.69 -90.29 -9.20
C CYS V 96 1.61 -89.25 -9.51
N ASP V 97 1.95 -87.97 -9.26
CA ASP V 97 0.96 -86.91 -9.40
C ASP V 97 0.63 -86.62 -10.86
N THR V 98 1.65 -86.53 -11.72
CA THR V 98 1.47 -86.07 -13.09
C THR V 98 2.28 -86.99 -14.02
N GLU V 99 2.38 -86.57 -15.29
CA GLU V 99 3.10 -87.29 -16.34
C GLU V 99 2.69 -88.76 -16.43
N ASN V 100 1.47 -89.08 -16.01
CA ASN V 100 0.96 -90.45 -16.07
C ASN V 100 0.27 -90.66 -17.41
N THR V 101 0.75 -91.62 -18.19
CA THR V 101 0.37 -91.74 -19.58
C THR V 101 -0.66 -92.85 -19.77
N GLN V 102 -1.68 -92.55 -20.57
CA GLN V 102 -2.71 -93.51 -20.94
C GLN V 102 -2.84 -93.47 -22.45
N VAL V 103 -2.66 -94.61 -23.12
CA VAL V 103 -2.93 -94.71 -24.54
C VAL V 103 -4.27 -95.40 -24.73
N SER V 104 -5.13 -94.75 -25.52
CA SER V 104 -6.46 -95.24 -25.84
C SER V 104 -6.54 -95.56 -27.32
N LYS V 105 -7.11 -96.72 -27.64
CA LYS V 105 -7.22 -97.21 -29.00
C LYS V 105 -8.65 -97.65 -29.26
N ALA V 106 -9.09 -97.51 -30.50
CA ALA V 106 -10.43 -97.92 -30.90
C ALA V 106 -10.42 -98.30 -32.38
N TYR V 107 -11.40 -99.10 -32.76
CA TYR V 107 -11.55 -99.52 -34.15
C TYR V 107 -12.99 -100.00 -34.35
N VAL V 108 -13.28 -100.51 -35.54
CA VAL V 108 -14.61 -100.97 -35.90
C VAL V 108 -14.53 -102.41 -36.38
N MET V 109 -15.42 -103.25 -35.89
CA MET V 109 -15.56 -104.64 -36.34
C MET V 109 -17.01 -104.88 -36.68
N LYS V 110 -17.24 -105.63 -37.76
CA LYS V 110 -18.61 -105.96 -38.14
C LYS V 110 -19.25 -106.80 -37.04
N SER V 111 -20.50 -106.47 -36.71
CA SER V 111 -21.18 -107.15 -35.62
C SER V 111 -21.33 -108.63 -35.92
N ASP V 112 -21.23 -109.46 -34.88
CA ASP V 112 -21.37 -110.90 -35.05
C ASP V 112 -22.82 -111.32 -35.31
N ASP V 113 -23.78 -110.41 -35.19
CA ASP V 113 -25.18 -110.71 -35.46
C ASP V 113 -25.54 -110.56 -36.94
N CYS V 114 -24.55 -110.40 -37.82
CA CYS V 114 -24.80 -110.00 -39.20
C CYS V 114 -25.11 -111.17 -40.13
N LEU V 115 -25.04 -112.41 -39.65
CA LEU V 115 -25.25 -113.55 -40.54
C LEU V 115 -26.67 -113.54 -41.11
N ALA V 116 -27.67 -113.27 -40.27
CA ALA V 116 -29.06 -113.19 -40.70
C ALA V 116 -29.55 -111.76 -40.86
N ASP V 117 -28.72 -110.76 -40.59
CA ASP V 117 -29.08 -109.35 -40.70
C ASP V 117 -27.99 -108.73 -41.55
N HIS V 118 -28.21 -108.69 -42.86
CA HIS V 118 -27.24 -108.14 -43.79
C HIS V 118 -27.97 -107.55 -44.99
N ALA V 119 -27.42 -106.45 -45.52
CA ALA V 119 -27.96 -105.78 -46.69
C ALA V 119 -26.98 -105.95 -47.85
N GLU V 120 -27.50 -106.41 -48.99
CA GLU V 120 -26.67 -106.72 -50.15
C GLU V 120 -27.01 -105.76 -51.29
N ALA V 121 -26.02 -105.49 -52.14
CA ALA V 121 -26.14 -104.54 -53.23
C ALA V 121 -25.69 -105.20 -54.53
N TYR V 122 -26.52 -105.09 -55.56
CA TYR V 122 -26.25 -105.68 -56.87
C TYR V 122 -26.37 -104.62 -57.96
N LYS V 123 -25.69 -104.90 -59.08
CA LYS V 123 -25.90 -104.18 -60.33
C LYS V 123 -26.37 -105.18 -61.37
N ALA V 124 -27.46 -104.85 -62.07
CA ALA V 124 -28.15 -105.79 -62.94
C ALA V 124 -28.36 -105.18 -64.31
N HIS V 125 -28.43 -106.04 -65.32
CA HIS V 125 -28.65 -105.64 -66.70
C HIS V 125 -28.93 -106.89 -67.53
N THR V 126 -29.46 -106.67 -68.73
CA THR V 126 -29.70 -107.74 -69.71
C THR V 126 -30.64 -108.81 -69.13
N ALA V 127 -31.87 -108.37 -68.89
CA ALA V 127 -32.89 -109.27 -68.35
C ALA V 127 -33.21 -110.38 -69.35
N SER V 128 -33.62 -111.53 -68.82
CA SER V 128 -34.02 -112.67 -69.63
C SER V 128 -35.41 -113.12 -69.17
N VAL V 129 -36.33 -113.25 -70.12
CA VAL V 129 -37.71 -113.61 -69.83
C VAL V 129 -37.88 -115.11 -70.08
N GLN V 130 -38.71 -115.74 -69.26
CA GLN V 130 -39.15 -117.11 -69.47
C GLN V 130 -40.64 -117.17 -69.19
N ALA V 131 -41.31 -118.15 -69.82
CA ALA V 131 -42.74 -118.31 -69.69
C ALA V 131 -43.09 -119.79 -69.57
N PHE V 132 -44.12 -120.07 -68.77
CA PHE V 132 -44.66 -121.41 -68.61
C PHE V 132 -46.00 -121.46 -69.34
N LEU V 133 -46.19 -122.48 -70.18
CA LEU V 133 -47.35 -122.56 -71.05
C LEU V 133 -48.10 -123.86 -70.82
N ASN V 134 -49.42 -123.81 -70.99
CA ASN V 134 -50.26 -124.99 -71.14
C ASN V 134 -50.91 -124.91 -72.52
N ILE V 135 -50.53 -125.83 -73.40
CA ILE V 135 -50.82 -125.75 -74.82
C ILE V 135 -51.68 -126.94 -75.21
N THR V 136 -52.61 -126.72 -76.15
CA THR V 136 -53.44 -127.81 -76.66
C THR V 136 -53.73 -127.51 -78.13
N VAL V 137 -53.09 -128.27 -79.02
CA VAL V 137 -53.28 -128.16 -80.46
C VAL V 137 -53.86 -129.48 -80.96
N GLY V 138 -55.06 -129.42 -81.51
CA GLY V 138 -55.71 -130.64 -81.96
C GLY V 138 -55.97 -131.63 -80.84
N GLU V 139 -56.28 -131.12 -79.65
CA GLU V 139 -56.51 -131.96 -78.47
C GLU V 139 -55.25 -132.75 -78.12
N HIS V 140 -54.12 -132.05 -78.07
CA HIS V 140 -52.84 -132.61 -77.65
C HIS V 140 -52.31 -131.72 -76.53
N SER V 141 -52.66 -132.05 -75.29
CA SER V 141 -52.40 -131.19 -74.14
C SER V 141 -51.00 -131.41 -73.60
N ILE V 142 -50.31 -130.31 -73.29
CA ILE V 142 -48.98 -130.36 -72.69
C ILE V 142 -48.81 -129.15 -71.79
N VAL V 143 -47.96 -129.30 -70.78
CA VAL V 143 -47.54 -128.21 -69.90
C VAL V 143 -46.02 -128.16 -69.94
N THR V 144 -45.47 -126.97 -70.20
CA THR V 144 -44.05 -126.86 -70.52
C THR V 144 -43.48 -125.57 -69.99
N THR V 145 -42.18 -125.61 -69.71
CA THR V 145 -41.36 -124.42 -69.46
C THR V 145 -40.61 -124.08 -70.75
N VAL V 146 -40.73 -122.84 -71.20
CA VAL V 146 -40.17 -122.41 -72.47
C VAL V 146 -39.41 -121.10 -72.30
N TYR V 147 -38.38 -120.92 -73.12
CA TYR V 147 -37.61 -119.69 -73.18
C TYR V 147 -38.06 -118.88 -74.39
N VAL V 148 -38.08 -117.56 -74.24
CA VAL V 148 -38.73 -116.68 -75.21
C VAL V 148 -37.72 -115.77 -75.89
N ASN V 149 -36.49 -116.25 -76.06
CA ASN V 149 -35.49 -115.52 -76.84
C ASN V 149 -35.72 -115.82 -78.32
N GLY V 150 -34.79 -115.40 -79.18
CA GLY V 150 -34.90 -115.62 -80.61
C GLY V 150 -34.53 -117.02 -81.07
N GLU V 151 -34.26 -117.94 -80.15
CA GLU V 151 -33.83 -119.29 -80.47
C GLU V 151 -34.34 -120.22 -79.38
N THR V 152 -33.76 -121.42 -79.29
CA THR V 152 -34.18 -122.44 -78.33
C THR V 152 -35.61 -122.89 -78.57
N PRO V 153 -35.89 -123.57 -79.68
CA PRO V 153 -37.22 -124.14 -79.88
C PRO V 153 -37.44 -125.35 -78.98
N VAL V 154 -38.72 -125.72 -78.85
CA VAL V 154 -39.14 -126.86 -78.05
C VAL V 154 -40.02 -127.76 -78.90
N ASN V 155 -39.77 -129.06 -78.85
CA ASN V 155 -40.40 -130.03 -79.75
C ASN V 155 -41.03 -131.15 -78.93
N PHE V 156 -42.34 -131.34 -79.09
CA PHE V 156 -43.05 -132.49 -78.54
C PHE V 156 -43.86 -133.15 -79.64
N ASN V 157 -43.59 -134.43 -79.90
CA ASN V 157 -44.35 -135.23 -80.86
C ASN V 157 -44.32 -134.60 -82.25
N GLY V 158 -43.22 -133.90 -82.55
CA GLY V 158 -43.07 -133.20 -83.81
C GLY V 158 -43.62 -131.79 -83.82
N VAL V 159 -44.44 -131.42 -82.84
CA VAL V 159 -44.99 -130.06 -82.76
C VAL V 159 -43.86 -129.16 -82.25
N LYS V 160 -43.30 -128.34 -83.14
CA LYS V 160 -42.18 -127.47 -82.80
C LYS V 160 -42.72 -126.06 -82.60
N ILE V 161 -42.83 -125.66 -81.33
CA ILE V 161 -43.36 -124.35 -80.94
C ILE V 161 -42.20 -123.51 -80.44
N THR V 162 -42.10 -122.29 -80.96
CA THR V 162 -41.05 -121.36 -80.56
C THR V 162 -41.68 -120.02 -80.20
N ALA V 163 -41.05 -119.34 -79.24
CA ALA V 163 -41.45 -118.00 -78.82
C ALA V 163 -40.34 -117.04 -79.20
N GLY V 164 -40.67 -116.06 -80.05
CA GLY V 164 -39.68 -115.13 -80.55
C GLY V 164 -39.38 -114.02 -79.56
N PRO V 165 -38.59 -113.04 -80.00
CA PRO V 165 -38.18 -111.97 -79.09
C PRO V 165 -39.35 -111.13 -78.63
N LEU V 166 -39.23 -110.58 -77.41
CA LEU V 166 -40.25 -109.71 -76.87
C LEU V 166 -40.37 -108.44 -77.69
N SER V 167 -41.60 -107.93 -77.81
CA SER V 167 -41.81 -106.68 -78.54
C SER V 167 -41.11 -105.51 -77.85
N THR V 168 -41.05 -105.52 -76.52
CA THR V 168 -40.43 -104.46 -75.75
C THR V 168 -39.48 -105.07 -74.73
N ALA V 169 -38.36 -104.38 -74.48
CA ALA V 169 -37.40 -104.77 -73.46
C ALA V 169 -37.65 -104.08 -72.13
N TRP V 170 -38.90 -103.74 -71.83
CA TRP V 170 -39.22 -103.04 -70.60
C TRP V 170 -38.84 -103.86 -69.38
N THR V 171 -38.14 -103.23 -68.45
CA THR V 171 -37.66 -103.88 -67.23
C THR V 171 -37.95 -102.99 -66.02
N PRO V 172 -38.79 -103.40 -65.07
CA PRO V 172 -39.04 -102.53 -63.92
C PRO V 172 -37.80 -102.24 -63.10
N PHE V 173 -36.85 -103.17 -63.07
CA PHE V 173 -35.64 -102.99 -62.28
C PHE V 173 -34.78 -101.89 -62.89
N ASP V 174 -33.91 -101.34 -62.06
CA ASP V 174 -32.98 -100.28 -62.44
C ASP V 174 -31.57 -100.87 -62.53
N ARG V 175 -30.60 -100.00 -62.86
CA ARG V 175 -29.22 -100.45 -62.98
C ARG V 175 -28.70 -100.99 -61.65
N LYS V 176 -28.99 -100.28 -60.57
CA LYS V 176 -28.49 -100.61 -59.23
C LYS V 176 -29.67 -101.03 -58.37
N ILE V 177 -29.43 -101.94 -57.43
CA ILE V 177 -30.53 -102.52 -56.66
C ILE V 177 -29.98 -102.99 -55.32
N VAL V 178 -30.85 -102.98 -54.31
CA VAL V 178 -30.48 -103.33 -52.94
C VAL V 178 -31.48 -104.35 -52.41
N GLN V 179 -30.98 -105.37 -51.73
CA GLN V 179 -31.78 -106.45 -51.15
C GLN V 179 -31.57 -106.48 -49.65
N TYR V 180 -32.67 -106.56 -48.90
CA TYR V 180 -32.62 -106.69 -47.46
C TYR V 180 -33.98 -107.12 -46.94
N ALA V 181 -33.97 -108.03 -45.97
CA ALA V 181 -35.17 -108.45 -45.24
C ALA V 181 -36.26 -108.95 -46.20
N GLY V 182 -35.85 -109.74 -47.18
CA GLY V 182 -36.82 -110.34 -48.09
C GLY V 182 -37.53 -109.35 -48.97
N GLU V 183 -36.93 -108.18 -49.22
CA GLU V 183 -37.53 -107.14 -50.04
C GLU V 183 -36.47 -106.55 -50.95
N ILE V 184 -36.93 -105.67 -51.86
CA ILE V 184 -36.07 -105.05 -52.86
C ILE V 184 -36.34 -103.55 -52.86
N TYR V 185 -35.28 -102.76 -52.96
CA TYR V 185 -35.37 -101.31 -52.90
C TYR V 185 -34.53 -100.71 -54.00
N ASN V 186 -35.08 -99.72 -54.71
CA ASN V 186 -34.32 -98.97 -55.71
C ASN V 186 -33.56 -97.86 -55.01
N TYR V 187 -32.22 -97.94 -55.03
CA TYR V 187 -31.42 -96.98 -54.30
C TYR V 187 -30.07 -96.80 -54.98
N ASP V 188 -29.45 -95.65 -54.71
CA ASP V 188 -28.14 -95.27 -55.22
C ASP V 188 -27.13 -95.39 -54.09
N PHE V 189 -26.32 -96.45 -54.11
CA PHE V 189 -25.33 -96.69 -53.09
C PHE V 189 -23.95 -96.30 -53.61
N PRO V 190 -23.09 -95.66 -52.81
CA PRO V 190 -21.75 -95.31 -53.31
C PRO V 190 -20.94 -96.54 -53.68
N GLU V 191 -20.04 -96.36 -54.64
CA GLU V 191 -19.20 -97.44 -55.13
C GLU V 191 -18.20 -97.86 -54.06
N TYR V 192 -17.58 -99.02 -54.29
CA TYR V 192 -16.61 -99.56 -53.34
C TYR V 192 -15.46 -98.59 -53.12
N GLY V 193 -15.06 -98.44 -51.86
CA GLY V 193 -13.94 -97.60 -51.49
C GLY V 193 -14.25 -96.13 -51.30
N ALA V 194 -15.53 -95.75 -51.32
CA ALA V 194 -15.93 -94.34 -51.19
C ALA V 194 -17.11 -94.22 -50.22
N GLY V 195 -17.00 -94.87 -49.07
CA GLY V 195 -18.04 -94.75 -48.07
C GLY V 195 -18.02 -93.40 -47.37
N GLN V 196 -19.13 -93.09 -46.72
CA GLN V 196 -19.30 -91.85 -45.97
C GLN V 196 -20.05 -92.15 -44.68
N PRO V 197 -19.84 -91.34 -43.64
CA PRO V 197 -20.60 -91.55 -42.40
C PRO V 197 -22.06 -91.16 -42.57
N GLY V 198 -22.92 -91.82 -41.80
CA GLY V 198 -24.35 -91.52 -41.84
C GLY V 198 -25.08 -92.09 -43.04
N ALA V 199 -24.61 -91.80 -44.24
CA ALA V 199 -25.22 -92.35 -45.43
C ALA V 199 -24.95 -93.85 -45.52
N PHE V 200 -25.81 -94.54 -46.27
CA PHE V 200 -25.67 -95.99 -46.44
C PHE V 200 -24.32 -96.33 -47.07
N GLY V 201 -23.64 -97.30 -46.48
CA GLY V 201 -22.36 -97.76 -46.99
C GLY V 201 -21.17 -97.29 -46.16
N ASP V 202 -21.39 -97.01 -44.88
CA ASP V 202 -20.30 -96.62 -43.99
C ASP V 202 -19.37 -97.78 -43.67
N ILE V 203 -19.92 -98.98 -43.46
CA ILE V 203 -19.16 -100.20 -43.21
C ILE V 203 -19.40 -101.13 -44.39
N GLN V 204 -18.32 -101.62 -45.01
CA GLN V 204 -18.45 -102.38 -46.24
C GLN V 204 -17.44 -103.52 -46.27
N SER V 205 -17.93 -104.75 -46.33
CA SER V 205 -17.10 -105.94 -46.47
C SER V 205 -17.40 -106.62 -47.80
N ARG V 206 -16.35 -107.18 -48.42
CA ARG V 206 -16.50 -107.76 -49.75
C ARG V 206 -17.51 -108.89 -49.76
N THR V 207 -17.47 -109.76 -48.75
CA THR V 207 -18.39 -110.88 -48.64
C THR V 207 -18.92 -110.97 -47.22
N VAL V 208 -19.90 -111.85 -47.03
CA VAL V 208 -20.53 -111.99 -45.71
C VAL V 208 -19.53 -112.46 -44.67
N SER V 209 -18.48 -113.17 -45.09
CA SER V 209 -17.42 -113.65 -44.20
C SER V 209 -16.04 -113.42 -44.80
N SER V 210 -15.82 -112.25 -45.41
CA SER V 210 -14.53 -111.97 -46.01
C SER V 210 -13.44 -111.77 -44.96
N SER V 211 -13.82 -111.31 -43.77
CA SER V 211 -12.87 -110.95 -42.71
C SER V 211 -11.97 -109.80 -43.10
N ASP V 212 -12.38 -108.99 -44.07
CA ASP V 212 -11.64 -107.81 -44.50
C ASP V 212 -12.66 -106.80 -45.03
N LEU V 213 -12.55 -105.56 -44.56
CA LEU V 213 -13.58 -104.58 -44.83
C LEU V 213 -13.01 -103.17 -44.73
N TYR V 214 -13.80 -102.20 -45.16
CA TYR V 214 -13.45 -100.79 -45.12
C TYR V 214 -14.53 -100.07 -44.30
N ALA V 215 -14.08 -99.25 -43.35
CA ALA V 215 -14.98 -98.57 -42.43
C ALA V 215 -14.77 -97.06 -42.49
N ASN V 216 -15.88 -96.32 -42.37
CA ASN V 216 -15.85 -94.88 -42.21
C ASN V 216 -16.91 -94.51 -41.19
N THR V 217 -16.49 -94.20 -39.96
CA THR V 217 -17.39 -93.77 -38.91
C THR V 217 -17.04 -92.39 -38.36
N ASN V 218 -15.90 -91.81 -38.74
CA ASN V 218 -15.45 -90.54 -38.18
C ASN V 218 -15.33 -90.63 -36.66
N LEU V 219 -14.89 -91.78 -36.17
CA LEU V 219 -14.72 -91.97 -34.74
C LEU V 219 -13.65 -91.02 -34.21
N VAL V 220 -13.98 -90.32 -33.13
CA VAL V 220 -13.04 -89.40 -32.49
C VAL V 220 -13.06 -89.65 -30.99
N LEU V 221 -11.87 -89.70 -30.40
CA LEU V 221 -11.71 -89.93 -28.97
C LEU V 221 -11.53 -88.60 -28.25
N GLN V 222 -11.98 -88.55 -27.01
CA GLN V 222 -11.99 -87.34 -26.20
C GLN V 222 -11.18 -87.54 -24.92
N ARG V 223 -11.23 -86.53 -24.06
CA ARG V 223 -10.47 -86.52 -22.80
C ARG V 223 -11.20 -87.36 -21.75
N PRO V 224 -10.57 -88.39 -21.18
CA PRO V 224 -11.26 -89.22 -20.20
C PRO V 224 -11.60 -88.45 -18.92
N LYS V 225 -12.73 -88.81 -18.32
CA LYS V 225 -13.17 -88.15 -17.10
C LYS V 225 -12.12 -88.32 -16.01
N ALA V 226 -11.88 -87.24 -15.27
CA ALA V 226 -10.87 -87.26 -14.21
C ALA V 226 -11.23 -88.29 -13.15
N GLY V 227 -10.25 -89.10 -12.75
CA GLY V 227 -10.49 -90.13 -11.78
C GLY V 227 -11.30 -91.30 -12.30
N ALA V 228 -11.18 -91.61 -13.60
CA ALA V 228 -11.95 -92.68 -14.21
C ALA V 228 -11.05 -93.44 -15.19
N ILE V 229 -11.47 -94.65 -15.52
CA ILE V 229 -10.76 -95.52 -16.45
C ILE V 229 -11.72 -95.99 -17.52
N HIS V 230 -11.64 -95.37 -18.70
CA HIS V 230 -12.47 -95.76 -19.84
C HIS V 230 -11.96 -95.01 -21.06
N VAL V 231 -12.56 -95.30 -22.20
CA VAL V 231 -12.21 -94.67 -23.47
C VAL V 231 -13.40 -93.86 -23.99
N PRO V 232 -13.40 -92.53 -23.85
CA PRO V 232 -14.49 -91.74 -24.44
C PRO V 232 -14.36 -91.62 -25.94
N TYR V 233 -15.34 -92.16 -26.68
CA TYR V 233 -15.35 -92.16 -28.13
C TYR V 233 -16.71 -91.71 -28.62
N THR V 234 -16.73 -91.00 -29.74
CA THR V 234 -17.98 -90.60 -30.38
C THR V 234 -17.87 -90.76 -31.88
N GLN V 235 -18.98 -91.20 -32.49
CA GLN V 235 -19.11 -91.34 -33.92
C GLN V 235 -20.57 -91.18 -34.29
N ALA V 236 -20.84 -90.98 -35.57
CA ALA V 236 -22.21 -90.83 -36.02
C ALA V 236 -22.96 -92.15 -35.84
N PRO V 237 -24.29 -92.10 -35.69
CA PRO V 237 -25.04 -93.36 -35.54
C PRO V 237 -24.95 -94.26 -36.76
N SER V 238 -25.53 -95.45 -36.68
CA SER V 238 -25.43 -96.42 -37.76
C SER V 238 -26.15 -95.92 -39.00
N GLY V 239 -25.41 -95.83 -40.10
CA GLY V 239 -26.04 -95.50 -41.38
C GLY V 239 -27.05 -96.54 -41.79
N PHE V 240 -26.78 -97.81 -41.46
CA PHE V 240 -27.76 -98.86 -41.69
C PHE V 240 -29.04 -98.59 -40.92
N GLU V 241 -28.92 -98.17 -39.65
CA GLU V 241 -30.09 -97.86 -38.85
C GLU V 241 -30.86 -96.67 -39.43
N GLN V 242 -30.13 -95.64 -39.89
CA GLN V 242 -30.80 -94.49 -40.49
C GLN V 242 -31.53 -94.87 -41.77
N TRP V 243 -30.91 -95.71 -42.61
CA TRP V 243 -31.57 -96.17 -43.82
C TRP V 243 -32.81 -97.00 -43.48
N LYS V 244 -32.70 -97.85 -42.46
CA LYS V 244 -33.85 -98.64 -42.05
C LYS V 244 -34.98 -97.76 -41.53
N LYS V 245 -34.64 -96.68 -40.82
CA LYS V 245 -35.67 -95.75 -40.36
C LYS V 245 -36.31 -95.02 -41.53
N ASP V 246 -35.52 -94.64 -42.53
CA ASP V 246 -36.08 -93.96 -43.70
C ASP V 246 -36.99 -94.90 -44.48
N LYS V 247 -36.42 -95.96 -45.06
CA LYS V 247 -37.16 -97.07 -45.66
C LYS V 247 -38.29 -96.59 -46.58
N ALA V 248 -37.89 -95.99 -47.69
CA ALA V 248 -38.86 -95.61 -48.70
C ALA V 248 -39.63 -96.85 -49.14
N PRO V 249 -40.90 -96.71 -49.57
CA PRO V 249 -41.71 -97.91 -49.84
C PRO V 249 -41.08 -98.83 -50.87
N SER V 250 -41.22 -100.13 -50.64
CA SER V 250 -40.52 -101.13 -51.43
C SER V 250 -41.04 -101.15 -52.87
N LEU V 251 -40.25 -101.76 -53.75
CA LEU V 251 -40.66 -101.92 -55.14
C LEU V 251 -41.90 -102.78 -55.27
N LYS V 252 -42.16 -103.66 -54.30
CA LYS V 252 -43.34 -104.51 -54.35
C LYS V 252 -44.63 -103.71 -54.40
N PHE V 253 -44.64 -102.51 -53.82
CA PHE V 253 -45.84 -101.69 -53.71
C PHE V 253 -45.89 -100.57 -54.75
N THR V 254 -44.89 -100.47 -55.64
CA THR V 254 -44.86 -99.42 -56.65
C THR V 254 -44.36 -99.89 -58.00
N ALA V 255 -44.16 -101.18 -58.20
CA ALA V 255 -43.65 -101.67 -59.48
C ALA V 255 -44.69 -101.45 -60.58
N PRO V 256 -44.36 -100.78 -61.67
CA PRO V 256 -45.36 -100.56 -62.72
C PRO V 256 -45.68 -101.86 -63.47
N PHE V 257 -46.87 -101.86 -64.09
CA PHE V 257 -47.36 -102.99 -64.87
C PHE V 257 -47.55 -104.24 -64.01
N GLY V 258 -47.77 -104.06 -62.71
CA GLY V 258 -48.19 -105.16 -61.86
C GLY V 258 -47.18 -106.29 -61.69
N CYS V 259 -45.94 -105.95 -61.39
CA CYS V 259 -44.91 -106.95 -61.15
C CYS V 259 -44.86 -107.32 -59.68
N GLU V 260 -45.07 -108.60 -59.39
CA GLU V 260 -44.95 -109.15 -58.05
C GLU V 260 -43.53 -109.65 -57.87
N ILE V 261 -42.86 -109.18 -56.81
CA ILE V 261 -41.43 -109.39 -56.62
C ILE V 261 -41.22 -110.44 -55.52
N TYR V 262 -40.48 -111.48 -55.86
CA TYR V 262 -40.01 -112.48 -54.91
C TYR V 262 -38.49 -112.53 -54.97
N THR V 263 -37.88 -113.19 -53.98
CA THR V 263 -36.44 -113.04 -53.77
C THR V 263 -35.72 -114.34 -53.44
N ASN V 264 -36.28 -115.50 -53.78
CA ASN V 264 -35.49 -116.72 -53.64
C ASN V 264 -34.40 -116.64 -54.71
N PRO V 265 -34.73 -116.67 -56.02
CA PRO V 265 -33.97 -115.83 -56.96
C PRO V 265 -34.71 -114.52 -57.20
N ILE V 266 -33.99 -113.43 -57.45
CA ILE V 266 -34.64 -112.14 -57.67
C ILE V 266 -35.36 -112.21 -59.01
N ARG V 267 -36.68 -112.10 -58.97
CA ARG V 267 -37.49 -112.23 -60.19
C ARG V 267 -38.76 -111.41 -60.04
N ALA V 268 -39.36 -111.10 -61.18
CA ALA V 268 -40.63 -110.40 -61.27
C ALA V 268 -41.63 -111.26 -62.04
N GLU V 269 -42.92 -111.11 -61.70
CA GLU V 269 -43.97 -111.98 -62.23
C GLU V 269 -45.00 -111.17 -63.00
N ASN V 270 -45.49 -111.77 -64.09
CA ASN V 270 -46.65 -111.33 -64.87
C ASN V 270 -46.74 -109.81 -65.02
N CYS V 271 -45.62 -109.19 -65.38
CA CYS V 271 -45.66 -107.79 -65.80
C CYS V 271 -46.38 -107.70 -67.14
N ALA V 272 -47.61 -107.20 -67.13
CA ALA V 272 -48.48 -107.21 -68.29
C ALA V 272 -48.07 -106.10 -69.24
N VAL V 273 -47.21 -106.41 -70.20
CA VAL V 273 -46.77 -105.43 -71.19
C VAL V 273 -46.41 -106.16 -72.48
N GLY V 274 -46.97 -105.70 -73.59
CA GLY V 274 -46.55 -106.17 -74.91
C GLY V 274 -47.12 -107.52 -75.29
N SER V 275 -46.48 -108.12 -76.29
CA SER V 275 -46.91 -109.40 -76.82
C SER V 275 -45.69 -110.24 -77.19
N ILE V 276 -45.84 -111.55 -77.03
CA ILE V 276 -44.81 -112.51 -77.39
C ILE V 276 -45.19 -113.07 -78.76
N PRO V 277 -44.33 -112.96 -79.78
CA PRO V 277 -44.63 -113.66 -81.04
C PRO V 277 -44.43 -115.15 -80.88
N LEU V 278 -45.33 -115.92 -81.49
CA LEU V 278 -45.30 -117.38 -81.44
C LEU V 278 -45.20 -117.94 -82.85
N ALA V 279 -44.31 -118.91 -83.03
CA ALA V 279 -44.12 -119.62 -84.29
C ALA V 279 -44.46 -121.09 -84.08
N PHE V 280 -45.33 -121.63 -84.93
CA PHE V 280 -45.76 -123.03 -84.86
C PHE V 280 -45.28 -123.72 -86.12
N ASP V 281 -44.56 -124.83 -85.95
CA ASP V 281 -44.22 -125.74 -87.03
C ASP V 281 -44.92 -127.06 -86.72
N ILE V 282 -45.95 -127.37 -87.49
CA ILE V 282 -46.84 -128.51 -87.27
C ILE V 282 -46.47 -129.59 -88.28
N PRO V 283 -46.16 -130.81 -87.85
CA PRO V 283 -45.90 -131.87 -88.84
C PRO V 283 -47.13 -132.13 -89.70
N ASP V 284 -46.88 -132.50 -90.95
CA ASP V 284 -47.96 -132.72 -91.91
C ASP V 284 -48.89 -133.85 -91.51
N ALA V 285 -48.47 -134.75 -90.61
CA ALA V 285 -49.31 -135.85 -90.18
C ALA V 285 -50.43 -135.42 -89.24
N LEU V 286 -50.40 -134.19 -88.73
CA LEU V 286 -51.40 -133.73 -87.78
C LEU V 286 -52.65 -133.16 -88.46
N PHE V 287 -52.54 -132.72 -89.70
CA PHE V 287 -53.69 -132.16 -90.39
C PHE V 287 -54.73 -133.25 -90.67
N THR V 288 -55.96 -132.80 -90.93
CA THR V 288 -57.09 -133.70 -91.20
C THR V 288 -57.80 -133.23 -92.46
N ARG V 289 -58.35 -134.21 -93.19
CA ARG V 289 -58.94 -133.92 -94.49
C ARG V 289 -60.37 -133.40 -94.34
N VAL V 290 -60.87 -132.80 -95.43
CA VAL V 290 -62.23 -132.29 -95.44
C VAL V 290 -63.23 -133.43 -95.26
N SER V 291 -63.04 -134.52 -95.99
CA SER V 291 -63.91 -135.68 -95.84
C SER V 291 -63.78 -136.28 -94.44
N GLU V 292 -62.58 -136.22 -93.86
CA GLU V 292 -62.38 -136.74 -92.51
C GLU V 292 -62.98 -135.84 -91.43
N THR V 293 -63.24 -134.56 -91.74
CA THR V 293 -63.80 -133.63 -90.77
C THR V 293 -65.28 -133.35 -91.09
N PRO V 294 -66.06 -132.86 -90.12
CA PRO V 294 -67.49 -132.64 -90.36
C PRO V 294 -67.74 -131.44 -91.26
N THR V 295 -68.93 -131.43 -91.86
CA THR V 295 -69.44 -130.30 -92.62
C THR V 295 -70.92 -130.13 -92.30
N LEU V 296 -71.37 -128.87 -92.26
CA LEU V 296 -72.72 -128.51 -91.86
C LEU V 296 -73.54 -128.09 -93.07
N SER V 297 -74.82 -127.77 -92.82
CA SER V 297 -75.73 -127.35 -93.87
C SER V 297 -76.92 -126.63 -93.23
N ALA V 298 -77.31 -125.50 -93.83
CA ALA V 298 -78.47 -124.73 -93.38
C ALA V 298 -78.32 -124.30 -91.91
N ALA V 299 -77.31 -123.48 -91.67
CA ALA V 299 -76.99 -122.99 -90.33
C ALA V 299 -77.62 -121.62 -90.10
N GLU V 300 -77.98 -121.35 -88.84
CA GLU V 300 -78.71 -120.13 -88.50
C GLU V 300 -78.32 -119.65 -87.11
N CYS V 301 -77.84 -118.41 -87.03
CA CYS V 301 -77.50 -117.74 -85.78
C CYS V 301 -78.75 -117.22 -85.09
N THR V 302 -78.82 -117.36 -83.77
CA THR V 302 -79.78 -116.61 -82.98
C THR V 302 -79.17 -116.32 -81.62
N LEU V 303 -79.70 -115.32 -80.93
CA LEU V 303 -79.19 -114.88 -79.65
C LEU V 303 -80.22 -115.14 -78.55
N ASN V 304 -79.73 -115.41 -77.34
CA ASN V 304 -80.58 -115.54 -76.16
C ASN V 304 -80.30 -114.47 -75.12
N GLU V 305 -79.05 -114.06 -74.96
CA GLU V 305 -78.67 -112.98 -74.05
C GLU V 305 -77.55 -112.17 -74.68
N CYS V 306 -77.67 -110.85 -74.60
CA CYS V 306 -76.67 -109.93 -75.14
C CYS V 306 -76.40 -108.85 -74.11
N VAL V 307 -75.18 -108.84 -73.57
CA VAL V 307 -74.70 -107.76 -72.72
C VAL V 307 -73.21 -107.64 -72.96
N TYR V 308 -72.72 -106.41 -73.17
CA TYR V 308 -71.31 -106.19 -73.46
C TYR V 308 -70.55 -106.08 -72.13
N SER V 309 -70.57 -107.17 -71.38
CA SER V 309 -69.89 -107.25 -70.10
C SER V 309 -68.40 -107.53 -70.31
N SER V 310 -67.64 -107.41 -69.22
CA SER V 310 -66.22 -107.71 -69.28
C SER V 310 -65.96 -109.19 -69.50
N ASP V 311 -66.83 -110.06 -68.98
CA ASP V 311 -66.69 -111.50 -69.10
C ASP V 311 -67.53 -112.00 -70.28
N PHE V 312 -67.60 -113.33 -70.42
CA PHE V 312 -68.34 -113.92 -71.53
C PHE V 312 -69.84 -113.78 -71.30
N GLY V 313 -70.36 -112.59 -71.58
CA GLY V 313 -71.75 -112.27 -71.30
C GLY V 313 -72.62 -112.19 -72.54
N GLY V 314 -72.41 -113.10 -73.49
CA GLY V 314 -73.28 -113.21 -74.65
C GLY V 314 -73.50 -114.65 -75.03
N ILE V 315 -74.76 -115.06 -75.16
CA ILE V 315 -75.13 -116.45 -75.43
C ILE V 315 -75.81 -116.50 -76.79
N ALA V 316 -75.26 -117.30 -77.70
CA ALA V 316 -75.85 -117.47 -79.03
C ALA V 316 -75.99 -118.95 -79.35
N THR V 317 -77.14 -119.30 -79.89
CA THR V 317 -77.42 -120.67 -80.34
C THR V 317 -77.39 -120.72 -81.86
N VAL V 318 -76.68 -121.71 -82.38
CA VAL V 318 -76.65 -122.01 -83.80
C VAL V 318 -77.53 -123.22 -84.05
N LYS V 319 -78.55 -123.04 -84.88
CA LYS V 319 -79.35 -124.14 -85.37
C LYS V 319 -78.69 -124.67 -86.64
N TYR V 320 -78.29 -125.95 -86.61
CA TYR V 320 -77.47 -126.54 -87.64
C TYR V 320 -78.04 -127.89 -88.06
N SER V 321 -77.52 -128.41 -89.18
CA SER V 321 -77.88 -129.73 -89.67
C SER V 321 -76.62 -130.31 -90.33
N ALA V 322 -76.05 -131.33 -89.70
CA ALA V 322 -74.75 -131.86 -90.09
C ALA V 322 -74.90 -133.10 -90.95
N SER V 323 -73.98 -133.24 -91.92
CA SER V 323 -73.93 -134.46 -92.72
C SER V 323 -73.37 -135.62 -91.93
N LYS V 324 -72.35 -135.37 -91.11
CA LYS V 324 -71.76 -136.38 -90.24
C LYS V 324 -71.60 -135.80 -88.84
N SER V 325 -71.62 -136.68 -87.85
CA SER V 325 -71.51 -136.30 -86.44
C SER V 325 -70.04 -136.37 -86.01
N GLY V 326 -69.45 -135.22 -85.69
CA GLY V 326 -68.08 -135.16 -85.23
C GLY V 326 -67.73 -133.80 -84.66
N LYS V 327 -66.84 -133.77 -83.68
CA LYS V 327 -66.49 -132.50 -83.04
C LYS V 327 -65.67 -131.63 -83.98
N CYS V 328 -65.97 -130.34 -83.98
CA CYS V 328 -65.21 -129.36 -84.74
C CYS V 328 -65.40 -127.99 -84.09
N ALA V 329 -64.63 -127.01 -84.55
CA ALA V 329 -64.45 -125.75 -83.82
C ALA V 329 -65.12 -124.59 -84.54
N VAL V 330 -65.73 -123.72 -83.75
CA VAL V 330 -66.27 -122.44 -84.21
C VAL V 330 -65.25 -121.35 -83.88
N HIS V 331 -65.13 -120.38 -84.79
CA HIS V 331 -64.09 -119.36 -84.66
C HIS V 331 -64.58 -118.05 -85.25
N VAL V 332 -64.01 -116.96 -84.74
CA VAL V 332 -64.29 -115.61 -85.22
C VAL V 332 -62.96 -115.00 -85.69
N PRO V 333 -62.76 -114.74 -86.99
CA PRO V 333 -61.45 -114.20 -87.41
C PRO V 333 -61.10 -112.86 -86.79
N SER V 334 -62.09 -111.98 -86.59
CA SER V 334 -61.83 -110.63 -86.12
C SER V 334 -61.97 -110.53 -84.61
N GLY V 335 -61.64 -109.36 -84.07
CA GLY V 335 -61.78 -109.05 -82.67
C GLY V 335 -63.14 -108.54 -82.28
N THR V 336 -64.11 -108.54 -83.20
CA THR V 336 -65.45 -108.09 -82.88
C THR V 336 -66.07 -108.94 -81.78
N ALA V 337 -65.75 -110.23 -81.74
CA ALA V 337 -66.24 -111.15 -80.73
C ALA V 337 -65.10 -112.02 -80.23
N THR V 338 -65.22 -112.49 -78.99
CA THR V 338 -64.27 -113.40 -78.39
C THR V 338 -65.03 -114.59 -77.82
N LEU V 339 -64.66 -115.80 -78.25
CA LEU V 339 -65.35 -117.03 -77.92
C LEU V 339 -64.79 -117.65 -76.64
N LYS V 340 -65.61 -118.47 -75.99
CA LYS V 340 -65.17 -119.19 -74.80
C LYS V 340 -64.47 -120.51 -75.12
N GLU V 341 -65.18 -121.42 -75.78
CA GLU V 341 -64.71 -122.79 -75.91
C GLU V 341 -63.94 -123.01 -77.21
N ALA V 342 -62.92 -123.88 -77.14
CA ALA V 342 -62.11 -124.16 -78.31
C ALA V 342 -62.94 -124.82 -79.41
N ALA V 343 -63.77 -125.79 -79.05
CA ALA V 343 -64.58 -126.50 -80.03
C ALA V 343 -65.84 -127.04 -79.37
N VAL V 344 -66.85 -127.30 -80.18
CA VAL V 344 -68.16 -127.78 -79.73
C VAL V 344 -68.45 -129.09 -80.44
N GLU V 345 -68.82 -130.11 -79.66
CA GLU V 345 -69.22 -131.39 -80.25
C GLU V 345 -70.52 -131.21 -81.03
N LEU V 346 -70.59 -131.83 -82.20
CA LEU V 346 -71.71 -131.66 -83.12
C LEU V 346 -72.57 -132.92 -83.13
N THR V 347 -73.87 -132.72 -83.03
CA THR V 347 -74.85 -133.76 -83.32
C THR V 347 -75.25 -133.63 -84.79
N GLU V 348 -76.30 -134.33 -85.21
CA GLU V 348 -76.76 -134.29 -86.59
C GLU V 348 -77.87 -133.29 -86.83
N GLN V 349 -78.75 -133.06 -85.85
CA GLN V 349 -79.86 -132.13 -86.01
C GLN V 349 -80.13 -131.29 -84.77
N GLY V 350 -79.12 -131.12 -83.91
CA GLY V 350 -79.31 -130.35 -82.68
C GLY V 350 -79.05 -128.87 -82.87
N SER V 351 -79.07 -128.16 -81.75
CA SER V 351 -78.79 -126.73 -81.71
C SER V 351 -77.72 -126.50 -80.64
N ALA V 352 -76.65 -125.79 -81.02
CA ALA V 352 -75.47 -125.67 -80.16
C ALA V 352 -75.35 -124.25 -79.61
N THR V 353 -75.19 -124.15 -78.29
CA THR V 353 -75.06 -122.88 -77.61
C THR V 353 -73.58 -122.54 -77.42
N ILE V 354 -73.27 -121.24 -77.49
CA ILE V 354 -71.90 -120.76 -77.38
C ILE V 354 -71.87 -119.48 -76.55
N HIS V 355 -70.80 -119.35 -75.76
CA HIS V 355 -70.54 -118.21 -74.90
C HIS V 355 -69.49 -117.31 -75.53
N PHE V 356 -69.71 -116.00 -75.47
CA PHE V 356 -68.79 -115.07 -76.08
C PHE V 356 -68.90 -113.72 -75.36
N SER V 357 -68.04 -112.79 -75.79
CA SER V 357 -68.10 -111.41 -75.33
C SER V 357 -67.76 -110.49 -76.48
N THR V 358 -68.21 -109.24 -76.37
CA THR V 358 -68.03 -108.26 -77.44
C THR V 358 -67.99 -106.87 -76.82
N ALA V 359 -67.66 -105.89 -77.67
CA ALA V 359 -67.49 -104.51 -77.22
C ALA V 359 -68.36 -103.51 -77.98
N ASN V 360 -69.06 -103.93 -79.03
CA ASN V 360 -69.89 -103.04 -79.81
C ASN V 360 -71.29 -102.97 -79.21
N ILE V 361 -71.87 -101.77 -79.19
CA ILE V 361 -73.22 -101.61 -78.67
C ILE V 361 -74.23 -102.26 -79.61
N HIS V 362 -73.90 -102.37 -80.89
CA HIS V 362 -74.75 -103.02 -81.90
C HIS V 362 -73.88 -103.98 -82.70
N PRO V 363 -73.53 -105.14 -82.12
CA PRO V 363 -72.63 -106.06 -82.83
C PRO V 363 -73.28 -106.68 -84.06
N GLU V 364 -72.40 -107.06 -84.99
CA GLU V 364 -72.79 -107.82 -86.17
C GLU V 364 -71.50 -108.39 -86.76
N PHE V 365 -71.44 -109.70 -86.96
CA PHE V 365 -70.20 -110.31 -87.41
C PHE V 365 -70.47 -111.62 -88.13
N ARG V 366 -69.40 -112.16 -88.70
CA ARG V 366 -69.42 -113.41 -89.44
C ARG V 366 -68.70 -114.48 -88.63
N LEU V 367 -69.38 -115.59 -88.37
CA LEU V 367 -68.89 -116.66 -87.52
C LEU V 367 -68.56 -117.86 -88.40
N GLN V 368 -67.33 -118.36 -88.28
CA GLN V 368 -66.87 -119.49 -89.07
C GLN V 368 -67.08 -120.78 -88.29
N ILE V 369 -67.75 -121.74 -88.92
CA ILE V 369 -68.01 -123.06 -88.34
C ILE V 369 -67.51 -124.11 -89.33
N CYS V 370 -66.23 -124.45 -89.21
CA CYS V 370 -65.61 -125.71 -89.65
C CYS V 370 -65.62 -125.95 -91.17
N THR V 371 -66.57 -125.36 -91.89
CA THR V 371 -66.46 -125.17 -93.32
C THR V 371 -66.98 -123.80 -93.72
N SER V 372 -68.04 -123.35 -93.05
CA SER V 372 -68.92 -122.32 -93.59
C SER V 372 -68.87 -121.06 -92.73
N TYR V 373 -69.58 -120.04 -93.20
CA TYR V 373 -69.66 -118.74 -92.55
C TYR V 373 -71.14 -118.38 -92.37
N VAL V 374 -71.49 -117.93 -91.17
CA VAL V 374 -72.87 -117.60 -90.83
C VAL V 374 -72.91 -116.22 -90.19
N THR V 375 -73.95 -115.45 -90.51
CA THR V 375 -74.09 -114.10 -89.99
C THR V 375 -74.73 -114.15 -88.61
N CYS V 376 -74.00 -113.67 -87.60
CA CYS V 376 -74.49 -113.61 -86.23
C CYS V 376 -74.62 -112.14 -85.83
N LYS V 377 -75.81 -111.77 -85.34
CA LYS V 377 -76.14 -110.39 -85.01
C LYS V 377 -76.89 -110.36 -83.68
N GLY V 378 -76.79 -109.22 -83.00
CA GLY V 378 -77.45 -109.08 -81.72
C GLY V 378 -77.59 -107.63 -81.31
N ASP V 379 -78.12 -107.43 -80.11
CA ASP V 379 -78.33 -106.09 -79.55
C ASP V 379 -78.08 -106.17 -78.05
N CYS V 380 -76.88 -105.80 -77.62
CA CYS V 380 -76.51 -105.84 -76.22
C CYS V 380 -76.94 -104.55 -75.51
N HIS V 381 -76.92 -104.60 -74.18
CA HIS V 381 -77.37 -103.51 -73.33
C HIS V 381 -76.36 -103.31 -72.21
N PRO V 382 -76.40 -102.16 -71.53
CA PRO V 382 -75.42 -101.90 -70.49
C PRO V 382 -75.57 -102.88 -69.34
N PRO V 383 -74.50 -103.09 -68.55
CA PRO V 383 -74.59 -104.04 -67.43
C PRO V 383 -75.20 -103.41 -66.17
N LYS V 384 -75.22 -104.17 -65.07
CA LYS V 384 -75.81 -103.72 -63.82
C LYS V 384 -74.78 -103.22 -62.82
N ASP V 385 -73.65 -103.91 -62.67
CA ASP V 385 -72.64 -103.55 -61.70
C ASP V 385 -71.68 -102.50 -62.25
N HIS V 386 -70.99 -101.81 -61.35
CA HIS V 386 -69.99 -100.82 -61.69
C HIS V 386 -68.57 -101.37 -61.64
N ILE V 387 -68.28 -102.27 -60.71
CA ILE V 387 -66.95 -102.83 -60.51
C ILE V 387 -67.04 -104.35 -60.44
N VAL V 388 -66.08 -105.03 -61.06
CA VAL V 388 -65.92 -106.47 -60.93
C VAL V 388 -64.48 -106.74 -60.50
N THR V 389 -64.11 -108.01 -60.38
CA THR V 389 -62.82 -108.43 -59.82
C THR V 389 -62.08 -109.36 -60.77
N HIS V 390 -62.00 -108.97 -62.04
CA HIS V 390 -61.23 -109.73 -63.02
C HIS V 390 -60.86 -108.80 -64.17
N PRO V 391 -59.80 -109.12 -64.94
CA PRO V 391 -59.40 -108.23 -66.06
C PRO V 391 -60.38 -108.23 -67.22
N GLN V 392 -60.05 -107.47 -68.26
CA GLN V 392 -60.85 -107.46 -69.48
C GLN V 392 -60.49 -108.65 -70.36
N TYR V 393 -61.52 -109.23 -70.99
CA TYR V 393 -61.39 -110.46 -71.75
C TYR V 393 -61.40 -110.22 -73.26
N HIS V 394 -61.35 -108.97 -73.71
CA HIS V 394 -61.21 -108.67 -75.14
C HIS V 394 -60.51 -107.33 -75.29
N ALA V 395 -60.03 -107.07 -76.51
CA ALA V 395 -59.45 -105.79 -76.85
C ALA V 395 -60.54 -104.82 -77.29
N GLN V 396 -60.30 -103.54 -77.05
CA GLN V 396 -61.23 -102.48 -77.39
C GLN V 396 -60.81 -101.83 -78.70
N THR V 397 -61.76 -101.67 -79.61
CA THR V 397 -61.52 -101.06 -80.92
C THR V 397 -62.23 -99.71 -81.01
N PHE V 398 -61.69 -98.84 -81.84
CA PHE V 398 -62.25 -97.49 -82.03
C PHE V 398 -63.69 -97.57 -82.50
N TYR W 1 -114.23 -53.59 -20.13
CA TYR W 1 -113.39 -52.52 -20.76
C TYR W 1 -112.11 -53.11 -21.33
N GLU W 2 -112.14 -53.41 -22.63
CA GLU W 2 -110.98 -54.00 -23.29
C GLU W 2 -109.84 -52.99 -23.34
N HIS W 3 -108.63 -53.46 -23.01
CA HIS W 3 -107.41 -52.67 -23.15
C HIS W 3 -106.33 -53.54 -23.76
N ALA W 4 -105.68 -53.04 -24.81
CA ALA W 4 -104.65 -53.78 -25.52
C ALA W 4 -103.30 -53.12 -25.28
N THR W 5 -102.28 -53.95 -25.02
CA THR W 5 -100.94 -53.44 -24.80
C THR W 5 -99.93 -54.47 -25.31
N THR W 6 -98.67 -54.06 -25.35
CA THR W 6 -97.59 -54.91 -25.83
C THR W 6 -96.40 -54.75 -24.89
N MET W 7 -95.66 -55.86 -24.69
CA MET W 7 -94.51 -55.89 -23.80
C MET W 7 -93.34 -56.54 -24.52
N PRO W 8 -92.09 -56.12 -24.22
CA PRO W 8 -90.94 -56.82 -24.81
C PRO W 8 -90.70 -58.13 -24.07
N SER W 9 -90.53 -59.22 -24.83
CA SER W 9 -90.37 -60.52 -24.20
C SER W 9 -88.99 -60.61 -23.55
N GLN W 10 -88.93 -60.38 -22.24
CA GLN W 10 -87.68 -60.48 -21.51
C GLN W 10 -87.99 -60.56 -20.02
N ALA W 11 -87.08 -61.17 -19.27
CA ALA W 11 -87.27 -61.40 -17.85
C ALA W 11 -86.56 -60.32 -17.03
N GLY W 12 -87.03 -60.15 -15.80
CA GLY W 12 -86.38 -59.28 -14.84
C GLY W 12 -86.89 -57.85 -14.81
N ILE W 13 -86.89 -57.18 -15.96
CA ILE W 13 -87.21 -55.76 -16.03
C ILE W 13 -88.71 -55.58 -15.93
N SER W 14 -89.12 -54.59 -15.13
CA SER W 14 -90.54 -54.33 -14.90
C SER W 14 -91.14 -53.58 -16.09
N TYR W 15 -92.47 -53.44 -16.06
CA TYR W 15 -93.20 -52.73 -17.11
C TYR W 15 -94.42 -52.09 -16.45
N ASN W 16 -94.42 -50.76 -16.36
CA ASN W 16 -95.43 -50.01 -15.64
C ASN W 16 -96.19 -49.11 -16.61
N THR W 17 -97.52 -49.16 -16.55
CA THR W 17 -98.38 -48.30 -17.36
C THR W 17 -99.58 -47.87 -16.52
N ILE W 18 -100.45 -47.06 -17.12
CA ILE W 18 -101.70 -46.66 -16.51
C ILE W 18 -102.80 -46.71 -17.57
N VAL W 19 -103.99 -47.13 -17.17
CA VAL W 19 -105.18 -46.98 -18.00
C VAL W 19 -105.89 -45.70 -17.59
N ASN W 20 -106.12 -44.83 -18.57
CA ASN W 20 -106.63 -43.47 -18.36
C ASN W 20 -108.08 -43.40 -18.83
N ARG W 21 -109.01 -43.52 -17.87
CA ARG W 21 -110.40 -43.26 -18.18
C ARG W 21 -110.63 -41.75 -18.24
N ALA W 22 -111.45 -41.33 -19.20
CA ALA W 22 -111.64 -39.90 -19.43
C ALA W 22 -112.21 -39.18 -18.21
N GLY W 23 -113.16 -39.80 -17.52
CA GLY W 23 -113.86 -39.16 -16.41
C GLY W 23 -113.57 -39.76 -15.05
N TYR W 24 -112.70 -40.77 -14.97
CA TYR W 24 -112.35 -41.43 -13.73
C TYR W 24 -110.84 -41.44 -13.56
N ALA W 25 -110.41 -41.66 -12.33
CA ALA W 25 -108.99 -41.58 -12.02
C ALA W 25 -108.22 -42.67 -12.77
N PRO W 26 -107.00 -42.38 -13.25
CA PRO W 26 -106.22 -43.44 -13.90
C PRO W 26 -105.92 -44.58 -12.94
N LEU W 27 -105.88 -45.80 -13.50
CA LEU W 27 -105.57 -47.01 -12.73
C LEU W 27 -104.20 -47.53 -13.15
N PRO W 28 -103.22 -47.68 -12.24
CA PRO W 28 -101.91 -48.20 -12.67
C PRO W 28 -101.86 -49.72 -12.77
N ILE W 29 -100.98 -50.18 -13.66
CA ILE W 29 -100.72 -51.59 -13.89
C ILE W 29 -99.21 -51.79 -13.87
N SER W 30 -98.75 -52.82 -13.15
CA SER W 30 -97.33 -53.16 -13.08
C SER W 30 -97.15 -54.64 -13.35
N ILE W 31 -96.24 -54.95 -14.29
CA ILE W 31 -95.92 -56.31 -14.71
C ILE W 31 -94.45 -56.57 -14.41
N THR W 32 -94.15 -57.77 -13.89
CA THR W 32 -92.76 -58.24 -13.88
C THR W 32 -92.73 -59.73 -14.24
N PRO W 33 -92.16 -60.11 -15.38
CA PRO W 33 -91.99 -61.55 -15.67
C PRO W 33 -90.78 -62.12 -14.93
N THR W 34 -90.96 -63.31 -14.36
CA THR W 34 -89.91 -63.98 -13.61
C THR W 34 -89.19 -65.06 -14.40
N LYS W 35 -89.92 -65.79 -15.25
CA LYS W 35 -89.33 -66.90 -16.00
C LYS W 35 -90.24 -67.23 -17.17
N ILE W 36 -89.73 -67.10 -18.38
CA ILE W 36 -90.47 -67.42 -19.60
C ILE W 36 -89.88 -68.71 -20.16
N LYS W 37 -90.69 -69.75 -20.24
CA LYS W 37 -90.24 -71.07 -20.65
C LYS W 37 -90.50 -71.29 -22.14
N LEU W 38 -90.03 -72.43 -22.65
CA LEU W 38 -90.32 -72.83 -24.03
C LEU W 38 -90.24 -74.36 -24.06
N ILE W 39 -91.39 -75.01 -23.99
CA ILE W 39 -91.49 -76.46 -23.89
C ILE W 39 -91.87 -76.99 -25.27
N PRO W 40 -91.03 -77.80 -25.93
CA PRO W 40 -91.44 -78.41 -27.19
C PRO W 40 -92.17 -79.73 -26.99
N THR W 41 -93.00 -80.07 -27.97
CA THR W 41 -93.59 -81.41 -28.01
C THR W 41 -92.48 -82.43 -28.22
N VAL W 42 -92.42 -83.42 -27.32
CA VAL W 42 -91.33 -84.38 -27.28
C VAL W 42 -91.90 -85.76 -27.60
N ASN W 43 -91.25 -86.45 -28.54
CA ASN W 43 -91.66 -87.79 -28.97
C ASN W 43 -90.41 -88.66 -29.05
N LEU W 44 -90.23 -89.53 -28.07
CA LEU W 44 -89.08 -90.42 -28.07
C LEU W 44 -89.17 -91.42 -29.22
N GLU W 45 -88.01 -91.78 -29.76
CA GLU W 45 -87.90 -92.75 -30.84
C GLU W 45 -87.16 -94.01 -30.43
N TYR W 46 -85.99 -93.87 -29.80
CA TYR W 46 -85.19 -95.03 -29.40
C TYR W 46 -84.27 -94.60 -28.26
N VAL W 47 -83.40 -95.52 -27.86
CA VAL W 47 -82.31 -95.25 -26.92
C VAL W 47 -81.09 -96.04 -27.38
N THR W 48 -79.91 -95.47 -27.22
CA THR W 48 -78.65 -96.11 -27.57
C THR W 48 -77.73 -96.19 -26.35
N CYS W 49 -76.82 -97.15 -26.40
CA CYS W 49 -75.92 -97.39 -25.28
C CYS W 49 -74.74 -98.21 -25.77
N HIS W 50 -73.73 -98.36 -24.91
CA HIS W 50 -72.55 -99.14 -25.25
C HIS W 50 -72.92 -100.60 -25.48
N TYR W 51 -72.29 -101.19 -26.49
CA TYR W 51 -72.57 -102.58 -26.86
C TYR W 51 -71.66 -103.53 -26.08
N LYS W 52 -71.89 -104.82 -26.27
CA LYS W 52 -71.10 -105.86 -25.62
C LYS W 52 -71.03 -107.05 -26.57
N THR W 53 -69.81 -107.48 -26.87
CA THR W 53 -69.56 -108.58 -27.81
C THR W 53 -69.97 -109.90 -27.14
N GLY W 54 -71.27 -110.18 -27.23
CA GLY W 54 -71.80 -111.42 -26.70
C GLY W 54 -71.16 -112.61 -27.36
N MET W 55 -70.63 -113.52 -26.55
CA MET W 55 -69.79 -114.61 -27.02
C MET W 55 -70.31 -115.92 -26.46
N ASP W 56 -70.33 -116.94 -27.31
CA ASP W 56 -70.73 -118.29 -26.94
C ASP W 56 -69.52 -119.21 -26.95
N SER W 57 -69.51 -120.18 -26.05
CA SER W 57 -68.38 -121.09 -25.96
C SER W 57 -68.26 -121.87 -27.27
N PRO W 58 -67.03 -122.09 -27.77
CA PRO W 58 -66.89 -122.81 -29.05
C PRO W 58 -67.42 -124.23 -28.93
N ALA W 59 -68.07 -124.70 -30.00
CA ALA W 59 -68.61 -126.05 -30.05
C ALA W 59 -67.64 -126.93 -30.84
N ILE W 60 -67.09 -127.93 -30.18
CA ILE W 60 -66.04 -128.76 -30.75
C ILE W 60 -66.59 -130.17 -30.97
N LYS W 61 -66.25 -130.75 -32.13
CA LYS W 61 -66.56 -132.14 -32.43
C LYS W 61 -65.38 -132.69 -33.23
N CYS W 62 -64.48 -133.38 -32.54
CA CYS W 62 -63.30 -133.95 -33.20
C CYS W 62 -63.69 -135.21 -33.95
N CYS W 63 -63.11 -135.38 -35.15
CA CYS W 63 -63.38 -136.54 -35.99
C CYS W 63 -64.89 -136.66 -36.27
N GLY W 64 -65.49 -135.54 -36.64
CA GLY W 64 -66.90 -135.52 -36.93
C GLY W 64 -67.28 -134.32 -37.78
N SER W 65 -68.53 -133.90 -37.66
CA SER W 65 -69.05 -132.77 -38.39
C SER W 65 -70.07 -132.03 -37.54
N GLN W 66 -70.24 -130.74 -37.83
CA GLN W 66 -71.16 -129.87 -37.12
C GLN W 66 -71.97 -129.05 -38.12
N GLU W 67 -73.04 -128.42 -37.62
CA GLU W 67 -73.93 -127.61 -38.44
C GLU W 67 -74.17 -126.29 -37.71
N CYS W 68 -74.96 -125.43 -38.33
CA CYS W 68 -75.28 -124.10 -37.80
C CYS W 68 -76.71 -124.10 -37.27
N THR W 69 -76.88 -123.65 -36.03
CA THR W 69 -78.19 -123.54 -35.40
C THR W 69 -78.50 -122.07 -35.16
N PRO W 70 -79.36 -121.43 -35.96
CA PRO W 70 -79.56 -119.97 -35.81
C PRO W 70 -80.47 -119.67 -34.62
N THR W 71 -79.96 -118.88 -33.69
CA THR W 71 -80.76 -118.38 -32.56
C THR W 71 -81.42 -117.04 -32.86
N TYR W 72 -81.12 -116.43 -34.00
CA TYR W 72 -81.72 -115.15 -34.40
C TYR W 72 -81.40 -114.03 -33.41
N ARG W 73 -80.22 -114.06 -32.82
CA ARG W 73 -79.80 -112.93 -31.99
C ARG W 73 -79.41 -111.75 -32.88
N PRO W 74 -79.43 -110.52 -32.34
CA PRO W 74 -79.13 -109.36 -33.19
C PRO W 74 -77.72 -109.41 -33.75
N ASP W 75 -77.62 -109.30 -35.08
CA ASP W 75 -76.34 -109.32 -35.79
C ASP W 75 -75.55 -110.58 -35.46
N GLU W 76 -76.25 -111.70 -35.31
CA GLU W 76 -75.60 -112.94 -34.93
C GLU W 76 -74.76 -113.48 -36.09
N GLN W 77 -73.59 -114.01 -35.75
CA GLN W 77 -72.67 -114.60 -36.72
C GLN W 77 -72.33 -116.02 -36.28
N CYS W 78 -72.28 -116.92 -37.26
CA CYS W 78 -71.93 -118.32 -37.03
C CYS W 78 -70.98 -118.77 -38.12
N LYS W 79 -69.94 -119.52 -37.75
CA LYS W 79 -69.06 -120.06 -38.77
C LYS W 79 -68.37 -121.32 -38.25
N VAL W 80 -68.15 -122.26 -39.18
CA VAL W 80 -67.56 -123.56 -38.87
C VAL W 80 -66.25 -123.69 -39.63
N PHE W 81 -65.22 -124.18 -38.93
CA PHE W 81 -63.91 -124.40 -39.51
C PHE W 81 -63.42 -125.80 -39.13
N THR W 82 -62.53 -126.32 -39.97
CA THR W 82 -61.95 -127.65 -39.79
C THR W 82 -60.44 -127.50 -39.59
N GLY W 83 -59.77 -128.65 -39.40
CA GLY W 83 -58.33 -128.65 -39.19
C GLY W 83 -57.89 -127.99 -37.90
N VAL W 84 -58.59 -128.26 -36.79
CA VAL W 84 -58.32 -127.65 -35.50
C VAL W 84 -57.76 -128.72 -34.56
N TYR W 85 -56.67 -128.39 -33.88
CA TYR W 85 -56.03 -129.28 -32.90
C TYR W 85 -55.86 -128.51 -31.60
N PRO W 86 -56.88 -128.46 -30.74
CA PRO W 86 -56.81 -127.61 -29.55
C PRO W 86 -55.87 -128.17 -28.49
N PHE W 87 -55.62 -127.35 -27.47
CA PHE W 87 -54.81 -127.72 -26.32
C PHE W 87 -55.49 -127.24 -25.05
N MET W 88 -55.17 -127.89 -23.93
CA MET W 88 -55.59 -127.43 -22.61
C MET W 88 -54.39 -127.55 -21.67
N TRP W 89 -54.63 -127.27 -20.38
CA TRP W 89 -53.58 -127.36 -19.39
C TRP W 89 -53.00 -128.77 -19.31
N GLY W 90 -53.86 -129.79 -19.41
CA GLY W 90 -53.41 -131.16 -19.39
C GLY W 90 -53.23 -131.75 -20.77
N GLY W 91 -52.65 -130.97 -21.69
CA GLY W 91 -52.37 -131.47 -23.03
C GLY W 91 -53.53 -131.28 -23.98
N ALA W 92 -53.51 -132.09 -25.05
CA ALA W 92 -54.50 -131.99 -26.11
C ALA W 92 -55.83 -132.60 -25.67
N TYR W 93 -56.91 -132.17 -26.34
CA TYR W 93 -58.24 -132.63 -25.99
C TYR W 93 -58.59 -133.96 -26.65
N CYS W 94 -58.64 -133.99 -27.99
CA CYS W 94 -58.89 -135.22 -28.75
C CYS W 94 -57.58 -135.76 -29.31
N PHE W 95 -57.65 -136.99 -29.83
CA PHE W 95 -56.50 -137.70 -30.37
C PHE W 95 -56.33 -137.53 -31.86
N CYS W 96 -57.39 -137.14 -32.58
CA CYS W 96 -57.32 -137.00 -34.03
C CYS W 96 -56.33 -135.92 -34.43
N ASP W 97 -55.75 -136.10 -35.62
CA ASP W 97 -54.87 -135.11 -36.22
C ASP W 97 -55.58 -134.15 -37.16
N THR W 98 -56.67 -134.58 -37.78
CA THR W 98 -57.44 -133.73 -38.69
C THR W 98 -58.91 -134.13 -38.56
N GLU W 99 -59.75 -133.60 -39.45
CA GLU W 99 -61.19 -133.89 -39.47
C GLU W 99 -61.86 -133.47 -38.15
N ASN W 100 -61.33 -132.43 -37.51
CA ASN W 100 -61.89 -131.91 -36.27
C ASN W 100 -62.62 -130.61 -36.57
N THR W 101 -63.87 -130.51 -36.09
CA THR W 101 -64.77 -129.42 -36.43
C THR W 101 -64.91 -128.48 -35.24
N GLN W 102 -64.77 -127.18 -35.50
CA GLN W 102 -64.98 -126.14 -34.50
C GLN W 102 -66.00 -125.15 -35.05
N VAL W 103 -67.09 -124.96 -34.31
CA VAL W 103 -68.13 -124.01 -34.65
C VAL W 103 -68.05 -122.86 -33.67
N SER W 104 -68.01 -121.64 -34.20
CA SER W 104 -67.90 -120.42 -33.41
C SER W 104 -69.12 -119.54 -33.65
N LYS W 105 -69.73 -119.08 -32.57
CA LYS W 105 -70.89 -118.21 -32.58
C LYS W 105 -70.53 -116.88 -31.94
N ALA W 106 -71.18 -115.82 -32.40
CA ALA W 106 -70.97 -114.49 -31.83
C ALA W 106 -72.23 -113.67 -32.04
N TYR W 107 -72.37 -112.63 -31.23
CA TYR W 107 -73.54 -111.76 -31.29
C TYR W 107 -73.21 -110.51 -30.48
N VAL W 108 -74.19 -109.62 -30.35
CA VAL W 108 -74.03 -108.38 -29.62
C VAL W 108 -75.23 -108.17 -28.72
N MET W 109 -74.97 -107.76 -27.47
CA MET W 109 -76.03 -107.45 -26.52
C MET W 109 -75.73 -106.11 -25.85
N LYS W 110 -76.79 -105.44 -25.41
CA LYS W 110 -76.62 -104.14 -24.79
C LYS W 110 -75.91 -104.29 -23.44
N SER W 111 -75.02 -103.34 -23.14
CA SER W 111 -74.18 -103.42 -21.95
C SER W 111 -75.01 -103.32 -20.68
N ASP W 112 -74.36 -103.54 -19.54
CA ASP W 112 -75.05 -103.55 -18.25
C ASP W 112 -75.26 -102.15 -17.68
N ASP W 113 -74.44 -101.18 -18.05
CA ASP W 113 -74.54 -99.83 -17.52
C ASP W 113 -75.55 -98.97 -18.27
N CYS W 114 -76.45 -99.57 -19.04
CA CYS W 114 -77.46 -98.79 -19.76
C CYS W 114 -78.42 -98.09 -18.81
N LEU W 115 -78.57 -98.57 -17.58
CA LEU W 115 -79.53 -97.97 -16.66
C LEU W 115 -79.11 -96.59 -16.19
N ALA W 116 -77.85 -96.21 -16.37
CA ALA W 116 -77.34 -94.93 -15.90
C ALA W 116 -76.52 -94.17 -16.93
N ASP W 117 -76.29 -94.74 -18.12
CA ASP W 117 -75.50 -94.08 -19.15
C ASP W 117 -76.05 -94.49 -20.51
N HIS W 118 -76.93 -93.65 -21.07
CA HIS W 118 -77.49 -93.89 -22.39
C HIS W 118 -77.99 -92.57 -22.95
N ALA W 119 -78.06 -92.50 -24.27
CA ALA W 119 -78.49 -91.30 -24.99
C ALA W 119 -79.85 -91.57 -25.63
N GLU W 120 -80.76 -90.61 -25.48
CA GLU W 120 -82.12 -90.71 -26.00
C GLU W 120 -82.27 -89.81 -27.21
N ALA W 121 -83.24 -90.15 -28.07
CA ALA W 121 -83.56 -89.38 -29.25
C ALA W 121 -84.95 -88.79 -29.13
N TYR W 122 -85.17 -87.66 -29.81
CA TYR W 122 -86.45 -86.96 -29.74
C TYR W 122 -86.69 -86.21 -31.04
N LYS W 123 -87.97 -86.04 -31.36
CA LYS W 123 -88.41 -85.22 -32.48
C LYS W 123 -89.23 -84.06 -31.91
N ALA W 124 -88.82 -82.84 -32.23
CA ALA W 124 -89.40 -81.64 -31.65
C ALA W 124 -90.18 -80.86 -32.71
N HIS W 125 -91.29 -80.27 -32.27
CA HIS W 125 -92.17 -79.48 -33.13
C HIS W 125 -93.28 -78.89 -32.26
N THR W 126 -93.89 -77.83 -32.78
CA THR W 126 -95.05 -77.18 -32.16
C THR W 126 -94.75 -76.80 -30.70
N ALA W 127 -93.79 -75.88 -30.56
CA ALA W 127 -93.39 -75.42 -29.25
C ALA W 127 -94.52 -74.65 -28.58
N SER W 128 -94.63 -74.81 -27.26
CA SER W 128 -95.58 -74.08 -26.43
C SER W 128 -94.81 -73.24 -25.41
N VAL W 129 -95.21 -71.99 -25.26
CA VAL W 129 -94.47 -71.01 -24.49
C VAL W 129 -95.35 -70.55 -23.32
N GLN W 130 -94.83 -70.72 -22.10
CA GLN W 130 -95.49 -70.31 -20.87
C GLN W 130 -94.62 -69.29 -20.15
N ALA W 131 -95.16 -68.72 -19.08
CA ALA W 131 -94.41 -67.72 -18.33
C ALA W 131 -94.98 -67.57 -16.93
N PHE W 132 -94.10 -67.23 -15.99
CA PHE W 132 -94.46 -66.84 -14.63
C PHE W 132 -94.50 -65.32 -14.57
N LEU W 133 -95.64 -64.76 -14.19
CA LEU W 133 -95.84 -63.32 -14.17
C LEU W 133 -96.23 -62.87 -12.77
N ASN W 134 -95.64 -61.75 -12.33
CA ASN W 134 -96.09 -61.02 -11.15
C ASN W 134 -96.90 -59.83 -11.65
N ILE W 135 -98.14 -59.76 -11.18
CA ILE W 135 -99.16 -58.83 -11.67
C ILE W 135 -99.60 -57.92 -10.53
N THR W 136 -99.76 -56.63 -10.82
CA THR W 136 -100.29 -55.68 -9.85
C THR W 136 -101.19 -54.70 -10.58
N VAL W 137 -102.50 -54.90 -10.49
CA VAL W 137 -103.49 -54.01 -11.10
C VAL W 137 -104.33 -53.45 -9.96
N GLY W 138 -104.18 -52.16 -9.70
CA GLY W 138 -104.91 -51.51 -8.63
C GLY W 138 -104.63 -52.12 -7.28
N GLU W 139 -103.37 -52.06 -6.85
CA GLU W 139 -102.88 -52.62 -5.59
C GLU W 139 -103.49 -53.99 -5.30
N HIS W 140 -103.36 -54.89 -6.27
CA HIS W 140 -103.80 -56.29 -6.15
C HIS W 140 -102.65 -57.14 -6.69
N SER W 141 -101.76 -57.57 -5.81
CA SER W 141 -100.53 -58.25 -6.20
C SER W 141 -100.76 -59.76 -6.21
N ILE W 142 -100.52 -60.39 -7.36
CA ILE W 142 -100.62 -61.83 -7.52
C ILE W 142 -99.40 -62.33 -8.30
N VAL W 143 -99.07 -63.60 -8.10
CA VAL W 143 -98.06 -64.30 -8.87
C VAL W 143 -98.71 -65.53 -9.49
N THR W 144 -98.58 -65.67 -10.81
CA THR W 144 -99.36 -66.68 -11.52
C THR W 144 -98.58 -67.21 -12.71
N THR W 145 -98.77 -68.51 -12.97
CA THR W 145 -98.34 -69.12 -14.22
C THR W 145 -99.41 -68.90 -15.28
N VAL W 146 -99.01 -68.33 -16.41
CA VAL W 146 -99.94 -67.92 -17.46
C VAL W 146 -99.58 -68.66 -18.74
N TYR W 147 -100.58 -69.29 -19.35
CA TYR W 147 -100.45 -69.82 -20.70
C TYR W 147 -100.76 -68.69 -21.67
N VAL W 148 -99.76 -68.27 -22.43
CA VAL W 148 -99.87 -67.04 -23.23
C VAL W 148 -100.35 -67.36 -24.64
N ASN W 149 -100.95 -68.52 -24.83
CA ASN W 149 -101.70 -68.76 -26.05
C ASN W 149 -102.89 -67.79 -26.13
N GLY W 150 -103.54 -67.77 -27.29
CA GLY W 150 -104.60 -66.81 -27.53
C GLY W 150 -105.86 -67.00 -26.72
N GLU W 151 -105.90 -67.99 -25.83
CA GLU W 151 -107.05 -68.26 -24.99
C GLU W 151 -106.55 -68.60 -23.59
N THR W 152 -107.44 -69.15 -22.76
CA THR W 152 -107.10 -69.60 -21.42
C THR W 152 -106.61 -68.44 -20.55
N PRO W 153 -107.48 -67.50 -20.20
CA PRO W 153 -107.06 -66.37 -19.36
C PRO W 153 -106.84 -66.79 -17.92
N VAL W 154 -106.30 -65.85 -17.14
CA VAL W 154 -106.10 -66.00 -15.70
C VAL W 154 -106.97 -64.97 -15.00
N ASN W 155 -107.69 -65.41 -13.96
CA ASN W 155 -108.75 -64.64 -13.33
C ASN W 155 -108.39 -64.33 -11.89
N PHE W 156 -108.70 -63.10 -11.46
CA PHE W 156 -108.43 -62.67 -10.10
C PHE W 156 -109.18 -61.37 -9.88
N ASN W 157 -109.89 -61.27 -8.76
CA ASN W 157 -110.60 -60.03 -8.39
C ASN W 157 -111.57 -59.58 -9.49
N GLY W 158 -112.02 -60.51 -10.32
CA GLY W 158 -112.90 -60.19 -11.43
C GLY W 158 -112.23 -59.65 -12.68
N VAL W 159 -110.90 -59.50 -12.68
CA VAL W 159 -110.16 -58.98 -13.83
C VAL W 159 -109.63 -60.14 -14.65
N LYS W 160 -109.83 -60.08 -15.97
CA LYS W 160 -109.39 -61.12 -16.89
C LYS W 160 -108.18 -60.64 -17.67
N ILE W 161 -107.18 -61.52 -17.81
CA ILE W 161 -105.94 -61.23 -18.49
C ILE W 161 -105.73 -62.30 -19.55
N THR W 162 -105.41 -61.87 -20.78
CA THR W 162 -105.15 -62.80 -21.87
C THR W 162 -103.90 -62.36 -22.62
N ALA W 163 -102.84 -63.16 -22.51
CA ALA W 163 -101.61 -62.92 -23.27
C ALA W 163 -101.73 -63.67 -24.59
N GLY W 164 -101.56 -62.96 -25.70
CA GLY W 164 -101.74 -63.54 -27.01
C GLY W 164 -100.50 -64.27 -27.49
N PRO W 165 -100.62 -64.86 -28.68
CA PRO W 165 -99.50 -65.63 -29.23
C PRO W 165 -98.30 -64.74 -29.52
N LEU W 166 -97.11 -65.33 -29.43
CA LEU W 166 -95.88 -64.57 -29.60
C LEU W 166 -95.76 -64.03 -31.02
N SER W 167 -95.09 -62.89 -31.15
CA SER W 167 -94.91 -62.26 -32.45
C SER W 167 -94.00 -63.06 -33.37
N THR W 168 -93.16 -63.95 -32.82
CA THR W 168 -92.22 -64.74 -33.59
C THR W 168 -92.34 -66.20 -33.22
N ALA W 169 -92.31 -67.07 -34.23
CA ALA W 169 -92.44 -68.51 -34.05
C ALA W 169 -91.10 -69.23 -34.02
N TRP W 170 -89.99 -68.50 -33.98
CA TRP W 170 -88.68 -69.13 -33.95
C TRP W 170 -88.52 -69.96 -32.68
N THR W 171 -87.85 -71.10 -32.81
CA THR W 171 -87.50 -71.96 -31.69
C THR W 171 -86.01 -72.24 -31.71
N PRO W 172 -85.38 -72.46 -30.56
CA PRO W 172 -83.95 -72.79 -30.56
C PRO W 172 -83.63 -74.24 -30.90
N PHE W 173 -84.63 -75.04 -31.26
CA PHE W 173 -84.48 -76.47 -31.49
C PHE W 173 -84.75 -76.79 -32.96
N ASP W 174 -83.92 -77.67 -33.51
CA ASP W 174 -84.15 -78.20 -34.85
C ASP W 174 -85.17 -79.34 -34.77
N ARG W 175 -85.33 -80.08 -35.86
CA ARG W 175 -86.31 -81.16 -35.90
C ARG W 175 -85.89 -82.31 -34.98
N LYS W 176 -84.61 -82.66 -34.96
CA LYS W 176 -84.10 -83.86 -34.34
C LYS W 176 -83.17 -83.52 -33.18
N ILE W 177 -83.40 -84.14 -32.02
CA ILE W 177 -82.70 -83.81 -30.78
C ILE W 177 -82.12 -85.09 -30.19
N VAL W 178 -80.94 -84.98 -29.58
CA VAL W 178 -80.30 -86.06 -28.85
C VAL W 178 -80.01 -85.56 -27.44
N GLN W 179 -80.43 -86.35 -26.45
CA GLN W 179 -80.25 -86.06 -25.04
C GLN W 179 -79.20 -87.01 -24.47
N TYR W 180 -78.21 -86.45 -23.78
CA TYR W 180 -77.15 -87.27 -23.18
C TYR W 180 -76.42 -86.46 -22.12
N ALA W 181 -76.31 -87.02 -20.91
CA ALA W 181 -75.47 -86.48 -19.84
C ALA W 181 -75.84 -85.03 -19.51
N GLY W 182 -77.15 -84.82 -19.31
CA GLY W 182 -77.64 -83.52 -18.89
C GLY W 182 -77.35 -82.41 -19.88
N GLU W 183 -77.19 -82.75 -21.16
CA GLU W 183 -76.94 -81.76 -22.19
C GLU W 183 -77.66 -82.18 -23.46
N ILE W 184 -78.02 -81.18 -24.26
CA ILE W 184 -78.77 -81.37 -25.49
C ILE W 184 -77.83 -81.15 -26.66
N TYR W 185 -78.09 -81.86 -27.76
CA TYR W 185 -77.29 -81.75 -28.97
C TYR W 185 -78.19 -81.82 -30.19
N ASN W 186 -77.95 -80.93 -31.16
CA ASN W 186 -78.62 -81.00 -32.45
C ASN W 186 -77.81 -81.88 -33.39
N TYR W 187 -78.44 -82.92 -33.91
CA TYR W 187 -77.73 -83.89 -34.73
C TYR W 187 -78.73 -84.60 -35.63
N ASP W 188 -78.30 -84.89 -36.85
CA ASP W 188 -79.14 -85.61 -37.82
C ASP W 188 -78.86 -87.10 -37.73
N PHE W 189 -79.36 -87.69 -36.66
CA PHE W 189 -79.16 -89.11 -36.45
C PHE W 189 -79.85 -89.93 -37.55
N PRO W 190 -79.29 -91.06 -37.97
CA PRO W 190 -80.00 -91.90 -38.95
C PRO W 190 -81.28 -92.45 -38.36
N GLU W 191 -82.27 -92.66 -39.22
CA GLU W 191 -83.57 -93.13 -38.78
C GLU W 191 -83.45 -94.52 -38.14
N TYR W 192 -84.50 -94.91 -37.43
CA TYR W 192 -84.51 -96.20 -36.77
C TYR W 192 -84.36 -97.32 -37.80
N GLY W 193 -83.47 -98.26 -37.51
CA GLY W 193 -83.17 -99.35 -38.42
C GLY W 193 -82.14 -99.03 -39.47
N ALA W 194 -81.70 -97.78 -39.58
CA ALA W 194 -80.70 -97.37 -40.56
C ALA W 194 -79.32 -97.18 -39.94
N GLY W 195 -79.06 -97.80 -38.79
CA GLY W 195 -77.75 -97.65 -38.16
C GLY W 195 -76.63 -98.15 -39.07
N GLN W 196 -75.60 -97.33 -39.20
CA GLN W 196 -74.43 -97.65 -40.01
C GLN W 196 -73.25 -97.85 -39.06
N PRO W 197 -72.64 -99.05 -39.00
CA PRO W 197 -71.54 -99.24 -38.05
C PRO W 197 -70.38 -98.28 -38.31
N GLY W 198 -69.76 -97.84 -37.22
CA GLY W 198 -68.72 -96.84 -37.28
C GLY W 198 -69.18 -95.41 -37.05
N ALA W 199 -70.43 -95.22 -36.63
CA ALA W 199 -70.98 -93.89 -36.41
C ALA W 199 -71.97 -93.95 -35.27
N PHE W 200 -72.62 -92.81 -35.01
CA PHE W 200 -73.57 -92.69 -33.91
C PHE W 200 -74.72 -93.70 -34.05
N GLY W 201 -75.19 -94.22 -32.92
CA GLY W 201 -76.31 -95.13 -32.93
C GLY W 201 -76.02 -96.45 -33.62
N ASP W 202 -74.88 -97.06 -33.27
CA ASP W 202 -74.57 -98.40 -33.79
C ASP W 202 -75.63 -99.41 -33.38
N ILE W 203 -76.03 -99.41 -32.11
CA ILE W 203 -76.97 -100.38 -31.57
C ILE W 203 -78.22 -99.62 -31.17
N GLN W 204 -79.37 -100.07 -31.68
CA GLN W 204 -80.63 -99.34 -31.58
C GLN W 204 -81.58 -100.11 -30.66
N SER W 205 -82.07 -99.44 -29.62
CA SER W 205 -83.05 -100.00 -28.70
C SER W 205 -84.28 -99.10 -28.66
N ARG W 206 -85.46 -99.68 -28.89
CA ARG W 206 -86.68 -98.88 -28.95
C ARG W 206 -86.94 -98.21 -27.60
N THR W 207 -86.69 -98.91 -26.51
CA THR W 207 -86.83 -98.35 -25.16
C THR W 207 -85.72 -98.91 -24.29
N VAL W 208 -85.70 -98.45 -23.04
CA VAL W 208 -84.66 -98.88 -22.11
C VAL W 208 -84.76 -100.38 -21.84
N SER W 209 -86.00 -100.89 -21.74
CA SER W 209 -86.26 -102.30 -21.47
C SER W 209 -87.09 -102.94 -22.58
N SER W 210 -86.79 -102.62 -23.84
CA SER W 210 -87.54 -103.19 -24.96
C SER W 210 -87.32 -104.69 -25.08
N SER W 211 -86.16 -105.17 -24.65
CA SER W 211 -85.77 -106.57 -24.80
C SER W 211 -85.65 -106.97 -26.28
N ASP W 212 -85.48 -105.99 -27.15
CA ASP W 212 -85.31 -106.23 -28.58
C ASP W 212 -84.56 -105.04 -29.17
N LEU W 213 -83.56 -105.32 -30.00
CA LEU W 213 -82.70 -104.27 -30.52
C LEU W 213 -82.29 -104.61 -31.94
N TYR W 214 -81.94 -103.57 -32.68
CA TYR W 214 -81.35 -103.68 -34.01
C TYR W 214 -79.85 -103.47 -33.91
N ALA W 215 -79.08 -104.41 -34.46
CA ALA W 215 -77.62 -104.40 -34.37
C ALA W 215 -77.03 -104.56 -35.76
N ASN W 216 -76.10 -103.67 -36.12
CA ASN W 216 -75.33 -103.78 -37.36
C ASN W 216 -73.92 -103.28 -37.01
N THR W 217 -73.06 -104.23 -36.63
CA THR W 217 -71.71 -103.92 -36.16
C THR W 217 -70.63 -104.31 -37.17
N ASN W 218 -71.00 -104.89 -38.30
CA ASN W 218 -70.03 -105.47 -39.24
C ASN W 218 -69.16 -106.51 -38.54
N LEU W 219 -69.75 -107.25 -37.60
CA LEU W 219 -69.00 -108.25 -36.86
C LEU W 219 -68.51 -109.35 -37.79
N VAL W 220 -67.22 -109.65 -37.72
CA VAL W 220 -66.61 -110.66 -38.59
C VAL W 220 -65.68 -111.53 -37.77
N LEU W 221 -65.78 -112.83 -38.00
CA LEU W 221 -64.99 -113.85 -37.33
C LEU W 221 -63.71 -114.14 -38.12
N GLN W 222 -62.79 -114.88 -37.50
CA GLN W 222 -61.55 -115.26 -38.16
C GLN W 222 -61.26 -116.75 -37.97
N ARG W 223 -60.10 -117.19 -38.44
CA ARG W 223 -59.69 -118.58 -38.31
C ARG W 223 -58.96 -118.77 -36.99
N PRO W 224 -59.43 -119.60 -36.06
CA PRO W 224 -58.72 -119.72 -34.78
C PRO W 224 -57.28 -120.18 -34.93
N LYS W 225 -56.43 -119.64 -34.06
CA LYS W 225 -55.01 -120.01 -34.02
C LYS W 225 -54.86 -121.47 -33.60
N ALA W 226 -53.78 -122.09 -34.08
CA ALA W 226 -53.50 -123.48 -33.79
C ALA W 226 -53.17 -123.67 -32.31
N GLY W 227 -53.61 -124.81 -31.77
CA GLY W 227 -53.27 -125.18 -30.41
C GLY W 227 -53.86 -124.31 -29.33
N ALA W 228 -55.07 -123.78 -29.53
CA ALA W 228 -55.73 -122.99 -28.50
C ALA W 228 -57.20 -122.76 -28.85
N ILE W 229 -58.09 -123.01 -27.90
CA ILE W 229 -59.51 -122.74 -28.13
C ILE W 229 -59.80 -121.27 -27.84
N HIS W 230 -60.34 -120.57 -28.84
CA HIS W 230 -60.80 -119.20 -28.66
C HIS W 230 -61.51 -118.76 -29.93
N VAL W 231 -62.05 -117.54 -29.93
CA VAL W 231 -62.86 -117.03 -31.04
C VAL W 231 -62.29 -115.70 -31.50
N PRO W 232 -61.30 -115.68 -32.40
CA PRO W 232 -60.79 -114.39 -32.89
C PRO W 232 -61.86 -113.66 -33.70
N TYR W 233 -62.28 -112.51 -33.19
CA TYR W 233 -63.31 -111.70 -33.81
C TYR W 233 -62.81 -110.27 -33.96
N THR W 234 -63.42 -109.53 -34.89
CA THR W 234 -63.12 -108.12 -35.02
C THR W 234 -64.36 -107.41 -35.53
N GLN W 235 -64.54 -106.17 -35.09
CA GLN W 235 -65.67 -105.35 -35.50
C GLN W 235 -65.30 -103.90 -35.31
N ALA W 236 -66.16 -103.02 -35.84
CA ALA W 236 -65.88 -101.60 -35.76
C ALA W 236 -65.94 -101.13 -34.31
N PRO W 237 -65.15 -100.13 -33.91
CA PRO W 237 -65.27 -99.61 -32.54
C PRO W 237 -66.63 -99.00 -32.28
N SER W 238 -67.03 -99.03 -31.00
CA SER W 238 -68.36 -98.56 -30.59
C SER W 238 -68.56 -97.10 -30.92
N GLY W 239 -69.45 -96.80 -31.87
CA GLY W 239 -69.58 -95.43 -32.37
C GLY W 239 -69.94 -94.42 -31.30
N PHE W 240 -70.51 -94.89 -30.19
CA PHE W 240 -70.89 -93.98 -29.10
C PHE W 240 -69.66 -93.25 -28.56
N GLU W 241 -68.56 -93.97 -28.37
CA GLU W 241 -67.37 -93.33 -27.81
C GLU W 241 -66.71 -92.36 -28.77
N GLN W 242 -66.75 -92.63 -30.08
CA GLN W 242 -66.20 -91.66 -31.03
C GLN W 242 -67.07 -90.41 -31.10
N TRP W 243 -68.39 -90.58 -31.02
CA TRP W 243 -69.22 -89.39 -30.94
C TRP W 243 -68.96 -88.62 -29.65
N LYS W 244 -68.68 -89.33 -28.56
CA LYS W 244 -68.28 -88.68 -27.31
C LYS W 244 -66.99 -87.90 -27.50
N LYS W 245 -66.02 -88.48 -28.21
CA LYS W 245 -64.77 -87.79 -28.49
C LYS W 245 -65.01 -86.53 -29.32
N ASP W 246 -65.91 -86.61 -30.30
CA ASP W 246 -66.16 -85.47 -31.18
C ASP W 246 -66.88 -84.36 -30.42
N LYS W 247 -68.12 -84.62 -29.99
CA LYS W 247 -68.87 -83.79 -29.05
C LYS W 247 -68.78 -82.29 -29.32
N ALA W 248 -69.40 -81.84 -30.41
CA ALA W 248 -69.49 -80.40 -30.68
C ALA W 248 -70.20 -79.71 -29.52
N PRO W 249 -70.05 -78.39 -29.37
CA PRO W 249 -70.62 -77.71 -28.20
C PRO W 249 -72.13 -77.86 -28.11
N SER W 250 -72.61 -77.86 -26.86
CA SER W 250 -74.01 -78.12 -26.55
C SER W 250 -74.88 -76.90 -26.82
N LEU W 251 -76.20 -77.13 -26.86
CA LEU W 251 -77.14 -76.04 -27.08
C LEU W 251 -77.08 -75.01 -25.95
N LYS W 252 -76.75 -75.44 -24.73
CA LYS W 252 -76.51 -74.49 -23.65
C LYS W 252 -75.39 -73.51 -24.00
N PHE W 253 -74.49 -73.88 -24.91
CA PHE W 253 -73.35 -73.04 -25.27
C PHE W 253 -73.37 -72.53 -26.71
N THR W 254 -74.37 -72.92 -27.52
CA THR W 254 -74.49 -72.40 -28.88
C THR W 254 -75.89 -71.91 -29.25
N ALA W 255 -76.86 -71.93 -28.34
CA ALA W 255 -78.20 -71.51 -28.70
C ALA W 255 -78.22 -70.02 -29.02
N PRO W 256 -78.76 -69.60 -30.17
CA PRO W 256 -78.83 -68.16 -30.45
C PRO W 256 -79.78 -67.46 -29.50
N PHE W 257 -79.51 -66.18 -29.26
CA PHE W 257 -80.22 -65.32 -28.31
C PHE W 257 -80.03 -65.77 -26.86
N GLY W 258 -79.13 -66.70 -26.59
CA GLY W 258 -78.85 -67.10 -25.22
C GLY W 258 -79.97 -67.80 -24.50
N CYS W 259 -80.64 -68.75 -25.15
CA CYS W 259 -81.73 -69.48 -24.50
C CYS W 259 -81.16 -70.56 -23.60
N GLU W 260 -81.52 -70.50 -22.31
CA GLU W 260 -80.97 -71.37 -21.29
C GLU W 260 -81.75 -72.68 -21.28
N ILE W 261 -81.13 -73.74 -21.80
CA ILE W 261 -81.71 -75.08 -21.81
C ILE W 261 -81.53 -75.71 -20.44
N TYR W 262 -82.64 -76.17 -19.86
CA TYR W 262 -82.63 -77.02 -18.67
C TYR W 262 -83.51 -78.22 -18.94
N THR W 263 -83.12 -79.38 -18.41
CA THR W 263 -83.81 -80.65 -18.71
C THR W 263 -84.12 -81.41 -17.42
N ASN W 264 -85.20 -81.01 -16.74
CA ASN W 264 -86.01 -81.98 -16.02
C ASN W 264 -86.94 -82.60 -17.06
N PRO W 265 -87.85 -81.80 -17.68
CA PRO W 265 -88.20 -82.04 -19.08
C PRO W 265 -87.43 -81.08 -19.98
N ILE W 266 -87.32 -81.38 -21.27
CA ILE W 266 -86.61 -80.49 -22.19
C ILE W 266 -87.36 -79.16 -22.23
N ARG W 267 -86.68 -78.09 -21.79
CA ARG W 267 -87.29 -76.76 -21.76
C ARG W 267 -86.19 -75.71 -21.85
N ALA W 268 -86.47 -74.65 -22.61
CA ALA W 268 -85.58 -73.52 -22.76
C ALA W 268 -86.17 -72.30 -22.08
N GLU W 269 -85.30 -71.43 -21.57
CA GLU W 269 -85.74 -70.34 -20.71
C GLU W 269 -84.88 -69.11 -20.90
N ASN W 270 -85.47 -67.94 -20.63
CA ASN W 270 -84.76 -66.69 -20.39
C ASN W 270 -83.91 -66.23 -21.56
N CYS W 271 -84.52 -66.10 -22.74
CA CYS W 271 -83.92 -65.43 -23.88
C CYS W 271 -84.92 -64.49 -24.54
N ALA W 272 -84.45 -63.28 -24.84
CA ALA W 272 -85.31 -62.16 -25.22
C ALA W 272 -85.43 -62.12 -26.74
N VAL W 273 -86.57 -62.62 -27.23
CA VAL W 273 -86.92 -62.56 -28.64
C VAL W 273 -88.35 -62.03 -28.75
N GLY W 274 -88.53 -60.96 -29.52
CA GLY W 274 -89.84 -60.49 -29.85
C GLY W 274 -90.60 -59.89 -28.67
N SER W 275 -91.92 -60.02 -28.74
CA SER W 275 -92.80 -59.31 -27.81
C SER W 275 -94.03 -60.15 -27.55
N ILE W 276 -94.70 -59.84 -26.44
CA ILE W 276 -95.93 -60.49 -26.02
C ILE W 276 -97.04 -59.45 -26.04
N PRO W 277 -98.13 -59.66 -26.78
CA PRO W 277 -99.30 -58.80 -26.62
C PRO W 277 -100.16 -59.26 -25.45
N LEU W 278 -100.82 -58.29 -24.80
CA LEU W 278 -101.62 -58.55 -23.62
C LEU W 278 -102.94 -57.80 -23.72
N ALA W 279 -104.00 -58.45 -23.23
CA ALA W 279 -105.35 -57.91 -23.27
C ALA W 279 -105.94 -57.95 -21.87
N PHE W 280 -106.43 -56.80 -21.42
CA PHE W 280 -107.07 -56.65 -20.12
C PHE W 280 -108.57 -56.49 -20.31
N ASP W 281 -109.35 -57.32 -19.61
CA ASP W 281 -110.79 -57.14 -19.48
C ASP W 281 -111.03 -56.76 -18.03
N ILE W 282 -111.29 -55.49 -17.79
CA ILE W 282 -111.35 -54.90 -16.45
C ILE W 282 -112.79 -54.50 -16.17
N PRO W 283 -113.38 -54.92 -15.05
CA PRO W 283 -114.74 -54.46 -14.73
C PRO W 283 -114.76 -52.98 -14.39
N ASP W 284 -115.94 -52.38 -14.58
CA ASP W 284 -116.10 -50.95 -14.32
C ASP W 284 -116.06 -50.60 -12.84
N ALA W 285 -116.11 -51.59 -11.95
CA ALA W 285 -116.13 -51.30 -10.52
C ALA W 285 -114.83 -50.68 -10.04
N LEU W 286 -113.68 -51.13 -10.58
CA LEU W 286 -112.39 -50.68 -10.08
C LEU W 286 -112.08 -49.23 -10.44
N PHE W 287 -112.85 -48.61 -11.34
CA PHE W 287 -112.58 -47.24 -11.77
C PHE W 287 -113.07 -46.28 -10.69
N THR W 288 -112.14 -45.75 -9.90
CA THR W 288 -112.47 -44.80 -8.85
C THR W 288 -112.66 -43.41 -9.44
N ARG W 289 -113.56 -42.65 -8.83
CA ARG W 289 -113.87 -41.31 -9.31
C ARG W 289 -112.67 -40.38 -9.09
N VAL W 290 -112.58 -39.36 -9.95
CA VAL W 290 -111.48 -38.40 -9.84
C VAL W 290 -111.59 -37.61 -8.55
N SER W 291 -112.81 -37.20 -8.18
CA SER W 291 -113.00 -36.36 -7.00
C SER W 291 -112.58 -37.06 -5.71
N GLU W 292 -112.54 -38.39 -5.70
CA GLU W 292 -112.15 -39.15 -4.52
C GLU W 292 -110.65 -39.39 -4.43
N THR W 293 -109.86 -38.81 -5.34
CA THR W 293 -108.41 -38.93 -5.34
C THR W 293 -107.78 -37.54 -5.32
N PRO W 294 -106.52 -37.43 -4.87
CA PRO W 294 -105.88 -36.10 -4.84
C PRO W 294 -105.78 -35.49 -6.23
N THR W 295 -105.95 -34.18 -6.30
CA THR W 295 -105.81 -33.41 -7.53
C THR W 295 -104.79 -32.30 -7.30
N LEU W 296 -103.79 -32.22 -8.16
CA LEU W 296 -102.69 -31.28 -8.00
C LEU W 296 -103.00 -29.96 -8.71
N SER W 297 -102.16 -28.96 -8.45
CA SER W 297 -102.28 -27.65 -9.06
C SER W 297 -100.96 -26.92 -8.92
N ALA W 298 -100.52 -26.27 -9.99
CA ALA W 298 -99.26 -25.54 -10.01
C ALA W 298 -98.08 -26.46 -9.69
N ALA W 299 -97.90 -27.46 -10.56
CA ALA W 299 -96.84 -28.46 -10.41
C ALA W 299 -95.73 -28.16 -11.40
N GLU W 300 -94.48 -28.13 -10.91
CA GLU W 300 -93.32 -27.84 -11.73
C GLU W 300 -92.31 -28.97 -11.60
N CYS W 301 -91.89 -29.53 -12.75
CA CYS W 301 -90.83 -30.52 -12.83
C CYS W 301 -89.49 -29.83 -13.09
N THR W 302 -88.45 -30.32 -12.42
CA THR W 302 -87.09 -29.88 -12.68
C THR W 302 -86.17 -31.09 -12.62
N LEU W 303 -85.08 -31.03 -13.38
CA LEU W 303 -84.08 -32.09 -13.40
C LEU W 303 -82.95 -31.70 -12.46
N ASN W 304 -82.68 -32.55 -11.47
CA ASN W 304 -81.60 -32.24 -10.53
C ASN W 304 -80.26 -32.63 -11.14
N GLU W 305 -80.09 -33.92 -11.45
CA GLU W 305 -78.84 -34.45 -11.98
C GLU W 305 -79.16 -35.41 -13.12
N CYS W 306 -78.15 -35.70 -13.93
CA CYS W 306 -78.28 -36.59 -15.09
C CYS W 306 -77.19 -37.63 -15.18
N VAL W 307 -77.56 -38.76 -15.78
CA VAL W 307 -76.66 -39.59 -16.56
C VAL W 307 -77.53 -40.47 -17.45
N TYR W 308 -77.24 -40.50 -18.75
CA TYR W 308 -78.04 -41.30 -19.67
C TYR W 308 -77.47 -42.70 -19.83
N SER W 309 -77.26 -43.36 -18.69
CA SER W 309 -76.71 -44.71 -18.65
C SER W 309 -77.82 -45.74 -18.78
N SER W 310 -77.41 -47.01 -18.84
CA SER W 310 -78.39 -48.10 -18.88
C SER W 310 -79.21 -48.15 -17.61
N ASP W 311 -78.58 -47.90 -16.46
CA ASP W 311 -79.26 -47.94 -15.18
C ASP W 311 -80.05 -46.65 -14.98
N PHE W 312 -80.98 -46.69 -14.03
CA PHE W 312 -81.83 -45.55 -13.70
C PHE W 312 -80.94 -44.46 -13.11
N GLY W 313 -80.67 -43.43 -13.92
CA GLY W 313 -79.73 -42.40 -13.54
C GLY W 313 -80.32 -41.00 -13.42
N GLY W 314 -81.31 -40.67 -14.26
CA GLY W 314 -81.90 -39.35 -14.23
C GLY W 314 -82.74 -39.19 -12.98
N ILE W 315 -82.53 -38.09 -12.28
CA ILE W 315 -83.24 -37.79 -11.03
C ILE W 315 -83.87 -36.41 -11.15
N ALA W 316 -85.15 -36.32 -10.81
CA ALA W 316 -85.92 -35.09 -10.97
C ALA W 316 -86.66 -34.77 -9.68
N THR W 317 -86.88 -33.48 -9.45
CA THR W 317 -87.66 -32.98 -8.33
C THR W 317 -88.90 -32.30 -8.89
N VAL W 318 -90.07 -32.73 -8.42
CA VAL W 318 -91.34 -32.16 -8.83
C VAL W 318 -91.95 -31.48 -7.61
N LYS W 319 -92.10 -30.16 -7.68
CA LYS W 319 -92.74 -29.39 -6.62
C LYS W 319 -94.21 -29.18 -6.97
N TYR W 320 -95.08 -29.51 -6.03
CA TYR W 320 -96.52 -29.51 -6.27
C TYR W 320 -97.23 -28.85 -5.10
N SER W 321 -98.53 -28.64 -5.26
CA SER W 321 -99.42 -28.15 -4.20
C SER W 321 -100.67 -29.03 -4.24
N ALA W 322 -100.61 -30.15 -3.52
CA ALA W 322 -101.69 -31.12 -3.56
C ALA W 322 -102.86 -30.68 -2.68
N SER W 323 -104.08 -30.89 -3.19
CA SER W 323 -105.27 -30.60 -2.39
C SER W 323 -105.49 -31.68 -1.33
N LYS W 324 -105.01 -32.90 -1.57
CA LYS W 324 -105.16 -34.00 -0.62
C LYS W 324 -103.88 -34.82 -0.61
N SER W 325 -103.69 -35.57 0.47
CA SER W 325 -102.53 -36.43 0.66
C SER W 325 -102.90 -37.86 0.29
N GLY W 326 -102.15 -38.43 -0.66
CA GLY W 326 -102.40 -39.79 -1.09
C GLY W 326 -101.55 -40.19 -2.27
N LYS W 327 -101.37 -41.49 -2.46
CA LYS W 327 -100.56 -41.99 -3.57
C LYS W 327 -101.37 -41.98 -4.86
N CYS W 328 -100.69 -41.66 -5.96
CA CYS W 328 -101.31 -41.61 -7.27
C CYS W 328 -100.33 -42.15 -8.30
N ALA W 329 -100.88 -42.58 -9.43
CA ALA W 329 -100.06 -43.12 -10.50
C ALA W 329 -99.45 -41.99 -11.33
N VAL W 330 -98.17 -42.13 -11.66
CA VAL W 330 -97.44 -41.17 -12.48
C VAL W 330 -96.86 -41.90 -13.68
N HIS W 331 -96.99 -41.31 -14.86
CA HIS W 331 -96.71 -41.99 -16.12
C HIS W 331 -95.98 -41.06 -17.08
N VAL W 332 -95.15 -41.66 -17.94
CA VAL W 332 -94.56 -40.99 -19.10
C VAL W 332 -95.25 -41.56 -20.33
N PRO W 333 -96.16 -40.83 -20.99
CA PRO W 333 -96.87 -41.43 -22.13
C PRO W 333 -95.95 -41.90 -23.26
N SER W 334 -94.86 -41.18 -23.51
CA SER W 334 -93.94 -41.54 -24.58
C SER W 334 -92.88 -42.50 -24.06
N GLY W 335 -92.10 -43.05 -24.99
CA GLY W 335 -90.99 -43.92 -24.68
C GLY W 335 -89.67 -43.20 -24.48
N THR W 336 -89.67 -41.87 -24.45
CA THR W 336 -88.44 -41.12 -24.30
C THR W 336 -87.79 -41.40 -22.95
N ALA W 337 -88.60 -41.47 -21.88
CA ALA W 337 -88.11 -41.69 -20.53
C ALA W 337 -88.88 -42.84 -19.89
N THR W 338 -88.15 -43.71 -19.18
CA THR W 338 -88.72 -44.84 -18.48
C THR W 338 -88.60 -44.61 -16.98
N LEU W 339 -89.70 -44.80 -16.26
CA LEU W 339 -89.81 -44.47 -14.84
C LEU W 339 -89.51 -45.70 -13.98
N LYS W 340 -89.09 -45.45 -12.73
CA LYS W 340 -88.86 -46.55 -11.81
C LYS W 340 -90.15 -47.01 -11.13
N GLU W 341 -90.77 -46.14 -10.34
CA GLU W 341 -91.90 -46.53 -9.51
C GLU W 341 -93.22 -46.22 -10.20
N ALA W 342 -94.14 -47.19 -10.14
CA ALA W 342 -95.45 -47.03 -10.77
C ALA W 342 -96.31 -45.97 -10.08
N ALA W 343 -96.00 -45.62 -8.84
CA ALA W 343 -96.78 -44.64 -8.10
C ALA W 343 -95.88 -43.93 -7.09
N VAL W 344 -96.32 -42.77 -6.65
CA VAL W 344 -95.58 -41.94 -5.69
C VAL W 344 -96.54 -41.47 -4.61
N GLU W 345 -96.14 -41.64 -3.35
CA GLU W 345 -96.91 -41.10 -2.24
C GLU W 345 -96.67 -39.61 -2.12
N LEU W 346 -97.75 -38.86 -1.92
CA LEU W 346 -97.73 -37.41 -2.00
C LEU W 346 -98.22 -36.79 -0.69
N THR W 347 -97.54 -35.73 -0.26
CA THR W 347 -97.97 -34.91 0.86
C THR W 347 -98.88 -33.80 0.32
N GLU W 348 -99.16 -32.80 1.15
CA GLU W 348 -99.99 -31.67 0.72
C GLU W 348 -99.18 -30.57 0.04
N GLN W 349 -97.95 -30.30 0.51
CA GLN W 349 -97.13 -29.24 -0.05
C GLN W 349 -95.67 -29.65 -0.19
N GLY W 350 -95.36 -30.95 -0.22
CA GLY W 350 -94.00 -31.41 -0.36
C GLY W 350 -93.53 -31.43 -1.79
N SER W 351 -92.32 -31.95 -1.98
CA SER W 351 -91.71 -32.12 -3.29
C SER W 351 -91.31 -33.58 -3.47
N ALA W 352 -91.70 -34.16 -4.60
CA ALA W 352 -91.44 -35.56 -4.88
C ALA W 352 -90.16 -35.73 -5.68
N THR W 353 -89.50 -36.87 -5.47
CA THR W 353 -88.26 -37.23 -6.17
C THR W 353 -88.54 -38.41 -7.09
N ILE W 354 -88.13 -38.27 -8.35
CA ILE W 354 -88.50 -39.21 -9.42
C ILE W 354 -87.23 -39.75 -10.06
N HIS W 355 -87.17 -41.08 -10.20
CA HIS W 355 -86.05 -41.77 -10.82
C HIS W 355 -86.46 -42.29 -12.19
N PHE W 356 -85.67 -41.95 -13.22
CA PHE W 356 -85.98 -42.32 -14.59
C PHE W 356 -84.69 -42.64 -15.34
N SER W 357 -84.85 -43.14 -16.56
CA SER W 357 -83.75 -43.44 -17.46
C SER W 357 -84.15 -43.01 -18.87
N THR W 358 -83.15 -42.67 -19.68
CA THR W 358 -83.39 -42.27 -21.06
C THR W 358 -82.05 -42.25 -21.79
N ALA W 359 -82.14 -42.29 -23.12
CA ALA W 359 -80.98 -42.22 -24.00
C ALA W 359 -80.85 -40.88 -24.71
N ASN W 360 -81.64 -39.88 -24.30
CA ASN W 360 -81.64 -38.57 -24.95
C ASN W 360 -80.56 -37.71 -24.33
N ILE W 361 -79.68 -37.16 -25.19
CA ILE W 361 -78.66 -36.22 -24.71
C ILE W 361 -79.29 -34.94 -24.21
N HIS W 362 -80.39 -34.51 -24.83
CA HIS W 362 -81.11 -33.28 -24.47
C HIS W 362 -82.56 -33.64 -24.21
N PRO W 363 -82.87 -34.23 -23.05
CA PRO W 363 -84.24 -34.68 -22.80
C PRO W 363 -85.24 -33.54 -22.84
N GLU W 364 -86.41 -33.84 -23.40
CA GLU W 364 -87.55 -32.92 -23.47
C GLU W 364 -88.80 -33.80 -23.46
N PHE W 365 -89.36 -34.03 -22.27
CA PHE W 365 -90.43 -35.00 -22.13
C PHE W 365 -91.54 -34.47 -21.22
N ARG W 366 -92.73 -35.04 -21.43
CA ARG W 366 -93.94 -34.67 -20.70
C ARG W 366 -94.27 -35.78 -19.72
N LEU W 367 -94.08 -35.50 -18.43
CA LEU W 367 -94.47 -36.44 -17.39
C LEU W 367 -95.93 -36.22 -17.01
N GLN W 368 -96.65 -37.33 -16.82
CA GLN W 368 -98.04 -37.29 -16.41
C GLN W 368 -98.11 -37.51 -14.91
N ILE W 369 -98.72 -36.57 -14.19
CA ILE W 369 -98.93 -36.66 -12.76
C ILE W 369 -100.43 -36.87 -12.55
N CYS W 370 -100.84 -37.09 -11.29
CA CYS W 370 -102.07 -37.78 -10.92
C CYS W 370 -103.23 -37.56 -11.88
N THR W 371 -103.44 -36.31 -12.29
CA THR W 371 -104.35 -36.02 -13.40
C THR W 371 -103.78 -35.00 -14.38
N SER W 372 -102.70 -34.31 -14.05
CA SER W 372 -102.18 -33.22 -14.88
C SER W 372 -100.96 -33.69 -15.66
N TYR W 373 -100.36 -32.75 -16.40
CA TYR W 373 -99.17 -33.02 -17.20
C TYR W 373 -98.19 -31.87 -17.03
N VAL W 374 -96.90 -32.22 -16.86
CA VAL W 374 -95.83 -31.25 -16.79
C VAL W 374 -94.85 -31.56 -17.91
N THR W 375 -94.29 -30.52 -18.52
CA THR W 375 -93.32 -30.66 -19.59
C THR W 375 -91.98 -30.13 -19.08
N CYS W 376 -90.99 -31.01 -18.96
CA CYS W 376 -89.69 -30.63 -18.45
C CYS W 376 -88.57 -31.22 -19.29
N LYS W 377 -87.37 -30.65 -19.09
CA LYS W 377 -86.39 -30.47 -20.15
C LYS W 377 -84.99 -30.49 -19.55
N GLY W 378 -84.01 -30.48 -20.44
CA GLY W 378 -82.65 -30.20 -20.05
C GLY W 378 -81.65 -30.90 -20.93
N ASP W 379 -80.38 -30.80 -20.52
CA ASP W 379 -79.27 -31.48 -21.16
C ASP W 379 -78.56 -32.34 -20.13
N CYS W 380 -78.18 -33.55 -20.53
CA CYS W 380 -77.69 -34.57 -19.62
C CYS W 380 -76.27 -34.98 -19.99
N HIS W 381 -75.65 -35.78 -19.12
CA HIS W 381 -74.23 -36.06 -19.14
C HIS W 381 -73.97 -37.54 -19.35
N PRO W 382 -72.75 -37.91 -19.78
CA PRO W 382 -72.45 -39.33 -20.01
C PRO W 382 -72.01 -40.02 -18.74
N PRO W 383 -72.07 -41.37 -18.68
CA PRO W 383 -71.47 -42.08 -17.54
C PRO W 383 -69.98 -42.32 -17.72
N LYS W 384 -69.36 -43.01 -16.77
CA LYS W 384 -67.95 -43.37 -16.84
C LYS W 384 -67.73 -44.82 -17.27
N ASP W 385 -68.50 -45.75 -16.70
CA ASP W 385 -68.28 -47.16 -16.96
C ASP W 385 -68.52 -47.48 -18.43
N HIS W 386 -67.61 -48.26 -19.01
CA HIS W 386 -67.71 -48.64 -20.42
C HIS W 386 -68.52 -49.92 -20.60
N ILE W 387 -68.38 -50.88 -19.69
CA ILE W 387 -69.13 -52.13 -19.71
C ILE W 387 -69.86 -52.26 -18.39
N VAL W 388 -71.17 -52.44 -18.45
CA VAL W 388 -72.03 -52.58 -17.27
C VAL W 388 -72.57 -54.01 -17.24
N THR W 389 -72.87 -54.47 -16.02
CA THR W 389 -73.21 -55.87 -15.77
C THR W 389 -74.72 -56.10 -15.67
N HIS W 390 -75.52 -55.38 -16.45
CA HIS W 390 -76.95 -55.64 -16.50
C HIS W 390 -77.50 -55.09 -17.81
N PRO W 391 -78.64 -55.62 -18.30
CA PRO W 391 -79.14 -55.18 -19.62
C PRO W 391 -79.69 -53.77 -19.64
N GLN W 392 -80.09 -53.32 -20.82
CA GLN W 392 -80.72 -52.01 -20.98
C GLN W 392 -82.09 -51.99 -20.30
N TYR W 393 -82.54 -50.78 -19.96
CA TYR W 393 -83.82 -50.57 -19.30
C TYR W 393 -84.71 -49.59 -20.05
N HIS W 394 -84.38 -49.24 -21.30
CA HIS W 394 -85.11 -48.20 -22.02
C HIS W 394 -85.13 -48.56 -23.50
N ALA W 395 -85.77 -47.71 -24.30
CA ALA W 395 -85.95 -47.92 -25.73
C ALA W 395 -85.02 -47.01 -26.52
N GLN W 396 -84.48 -47.55 -27.61
CA GLN W 396 -83.60 -46.80 -28.50
C GLN W 396 -84.46 -46.04 -29.51
N THR W 397 -84.36 -44.72 -29.48
CA THR W 397 -85.16 -43.84 -30.33
C THR W 397 -84.30 -43.25 -31.43
N PHE W 398 -84.84 -43.26 -32.65
CA PHE W 398 -84.13 -42.71 -33.81
C PHE W 398 -84.08 -41.19 -33.75
N SER X 1 -76.68 -108.05 5.45
CA SER X 1 -76.33 -109.48 5.26
C SER X 1 -75.67 -109.70 3.90
N THR X 2 -74.35 -109.90 3.91
CA THR X 2 -73.62 -110.17 2.68
C THR X 2 -73.67 -111.64 2.26
N GLU X 3 -74.14 -112.52 3.15
CA GLU X 3 -74.24 -113.93 2.79
C GLU X 3 -75.27 -114.15 1.69
N GLU X 4 -76.38 -113.41 1.74
CA GLU X 4 -77.37 -113.51 0.67
C GLU X 4 -76.83 -112.96 -0.65
N LEU X 5 -75.77 -112.16 -0.61
CA LEU X 5 -75.09 -111.72 -1.83
C LEU X 5 -74.04 -112.71 -2.31
N PHE X 6 -73.39 -113.44 -1.39
CA PHE X 6 -72.39 -114.43 -1.77
C PHE X 6 -73.00 -115.78 -2.11
N ASN X 7 -74.28 -116.00 -1.80
CA ASN X 7 -74.90 -117.30 -2.06
C ASN X 7 -74.86 -117.68 -3.54
N GLU X 8 -74.99 -116.70 -4.43
CA GLU X 8 -74.99 -116.99 -5.86
C GLU X 8 -73.65 -117.60 -6.29
N TYR X 9 -72.54 -116.96 -5.90
CA TYR X 9 -71.23 -117.44 -6.29
C TYR X 9 -70.74 -118.57 -5.39
N LYS X 10 -71.44 -118.88 -4.30
CA LYS X 10 -71.14 -120.09 -3.54
C LYS X 10 -71.34 -121.35 -4.38
N LEU X 11 -72.13 -121.27 -5.46
CA LEU X 11 -72.37 -122.39 -6.34
C LEU X 11 -71.36 -122.51 -7.47
N THR X 12 -70.26 -121.75 -7.42
CA THR X 12 -69.28 -121.69 -8.49
C THR X 12 -67.89 -122.09 -7.96
N ARG X 13 -67.00 -122.39 -8.90
CA ARG X 13 -65.60 -122.66 -8.62
C ARG X 13 -64.75 -121.92 -9.63
N PRO X 14 -63.48 -121.64 -9.31
CA PRO X 14 -62.60 -120.97 -10.28
C PRO X 14 -62.15 -121.93 -11.37
N TYR X 15 -61.47 -121.35 -12.37
CA TYR X 15 -60.97 -122.13 -13.50
C TYR X 15 -59.65 -121.53 -13.95
N MET X 16 -58.96 -122.27 -14.82
CA MET X 16 -57.73 -121.82 -15.47
C MET X 16 -57.98 -121.58 -16.95
N ALA X 17 -57.06 -120.86 -17.59
CA ALA X 17 -57.23 -120.51 -18.99
C ALA X 17 -55.86 -120.19 -19.58
N ARG X 18 -55.81 -120.16 -20.91
CA ARG X 18 -54.56 -119.91 -21.62
C ARG X 18 -54.15 -118.45 -21.46
N CYS X 19 -52.93 -118.24 -20.98
CA CYS X 19 -52.35 -116.90 -20.86
C CYS X 19 -51.32 -116.70 -21.96
N ILE X 20 -51.54 -115.66 -22.78
CA ILE X 20 -50.68 -115.46 -23.93
C ILE X 20 -49.27 -115.04 -23.53
N ARG X 21 -49.13 -114.24 -22.48
CA ARG X 21 -47.84 -113.67 -22.06
C ARG X 21 -47.61 -114.02 -20.60
N CYS X 22 -46.62 -114.87 -20.35
CA CYS X 22 -46.29 -115.31 -19.01
C CYS X 22 -45.12 -114.49 -18.49
N ALA X 23 -44.57 -114.89 -17.35
CA ALA X 23 -43.23 -114.43 -17.00
C ALA X 23 -42.15 -115.11 -17.84
N VAL X 24 -42.51 -116.16 -18.59
CA VAL X 24 -41.56 -116.89 -19.44
C VAL X 24 -42.05 -116.90 -20.88
N GLY X 25 -43.19 -117.54 -21.12
CA GLY X 25 -43.75 -117.63 -22.46
C GLY X 25 -45.28 -117.55 -22.49
N SER X 26 -45.92 -118.52 -23.14
CA SER X 26 -47.38 -118.65 -23.16
C SER X 26 -47.77 -119.92 -22.42
N CYS X 27 -48.79 -119.80 -21.56
CA CYS X 27 -49.03 -120.77 -20.51
C CYS X 27 -50.48 -121.20 -20.51
N HIS X 28 -50.81 -122.12 -19.62
CA HIS X 28 -52.17 -122.31 -19.11
C HIS X 28 -52.14 -121.91 -17.64
N SER X 29 -52.53 -120.68 -17.36
CA SER X 29 -52.39 -120.05 -16.05
C SER X 29 -53.75 -119.87 -15.41
N PRO X 30 -53.83 -119.78 -14.07
CA PRO X 30 -55.13 -119.58 -13.43
C PRO X 30 -55.62 -118.14 -13.40
N ILE X 31 -54.86 -117.17 -13.90
CA ILE X 31 -55.14 -115.76 -13.68
C ILE X 31 -55.34 -115.00 -14.98
N ALA X 32 -55.90 -115.66 -15.99
CA ALA X 32 -56.17 -114.98 -17.25
C ALA X 32 -57.25 -113.92 -17.08
N ILE X 33 -57.13 -112.84 -17.87
CA ILE X 33 -58.09 -111.74 -17.86
C ILE X 33 -59.04 -111.94 -19.03
N GLU X 34 -60.32 -111.62 -18.82
CA GLU X 34 -61.35 -111.81 -19.83
C GLU X 34 -61.61 -110.52 -20.62
N ALA X 35 -61.98 -109.45 -19.93
CA ALA X 35 -62.31 -108.20 -20.61
C ALA X 35 -62.13 -107.05 -19.63
N VAL X 36 -62.03 -105.83 -20.19
CA VAL X 36 -61.85 -104.62 -19.40
C VAL X 36 -62.78 -103.54 -19.92
N LYS X 37 -63.58 -102.95 -19.04
CA LYS X 37 -64.49 -101.86 -19.36
C LYS X 37 -63.96 -100.60 -18.65
N SER X 38 -63.25 -99.76 -19.41
CA SER X 38 -62.71 -98.51 -18.89
C SER X 38 -63.62 -97.37 -19.36
N ASP X 39 -64.70 -97.16 -18.62
CA ASP X 39 -65.64 -96.08 -18.89
C ASP X 39 -65.85 -95.13 -17.74
N GLY X 40 -65.36 -95.45 -16.54
CA GLY X 40 -65.49 -94.54 -15.41
C GLY X 40 -64.70 -93.27 -15.61
N HIS X 41 -65.07 -92.26 -14.82
CA HIS X 41 -64.52 -90.92 -14.96
C HIS X 41 -63.26 -90.70 -14.12
N ASP X 42 -63.22 -91.23 -12.90
CA ASP X 42 -62.10 -91.02 -11.98
C ASP X 42 -61.14 -92.20 -11.96
N GLY X 43 -61.03 -92.93 -13.07
CA GLY X 43 -60.08 -94.02 -13.18
C GLY X 43 -60.53 -95.33 -12.59
N TYR X 44 -61.74 -95.41 -12.04
CA TYR X 44 -62.27 -96.67 -11.49
C TYR X 44 -62.49 -97.68 -12.60
N VAL X 45 -61.68 -98.73 -12.65
CA VAL X 45 -61.78 -99.75 -13.68
C VAL X 45 -62.31 -101.03 -13.06
N ARG X 46 -62.95 -101.84 -13.91
CA ARG X 46 -63.56 -103.10 -13.51
C ARG X 46 -62.89 -104.23 -14.29
N LEU X 47 -62.40 -105.24 -13.57
CA LEU X 47 -61.69 -106.37 -14.15
C LEU X 47 -62.45 -107.66 -13.89
N GLN X 48 -62.60 -108.46 -14.94
CA GLN X 48 -63.19 -109.79 -14.85
C GLN X 48 -62.08 -110.81 -15.09
N THR X 49 -61.88 -111.71 -14.13
CA THR X 49 -60.74 -112.61 -14.12
C THR X 49 -61.22 -114.05 -13.93
N SER X 50 -60.35 -114.98 -14.33
CA SER X 50 -60.61 -116.39 -14.16
C SER X 50 -60.66 -116.82 -12.70
N SER X 51 -60.11 -116.01 -11.79
CA SER X 51 -60.05 -116.35 -10.38
C SER X 51 -61.34 -115.92 -9.68
N GLN X 52 -61.35 -116.03 -8.35
CA GLN X 52 -62.51 -115.65 -7.55
C GLN X 52 -62.04 -114.86 -6.33
N TYR X 53 -62.94 -114.04 -5.80
CA TYR X 53 -62.66 -113.16 -4.67
C TYR X 53 -63.77 -113.27 -3.64
N GLY X 54 -63.38 -113.20 -2.37
CA GLY X 54 -64.33 -113.20 -1.27
C GLY X 54 -64.77 -114.57 -0.81
N LEU X 55 -64.50 -115.62 -1.57
CA LEU X 55 -64.83 -117.00 -1.21
C LEU X 55 -63.57 -117.76 -0.85
N ASP X 56 -63.75 -118.85 -0.12
CA ASP X 56 -62.64 -119.58 0.49
C ASP X 56 -62.78 -121.07 0.19
N SER X 57 -61.65 -121.73 0.01
CA SER X 57 -61.62 -123.16 -0.27
C SER X 57 -62.15 -123.95 0.92
N LEU X 61 -66.50 -117.67 4.74
CA LEU X 61 -66.64 -116.29 4.32
C LEU X 61 -65.70 -115.40 5.12
N LYS X 62 -64.54 -115.07 4.54
CA LYS X 62 -63.58 -114.17 5.15
C LYS X 62 -63.44 -112.92 4.28
N GLY X 63 -63.09 -111.81 4.93
CA GLY X 63 -63.11 -110.50 4.31
C GLY X 63 -62.31 -110.38 3.02
N ARG X 64 -60.99 -110.51 3.12
CA ARG X 64 -60.08 -110.21 2.01
C ARG X 64 -59.25 -111.46 1.70
N THR X 65 -59.58 -112.15 0.63
CA THR X 65 -58.91 -113.39 0.25
C THR X 65 -58.98 -113.54 -1.27
N MET X 66 -58.37 -114.61 -1.78
CA MET X 66 -58.38 -114.92 -3.21
C MET X 66 -58.34 -116.43 -3.36
N ARG X 67 -59.39 -117.01 -3.95
CA ARG X 67 -59.49 -118.44 -4.17
C ARG X 67 -59.32 -118.73 -5.66
N TYR X 68 -58.51 -119.74 -5.98
CA TYR X 68 -58.24 -120.11 -7.36
C TYR X 68 -57.94 -121.60 -7.44
N ASP X 69 -57.59 -122.04 -8.65
CA ASP X 69 -57.41 -123.45 -8.99
C ASP X 69 -55.99 -123.65 -9.53
N MET X 70 -55.49 -124.88 -9.37
CA MET X 70 -54.13 -125.21 -9.80
C MET X 70 -54.11 -126.71 -10.10
N HIS X 71 -54.25 -127.06 -11.38
CA HIS X 71 -54.36 -128.46 -11.82
C HIS X 71 -55.45 -129.19 -11.06
N GLY X 72 -56.61 -128.54 -10.94
CA GLY X 72 -57.77 -129.16 -10.31
C GLY X 72 -57.84 -128.88 -8.82
N THR X 73 -56.69 -128.83 -8.15
CA THR X 73 -56.67 -128.54 -6.73
C THR X 73 -57.05 -127.08 -6.48
N ILE X 74 -57.88 -126.85 -5.46
CA ILE X 74 -58.39 -125.54 -5.13
C ILE X 74 -57.55 -125.01 -3.97
N LYS X 75 -56.99 -123.81 -4.13
CA LYS X 75 -56.16 -123.18 -3.11
C LYS X 75 -56.58 -121.73 -2.95
N GLU X 76 -56.01 -121.07 -1.94
CA GLU X 76 -56.32 -119.68 -1.67
C GLU X 76 -55.10 -118.96 -1.11
N ILE X 77 -55.05 -117.67 -1.35
CA ILE X 77 -53.97 -116.80 -0.87
C ILE X 77 -54.61 -115.51 -0.36
N PRO X 78 -54.07 -114.84 0.66
CA PRO X 78 -54.58 -113.51 1.01
C PRO X 78 -54.38 -112.53 -0.16
N LEU X 79 -55.34 -111.63 -0.33
CA LEU X 79 -55.41 -110.83 -1.55
C LEU X 79 -54.28 -109.81 -1.62
N HIS X 80 -53.85 -109.27 -0.48
CA HIS X 80 -52.94 -108.12 -0.51
C HIS X 80 -51.58 -108.45 -1.11
N GLN X 81 -51.23 -109.72 -1.24
CA GLN X 81 -49.99 -110.08 -1.93
C GLN X 81 -50.10 -109.81 -3.43
N VAL X 82 -51.30 -109.96 -3.99
CA VAL X 82 -51.50 -109.75 -5.42
C VAL X 82 -51.20 -108.29 -5.77
N SER X 83 -50.73 -108.07 -7.00
CA SER X 83 -50.51 -106.71 -7.48
C SER X 83 -50.90 -106.63 -8.94
N LEU X 84 -51.19 -105.40 -9.38
CA LEU X 84 -51.52 -105.14 -10.78
C LEU X 84 -51.03 -103.74 -11.13
N TYR X 85 -50.72 -103.54 -12.41
CA TYR X 85 -50.18 -102.27 -12.85
C TYR X 85 -50.32 -102.13 -14.36
N THR X 86 -50.28 -100.87 -14.81
CA THR X 86 -50.18 -100.52 -16.22
C THR X 86 -48.91 -99.75 -16.50
N SER X 87 -48.67 -98.66 -15.79
CA SER X 87 -47.42 -97.90 -15.82
C SER X 87 -46.92 -97.56 -14.43
N ARG X 88 -47.81 -97.40 -13.47
CA ARG X 88 -47.51 -97.12 -12.07
C ARG X 88 -48.23 -98.14 -11.19
N PRO X 89 -47.74 -98.39 -9.98
CA PRO X 89 -48.42 -99.37 -9.11
C PRO X 89 -49.85 -98.94 -8.82
N CYS X 90 -50.75 -99.92 -8.80
CA CYS X 90 -52.18 -99.68 -8.70
C CYS X 90 -52.75 -100.48 -7.54
N HIS X 91 -53.64 -99.85 -6.78
CA HIS X 91 -54.13 -100.38 -5.51
C HIS X 91 -55.44 -101.11 -5.69
N ILE X 92 -55.54 -102.31 -5.11
CA ILE X 92 -56.80 -103.04 -5.08
C ILE X 92 -57.64 -102.56 -3.90
N VAL X 93 -58.96 -102.56 -4.10
CA VAL X 93 -59.90 -102.07 -3.09
C VAL X 93 -60.74 -103.21 -2.53
N ASP X 94 -61.47 -103.90 -3.41
CA ASP X 94 -62.41 -104.92 -2.98
C ASP X 94 -62.54 -105.97 -4.07
N GLY X 95 -62.98 -107.16 -3.66
CA GLY X 95 -63.27 -108.24 -4.59
C GLY X 95 -64.56 -108.93 -4.22
N HIS X 96 -65.39 -109.24 -5.22
CA HIS X 96 -66.71 -109.81 -4.96
C HIS X 96 -67.05 -110.76 -6.12
N GLY X 97 -66.79 -112.05 -5.91
CA GLY X 97 -67.17 -113.04 -6.90
C GLY X 97 -66.19 -113.09 -8.05
N TYR X 98 -66.70 -112.86 -9.26
CA TYR X 98 -65.92 -112.98 -10.48
C TYR X 98 -65.31 -111.64 -10.93
N PHE X 99 -65.45 -110.59 -10.12
CA PHE X 99 -65.15 -109.24 -10.57
C PHE X 99 -64.32 -108.51 -9.52
N LEU X 100 -63.56 -107.50 -9.96
CA LEU X 100 -62.69 -106.73 -9.09
C LEU X 100 -62.68 -105.27 -9.54
N LEU X 101 -62.96 -104.36 -8.62
CA LEU X 101 -62.79 -102.94 -8.85
C LEU X 101 -61.36 -102.53 -8.48
N ALA X 102 -60.75 -101.72 -9.35
CA ALA X 102 -59.40 -101.24 -9.13
C ALA X 102 -59.35 -99.74 -9.41
N ARG X 103 -58.51 -99.05 -8.65
CA ARG X 103 -58.16 -97.66 -8.89
C ARG X 103 -56.75 -97.67 -9.49
N CYS X 104 -56.63 -97.18 -10.72
CA CYS X 104 -55.38 -97.33 -11.45
C CYS X 104 -55.30 -96.27 -12.54
N PRO X 105 -54.23 -95.44 -12.60
CA PRO X 105 -54.19 -94.39 -13.63
C PRO X 105 -54.09 -94.94 -15.04
N ALA X 106 -54.03 -94.05 -16.03
CA ALA X 106 -54.07 -94.43 -17.43
C ALA X 106 -52.89 -95.34 -17.78
N GLY X 107 -52.98 -95.94 -18.96
CA GLY X 107 -51.96 -96.85 -19.43
C GLY X 107 -52.37 -97.46 -20.75
N ASP X 108 -51.61 -98.49 -21.15
CA ASP X 108 -51.86 -99.22 -22.38
C ASP X 108 -51.97 -100.73 -22.20
N SER X 109 -51.40 -101.30 -21.14
CA SER X 109 -51.44 -102.74 -20.90
C SER X 109 -51.83 -102.99 -19.44
N ILE X 110 -52.53 -104.09 -19.21
CA ILE X 110 -52.88 -104.54 -17.87
C ILE X 110 -52.00 -105.75 -17.55
N THR X 111 -51.15 -105.61 -16.53
CA THR X 111 -50.27 -106.69 -16.09
C THR X 111 -50.56 -106.96 -14.62
N MET X 112 -50.99 -108.18 -14.30
CA MET X 112 -51.34 -108.55 -12.93
C MET X 112 -50.58 -109.81 -12.54
N GLU X 113 -50.07 -109.83 -11.32
CA GLU X 113 -49.13 -110.86 -10.90
C GLU X 113 -49.28 -111.15 -9.40
N PHE X 114 -48.72 -112.29 -9.01
CA PHE X 114 -48.60 -112.68 -7.61
C PHE X 114 -47.43 -113.65 -7.49
N LYS X 115 -47.07 -113.98 -6.25
CA LYS X 115 -45.88 -114.76 -5.95
C LYS X 115 -46.26 -115.95 -5.07
N LYS X 116 -45.95 -117.15 -5.53
CA LYS X 116 -46.02 -118.34 -4.70
C LYS X 116 -44.70 -118.48 -3.92
N ASP X 117 -44.47 -119.65 -3.33
CA ASP X 117 -43.25 -119.87 -2.56
C ASP X 117 -42.00 -119.63 -3.41
N SER X 118 -41.98 -120.19 -4.62
CA SER X 118 -40.86 -119.98 -5.52
C SER X 118 -41.24 -119.75 -6.97
N VAL X 119 -42.52 -119.88 -7.34
CA VAL X 119 -42.96 -119.76 -8.73
C VAL X 119 -43.83 -118.52 -8.85
N ARG X 120 -43.26 -117.45 -9.37
CA ARG X 120 -44.03 -116.24 -9.65
C ARG X 120 -44.98 -116.49 -10.81
N HIS X 121 -46.11 -115.77 -10.79
CA HIS X 121 -47.10 -115.83 -11.85
C HIS X 121 -47.51 -114.42 -12.24
N SER X 122 -47.59 -114.18 -13.55
CA SER X 122 -47.92 -112.86 -14.08
C SER X 122 -48.59 -113.04 -15.43
N CYS X 123 -49.63 -112.25 -15.67
CA CYS X 123 -50.32 -112.25 -16.96
C CYS X 123 -50.51 -110.81 -17.42
N SER X 124 -50.16 -110.56 -18.67
CA SER X 124 -50.31 -109.27 -19.32
C SER X 124 -51.27 -109.44 -20.49
N VAL X 125 -52.26 -108.56 -20.57
CA VAL X 125 -53.28 -108.61 -21.63
C VAL X 125 -53.23 -107.30 -22.39
N PRO X 126 -53.08 -107.30 -23.73
CA PRO X 126 -53.11 -106.02 -24.46
C PRO X 126 -54.51 -105.44 -24.61
N TYR X 127 -54.99 -104.76 -23.57
CA TYR X 127 -56.25 -104.05 -23.60
C TYR X 127 -56.06 -102.63 -23.09
N GLU X 128 -56.64 -101.68 -23.81
CA GLU X 128 -56.48 -100.27 -23.46
C GLU X 128 -57.20 -99.94 -22.16
N VAL X 129 -56.67 -98.95 -21.46
CA VAL X 129 -57.31 -98.35 -20.29
C VAL X 129 -57.22 -96.84 -20.45
N LYS X 130 -58.33 -96.15 -20.20
CA LYS X 130 -58.45 -94.72 -20.45
C LYS X 130 -58.87 -93.98 -19.19
N PHE X 131 -58.36 -92.75 -19.06
CA PHE X 131 -58.71 -91.84 -17.98
C PHE X 131 -59.50 -90.70 -18.59
N ASN X 132 -60.76 -90.53 -18.16
CA ASN X 132 -61.67 -89.57 -18.76
C ASN X 132 -61.86 -88.40 -17.81
N PRO X 133 -61.30 -87.22 -18.07
CA PRO X 133 -61.52 -86.09 -17.16
C PRO X 133 -62.97 -85.62 -17.18
N VAL X 134 -63.38 -85.04 -16.06
CA VAL X 134 -64.72 -84.50 -15.90
C VAL X 134 -64.68 -82.99 -16.15
N GLY X 135 -65.78 -82.47 -16.70
CA GLY X 135 -65.87 -81.04 -16.92
C GLY X 135 -65.22 -80.62 -18.22
N ARG X 136 -64.54 -79.48 -18.19
CA ARG X 136 -63.92 -78.90 -19.37
C ARG X 136 -62.45 -78.55 -19.14
N GLU X 137 -61.82 -79.16 -18.13
CA GLU X 137 -60.40 -78.93 -17.82
C GLU X 137 -59.74 -80.30 -17.71
N LEU X 138 -58.99 -80.68 -18.74
CA LEU X 138 -58.36 -81.99 -18.76
C LEU X 138 -57.25 -82.04 -17.71
N TYR X 139 -57.16 -83.18 -17.02
CA TYR X 139 -56.16 -83.38 -15.97
C TYR X 139 -55.69 -84.82 -16.01
N THR X 140 -54.64 -85.11 -15.24
CA THR X 140 -54.09 -86.45 -15.12
C THR X 140 -54.39 -87.11 -13.78
N HIS X 141 -54.55 -86.34 -12.71
CA HIS X 141 -54.87 -86.85 -11.38
C HIS X 141 -55.87 -85.90 -10.75
N PRO X 142 -56.80 -86.38 -9.92
CA PRO X 142 -57.75 -85.47 -9.27
C PRO X 142 -57.03 -84.48 -8.35
N PRO X 143 -57.55 -83.27 -8.19
CA PRO X 143 -56.86 -82.26 -7.39
C PRO X 143 -57.21 -82.38 -5.91
N GLU X 144 -56.61 -81.48 -5.12
CA GLU X 144 -56.87 -81.45 -3.68
C GLU X 144 -58.22 -80.79 -3.37
N HIS X 145 -58.66 -79.86 -4.20
CA HIS X 145 -59.84 -79.06 -3.88
C HIS X 145 -60.49 -78.60 -5.17
N GLY X 146 -61.69 -78.03 -5.03
CA GLY X 146 -62.42 -77.50 -6.16
C GLY X 146 -63.90 -77.30 -5.87
N VAL X 147 -64.74 -77.59 -6.87
CA VAL X 147 -66.19 -77.45 -6.74
C VAL X 147 -66.82 -78.80 -7.10
N GLU X 148 -68.00 -79.03 -6.52
CA GLU X 148 -68.67 -80.31 -6.63
C GLU X 148 -69.55 -80.35 -7.88
N GLN X 149 -69.50 -81.47 -8.58
CA GLN X 149 -70.30 -81.72 -9.78
C GLN X 149 -70.76 -83.17 -9.75
N ALA X 150 -71.37 -83.65 -10.83
CA ALA X 150 -71.89 -85.02 -10.92
C ALA X 150 -71.24 -85.71 -12.12
N CYS X 151 -70.33 -86.63 -11.84
CA CYS X 151 -69.83 -87.58 -12.84
C CYS X 151 -70.30 -88.98 -12.44
N GLN X 152 -70.10 -89.93 -13.34
CA GLN X 152 -70.54 -91.31 -13.15
C GLN X 152 -69.36 -92.17 -12.72
N VAL X 153 -69.51 -92.84 -11.58
CA VAL X 153 -68.47 -93.70 -11.03
C VAL X 153 -69.09 -95.01 -10.61
N TYR X 154 -68.26 -96.05 -10.57
CA TYR X 154 -68.72 -97.37 -10.18
C TYR X 154 -69.07 -97.41 -8.69
N ALA X 155 -70.08 -98.21 -8.36
CA ALA X 155 -70.48 -98.38 -6.97
C ALA X 155 -69.44 -99.19 -6.20
N HIS X 156 -69.29 -98.86 -4.92
CA HIS X 156 -68.33 -99.51 -4.05
C HIS X 156 -68.90 -100.74 -3.35
N ASP X 157 -70.21 -100.94 -3.35
CA ASP X 157 -70.87 -102.00 -2.61
C ASP X 157 -71.65 -102.89 -3.57
N ALA X 158 -71.59 -104.20 -3.31
CA ALA X 158 -72.33 -105.16 -4.12
C ALA X 158 -73.83 -104.99 -3.90
N GLN X 159 -74.60 -105.17 -4.98
CA GLN X 159 -76.04 -105.03 -4.92
C GLN X 159 -76.65 -105.68 -6.14
N ASN X 160 -77.86 -106.22 -5.98
CA ASN X 160 -78.56 -106.91 -7.06
C ASN X 160 -79.37 -105.90 -7.86
N ARG X 161 -79.11 -105.82 -9.16
CA ARG X 161 -79.78 -104.87 -10.04
C ARG X 161 -79.99 -105.55 -11.39
N GLY X 162 -80.54 -104.79 -12.34
CA GLY X 162 -80.84 -105.32 -13.66
C GLY X 162 -79.61 -105.50 -14.54
N ALA X 163 -78.74 -106.42 -14.15
CA ALA X 163 -77.54 -106.72 -14.92
C ALA X 163 -77.07 -108.11 -14.53
N TYR X 164 -76.97 -109.01 -15.50
CA TYR X 164 -76.75 -110.43 -15.22
C TYR X 164 -75.75 -111.03 -16.20
N VAL X 165 -75.10 -112.11 -15.75
CA VAL X 165 -74.25 -112.95 -16.59
C VAL X 165 -74.91 -114.31 -16.71
N GLU X 166 -74.32 -115.21 -17.50
CA GLU X 166 -74.90 -116.51 -17.79
C GLU X 166 -73.92 -117.62 -17.44
N MET X 167 -74.44 -118.69 -16.84
CA MET X 167 -73.67 -119.88 -16.50
C MET X 167 -73.84 -120.94 -17.58
N HIS X 168 -72.84 -121.80 -17.71
CA HIS X 168 -72.87 -122.91 -18.64
C HIS X 168 -72.18 -124.10 -17.98
N LEU X 169 -72.63 -125.30 -18.34
CA LEU X 169 -72.12 -126.52 -17.74
C LEU X 169 -70.63 -126.68 -18.08
N PRO X 170 -69.74 -126.87 -17.10
CA PRO X 170 -68.34 -127.13 -17.46
C PRO X 170 -68.21 -128.47 -18.19
N GLY X 171 -67.45 -128.46 -19.28
CA GLY X 171 -67.30 -129.65 -20.10
C GLY X 171 -66.38 -130.68 -19.49
N SER X 172 -65.75 -131.49 -20.34
CA SER X 172 -64.82 -132.52 -19.91
C SER X 172 -63.40 -131.99 -20.07
N GLU X 173 -62.65 -131.98 -18.97
CA GLU X 173 -61.29 -131.47 -18.95
C GLU X 173 -60.30 -132.62 -18.91
N VAL X 174 -59.36 -132.61 -19.85
CA VAL X 174 -58.35 -133.67 -19.94
C VAL X 174 -57.29 -133.44 -18.86
N ASP X 175 -56.91 -134.52 -18.19
CA ASP X 175 -55.88 -134.48 -17.15
C ASP X 175 -54.83 -135.54 -17.49
N SER X 176 -53.59 -135.09 -17.70
CA SER X 176 -52.52 -136.01 -18.08
C SER X 176 -52.01 -136.81 -16.89
N SER X 177 -52.09 -136.25 -15.68
CA SER X 177 -51.52 -136.92 -14.51
C SER X 177 -52.26 -138.20 -14.16
N LEU X 178 -53.55 -138.27 -14.50
CA LEU X 178 -54.35 -139.45 -14.13
C LEU X 178 -53.82 -140.71 -14.82
N VAL X 179 -53.47 -140.61 -16.10
CA VAL X 179 -53.04 -141.78 -16.85
C VAL X 179 -51.60 -142.12 -16.50
N SER X 180 -51.31 -143.42 -16.42
CA SER X 180 -49.96 -143.90 -16.15
C SER X 180 -49.80 -145.28 -16.77
N LEU X 181 -48.55 -145.71 -16.89
CA LEU X 181 -48.21 -146.96 -17.56
C LEU X 181 -47.96 -148.05 -16.53
N SER X 182 -48.67 -149.18 -16.67
CA SER X 182 -48.44 -150.35 -15.86
C SER X 182 -47.34 -151.19 -16.51
N GLY X 183 -47.17 -152.43 -16.03
CA GLY X 183 -46.17 -153.30 -16.63
C GLY X 183 -46.43 -153.57 -18.10
N SER X 184 -47.69 -153.83 -18.44
CA SER X 184 -48.09 -154.04 -19.84
C SER X 184 -49.34 -153.28 -20.24
N SER X 185 -50.17 -152.84 -19.30
CA SER X 185 -51.40 -152.13 -19.57
C SER X 185 -51.27 -150.66 -19.17
N VAL X 186 -52.35 -149.91 -19.36
CA VAL X 186 -52.43 -148.50 -18.98
C VAL X 186 -53.39 -148.38 -17.81
N THR X 187 -52.92 -147.79 -16.72
CA THR X 187 -53.69 -147.66 -15.49
C THR X 187 -54.23 -146.24 -15.36
N VAL X 188 -55.47 -146.13 -14.89
CA VAL X 188 -56.13 -144.85 -14.67
C VAL X 188 -56.62 -144.82 -13.23
N THR X 189 -56.32 -143.73 -12.52
CA THR X 189 -56.66 -143.57 -11.11
C THR X 189 -57.41 -142.26 -10.95
N PRO X 190 -58.73 -142.25 -11.16
CA PRO X 190 -59.49 -141.02 -11.02
C PRO X 190 -59.42 -140.52 -9.59
N PRO X 191 -59.52 -139.21 -9.38
CA PRO X 191 -59.45 -138.68 -8.00
C PRO X 191 -60.64 -139.15 -7.17
N ASP X 192 -60.41 -139.27 -5.87
CA ASP X 192 -61.42 -139.79 -4.97
C ASP X 192 -62.69 -138.95 -5.00
N GLY X 193 -63.83 -139.62 -5.03
CA GLY X 193 -65.10 -138.93 -5.02
C GLY X 193 -65.46 -138.20 -6.29
N THR X 194 -64.83 -138.56 -7.41
CA THR X 194 -65.08 -137.91 -8.69
C THR X 194 -65.00 -138.94 -9.81
N SER X 195 -65.90 -138.81 -10.78
CA SER X 195 -65.96 -139.74 -11.90
C SER X 195 -65.04 -139.26 -13.03
N ALA X 196 -64.61 -140.23 -13.85
CA ALA X 196 -63.74 -139.94 -14.98
C ALA X 196 -64.19 -140.78 -16.16
N LEU X 197 -63.73 -140.37 -17.34
CA LEU X 197 -64.06 -141.04 -18.60
C LEU X 197 -62.78 -141.24 -19.39
N VAL X 198 -62.67 -142.38 -20.07
CA VAL X 198 -61.51 -142.70 -20.87
C VAL X 198 -61.98 -143.03 -22.28
N GLU X 199 -61.35 -142.42 -23.28
CA GLU X 199 -61.69 -142.63 -24.68
C GLU X 199 -60.42 -142.91 -25.48
N CYS X 200 -60.52 -143.87 -26.41
CA CYS X 200 -59.49 -144.07 -27.43
C CYS X 200 -59.90 -145.15 -28.43
N GLU X 201 -59.08 -145.25 -29.48
CA GLU X 201 -59.20 -146.28 -30.50
C GLU X 201 -58.01 -147.25 -30.45
N CYS X 202 -57.40 -147.43 -29.28
CA CYS X 202 -56.16 -148.19 -29.21
C CYS X 202 -56.37 -149.64 -29.62
N GLY X 203 -57.57 -150.16 -29.39
CA GLY X 203 -58.03 -151.37 -30.05
C GLY X 203 -59.04 -150.98 -31.11
N GLY X 204 -60.33 -151.13 -30.78
CA GLY X 204 -61.39 -150.47 -31.51
C GLY X 204 -61.85 -149.22 -30.77
N THR X 205 -62.93 -148.63 -31.26
CA THR X 205 -63.53 -147.50 -30.57
C THR X 205 -63.91 -147.91 -29.16
N LYS X 206 -63.47 -147.12 -28.17
CA LYS X 206 -63.57 -147.50 -26.77
C LYS X 206 -63.86 -146.27 -25.92
N ILE X 207 -64.95 -146.35 -25.17
CA ILE X 207 -65.36 -145.33 -24.21
C ILE X 207 -65.72 -146.04 -22.91
N SER X 208 -65.20 -145.53 -21.80
CA SER X 208 -65.42 -146.18 -20.51
C SER X 208 -65.55 -145.12 -19.42
N GLU X 209 -66.65 -145.19 -18.66
CA GLU X 209 -66.89 -144.30 -17.53
C GLU X 209 -66.49 -145.05 -16.26
N THR X 210 -65.45 -144.57 -15.59
CA THR X 210 -64.93 -145.17 -14.37
C THR X 210 -65.21 -144.26 -13.19
N ILE X 211 -65.79 -144.82 -12.13
CA ILE X 211 -66.16 -144.07 -10.94
C ILE X 211 -65.25 -144.48 -9.79
N ASN X 212 -64.12 -143.78 -9.64
CA ASN X 212 -63.18 -144.01 -8.54
C ASN X 212 -62.73 -145.47 -8.48
N LYS X 213 -62.51 -146.07 -9.65
CA LYS X 213 -62.06 -147.45 -9.77
C LYS X 213 -60.74 -147.47 -10.52
N THR X 214 -59.73 -148.12 -9.92
CA THR X 214 -58.43 -148.28 -10.57
C THR X 214 -58.55 -149.42 -11.57
N LYS X 215 -58.59 -149.08 -12.86
CA LYS X 215 -58.85 -150.02 -13.93
C LYS X 215 -57.72 -150.00 -14.95
N GLN X 216 -57.50 -151.13 -15.60
CA GLN X 216 -56.49 -151.30 -16.62
C GLN X 216 -57.16 -151.56 -17.98
N PHE X 217 -56.41 -151.27 -19.04
CA PHE X 217 -56.88 -151.45 -20.41
C PHE X 217 -55.90 -152.34 -21.17
N SER X 218 -56.44 -153.23 -21.99
CA SER X 218 -55.68 -154.23 -22.72
C SER X 218 -55.66 -153.91 -24.20
N GLN X 219 -55.04 -154.82 -24.97
CA GLN X 219 -54.95 -154.75 -26.42
C GLN X 219 -54.18 -153.54 -26.91
N CYS X 220 -53.43 -152.87 -26.03
CA CYS X 220 -52.67 -151.69 -26.41
C CYS X 220 -51.75 -151.28 -25.27
N THR X 221 -50.63 -150.64 -25.62
CA THR X 221 -49.54 -150.39 -24.70
C THR X 221 -49.33 -148.91 -24.39
N LYS X 222 -49.15 -148.08 -25.42
CA LYS X 222 -48.75 -146.69 -25.22
C LYS X 222 -49.84 -145.91 -24.50
N LYS X 223 -49.44 -145.11 -23.51
CA LYS X 223 -50.38 -144.25 -22.81
C LYS X 223 -50.84 -143.08 -23.69
N GLU X 224 -49.97 -142.61 -24.59
CA GLU X 224 -50.34 -141.50 -25.46
C GLU X 224 -51.50 -141.85 -26.38
N GLN X 225 -51.75 -143.13 -26.60
CA GLN X 225 -52.82 -143.54 -27.51
C GLN X 225 -54.20 -143.21 -26.96
N CYS X 226 -54.35 -143.13 -25.63
CA CYS X 226 -55.65 -142.93 -25.01
C CYS X 226 -55.68 -141.69 -24.12
N ARG X 227 -56.89 -141.15 -23.93
CA ARG X 227 -57.08 -139.91 -23.18
C ARG X 227 -58.12 -140.10 -22.10
N ALA X 228 -57.94 -139.37 -21.00
CA ALA X 228 -58.82 -139.43 -19.84
C ALA X 228 -59.26 -138.04 -19.44
N TYR X 229 -60.55 -137.89 -19.15
CA TYR X 229 -61.17 -136.65 -18.73
C TYR X 229 -61.82 -136.84 -17.36
N ARG X 230 -61.98 -135.73 -16.65
CA ARG X 230 -62.64 -135.69 -15.35
C ARG X 230 -64.05 -135.13 -15.53
N LEU X 231 -64.99 -135.58 -14.71
CA LEU X 231 -66.39 -135.16 -14.81
C LEU X 231 -66.83 -134.53 -13.49
N GLN X 232 -67.50 -133.37 -13.59
CA GLN X 232 -68.10 -132.71 -12.45
C GLN X 232 -69.53 -132.31 -12.81
N ASN X 233 -70.47 -132.65 -11.93
CA ASN X 233 -71.87 -132.34 -12.13
C ASN X 233 -72.32 -131.08 -11.41
N ASP X 234 -71.43 -130.39 -10.70
CA ASP X 234 -71.75 -129.20 -9.94
C ASP X 234 -70.69 -128.12 -10.19
N LYS X 235 -70.81 -127.01 -9.49
CA LYS X 235 -69.83 -125.91 -9.54
C LYS X 235 -69.72 -125.36 -10.96
N TRP X 236 -70.82 -124.75 -11.40
CA TRP X 236 -70.88 -124.14 -12.72
C TRP X 236 -69.77 -123.11 -12.93
N VAL X 237 -69.50 -122.77 -14.18
CA VAL X 237 -68.41 -121.86 -14.54
C VAL X 237 -68.96 -120.76 -15.44
N TYR X 238 -68.19 -119.69 -15.56
CA TYR X 238 -68.53 -118.62 -16.48
C TYR X 238 -68.38 -119.11 -17.92
N ASN X 239 -69.17 -118.50 -18.82
CA ASN X 239 -69.14 -118.86 -20.23
C ASN X 239 -67.87 -118.34 -20.91
N SER X 240 -66.71 -118.86 -20.49
CA SER X 240 -65.43 -118.35 -20.94
C SER X 240 -65.06 -118.93 -22.30
N ASP X 241 -64.20 -118.21 -23.01
CA ASP X 241 -63.78 -118.63 -24.35
C ASP X 241 -62.81 -119.79 -24.27
N LYS X 242 -61.93 -119.80 -23.27
CA LYS X 242 -60.84 -120.77 -23.20
C LYS X 242 -61.23 -122.06 -22.48
N LEU X 243 -62.50 -122.42 -22.47
CA LEU X 243 -62.98 -123.69 -21.96
C LEU X 243 -63.97 -124.29 -22.94
N PRO X 244 -64.17 -125.61 -22.89
CA PRO X 244 -65.09 -126.26 -23.84
C PRO X 244 -66.53 -126.13 -23.38
N LYS X 245 -67.43 -126.74 -24.15
CA LYS X 245 -68.86 -126.71 -23.90
C LYS X 245 -69.38 -128.11 -23.62
N ALA X 246 -70.38 -128.19 -22.73
CA ALA X 246 -70.92 -129.47 -22.29
C ALA X 246 -71.93 -129.98 -23.33
N ALA X 247 -72.67 -131.02 -22.98
CA ALA X 247 -73.56 -131.73 -23.89
C ALA X 247 -75.02 -131.49 -23.50
N GLY X 248 -75.66 -130.53 -24.19
CA GLY X 248 -77.10 -130.39 -24.16
C GLY X 248 -77.63 -129.16 -23.45
N ALA X 249 -77.88 -128.11 -24.23
CA ALA X 249 -78.65 -126.92 -23.84
C ALA X 249 -77.94 -125.99 -22.85
N THR X 250 -76.85 -126.45 -22.23
CA THR X 250 -75.81 -125.63 -21.58
C THR X 250 -76.37 -124.42 -20.83
N LEU X 251 -77.55 -124.54 -20.22
CA LEU X 251 -78.24 -123.41 -19.60
C LEU X 251 -78.92 -123.89 -18.32
N LYS X 252 -78.45 -123.39 -17.17
CA LYS X 252 -79.00 -123.84 -15.89
C LYS X 252 -79.13 -122.70 -14.88
N GLY X 253 -79.20 -121.44 -15.32
CA GLY X 253 -79.46 -120.32 -14.45
C GLY X 253 -78.64 -119.11 -14.84
N LYS X 254 -78.71 -118.09 -13.98
CA LYS X 254 -78.00 -116.84 -14.21
C LYS X 254 -77.71 -116.19 -12.86
N LEU X 255 -76.76 -115.24 -12.88
CA LEU X 255 -76.30 -114.55 -11.68
C LEU X 255 -76.31 -113.05 -11.93
N HIS X 256 -76.22 -112.28 -10.86
CA HIS X 256 -76.12 -110.82 -10.94
C HIS X 256 -74.66 -110.39 -10.96
N VAL X 257 -74.45 -109.10 -11.27
CA VAL X 257 -73.11 -108.53 -11.36
C VAL X 257 -72.98 -107.43 -10.30
N PRO X 258 -71.83 -107.28 -9.63
CA PRO X 258 -71.66 -106.17 -8.68
C PRO X 258 -71.13 -104.92 -9.35
N PHE X 259 -70.97 -103.85 -8.57
CA PHE X 259 -70.19 -102.68 -8.97
C PHE X 259 -70.77 -102.05 -10.25
N LEU X 260 -72.09 -101.89 -10.28
CA LEU X 260 -72.74 -101.22 -11.40
C LEU X 260 -72.40 -99.74 -11.41
N LEU X 261 -72.58 -99.11 -12.57
CA LEU X 261 -72.41 -97.67 -12.68
C LEU X 261 -73.55 -96.95 -11.98
N ALA X 262 -73.24 -95.82 -11.36
CA ALA X 262 -74.23 -95.04 -10.64
C ALA X 262 -73.77 -93.60 -10.55
N ASP X 263 -74.74 -92.70 -10.39
CA ASP X 263 -74.43 -91.29 -10.20
C ASP X 263 -73.76 -91.08 -8.84
N GLY X 264 -72.80 -90.16 -8.81
CA GLY X 264 -72.08 -89.88 -7.59
C GLY X 264 -71.50 -88.49 -7.60
N LYS X 265 -71.25 -87.98 -6.39
CA LYS X 265 -70.66 -86.67 -6.22
C LYS X 265 -69.19 -86.72 -6.64
N CYS X 266 -68.74 -85.66 -7.32
CA CYS X 266 -67.50 -85.71 -8.10
C CYS X 266 -66.79 -84.36 -8.00
N THR X 267 -65.55 -84.36 -7.54
CA THR X 267 -64.80 -83.10 -7.43
C THR X 267 -64.26 -82.67 -8.80
N VAL X 268 -64.18 -81.35 -9.01
CA VAL X 268 -63.63 -80.80 -10.25
C VAL X 268 -62.79 -79.57 -9.91
N PRO X 269 -61.61 -79.39 -10.50
CA PRO X 269 -60.80 -78.20 -10.17
C PRO X 269 -61.42 -76.91 -10.70
N LEU X 270 -60.86 -75.80 -10.20
CA LEU X 270 -61.23 -74.45 -10.62
C LEU X 270 -60.00 -73.77 -11.19
N ALA X 271 -60.14 -73.18 -12.37
CA ALA X 271 -59.04 -72.45 -12.98
C ALA X 271 -58.82 -71.13 -12.26
N PRO X 272 -57.62 -70.55 -12.36
CA PRO X 272 -57.40 -69.22 -11.77
C PRO X 272 -58.29 -68.19 -12.44
N GLU X 273 -58.70 -67.18 -11.66
CA GLU X 273 -59.61 -66.18 -12.16
C GLU X 273 -58.95 -65.38 -13.28
N PRO X 274 -59.59 -65.21 -14.44
CA PRO X 274 -58.96 -64.45 -15.52
C PRO X 274 -58.87 -62.97 -15.16
N MET X 275 -57.89 -62.29 -15.77
CA MET X 275 -57.75 -60.84 -15.58
C MET X 275 -58.42 -60.14 -16.74
N ILE X 276 -59.26 -59.15 -16.41
CA ILE X 276 -60.11 -58.45 -17.37
C ILE X 276 -59.63 -57.00 -17.49
N THR X 277 -59.58 -56.50 -18.72
CA THR X 277 -59.32 -55.09 -18.97
C THR X 277 -60.36 -54.56 -19.94
N PHE X 278 -60.95 -53.42 -19.62
CA PHE X 278 -62.05 -52.84 -20.38
C PHE X 278 -61.54 -51.73 -21.28
N GLY X 279 -62.07 -51.65 -22.50
CA GLY X 279 -61.82 -50.55 -23.39
C GLY X 279 -63.05 -50.30 -24.24
N PHE X 280 -62.97 -49.27 -25.08
CA PHE X 280 -64.14 -48.85 -25.85
C PHE X 280 -64.68 -50.01 -26.69
N ARG X 281 -65.84 -50.54 -26.27
CA ARG X 281 -66.51 -51.63 -26.96
C ARG X 281 -65.62 -52.86 -27.09
N SER X 282 -64.69 -53.06 -26.16
CA SER X 282 -63.74 -54.17 -26.29
C SER X 282 -63.27 -54.62 -24.91
N VAL X 283 -62.78 -55.85 -24.86
CA VAL X 283 -62.27 -56.45 -23.63
C VAL X 283 -60.98 -57.20 -23.96
N SER X 284 -59.98 -57.04 -23.10
CA SER X 284 -58.73 -57.81 -23.17
C SER X 284 -58.71 -58.78 -22.01
N LEU X 285 -58.56 -60.06 -22.34
CA LEU X 285 -58.56 -61.15 -21.37
C LEU X 285 -57.14 -61.68 -21.23
N LYS X 286 -56.60 -61.63 -20.02
CA LYS X 286 -55.29 -62.22 -19.72
C LYS X 286 -55.50 -63.49 -18.93
N LEU X 287 -54.89 -64.58 -19.41
CA LEU X 287 -55.09 -65.92 -18.90
C LEU X 287 -53.74 -66.54 -18.54
N HIS X 288 -53.75 -67.41 -17.53
CA HIS X 288 -52.55 -68.10 -17.08
C HIS X 288 -52.95 -69.49 -16.59
N PRO X 289 -53.19 -70.43 -17.51
CA PRO X 289 -53.68 -71.75 -17.09
C PRO X 289 -52.58 -72.59 -16.45
N LYS X 290 -52.95 -73.31 -15.39
CA LYS X 290 -52.10 -74.35 -14.81
C LYS X 290 -52.22 -75.67 -15.56
N ASN X 291 -53.13 -75.77 -16.53
CA ASN X 291 -53.57 -77.02 -17.09
C ASN X 291 -54.30 -76.70 -18.39
N PRO X 292 -54.22 -77.54 -19.43
CA PRO X 292 -55.00 -77.25 -20.65
C PRO X 292 -56.48 -77.15 -20.33
N THR X 293 -57.12 -76.10 -20.84
CA THR X 293 -58.50 -75.79 -20.49
C THR X 293 -59.22 -75.20 -21.69
N TYR X 294 -60.54 -75.31 -21.69
CA TYR X 294 -61.39 -74.87 -22.79
C TYR X 294 -61.94 -73.48 -22.50
N LEU X 295 -61.70 -72.56 -23.43
CA LEU X 295 -62.32 -71.24 -23.45
C LEU X 295 -63.37 -71.23 -24.55
N ILE X 296 -64.61 -70.86 -24.19
CA ILE X 296 -65.71 -70.89 -25.14
C ILE X 296 -66.54 -69.62 -24.99
N THR X 297 -66.73 -68.89 -26.09
CA THR X 297 -67.31 -67.55 -26.06
C THR X 297 -68.40 -67.43 -27.13
N ARG X 298 -69.33 -66.50 -26.88
CA ARG X 298 -70.52 -66.41 -27.71
C ARG X 298 -71.14 -65.02 -27.55
N GLN X 299 -71.90 -64.62 -28.57
CA GLN X 299 -72.65 -63.37 -28.57
C GLN X 299 -74.09 -63.62 -28.12
N LEU X 300 -74.85 -62.53 -27.96
CA LEU X 300 -76.27 -62.61 -27.64
C LEU X 300 -77.11 -62.06 -28.78
N ALA X 301 -76.62 -62.22 -30.01
CA ALA X 301 -77.28 -61.74 -31.22
C ALA X 301 -77.94 -62.90 -31.94
N ASP X 302 -78.46 -62.62 -33.14
CA ASP X 302 -79.15 -63.65 -33.91
C ASP X 302 -78.21 -64.80 -34.27
N GLU X 303 -76.97 -64.48 -34.66
CA GLU X 303 -75.97 -65.47 -35.03
C GLU X 303 -74.84 -65.37 -34.02
N PRO X 304 -74.45 -66.46 -33.34
CA PRO X 304 -73.60 -66.32 -32.15
C PRO X 304 -72.13 -66.03 -32.43
N HIS X 305 -71.61 -66.50 -33.56
CA HIS X 305 -70.16 -66.53 -33.80
C HIS X 305 -69.45 -67.28 -32.67
N TYR X 306 -70.05 -68.40 -32.24
CA TYR X 306 -69.51 -69.16 -31.13
C TYR X 306 -68.10 -69.63 -31.46
N THR X 307 -67.17 -69.39 -30.53
CA THR X 307 -65.78 -69.80 -30.68
C THR X 307 -65.40 -70.71 -29.52
N HIS X 308 -64.87 -71.89 -29.86
CA HIS X 308 -64.43 -72.90 -28.91
C HIS X 308 -62.94 -73.13 -29.13
N GLU X 309 -62.15 -73.11 -28.06
CA GLU X 309 -60.72 -73.30 -28.19
C GLU X 309 -60.17 -73.91 -26.91
N LEU X 310 -59.02 -74.57 -27.04
CA LEU X 310 -58.27 -75.08 -25.90
C LEU X 310 -56.95 -74.32 -25.80
N ILE X 311 -56.60 -73.91 -24.59
CA ILE X 311 -55.37 -73.17 -24.32
C ILE X 311 -54.67 -73.82 -23.13
N SER X 312 -53.34 -73.93 -23.24
CA SER X 312 -52.51 -74.48 -22.18
C SER X 312 -51.27 -73.64 -21.89
N GLU X 313 -51.07 -72.53 -22.60
CA GLU X 313 -49.92 -71.65 -22.46
C GLU X 313 -50.39 -70.21 -22.31
N PRO X 314 -49.61 -69.34 -21.66
CA PRO X 314 -50.05 -67.95 -21.52
C PRO X 314 -50.21 -67.27 -22.87
N ALA X 315 -51.26 -66.47 -22.99
CA ALA X 315 -51.57 -65.80 -24.25
C ALA X 315 -52.60 -64.71 -23.95
N VAL X 316 -52.79 -63.83 -24.92
CA VAL X 316 -53.73 -62.72 -24.83
C VAL X 316 -54.64 -62.75 -26.04
N ARG X 317 -55.95 -62.70 -25.81
CA ARG X 317 -56.96 -62.66 -26.86
C ARG X 317 -57.85 -61.46 -26.64
N ASN X 318 -57.96 -60.60 -27.66
CA ASN X 318 -58.77 -59.40 -27.61
C ASN X 318 -60.14 -59.69 -28.22
N PHE X 319 -61.18 -59.09 -27.64
CA PHE X 319 -62.54 -59.31 -28.08
C PHE X 319 -63.28 -57.99 -28.21
N THR X 320 -64.22 -57.95 -29.16
CA THR X 320 -65.08 -56.80 -29.40
C THR X 320 -66.49 -57.16 -28.95
N VAL X 321 -67.10 -56.26 -28.17
CA VAL X 321 -68.41 -56.47 -27.58
C VAL X 321 -69.36 -55.40 -28.09
N THR X 322 -70.54 -55.82 -28.53
CA THR X 322 -71.60 -54.93 -28.96
C THR X 322 -72.60 -54.71 -27.84
N GLU X 323 -73.50 -53.74 -28.06
CA GLU X 323 -74.50 -53.43 -27.03
C GLU X 323 -75.48 -54.59 -26.84
N LYS X 324 -75.63 -55.45 -27.84
CA LYS X 324 -76.59 -56.55 -27.73
C LYS X 324 -76.23 -57.55 -26.64
N GLY X 325 -74.95 -57.62 -26.26
CA GLY X 325 -74.51 -58.48 -25.17
C GLY X 325 -73.55 -59.57 -25.59
N TRP X 326 -72.54 -59.81 -24.75
CA TRP X 326 -71.53 -60.83 -25.01
C TRP X 326 -71.43 -61.72 -23.78
N GLU X 327 -70.96 -62.96 -23.97
CA GLU X 327 -70.75 -63.82 -22.81
C GLU X 327 -69.67 -64.84 -23.12
N PHE X 328 -69.08 -65.38 -22.06
CA PHE X 328 -67.99 -66.34 -22.19
C PHE X 328 -68.01 -67.29 -21.00
N VAL X 329 -67.36 -68.44 -21.20
CA VAL X 329 -67.16 -69.43 -20.17
C VAL X 329 -65.69 -69.86 -20.23
N TRP X 330 -65.03 -69.81 -19.08
CA TRP X 330 -63.61 -70.15 -18.94
C TRP X 330 -63.50 -71.11 -17.75
N GLY X 331 -63.15 -72.36 -18.04
CA GLY X 331 -63.03 -73.36 -17.00
C GLY X 331 -64.39 -73.90 -16.57
N ASN X 332 -64.63 -73.93 -15.25
CA ASN X 332 -65.89 -74.41 -14.69
C ASN X 332 -66.60 -73.36 -13.87
N HIS X 333 -66.19 -72.09 -13.96
CA HIS X 333 -66.87 -71.02 -13.23
C HIS X 333 -68.21 -70.74 -13.89
N PRO X 334 -69.14 -70.04 -13.21
CA PRO X 334 -70.40 -69.71 -13.85
C PRO X 334 -70.17 -68.85 -15.09
N PRO X 335 -71.04 -68.95 -16.10
CA PRO X 335 -70.85 -68.12 -17.30
C PRO X 335 -70.90 -66.65 -16.96
N LYS X 336 -70.08 -65.86 -17.66
CA LYS X 336 -69.96 -64.43 -17.41
C LYS X 336 -70.45 -63.66 -18.63
N ARG X 337 -71.42 -62.76 -18.40
CA ARG X 337 -72.03 -61.97 -19.45
C ARG X 337 -71.76 -60.49 -19.21
N PHE X 338 -71.56 -59.76 -20.31
CA PHE X 338 -71.23 -58.34 -20.26
C PHE X 338 -72.09 -57.57 -21.26
N TRP X 339 -72.44 -56.35 -20.86
CA TRP X 339 -73.17 -55.39 -21.66
C TRP X 339 -72.37 -54.09 -21.74
N ALA X 340 -72.21 -53.57 -22.96
CA ALA X 340 -71.46 -52.35 -23.22
C ALA X 340 -72.43 -51.23 -23.58
N GLN X 341 -72.28 -50.08 -22.92
CA GLN X 341 -73.10 -48.92 -23.16
C GLN X 341 -72.34 -47.89 -24.00
N GLU X 342 -73.04 -46.83 -24.38
CA GLU X 342 -72.45 -45.77 -25.20
C GLU X 342 -71.60 -44.85 -24.32
N THR X 343 -70.41 -44.52 -24.82
CA THR X 343 -69.49 -43.62 -24.13
C THR X 343 -68.82 -42.67 -25.12
N THR Y 2 -22.68 -83.31 14.77
CA THR Y 2 -23.96 -83.06 14.12
C THR Y 2 -25.08 -82.87 15.13
N GLU Y 3 -24.83 -83.28 16.39
CA GLU Y 3 -25.84 -83.10 17.43
C GLU Y 3 -26.20 -81.63 17.61
N GLU Y 4 -25.26 -80.72 17.34
CA GLU Y 4 -25.53 -79.29 17.47
C GLU Y 4 -26.67 -78.87 16.54
N LEU Y 5 -26.66 -79.36 15.30
CA LEU Y 5 -27.70 -79.05 14.33
C LEU Y 5 -28.88 -80.00 14.39
N PHE Y 6 -28.78 -81.11 15.13
CA PHE Y 6 -29.88 -82.05 15.27
C PHE Y 6 -30.76 -81.75 16.47
N ASN Y 7 -30.20 -81.17 17.54
CA ASN Y 7 -30.96 -80.91 18.73
C ASN Y 7 -32.08 -79.89 18.50
N GLU Y 8 -31.87 -78.95 17.56
CA GLU Y 8 -32.88 -77.93 17.31
C GLU Y 8 -34.17 -78.56 16.78
N TYR Y 9 -34.06 -79.53 15.88
CA TYR Y 9 -35.22 -80.23 15.35
C TYR Y 9 -35.62 -81.45 16.15
N LYS Y 10 -34.80 -81.85 17.14
CA LYS Y 10 -35.20 -82.96 18.01
C LYS Y 10 -36.53 -82.67 18.70
N LEU Y 11 -36.66 -81.48 19.28
CA LEU Y 11 -37.76 -81.18 20.20
C LEU Y 11 -38.94 -80.46 19.53
N THR Y 12 -39.49 -80.98 18.42
CA THR Y 12 -40.73 -80.39 17.92
C THR Y 12 -41.92 -81.36 17.99
N ARG Y 13 -42.01 -82.35 17.08
CA ARG Y 13 -42.83 -83.56 17.17
C ARG Y 13 -42.85 -84.29 15.85
N PRO Y 14 -43.39 -85.51 15.80
CA PRO Y 14 -44.07 -85.97 14.59
C PRO Y 14 -45.56 -85.68 14.67
N TYR Y 15 -46.20 -85.55 13.50
CA TYR Y 15 -47.63 -85.28 13.49
C TYR Y 15 -48.27 -85.84 12.21
N MET Y 16 -49.60 -85.81 12.18
CA MET Y 16 -50.42 -86.57 11.25
C MET Y 16 -51.50 -85.68 10.66
N ALA Y 17 -51.90 -85.93 9.42
CA ALA Y 17 -52.84 -85.02 8.75
C ALA Y 17 -53.51 -85.75 7.59
N ARG Y 18 -54.34 -85.00 6.84
CA ARG Y 18 -55.17 -85.57 5.79
C ARG Y 18 -54.33 -85.94 4.55
N CYS Y 19 -54.85 -86.89 3.78
CA CYS Y 19 -54.31 -87.21 2.46
C CYS Y 19 -55.46 -87.61 1.54
N ILE Y 20 -55.39 -87.10 0.31
CA ILE Y 20 -56.48 -87.28 -0.66
C ILE Y 20 -56.51 -88.73 -1.15
N ARG Y 21 -55.33 -89.31 -1.41
CA ARG Y 21 -55.21 -90.68 -1.92
C ARG Y 21 -54.30 -91.47 -0.98
N CYS Y 22 -54.90 -92.18 -0.03
CA CYS Y 22 -54.18 -93.01 0.92
C CYS Y 22 -54.44 -94.49 0.67
N ALA Y 23 -54.67 -94.87 -0.60
CA ALA Y 23 -54.96 -96.22 -1.08
C ALA Y 23 -56.40 -96.64 -0.79
N VAL Y 24 -57.14 -95.93 0.06
CA VAL Y 24 -58.57 -96.16 0.25
C VAL Y 24 -59.26 -94.81 0.22
N GLY Y 25 -59.77 -94.42 -0.94
CA GLY Y 25 -60.39 -93.12 -1.11
C GLY Y 25 -59.51 -91.98 -0.62
N SER Y 26 -60.02 -91.22 0.34
CA SER Y 26 -59.26 -90.21 1.05
C SER Y 26 -59.39 -90.47 2.55
N CYS Y 27 -58.33 -90.16 3.30
CA CYS Y 27 -58.34 -90.50 4.72
C CYS Y 27 -57.29 -89.65 5.43
N HIS Y 28 -56.98 -90.03 6.67
CA HIS Y 28 -55.96 -89.37 7.48
C HIS Y 28 -54.75 -90.28 7.56
N SER Y 29 -53.60 -89.76 7.15
CA SER Y 29 -52.33 -90.49 7.10
C SER Y 29 -51.25 -89.68 7.79
N PRO Y 30 -50.21 -90.32 8.30
CA PRO Y 30 -49.10 -89.58 8.90
C PRO Y 30 -48.14 -88.96 7.89
N ILE Y 31 -48.44 -89.04 6.59
CA ILE Y 31 -47.47 -88.73 5.55
C ILE Y 31 -48.01 -87.64 4.63
N ALA Y 32 -48.80 -86.72 5.18
CA ALA Y 32 -49.32 -85.61 4.39
C ALA Y 32 -48.18 -84.73 3.88
N ILE Y 33 -47.97 -84.72 2.58
CA ILE Y 33 -46.91 -83.90 1.98
C ILE Y 33 -47.43 -82.49 1.77
N GLU Y 34 -46.69 -81.51 2.27
CA GLU Y 34 -47.12 -80.11 2.19
C GLU Y 34 -46.90 -79.55 0.79
N ALA Y 35 -45.65 -79.50 0.34
CA ALA Y 35 -45.33 -79.00 -0.98
C ALA Y 35 -43.92 -79.43 -1.35
N VAL Y 36 -43.62 -79.34 -2.65
CA VAL Y 36 -42.33 -79.76 -3.19
C VAL Y 36 -41.80 -78.64 -4.09
N LYS Y 37 -40.53 -78.32 -3.92
CA LYS Y 37 -39.84 -77.34 -4.75
C LYS Y 37 -38.88 -78.06 -5.68
N SER Y 38 -38.96 -77.74 -6.98
CA SER Y 38 -38.20 -78.43 -8.02
C SER Y 38 -37.35 -77.40 -8.76
N ASP Y 39 -36.06 -77.37 -8.44
CA ASP Y 39 -35.10 -76.51 -9.15
C ASP Y 39 -33.79 -77.24 -9.47
N GLY Y 40 -33.51 -78.38 -8.86
CA GLY Y 40 -32.25 -79.07 -9.13
C GLY Y 40 -32.11 -79.46 -10.59
N HIS Y 41 -30.88 -79.35 -11.08
CA HIS Y 41 -30.60 -79.60 -12.49
C HIS Y 41 -30.52 -81.10 -12.77
N ASP Y 42 -29.68 -81.82 -11.96
CA ASP Y 42 -29.46 -83.25 -12.14
C ASP Y 42 -30.58 -84.11 -11.54
N GLY Y 43 -31.70 -83.51 -11.16
CA GLY Y 43 -32.84 -84.27 -10.70
C GLY Y 43 -32.90 -84.46 -9.21
N TYR Y 44 -32.71 -83.38 -8.45
CA TYR Y 44 -32.79 -83.40 -7.00
C TYR Y 44 -34.03 -82.64 -6.56
N VAL Y 45 -34.81 -83.23 -5.65
CA VAL Y 45 -36.03 -82.64 -5.14
C VAL Y 45 -35.98 -82.67 -3.62
N ARG Y 46 -36.71 -81.71 -3.02
CA ARG Y 46 -36.73 -81.51 -1.57
C ARG Y 46 -38.17 -81.69 -1.09
N LEU Y 47 -38.47 -82.88 -0.59
CA LEU Y 47 -39.78 -83.16 -0.03
C LEU Y 47 -39.88 -82.65 1.40
N GLN Y 48 -40.99 -82.00 1.71
CA GLN Y 48 -41.29 -81.46 3.04
C GLN Y 48 -42.46 -82.24 3.59
N THR Y 49 -42.21 -83.04 4.62
CA THR Y 49 -43.16 -84.01 5.15
C THR Y 49 -43.63 -83.60 6.55
N SER Y 50 -44.49 -84.45 7.12
CA SER Y 50 -44.94 -84.33 8.50
C SER Y 50 -44.14 -85.21 9.45
N SER Y 51 -43.83 -86.44 9.03
CA SER Y 51 -43.03 -87.34 9.86
C SER Y 51 -41.59 -86.83 9.95
N GLN Y 52 -40.92 -87.19 11.05
CA GLN Y 52 -39.56 -86.76 11.31
C GLN Y 52 -38.59 -87.83 10.83
N TYR Y 53 -37.41 -87.40 10.37
CA TYR Y 53 -36.41 -88.28 9.80
C TYR Y 53 -35.07 -88.07 10.51
N GLY Y 54 -34.30 -89.16 10.60
CA GLY Y 54 -32.95 -89.08 11.13
C GLY Y 54 -32.84 -89.13 12.64
N LEU Y 55 -33.91 -89.44 13.35
CA LEU Y 55 -33.88 -89.50 14.81
C LEU Y 55 -34.58 -90.76 15.30
N LYS Y 62 -30.33 -91.73 16.17
CA LYS Y 62 -30.15 -92.86 15.26
C LYS Y 62 -29.66 -92.38 13.90
N GLY Y 63 -28.97 -93.25 13.18
CA GLY Y 63 -28.39 -92.90 11.90
C GLY Y 63 -29.42 -92.67 10.82
N ARG Y 64 -30.11 -93.75 10.41
CA ARG Y 64 -31.09 -93.70 9.32
C ARG Y 64 -32.37 -94.36 9.83
N THR Y 65 -33.32 -93.54 10.30
CA THR Y 65 -34.59 -94.04 10.82
C THR Y 65 -35.59 -92.89 10.82
N MET Y 66 -36.81 -93.18 10.41
CA MET Y 66 -37.89 -92.19 10.40
C MET Y 66 -38.80 -92.38 11.60
N ARG Y 67 -39.30 -91.26 12.12
CA ARG Y 67 -40.22 -91.23 13.25
C ARG Y 67 -41.53 -90.60 12.78
N TYR Y 68 -42.65 -91.26 13.08
CA TYR Y 68 -43.96 -90.82 12.62
C TYR Y 68 -44.98 -90.97 13.74
N ASP Y 69 -45.98 -90.09 13.71
CA ASP Y 69 -47.09 -90.16 14.64
C ASP Y 69 -48.14 -91.14 14.15
N MET Y 70 -48.90 -91.69 15.08
CA MET Y 70 -49.98 -92.63 14.75
C MET Y 70 -51.05 -92.50 15.83
N HIS Y 71 -52.15 -91.84 15.47
CA HIS Y 71 -53.27 -91.54 16.37
C HIS Y 71 -52.80 -91.08 17.75
N GLY Y 72 -51.76 -90.24 17.78
CA GLY Y 72 -51.25 -89.67 19.02
C GLY Y 72 -49.92 -90.24 19.45
N THR Y 73 -49.74 -91.55 19.30
CA THR Y 73 -48.52 -92.20 19.72
C THR Y 73 -47.44 -92.09 18.64
N ILE Y 74 -46.18 -92.10 19.08
CA ILE Y 74 -45.02 -91.98 18.21
C ILE Y 74 -44.43 -93.36 17.97
N LYS Y 75 -44.00 -93.61 16.74
CA LYS Y 75 -43.38 -94.88 16.37
C LYS Y 75 -42.25 -94.57 15.40
N GLU Y 76 -41.42 -95.57 15.13
CA GLU Y 76 -40.27 -95.39 14.26
C GLU Y 76 -40.08 -96.61 13.37
N ILE Y 77 -39.54 -96.37 12.18
CA ILE Y 77 -39.27 -97.42 11.20
C ILE Y 77 -37.90 -97.15 10.55
N PRO Y 78 -37.10 -98.17 10.24
CA PRO Y 78 -35.86 -97.90 9.50
C PRO Y 78 -36.13 -97.30 8.13
N LEU Y 79 -35.20 -96.47 7.67
CA LEU Y 79 -35.40 -95.69 6.45
C LEU Y 79 -35.41 -96.55 5.19
N HIS Y 80 -35.01 -97.80 5.25
CA HIS Y 80 -34.91 -98.65 4.07
C HIS Y 80 -36.22 -99.34 3.71
N GLN Y 81 -37.33 -99.01 4.38
CA GLN Y 81 -38.62 -99.63 4.12
C GLN Y 81 -39.67 -98.61 3.67
N VAL Y 82 -39.24 -97.44 3.19
CA VAL Y 82 -40.13 -96.40 2.68
C VAL Y 82 -39.72 -96.10 1.24
N SER Y 83 -40.70 -96.04 0.33
CA SER Y 83 -40.43 -95.89 -1.10
C SER Y 83 -41.30 -94.79 -1.69
N LEU Y 84 -40.69 -93.96 -2.53
CA LEU Y 84 -41.38 -92.88 -3.22
C LEU Y 84 -41.17 -93.03 -4.72
N TYR Y 85 -42.16 -92.57 -5.49
CA TYR Y 85 -42.08 -92.68 -6.94
C TYR Y 85 -43.01 -91.65 -7.59
N THR Y 86 -42.61 -91.20 -8.77
CA THR Y 86 -43.41 -90.34 -9.63
C THR Y 86 -43.76 -91.03 -10.93
N SER Y 87 -42.77 -91.56 -11.64
CA SER Y 87 -42.96 -92.40 -12.81
C SER Y 87 -42.24 -93.73 -12.70
N ARG Y 88 -41.07 -93.76 -12.06
CA ARG Y 88 -40.33 -94.97 -11.78
C ARG Y 88 -39.80 -94.87 -10.34
N PRO Y 89 -39.41 -95.98 -9.74
CA PRO Y 89 -38.94 -95.93 -8.34
C PRO Y 89 -37.76 -94.99 -8.17
N CYS Y 90 -37.76 -94.27 -7.05
CA CYS Y 90 -36.74 -93.29 -6.74
C CYS Y 90 -35.67 -93.92 -5.84
N HIS Y 91 -34.75 -93.09 -5.35
CA HIS Y 91 -33.69 -93.55 -4.45
C HIS Y 91 -33.46 -92.46 -3.41
N ILE Y 92 -33.82 -92.73 -2.16
CA ILE Y 92 -33.67 -91.73 -1.10
C ILE Y 92 -32.19 -91.58 -0.76
N VAL Y 93 -31.75 -90.34 -0.60
CA VAL Y 93 -30.35 -90.03 -0.35
C VAL Y 93 -30.12 -89.86 1.15
N ASP Y 94 -30.78 -88.87 1.74
CA ASP Y 94 -30.56 -88.53 3.14
C ASP Y 94 -31.81 -87.86 3.69
N GLY Y 95 -31.92 -87.89 5.02
CA GLY Y 95 -33.04 -87.26 5.69
C GLY Y 95 -32.59 -86.60 6.99
N HIS Y 96 -32.97 -85.34 7.16
CA HIS Y 96 -32.67 -84.58 8.37
C HIS Y 96 -33.97 -83.97 8.87
N GLY Y 97 -34.68 -84.71 9.73
CA GLY Y 97 -35.87 -84.20 10.36
C GLY Y 97 -37.03 -84.01 9.40
N TYR Y 98 -37.40 -82.75 9.17
CA TYR Y 98 -38.61 -82.42 8.42
C TYR Y 98 -38.40 -82.39 6.91
N PHE Y 99 -37.15 -82.50 6.44
CA PHE Y 99 -36.84 -82.34 5.02
C PHE Y 99 -36.13 -83.58 4.51
N LEU Y 100 -36.55 -84.05 3.34
CA LEU Y 100 -35.94 -85.20 2.67
C LEU Y 100 -35.43 -84.78 1.29
N LEU Y 101 -34.21 -85.21 0.97
CA LEU Y 101 -33.63 -84.99 -0.36
C LEU Y 101 -33.76 -86.28 -1.16
N ALA Y 102 -34.37 -86.18 -2.33
CA ALA Y 102 -34.66 -87.35 -3.16
C ALA Y 102 -34.19 -87.11 -4.59
N ARG Y 103 -33.94 -88.21 -5.29
CA ARG Y 103 -33.49 -88.20 -6.68
C ARG Y 103 -34.52 -88.95 -7.52
N CYS Y 104 -35.23 -88.22 -8.38
CA CYS Y 104 -36.27 -88.81 -9.22
C CYS Y 104 -36.21 -88.17 -10.60
N PRO Y 105 -36.72 -88.83 -11.64
CA PRO Y 105 -36.85 -88.19 -12.95
C PRO Y 105 -38.12 -87.33 -13.00
N ALA Y 106 -38.40 -86.81 -14.19
CA ALA Y 106 -39.59 -85.99 -14.38
C ALA Y 106 -40.85 -86.84 -14.22
N GLY Y 107 -41.94 -86.16 -13.87
CA GLY Y 107 -43.20 -86.84 -13.64
C GLY Y 107 -44.33 -85.86 -13.45
N ASP Y 108 -45.48 -86.39 -13.08
CA ASP Y 108 -46.70 -85.60 -12.90
C ASP Y 108 -47.09 -85.43 -11.43
N SER Y 109 -47.01 -86.49 -10.64
CA SER Y 109 -47.37 -86.48 -9.22
C SER Y 109 -46.31 -87.22 -8.43
N ILE Y 110 -46.43 -87.19 -7.10
CA ILE Y 110 -45.51 -87.86 -6.20
C ILE Y 110 -46.32 -88.74 -5.26
N THR Y 111 -46.01 -90.04 -5.24
CA THR Y 111 -46.69 -90.99 -4.37
C THR Y 111 -45.62 -91.72 -3.56
N MET Y 112 -45.74 -91.66 -2.23
CA MET Y 112 -44.76 -92.30 -1.36
C MET Y 112 -45.48 -93.06 -0.26
N GLU Y 113 -44.90 -94.20 0.13
CA GLU Y 113 -45.62 -95.22 0.86
C GLU Y 113 -44.65 -96.10 1.64
N PHE Y 114 -45.22 -96.93 2.51
CA PHE Y 114 -44.51 -97.98 3.23
C PHE Y 114 -45.54 -98.99 3.72
N LYS Y 115 -45.04 -100.01 4.42
CA LYS Y 115 -45.89 -101.09 4.92
C LYS Y 115 -45.21 -101.69 6.15
N LYS Y 116 -45.68 -101.29 7.33
CA LYS Y 116 -45.13 -101.86 8.58
C LYS Y 116 -45.81 -103.18 8.91
N ASP Y 117 -47.11 -103.14 9.19
CA ASP Y 117 -47.94 -104.31 9.44
C ASP Y 117 -48.58 -104.72 8.11
N SER Y 118 -49.60 -105.58 8.16
CA SER Y 118 -50.32 -105.95 6.95
C SER Y 118 -51.34 -104.86 6.58
N VAL Y 119 -50.88 -103.61 6.50
CA VAL Y 119 -51.71 -102.48 6.08
C VAL Y 119 -50.81 -101.52 5.33
N ARG Y 120 -51.04 -101.37 4.04
CA ARG Y 120 -50.20 -100.52 3.20
C ARG Y 120 -50.56 -99.06 3.43
N HIS Y 121 -49.60 -98.27 3.91
CA HIS Y 121 -49.80 -96.84 4.11
C HIS Y 121 -49.16 -96.10 2.95
N SER Y 122 -49.89 -95.14 2.39
CA SER Y 122 -49.44 -94.45 1.19
C SER Y 122 -50.04 -93.05 1.18
N CYS Y 123 -49.44 -92.19 0.36
CA CYS Y 123 -50.04 -90.89 0.12
C CYS Y 123 -49.52 -90.34 -1.20
N SER Y 124 -50.43 -89.78 -2.00
CA SER Y 124 -50.12 -89.20 -3.30
C SER Y 124 -50.50 -87.74 -3.32
N VAL Y 125 -49.72 -86.94 -4.05
CA VAL Y 125 -49.93 -85.50 -4.17
C VAL Y 125 -49.62 -85.08 -5.61
N PRO Y 126 -50.59 -84.48 -6.34
CA PRO Y 126 -50.27 -83.97 -7.69
C PRO Y 126 -49.53 -82.65 -7.69
N TYR Y 127 -48.21 -82.71 -7.57
CA TYR Y 127 -47.34 -81.56 -7.79
C TYR Y 127 -46.24 -81.96 -8.77
N GLU Y 128 -46.00 -81.09 -9.75
CA GLU Y 128 -45.11 -81.42 -10.85
C GLU Y 128 -43.67 -81.58 -10.37
N VAL Y 129 -42.98 -82.55 -10.95
CA VAL Y 129 -41.53 -82.68 -10.84
C VAL Y 129 -40.97 -82.62 -12.26
N LYS Y 130 -40.01 -81.72 -12.47
CA LYS Y 130 -39.46 -81.45 -13.79
C LYS Y 130 -37.96 -81.68 -13.78
N PHE Y 131 -37.45 -82.28 -14.86
CA PHE Y 131 -36.03 -82.61 -15.00
C PHE Y 131 -35.42 -81.59 -15.96
N ASN Y 132 -34.93 -80.49 -15.41
CA ASN Y 132 -34.37 -79.41 -16.22
C ASN Y 132 -32.97 -79.80 -16.71
N PRO Y 133 -32.72 -79.86 -18.01
CA PRO Y 133 -31.35 -80.14 -18.47
C PRO Y 133 -30.43 -78.94 -18.29
N VAL Y 134 -29.13 -79.23 -18.35
CA VAL Y 134 -28.09 -78.22 -18.23
C VAL Y 134 -27.60 -77.84 -19.62
N GLY Y 135 -27.22 -76.58 -19.78
CA GLY Y 135 -26.62 -76.14 -21.02
C GLY Y 135 -27.63 -76.02 -22.15
N ARG Y 136 -27.13 -76.24 -23.38
CA ARG Y 136 -27.92 -76.08 -24.59
C ARG Y 136 -28.50 -77.38 -25.13
N GLU Y 137 -27.84 -78.51 -24.87
CA GLU Y 137 -28.28 -79.80 -25.36
C GLU Y 137 -29.24 -80.43 -24.36
N LEU Y 138 -30.41 -80.86 -24.85
CA LEU Y 138 -31.42 -81.47 -24.01
C LEU Y 138 -31.23 -82.98 -23.96
N TYR Y 139 -31.49 -83.56 -22.79
CA TYR Y 139 -31.34 -85.00 -22.59
C TYR Y 139 -32.40 -85.44 -21.58
N THR Y 140 -32.40 -86.74 -21.28
CA THR Y 140 -33.31 -87.32 -20.29
C THR Y 140 -32.61 -88.08 -19.18
N HIS Y 141 -31.32 -88.35 -19.30
CA HIS Y 141 -30.53 -89.01 -18.28
C HIS Y 141 -29.13 -88.40 -18.28
N PRO Y 142 -28.48 -88.30 -17.12
CA PRO Y 142 -27.10 -87.82 -17.11
C PRO Y 142 -26.21 -88.76 -17.90
N PRO Y 143 -25.18 -88.23 -18.57
CA PRO Y 143 -24.34 -89.09 -19.41
C PRO Y 143 -23.26 -89.82 -18.64
N GLU Y 144 -22.71 -90.85 -19.27
CA GLU Y 144 -21.58 -91.58 -18.70
C GLU Y 144 -20.28 -90.81 -18.80
N HIS Y 145 -20.22 -89.75 -19.61
CA HIS Y 145 -19.03 -88.91 -19.73
C HIS Y 145 -19.46 -87.62 -20.41
N GLY Y 146 -18.49 -86.76 -20.69
CA GLY Y 146 -18.75 -85.51 -21.35
C GLY Y 146 -17.82 -84.42 -20.84
N VAL Y 147 -18.33 -83.19 -20.83
CA VAL Y 147 -17.56 -82.02 -20.46
C VAL Y 147 -18.08 -81.52 -19.11
N GLU Y 148 -17.27 -80.71 -18.44
CA GLU Y 148 -17.58 -80.21 -17.11
C GLU Y 148 -18.05 -78.76 -17.16
N GLN Y 149 -19.07 -78.45 -16.35
CA GLN Y 149 -19.64 -77.11 -16.30
C GLN Y 149 -20.09 -76.84 -14.87
N ALA Y 150 -20.62 -75.65 -14.65
CA ALA Y 150 -21.09 -75.21 -13.34
C ALA Y 150 -22.59 -75.00 -13.40
N CYS Y 151 -23.33 -75.91 -12.74
CA CYS Y 151 -24.78 -75.85 -12.62
C CYS Y 151 -25.15 -76.06 -11.14
N GLN Y 152 -26.39 -75.75 -10.79
CA GLN Y 152 -26.79 -75.58 -9.38
C GLN Y 152 -27.53 -76.82 -8.90
N VAL Y 153 -27.03 -77.42 -7.81
CA VAL Y 153 -27.65 -78.60 -7.20
C VAL Y 153 -27.68 -78.41 -5.69
N TYR Y 154 -28.63 -79.11 -5.04
CA TYR Y 154 -28.78 -79.05 -3.59
C TYR Y 154 -27.67 -79.85 -2.93
N ALA Y 155 -26.85 -79.19 -2.12
CA ALA Y 155 -25.70 -79.83 -1.50
C ALA Y 155 -26.15 -80.90 -0.50
N HIS Y 156 -25.35 -81.96 -0.41
CA HIS Y 156 -25.65 -83.06 0.49
C HIS Y 156 -25.44 -82.70 1.96
N ASP Y 157 -24.62 -81.70 2.26
CA ASP Y 157 -24.31 -81.38 3.63
C ASP Y 157 -25.55 -80.85 4.37
N ALA Y 158 -25.40 -80.71 5.69
CA ALA Y 158 -26.45 -80.18 6.56
C ALA Y 158 -25.80 -79.08 7.41
N GLN Y 159 -25.99 -77.84 6.99
CA GLN Y 159 -25.36 -76.69 7.64
C GLN Y 159 -26.36 -75.57 7.77
N ASN Y 160 -26.12 -74.68 8.74
CA ASN Y 160 -26.99 -73.54 8.98
C ASN Y 160 -26.67 -72.42 8.00
N ARG Y 161 -27.71 -71.82 7.44
CA ARG Y 161 -27.58 -70.67 6.56
C ARG Y 161 -28.74 -69.72 6.88
N GLY Y 162 -28.97 -68.74 6.00
CA GLY Y 162 -29.94 -67.69 6.26
C GLY Y 162 -31.39 -68.05 6.04
N ALA Y 163 -31.68 -69.27 5.60
CA ALA Y 163 -33.06 -69.71 5.41
C ALA Y 163 -33.62 -70.21 6.73
N TYR Y 164 -34.83 -69.76 7.07
CA TYR Y 164 -35.45 -70.11 8.34
C TYR Y 164 -36.95 -70.31 8.14
N VAL Y 165 -37.55 -71.07 9.06
CA VAL Y 165 -38.99 -71.34 9.06
C VAL Y 165 -39.48 -71.27 10.51
N GLU Y 166 -40.81 -71.16 10.64
CA GLU Y 166 -41.44 -70.92 11.93
C GLU Y 166 -42.18 -72.16 12.41
N MET Y 167 -42.15 -72.37 13.73
CA MET Y 167 -42.89 -73.42 14.41
C MET Y 167 -43.78 -72.80 15.47
N HIS Y 168 -45.03 -73.25 15.54
CA HIS Y 168 -46.04 -72.70 16.44
C HIS Y 168 -46.54 -73.78 17.38
N LEU Y 169 -47.32 -73.35 18.38
CA LEU Y 169 -47.89 -74.27 19.36
C LEU Y 169 -48.99 -75.13 18.71
N PRO Y 170 -49.26 -76.30 19.26
CA PRO Y 170 -50.31 -77.15 18.69
C PRO Y 170 -51.70 -76.68 19.11
N GLY Y 171 -52.70 -77.15 18.37
CA GLY Y 171 -54.09 -76.90 18.69
C GLY Y 171 -54.64 -77.91 19.67
N SER Y 172 -55.95 -77.84 19.87
CA SER Y 172 -56.66 -78.77 20.74
C SER Y 172 -57.11 -79.95 19.89
N GLU Y 173 -56.38 -81.06 19.96
CA GLU Y 173 -56.68 -82.24 19.16
C GLU Y 173 -57.78 -83.04 19.84
N VAL Y 174 -58.92 -83.18 19.15
CA VAL Y 174 -60.06 -83.92 19.69
C VAL Y 174 -59.76 -85.41 19.59
N ASP Y 175 -60.48 -86.22 20.36
CA ASP Y 175 -60.34 -87.67 20.31
C ASP Y 175 -61.63 -88.32 20.79
N SER Y 176 -62.04 -89.38 20.09
CA SER Y 176 -63.30 -90.07 20.39
C SER Y 176 -63.09 -91.34 21.21
N SER Y 177 -61.93 -91.98 21.08
CA SER Y 177 -61.70 -93.22 21.81
C SER Y 177 -61.45 -92.97 23.29
N LEU Y 178 -60.96 -91.77 23.65
CA LEU Y 178 -60.66 -91.48 25.04
C LEU Y 178 -61.93 -91.54 25.89
N VAL Y 179 -62.98 -90.85 25.48
CA VAL Y 179 -64.22 -90.82 26.23
C VAL Y 179 -64.88 -92.19 26.15
N SER Y 180 -65.20 -92.77 27.30
CA SER Y 180 -65.71 -94.13 27.38
C SER Y 180 -67.05 -94.14 28.11
N LEU Y 181 -67.70 -95.32 28.09
CA LEU Y 181 -69.03 -95.51 28.67
C LEU Y 181 -68.92 -96.36 29.92
N SER Y 182 -69.57 -95.92 30.99
CA SER Y 182 -69.73 -96.70 32.20
C SER Y 182 -71.03 -97.51 32.08
N GLY Y 183 -71.51 -98.06 33.20
CA GLY Y 183 -72.80 -98.73 33.17
C GLY Y 183 -73.90 -97.85 32.61
N SER Y 184 -74.04 -96.64 33.14
CA SER Y 184 -74.76 -95.57 32.44
C SER Y 184 -74.12 -94.25 32.89
N SER Y 185 -73.14 -93.79 32.13
CA SER Y 185 -72.47 -92.51 32.38
C SER Y 185 -71.33 -92.39 31.37
N VAL Y 186 -70.80 -91.16 31.27
CA VAL Y 186 -69.69 -90.83 30.39
C VAL Y 186 -68.45 -90.61 31.24
N THR Y 187 -67.38 -91.35 30.92
CA THR Y 187 -66.14 -91.30 31.68
C THR Y 187 -65.03 -90.70 30.81
N VAL Y 188 -64.31 -89.73 31.37
CA VAL Y 188 -63.13 -89.14 30.75
C VAL Y 188 -61.91 -89.72 31.45
N THR Y 189 -61.06 -90.41 30.68
CA THR Y 189 -59.90 -91.13 31.20
C THR Y 189 -58.67 -90.64 30.45
N PRO Y 190 -58.03 -89.58 30.92
CA PRO Y 190 -56.82 -89.08 30.23
C PRO Y 190 -55.73 -90.15 30.20
N PRO Y 191 -54.93 -90.23 29.11
CA PRO Y 191 -53.84 -91.22 29.10
C PRO Y 191 -52.77 -90.90 30.14
N ASP Y 192 -51.73 -91.75 30.20
CA ASP Y 192 -50.71 -91.63 31.24
C ASP Y 192 -50.01 -90.29 31.15
N GLY Y 193 -50.07 -89.51 32.24
CA GLY Y 193 -49.36 -88.26 32.34
C GLY Y 193 -49.78 -87.23 31.30
N THR Y 194 -51.08 -87.06 31.11
CA THR Y 194 -51.62 -86.11 30.15
C THR Y 194 -52.73 -85.30 30.78
N SER Y 195 -52.88 -84.05 30.34
CA SER Y 195 -53.95 -83.17 30.77
C SER Y 195 -54.93 -82.94 29.62
N ALA Y 196 -56.20 -82.76 29.97
CA ALA Y 196 -57.26 -82.64 28.99
C ALA Y 196 -58.26 -81.59 29.45
N LEU Y 197 -59.06 -81.10 28.49
CA LEU Y 197 -60.19 -80.25 28.78
C LEU Y 197 -61.42 -80.82 28.07
N VAL Y 198 -62.56 -80.69 28.73
CA VAL Y 198 -63.80 -81.36 28.33
C VAL Y 198 -64.87 -80.30 28.14
N GLU Y 199 -65.59 -80.40 27.02
CA GLU Y 199 -66.70 -79.52 26.67
C GLU Y 199 -67.97 -80.35 26.59
N CYS Y 200 -69.02 -79.92 27.30
CA CYS Y 200 -70.29 -80.62 27.28
C CYS Y 200 -71.43 -79.61 27.13
N GLU Y 201 -72.42 -79.97 26.32
CA GLU Y 201 -73.57 -79.11 26.02
C GLU Y 201 -74.85 -79.94 26.05
N CYS Y 202 -74.94 -80.90 26.98
CA CYS Y 202 -76.15 -81.70 27.15
C CYS Y 202 -77.18 -80.98 27.99
N GLY Y 203 -76.75 -80.27 29.03
CA GLY Y 203 -77.62 -79.42 29.81
C GLY Y 203 -77.41 -77.97 29.43
N GLY Y 204 -76.65 -77.24 30.23
CA GLY Y 204 -76.22 -75.91 29.87
C GLY Y 204 -74.93 -75.94 29.08
N THR Y 205 -73.91 -75.22 29.56
CA THR Y 205 -72.57 -75.25 28.98
C THR Y 205 -71.59 -75.60 30.08
N LYS Y 206 -70.77 -76.63 29.85
CA LYS Y 206 -69.80 -77.10 30.83
C LYS Y 206 -68.42 -77.12 30.19
N ILE Y 207 -67.51 -76.32 30.73
CA ILE Y 207 -66.10 -76.31 30.36
C ILE Y 207 -65.33 -76.77 31.58
N SER Y 208 -64.55 -77.85 31.43
CA SER Y 208 -63.82 -78.42 32.56
C SER Y 208 -62.41 -78.77 32.12
N GLU Y 209 -61.51 -78.88 33.10
CA GLU Y 209 -60.14 -79.30 32.88
C GLU Y 209 -59.79 -80.39 33.88
N THR Y 210 -59.10 -81.43 33.39
CA THR Y 210 -58.67 -82.56 34.21
C THR Y 210 -57.20 -82.82 33.97
N ILE Y 211 -56.50 -83.20 35.04
CA ILE Y 211 -55.06 -83.46 35.00
C ILE Y 211 -54.88 -84.89 35.50
N ASN Y 212 -54.91 -85.86 34.58
CA ASN Y 212 -54.69 -87.27 34.90
C ASN Y 212 -55.64 -87.75 35.99
N LYS Y 213 -56.90 -87.32 35.91
CA LYS Y 213 -57.94 -87.71 36.86
C LYS Y 213 -59.10 -88.32 36.08
N THR Y 214 -59.31 -89.62 36.25
CA THR Y 214 -60.43 -90.30 35.62
C THR Y 214 -61.73 -89.81 36.24
N LYS Y 215 -62.56 -89.11 35.46
CA LYS Y 215 -63.73 -88.41 35.99
C LYS Y 215 -64.99 -88.88 35.26
N GLN Y 216 -66.03 -89.18 36.04
CA GLN Y 216 -67.31 -89.60 35.50
C GLN Y 216 -68.30 -88.43 35.59
N PHE Y 217 -69.16 -88.32 34.57
CA PHE Y 217 -70.18 -87.28 34.51
C PHE Y 217 -71.56 -87.92 34.65
N SER Y 218 -72.33 -87.43 35.61
CA SER Y 218 -73.69 -87.95 35.80
C SER Y 218 -74.58 -87.61 34.60
N GLN Y 219 -74.47 -86.39 34.08
CA GLN Y 219 -75.30 -85.93 32.99
C GLN Y 219 -74.63 -86.25 31.65
N CYS Y 220 -75.28 -85.87 30.56
CA CYS Y 220 -74.74 -86.04 29.21
C CYS Y 220 -74.53 -87.52 28.89
N THR Y 221 -75.64 -88.26 28.89
CA THR Y 221 -75.62 -89.70 28.65
C THR Y 221 -75.67 -90.00 27.15
N LYS Y 222 -74.64 -89.53 26.44
CA LYS Y 222 -74.49 -89.79 25.01
C LYS Y 222 -73.07 -89.45 24.61
N LYS Y 223 -72.53 -90.22 23.66
CA LYS Y 223 -71.13 -90.04 23.26
C LYS Y 223 -70.88 -88.65 22.69
N GLU Y 224 -71.70 -88.25 21.72
CA GLU Y 224 -71.50 -86.96 21.05
C GLU Y 224 -71.64 -85.79 22.00
N GLN Y 225 -72.43 -85.93 23.08
CA GLN Y 225 -72.76 -84.79 23.92
C GLN Y 225 -71.55 -84.19 24.63
N CYS Y 226 -70.48 -84.95 24.81
CA CYS Y 226 -69.28 -84.49 25.49
C CYS Y 226 -68.06 -84.78 24.64
N ARG Y 227 -67.15 -83.80 24.57
CA ARG Y 227 -65.94 -83.90 23.76
C ARG Y 227 -64.73 -83.61 24.65
N ALA Y 228 -63.74 -84.50 24.61
CA ALA Y 228 -62.51 -84.37 25.38
C ALA Y 228 -61.35 -84.08 24.43
N TYR Y 229 -60.49 -83.14 24.81
CA TYR Y 229 -59.32 -82.75 24.04
C TYR Y 229 -58.06 -83.19 24.79
N ARG Y 230 -56.91 -82.80 24.25
CA ARG Y 230 -55.61 -83.11 24.85
C ARG Y 230 -54.76 -81.85 24.87
N LEU Y 231 -53.86 -81.79 25.84
CA LEU Y 231 -52.95 -80.65 26.00
C LEU Y 231 -51.51 -81.11 25.86
N GLN Y 232 -50.74 -80.39 25.04
CA GLN Y 232 -49.31 -80.60 24.90
C GLN Y 232 -48.63 -79.25 24.79
N ASN Y 233 -47.79 -78.92 25.77
CA ASN Y 233 -47.18 -77.60 25.87
C ASN Y 233 -45.66 -77.69 25.70
N ASP Y 234 -45.08 -78.85 25.96
CA ASP Y 234 -43.64 -79.05 25.85
C ASP Y 234 -43.18 -79.42 24.45
N LYS Y 235 -43.98 -79.12 23.42
CA LYS Y 235 -43.66 -79.51 22.06
C LYS Y 235 -44.17 -78.45 21.09
N TRP Y 236 -43.58 -78.44 19.90
CA TRP Y 236 -43.88 -77.46 18.87
C TRP Y 236 -44.32 -78.17 17.59
N VAL Y 237 -45.03 -77.43 16.74
CA VAL Y 237 -45.50 -77.95 15.47
C VAL Y 237 -45.25 -76.93 14.37
N TYR Y 238 -45.04 -77.42 13.16
CA TYR Y 238 -44.93 -76.55 12.00
C TYR Y 238 -46.26 -75.86 11.72
N ASN Y 239 -46.18 -74.64 11.21
CA ASN Y 239 -47.37 -73.87 10.82
C ASN Y 239 -47.89 -74.43 9.50
N SER Y 240 -48.59 -75.56 9.60
CA SER Y 240 -49.10 -76.27 8.45
C SER Y 240 -50.56 -75.89 8.18
N ASP Y 241 -51.03 -76.30 6.99
CA ASP Y 241 -52.41 -76.01 6.60
C ASP Y 241 -53.41 -76.88 7.35
N LYS Y 242 -52.96 -77.97 7.98
CA LYS Y 242 -53.81 -79.08 8.35
C LYS Y 242 -53.89 -79.28 9.86
N LEU Y 243 -53.72 -78.20 10.64
CA LEU Y 243 -53.83 -78.27 12.09
C LEU Y 243 -54.35 -76.93 12.59
N PRO Y 244 -55.36 -76.89 13.47
CA PRO Y 244 -55.83 -75.60 13.98
C PRO Y 244 -54.83 -74.96 14.92
N LYS Y 245 -54.94 -73.64 15.06
CA LYS Y 245 -54.13 -72.87 15.98
C LYS Y 245 -54.80 -72.78 17.34
N ALA Y 246 -54.01 -72.87 18.41
CA ALA Y 246 -54.52 -72.71 19.75
C ALA Y 246 -54.66 -71.22 20.10
N ALA Y 247 -55.26 -70.96 21.25
CA ALA Y 247 -55.41 -69.58 21.71
C ALA Y 247 -54.05 -68.94 21.92
N GLY Y 248 -53.90 -67.71 21.43
CA GLY Y 248 -52.65 -66.98 21.52
C GLY Y 248 -51.89 -66.99 20.21
N ALA Y 249 -51.29 -65.84 19.88
CA ALA Y 249 -50.55 -65.67 18.63
C ALA Y 249 -49.04 -65.82 18.83
N THR Y 250 -48.62 -66.66 19.76
CA THR Y 250 -47.20 -66.83 20.05
C THR Y 250 -46.54 -67.72 19.02
N LEU Y 251 -45.33 -67.31 18.60
CA LEU Y 251 -44.52 -68.08 17.66
C LEU Y 251 -43.38 -68.82 18.33
N LYS Y 252 -42.80 -68.25 19.38
CA LYS Y 252 -41.90 -68.94 20.32
C LYS Y 252 -40.54 -69.33 19.72
N GLY Y 253 -40.30 -69.06 18.45
CA GLY Y 253 -38.98 -69.30 17.88
C GLY Y 253 -39.07 -69.70 16.42
N LYS Y 254 -37.90 -70.07 15.89
CA LYS Y 254 -37.76 -70.45 14.49
C LYS Y 254 -36.54 -71.36 14.36
N LEU Y 255 -36.48 -72.07 13.23
CA LEU Y 255 -35.41 -73.02 12.96
C LEU Y 255 -34.89 -72.83 11.53
N HIS Y 256 -33.66 -73.29 11.31
CA HIS Y 256 -32.99 -73.20 10.02
C HIS Y 256 -33.24 -74.47 9.21
N VAL Y 257 -33.35 -74.31 7.89
CA VAL Y 257 -33.71 -75.42 7.00
C VAL Y 257 -32.47 -75.97 6.33
N PRO Y 258 -32.30 -77.31 6.22
CA PRO Y 258 -31.11 -77.86 5.54
C PRO Y 258 -31.29 -78.07 4.04
N PHE Y 259 -30.25 -78.61 3.39
CA PHE Y 259 -30.23 -78.85 1.95
C PHE Y 259 -30.60 -77.59 1.16
N LEU Y 260 -29.87 -76.52 1.42
CA LEU Y 260 -30.03 -75.28 0.66
C LEU Y 260 -29.25 -75.38 -0.65
N LEU Y 261 -29.77 -74.73 -1.68
CA LEU Y 261 -29.17 -74.81 -3.01
C LEU Y 261 -27.73 -74.32 -2.99
N ALA Y 262 -26.87 -75.02 -3.73
CA ALA Y 262 -25.45 -74.68 -3.80
C ALA Y 262 -24.98 -74.79 -5.25
N ASP Y 263 -23.95 -74.02 -5.57
CA ASP Y 263 -23.33 -74.04 -6.90
C ASP Y 263 -22.29 -75.15 -6.91
N GLY Y 264 -22.52 -76.17 -7.74
CA GLY Y 264 -21.63 -77.32 -7.81
C GLY Y 264 -21.17 -77.63 -9.22
N LYS Y 265 -20.06 -78.35 -9.32
CA LYS Y 265 -19.54 -78.81 -10.60
C LYS Y 265 -20.40 -79.99 -11.07
N CYS Y 266 -20.76 -80.00 -12.36
CA CYS Y 266 -21.61 -81.06 -12.88
C CYS Y 266 -21.28 -81.33 -14.35
N THR Y 267 -21.62 -82.53 -14.82
CA THR Y 267 -21.24 -83.01 -16.15
C THR Y 267 -22.36 -82.75 -17.16
N VAL Y 268 -21.97 -82.56 -18.42
CA VAL Y 268 -22.90 -82.31 -19.51
C VAL Y 268 -22.45 -83.12 -20.73
N PRO Y 269 -23.35 -83.74 -21.50
CA PRO Y 269 -22.89 -84.53 -22.66
C PRO Y 269 -22.34 -83.66 -23.77
N LEU Y 270 -21.52 -84.28 -24.61
CA LEU Y 270 -20.87 -83.63 -25.75
C LEU Y 270 -21.39 -84.25 -27.04
N ALA Y 271 -21.78 -83.40 -27.98
CA ALA Y 271 -22.34 -83.88 -29.23
C ALA Y 271 -21.23 -84.29 -30.20
N PRO Y 272 -21.53 -85.11 -31.20
CA PRO Y 272 -20.50 -85.50 -32.18
C PRO Y 272 -19.97 -84.30 -32.95
N GLU Y 273 -18.72 -84.40 -33.38
CA GLU Y 273 -18.08 -83.33 -34.14
C GLU Y 273 -18.73 -83.22 -35.53
N PRO Y 274 -19.23 -82.06 -35.92
CA PRO Y 274 -19.81 -81.93 -37.27
C PRO Y 274 -18.79 -82.12 -38.38
N MET Y 275 -19.26 -82.65 -39.50
CA MET Y 275 -18.49 -82.69 -40.73
C MET Y 275 -18.66 -81.36 -41.46
N ILE Y 276 -17.60 -80.90 -42.11
CA ILE Y 276 -17.56 -79.60 -42.77
C ILE Y 276 -17.26 -79.79 -44.24
N THR Y 277 -18.02 -79.11 -45.08
CA THR Y 277 -17.78 -79.04 -46.53
C THR Y 277 -17.89 -77.58 -46.95
N PHE Y 278 -16.95 -77.13 -47.76
CA PHE Y 278 -16.81 -75.72 -48.09
C PHE Y 278 -17.34 -75.43 -49.50
N GLY Y 279 -17.55 -74.13 -49.75
CA GLY Y 279 -17.99 -73.66 -51.04
C GLY Y 279 -17.52 -72.24 -51.26
N PHE Y 280 -17.86 -71.69 -52.42
CA PHE Y 280 -17.48 -70.31 -52.74
C PHE Y 280 -18.37 -69.36 -51.96
N ARG Y 281 -17.82 -68.74 -50.91
CA ARG Y 281 -18.59 -67.89 -50.01
C ARG Y 281 -19.76 -68.65 -49.38
N SER Y 282 -19.63 -69.97 -49.26
CA SER Y 282 -20.70 -70.79 -48.71
C SER Y 282 -20.09 -72.03 -48.06
N VAL Y 283 -20.85 -72.60 -47.12
CA VAL Y 283 -20.47 -73.81 -46.41
C VAL Y 283 -21.70 -74.68 -46.20
N SER Y 284 -21.45 -75.95 -45.92
CA SER Y 284 -22.50 -76.93 -45.66
C SER Y 284 -22.05 -77.85 -44.54
N LEU Y 285 -22.91 -78.04 -43.54
CA LEU Y 285 -22.63 -78.86 -42.38
C LEU Y 285 -23.55 -80.07 -42.39
N LYS Y 286 -22.95 -81.26 -42.36
CA LYS Y 286 -23.70 -82.51 -42.25
C LYS Y 286 -23.72 -82.94 -40.79
N LEU Y 287 -24.91 -83.04 -40.21
CA LEU Y 287 -25.07 -83.26 -38.78
C LEU Y 287 -25.76 -84.60 -38.53
N HIS Y 288 -25.36 -85.22 -37.41
CA HIS Y 288 -25.86 -86.55 -37.03
C HIS Y 288 -26.04 -86.57 -35.52
N PRO Y 289 -27.10 -85.94 -35.01
CA PRO Y 289 -27.26 -85.82 -33.56
C PRO Y 289 -27.73 -87.11 -32.91
N LYS Y 290 -27.15 -87.42 -31.75
CA LYS Y 290 -27.64 -88.54 -30.94
C LYS Y 290 -28.93 -88.18 -30.24
N ASN Y 291 -29.05 -86.95 -29.75
CA ASN Y 291 -30.21 -86.44 -29.04
C ASN Y 291 -30.51 -85.05 -29.58
N PRO Y 292 -31.72 -84.53 -29.32
CA PRO Y 292 -32.04 -83.19 -29.81
C PRO Y 292 -31.05 -82.14 -29.30
N THR Y 293 -30.66 -81.23 -30.19
CA THR Y 293 -29.63 -80.25 -29.90
C THR Y 293 -30.03 -78.88 -30.42
N TYR Y 294 -29.45 -77.85 -29.82
CA TYR Y 294 -29.56 -76.50 -30.33
C TYR Y 294 -28.51 -76.27 -31.43
N LEU Y 295 -28.80 -75.28 -32.28
CA LEU Y 295 -27.84 -74.76 -33.24
C LEU Y 295 -28.01 -73.25 -33.22
N ILE Y 296 -26.91 -72.50 -33.19
CA ILE Y 296 -26.98 -71.05 -33.33
C ILE Y 296 -25.94 -70.62 -34.36
N THR Y 297 -26.36 -69.76 -35.30
CA THR Y 297 -25.47 -69.23 -36.32
C THR Y 297 -25.65 -67.71 -36.40
N ARG Y 298 -24.53 -67.01 -36.58
CA ARG Y 298 -24.49 -65.56 -36.48
C ARG Y 298 -23.34 -65.00 -37.32
N GLN Y 299 -23.64 -64.00 -38.13
CA GLN Y 299 -22.61 -63.32 -38.92
C GLN Y 299 -21.98 -62.19 -38.11
N LEU Y 300 -20.73 -61.87 -38.42
CA LEU Y 300 -19.96 -60.90 -37.66
C LEU Y 300 -20.14 -59.47 -38.20
N ALA Y 301 -21.22 -59.22 -38.94
CA ALA Y 301 -21.49 -57.92 -39.51
C ALA Y 301 -22.30 -57.07 -38.54
N ASP Y 302 -22.67 -55.85 -38.96
CA ASP Y 302 -23.50 -54.99 -38.13
C ASP Y 302 -24.86 -55.64 -37.88
N GLU Y 303 -25.44 -56.24 -38.90
CA GLU Y 303 -26.66 -57.02 -38.77
C GLU Y 303 -26.33 -58.47 -38.38
N PRO Y 304 -26.90 -59.01 -37.29
CA PRO Y 304 -26.53 -60.39 -36.93
C PRO Y 304 -27.18 -61.44 -37.81
N HIS Y 305 -28.47 -61.30 -38.11
CA HIS Y 305 -29.27 -62.40 -38.67
C HIS Y 305 -29.07 -63.67 -37.85
N TYR Y 306 -29.11 -63.53 -36.53
CA TYR Y 306 -28.98 -64.68 -35.65
C TYR Y 306 -30.08 -65.69 -35.95
N THR Y 307 -29.71 -66.95 -36.04
CA THR Y 307 -30.68 -68.03 -36.26
C THR Y 307 -30.43 -69.12 -35.23
N HIS Y 308 -31.45 -69.40 -34.42
CA HIS Y 308 -31.43 -70.46 -33.41
C HIS Y 308 -32.44 -71.52 -33.80
N GLU Y 309 -32.01 -72.78 -33.82
CA GLU Y 309 -32.85 -73.87 -34.29
C GLU Y 309 -32.69 -75.09 -33.39
N LEU Y 310 -33.72 -75.93 -33.37
CA LEU Y 310 -33.71 -77.22 -32.71
C LEU Y 310 -33.65 -78.31 -33.76
N ILE Y 311 -32.70 -79.24 -33.61
CA ILE Y 311 -32.55 -80.35 -34.56
C ILE Y 311 -32.44 -81.65 -33.77
N SER Y 312 -33.26 -82.63 -34.15
CA SER Y 312 -33.24 -83.96 -33.55
C SER Y 312 -33.20 -85.08 -34.59
N GLU Y 313 -33.12 -84.74 -35.88
CA GLU Y 313 -33.06 -85.71 -36.96
C GLU Y 313 -31.96 -85.26 -37.92
N PRO Y 314 -31.25 -86.18 -38.58
CA PRO Y 314 -30.22 -85.74 -39.53
C PRO Y 314 -30.81 -84.91 -40.66
N ALA Y 315 -30.06 -83.89 -41.07
CA ALA Y 315 -30.49 -82.99 -42.13
C ALA Y 315 -29.27 -82.25 -42.65
N VAL Y 316 -29.50 -81.37 -43.62
CA VAL Y 316 -28.43 -80.59 -44.25
C VAL Y 316 -28.87 -79.12 -44.30
N ARG Y 317 -27.96 -78.23 -43.94
CA ARG Y 317 -28.20 -76.80 -43.96
C ARG Y 317 -27.01 -76.12 -44.62
N ASN Y 318 -27.25 -75.44 -45.74
CA ASN Y 318 -26.23 -74.68 -46.44
C ASN Y 318 -26.33 -73.22 -46.05
N PHE Y 319 -25.19 -72.62 -45.70
CA PHE Y 319 -25.14 -71.25 -45.22
C PHE Y 319 -24.17 -70.44 -46.07
N THR Y 320 -24.43 -69.14 -46.15
CA THR Y 320 -23.62 -68.20 -46.92
C THR Y 320 -22.75 -67.38 -45.97
N VAL Y 321 -21.47 -67.23 -46.31
CA VAL Y 321 -20.50 -66.56 -45.47
C VAL Y 321 -19.87 -65.43 -46.28
N THR Y 322 -19.78 -64.26 -45.67
CA THR Y 322 -19.21 -63.08 -46.30
C THR Y 322 -17.81 -62.83 -45.73
N GLU Y 323 -17.11 -61.82 -46.28
CA GLU Y 323 -15.75 -61.55 -45.84
C GLU Y 323 -15.70 -61.07 -44.39
N LYS Y 324 -16.78 -60.42 -43.93
CA LYS Y 324 -16.79 -59.90 -42.56
C LYS Y 324 -16.64 -60.99 -41.51
N GLY Y 325 -17.08 -62.22 -41.80
CA GLY Y 325 -16.86 -63.34 -40.90
C GLY Y 325 -18.13 -64.01 -40.40
N TRP Y 326 -18.02 -65.27 -39.99
CA TRP Y 326 -19.17 -66.07 -39.59
C TRP Y 326 -18.83 -66.84 -38.32
N GLU Y 327 -19.85 -67.11 -37.51
CA GLU Y 327 -19.70 -67.79 -36.23
C GLU Y 327 -20.85 -68.76 -36.05
N PHE Y 328 -20.56 -69.91 -35.45
CA PHE Y 328 -21.63 -70.85 -35.14
C PHE Y 328 -21.27 -71.68 -33.90
N VAL Y 329 -22.31 -72.10 -33.19
CA VAL Y 329 -22.18 -73.01 -32.06
C VAL Y 329 -23.16 -74.17 -32.27
N TRP Y 330 -22.59 -75.39 -32.25
CA TRP Y 330 -23.34 -76.64 -32.21
C TRP Y 330 -23.04 -77.30 -30.86
N GLY Y 331 -24.08 -77.53 -30.06
CA GLY Y 331 -23.90 -78.24 -28.82
C GLY Y 331 -23.01 -77.47 -27.84
N ASN Y 332 -22.22 -78.24 -27.09
CA ASN Y 332 -21.38 -77.69 -26.02
C ASN Y 332 -19.95 -77.41 -26.45
N HIS Y 333 -19.61 -77.64 -27.72
CA HIS Y 333 -18.26 -77.35 -28.17
C HIS Y 333 -18.02 -75.84 -28.17
N PRO Y 334 -16.77 -75.40 -28.14
CA PRO Y 334 -16.50 -73.96 -28.19
C PRO Y 334 -17.00 -73.38 -29.49
N PRO Y 335 -17.36 -72.09 -29.50
CA PRO Y 335 -17.83 -71.49 -30.76
C PRO Y 335 -16.76 -71.54 -31.84
N LYS Y 336 -17.20 -71.74 -33.08
CA LYS Y 336 -16.30 -71.88 -34.22
C LYS Y 336 -16.50 -70.70 -35.16
N ARG Y 337 -15.40 -70.07 -35.56
CA ARG Y 337 -15.39 -68.90 -36.41
C ARG Y 337 -14.76 -69.26 -37.76
N PHE Y 338 -15.48 -68.95 -38.84
CA PHE Y 338 -15.01 -69.17 -40.19
C PHE Y 338 -14.95 -67.83 -40.92
N TRP Y 339 -13.81 -67.56 -41.55
CA TRP Y 339 -13.57 -66.30 -42.25
C TRP Y 339 -13.19 -66.62 -43.68
N ALA Y 340 -14.05 -66.25 -44.62
CA ALA Y 340 -13.85 -66.58 -46.02
C ALA Y 340 -12.95 -65.55 -46.70
N GLN Y 341 -12.64 -65.82 -47.97
CA GLN Y 341 -11.80 -64.95 -48.78
C GLN Y 341 -12.27 -65.03 -50.23
N GLU Y 342 -11.86 -64.05 -51.01
CA GLU Y 342 -12.25 -64.02 -52.43
C GLU Y 342 -11.66 -65.22 -53.16
N THR Y 343 -12.49 -65.92 -53.91
CA THR Y 343 -12.06 -67.10 -54.67
C THR Y 343 -12.85 -67.21 -55.96
N TYR Z 1 8.59 -35.78 -29.06
CA TYR Z 1 8.05 -35.46 -30.41
C TYR Z 1 6.56 -35.76 -30.52
N GLU Z 2 5.78 -34.75 -30.92
CA GLU Z 2 4.34 -34.91 -31.10
C GLU Z 2 4.10 -35.66 -32.41
N HIS Z 3 3.66 -36.91 -32.29
CA HIS Z 3 3.35 -37.75 -33.44
C HIS Z 3 1.95 -38.31 -33.29
N ALA Z 4 1.22 -38.39 -34.40
CA ALA Z 4 -0.15 -38.87 -34.43
C ALA Z 4 -0.23 -40.19 -35.17
N THR Z 5 -1.08 -41.10 -34.69
CA THR Z 5 -1.26 -42.41 -35.30
C THR Z 5 -2.70 -42.85 -35.09
N THR Z 6 -3.16 -43.76 -35.96
CA THR Z 6 -4.54 -44.23 -35.94
C THR Z 6 -4.55 -45.75 -36.01
N MET Z 7 -5.06 -46.39 -34.96
CA MET Z 7 -5.13 -47.84 -34.86
C MET Z 7 -6.52 -48.33 -35.25
N PRO Z 8 -6.69 -49.21 -36.23
CA PRO Z 8 -8.00 -49.87 -36.38
C PRO Z 8 -8.26 -50.80 -35.20
N SER Z 9 -9.34 -50.54 -34.48
CA SER Z 9 -9.55 -51.20 -33.18
C SER Z 9 -9.82 -52.68 -33.39
N GLN Z 10 -8.80 -53.51 -33.16
CA GLN Z 10 -8.93 -54.95 -33.24
C GLN Z 10 -7.74 -55.58 -32.54
N ALA Z 11 -8.02 -56.50 -31.62
CA ALA Z 11 -6.98 -57.15 -30.83
C ALA Z 11 -6.47 -58.39 -31.54
N GLY Z 12 -5.20 -58.72 -31.28
CA GLY Z 12 -4.58 -59.92 -31.81
C GLY Z 12 -3.51 -59.64 -32.85
N ILE Z 13 -3.70 -58.58 -33.63
CA ILE Z 13 -2.78 -58.23 -34.71
C ILE Z 13 -1.75 -57.23 -34.21
N SER Z 14 -0.50 -57.40 -34.65
CA SER Z 14 0.54 -56.43 -34.38
C SER Z 14 0.48 -55.31 -35.41
N TYR Z 15 1.10 -54.18 -35.06
CA TYR Z 15 1.12 -53.02 -35.93
C TYR Z 15 2.45 -52.29 -35.77
N ASN Z 16 2.96 -51.75 -36.88
CA ASN Z 16 4.29 -51.16 -36.93
C ASN Z 16 4.22 -49.71 -37.42
N THR Z 17 5.17 -48.90 -36.95
CA THR Z 17 5.36 -47.55 -37.45
C THR Z 17 6.82 -47.18 -37.26
N ILE Z 18 7.25 -46.16 -38.00
CA ILE Z 18 8.54 -45.52 -37.79
C ILE Z 18 8.31 -44.03 -37.64
N VAL Z 19 8.81 -43.44 -36.56
CA VAL Z 19 8.84 -41.99 -36.44
C VAL Z 19 10.13 -41.50 -37.08
N ASN Z 20 10.00 -40.57 -38.02
CA ASN Z 20 11.07 -40.16 -38.92
C ASN Z 20 11.29 -38.65 -38.77
N ARG Z 21 12.34 -38.29 -38.02
CA ARG Z 21 12.77 -36.90 -38.00
C ARG Z 21 13.62 -36.62 -39.23
N ALA Z 22 13.70 -35.34 -39.61
CA ALA Z 22 14.48 -34.95 -40.77
C ALA Z 22 15.95 -35.32 -40.60
N GLY Z 23 16.50 -35.12 -39.40
CA GLY Z 23 17.92 -35.25 -39.15
C GLY Z 23 18.36 -36.44 -38.31
N TYR Z 24 17.49 -37.42 -38.05
CA TYR Z 24 17.83 -38.57 -37.23
C TYR Z 24 17.36 -39.86 -37.90
N ALA Z 25 17.97 -40.97 -37.46
CA ALA Z 25 17.54 -42.27 -37.92
C ALA Z 25 16.10 -42.53 -37.45
N PRO Z 26 15.24 -43.10 -38.31
CA PRO Z 26 13.88 -43.39 -37.84
C PRO Z 26 13.87 -44.36 -36.68
N LEU Z 27 12.96 -44.12 -35.72
CA LEU Z 27 12.80 -44.99 -34.57
C LEU Z 27 11.55 -45.86 -34.78
N PRO Z 28 11.64 -47.19 -34.73
CA PRO Z 28 10.44 -48.01 -34.92
C PRO Z 28 9.66 -48.20 -33.62
N ILE Z 29 8.34 -48.20 -33.75
CA ILE Z 29 7.41 -48.41 -32.65
C ILE Z 29 6.42 -49.47 -33.08
N SER Z 30 6.25 -50.50 -32.25
CA SER Z 30 5.26 -51.55 -32.51
C SER Z 30 4.24 -51.61 -31.39
N ILE Z 31 2.99 -51.90 -31.77
CA ILE Z 31 1.86 -51.89 -30.86
C ILE Z 31 1.08 -53.18 -31.06
N THR Z 32 0.62 -53.77 -29.96
CA THR Z 32 -0.26 -54.94 -29.98
C THR Z 32 -1.32 -54.78 -28.91
N PRO Z 33 -2.57 -54.46 -29.27
CA PRO Z 33 -3.63 -54.42 -28.23
C PRO Z 33 -4.05 -55.83 -27.84
N THR Z 34 -3.76 -56.20 -26.58
CA THR Z 34 -4.08 -57.56 -26.13
C THR Z 34 -5.56 -57.70 -25.80
N LYS Z 35 -6.10 -56.79 -24.99
CA LYS Z 35 -7.49 -56.83 -24.57
C LYS Z 35 -8.12 -55.47 -24.68
N ILE Z 36 -9.39 -55.44 -25.09
CA ILE Z 36 -10.21 -54.24 -25.09
C ILE Z 36 -11.47 -54.57 -24.31
N LYS Z 37 -11.73 -53.81 -23.25
CA LYS Z 37 -12.91 -53.99 -22.41
C LYS Z 37 -13.81 -52.78 -22.56
N LEU Z 38 -15.12 -53.01 -22.49
CA LEU Z 38 -16.11 -51.93 -22.61
C LEU Z 38 -16.98 -51.95 -21.35
N ILE Z 39 -16.70 -51.05 -20.42
CA ILE Z 39 -17.44 -50.96 -19.16
C ILE Z 39 -18.59 -49.97 -19.36
N PRO Z 40 -19.87 -50.40 -19.21
CA PRO Z 40 -20.96 -49.43 -19.15
C PRO Z 40 -21.33 -49.04 -17.73
N THR Z 41 -22.02 -47.91 -17.57
CA THR Z 41 -22.46 -47.45 -16.26
C THR Z 41 -23.85 -48.03 -16.00
N VAL Z 42 -23.93 -48.99 -15.08
CA VAL Z 42 -25.17 -49.69 -14.75
C VAL Z 42 -25.49 -49.43 -13.28
N ASN Z 43 -26.75 -49.10 -13.00
CA ASN Z 43 -27.24 -48.84 -11.65
C ASN Z 43 -28.29 -49.88 -11.29
N LEU Z 44 -28.12 -50.53 -10.14
CA LEU Z 44 -29.07 -51.54 -9.69
C LEU Z 44 -30.39 -50.87 -9.29
N GLU Z 45 -31.49 -51.51 -9.68
CA GLU Z 45 -32.83 -51.04 -9.35
C GLU Z 45 -33.55 -51.96 -8.36
N TYR Z 46 -33.66 -53.25 -8.68
CA TYR Z 46 -34.36 -54.17 -7.79
C TYR Z 46 -33.98 -55.60 -8.16
N VAL Z 47 -34.36 -56.53 -7.29
CA VAL Z 47 -34.07 -57.95 -7.44
C VAL Z 47 -35.36 -58.74 -7.22
N THR Z 48 -35.40 -59.93 -7.83
CA THR Z 48 -36.54 -60.82 -7.69
C THR Z 48 -36.03 -62.25 -7.58
N CYS Z 49 -36.96 -63.18 -7.34
CA CYS Z 49 -36.65 -64.60 -7.18
C CYS Z 49 -37.98 -65.34 -7.07
N HIS Z 50 -37.88 -66.67 -6.93
CA HIS Z 50 -39.07 -67.47 -6.68
C HIS Z 50 -39.76 -66.99 -5.41
N TYR Z 51 -41.08 -66.93 -5.46
CA TYR Z 51 -41.89 -66.53 -4.31
C TYR Z 51 -42.47 -67.76 -3.63
N LYS Z 52 -42.92 -67.57 -2.39
CA LYS Z 52 -43.48 -68.63 -1.58
C LYS Z 52 -44.79 -68.14 -0.97
N THR Z 53 -45.85 -68.93 -1.14
CA THR Z 53 -47.15 -68.61 -0.59
C THR Z 53 -47.16 -68.93 0.91
N GLY Z 54 -46.99 -67.89 1.73
CA GLY Z 54 -47.00 -68.07 3.17
C GLY Z 54 -48.38 -67.87 3.75
N MET Z 55 -48.95 -68.91 4.33
CA MET Z 55 -50.28 -68.85 4.92
C MET Z 55 -50.17 -68.82 6.43
N ASP Z 56 -51.11 -68.11 7.06
CA ASP Z 56 -51.31 -68.16 8.49
C ASP Z 56 -52.27 -69.30 8.81
N SER Z 57 -52.10 -69.89 9.99
CA SER Z 57 -52.92 -71.03 10.36
C SER Z 57 -54.40 -70.63 10.38
N PRO Z 58 -55.31 -71.46 9.88
CA PRO Z 58 -56.72 -71.06 9.85
C PRO Z 58 -57.26 -70.82 11.25
N ALA Z 59 -58.12 -69.82 11.38
CA ALA Z 59 -58.71 -69.46 12.67
C ALA Z 59 -60.16 -69.91 12.67
N ILE Z 60 -60.43 -71.01 13.40
CA ILE Z 60 -61.74 -71.65 13.42
C ILE Z 60 -62.39 -71.36 14.77
N LYS Z 61 -63.67 -70.98 14.73
CA LYS Z 61 -64.47 -70.74 15.92
C LYS Z 61 -65.81 -71.45 15.77
N CYS Z 62 -66.20 -72.18 16.81
CA CYS Z 62 -67.45 -72.93 16.83
C CYS Z 62 -68.53 -72.08 17.49
N CYS Z 63 -69.61 -71.81 16.75
CA CYS Z 63 -70.69 -70.91 17.18
C CYS Z 63 -70.12 -69.59 17.70
N GLY Z 64 -69.56 -68.85 16.76
CA GLY Z 64 -69.06 -67.52 17.04
C GLY Z 64 -69.02 -66.70 15.77
N SER Z 65 -68.28 -65.61 15.82
CA SER Z 65 -68.12 -64.76 14.65
C SER Z 65 -66.76 -64.08 14.73
N GLN Z 66 -65.78 -64.60 14.01
CA GLN Z 66 -64.46 -64.03 13.98
C GLN Z 66 -64.43 -62.78 13.10
N GLU Z 67 -63.36 -62.00 13.26
CA GLU Z 67 -63.19 -60.75 12.54
C GLU Z 67 -61.79 -60.70 11.94
N CYS Z 68 -61.71 -60.32 10.67
CA CYS Z 68 -60.42 -60.18 10.02
C CYS Z 68 -59.64 -59.01 10.59
N THR Z 69 -58.33 -59.19 10.75
CA THR Z 69 -57.45 -58.16 11.30
C THR Z 69 -56.32 -57.92 10.30
N PRO Z 70 -56.16 -56.72 9.75
CA PRO Z 70 -55.09 -56.50 8.77
C PRO Z 70 -53.71 -56.56 9.41
N THR Z 71 -52.73 -56.94 8.60
CA THR Z 71 -51.33 -56.96 9.02
C THR Z 71 -50.40 -56.23 8.05
N TYR Z 72 -50.89 -55.80 6.89
CA TYR Z 72 -50.10 -55.07 5.90
C TYR Z 72 -48.93 -55.89 5.38
N ARG Z 73 -49.08 -57.21 5.31
CA ARG Z 73 -48.12 -58.02 4.59
C ARG Z 73 -48.24 -57.70 3.10
N PRO Z 74 -47.15 -57.76 2.34
CA PRO Z 74 -47.27 -57.51 0.89
C PRO Z 74 -48.18 -58.54 0.23
N ASP Z 75 -49.15 -58.04 -0.54
CA ASP Z 75 -50.13 -58.89 -1.22
C ASP Z 75 -50.88 -59.78 -0.24
N GLU Z 76 -51.20 -59.23 0.93
CA GLU Z 76 -51.95 -59.99 1.92
C GLU Z 76 -53.40 -60.11 1.50
N GLN Z 77 -53.94 -61.32 1.66
CA GLN Z 77 -55.35 -61.60 1.42
C GLN Z 77 -55.95 -62.23 2.67
N CYS Z 78 -57.14 -61.78 3.05
CA CYS Z 78 -57.82 -62.26 4.23
C CYS Z 78 -59.31 -62.35 3.97
N LYS Z 79 -59.94 -63.40 4.49
CA LYS Z 79 -61.38 -63.55 4.32
C LYS Z 79 -61.93 -64.43 5.45
N VAL Z 80 -63.25 -64.37 5.60
CA VAL Z 80 -63.97 -65.12 6.62
C VAL Z 80 -65.14 -65.83 5.96
N PHE Z 81 -65.41 -67.06 6.39
CA PHE Z 81 -66.48 -67.88 5.85
C PHE Z 81 -67.27 -68.48 7.01
N THR Z 82 -68.53 -68.80 6.73
CA THR Z 82 -69.45 -69.36 7.71
C THR Z 82 -70.00 -70.69 7.21
N GLY Z 83 -70.58 -71.45 8.14
CA GLY Z 83 -71.19 -72.72 7.78
C GLY Z 83 -70.23 -73.89 7.66
N VAL Z 84 -69.03 -73.77 8.22
CA VAL Z 84 -68.03 -74.83 8.14
C VAL Z 84 -68.32 -75.86 9.23
N TYR Z 85 -68.24 -77.14 8.86
CA TYR Z 85 -68.45 -78.26 9.78
C TYR Z 85 -67.11 -79.02 9.86
N PRO Z 86 -66.18 -78.55 10.68
CA PRO Z 86 -64.83 -79.14 10.67
C PRO Z 86 -64.82 -80.58 11.16
N PHE Z 87 -63.84 -81.33 10.66
CA PHE Z 87 -63.57 -82.70 11.06
C PHE Z 87 -62.11 -82.82 11.50
N MET Z 88 -61.81 -83.94 12.16
CA MET Z 88 -60.46 -84.24 12.59
C MET Z 88 -60.34 -85.75 12.76
N TRP Z 89 -59.09 -86.23 12.84
CA TRP Z 89 -58.85 -87.67 12.95
C TRP Z 89 -59.52 -88.25 14.18
N GLY Z 90 -59.61 -87.48 15.26
CA GLY Z 90 -60.25 -87.93 16.48
C GLY Z 90 -61.76 -87.79 16.51
N GLY Z 91 -62.36 -87.19 15.47
CA GLY Z 91 -63.80 -87.01 15.42
C GLY Z 91 -64.19 -85.61 15.01
N ALA Z 92 -65.22 -85.07 15.66
CA ALA Z 92 -65.72 -83.73 15.36
C ALA Z 92 -65.08 -82.71 16.28
N TYR Z 93 -64.67 -81.58 15.71
CA TYR Z 93 -64.02 -80.51 16.47
C TYR Z 93 -65.01 -79.52 17.06
N CYS Z 94 -66.08 -79.20 16.32
CA CYS Z 94 -67.15 -78.34 16.80
C CYS Z 94 -68.36 -79.18 17.18
N PHE Z 95 -69.38 -78.51 17.71
CA PHE Z 95 -70.66 -79.14 18.05
C PHE Z 95 -71.85 -78.52 17.33
N CYS Z 96 -71.65 -77.43 16.59
CA CYS Z 96 -72.74 -76.68 15.99
C CYS Z 96 -72.94 -77.11 14.54
N ASP Z 97 -74.20 -77.31 14.15
CA ASP Z 97 -74.50 -77.72 12.78
C ASP Z 97 -74.08 -76.66 11.78
N THR Z 98 -74.35 -75.39 12.08
CA THR Z 98 -74.03 -74.28 11.20
C THR Z 98 -73.57 -73.10 12.05
N GLU Z 99 -73.26 -71.98 11.37
CA GLU Z 99 -72.87 -70.70 11.95
C GLU Z 99 -71.43 -70.69 12.44
N ASN Z 100 -70.72 -71.82 12.39
CA ASN Z 100 -69.31 -71.82 12.74
C ASN Z 100 -68.51 -71.03 11.70
N THR Z 101 -67.47 -70.34 12.16
CA THR Z 101 -66.73 -69.41 11.32
C THR Z 101 -65.29 -69.89 11.15
N GLN Z 102 -64.72 -69.61 9.98
CA GLN Z 102 -63.32 -69.89 9.70
C GLN Z 102 -62.74 -68.69 8.97
N VAL Z 103 -61.62 -68.17 9.47
CA VAL Z 103 -60.91 -67.06 8.86
C VAL Z 103 -59.64 -67.60 8.23
N SER Z 104 -59.43 -67.26 6.96
CA SER Z 104 -58.28 -67.67 6.19
C SER Z 104 -57.44 -66.45 5.83
N LYS Z 105 -56.12 -66.60 5.92
CA LYS Z 105 -55.16 -65.54 5.64
C LYS Z 105 -54.07 -66.10 4.76
N ALA Z 106 -53.48 -65.24 3.92
CA ALA Z 106 -52.41 -65.66 3.03
C ALA Z 106 -51.60 -64.43 2.63
N TYR Z 107 -50.36 -64.69 2.22
CA TYR Z 107 -49.44 -63.62 1.84
C TYR Z 107 -48.32 -64.25 1.00
N VAL Z 108 -47.43 -63.41 0.50
CA VAL Z 108 -46.31 -63.82 -0.34
C VAL Z 108 -45.01 -63.40 0.35
N MET Z 109 -44.03 -64.31 0.36
CA MET Z 109 -42.73 -64.02 0.96
C MET Z 109 -41.62 -64.57 0.09
N LYS Z 110 -40.41 -64.08 0.35
CA LYS Z 110 -39.26 -64.47 -0.47
C LYS Z 110 -38.85 -65.90 -0.20
N SER Z 111 -38.57 -66.64 -1.27
CA SER Z 111 -38.15 -68.03 -1.14
C SER Z 111 -36.78 -68.12 -0.45
N ASP Z 112 -36.51 -69.30 0.11
CA ASP Z 112 -35.23 -69.52 0.77
C ASP Z 112 -34.05 -69.44 -0.19
N ASP Z 113 -34.29 -69.61 -1.50
CA ASP Z 113 -33.24 -69.63 -2.49
C ASP Z 113 -32.91 -68.25 -3.03
N CYS Z 114 -33.22 -67.19 -2.30
CA CYS Z 114 -32.98 -65.83 -2.79
C CYS Z 114 -31.50 -65.55 -2.95
N LEU Z 115 -30.68 -66.01 -2.00
CA LEU Z 115 -29.26 -65.67 -2.01
C LEU Z 115 -28.55 -66.23 -3.24
N ALA Z 116 -28.87 -67.47 -3.62
CA ALA Z 116 -28.17 -68.14 -4.72
C ALA Z 116 -28.81 -67.82 -6.06
N ASP Z 117 -30.10 -68.16 -6.22
CA ASP Z 117 -30.82 -67.98 -7.47
C ASP Z 117 -31.63 -66.70 -7.40
N HIS Z 118 -31.35 -65.76 -8.28
CA HIS Z 118 -32.07 -64.49 -8.35
C HIS Z 118 -31.63 -63.74 -9.60
N ALA Z 119 -32.53 -62.91 -10.11
CA ALA Z 119 -32.31 -62.15 -11.33
C ALA Z 119 -32.23 -60.67 -11.00
N GLU Z 120 -31.24 -59.99 -11.58
CA GLU Z 120 -31.01 -58.57 -11.35
C GLU Z 120 -31.37 -57.75 -12.59
N ALA Z 121 -31.80 -56.52 -12.35
CA ALA Z 121 -32.18 -55.58 -13.39
C ALA Z 121 -31.23 -54.38 -13.35
N TYR Z 122 -30.87 -53.88 -14.54
CA TYR Z 122 -29.88 -52.82 -14.65
C TYR Z 122 -30.25 -51.87 -15.79
N LYS Z 123 -29.69 -50.67 -15.73
CA LYS Z 123 -29.90 -49.63 -16.74
C LYS Z 123 -28.55 -49.07 -17.15
N ALA Z 124 -28.17 -49.28 -18.41
CA ALA Z 124 -26.84 -48.98 -18.92
C ALA Z 124 -26.82 -47.69 -19.71
N HIS Z 125 -25.70 -46.98 -19.63
CA HIS Z 125 -25.48 -45.74 -20.38
C HIS Z 125 -24.04 -45.29 -20.19
N THR Z 126 -23.56 -44.51 -21.16
CA THR Z 126 -22.26 -43.83 -21.09
C THR Z 126 -21.12 -44.83 -20.92
N ALA Z 127 -20.94 -45.68 -21.93
CA ALA Z 127 -19.92 -46.70 -21.88
C ALA Z 127 -18.55 -46.12 -22.19
N SER Z 128 -17.53 -46.62 -21.48
CA SER Z 128 -16.14 -46.25 -21.70
C SER Z 128 -15.32 -47.50 -21.94
N VAL Z 129 -14.25 -47.38 -22.72
CA VAL Z 129 -13.45 -48.51 -23.14
C VAL Z 129 -12.05 -48.40 -22.55
N GLN Z 130 -11.57 -49.52 -22.01
CA GLN Z 130 -10.25 -49.64 -21.39
C GLN Z 130 -9.42 -50.60 -22.23
N ALA Z 131 -8.21 -50.17 -22.61
CA ALA Z 131 -7.36 -50.91 -23.53
C ALA Z 131 -6.09 -51.35 -22.82
N PHE Z 132 -5.75 -52.63 -22.95
CA PHE Z 132 -4.49 -53.20 -22.49
C PHE Z 132 -3.57 -53.35 -23.68
N LEU Z 133 -2.40 -52.72 -23.61
CA LEU Z 133 -1.49 -52.60 -24.75
C LEU Z 133 -0.16 -53.26 -24.43
N ASN Z 134 0.46 -53.84 -25.45
CA ASN Z 134 1.85 -54.26 -25.42
C ASN Z 134 2.58 -53.37 -26.43
N ILE Z 135 3.41 -52.46 -25.94
CA ILE Z 135 4.02 -51.40 -26.75
C ILE Z 135 5.53 -51.54 -26.66
N THR Z 136 6.19 -51.48 -27.81
CA THR Z 136 7.65 -51.52 -27.90
C THR Z 136 8.06 -50.22 -28.57
N VAL Z 137 8.80 -49.38 -27.85
CA VAL Z 137 9.36 -48.14 -28.39
C VAL Z 137 10.88 -48.24 -28.29
N GLY Z 138 11.54 -48.27 -29.44
CA GLY Z 138 12.98 -48.41 -29.47
C GLY Z 138 13.46 -49.71 -28.87
N GLU Z 139 12.87 -50.82 -29.32
CA GLU Z 139 13.16 -52.17 -28.83
C GLU Z 139 13.18 -52.22 -27.30
N HIS Z 140 12.11 -51.69 -26.70
CA HIS Z 140 11.92 -51.72 -25.25
C HIS Z 140 10.45 -52.03 -25.00
N SER Z 141 10.16 -53.28 -24.66
CA SER Z 141 8.81 -53.77 -24.50
C SER Z 141 8.23 -53.39 -23.15
N ILE Z 142 6.92 -53.13 -23.12
CA ILE Z 142 6.23 -52.93 -21.86
C ILE Z 142 4.74 -53.16 -22.08
N VAL Z 143 4.09 -53.73 -21.05
CA VAL Z 143 2.65 -53.90 -21.02
C VAL Z 143 2.06 -52.78 -20.18
N THR Z 144 0.92 -52.23 -20.63
CA THR Z 144 0.37 -51.04 -20.00
C THR Z 144 -1.15 -51.10 -20.09
N THR Z 145 -1.80 -50.42 -19.13
CA THR Z 145 -3.25 -50.22 -19.13
C THR Z 145 -3.52 -48.73 -19.28
N VAL Z 146 -4.38 -48.38 -20.24
CA VAL Z 146 -4.62 -46.99 -20.60
C VAL Z 146 -6.12 -46.76 -20.74
N TYR Z 147 -6.52 -45.50 -20.55
CA TYR Z 147 -7.89 -45.04 -20.75
C TYR Z 147 -7.92 -44.14 -21.98
N VAL Z 148 -9.00 -44.26 -22.76
CA VAL Z 148 -9.07 -43.58 -24.05
C VAL Z 148 -9.58 -42.15 -23.98
N ASN Z 149 -10.01 -41.69 -22.82
CA ASN Z 149 -10.59 -40.35 -22.72
C ASN Z 149 -9.53 -39.30 -23.11
N GLY Z 150 -9.99 -38.05 -23.21
CA GLY Z 150 -9.14 -36.97 -23.65
C GLY Z 150 -8.10 -36.52 -22.62
N GLU Z 151 -7.99 -37.24 -21.51
CA GLU Z 151 -7.01 -36.96 -20.48
C GLU Z 151 -6.44 -38.31 -20.02
N THR Z 152 -5.70 -38.30 -18.92
CA THR Z 152 -5.17 -39.52 -18.31
C THR Z 152 -4.17 -40.23 -19.20
N PRO Z 153 -3.04 -39.61 -19.52
CA PRO Z 153 -1.94 -40.35 -20.17
C PRO Z 153 -1.10 -41.10 -19.13
N VAL Z 154 -0.14 -41.86 -19.64
CA VAL Z 154 0.78 -42.64 -18.82
C VAL Z 154 2.19 -42.50 -19.39
N ASN Z 155 3.17 -42.42 -18.49
CA ASN Z 155 4.57 -42.21 -18.85
C ASN Z 155 5.42 -43.38 -18.38
N PHE Z 156 6.34 -43.82 -19.24
CA PHE Z 156 7.34 -44.82 -18.88
C PHE Z 156 8.64 -44.48 -19.58
N ASN Z 157 9.74 -44.46 -18.81
CA ASN Z 157 11.07 -44.06 -19.26
C ASN Z 157 11.06 -42.81 -20.14
N GLY Z 158 10.15 -41.88 -19.85
CA GLY Z 158 10.06 -40.63 -20.57
C GLY Z 158 9.09 -40.62 -21.73
N VAL Z 159 8.82 -41.78 -22.33
CA VAL Z 159 7.87 -41.84 -23.44
C VAL Z 159 6.46 -41.62 -22.92
N LYS Z 160 5.75 -40.69 -23.53
CA LYS Z 160 4.40 -40.34 -23.11
C LYS Z 160 3.40 -40.72 -24.20
N ILE Z 161 2.33 -41.40 -23.79
CA ILE Z 161 1.28 -41.88 -24.68
C ILE Z 161 -0.05 -41.27 -24.24
N THR Z 162 -0.86 -40.85 -25.21
CA THR Z 162 -2.24 -40.46 -24.92
C THR Z 162 -3.16 -41.02 -26.00
N ALA Z 163 -4.25 -41.64 -25.56
CA ALA Z 163 -5.25 -42.22 -26.46
C ALA Z 163 -6.47 -41.31 -26.51
N GLY Z 164 -6.88 -40.93 -27.71
CA GLY Z 164 -8.00 -40.03 -27.88
C GLY Z 164 -9.33 -40.75 -27.86
N PRO Z 165 -10.40 -39.98 -27.98
CA PRO Z 165 -11.75 -40.56 -27.92
C PRO Z 165 -12.05 -41.39 -29.16
N LEU Z 166 -13.01 -42.30 -29.00
CA LEU Z 166 -13.39 -43.19 -30.08
C LEU Z 166 -14.15 -42.44 -31.17
N SER Z 167 -14.00 -42.91 -32.41
CA SER Z 167 -14.76 -42.36 -33.52
C SER Z 167 -16.23 -42.77 -33.46
N THR Z 168 -16.56 -43.80 -32.69
CA THR Z 168 -17.93 -44.29 -32.56
C THR Z 168 -18.21 -44.59 -31.09
N ALA Z 169 -19.37 -44.12 -30.61
CA ALA Z 169 -19.81 -44.36 -29.24
C ALA Z 169 -20.86 -45.47 -29.16
N TRP Z 170 -20.91 -46.35 -30.15
CA TRP Z 170 -21.90 -47.42 -30.17
C TRP Z 170 -21.66 -48.38 -29.01
N THR Z 171 -22.76 -48.89 -28.44
CA THR Z 171 -22.71 -49.82 -27.32
C THR Z 171 -23.64 -50.99 -27.61
N PRO Z 172 -23.21 -52.24 -27.42
CA PRO Z 172 -24.14 -53.36 -27.68
C PRO Z 172 -25.35 -53.35 -26.76
N PHE Z 173 -25.17 -52.92 -25.51
CA PHE Z 173 -26.28 -52.93 -24.55
C PHE Z 173 -27.25 -51.80 -24.85
N ASP Z 174 -28.53 -52.11 -24.77
CA ASP Z 174 -29.59 -51.12 -24.91
C ASP Z 174 -29.80 -50.45 -23.55
N ARG Z 175 -30.90 -49.70 -23.39
CA ARG Z 175 -31.14 -49.01 -22.13
C ARG Z 175 -31.24 -49.98 -20.97
N LYS Z 176 -32.00 -51.06 -21.14
CA LYS Z 176 -32.43 -51.91 -20.03
C LYS Z 176 -31.80 -53.29 -20.20
N ILE Z 177 -31.25 -53.84 -19.11
CA ILE Z 177 -30.51 -55.10 -19.12
C ILE Z 177 -30.99 -55.97 -17.97
N VAL Z 178 -30.99 -57.27 -18.19
CA VAL Z 178 -31.31 -58.27 -17.17
C VAL Z 178 -30.15 -59.23 -17.04
N GLN Z 179 -29.67 -59.44 -15.82
CA GLN Z 179 -28.55 -60.32 -15.52
C GLN Z 179 -29.04 -61.49 -14.68
N TYR Z 180 -28.60 -62.70 -15.04
CA TYR Z 180 -29.03 -63.90 -14.32
C TYR Z 180 -28.11 -65.06 -14.69
N ALA Z 181 -27.62 -65.75 -13.66
CA ALA Z 181 -26.92 -67.04 -13.82
C ALA Z 181 -25.71 -66.93 -14.74
N GLY Z 182 -25.08 -65.76 -14.78
CA GLY Z 182 -23.85 -65.58 -15.54
C GLY Z 182 -24.04 -65.13 -16.97
N GLU Z 183 -25.27 -65.08 -17.48
CA GLU Z 183 -25.56 -64.59 -18.81
C GLU Z 183 -26.46 -63.36 -18.73
N ILE Z 184 -26.37 -62.53 -19.76
CA ILE Z 184 -26.93 -61.18 -19.76
C ILE Z 184 -27.94 -61.09 -20.90
N TYR Z 185 -29.16 -60.67 -20.58
CA TYR Z 185 -30.26 -60.59 -21.54
C TYR Z 185 -30.77 -59.18 -21.69
N ASN Z 186 -31.13 -58.83 -22.93
CA ASN Z 186 -31.65 -57.51 -23.29
C ASN Z 186 -33.18 -57.53 -23.28
N TYR Z 187 -33.72 -57.59 -22.07
CA TYR Z 187 -35.17 -57.60 -21.86
C TYR Z 187 -35.66 -56.23 -21.40
N ASP Z 188 -36.95 -56.00 -21.60
CA ASP Z 188 -37.62 -54.76 -21.21
C ASP Z 188 -38.43 -55.05 -19.95
N PHE Z 189 -37.79 -54.94 -18.80
CA PHE Z 189 -38.47 -55.26 -17.55
C PHE Z 189 -39.35 -54.10 -17.11
N PRO Z 190 -40.52 -54.36 -16.51
CA PRO Z 190 -41.33 -53.26 -15.99
C PRO Z 190 -40.65 -52.59 -14.79
N GLU Z 191 -41.03 -51.33 -14.57
CA GLU Z 191 -40.39 -50.51 -13.56
C GLU Z 191 -40.78 -50.98 -12.15
N TYR Z 192 -40.33 -50.24 -11.14
CA TYR Z 192 -40.54 -50.60 -9.74
C TYR Z 192 -41.94 -50.19 -9.32
N GLY Z 193 -42.85 -51.17 -9.25
CA GLY Z 193 -44.20 -50.93 -8.77
C GLY Z 193 -45.29 -51.35 -9.74
N ALA Z 194 -44.96 -51.40 -11.03
CA ALA Z 194 -45.92 -51.74 -12.07
C ALA Z 194 -45.93 -53.23 -12.40
N GLY Z 195 -45.55 -54.09 -11.46
CA GLY Z 195 -45.56 -55.51 -11.72
C GLY Z 195 -46.97 -56.03 -11.95
N GLN Z 196 -47.07 -57.07 -12.78
CA GLN Z 196 -48.33 -57.70 -13.12
C GLN Z 196 -48.20 -59.21 -12.97
N PRO Z 197 -49.29 -59.91 -12.66
CA PRO Z 197 -49.19 -61.36 -12.46
C PRO Z 197 -48.90 -62.10 -13.75
N GLY Z 198 -48.16 -63.20 -13.61
CA GLY Z 198 -47.89 -64.09 -14.72
C GLY Z 198 -46.77 -63.67 -15.64
N ALA Z 199 -46.15 -62.51 -15.40
CA ALA Z 199 -45.05 -62.02 -16.21
C ALA Z 199 -43.89 -61.65 -15.30
N PHE Z 200 -42.77 -61.27 -15.93
CA PHE Z 200 -41.58 -60.91 -15.18
C PHE Z 200 -41.85 -59.66 -14.34
N GLY Z 201 -41.31 -59.66 -13.12
CA GLY Z 201 -41.53 -58.55 -12.20
C GLY Z 201 -42.69 -58.72 -11.25
N ASP Z 202 -43.16 -59.95 -11.03
CA ASP Z 202 -44.28 -60.17 -10.12
C ASP Z 202 -43.93 -59.73 -8.71
N ILE Z 203 -42.74 -60.06 -8.23
CA ILE Z 203 -42.26 -59.69 -6.91
C ILE Z 203 -41.00 -58.87 -7.07
N GLN Z 204 -40.90 -57.77 -6.31
CA GLN Z 204 -39.80 -56.84 -6.46
C GLN Z 204 -39.29 -56.42 -5.09
N SER Z 205 -37.98 -56.17 -5.01
CA SER Z 205 -37.35 -55.72 -3.78
C SER Z 205 -36.05 -55.00 -4.14
N ARG Z 206 -35.73 -53.99 -3.33
CA ARG Z 206 -34.59 -53.13 -3.66
C ARG Z 206 -33.27 -53.90 -3.65
N THR Z 207 -33.08 -54.77 -2.65
CA THR Z 207 -31.87 -55.55 -2.55
C THR Z 207 -32.21 -56.94 -2.03
N VAL Z 208 -31.27 -57.87 -2.21
CA VAL Z 208 -31.49 -59.25 -1.76
C VAL Z 208 -31.70 -59.31 -0.26
N SER Z 209 -30.99 -58.47 0.49
CA SER Z 209 -31.10 -58.41 1.94
C SER Z 209 -32.14 -57.40 2.42
N SER Z 210 -32.88 -56.78 1.51
CA SER Z 210 -33.87 -55.79 1.89
C SER Z 210 -35.01 -56.44 2.66
N SER Z 211 -35.75 -55.60 3.38
CA SER Z 211 -36.89 -56.03 4.19
C SER Z 211 -38.24 -55.70 3.56
N ASP Z 212 -38.31 -54.66 2.72
CA ASP Z 212 -39.55 -54.24 2.10
C ASP Z 212 -39.61 -54.79 0.68
N LEU Z 213 -40.70 -55.49 0.36
CA LEU Z 213 -40.91 -56.06 -0.96
C LEU Z 213 -42.31 -55.73 -1.44
N TYR Z 214 -42.46 -55.56 -2.74
CA TYR Z 214 -43.75 -55.29 -3.38
C TYR Z 214 -44.17 -56.51 -4.17
N ALA Z 215 -45.44 -56.88 -4.03
CA ALA Z 215 -45.97 -58.09 -4.67
C ALA Z 215 -47.39 -57.85 -5.16
N ASN Z 216 -47.65 -58.29 -6.39
CA ASN Z 216 -48.99 -58.25 -6.99
C ASN Z 216 -49.15 -59.54 -7.80
N THR Z 217 -49.67 -60.58 -7.15
CA THR Z 217 -49.76 -61.92 -7.74
C THR Z 217 -51.19 -62.34 -8.05
N ASN Z 218 -52.17 -61.46 -7.85
CA ASN Z 218 -53.58 -61.79 -8.07
C ASN Z 218 -53.97 -63.01 -7.23
N LEU Z 219 -53.68 -62.95 -5.93
CA LEU Z 219 -54.04 -64.04 -5.03
C LEU Z 219 -55.52 -64.00 -4.71
N VAL Z 220 -56.15 -65.17 -4.70
CA VAL Z 220 -57.57 -65.30 -4.37
C VAL Z 220 -57.76 -66.50 -3.46
N LEU Z 221 -58.62 -66.35 -2.47
CA LEU Z 221 -58.94 -67.41 -1.51
C LEU Z 221 -60.27 -68.04 -1.87
N GLN Z 222 -60.31 -69.38 -1.86
CA GLN Z 222 -61.49 -70.12 -2.24
C GLN Z 222 -62.13 -70.76 -1.01
N ARG Z 223 -63.34 -71.28 -1.20
CA ARG Z 223 -64.05 -71.97 -0.14
C ARG Z 223 -63.44 -73.36 0.04
N PRO Z 224 -62.95 -73.73 1.22
CA PRO Z 224 -62.40 -75.07 1.39
C PRO Z 224 -63.49 -76.13 1.29
N LYS Z 225 -63.09 -77.31 0.83
CA LYS Z 225 -64.01 -78.43 0.71
C LYS Z 225 -64.59 -78.78 2.07
N ALA Z 226 -65.90 -79.02 2.10
CA ALA Z 226 -66.55 -79.35 3.36
C ALA Z 226 -66.04 -80.68 3.90
N GLY Z 227 -65.82 -80.72 5.21
CA GLY Z 227 -65.31 -81.92 5.85
C GLY Z 227 -63.82 -81.98 6.00
N ALA Z 228 -63.11 -80.88 5.76
CA ALA Z 228 -61.65 -80.87 5.89
C ALA Z 228 -61.22 -79.45 6.24
N ILE Z 229 -60.00 -79.34 6.76
CA ILE Z 229 -59.43 -78.08 7.21
C ILE Z 229 -58.25 -77.74 6.30
N HIS Z 230 -58.34 -76.61 5.61
CA HIS Z 230 -57.27 -76.13 4.74
C HIS Z 230 -57.71 -74.78 4.19
N VAL Z 231 -56.79 -74.12 3.49
CA VAL Z 231 -57.03 -72.80 2.91
C VAL Z 231 -56.70 -72.85 1.41
N PRO Z 232 -57.66 -73.13 0.54
CA PRO Z 232 -57.35 -73.17 -0.90
C PRO Z 232 -57.08 -71.77 -1.44
N TYR Z 233 -55.96 -71.65 -2.16
CA TYR Z 233 -55.50 -70.38 -2.71
C TYR Z 233 -55.21 -70.57 -4.18
N THR Z 234 -55.53 -69.55 -4.98
CA THR Z 234 -55.31 -69.58 -6.42
C THR Z 234 -54.63 -68.29 -6.85
N GLN Z 235 -53.55 -68.43 -7.61
CA GLN Z 235 -52.84 -67.29 -8.17
C GLN Z 235 -52.17 -67.74 -9.46
N ALA Z 236 -51.81 -66.78 -10.29
CA ALA Z 236 -51.12 -67.09 -11.52
C ALA Z 236 -49.75 -67.69 -11.20
N PRO Z 237 -49.23 -68.59 -12.03
CA PRO Z 237 -47.88 -69.11 -11.79
C PRO Z 237 -46.84 -68.01 -11.83
N SER Z 238 -45.68 -68.30 -11.26
CA SER Z 238 -44.60 -67.34 -11.24
C SER Z 238 -44.20 -66.96 -12.66
N GLY Z 239 -44.02 -65.66 -12.90
CA GLY Z 239 -43.55 -65.21 -14.20
C GLY Z 239 -42.07 -65.45 -14.43
N PHE Z 240 -41.29 -65.62 -13.36
CA PHE Z 240 -39.86 -65.83 -13.51
C PHE Z 240 -39.57 -67.14 -14.23
N GLU Z 241 -40.27 -68.22 -13.86
CA GLU Z 241 -40.06 -69.50 -14.53
C GLU Z 241 -40.55 -69.46 -15.98
N GLN Z 242 -41.66 -68.75 -16.23
CA GLN Z 242 -42.15 -68.62 -17.60
C GLN Z 242 -41.14 -67.88 -18.47
N TRP Z 243 -40.56 -66.81 -17.94
CA TRP Z 243 -39.47 -66.13 -18.64
C TRP Z 243 -38.28 -67.07 -18.84
N LYS Z 244 -38.01 -67.90 -17.83
CA LYS Z 244 -36.92 -68.87 -17.94
C LYS Z 244 -37.14 -69.80 -19.12
N LYS Z 245 -38.37 -70.29 -19.30
CA LYS Z 245 -38.63 -71.22 -20.39
C LYS Z 245 -38.67 -70.51 -21.74
N ASP Z 246 -39.20 -69.28 -21.78
CA ASP Z 246 -39.28 -68.49 -23.02
C ASP Z 246 -38.05 -67.60 -23.21
N LYS Z 247 -36.93 -67.96 -22.58
CA LYS Z 247 -35.69 -67.21 -22.74
C LYS Z 247 -35.30 -67.15 -24.22
N ALA Z 248 -34.83 -65.99 -24.65
CA ALA Z 248 -34.25 -65.81 -25.97
C ALA Z 248 -32.76 -66.13 -25.93
N PRO Z 249 -32.11 -66.29 -27.09
CA PRO Z 249 -30.66 -66.51 -27.08
C PRO Z 249 -29.91 -65.31 -26.51
N SER Z 250 -28.75 -65.58 -25.93
CA SER Z 250 -28.04 -64.58 -25.15
C SER Z 250 -27.31 -63.57 -26.03
N LEU Z 251 -26.93 -62.45 -25.42
CA LEU Z 251 -26.21 -61.40 -26.14
C LEU Z 251 -24.81 -61.87 -26.54
N LYS Z 252 -24.16 -62.67 -25.70
CA LYS Z 252 -22.84 -63.19 -26.06
C LYS Z 252 -22.90 -64.09 -27.29
N PHE Z 253 -24.08 -64.56 -27.68
CA PHE Z 253 -24.26 -65.39 -28.87
C PHE Z 253 -24.89 -64.64 -30.04
N THR Z 254 -25.67 -63.60 -29.79
CA THR Z 254 -26.43 -62.93 -30.85
C THR Z 254 -26.05 -61.47 -31.10
N ALA Z 255 -25.25 -60.86 -30.24
CA ALA Z 255 -24.97 -59.44 -30.39
C ALA Z 255 -24.13 -59.18 -31.63
N PRO Z 256 -24.31 -58.05 -32.29
CA PRO Z 256 -23.51 -57.76 -33.49
C PRO Z 256 -22.06 -57.50 -33.14
N PHE Z 257 -21.20 -57.72 -34.13
CA PHE Z 257 -19.74 -57.61 -34.03
C PHE Z 257 -19.12 -58.70 -33.15
N GLY Z 258 -19.91 -59.66 -32.68
CA GLY Z 258 -19.35 -60.76 -31.90
C GLY Z 258 -18.67 -60.34 -30.62
N CYS Z 259 -19.27 -59.42 -29.88
CA CYS Z 259 -18.68 -58.92 -28.64
C CYS Z 259 -18.93 -59.96 -27.55
N GLU Z 260 -17.90 -60.74 -27.23
CA GLU Z 260 -18.01 -61.70 -26.14
C GLU Z 260 -18.17 -60.95 -24.82
N ILE Z 261 -19.01 -61.50 -23.94
CA ILE Z 261 -19.46 -60.82 -22.74
C ILE Z 261 -19.09 -61.66 -21.52
N TYR Z 262 -18.70 -60.99 -20.44
CA TYR Z 262 -18.49 -61.62 -19.15
C TYR Z 262 -19.35 -60.90 -18.12
N THR Z 263 -19.44 -61.51 -16.92
CA THR Z 263 -20.47 -61.14 -15.95
C THR Z 263 -19.92 -60.34 -14.77
N ASN Z 264 -18.85 -60.80 -14.13
CA ASN Z 264 -18.47 -60.31 -12.80
C ASN Z 264 -18.26 -58.79 -12.81
N PRO Z 265 -17.30 -58.23 -13.55
CA PRO Z 265 -17.52 -56.87 -14.07
C PRO Z 265 -18.31 -56.92 -15.36
N ILE Z 266 -19.44 -56.21 -15.39
CA ILE Z 266 -20.29 -56.17 -16.58
C ILE Z 266 -19.49 -55.51 -17.70
N ARG Z 267 -19.18 -56.26 -18.76
CA ARG Z 267 -18.32 -55.70 -19.79
C ARG Z 267 -18.43 -56.50 -21.08
N ALA Z 268 -18.22 -55.80 -22.20
CA ALA Z 268 -18.09 -56.39 -23.52
C ALA Z 268 -16.68 -56.16 -24.03
N GLU Z 269 -16.12 -57.15 -24.72
CA GLU Z 269 -14.71 -57.12 -25.07
C GLU Z 269 -14.47 -57.69 -26.47
N ASN Z 270 -13.22 -57.51 -26.92
CA ASN Z 270 -12.62 -58.10 -28.11
C ASN Z 270 -13.60 -58.26 -29.28
N CYS Z 271 -14.18 -57.12 -29.68
CA CYS Z 271 -14.91 -57.01 -30.93
C CYS Z 271 -14.52 -55.72 -31.63
N ALA Z 272 -14.18 -55.84 -32.90
CA ALA Z 272 -13.56 -54.75 -33.64
C ALA Z 272 -14.60 -53.83 -34.24
N VAL Z 273 -14.47 -52.53 -33.96
CA VAL Z 273 -15.31 -51.52 -34.59
C VAL Z 273 -14.59 -50.18 -34.51
N GLY Z 274 -14.51 -49.48 -35.64
CA GLY Z 274 -13.91 -48.16 -35.65
C GLY Z 274 -12.41 -48.17 -35.41
N SER Z 275 -11.90 -47.01 -35.03
CA SER Z 275 -10.48 -46.80 -34.83
C SER Z 275 -10.25 -45.92 -33.61
N ILE Z 276 -9.10 -46.11 -32.98
CA ILE Z 276 -8.67 -45.33 -31.82
C ILE Z 276 -7.44 -44.52 -32.22
N PRO Z 277 -7.41 -43.21 -32.01
CA PRO Z 277 -6.19 -42.45 -32.27
C PRO Z 277 -5.26 -42.41 -31.06
N LEU Z 278 -3.96 -42.38 -31.36
CA LEU Z 278 -2.91 -42.31 -30.36
C LEU Z 278 -1.98 -41.15 -30.69
N ALA Z 279 -1.46 -40.53 -29.64
CA ALA Z 279 -0.48 -39.46 -29.76
C ALA Z 279 0.74 -39.81 -28.93
N PHE Z 280 1.91 -39.81 -29.58
CA PHE Z 280 3.20 -40.03 -28.94
C PHE Z 280 3.82 -38.68 -28.64
N ASP Z 281 4.40 -38.55 -27.43
CA ASP Z 281 5.33 -37.48 -27.10
C ASP Z 281 6.60 -38.18 -26.62
N ILE Z 282 7.60 -38.23 -27.49
CA ILE Z 282 8.83 -38.98 -27.27
C ILE Z 282 9.90 -38.02 -26.80
N PRO Z 283 10.68 -38.35 -25.77
CA PRO Z 283 11.82 -37.48 -25.42
C PRO Z 283 12.99 -37.69 -26.36
N ASP Z 284 13.87 -36.69 -26.42
CA ASP Z 284 14.97 -36.71 -27.38
C ASP Z 284 16.06 -37.71 -27.00
N ALA Z 285 16.06 -38.20 -25.76
CA ALA Z 285 17.15 -39.06 -25.30
C ALA Z 285 17.19 -40.41 -26.01
N LEU Z 286 16.06 -40.87 -26.54
CA LEU Z 286 15.97 -42.19 -27.16
C LEU Z 286 16.31 -42.19 -28.64
N PHE Z 287 16.65 -41.05 -29.21
CA PHE Z 287 16.98 -40.94 -30.63
C PHE Z 287 18.48 -41.11 -30.85
N THR Z 288 18.85 -41.38 -32.10
CA THR Z 288 20.23 -41.63 -32.49
C THR Z 288 20.57 -40.85 -33.74
N ARG Z 289 21.86 -40.57 -33.91
CA ARG Z 289 22.33 -39.87 -35.09
C ARG Z 289 22.25 -40.77 -36.32
N VAL Z 290 22.07 -40.14 -37.48
CA VAL Z 290 22.16 -40.88 -38.74
C VAL Z 290 23.60 -41.36 -38.97
N SER Z 291 24.58 -40.69 -38.35
CA SER Z 291 25.98 -41.03 -38.60
C SER Z 291 26.30 -42.42 -38.07
N GLU Z 292 25.95 -42.71 -36.82
CA GLU Z 292 26.31 -43.98 -36.21
C GLU Z 292 25.52 -45.15 -36.78
N THR Z 293 24.35 -44.89 -37.41
CA THR Z 293 23.58 -45.97 -38.01
C THR Z 293 24.03 -46.22 -39.45
N PRO Z 294 23.86 -47.44 -39.98
CA PRO Z 294 24.25 -47.68 -41.39
C PRO Z 294 23.46 -46.81 -42.36
N THR Z 295 24.14 -46.38 -43.42
CA THR Z 295 23.54 -45.66 -44.53
C THR Z 295 23.84 -46.43 -45.82
N LEU Z 296 22.85 -46.53 -46.69
CA LEU Z 296 22.91 -47.40 -47.86
C LEU Z 296 22.57 -46.61 -49.13
N SER Z 297 22.90 -47.23 -50.26
CA SER Z 297 22.61 -46.67 -51.57
C SER Z 297 22.47 -47.81 -52.57
N ALA Z 298 21.83 -47.52 -53.69
CA ALA Z 298 21.62 -48.49 -54.76
C ALA Z 298 20.87 -49.71 -54.25
N ALA Z 299 19.64 -49.46 -53.78
CA ALA Z 299 18.76 -50.49 -53.25
C ALA Z 299 17.62 -50.74 -54.24
N GLU Z 300 17.34 -52.01 -54.51
CA GLU Z 300 16.28 -52.39 -55.44
C GLU Z 300 15.46 -53.53 -54.86
N CYS Z 301 14.14 -53.43 -55.01
CA CYS Z 301 13.18 -54.40 -54.50
C CYS Z 301 12.68 -55.29 -55.63
N THR Z 302 12.51 -56.59 -55.33
CA THR Z 302 11.94 -57.54 -56.27
C THR Z 302 11.06 -58.50 -55.49
N LEU Z 303 10.11 -59.12 -56.18
CA LEU Z 303 9.16 -60.05 -55.59
C LEU Z 303 9.49 -61.47 -56.04
N ASN Z 304 9.68 -62.38 -55.10
CA ASN Z 304 9.94 -63.79 -55.41
C ASN Z 304 8.63 -64.57 -55.40
N GLU Z 305 7.92 -64.56 -54.28
CA GLU Z 305 6.61 -65.17 -54.15
C GLU Z 305 5.59 -64.07 -53.88
N CYS Z 306 4.44 -64.15 -54.56
CA CYS Z 306 3.42 -63.11 -54.49
C CYS Z 306 2.08 -63.80 -54.58
N VAL Z 307 1.33 -63.77 -53.48
CA VAL Z 307 -0.02 -64.33 -53.42
C VAL Z 307 -0.83 -63.44 -52.47
N TYR Z 308 -1.95 -62.92 -52.94
CA TYR Z 308 -2.78 -62.05 -52.10
C TYR Z 308 -3.61 -62.90 -51.15
N SER Z 309 -3.05 -63.18 -49.98
CA SER Z 309 -3.68 -64.01 -48.96
C SER Z 309 -3.91 -63.21 -47.69
N SER Z 310 -4.83 -63.70 -46.85
CA SER Z 310 -5.14 -63.00 -45.61
C SER Z 310 -3.91 -62.90 -44.71
N ASP Z 311 -3.17 -64.01 -44.56
CA ASP Z 311 -1.91 -63.98 -43.85
C ASP Z 311 -0.86 -63.32 -44.75
N PHE Z 312 0.38 -63.24 -44.27
CA PHE Z 312 1.46 -62.72 -45.09
C PHE Z 312 1.64 -63.64 -46.29
N GLY Z 313 1.53 -63.08 -47.50
CA GLY Z 313 1.52 -63.87 -48.71
C GLY Z 313 2.40 -63.30 -49.81
N GLY Z 314 3.36 -62.44 -49.44
CA GLY Z 314 4.30 -61.91 -50.41
C GLY Z 314 5.70 -61.91 -49.86
N ILE Z 315 6.61 -62.58 -50.56
CA ILE Z 315 8.02 -62.66 -50.19
C ILE Z 315 8.81 -61.82 -51.17
N ALA Z 316 9.63 -60.90 -50.66
CA ALA Z 316 10.39 -59.98 -51.48
C ALA Z 316 11.86 -60.06 -51.10
N THR Z 317 12.71 -59.85 -52.11
CA THR Z 317 14.15 -59.75 -51.92
C THR Z 317 14.59 -58.35 -52.30
N VAL Z 318 15.28 -57.69 -51.38
CA VAL Z 318 15.81 -56.34 -51.59
C VAL Z 318 17.32 -56.46 -51.66
N LYS Z 319 17.88 -56.12 -52.81
CA LYS Z 319 19.33 -56.11 -53.01
C LYS Z 319 19.83 -54.71 -52.70
N TYR Z 320 20.78 -54.62 -51.77
CA TYR Z 320 21.22 -53.36 -51.19
C TYR Z 320 22.73 -53.25 -51.28
N SER Z 321 23.24 -52.09 -50.91
CA SER Z 321 24.69 -51.86 -50.77
C SER Z 321 24.87 -50.85 -49.63
N ALA Z 322 25.09 -51.38 -48.43
CA ALA Z 322 25.16 -50.56 -47.22
C ALA Z 322 26.60 -50.15 -46.91
N SER Z 323 26.73 -49.17 -46.02
CA SER Z 323 28.02 -48.67 -45.59
C SER Z 323 28.49 -49.27 -44.27
N LYS Z 324 27.57 -49.72 -43.41
CA LYS Z 324 27.90 -50.35 -42.14
C LYS Z 324 26.92 -51.49 -41.90
N SER Z 325 27.19 -52.26 -40.84
CA SER Z 325 26.35 -53.38 -40.44
C SER Z 325 25.57 -53.00 -39.19
N GLY Z 326 24.27 -53.23 -39.22
CA GLY Z 326 23.42 -52.89 -38.09
C GLY Z 326 21.97 -53.15 -38.40
N LYS Z 327 21.11 -52.62 -37.53
CA LYS Z 327 19.67 -52.79 -37.63
C LYS Z 327 19.00 -51.46 -37.94
N CYS Z 328 18.03 -51.48 -38.85
CA CYS Z 328 17.16 -50.34 -39.09
C CYS Z 328 15.75 -50.86 -39.31
N ALA Z 329 14.83 -49.93 -39.53
CA ALA Z 329 13.42 -50.24 -39.70
C ALA Z 329 13.00 -50.06 -41.16
N VAL Z 330 11.99 -50.83 -41.56
CA VAL Z 330 11.44 -50.79 -42.91
C VAL Z 330 9.94 -50.61 -42.79
N HIS Z 331 9.36 -49.79 -43.68
CA HIS Z 331 7.99 -49.36 -43.53
C HIS Z 331 7.43 -48.93 -44.88
N VAL Z 332 6.13 -49.09 -45.05
CA VAL Z 332 5.43 -48.71 -46.28
C VAL Z 332 4.52 -47.52 -45.99
N PRO Z 333 4.81 -46.31 -46.48
CA PRO Z 333 3.91 -45.18 -46.20
C PRO Z 333 2.49 -45.39 -46.69
N SER Z 334 2.30 -46.13 -47.79
CA SER Z 334 0.97 -46.38 -48.32
C SER Z 334 0.30 -47.54 -47.58
N GLY Z 335 -0.93 -47.83 -47.96
CA GLY Z 335 -1.67 -48.96 -47.47
C GLY Z 335 -1.67 -50.17 -48.40
N THR Z 336 -0.80 -50.16 -49.42
CA THR Z 336 -0.80 -51.25 -50.40
C THR Z 336 -0.39 -52.56 -49.76
N ALA Z 337 0.65 -52.55 -48.91
CA ALA Z 337 1.18 -53.76 -48.31
C ALA Z 337 1.53 -53.50 -46.85
N THR Z 338 1.47 -54.57 -46.05
CA THR Z 338 1.81 -54.51 -44.64
C THR Z 338 2.94 -55.49 -44.36
N LEU Z 339 4.04 -54.98 -43.81
CA LEU Z 339 5.20 -55.82 -43.53
C LEU Z 339 5.00 -56.64 -42.26
N LYS Z 340 5.83 -57.67 -42.11
CA LYS Z 340 5.80 -58.53 -40.93
C LYS Z 340 7.00 -58.38 -40.01
N GLU Z 341 8.19 -58.11 -40.56
CA GLU Z 341 9.40 -58.16 -39.75
C GLU Z 341 9.40 -57.08 -38.68
N ALA Z 342 9.17 -55.83 -39.06
CA ALA Z 342 9.27 -54.64 -38.23
C ALA Z 342 10.71 -54.28 -37.87
N ALA Z 343 11.70 -55.08 -38.28
CA ALA Z 343 13.09 -54.80 -37.99
C ALA Z 343 13.97 -55.71 -38.86
N VAL Z 344 14.96 -55.14 -39.55
CA VAL Z 344 15.82 -55.87 -40.47
C VAL Z 344 17.26 -55.55 -40.13
N GLU Z 345 18.09 -56.59 -40.05
CA GLU Z 345 19.53 -56.44 -39.85
C GLU Z 345 20.22 -56.57 -41.20
N LEU Z 346 21.10 -55.61 -41.50
CA LEU Z 346 21.78 -55.54 -42.78
C LEU Z 346 23.29 -55.60 -42.57
N THR Z 347 23.97 -56.26 -43.50
CA THR Z 347 25.42 -56.36 -43.52
C THR Z 347 25.99 -55.27 -44.42
N GLU Z 348 27.30 -55.32 -44.66
CA GLU Z 348 27.92 -54.35 -45.55
C GLU Z 348 27.40 -54.49 -46.98
N GLN Z 349 27.05 -55.70 -47.39
CA GLN Z 349 26.49 -55.93 -48.72
C GLN Z 349 25.71 -57.23 -48.69
N GLY Z 350 24.87 -57.42 -49.71
CA GLY Z 350 24.05 -58.62 -49.83
C GLY Z 350 22.61 -58.30 -50.14
N SER Z 351 21.70 -59.20 -49.76
CA SER Z 351 20.28 -59.02 -49.99
C SER Z 351 19.51 -59.43 -48.74
N ALA Z 352 18.31 -58.87 -48.60
CA ALA Z 352 17.45 -59.10 -47.45
C ALA Z 352 16.10 -59.63 -47.91
N THR Z 353 15.57 -60.61 -47.16
CA THR Z 353 14.29 -61.23 -47.46
C THR Z 353 13.24 -60.67 -46.51
N ILE Z 354 12.10 -60.27 -47.06
CA ILE Z 354 11.04 -59.59 -46.31
C ILE Z 354 9.70 -60.27 -46.62
N HIS Z 355 8.84 -60.33 -45.61
CA HIS Z 355 7.51 -60.91 -45.71
C HIS Z 355 6.46 -59.83 -45.53
N PHE Z 356 5.42 -59.86 -46.36
CA PHE Z 356 4.37 -58.86 -46.30
C PHE Z 356 3.05 -59.46 -46.74
N SER Z 357 1.99 -58.69 -46.53
CA SER Z 357 0.63 -59.05 -46.91
C SER Z 357 0.06 -57.96 -47.81
N THR Z 358 -0.57 -58.38 -48.91
CA THR Z 358 -1.19 -57.47 -49.86
C THR Z 358 -2.47 -58.11 -50.40
N ALA Z 359 -3.37 -57.27 -50.91
CA ALA Z 359 -4.67 -57.71 -51.41
C ALA Z 359 -4.85 -57.47 -52.91
N ASN Z 360 -4.17 -56.50 -53.49
CA ASN Z 360 -4.39 -56.14 -54.89
C ASN Z 360 -3.73 -57.14 -55.82
N ILE Z 361 -4.28 -57.25 -57.04
CA ILE Z 361 -3.85 -58.28 -57.99
C ILE Z 361 -2.45 -57.98 -58.53
N HIS Z 362 -2.16 -56.70 -58.80
CA HIS Z 362 -0.93 -56.27 -59.44
C HIS Z 362 -0.22 -55.28 -58.51
N PRO Z 363 0.55 -55.77 -57.54
CA PRO Z 363 1.18 -54.85 -56.58
C PRO Z 363 2.10 -53.84 -57.26
N GLU Z 364 2.08 -52.62 -56.71
CA GLU Z 364 2.92 -51.53 -57.21
C GLU Z 364 3.08 -50.58 -56.03
N PHE Z 365 4.24 -50.63 -55.36
CA PHE Z 365 4.35 -49.90 -54.11
C PHE Z 365 5.81 -49.59 -53.78
N ARG Z 366 5.96 -48.67 -52.83
CA ARG Z 366 7.23 -48.05 -52.48
C ARG Z 366 7.60 -48.44 -51.06
N LEU Z 367 8.76 -49.08 -50.92
CA LEU Z 367 9.34 -49.40 -49.61
C LEU Z 367 10.20 -48.24 -49.13
N GLN Z 368 10.14 -47.98 -47.83
CA GLN Z 368 11.06 -47.06 -47.16
C GLN Z 368 12.09 -47.91 -46.41
N ILE Z 369 13.35 -47.78 -46.81
CA ILE Z 369 14.45 -48.53 -46.19
C ILE Z 369 15.27 -47.52 -45.41
N CYS Z 370 16.29 -47.99 -44.69
CA CYS Z 370 16.90 -47.33 -43.53
C CYS Z 370 16.91 -45.81 -43.62
N THR Z 371 17.35 -45.26 -44.76
CA THR Z 371 17.33 -43.82 -44.96
C THR Z 371 16.96 -43.44 -46.40
N SER Z 372 16.38 -44.35 -47.18
CA SER Z 372 16.08 -44.09 -48.58
C SER Z 372 14.75 -44.74 -48.94
N TYR Z 373 14.40 -44.67 -50.23
CA TYR Z 373 13.15 -45.21 -50.75
C TYR Z 373 13.43 -46.00 -52.01
N VAL Z 374 12.73 -47.14 -52.16
CA VAL Z 374 12.79 -47.94 -53.37
C VAL Z 374 11.37 -48.25 -53.79
N THR Z 375 11.20 -48.65 -55.05
CA THR Z 375 9.88 -48.94 -55.59
C THR Z 375 9.93 -50.27 -56.33
N CYS Z 376 8.84 -51.04 -56.24
CA CYS Z 376 8.78 -52.32 -56.95
C CYS Z 376 7.34 -52.72 -57.19
N LYS Z 377 7.18 -53.56 -58.22
CA LYS Z 377 5.89 -54.02 -58.72
C LYS Z 377 5.86 -55.54 -58.73
N GLY Z 378 4.71 -56.09 -59.09
CA GLY Z 378 4.58 -57.53 -59.15
C GLY Z 378 3.19 -57.95 -59.58
N ASP Z 379 2.93 -59.25 -59.46
CA ASP Z 379 1.63 -59.82 -59.81
C ASP Z 379 1.35 -61.03 -58.91
N CYS Z 380 0.35 -60.91 -58.04
CA CYS Z 380 0.05 -61.95 -57.07
C CYS Z 380 -1.01 -62.90 -57.60
N HIS Z 381 -0.80 -64.22 -57.33
CA HIS Z 381 -1.69 -65.27 -57.77
C HIS Z 381 -2.74 -65.57 -56.70
N PRO Z 382 -3.92 -66.11 -57.06
CA PRO Z 382 -4.89 -66.44 -56.03
C PRO Z 382 -4.40 -67.58 -55.17
N PRO Z 383 -4.80 -67.64 -53.89
CA PRO Z 383 -4.52 -68.82 -53.08
C PRO Z 383 -5.49 -69.94 -53.38
N LYS Z 384 -5.17 -71.13 -52.86
CA LYS Z 384 -5.99 -72.31 -53.05
C LYS Z 384 -6.98 -72.54 -51.92
N ASP Z 385 -6.56 -72.32 -50.67
CA ASP Z 385 -7.46 -72.50 -49.54
C ASP Z 385 -8.60 -71.48 -49.61
N HIS Z 386 -9.83 -71.95 -49.39
CA HIS Z 386 -11.00 -71.10 -49.48
C HIS Z 386 -11.39 -70.48 -48.14
N ILE Z 387 -11.07 -71.13 -47.02
CA ILE Z 387 -11.36 -70.62 -45.69
C ILE Z 387 -10.09 -70.71 -44.84
N VAL Z 388 -9.88 -69.71 -43.99
CA VAL Z 388 -8.75 -69.67 -43.07
C VAL Z 388 -9.27 -69.26 -41.70
N THR Z 389 -8.45 -69.50 -40.67
CA THR Z 389 -8.80 -69.24 -39.29
C THR Z 389 -8.06 -68.04 -38.71
N HIS Z 390 -7.57 -67.13 -39.56
CA HIS Z 390 -6.82 -65.97 -39.13
C HIS Z 390 -7.36 -64.72 -39.80
N PRO Z 391 -7.15 -63.53 -39.19
CA PRO Z 391 -7.74 -62.31 -39.76
C PRO Z 391 -6.95 -61.75 -40.93
N GLN Z 392 -7.46 -60.66 -41.51
CA GLN Z 392 -6.78 -59.98 -42.60
C GLN Z 392 -5.72 -59.04 -42.03
N TYR Z 393 -4.48 -59.22 -42.47
CA TYR Z 393 -3.36 -58.43 -41.98
C TYR Z 393 -3.13 -57.16 -42.80
N HIS Z 394 -4.12 -56.73 -43.57
CA HIS Z 394 -3.97 -55.56 -44.43
C HIS Z 394 -5.35 -54.91 -44.58
N ALA Z 395 -5.44 -53.91 -45.45
CA ALA Z 395 -6.68 -53.21 -45.74
C ALA Z 395 -6.97 -53.27 -47.23
N GLN Z 396 -8.22 -53.55 -47.57
CA GLN Z 396 -8.63 -53.61 -48.97
C GLN Z 396 -8.67 -52.21 -49.58
N THR Z 397 -8.49 -52.15 -50.90
CA THR Z 397 -8.51 -50.89 -51.64
C THR Z 397 -9.39 -51.05 -52.87
N PHE Z 398 -10.17 -50.01 -53.16
CA PHE Z 398 -11.06 -50.02 -54.31
C PHE Z 398 -10.27 -50.04 -55.61
N SER AA 1 -26.00 -132.34 -23.69
CA SER AA 1 -25.34 -131.50 -24.73
C SER AA 1 -24.96 -130.13 -24.17
N THR AA 2 -25.81 -129.60 -23.29
CA THR AA 2 -25.61 -128.24 -22.78
C THR AA 2 -24.33 -128.12 -21.96
N GLU AA 3 -23.87 -129.22 -21.35
CA GLU AA 3 -22.64 -129.14 -20.56
C GLU AA 3 -21.43 -128.85 -21.44
N GLU AA 4 -21.39 -129.43 -22.64
CA GLU AA 4 -20.30 -129.14 -23.56
C GLU AA 4 -20.31 -127.67 -23.96
N LEU AA 5 -21.49 -127.09 -24.12
CA LEU AA 5 -21.62 -125.69 -24.47
C LEU AA 5 -21.31 -124.77 -23.30
N PHE AA 6 -21.50 -125.25 -22.06
CA PHE AA 6 -21.31 -124.44 -20.87
C PHE AA 6 -19.90 -124.48 -20.30
N ASN AA 7 -19.18 -125.59 -20.48
CA ASN AA 7 -17.93 -125.81 -19.75
C ASN AA 7 -16.85 -124.79 -20.08
N GLU AA 8 -16.99 -124.02 -21.17
CA GLU AA 8 -15.94 -123.07 -21.52
C GLU AA 8 -15.91 -121.88 -20.58
N TYR AA 9 -17.07 -121.46 -20.06
CA TYR AA 9 -17.12 -120.30 -19.17
C TYR AA 9 -16.52 -120.57 -17.79
N LYS AA 10 -16.19 -121.83 -17.48
CA LYS AA 10 -15.49 -122.11 -16.23
C LYS AA 10 -14.10 -121.49 -16.20
N LEU AA 11 -13.56 -121.09 -17.35
CA LEU AA 11 -12.21 -120.53 -17.45
C LEU AA 11 -12.15 -119.04 -17.13
N THR AA 12 -13.18 -118.47 -16.51
CA THR AA 12 -13.25 -117.04 -16.24
C THR AA 12 -13.82 -116.80 -14.85
N ARG AA 13 -13.60 -115.58 -14.36
CA ARG AA 13 -14.12 -115.13 -13.07
C ARG AA 13 -14.74 -113.76 -13.25
N PRO AA 14 -15.63 -113.35 -12.34
CA PRO AA 14 -16.21 -112.00 -12.42
C PRO AA 14 -15.22 -110.95 -11.93
N TYR AA 15 -15.66 -109.70 -11.96
CA TYR AA 15 -14.84 -108.57 -11.53
C TYR AA 15 -15.77 -107.47 -11.02
N MET AA 16 -15.23 -106.29 -10.79
CA MET AA 16 -15.98 -105.11 -10.38
C MET AA 16 -15.56 -103.93 -11.23
N ALA AA 17 -16.46 -102.98 -11.40
CA ALA AA 17 -16.22 -101.86 -12.31
C ALA AA 17 -16.93 -100.62 -11.75
N ARG AA 18 -17.07 -99.60 -12.59
CA ARG AA 18 -17.60 -98.30 -12.20
C ARG AA 18 -19.01 -98.14 -12.73
N CYS AA 19 -19.92 -97.69 -11.87
CA CYS AA 19 -21.26 -97.31 -12.26
C CYS AA 19 -21.48 -95.83 -11.98
N ILE AA 20 -21.84 -95.07 -13.03
CA ILE AA 20 -22.08 -93.65 -12.88
C ILE AA 20 -23.29 -93.39 -11.98
N ARG AA 21 -24.30 -94.25 -12.03
CA ARG AA 21 -25.52 -94.11 -11.23
C ARG AA 21 -25.77 -95.46 -10.54
N CYS AA 22 -25.16 -95.65 -9.39
CA CYS AA 22 -25.40 -96.82 -8.55
C CYS AA 22 -26.44 -96.45 -7.49
N ALA AA 23 -26.60 -97.32 -6.49
CA ALA AA 23 -27.68 -97.18 -5.51
C ALA AA 23 -27.63 -95.82 -4.81
N VAL AA 24 -26.44 -95.25 -4.63
CA VAL AA 24 -26.28 -93.94 -4.00
C VAL AA 24 -25.95 -92.86 -5.04
N GLY AA 25 -24.83 -93.01 -5.74
CA GLY AA 25 -24.40 -92.05 -6.73
C GLY AA 25 -23.51 -92.68 -7.78
N SER AA 26 -22.41 -92.02 -8.12
CA SER AA 26 -21.37 -92.63 -8.94
C SER AA 26 -20.40 -93.36 -8.02
N CYS AA 27 -20.22 -94.65 -8.23
CA CYS AA 27 -19.45 -95.48 -7.30
C CYS AA 27 -18.94 -96.71 -8.05
N HIS AA 28 -18.43 -97.68 -7.29
CA HIS AA 28 -17.97 -98.96 -7.81
C HIS AA 28 -19.02 -100.02 -7.50
N SER AA 29 -19.27 -100.88 -8.48
CA SER AA 29 -20.31 -101.89 -8.40
C SER AA 29 -19.83 -103.21 -9.00
N PRO AA 30 -20.39 -104.34 -8.56
CA PRO AA 30 -20.08 -105.63 -9.18
C PRO AA 30 -21.02 -106.04 -10.31
N ILE AA 31 -22.05 -105.24 -10.60
CA ILE AA 31 -23.07 -105.59 -11.59
C ILE AA 31 -23.09 -104.53 -12.68
N ALA AA 32 -21.93 -103.94 -12.97
CA ALA AA 32 -21.87 -102.87 -13.96
C ALA AA 32 -22.21 -103.37 -15.34
N ILE AA 33 -22.92 -102.54 -16.11
CA ILE AA 33 -23.35 -102.84 -17.46
C ILE AA 33 -22.37 -102.22 -18.44
N GLU AA 34 -22.12 -102.92 -19.55
CA GLU AA 34 -21.26 -102.41 -20.60
C GLU AA 34 -21.99 -102.35 -21.94
N ALA AA 35 -22.74 -103.38 -22.30
CA ALA AA 35 -23.33 -103.49 -23.63
C ALA AA 35 -24.83 -103.70 -23.54
N VAL AA 36 -25.58 -102.90 -24.32
CA VAL AA 36 -27.01 -103.08 -24.53
C VAL AA 36 -27.24 -103.21 -26.02
N LYS AA 37 -27.95 -104.26 -26.43
CA LYS AA 37 -28.29 -104.47 -27.83
C LYS AA 37 -29.79 -104.64 -27.96
N SER AA 38 -30.41 -103.81 -28.80
CA SER AA 38 -31.85 -103.84 -29.06
C SER AA 38 -32.03 -103.77 -30.58
N ASP AA 39 -32.05 -104.93 -31.23
CA ASP AA 39 -32.16 -105.01 -32.68
C ASP AA 39 -33.18 -106.03 -33.18
N GLY AA 40 -33.82 -106.79 -32.29
CA GLY AA 40 -34.80 -107.78 -32.72
C GLY AA 40 -36.11 -107.17 -33.13
N HIS AA 41 -37.19 -107.97 -33.05
CA HIS AA 41 -38.52 -107.54 -33.45
C HIS AA 41 -39.50 -107.55 -32.28
N ASP AA 42 -39.54 -108.62 -31.51
CA ASP AA 42 -40.50 -108.77 -30.43
C ASP AA 42 -40.07 -108.08 -29.13
N GLY AA 43 -39.03 -107.26 -29.17
CA GLY AA 43 -38.58 -106.51 -28.00
C GLY AA 43 -37.51 -107.20 -27.19
N TYR AA 44 -37.13 -108.43 -27.52
CA TYR AA 44 -36.05 -109.10 -26.81
C TYR AA 44 -34.77 -108.32 -26.95
N VAL AA 45 -34.07 -108.11 -25.82
CA VAL AA 45 -32.86 -107.30 -25.77
C VAL AA 45 -31.75 -108.14 -25.15
N ARG AA 46 -30.51 -107.82 -25.52
CA ARG AA 46 -29.34 -108.53 -25.02
C ARG AA 46 -28.51 -107.59 -24.15
N LEU AA 47 -28.20 -108.05 -22.94
CA LEU AA 47 -27.40 -107.30 -21.98
C LEU AA 47 -26.08 -108.02 -21.77
N GLN AA 48 -24.98 -107.25 -21.77
CA GLN AA 48 -23.66 -107.78 -21.42
C GLN AA 48 -23.11 -106.92 -20.29
N THR AA 49 -22.90 -107.55 -19.13
CA THR AA 49 -22.55 -106.84 -17.90
C THR AA 49 -21.34 -107.51 -17.25
N SER AA 50 -21.03 -107.10 -16.01
CA SER AA 50 -19.85 -107.58 -15.29
C SER AA 50 -20.20 -108.68 -14.28
N SER AA 51 -21.15 -109.54 -14.61
CA SER AA 51 -21.57 -110.62 -13.74
C SER AA 51 -21.67 -111.91 -14.54
N GLN AA 52 -21.67 -113.03 -13.82
CA GLN AA 52 -21.72 -114.36 -14.41
C GLN AA 52 -22.97 -115.08 -13.93
N TYR AA 53 -23.57 -115.86 -14.83
CA TYR AA 53 -24.87 -116.47 -14.60
C TYR AA 53 -24.83 -117.94 -15.02
N GLY AA 54 -25.47 -118.79 -14.24
CA GLY AA 54 -25.60 -120.20 -14.55
C GLY AA 54 -24.51 -121.09 -14.01
N LEU AA 55 -23.53 -120.55 -13.29
CA LEU AA 55 -22.44 -121.34 -12.73
C LEU AA 55 -22.49 -121.35 -11.20
N LEU AA 61 -21.90 -126.18 -12.09
CA LEU AA 61 -23.18 -125.99 -12.77
C LEU AA 61 -24.30 -125.80 -11.76
N LYS AA 62 -25.28 -124.97 -12.11
CA LYS AA 62 -26.45 -124.77 -11.27
C LYS AA 62 -27.61 -124.36 -12.17
N GLY AA 63 -28.82 -124.56 -11.65
CA GLY AA 63 -30.03 -124.31 -12.43
C GLY AA 63 -30.22 -122.86 -12.78
N ARG AA 64 -30.52 -122.02 -11.78
CA ARG AA 64 -30.75 -120.58 -11.98
C ARG AA 64 -30.06 -119.86 -10.83
N THR AA 65 -28.82 -119.42 -11.07
CA THR AA 65 -28.07 -118.65 -10.09
C THR AA 65 -27.14 -117.69 -10.82
N MET AA 66 -26.69 -116.66 -10.10
CA MET AA 66 -25.71 -115.70 -10.59
C MET AA 66 -24.56 -115.65 -9.59
N ARG AA 67 -23.34 -115.70 -10.11
CA ARG AA 67 -22.13 -115.59 -9.32
C ARG AA 67 -21.49 -114.24 -9.61
N TYR AA 68 -21.11 -113.52 -8.56
CA TYR AA 68 -20.62 -112.15 -8.67
C TYR AA 68 -19.47 -111.91 -7.70
N ASP AA 69 -18.65 -110.92 -8.05
CA ASP AA 69 -17.49 -110.56 -7.25
C ASP AA 69 -17.87 -109.52 -6.20
N MET AA 70 -17.10 -109.49 -5.11
CA MET AA 70 -17.25 -108.46 -4.08
C MET AA 70 -15.89 -108.29 -3.41
N HIS AA 71 -15.15 -107.27 -3.84
CA HIS AA 71 -13.82 -106.98 -3.29
C HIS AA 71 -12.90 -108.19 -3.39
N GLY AA 72 -13.01 -108.90 -4.51
CA GLY AA 72 -12.19 -110.09 -4.74
C GLY AA 72 -12.93 -111.38 -4.44
N THR AA 73 -13.73 -111.37 -3.37
CA THR AA 73 -14.47 -112.57 -3.00
C THR AA 73 -15.60 -112.83 -3.99
N ILE AA 74 -15.92 -114.10 -4.17
CA ILE AA 74 -16.97 -114.55 -5.08
C ILE AA 74 -18.14 -115.06 -4.23
N LYS AA 75 -19.35 -114.63 -4.59
CA LYS AA 75 -20.57 -115.07 -3.92
C LYS AA 75 -21.61 -115.38 -4.98
N GLU AA 76 -22.70 -116.02 -4.55
CA GLU AA 76 -23.74 -116.46 -5.46
C GLU AA 76 -25.11 -116.17 -4.86
N ILE AA 77 -26.06 -115.84 -5.75
CA ILE AA 77 -27.45 -115.60 -5.35
C ILE AA 77 -28.36 -116.24 -6.39
N PRO AA 78 -29.54 -116.75 -6.02
CA PRO AA 78 -30.50 -117.17 -7.06
C PRO AA 78 -30.94 -116.00 -7.93
N LEU AA 79 -31.30 -116.32 -9.17
CA LEU AA 79 -31.62 -115.28 -10.14
C LEU AA 79 -32.88 -114.52 -9.76
N HIS AA 80 -33.86 -115.20 -9.16
CA HIS AA 80 -35.15 -114.55 -8.90
C HIS AA 80 -35.06 -113.44 -7.82
N GLN AA 81 -33.90 -113.14 -7.23
CA GLN AA 81 -33.73 -111.99 -6.36
C GLN AA 81 -33.24 -110.75 -7.08
N VAL AA 82 -33.04 -110.82 -8.40
CA VAL AA 82 -32.57 -109.69 -9.20
C VAL AA 82 -33.74 -109.15 -10.00
N SER AA 83 -33.78 -107.82 -10.16
CA SER AA 83 -34.84 -107.16 -10.90
C SER AA 83 -34.23 -106.07 -11.78
N LEU AA 84 -34.98 -105.65 -12.79
CA LEU AA 84 -34.52 -104.59 -13.68
C LEU AA 84 -35.71 -103.96 -14.37
N TYR AA 85 -35.59 -102.67 -14.67
CA TYR AA 85 -36.66 -101.91 -15.30
C TYR AA 85 -36.09 -100.83 -16.21
N THR AA 86 -36.85 -100.52 -17.26
CA THR AA 86 -36.62 -99.32 -18.08
C THR AA 86 -37.64 -98.24 -17.70
N SER AA 87 -38.92 -98.54 -17.85
CA SER AA 87 -40.03 -97.76 -17.34
C SER AA 87 -41.02 -98.61 -16.58
N ARG AA 88 -41.23 -99.87 -17.01
CA ARG AA 88 -42.04 -100.87 -16.34
C ARG AA 88 -41.15 -102.04 -15.91
N PRO AA 89 -41.58 -102.86 -14.96
CA PRO AA 89 -40.78 -104.03 -14.58
C PRO AA 89 -40.55 -104.95 -15.78
N CYS AA 90 -39.32 -105.45 -15.89
CA CYS AA 90 -38.97 -106.37 -16.97
C CYS AA 90 -39.21 -107.81 -16.49
N HIS AA 91 -38.77 -108.78 -17.29
CA HIS AA 91 -38.84 -110.18 -16.93
C HIS AA 91 -37.60 -110.89 -17.46
N ILE AA 92 -36.79 -111.42 -16.55
CA ILE AA 92 -35.58 -112.16 -16.92
C ILE AA 92 -35.98 -113.58 -17.27
N VAL AA 93 -35.42 -114.09 -18.37
CA VAL AA 93 -35.78 -115.40 -18.89
C VAL AA 93 -34.62 -116.38 -18.69
N ASP AA 94 -33.44 -116.02 -19.20
CA ASP AA 94 -32.30 -116.92 -19.18
C ASP AA 94 -31.03 -116.11 -19.02
N GLY AA 95 -30.02 -116.75 -18.43
CA GLY AA 95 -28.71 -116.14 -18.30
C GLY AA 95 -27.63 -117.18 -18.51
N HIS AA 96 -26.59 -116.78 -19.23
CA HIS AA 96 -25.51 -117.68 -19.59
C HIS AA 96 -24.21 -116.92 -19.82
N GLY AA 97 -23.20 -117.19 -19.01
CA GLY AA 97 -21.92 -116.54 -19.19
C GLY AA 97 -22.01 -115.06 -18.89
N TYR AA 98 -21.57 -114.24 -19.85
CA TYR AA 98 -21.51 -112.80 -19.70
C TYR AA 98 -22.77 -112.09 -20.18
N PHE AA 99 -23.78 -112.84 -20.64
CA PHE AA 99 -24.88 -112.27 -21.40
C PHE AA 99 -26.23 -112.67 -20.82
N LEU AA 100 -27.21 -111.79 -21.03
CA LEU AA 100 -28.57 -111.97 -20.55
C LEU AA 100 -29.54 -111.66 -21.68
N LEU AA 101 -30.55 -112.52 -21.82
CA LEU AA 101 -31.63 -112.37 -22.81
C LEU AA 101 -32.87 -111.90 -22.06
N ALA AA 102 -33.18 -110.61 -22.16
CA ALA AA 102 -34.25 -110.00 -21.39
C ALA AA 102 -35.42 -109.62 -22.30
N ARG AA 103 -36.61 -109.60 -21.70
CA ARG AA 103 -37.83 -109.19 -22.38
C ARG AA 103 -38.41 -108.00 -21.63
N CYS AA 104 -38.39 -106.83 -22.26
CA CYS AA 104 -38.82 -105.61 -21.59
C CYS AA 104 -39.26 -104.58 -22.64
N PRO AA 105 -40.31 -103.76 -22.37
CA PRO AA 105 -40.72 -102.78 -23.38
C PRO AA 105 -39.71 -101.65 -23.58
N ALA AA 106 -40.06 -100.69 -24.42
CA ALA AA 106 -39.15 -99.63 -24.80
C ALA AA 106 -38.82 -98.72 -23.62
N GLY AA 107 -37.74 -97.98 -23.78
CA GLY AA 107 -37.30 -97.05 -22.75
C GLY AA 107 -36.05 -96.33 -23.20
N ASP AA 108 -35.61 -95.38 -22.37
CA ASP AA 108 -34.42 -94.60 -22.64
C ASP AA 108 -33.25 -94.91 -21.71
N SER AA 109 -33.54 -95.38 -20.48
CA SER AA 109 -32.50 -95.75 -19.52
C SER AA 109 -32.86 -97.10 -18.93
N ILE AA 110 -31.85 -97.96 -18.76
CA ILE AA 110 -32.04 -99.32 -18.24
C ILE AA 110 -31.35 -99.40 -16.89
N THR AA 111 -32.08 -99.89 -15.88
CA THR AA 111 -31.56 -100.01 -14.52
C THR AA 111 -31.79 -101.43 -14.02
N MET AA 112 -30.83 -101.93 -13.25
CA MET AA 112 -30.98 -103.21 -12.56
C MET AA 112 -30.65 -103.01 -11.08
N GLU AA 113 -31.18 -103.92 -10.26
CA GLU AA 113 -30.91 -103.86 -8.83
C GLU AA 113 -31.19 -105.23 -8.19
N PHE AA 114 -30.44 -105.51 -7.14
CA PHE AA 114 -30.69 -106.67 -6.28
C PHE AA 114 -30.50 -106.25 -4.83
N LYS AA 115 -31.00 -107.09 -3.92
CA LYS AA 115 -31.07 -106.78 -2.49
C LYS AA 115 -30.28 -107.82 -1.71
N LYS AA 116 -29.38 -107.34 -0.85
CA LYS AA 116 -28.70 -108.17 0.13
C LYS AA 116 -29.58 -108.23 1.38
N ASP AA 117 -29.06 -108.78 2.48
CA ASP AA 117 -29.81 -108.81 3.72
C ASP AA 117 -30.20 -107.40 4.17
N SER AA 118 -29.27 -106.45 4.08
CA SER AA 118 -29.54 -105.07 4.43
C SER AA 118 -28.92 -104.05 3.48
N VAL AA 119 -28.31 -104.48 2.38
CA VAL AA 119 -27.65 -103.59 1.43
C VAL AA 119 -28.27 -103.81 0.06
N ARG AA 120 -28.66 -102.72 -0.59
CA ARG AA 120 -29.19 -102.76 -1.95
C ARG AA 120 -28.10 -102.31 -2.91
N HIS AA 121 -27.96 -103.06 -4.01
CA HIS AA 121 -27.02 -102.72 -5.07
C HIS AA 121 -27.81 -102.50 -6.36
N SER AA 122 -27.41 -101.49 -7.12
CA SER AA 122 -28.12 -101.17 -8.36
C SER AA 122 -27.17 -100.43 -9.30
N CYS AA 123 -27.56 -100.40 -10.57
CA CYS AA 123 -26.81 -99.68 -11.59
C CYS AA 123 -27.75 -99.29 -12.73
N SER AA 124 -27.60 -98.06 -13.22
CA SER AA 124 -28.40 -97.52 -14.30
C SER AA 124 -27.48 -97.01 -15.41
N VAL AA 125 -27.88 -97.23 -16.66
CA VAL AA 125 -27.13 -96.73 -17.81
C VAL AA 125 -28.11 -96.22 -18.87
N PRO AA 126 -27.80 -95.09 -19.56
CA PRO AA 126 -28.70 -94.58 -20.62
C PRO AA 126 -28.38 -95.08 -22.03
N TYR AA 127 -28.68 -96.35 -22.29
CA TYR AA 127 -28.54 -96.94 -23.61
C TYR AA 127 -29.93 -97.14 -24.20
N GLU AA 128 -30.11 -96.69 -25.45
CA GLU AA 128 -31.43 -96.55 -26.05
C GLU AA 128 -31.96 -97.93 -26.44
N VAL AA 129 -32.77 -98.51 -25.56
CA VAL AA 129 -33.53 -99.71 -25.92
C VAL AA 129 -34.76 -99.28 -26.72
N LYS AA 130 -34.99 -99.96 -27.85
CA LYS AA 130 -36.05 -99.59 -28.78
C LYS AA 130 -36.92 -100.80 -29.09
N PHE AA 131 -38.20 -100.53 -29.33
CA PHE AA 131 -39.18 -101.54 -29.69
C PHE AA 131 -39.59 -101.33 -31.14
N ASN AA 132 -39.38 -102.35 -31.97
CA ASN AA 132 -39.64 -102.27 -33.41
C ASN AA 132 -40.73 -103.26 -33.80
N PRO AA 133 -41.97 -102.82 -34.05
CA PRO AA 133 -43.00 -103.77 -34.50
C PRO AA 133 -42.68 -104.31 -35.89
N VAL AA 134 -43.25 -105.49 -36.18
CA VAL AA 134 -43.11 -106.16 -37.46
C VAL AA 134 -44.42 -106.02 -38.22
N GLY AA 135 -44.33 -105.64 -39.48
CA GLY AA 135 -45.49 -105.49 -40.33
C GLY AA 135 -45.75 -104.05 -40.71
N ARG AA 136 -47.01 -103.79 -41.10
CA ARG AA 136 -47.45 -102.49 -41.57
C ARG AA 136 -48.37 -101.81 -40.55
N GLU AA 137 -48.15 -102.09 -39.27
CA GLU AA 137 -48.85 -101.39 -38.19
C GLU AA 137 -47.87 -101.09 -37.08
N LEU AA 138 -48.20 -100.08 -36.28
CA LEU AA 138 -47.39 -99.62 -35.16
C LEU AA 138 -48.16 -99.92 -33.87
N TYR AA 139 -47.85 -101.04 -33.25
CA TYR AA 139 -48.42 -101.42 -31.96
C TYR AA 139 -47.36 -101.30 -30.88
N THR AA 140 -47.82 -101.34 -29.62
CA THR AA 140 -46.95 -101.23 -28.46
C THR AA 140 -46.84 -102.52 -27.66
N HIS AA 141 -47.74 -103.47 -27.87
CA HIS AA 141 -47.78 -104.72 -27.10
C HIS AA 141 -48.42 -105.77 -28.01
N PRO AA 142 -47.77 -106.91 -28.28
CA PRO AA 142 -48.32 -107.84 -29.29
C PRO AA 142 -49.73 -108.30 -28.94
N PRO AA 143 -50.71 -108.17 -29.87
CA PRO AA 143 -52.08 -108.54 -29.53
C PRO AA 143 -52.27 -110.03 -29.22
N GLU AA 144 -53.51 -110.39 -28.89
CA GLU AA 144 -53.83 -111.76 -28.49
C GLU AA 144 -53.75 -112.75 -29.65
N HIS AA 145 -54.19 -112.34 -30.85
CA HIS AA 145 -54.33 -113.25 -31.97
C HIS AA 145 -54.02 -112.54 -33.27
N GLY AA 146 -53.74 -113.33 -34.29
CA GLY AA 146 -53.48 -112.77 -35.61
C GLY AA 146 -52.75 -113.77 -36.48
N VAL AA 147 -52.52 -113.35 -37.73
CA VAL AA 147 -51.85 -114.20 -38.69
C VAL AA 147 -50.37 -114.31 -38.34
N GLU AA 148 -49.72 -115.34 -38.87
CA GLU AA 148 -48.30 -115.56 -38.64
C GLU AA 148 -47.49 -114.77 -39.65
N GLN AA 149 -46.33 -114.28 -39.20
CA GLN AA 149 -45.45 -113.48 -40.05
C GLN AA 149 -44.00 -113.79 -39.69
N ALA AA 150 -43.12 -113.65 -40.68
CA ALA AA 150 -41.70 -113.92 -40.46
C ALA AA 150 -41.07 -112.82 -39.61
N CYS AA 151 -40.04 -113.21 -38.84
CA CYS AA 151 -39.34 -112.27 -37.97
C CYS AA 151 -37.90 -112.75 -37.79
N GLN AA 152 -37.07 -111.83 -37.29
CA GLN AA 152 -35.72 -112.14 -36.82
C GLN AA 152 -35.66 -111.81 -35.34
N VAL AA 153 -35.65 -112.83 -34.49
CA VAL AA 153 -35.69 -112.68 -33.04
C VAL AA 153 -34.57 -113.51 -32.42
N TYR AA 154 -34.22 -113.16 -31.18
CA TYR AA 154 -33.17 -113.86 -30.47
C TYR AA 154 -33.61 -115.29 -30.16
N ALA AA 155 -32.69 -116.24 -30.34
CA ALA AA 155 -32.95 -117.63 -30.01
C ALA AA 155 -32.84 -117.84 -28.50
N HIS AA 156 -33.69 -118.74 -27.99
CA HIS AA 156 -33.71 -119.05 -26.57
C HIS AA 156 -32.63 -120.04 -26.17
N ASP AA 157 -31.91 -120.62 -27.12
CA ASP AA 157 -30.85 -121.59 -26.85
C ASP AA 157 -29.49 -120.92 -26.95
N ALA AA 158 -28.50 -121.53 -26.29
CA ALA AA 158 -27.13 -121.02 -26.25
C ALA AA 158 -26.24 -121.74 -27.26
N GLN AA 159 -26.80 -122.18 -28.38
CA GLN AA 159 -26.05 -123.01 -29.33
C GLN AA 159 -24.84 -122.26 -29.86
N ASN AA 160 -23.70 -122.95 -29.85
CA ASN AA 160 -22.48 -122.37 -30.41
C ASN AA 160 -22.64 -122.14 -31.90
N ARG AA 161 -22.22 -120.96 -32.36
CA ARG AA 161 -22.38 -120.57 -33.76
C ARG AA 161 -21.14 -119.80 -34.17
N GLY AA 162 -21.12 -119.33 -35.42
CA GLY AA 162 -19.98 -118.64 -35.97
C GLY AA 162 -19.81 -117.23 -35.43
N ALA AA 163 -19.57 -117.11 -34.13
CA ALA AA 163 -19.32 -115.84 -33.48
C ALA AA 163 -18.42 -116.07 -32.30
N TYR AA 164 -17.56 -115.09 -32.01
CA TYR AA 164 -16.60 -115.22 -30.91
C TYR AA 164 -16.28 -113.85 -30.35
N VAL AA 165 -15.80 -113.84 -29.11
CA VAL AA 165 -15.36 -112.63 -28.42
C VAL AA 165 -14.06 -112.95 -27.68
N GLU AA 166 -13.10 -112.03 -27.76
CA GLU AA 166 -11.76 -112.20 -27.23
C GLU AA 166 -11.71 -111.93 -25.73
N MET AA 167 -10.72 -112.54 -25.06
CA MET AA 167 -10.43 -112.21 -23.66
C MET AA 167 -8.94 -112.12 -23.43
N HIS AA 168 -8.56 -111.25 -22.49
CA HIS AA 168 -7.17 -110.94 -22.15
C HIS AA 168 -6.77 -111.64 -20.86
N LEU AA 169 -5.55 -111.33 -20.39
CA LEU AA 169 -5.07 -111.84 -19.11
C LEU AA 169 -5.44 -110.84 -18.02
N PRO AA 170 -6.03 -111.27 -16.89
CA PRO AA 170 -6.56 -110.30 -15.93
C PRO AA 170 -5.47 -109.39 -15.36
N GLY AA 171 -5.85 -108.14 -15.14
CA GLY AA 171 -4.92 -107.13 -14.66
C GLY AA 171 -4.61 -107.30 -13.19
N SER AA 172 -3.56 -106.58 -12.76
CA SER AA 172 -3.08 -106.62 -11.38
C SER AA 172 -3.77 -105.50 -10.60
N GLU AA 173 -4.97 -105.79 -10.11
CA GLU AA 173 -5.78 -104.78 -9.41
C GLU AA 173 -5.14 -104.44 -8.07
N VAL AA 174 -5.14 -103.16 -7.74
CA VAL AA 174 -4.58 -102.67 -6.49
C VAL AA 174 -5.57 -102.87 -5.36
N ASP AA 175 -5.08 -103.27 -4.20
CA ASP AA 175 -5.90 -103.49 -3.00
C ASP AA 175 -5.26 -102.79 -1.82
N SER AA 176 -6.03 -101.95 -1.15
CA SER AA 176 -5.55 -101.27 0.05
C SER AA 176 -5.71 -102.10 1.32
N SER AA 177 -6.50 -103.18 1.26
CA SER AA 177 -6.66 -104.04 2.45
C SER AA 177 -5.38 -104.81 2.75
N LEU AA 178 -4.65 -105.22 1.72
CA LEU AA 178 -3.42 -105.97 1.95
C LEU AA 178 -2.39 -105.13 2.69
N VAL AA 179 -2.25 -103.87 2.31
CA VAL AA 179 -1.33 -102.96 2.99
C VAL AA 179 -1.94 -102.54 4.31
N SER AA 180 -1.15 -102.65 5.38
CA SER AA 180 -1.61 -102.31 6.71
C SER AA 180 -0.44 -101.76 7.51
N LEU AA 181 -0.77 -101.01 8.57
CA LEU AA 181 0.24 -100.38 9.41
C LEU AA 181 0.73 -101.39 10.45
N SER AA 182 2.05 -101.60 10.49
CA SER AA 182 2.66 -102.43 11.51
C SER AA 182 2.81 -101.61 12.79
N GLY AA 183 3.60 -102.11 13.73
CA GLY AA 183 3.86 -101.34 14.95
C GLY AA 183 4.47 -99.98 14.65
N SER AA 184 5.46 -99.94 13.75
CA SER AA 184 6.05 -98.68 13.32
C SER AA 184 6.39 -98.65 11.83
N SER AA 185 5.92 -99.61 11.04
CA SER AA 185 6.28 -99.70 9.63
C SER AA 185 5.09 -100.26 8.86
N VAL AA 186 5.33 -100.64 7.60
CA VAL AA 186 4.30 -101.17 6.71
C VAL AA 186 4.46 -102.68 6.61
N THR AA 187 3.33 -103.39 6.63
CA THR AA 187 3.29 -104.84 6.51
C THR AA 187 2.24 -105.22 5.47
N VAL AA 188 2.56 -106.23 4.66
CA VAL AA 188 1.68 -106.73 3.62
C VAL AA 188 1.49 -108.23 3.85
N THR AA 189 0.23 -108.67 3.87
CA THR AA 189 -0.14 -110.06 4.13
C THR AA 189 -1.05 -110.52 2.99
N PRO AA 190 -0.48 -110.98 1.88
CA PRO AA 190 -1.32 -111.42 0.77
C PRO AA 190 -2.15 -112.63 1.16
N PRO AA 191 -3.33 -112.80 0.56
CA PRO AA 191 -4.15 -113.97 0.90
C PRO AA 191 -3.46 -115.27 0.51
N ASP AA 192 -3.76 -116.31 1.27
CA ASP AA 192 -3.13 -117.62 1.05
C ASP AA 192 -3.47 -118.14 -0.35
N GLY AA 193 -2.45 -118.70 -1.01
CA GLY AA 193 -2.63 -119.25 -2.34
C GLY AA 193 -2.64 -118.24 -3.46
N THR AA 194 -2.31 -116.98 -3.18
CA THR AA 194 -2.32 -115.92 -4.18
C THR AA 194 -1.05 -115.09 -4.04
N SER AA 195 -0.53 -114.62 -5.18
CA SER AA 195 0.66 -113.80 -5.21
C SER AA 195 0.28 -112.32 -5.26
N ALA AA 196 1.14 -111.49 -4.66
CA ALA AA 196 0.96 -110.04 -4.65
C ALA AA 196 2.28 -109.38 -4.98
N LEU AA 197 2.21 -108.15 -5.45
CA LEU AA 197 3.38 -107.36 -5.79
C LEU AA 197 3.28 -106.01 -5.09
N VAL AA 198 4.33 -105.64 -4.37
CA VAL AA 198 4.37 -104.39 -3.62
C VAL AA 198 5.36 -103.46 -4.33
N GLU AA 199 4.87 -102.29 -4.74
CA GLU AA 199 5.67 -101.28 -5.43
C GLU AA 199 5.62 -100.01 -4.60
N CYS AA 200 6.80 -99.40 -4.38
CA CYS AA 200 6.92 -98.23 -3.54
C CYS AA 200 8.02 -97.30 -4.03
N GLU AA 201 7.76 -96.00 -3.87
CA GLU AA 201 8.78 -94.96 -3.89
C GLU AA 201 9.07 -94.45 -2.47
N CYS AA 202 8.73 -95.25 -1.46
CA CYS AA 202 8.83 -94.83 -0.07
C CYS AA 202 10.24 -94.38 0.29
N GLY AA 203 11.23 -95.20 -0.05
CA GLY AA 203 12.63 -94.83 0.10
C GLY AA 203 13.20 -94.46 -1.25
N GLY AA 204 13.91 -95.39 -1.87
CA GLY AA 204 14.31 -95.24 -3.25
C GLY AA 204 13.19 -95.68 -4.16
N THR AA 205 13.48 -96.65 -5.04
CA THR AA 205 12.46 -97.27 -5.90
C THR AA 205 12.44 -98.75 -5.56
N LYS AA 206 11.60 -99.12 -4.59
CA LYS AA 206 11.51 -100.48 -4.09
C LYS AA 206 10.39 -101.23 -4.80
N ILE AA 207 10.64 -102.48 -5.15
CA ILE AA 207 9.65 -103.33 -5.79
C ILE AA 207 9.92 -104.77 -5.38
N SER AA 208 8.87 -105.50 -5.04
CA SER AA 208 9.02 -106.88 -4.60
C SER AA 208 7.79 -107.67 -5.01
N GLU AA 209 7.99 -108.98 -5.19
CA GLU AA 209 6.93 -109.93 -5.56
C GLU AA 209 6.76 -110.88 -4.37
N THR AA 210 5.83 -110.54 -3.49
CA THR AA 210 5.59 -111.37 -2.31
C THR AA 210 4.58 -112.48 -2.63
N ILE AA 211 4.78 -113.64 -2.02
CA ILE AA 211 3.95 -114.81 -2.28
C ILE AA 211 3.70 -115.51 -0.94
N ASN AA 212 2.47 -115.37 -0.43
CA ASN AA 212 1.99 -116.18 0.69
C ASN AA 212 2.82 -116.01 1.96
N LYS AA 213 3.42 -114.85 2.17
CA LYS AA 213 4.20 -114.59 3.37
C LYS AA 213 3.98 -113.16 3.82
N THR AA 214 3.77 -112.97 5.12
CA THR AA 214 3.61 -111.65 5.71
C THR AA 214 4.97 -110.94 5.71
N LYS AA 215 5.08 -109.88 4.92
CA LYS AA 215 6.36 -109.19 4.71
C LYS AA 215 6.28 -107.77 5.25
N GLN AA 216 7.29 -107.39 6.04
CA GLN AA 216 7.41 -106.05 6.57
C GLN AA 216 8.46 -105.27 5.77
N PHE AA 217 8.16 -104.01 5.48
CA PHE AA 217 9.03 -103.15 4.69
C PHE AA 217 9.66 -102.09 5.59
N SER AA 218 10.97 -101.95 5.48
CA SER AA 218 11.71 -101.00 6.31
C SER AA 218 11.68 -99.61 5.69
N GLN AA 219 12.13 -98.62 6.48
CA GLN AA 219 12.30 -97.23 6.10
C GLN AA 219 10.98 -96.47 6.00
N CYS AA 220 9.84 -97.13 6.15
CA CYS AA 220 8.53 -96.51 5.95
C CYS AA 220 7.82 -96.34 7.29
N THR AA 221 6.99 -95.30 7.37
CA THR AA 221 6.19 -95.00 8.55
C THR AA 221 4.70 -95.13 8.30
N LYS AA 222 4.18 -94.44 7.28
CA LYS AA 222 2.77 -94.48 6.93
C LYS AA 222 2.53 -95.49 5.80
N LYS AA 223 1.26 -95.84 5.62
CA LYS AA 223 0.85 -96.72 4.53
C LYS AA 223 0.50 -95.98 3.25
N GLU AA 224 0.39 -94.65 3.30
CA GLU AA 224 -0.04 -93.90 2.12
C GLU AA 224 1.02 -93.92 1.02
N GLN AA 225 2.29 -94.13 1.38
CA GLN AA 225 3.37 -93.89 0.44
C GLN AA 225 3.32 -94.79 -0.79
N CYS AA 226 2.75 -95.99 -0.69
CA CYS AA 226 2.94 -96.96 -1.76
C CYS AA 226 1.86 -98.03 -1.73
N ARG AA 227 1.95 -98.99 -2.65
CA ARG AA 227 0.80 -99.83 -2.98
C ARG AA 227 1.21 -101.30 -3.11
N ALA AA 228 0.20 -102.16 -2.96
CA ALA AA 228 0.31 -103.59 -3.19
C ALA AA 228 -0.83 -104.05 -4.08
N TYR AA 229 -0.59 -105.11 -4.85
CA TYR AA 229 -1.52 -105.59 -5.86
C TYR AA 229 -1.80 -107.07 -5.65
N ARG AA 230 -2.50 -107.67 -6.62
CA ARG AA 230 -2.84 -109.09 -6.61
C ARG AA 230 -2.60 -109.68 -7.99
N LEU AA 231 -2.38 -110.99 -8.03
CA LEU AA 231 -2.15 -111.70 -9.28
C LEU AA 231 -3.02 -112.94 -9.36
N GLN AA 232 -3.46 -113.27 -10.58
CA GLN AA 232 -4.25 -114.48 -10.83
C GLN AA 232 -4.01 -114.86 -12.29
N ASN AA 233 -3.15 -115.86 -12.52
CA ASN AA 233 -2.79 -116.24 -13.88
C ASN AA 233 -4.00 -116.76 -14.67
N ASP AA 234 -4.81 -117.61 -14.04
CA ASP AA 234 -5.95 -118.22 -14.70
C ASP AA 234 -7.16 -117.29 -14.61
N LYS AA 235 -8.35 -117.80 -14.97
CA LYS AA 235 -9.60 -117.07 -14.85
C LYS AA 235 -9.56 -115.79 -15.69
N TRP AA 236 -9.54 -116.01 -17.01
CA TRP AA 236 -9.42 -114.93 -17.97
C TRP AA 236 -10.59 -113.97 -17.84
N VAL AA 237 -10.31 -112.68 -18.06
CA VAL AA 237 -11.30 -111.62 -17.94
C VAL AA 237 -11.61 -111.05 -19.32
N TYR AA 238 -12.83 -110.54 -19.48
CA TYR AA 238 -13.29 -110.00 -20.74
C TYR AA 238 -12.59 -108.68 -21.05
N ASN AA 239 -12.61 -108.31 -22.33
CA ASN AA 239 -12.03 -107.06 -22.81
C ASN AA 239 -12.95 -105.91 -22.39
N SER AA 240 -12.70 -105.38 -21.21
CA SER AA 240 -13.46 -104.27 -20.65
C SER AA 240 -12.60 -103.00 -20.60
N ASP AA 241 -13.27 -101.87 -20.76
CA ASP AA 241 -12.63 -100.57 -20.69
C ASP AA 241 -12.47 -100.06 -19.27
N LYS AA 242 -13.05 -100.73 -18.29
CA LYS AA 242 -12.97 -100.32 -16.89
C LYS AA 242 -11.87 -101.04 -16.12
N LEU AA 243 -11.09 -101.90 -16.77
CA LEU AA 243 -10.02 -102.66 -16.14
C LEU AA 243 -8.69 -102.39 -16.84
N PRO AA 244 -7.59 -102.18 -16.11
CA PRO AA 244 -6.29 -102.05 -16.77
C PRO AA 244 -5.91 -103.33 -17.50
N LYS AA 245 -5.18 -103.18 -18.60
CA LYS AA 245 -4.70 -104.31 -19.36
C LYS AA 245 -3.49 -104.95 -18.67
N ALA AA 246 -3.08 -106.10 -19.19
CA ALA AA 246 -1.98 -106.85 -18.62
C ALA AA 246 -0.68 -106.54 -19.36
N ALA AA 247 0.40 -107.26 -19.02
CA ALA AA 247 1.71 -107.06 -19.61
C ALA AA 247 2.05 -108.25 -20.51
N GLY AA 248 2.14 -107.99 -21.81
CA GLY AA 248 2.63 -108.95 -22.79
C GLY AA 248 1.55 -109.61 -23.61
N ALA AA 249 1.30 -109.02 -24.79
CA ALA AA 249 0.51 -109.60 -25.87
C ALA AA 249 -0.99 -109.70 -25.62
N THR AA 250 -1.42 -109.59 -24.36
CA THR AA 250 -2.82 -109.38 -24.00
C THR AA 250 -3.82 -110.38 -24.56
N LEU AA 251 -3.38 -111.49 -25.17
CA LEU AA 251 -4.30 -112.41 -25.83
C LEU AA 251 -4.07 -113.82 -25.34
N LYS AA 252 -5.18 -114.53 -25.09
CA LYS AA 252 -5.14 -115.95 -24.76
C LYS AA 252 -6.12 -116.73 -25.62
N GLY AA 253 -7.22 -116.10 -26.03
CA GLY AA 253 -8.17 -116.76 -26.90
C GLY AA 253 -9.49 -116.02 -26.97
N LYS AA 254 -10.49 -116.75 -27.47
CA LYS AA 254 -11.83 -116.21 -27.68
C LYS AA 254 -12.84 -117.32 -27.39
N LEU AA 255 -14.08 -116.89 -27.10
CA LEU AA 255 -15.16 -117.80 -26.76
C LEU AA 255 -16.43 -117.39 -27.50
N HIS AA 256 -17.21 -118.40 -27.89
CA HIS AA 256 -18.48 -118.15 -28.54
C HIS AA 256 -19.48 -117.52 -27.58
N VAL AA 257 -20.35 -116.65 -28.11
CA VAL AA 257 -21.39 -116.00 -27.32
C VAL AA 257 -22.73 -116.62 -27.70
N PRO AA 258 -23.69 -116.75 -26.77
CA PRO AA 258 -24.99 -117.33 -27.14
C PRO AA 258 -25.98 -116.30 -27.64
N PHE AA 259 -27.20 -116.75 -27.95
CA PHE AA 259 -28.34 -115.86 -28.20
C PHE AA 259 -28.06 -114.93 -29.39
N LEU AA 260 -27.89 -115.55 -30.56
CA LEU AA 260 -27.77 -114.84 -31.81
C LEU AA 260 -29.16 -114.66 -32.42
N LEU AA 261 -29.24 -113.89 -33.50
CA LEU AA 261 -30.51 -113.62 -34.18
C LEU AA 261 -30.85 -114.78 -35.11
N ALA AA 262 -32.01 -115.38 -34.89
CA ALA AA 262 -32.51 -116.49 -35.69
C ALA AA 262 -33.86 -116.11 -36.31
N ASP AA 263 -34.26 -116.88 -37.32
CA ASP AA 263 -35.53 -116.66 -38.00
C ASP AA 263 -36.66 -117.34 -37.22
N GLY AA 264 -37.76 -116.62 -37.06
CA GLY AA 264 -38.90 -117.12 -36.30
C GLY AA 264 -40.22 -116.61 -36.80
N LYS AA 265 -41.31 -116.99 -36.11
CA LYS AA 265 -42.66 -116.61 -36.45
C LYS AA 265 -43.24 -115.72 -35.36
N CYS AA 266 -44.07 -114.75 -35.75
CA CYS AA 266 -44.72 -113.83 -34.83
C CYS AA 266 -46.19 -113.69 -35.18
N THR AA 267 -46.99 -113.40 -34.16
CA THR AA 267 -48.38 -112.98 -34.35
C THR AA 267 -48.41 -111.47 -34.57
N VAL AA 268 -49.18 -111.04 -35.57
CA VAL AA 268 -49.26 -109.64 -35.95
C VAL AA 268 -50.72 -109.20 -35.95
N PRO AA 269 -51.03 -107.92 -35.75
CA PRO AA 269 -52.43 -107.51 -35.68
C PRO AA 269 -53.14 -107.69 -37.01
N LEU AA 270 -54.47 -107.75 -36.94
CA LEU AA 270 -55.33 -107.85 -38.13
C LEU AA 270 -56.35 -106.72 -38.03
N ALA AA 271 -56.21 -105.73 -38.89
CA ALA AA 271 -57.06 -104.54 -38.81
C ALA AA 271 -58.48 -104.88 -39.25
N PRO AA 272 -59.46 -104.03 -38.89
CA PRO AA 272 -60.83 -104.27 -39.35
C PRO AA 272 -60.92 -104.22 -40.86
N GLU AA 273 -62.03 -104.74 -41.38
CA GLU AA 273 -62.28 -104.77 -42.81
C GLU AA 273 -62.74 -103.39 -43.28
N PRO AA 274 -62.04 -102.72 -44.19
CA PRO AA 274 -62.50 -101.40 -44.62
C PRO AA 274 -63.82 -101.50 -45.39
N MET AA 275 -64.64 -100.47 -45.28
CA MET AA 275 -65.96 -100.48 -45.88
C MET AA 275 -65.89 -99.82 -47.25
N ILE AA 276 -66.45 -100.49 -48.27
CA ILE AA 276 -66.33 -100.08 -49.66
C ILE AA 276 -67.71 -99.66 -50.15
N THR AA 277 -67.76 -98.56 -50.91
CA THR AA 277 -68.96 -98.14 -51.61
C THR AA 277 -68.59 -97.75 -53.03
N PHE AA 278 -69.38 -98.20 -54.00
CA PHE AA 278 -69.08 -98.04 -55.41
C PHE AA 278 -69.69 -96.76 -55.98
N GLY AA 279 -69.23 -96.41 -57.18
CA GLY AA 279 -69.86 -95.35 -57.96
C GLY AA 279 -69.17 -95.26 -59.30
N PHE AA 280 -69.79 -94.50 -60.20
CA PHE AA 280 -69.29 -94.39 -61.57
C PHE AA 280 -67.84 -93.93 -61.59
N ARG AA 281 -66.94 -94.84 -61.96
CA ARG AA 281 -65.50 -94.58 -62.06
C ARG AA 281 -64.89 -94.15 -60.73
N SER AA 282 -65.54 -94.45 -59.59
CA SER AA 282 -65.02 -94.01 -58.31
C SER AA 282 -65.44 -94.98 -57.22
N VAL AA 283 -64.68 -94.94 -56.12
CA VAL AA 283 -64.94 -95.75 -54.94
C VAL AA 283 -64.74 -94.85 -53.72
N SER AA 284 -65.49 -95.16 -52.66
CA SER AA 284 -65.33 -94.46 -51.38
C SER AA 284 -65.06 -95.50 -50.30
N LEU AA 285 -63.98 -95.28 -49.55
CA LEU AA 285 -63.55 -96.17 -48.48
C LEU AA 285 -63.81 -95.50 -47.15
N LYS AA 286 -64.49 -96.21 -46.25
CA LYS AA 286 -64.65 -95.81 -44.86
C LYS AA 286 -63.70 -96.65 -44.01
N LEU AA 287 -62.96 -95.96 -43.14
CA LEU AA 287 -61.88 -96.54 -42.35
C LEU AA 287 -62.18 -96.31 -40.88
N HIS AA 288 -61.93 -97.32 -40.06
CA HIS AA 288 -62.16 -97.27 -38.62
C HIS AA 288 -61.03 -98.02 -37.92
N PRO AA 289 -59.97 -97.34 -37.49
CA PRO AA 289 -58.80 -98.05 -36.97
C PRO AA 289 -58.85 -98.32 -35.47
N LYS AA 290 -58.26 -99.45 -35.08
CA LYS AA 290 -57.98 -99.72 -33.67
C LYS AA 290 -56.67 -99.08 -33.24
N ASN AA 291 -55.71 -98.98 -34.15
CA ASN AA 291 -54.39 -98.41 -33.89
C ASN AA 291 -53.91 -97.76 -35.18
N PRO AA 292 -52.83 -96.98 -35.13
CA PRO AA 292 -52.30 -96.41 -36.37
C PRO AA 292 -51.95 -97.49 -37.38
N THR AA 293 -52.28 -97.23 -38.65
CA THR AA 293 -52.12 -98.22 -39.70
C THR AA 293 -51.71 -97.53 -40.99
N TYR AA 294 -51.12 -98.32 -41.89
CA TYR AA 294 -50.61 -97.85 -43.16
C TYR AA 294 -51.55 -98.25 -44.29
N LEU AA 295 -51.86 -97.28 -45.15
CA LEU AA 295 -52.64 -97.48 -46.36
C LEU AA 295 -51.74 -97.19 -47.55
N ILE AA 296 -51.67 -98.13 -48.50
CA ILE AA 296 -50.97 -97.91 -49.77
C ILE AA 296 -51.93 -98.15 -50.91
N THR AA 297 -51.92 -97.24 -51.88
CA THR AA 297 -52.73 -97.37 -53.08
C THR AA 297 -51.85 -97.13 -54.31
N ARG AA 298 -52.16 -97.84 -55.39
CA ARG AA 298 -51.42 -97.72 -56.64
C ARG AA 298 -52.34 -98.04 -57.80
N GLN AA 299 -51.93 -97.63 -59.00
CA GLN AA 299 -52.58 -98.03 -60.24
C GLN AA 299 -51.75 -99.11 -60.93
N LEU AA 300 -52.40 -99.83 -61.84
CA LEU AA 300 -51.77 -100.89 -62.60
C LEU AA 300 -51.20 -100.40 -63.93
N ALA AA 301 -51.30 -99.10 -64.22
CA ALA AA 301 -50.85 -98.55 -65.49
C ALA AA 301 -49.36 -98.21 -65.40
N ASP AA 302 -48.85 -97.50 -66.41
CA ASP AA 302 -47.42 -97.17 -66.46
C ASP AA 302 -47.01 -96.30 -65.28
N GLU AA 303 -47.81 -95.27 -64.98
CA GLU AA 303 -47.49 -94.33 -63.91
C GLU AA 303 -48.20 -94.76 -62.64
N PRO AA 304 -47.49 -95.18 -61.58
CA PRO AA 304 -48.20 -95.70 -60.39
C PRO AA 304 -49.03 -94.64 -59.66
N HIS AA 305 -48.48 -93.44 -59.50
CA HIS AA 305 -49.07 -92.42 -58.61
C HIS AA 305 -49.31 -93.01 -57.22
N TYR AA 306 -48.30 -93.68 -56.68
CA TYR AA 306 -48.46 -94.38 -55.40
C TYR AA 306 -48.79 -93.39 -54.30
N THR AA 307 -49.72 -93.78 -53.43
CA THR AA 307 -50.06 -93.02 -52.25
C THR AA 307 -49.77 -93.86 -51.02
N HIS AA 308 -48.97 -93.30 -50.10
CA HIS AA 308 -48.54 -93.94 -48.85
C HIS AA 308 -48.99 -93.03 -47.71
N GLU AA 309 -49.88 -93.54 -46.85
CA GLU AA 309 -50.44 -92.71 -45.77
C GLU AA 309 -50.52 -93.51 -44.48
N LEU AA 310 -50.46 -92.78 -43.37
CA LEU AA 310 -50.66 -93.33 -42.02
C LEU AA 310 -51.92 -92.71 -41.45
N ILE AA 311 -52.84 -93.56 -40.97
CA ILE AA 311 -54.13 -93.13 -40.44
C ILE AA 311 -54.32 -93.74 -39.06
N SER AA 312 -54.81 -92.93 -38.12
CA SER AA 312 -55.03 -93.36 -36.75
C SER AA 312 -56.42 -93.01 -36.22
N GLU AA 313 -57.29 -92.45 -37.04
CA GLU AA 313 -58.63 -92.02 -36.64
C GLU AA 313 -59.61 -92.48 -37.71
N PRO AA 314 -60.90 -92.58 -37.37
CA PRO AA 314 -61.88 -92.91 -38.41
C PRO AA 314 -61.89 -91.87 -39.51
N ALA AA 315 -62.05 -92.33 -40.75
CA ALA AA 315 -61.82 -91.47 -41.89
C ALA AA 315 -62.62 -91.94 -43.09
N VAL AA 316 -62.73 -91.05 -44.08
CA VAL AA 316 -63.40 -91.32 -45.35
C VAL AA 316 -62.47 -90.86 -46.47
N ARG AA 317 -62.35 -91.66 -47.52
CA ARG AA 317 -61.50 -91.31 -48.66
C ARG AA 317 -62.15 -91.73 -49.96
N ASN AA 318 -62.26 -90.79 -50.90
CA ASN AA 318 -62.86 -91.04 -52.20
C ASN AA 318 -61.77 -91.05 -53.25
N PHE AA 319 -61.67 -92.16 -54.00
CA PHE AA 319 -60.66 -92.34 -55.03
C PHE AA 319 -61.32 -92.59 -56.38
N THR AA 320 -60.61 -92.21 -57.43
CA THR AA 320 -61.07 -92.36 -58.81
C THR AA 320 -60.31 -93.50 -59.47
N VAL AA 321 -61.04 -94.34 -60.22
CA VAL AA 321 -60.49 -95.54 -60.83
C VAL AA 321 -60.72 -95.47 -62.33
N THR AA 322 -59.68 -95.81 -63.09
CA THR AA 322 -59.75 -95.91 -64.54
C THR AA 322 -59.91 -97.37 -64.95
N GLU AA 323 -59.99 -97.62 -66.25
CA GLU AA 323 -60.13 -98.98 -66.75
C GLU AA 323 -58.87 -99.81 -66.50
N LYS AA 324 -57.71 -99.19 -66.38
CA LYS AA 324 -56.44 -99.91 -66.37
C LYS AA 324 -56.20 -100.69 -65.09
N GLY AA 325 -57.00 -100.50 -64.04
CA GLY AA 325 -56.88 -101.29 -62.83
C GLY AA 325 -56.28 -100.54 -61.65
N TRP AA 326 -56.87 -100.76 -60.46
CA TRP AA 326 -56.48 -100.08 -59.24
C TRP AA 326 -56.20 -101.14 -58.18
N GLU AA 327 -55.27 -100.84 -57.28
CA GLU AA 327 -54.86 -101.78 -56.24
C GLU AA 327 -54.61 -101.04 -54.94
N PHE AA 328 -54.85 -101.72 -53.83
CA PHE AA 328 -54.51 -101.17 -52.53
C PHE AA 328 -54.18 -102.29 -51.54
N VAL AA 329 -53.29 -101.97 -50.60
CA VAL AA 329 -52.98 -102.83 -49.46
C VAL AA 329 -53.27 -102.05 -48.19
N TRP AA 330 -53.95 -102.71 -47.25
CA TRP AA 330 -54.44 -102.12 -46.01
C TRP AA 330 -53.92 -102.96 -44.84
N GLY AA 331 -52.89 -102.46 -44.16
CA GLY AA 331 -52.30 -103.18 -43.06
C GLY AA 331 -51.56 -104.42 -43.52
N ASN AA 332 -51.98 -105.60 -43.04
CA ASN AA 332 -51.36 -106.87 -43.42
C ASN AA 332 -52.36 -107.83 -44.05
N HIS AA 333 -53.52 -107.35 -44.48
CA HIS AA 333 -54.42 -108.16 -45.27
C HIS AA 333 -53.83 -108.37 -46.67
N PRO AA 334 -54.29 -109.39 -47.40
CA PRO AA 334 -53.80 -109.56 -48.76
C PRO AA 334 -54.17 -108.36 -49.61
N PRO AA 335 -53.37 -108.06 -50.64
CA PRO AA 335 -53.71 -106.93 -51.51
C PRO AA 335 -55.06 -107.14 -52.18
N LYS AA 336 -55.68 -106.03 -52.59
CA LYS AA 336 -56.98 -106.07 -53.24
C LYS AA 336 -56.96 -105.23 -54.50
N ARG AA 337 -57.53 -105.78 -55.57
CA ARG AA 337 -57.50 -105.21 -56.91
C ARG AA 337 -58.92 -105.02 -57.44
N PHE AA 338 -59.13 -103.91 -58.12
CA PHE AA 338 -60.43 -103.54 -58.68
C PHE AA 338 -60.25 -103.03 -60.11
N TRP AA 339 -61.33 -103.12 -60.89
CA TRP AA 339 -61.37 -102.64 -62.25
C TRP AA 339 -62.63 -101.81 -62.47
N ALA AA 340 -62.62 -101.00 -63.53
CA ALA AA 340 -63.74 -100.14 -63.89
C ALA AA 340 -64.30 -100.61 -65.22
N GLN AA 341 -65.63 -100.65 -65.31
CA GLN AA 341 -66.34 -101.08 -66.51
C GLN AA 341 -67.36 -100.03 -66.91
N GLU AA 342 -67.70 -100.03 -68.20
CA GLU AA 342 -68.64 -99.05 -68.72
C GLU AA 342 -70.05 -99.35 -68.21
N THR AA 343 -70.74 -98.30 -67.78
CA THR AA 343 -72.11 -98.43 -67.29
C THR AA 343 -72.95 -97.23 -67.72
#